data_6KMV
#
_entry.id   6KMV
#
_cell.length_a   89.798
_cell.length_b   139.207
_cell.length_c   175.942
_cell.angle_alpha   92.43
_cell.angle_beta   99.06
_cell.angle_gamma   96.35
#
_symmetry.space_group_name_H-M   'P 1'
#
loop_
_entity.id
_entity.type
_entity.pdbx_description
1 polymer Caspase-4
2 polymer Caspase-4
3 polymer Gasdermin-D
4 polymer Gasdermin-D
5 polymer Caspase-4
6 polymer Gasdermin-D
7 polymer Caspase-4
8 polymer Caspase-4
9 polymer Gasdermin-D
10 polymer Caspase-4
11 polymer Caspase-4
12 polymer Gasdermin-D
13 polymer Gasdermin-D
14 polymer Caspase-4
15 polymer Caspase-4
#
loop_
_entity_poly.entity_id
_entity_poly.type
_entity_poly.pdbx_seq_one_letter_code
_entity_poly.pdbx_strand_id
1 'polypeptide(L)'
;TQEIYPIKEANGRTRKALIICNTEFKHLSLRYGANFDIIGMKGLLEDLGYDVVVKEELTAEGMESEMKDFAALSEHQTSD
STFLVLMSHGTLHGICGTMHSEKTPDVLQYDTIYQIFNNCHCPGLRDKPKVIIVQAARGGNSGEMWIRESSKPQLCRGVD
L
;
A
2 'polypeptide(L)'
;TLKLCSPEEFTRLCREKTQEIYPIKEANGRTRKALIICNTEFKHLSLRYGANFDIIGMKGLLEDLGYDVVVKEELTAEGM
ESEMKDFAALSEHQTSDSTFLVLMSHGTLHGICGTMHSEKTPDVLQYDTIYQIFNNCHCPGLRDKPKVIIVQAARGGNSG
EMWIRES
;
B,V
3 'polypeptide(L)'
;ADFQGLYAEVKACSSELESLEMELRQQILVNIGKILQDQPSMEALEASLGQGLCSGGQVEPLDGPAGCILECLVLDSGEL
VPELAAPIFYLLGALAVLSETQQQLLAKALETTVLSKQLELVKHVLEQSTPWQEQSSVSLPTVLLGDCWDEKNPTWVLLE
ECGLRLQVESPQVHWEPTSLIPTSALYASLFLLSSLGQ
;
C,G,O
4 'polypeptide(L)'
;DFQGLYAEVKACSSELESLEMELRQQILVNIGKILQDQPSMEALEASLGQGLCSGGQVEPLDGPAGCILECLVLDSGELV
PELAAPIFYLLGALAVLSETQQQLLAKALETTVLSKQLELVKHVLEQSTPWQEQSSVSLPTVLLGDCWDEKNPTWVLLEE
CGLRLQVESPQVHWEPTSLIPTSALYASLFLLSSLGQ
;
D,K,S,T,W,b,f
5 'polypeptide(L)'
;TLKLCSPEEFTRLCREKTQEIYPIKEANGRTRKALIICNTEFKHLSLRYGANFDIIGMKGLLEDLGYDVVVKEELTAEGM
ESEMKDFAALSEHQTSDSTFLVLMSHGTLHGICGTMHSEKTPDVLQYDTIYQIFNNCHCPGLRDKPKVIIVQAARGGNSG
EMWIRE
;
E,F,Z,d
6 'polypeptide(L)'
;AEVKACSSELESLEMELRQQILVNIGKILQDQPSMEALEASLGQGLCSGGQVEPLDGPAGCILECLVLDSGELVPELAAP
IFYLLGALAVLSETQQQLLAKALETTVLSKQLELVKHVLEQSTPWQEQSSVSLPTVLLGDCWDEKNPTWVLLEECGLRLQ
VESPQVHWEPTSLIPTSALYASLFLLSSLGQ
;
H
7 'polypeptide(L)'
;LKLCSPEEFTRLCREKTQEIYPIKEANGRTRKALIICNTEFKHLSLRYGANFDIIGMKGLLEDLGYDVVVKEELTAEGME
SEMKDFAALSEHQTSDSTFLVLMSHGTLHGICGTMHSEKTPDVLQYDTIYQIFNNCHCPGLRDKPKVIIVQAARGGNSGE
MWIRE
;
I,M,N,Q,Y
8 'polypeptide(L)'
;TQEIYPIKEANGRTRKALIICNTEFKHLSLRYGANFDIIGMKGLLEDLGYDVVVKEELTAEGMESEMKDFAALSEHQTSD
STFLVLMSHGTLHGICGTMHSEKTPDVLQYDTIYQIFNNCHCPGLRDKPKVIIVQAARGGNSGEMWIRE
;
J
9 'polypeptide(L)'
;LSLLSDGIDEEELIEAADFQGLYAEVKACSSELESLEMELRQQILVNIGKILQDQPSMEALEASLGQGLCSGGQVEPLDG
PAGCILECLVLDSGELVPELAAPIFYLLGALAVLSETQQQLLAKALETTVLSKQLELVKHVLEQSTPWQEQSSVSLPTVL
LGDCWDEKNPTWVLLEECGLRLQVESPQVHWEPTSLIPTSALYASLFLLSSLGQ
;
L,P,e
10 'polypeptide(L)'
;TQEIYPIKEANGRTRKALIICNTEFKHLSLRYGANFDIIGMKGLLEDLGYDVVVKEELTAEGMESEMKDFAALSEHQTSD
STFLVLMSHGTLHGICGTMHSEKTPDVLQYDTIYQIFNNCHCPGLRDKPKVIIVQAARGGNSGEMWIRES
;
R,c
11 'polypeptide(L)'
;TLKLCSPEEFTRLCREKTQEIYPIKEANGRTRKALIICNTEFKHLSLRYGANFDIIGMKGLLEDLGYDVVVKEELTAEGM
ESEMKDFAALSEHQTSDSTFLVLMSHGTLHGICGTMHSEKTPDVLQYDTIYQIFNNCHCPGLRDKPKVIIVQAARGGNSG
EMWIR
;
U
12 'polypeptide(L)'
;AADFQGLYAEVKACSSELESLEMELRQQILVNIGKILQDQPSMEALEASLGQGLCSGGQVEPLDGPAGCILECLVLDSGE
LVPELAAPIFYLLGALAVLSETQQQLLAKALETTVLSKQLELVKHVLEQSTPWQEQSSVSLPTVLLGDCWDEKNPTWVLL
EECGLRLQVESPQVHWEPTSLIPTSALYASLFLLSSLGQ
;
X
13 'polypeptide(L)'
;FQGLYAEVKACSSELESLEMELRQQILVNIGKILQDQPSMEALEASLGQGLCSGGQVEPLDGPAGCILECLVLDSGELVP
ELAAPIFYLLGALAVLSETQQQLLAKALETTVLSKQLELVKHVLEQSTPWQEQSSVSLPTVLLGDCWDEKNPTWVLLEEC
GLRLQVESPQVHWEPTSLIPTSALYASLFLLSSLGQ
;
a
14 'polypeptide(L)'
;AVKLSHVEKDFIAFYSTTPHHLSYRDKTGGSYFITRLISCFRKHACSCHLFDIFLKVQQSFEKASIHSQMPTIDRATLTR
YFYLFPGN
;
g,h,i,j,k,l,m,n,o,p,q,r,t,u,v
15 'polypeptide(L)'
;VKLSHVEKDFIAFYSTTPHHLSYRDKTGGSYFITRLISCFRKHACSCHLFDIFLKVQQSFEKASIHSQMPTIDRATLTRY
FYLFPGN
;
s
#
# COMPACT_ATOMS: atom_id res chain seq x y z
N THR A 1 28.37 29.28 27.11
CA THR A 1 27.10 29.76 27.65
C THR A 1 26.56 30.93 26.83
N GLN A 2 27.49 31.77 26.37
CA GLN A 2 27.14 32.98 25.63
C GLN A 2 26.95 32.75 24.14
N GLU A 3 27.42 31.62 23.60
CA GLU A 3 27.36 31.36 22.17
C GLU A 3 26.17 30.50 21.75
N ILE A 4 25.42 29.92 22.70
CA ILE A 4 24.31 29.05 22.35
C ILE A 4 23.04 29.56 23.02
N TYR A 5 21.91 29.21 22.41
CA TYR A 5 20.61 29.54 22.97
C TYR A 5 20.34 28.67 24.18
N PRO A 6 19.86 29.23 25.30
CA PRO A 6 19.62 28.42 26.49
C PRO A 6 18.47 27.45 26.27
N ILE A 7 18.68 26.20 26.72
CA ILE A 7 17.70 25.13 26.56
C ILE A 7 17.12 24.80 27.93
N LYS A 8 15.78 24.81 28.01
CA LYS A 8 15.09 24.47 29.25
C LYS A 8 15.07 22.96 29.48
N GLU A 9 15.17 22.57 30.74
CA GLU A 9 15.10 21.16 31.10
C GLU A 9 13.72 20.59 30.78
N ALA A 10 13.70 19.31 30.41
CA ALA A 10 12.48 18.63 29.99
C ALA A 10 11.46 18.45 31.12
N ASN A 11 11.73 18.98 32.31
CA ASN A 11 10.84 18.79 33.45
C ASN A 11 9.54 19.57 33.29
N GLY A 12 9.56 20.86 33.60
CA GLY A 12 8.38 21.71 33.47
C GLY A 12 8.30 22.39 32.13
N ARG A 13 8.63 21.67 31.07
CA ARG A 13 8.72 22.22 29.72
C ARG A 13 7.46 21.91 28.94
N THR A 14 6.98 22.91 28.19
CA THR A 14 5.80 22.78 27.33
C THR A 14 6.15 23.32 25.94
N ARG A 15 7.06 22.64 25.25
CA ARG A 15 7.42 23.03 23.90
C ARG A 15 6.24 22.83 22.95
N LYS A 16 5.95 23.83 22.14
CA LYS A 16 4.87 23.79 21.17
C LYS A 16 5.42 24.01 19.77
N ALA A 17 4.92 23.23 18.82
CA ALA A 17 5.25 23.36 17.42
C ALA A 17 3.97 23.32 16.62
N LEU A 18 3.98 23.97 15.45
CA LEU A 18 2.78 24.12 14.64
C LEU A 18 3.03 23.54 13.26
N ILE A 19 2.10 22.72 12.79
CA ILE A 19 2.12 22.17 11.44
C ILE A 19 0.83 22.60 10.75
N ILE A 20 0.97 23.31 9.63
CA ILE A 20 -0.15 23.73 8.80
C ILE A 20 0.06 23.12 7.42
N CYS A 21 -0.87 22.28 7.00
CA CYS A 21 -0.75 21.59 5.72
C CYS A 21 -2.09 21.54 5.02
N ASN A 22 -2.11 21.95 3.74
CA ASN A 22 -3.30 21.90 2.92
C ASN A 22 -3.10 20.85 1.83
N THR A 23 -4.05 19.92 1.73
CA THR A 23 -3.98 18.86 0.75
C THR A 23 -4.95 19.06 -0.41
N GLU A 24 -6.22 19.28 -0.12
CA GLU A 24 -7.23 19.46 -1.15
C GLU A 24 -7.45 20.95 -1.42
N PHE A 25 -7.45 21.32 -2.70
CA PHE A 25 -7.67 22.69 -3.12
C PHE A 25 -8.83 22.71 -4.12
N LYS A 26 -9.59 23.81 -4.11
CA LYS A 26 -10.71 23.91 -5.05
C LYS A 26 -10.22 24.07 -6.49
N HIS A 27 -9.17 24.86 -6.70
CA HIS A 27 -8.66 25.11 -8.04
C HIS A 27 -7.25 24.58 -8.29
N LEU A 28 -6.51 24.22 -7.26
CA LEU A 28 -5.14 23.77 -7.41
C LEU A 28 -5.07 22.24 -7.30
N SER A 29 -3.98 21.68 -7.82
CA SER A 29 -3.81 20.24 -7.82
C SER A 29 -3.74 19.70 -6.40
N LEU A 30 -4.23 18.47 -6.22
CA LEU A 30 -4.17 17.83 -4.93
C LEU A 30 -2.72 17.50 -4.60
N ARG A 31 -2.30 17.79 -3.37
CA ARG A 31 -0.92 17.54 -2.94
C ARG A 31 -0.86 16.11 -2.39
N TYR A 32 -0.74 15.16 -3.32
CA TYR A 32 -0.65 13.75 -2.94
C TYR A 32 0.59 13.50 -2.10
N GLY A 33 0.43 12.69 -1.06
CA GLY A 33 1.53 12.38 -0.17
C GLY A 33 1.82 13.41 0.89
N ALA A 34 0.99 14.45 1.00
CA ALA A 34 1.22 15.47 2.03
C ALA A 34 1.08 14.87 3.43
N ASN A 35 0.28 13.82 3.58
CA ASN A 35 0.16 13.17 4.87
C ASN A 35 1.49 12.56 5.32
N PHE A 36 2.32 12.14 4.37
CA PHE A 36 3.64 11.62 4.71
C PHE A 36 4.50 12.71 5.34
N ASP A 37 4.39 13.94 4.84
CA ASP A 37 5.14 15.04 5.42
C ASP A 37 4.59 15.42 6.80
N ILE A 38 3.27 15.38 6.96
CA ILE A 38 2.65 15.72 8.24
C ILE A 38 3.07 14.71 9.31
N ILE A 39 2.87 13.43 9.02
CA ILE A 39 3.19 12.39 10.00
C ILE A 39 4.68 12.37 10.30
N GLY A 40 5.52 12.54 9.28
CA GLY A 40 6.96 12.53 9.49
C GLY A 40 7.42 13.70 10.35
N MET A 41 6.98 14.91 10.02
CA MET A 41 7.39 16.09 10.78
C MET A 41 6.83 16.07 12.20
N LYS A 42 5.58 15.64 12.36
CA LYS A 42 5.00 15.58 13.70
C LYS A 42 5.75 14.59 14.58
N GLY A 43 6.09 13.42 14.04
CA GLY A 43 6.83 12.44 14.81
C GLY A 43 8.22 12.92 15.18
N LEU A 44 8.91 13.58 14.25
CA LEU A 44 10.25 14.10 14.52
C LEU A 44 10.20 15.17 15.61
N LEU A 45 9.25 16.10 15.50
CA LEU A 45 9.13 17.15 16.51
C LEU A 45 8.76 16.57 17.87
N GLU A 46 8.00 15.48 17.89
CA GLU A 46 7.71 14.80 19.15
C GLU A 46 8.98 14.21 19.75
N ASP A 47 9.81 13.58 18.92
CA ASP A 47 11.09 13.07 19.39
C ASP A 47 12.03 14.17 19.86
N LEU A 48 11.84 15.39 19.37
CA LEU A 48 12.61 16.55 19.82
C LEU A 48 12.02 17.22 21.04
N GLY A 49 10.89 16.73 21.55
CA GLY A 49 10.29 17.26 22.75
C GLY A 49 9.19 18.27 22.54
N TYR A 50 8.71 18.43 21.32
CA TYR A 50 7.68 19.42 21.01
C TYR A 50 6.32 18.74 20.94
N ASP A 51 5.34 19.32 21.63
CA ASP A 51 3.96 18.92 21.46
C ASP A 51 3.41 19.57 20.21
N VAL A 52 3.01 18.76 19.23
CA VAL A 52 2.73 19.25 17.89
C VAL A 52 1.25 19.56 17.77
N VAL A 53 0.94 20.76 17.29
CA VAL A 53 -0.42 21.15 16.93
C VAL A 53 -0.52 21.10 15.42
N VAL A 54 -1.46 20.30 14.91
CA VAL A 54 -1.62 20.08 13.48
C VAL A 54 -2.96 20.65 13.05
N LYS A 55 -2.93 21.54 12.04
CA LYS A 55 -4.14 22.12 11.47
C LYS A 55 -4.07 21.94 9.96
N GLU A 56 -5.17 21.47 9.37
CA GLU A 56 -5.20 21.13 7.95
C GLU A 56 -6.39 21.78 7.26
N GLU A 57 -6.25 21.97 5.96
CA GLU A 57 -7.30 22.50 5.08
C GLU A 57 -7.82 23.85 5.61
N LEU A 58 -6.96 24.84 5.46
CA LEU A 58 -7.23 26.19 5.97
C LEU A 58 -7.11 27.21 4.84
N THR A 59 -7.92 28.27 4.94
CA THR A 59 -7.78 29.41 4.06
C THR A 59 -6.66 30.32 4.57
N ALA A 60 -6.39 31.39 3.82
CA ALA A 60 -5.39 32.36 4.28
C ALA A 60 -5.81 33.01 5.58
N GLU A 61 -7.09 33.34 5.72
CA GLU A 61 -7.58 33.87 6.99
C GLU A 61 -7.62 32.79 8.07
N GLY A 62 -7.87 31.53 7.66
CA GLY A 62 -7.77 30.44 8.61
C GLY A 62 -6.36 30.23 9.11
N MET A 63 -5.37 30.29 8.20
CA MET A 63 -3.97 30.20 8.60
C MET A 63 -3.59 31.34 9.52
N GLU A 64 -4.04 32.56 9.20
CA GLU A 64 -3.71 33.72 10.01
C GLU A 64 -4.28 33.60 11.42
N SER A 65 -5.52 33.14 11.54
CA SER A 65 -6.14 33.01 12.85
C SER A 65 -5.48 31.91 13.67
N GLU A 66 -5.16 30.77 13.04
CA GLU A 66 -4.50 29.68 13.76
C GLU A 66 -3.08 30.06 14.19
N MET A 67 -2.38 30.86 13.37
CA MET A 67 -1.05 31.28 13.77
C MET A 67 -1.11 32.25 14.95
N LYS A 68 -2.05 33.20 14.92
CA LYS A 68 -2.23 34.09 16.06
C LYS A 68 -2.68 33.32 17.29
N ASP A 69 -3.53 32.32 17.09
CA ASP A 69 -3.94 31.46 18.20
C ASP A 69 -2.75 30.70 18.77
N PHE A 70 -1.89 30.18 17.88
CA PHE A 70 -0.71 29.44 18.33
C PHE A 70 0.26 30.34 19.08
N ALA A 71 0.41 31.59 18.63
CA ALA A 71 1.35 32.51 19.24
C ALA A 71 0.90 33.03 20.60
N ALA A 72 -0.41 33.01 20.87
CA ALA A 72 -0.94 33.49 22.14
C ALA A 72 -0.97 32.41 23.22
N LEU A 73 -0.49 31.21 22.92
CA LEU A 73 -0.51 30.13 23.90
C LEU A 73 0.41 30.44 25.08
N SER A 74 -0.14 30.29 26.28
CA SER A 74 0.65 30.51 27.49
C SER A 74 1.74 29.45 27.69
N GLU A 75 1.68 28.35 26.96
CA GLU A 75 2.71 27.32 27.08
C GLU A 75 4.07 27.78 26.58
N HIS A 76 4.11 28.81 25.74
CA HIS A 76 5.39 29.31 25.23
C HIS A 76 6.22 29.93 26.35
N GLN A 77 5.59 30.42 27.41
CA GLN A 77 6.33 30.98 28.53
C GLN A 77 7.21 29.94 29.19
N THR A 78 6.74 28.69 29.25
CA THR A 78 7.52 27.58 29.78
C THR A 78 8.17 26.75 28.67
N SER A 79 8.41 27.36 27.53
CA SER A 79 9.10 26.75 26.41
C SER A 79 10.38 27.53 26.12
N ASP A 80 11.23 26.95 25.29
CA ASP A 80 12.49 27.59 24.91
C ASP A 80 12.61 27.87 23.41
N SER A 81 11.69 27.38 22.59
CA SER A 81 11.76 27.53 21.14
C SER A 81 10.42 27.10 20.56
N THR A 82 10.31 27.21 19.23
CA THR A 82 9.11 26.75 18.55
C THR A 82 9.47 26.41 17.11
N PHE A 83 8.63 25.60 16.48
CA PHE A 83 8.77 25.23 15.09
C PHE A 83 7.48 25.53 14.35
N LEU A 84 7.61 26.02 13.12
CA LEU A 84 6.47 26.37 12.28
C LEU A 84 6.65 25.67 10.94
N VAL A 85 5.88 24.62 10.72
CA VAL A 85 5.94 23.84 9.48
C VAL A 85 4.75 24.21 8.62
N LEU A 86 5.02 24.71 7.42
CA LEU A 86 3.99 25.14 6.49
C LEU A 86 4.14 24.36 5.20
N MET A 87 3.08 23.68 4.79
CA MET A 87 3.11 22.81 3.62
C MET A 87 1.84 23.03 2.81
N SER A 88 1.99 23.52 1.59
CA SER A 88 0.87 23.82 0.70
C SER A 88 1.45 24.23 -0.65
N HIS A 89 0.58 24.61 -1.56
CA HIS A 89 1.05 25.31 -2.75
C HIS A 89 1.52 26.71 -2.34
N GLY A 90 2.40 27.28 -3.15
CA GLY A 90 3.01 28.54 -2.80
C GLY A 90 3.22 29.42 -4.02
N THR A 91 3.28 30.72 -3.74
CA THR A 91 3.63 31.74 -4.72
C THR A 91 5.02 32.29 -4.37
N LEU A 92 5.40 33.37 -5.05
CA LEU A 92 6.73 33.94 -4.83
C LEU A 92 6.85 34.50 -3.42
N HIS A 93 5.81 35.21 -2.94
CA HIS A 93 5.88 35.90 -1.66
C HIS A 93 4.88 35.36 -0.64
N GLY A 94 4.21 34.24 -0.91
CA GLY A 94 3.23 33.74 0.04
C GLY A 94 2.93 32.28 -0.17
N ILE A 95 2.14 31.75 0.76
CA ILE A 95 1.69 30.36 0.75
C ILE A 95 0.19 30.35 0.48
N CYS A 96 -0.26 29.38 -0.30
CA CYS A 96 -1.63 29.35 -0.80
C CYS A 96 -2.58 28.72 0.20
N GLY A 97 -3.79 29.29 0.29
CA GLY A 97 -4.88 28.67 1.03
C GLY A 97 -5.63 27.68 0.15
N THR A 98 -6.69 27.11 0.74
CA THR A 98 -7.46 26.09 0.02
C THR A 98 -8.18 26.67 -1.19
N MET A 99 -8.68 27.89 -1.09
CA MET A 99 -9.50 28.51 -2.12
C MET A 99 -8.70 29.34 -3.12
N HIS A 100 -7.38 29.16 -3.16
CA HIS A 100 -6.55 30.03 -3.98
C HIS A 100 -6.75 29.77 -5.47
N SER A 101 -6.75 30.86 -6.24
CA SER A 101 -6.74 30.81 -7.70
C SER A 101 -6.11 32.10 -8.19
N GLU A 102 -5.64 32.07 -9.44
CA GLU A 102 -5.01 33.27 -9.99
C GLU A 102 -6.02 34.40 -10.14
N LYS A 103 -7.29 34.08 -10.34
CA LYS A 103 -8.33 35.11 -10.40
C LYS A 103 -8.80 35.50 -8.99
N THR A 104 -8.90 34.53 -8.09
CA THR A 104 -9.35 34.77 -6.71
C THR A 104 -8.23 34.35 -5.76
N PRO A 105 -7.28 35.23 -5.47
CA PRO A 105 -6.15 34.85 -4.62
C PRO A 105 -6.56 34.57 -3.18
N ASP A 106 -5.96 33.52 -2.60
CA ASP A 106 -6.13 33.16 -1.20
C ASP A 106 -4.74 32.85 -0.65
N VAL A 107 -3.95 33.90 -0.44
CA VAL A 107 -2.52 33.76 -0.16
C VAL A 107 -2.21 34.45 1.16
N LEU A 108 -1.42 33.77 1.99
CA LEU A 108 -0.87 34.35 3.21
C LEU A 108 0.60 34.70 2.95
N GLN A 109 0.92 36.00 3.01
CA GLN A 109 2.29 36.43 2.79
C GLN A 109 3.18 35.92 3.91
N TYR A 110 4.39 35.50 3.55
CA TYR A 110 5.33 35.04 4.57
C TYR A 110 5.70 36.16 5.53
N ASP A 111 5.69 37.40 5.05
CA ASP A 111 5.97 38.54 5.92
C ASP A 111 4.93 38.66 7.03
N THR A 112 3.69 38.24 6.78
CA THR A 112 2.67 38.27 7.83
C THR A 112 3.02 37.33 8.97
N ILE A 113 3.67 36.20 8.66
CA ILE A 113 4.04 35.24 9.70
C ILE A 113 5.06 35.86 10.65
N TYR A 114 6.07 36.54 10.10
CA TYR A 114 7.06 37.19 10.95
C TYR A 114 6.43 38.26 11.84
N GLN A 115 5.44 38.98 11.31
CA GLN A 115 4.76 39.98 12.13
C GLN A 115 3.98 39.34 13.27
N ILE A 116 3.43 38.15 13.05
CA ILE A 116 2.62 37.48 14.07
C ILE A 116 3.51 37.01 15.21
N PHE A 117 4.72 36.55 14.92
CA PHE A 117 5.58 35.90 15.90
C PHE A 117 6.74 36.76 16.37
N ASN A 118 6.82 38.02 15.95
CA ASN A 118 7.94 38.86 16.38
C ASN A 118 7.78 39.24 17.86
N ASN A 119 8.74 40.00 18.36
CA ASN A 119 8.74 40.40 19.76
C ASN A 119 7.60 41.35 20.10
N CYS A 120 6.92 41.92 19.11
CA CYS A 120 5.81 42.82 19.39
C CYS A 120 4.52 42.08 19.67
N HIS A 121 4.19 41.07 18.87
CA HIS A 121 2.90 40.39 18.96
C HIS A 121 2.96 39.03 19.65
N CYS A 122 4.16 38.50 19.91
CA CYS A 122 4.32 37.20 20.57
C CYS A 122 5.27 37.35 21.75
N PRO A 123 4.77 37.80 22.90
CA PRO A 123 5.65 37.97 24.07
C PRO A 123 6.17 36.64 24.61
N GLY A 124 5.44 35.55 24.43
CA GLY A 124 5.86 34.26 24.95
C GLY A 124 7.11 33.69 24.30
N LEU A 125 7.42 34.12 23.08
CA LEU A 125 8.56 33.59 22.33
C LEU A 125 9.67 34.61 22.14
N ARG A 126 9.72 35.65 22.97
CA ARG A 126 10.82 36.60 22.88
C ARG A 126 12.13 35.93 23.27
N ASP A 127 13.19 36.24 22.51
CA ASP A 127 14.53 35.70 22.71
C ASP A 127 14.59 34.19 22.53
N LYS A 128 13.57 33.60 21.91
CA LYS A 128 13.53 32.16 21.69
C LYS A 128 13.53 31.85 20.21
N PRO A 129 14.23 30.79 19.78
CA PRO A 129 14.30 30.46 18.35
C PRO A 129 12.91 30.16 17.78
N LYS A 130 12.62 30.76 16.63
CA LYS A 130 11.39 30.53 15.90
C LYS A 130 11.78 30.03 14.52
N VAL A 131 11.62 28.72 14.29
CA VAL A 131 12.05 28.08 13.06
C VAL A 131 10.84 27.87 12.16
N ILE A 132 10.95 28.33 10.92
CA ILE A 132 9.88 28.22 9.95
C ILE A 132 10.35 27.30 8.83
N ILE A 133 9.60 26.24 8.58
CA ILE A 133 9.88 25.29 7.50
C ILE A 133 8.77 25.43 6.47
N VAL A 134 9.15 25.71 5.23
CA VAL A 134 8.19 26.00 4.17
C VAL A 134 8.40 24.97 3.06
N GLN A 135 7.48 24.04 2.94
CA GLN A 135 7.41 23.12 1.80
C GLN A 135 6.33 23.67 0.88
N ALA A 136 6.77 24.37 -0.17
CA ALA A 136 5.88 25.01 -1.12
C ALA A 136 6.71 25.51 -2.28
N ALA A 137 6.08 25.56 -3.46
CA ALA A 137 6.74 26.18 -4.59
C ALA A 137 6.88 27.68 -4.37
N ARG A 138 7.90 28.27 -4.98
CA ARG A 138 8.11 29.71 -4.93
C ARG A 138 8.07 30.32 -6.33
N GLY A 139 7.39 29.65 -7.24
CA GLY A 139 7.38 30.05 -8.63
C GLY A 139 6.97 28.88 -9.50
N GLY A 140 6.96 29.12 -10.80
CA GLY A 140 6.56 28.09 -11.74
C GLY A 140 7.68 27.64 -12.66
N ASN A 141 8.86 28.23 -12.50
CA ASN A 141 9.99 27.96 -13.38
C ASN A 141 10.80 26.78 -12.88
N SER A 142 11.48 26.11 -13.80
CA SER A 142 12.35 25.01 -13.45
C SER A 142 13.65 25.53 -12.83
N GLY A 143 14.23 24.72 -11.95
CA GLY A 143 15.40 25.14 -11.20
C GLY A 143 16.71 24.54 -11.67
N GLU A 144 16.73 24.01 -12.89
CA GLU A 144 17.93 23.36 -13.41
C GLU A 144 18.14 23.75 -14.86
N MET A 145 19.36 23.53 -15.34
CA MET A 145 19.72 23.81 -16.72
C MET A 145 20.93 22.95 -17.10
N TRP A 146 21.22 22.93 -18.40
CA TRP A 146 22.31 22.15 -18.96
C TRP A 146 23.45 23.09 -19.34
N ILE A 147 24.67 22.74 -18.95
CA ILE A 147 25.87 23.54 -19.22
C ILE A 147 26.98 22.61 -19.69
N ARG A 148 28.12 23.20 -20.03
CA ARG A 148 29.27 22.45 -20.52
C ARG A 148 30.04 21.84 -19.35
N GLU A 149 30.75 20.78 -19.68
CA GLU A 149 31.60 20.09 -18.68
C GLU A 149 33.04 20.19 -19.16
N SER A 150 33.97 20.12 -18.22
CA SER A 150 35.38 20.22 -18.63
C SER A 150 35.65 19.08 -19.60
N SER A 151 36.33 19.42 -20.70
CA SER A 151 36.70 18.50 -21.81
C SER A 151 37.62 17.41 -21.25
N LYS A 152 38.49 17.82 -20.34
CA LYS A 152 39.45 16.94 -19.64
C LYS A 152 38.67 15.85 -18.93
N PRO A 153 39.23 14.65 -18.79
CA PRO A 153 38.58 13.53 -18.13
C PRO A 153 38.54 13.64 -16.60
N GLN A 154 38.02 12.62 -15.92
CA GLN A 154 37.94 12.73 -14.44
C GLN A 154 39.32 12.76 -13.76
N LEU A 155 40.36 12.22 -14.39
CA LEU A 155 41.74 12.16 -13.86
C LEU A 155 42.21 13.57 -13.54
N CYS A 156 41.96 14.52 -14.42
CA CYS A 156 42.45 15.88 -14.17
C CYS A 156 41.37 16.82 -13.65
N ARG A 157 41.11 16.81 -12.35
CA ARG A 157 40.19 17.84 -11.80
C ARG A 157 40.91 19.17 -11.88
N GLY A 158 42.18 19.21 -11.44
CA GLY A 158 43.05 20.35 -11.40
C GLY A 158 44.48 19.94 -11.67
N VAL A 159 45.03 20.36 -12.80
CA VAL A 159 46.34 19.89 -13.25
C VAL A 159 46.99 20.96 -14.10
N ASP A 160 48.31 21.12 -13.94
CA ASP A 160 49.11 22.03 -14.75
C ASP A 160 49.90 21.24 -15.80
N LEU A 161 50.50 22.00 -16.71
CA LEU A 161 51.37 21.41 -17.73
C LEU A 161 52.29 22.49 -18.31
N THR B 1 46.20 45.41 9.69
CA THR B 1 45.47 45.15 10.93
C THR B 1 44.53 43.95 10.77
N LEU B 2 44.66 43.24 9.65
CA LEU B 2 43.93 42.01 9.42
C LEU B 2 44.80 40.83 9.84
N LYS B 3 44.33 40.08 10.83
CA LYS B 3 45.04 38.88 11.25
C LYS B 3 44.90 37.79 10.18
N LEU B 4 46.02 37.20 9.80
CA LEU B 4 46.09 36.30 8.67
C LEU B 4 46.02 34.84 9.13
N CYS B 5 46.01 33.93 8.16
CA CYS B 5 45.98 32.50 8.40
C CYS B 5 47.29 31.89 7.93
N SER B 6 47.87 31.02 8.76
CA SER B 6 49.14 30.40 8.43
C SER B 6 49.00 29.47 7.22
N PRO B 7 50.03 29.39 6.38
CA PRO B 7 49.94 28.53 5.19
C PRO B 7 49.80 27.05 5.52
N GLU B 8 50.28 26.61 6.68
CA GLU B 8 50.11 25.22 7.06
C GLU B 8 48.64 24.91 7.33
N GLU B 9 47.95 25.79 8.07
CA GLU B 9 46.53 25.60 8.32
C GLU B 9 45.72 25.76 7.04
N PHE B 10 46.19 26.56 6.09
CA PHE B 10 45.49 26.70 4.81
C PHE B 10 45.46 25.38 4.05
N THR B 11 46.63 24.75 3.89
CA THR B 11 46.67 23.45 3.23
C THR B 11 46.05 22.35 4.06
N ARG B 12 45.97 22.53 5.38
CA ARG B 12 45.35 21.51 6.24
C ARG B 12 43.85 21.45 5.99
N LEU B 13 43.17 22.60 6.12
CA LEU B 13 41.72 22.63 5.91
C LEU B 13 41.35 22.29 4.47
N CYS B 14 42.20 22.67 3.51
CA CYS B 14 41.88 22.41 2.11
C CYS B 14 41.97 20.93 1.76
N ARG B 15 42.79 20.17 2.49
CA ARG B 15 42.89 18.73 2.29
C ARG B 15 42.00 17.93 3.23
N GLU B 16 42.02 18.25 4.53
CA GLU B 16 41.36 17.41 5.51
C GLU B 16 39.84 17.40 5.32
N LYS B 17 39.22 18.58 5.27
CA LYS B 17 37.79 18.67 5.00
C LYS B 17 37.54 19.42 3.70
N THR B 18 38.02 18.86 2.60
CA THR B 18 37.83 19.46 1.29
C THR B 18 36.37 19.44 0.86
N GLN B 19 35.60 18.43 1.30
CA GLN B 19 34.22 18.31 0.87
C GLN B 19 33.27 19.20 1.67
N GLU B 20 33.70 19.72 2.82
CA GLU B 20 32.85 20.55 3.65
C GLU B 20 33.07 22.04 3.42
N ILE B 21 34.11 22.42 2.67
CA ILE B 21 34.41 23.82 2.45
C ILE B 21 34.48 24.11 0.96
N TYR B 22 34.24 25.37 0.62
CA TYR B 22 34.39 25.83 -0.76
C TYR B 22 35.87 25.86 -1.12
N PRO B 23 36.27 25.33 -2.28
CA PRO B 23 37.70 25.34 -2.63
C PRO B 23 38.18 26.76 -2.88
N ILE B 24 39.34 27.07 -2.34
CA ILE B 24 39.93 28.40 -2.42
C ILE B 24 41.13 28.35 -3.35
N LYS B 25 41.16 29.24 -4.33
CA LYS B 25 42.30 29.32 -5.23
C LYS B 25 43.46 30.01 -4.51
N GLU B 26 44.67 29.52 -4.77
CA GLU B 26 45.86 30.13 -4.18
C GLU B 26 46.03 31.54 -4.74
N ALA B 27 46.51 32.44 -3.89
CA ALA B 27 46.62 33.86 -4.24
C ALA B 27 47.65 34.14 -5.32
N ASN B 28 48.32 33.13 -5.87
CA ASN B 28 49.35 33.36 -6.88
C ASN B 28 48.76 33.80 -8.21
N GLY B 29 48.24 32.87 -8.99
CA GLY B 29 47.63 33.21 -10.27
C GLY B 29 46.14 33.47 -10.16
N ARG B 30 45.73 34.08 -9.04
CA ARG B 30 44.34 34.35 -8.73
C ARG B 30 44.00 35.78 -9.12
N THR B 31 42.75 35.99 -9.55
CA THR B 31 42.26 37.31 -9.96
C THR B 31 40.87 37.53 -9.34
N ARG B 32 40.83 37.64 -8.01
CA ARG B 32 39.58 37.91 -7.31
C ARG B 32 39.11 39.33 -7.63
N LYS B 33 37.82 39.46 -7.96
CA LYS B 33 37.21 40.75 -8.25
C LYS B 33 36.04 40.96 -7.30
N ALA B 34 35.91 42.18 -6.79
CA ALA B 34 34.81 42.57 -5.93
C ALA B 34 34.23 43.89 -6.41
N LEU B 35 32.95 44.10 -6.13
CA LEU B 35 32.23 45.27 -6.62
C LEU B 35 31.61 46.02 -5.44
N ILE B 36 31.82 47.33 -5.41
CA ILE B 36 31.21 48.21 -4.41
C ILE B 36 30.41 49.28 -5.15
N ILE B 37 29.12 49.38 -4.84
CA ILE B 37 28.24 50.40 -5.39
C ILE B 37 27.70 51.23 -4.23
N CYS B 38 27.99 52.53 -4.23
CA CYS B 38 27.61 53.42 -3.14
C CYS B 38 27.08 54.74 -3.69
N ASN B 39 25.92 55.16 -3.21
CA ASN B 39 25.32 56.43 -3.59
C ASN B 39 25.34 57.37 -2.39
N THR B 40 25.91 58.56 -2.59
CA THR B 40 26.00 59.58 -1.55
C THR B 40 25.04 60.74 -1.79
N GLU B 41 25.07 61.33 -2.98
CA GLU B 41 24.23 62.47 -3.32
C GLU B 41 22.93 62.00 -3.96
N PHE B 42 21.81 62.54 -3.50
CA PHE B 42 20.50 62.23 -4.06
C PHE B 42 19.78 63.52 -4.45
N LYS B 43 18.99 63.42 -5.51
CA LYS B 43 18.24 64.58 -5.99
C LYS B 43 17.10 64.93 -5.02
N HIS B 44 16.40 63.91 -4.51
CA HIS B 44 15.26 64.13 -3.61
C HIS B 44 15.46 63.54 -2.23
N LEU B 45 16.44 62.67 -2.02
CA LEU B 45 16.63 62.01 -0.73
C LEU B 45 17.76 62.68 0.05
N SER B 46 17.77 62.42 1.36
CA SER B 46 18.77 63.02 2.24
C SER B 46 20.17 62.52 1.88
N LEU B 47 21.15 63.39 2.09
CA LEU B 47 22.54 63.02 1.84
C LEU B 47 23.01 61.98 2.85
N ARG B 48 23.72 60.96 2.36
CA ARG B 48 24.25 59.90 3.21
C ARG B 48 25.63 60.33 3.72
N TYR B 49 25.62 61.12 4.78
CA TYR B 49 26.85 61.59 5.40
C TYR B 49 27.68 60.42 5.88
N GLY B 50 29.00 60.50 5.64
CA GLY B 50 29.89 59.45 6.08
C GLY B 50 29.94 58.23 5.17
N ALA B 51 29.29 58.28 4.01
CA ALA B 51 29.33 57.15 3.08
C ALA B 51 30.75 56.89 2.57
N ASN B 52 31.62 57.90 2.61
CA ASN B 52 33.01 57.68 2.19
C ASN B 52 33.73 56.74 3.16
N PHE B 53 33.41 56.84 4.46
CA PHE B 53 33.99 55.91 5.42
C PHE B 53 33.65 54.46 5.08
N ASP B 54 32.44 54.22 4.58
CA ASP B 54 32.06 52.86 4.21
C ASP B 54 32.81 52.38 2.98
N ILE B 55 33.02 53.26 1.99
CA ILE B 55 33.74 52.87 0.79
C ILE B 55 35.19 52.51 1.12
N ILE B 56 35.89 53.39 1.83
CA ILE B 56 37.28 53.13 2.18
C ILE B 56 37.41 51.89 3.04
N GLY B 57 36.49 51.72 4.00
CA GLY B 57 36.57 50.57 4.89
C GLY B 57 36.39 49.24 4.15
N MET B 58 35.34 49.15 3.34
CA MET B 58 35.10 47.90 2.62
C MET B 58 36.16 47.65 1.55
N LYS B 59 36.59 48.72 0.86
CA LYS B 59 37.62 48.56 -0.16
C LYS B 59 38.94 48.07 0.45
N GLY B 60 39.32 48.64 1.60
CA GLY B 60 40.54 48.20 2.24
C GLY B 60 40.47 46.76 2.74
N LEU B 61 39.33 46.39 3.32
CA LEU B 61 39.17 45.02 3.81
C LEU B 61 39.19 44.01 2.68
N LEU B 62 38.43 44.27 1.61
CA LEU B 62 38.39 43.34 0.49
C LEU B 62 39.75 43.24 -0.21
N GLU B 63 40.51 44.34 -0.24
CA GLU B 63 41.87 44.27 -0.77
C GLU B 63 42.76 43.43 0.13
N ASP B 64 42.63 43.61 1.45
CA ASP B 64 43.37 42.76 2.39
C ASP B 64 42.94 41.31 2.30
N LEU B 65 41.73 41.05 1.83
CA LEU B 65 41.25 39.69 1.60
C LEU B 65 41.60 39.18 0.21
N GLY B 66 42.26 39.98 -0.61
CA GLY B 66 42.73 39.55 -1.91
C GLY B 66 41.85 39.88 -3.08
N TYR B 67 40.86 40.76 -2.92
CA TYR B 67 39.94 41.11 -4.00
C TYR B 67 40.35 42.43 -4.63
N ASP B 68 40.41 42.45 -5.96
CA ASP B 68 40.57 43.70 -6.69
C ASP B 68 39.21 44.39 -6.74
N VAL B 69 39.11 45.57 -6.15
CA VAL B 69 37.83 46.21 -5.88
C VAL B 69 37.47 47.16 -7.02
N VAL B 70 36.27 47.00 -7.56
CA VAL B 70 35.70 47.95 -8.52
C VAL B 70 34.68 48.79 -7.76
N VAL B 71 34.86 50.10 -7.77
CA VAL B 71 34.01 51.03 -7.04
C VAL B 71 33.25 51.89 -8.03
N LYS B 72 31.92 51.91 -7.92
CA LYS B 72 31.07 52.74 -8.74
C LYS B 72 30.15 53.54 -7.83
N GLU B 73 30.04 54.84 -8.10
CA GLU B 73 29.30 55.73 -7.22
C GLU B 73 28.31 56.57 -8.02
N GLU B 74 27.26 57.01 -7.33
CA GLU B 74 26.24 57.91 -7.88
C GLU B 74 25.65 57.35 -9.17
N LEU B 75 24.87 56.28 -9.01
CA LEU B 75 24.27 55.56 -10.13
C LEU B 75 22.76 55.50 -9.97
N THR B 76 22.06 55.49 -11.10
CA THR B 76 20.63 55.23 -11.12
C THR B 76 20.38 53.73 -11.04
N ALA B 77 19.10 53.35 -11.00
CA ALA B 77 18.76 51.93 -11.01
C ALA B 77 19.20 51.26 -12.30
N GLU B 78 19.00 51.92 -13.44
CA GLU B 78 19.53 51.41 -14.70
C GLU B 78 21.05 51.40 -14.70
N GLY B 79 21.65 52.41 -14.08
CA GLY B 79 23.11 52.44 -13.98
C GLY B 79 23.66 51.31 -13.15
N MET B 80 23.03 51.04 -12.00
CA MET B 80 23.45 49.92 -11.17
C MET B 80 23.29 48.60 -11.91
N GLU B 81 22.18 48.42 -12.65
CA GLU B 81 21.97 47.19 -13.40
C GLU B 81 23.03 47.01 -14.46
N SER B 82 23.36 48.09 -15.19
CA SER B 82 24.35 47.99 -16.27
C SER B 82 25.74 47.72 -15.70
N GLU B 83 26.11 48.40 -14.62
CA GLU B 83 27.43 48.19 -14.02
C GLU B 83 27.57 46.79 -13.43
N MET B 84 26.49 46.24 -12.88
CA MET B 84 26.54 44.87 -12.36
C MET B 84 26.71 43.86 -13.49
N LYS B 85 26.01 44.07 -14.61
CA LYS B 85 26.16 43.18 -15.75
C LYS B 85 27.59 43.22 -16.29
N ASP B 86 28.20 44.41 -16.31
CA ASP B 86 29.60 44.50 -16.73
C ASP B 86 30.51 43.77 -15.75
N PHE B 87 30.26 43.90 -14.45
CA PHE B 87 31.09 43.23 -13.46
C PHE B 87 30.98 41.71 -13.58
N ALA B 88 29.78 41.20 -13.87
CA ALA B 88 29.58 39.77 -13.96
C ALA B 88 30.20 39.17 -15.22
N ALA B 89 30.41 39.98 -16.25
CA ALA B 89 30.98 39.52 -17.51
C ALA B 89 32.51 39.58 -17.51
N LEU B 90 33.12 39.99 -16.40
CA LEU B 90 34.57 40.09 -16.35
C LEU B 90 35.22 38.73 -16.51
N SER B 91 36.20 38.64 -17.42
CA SER B 91 36.92 37.40 -17.63
C SER B 91 37.78 37.02 -16.44
N GLU B 92 38.01 37.93 -15.49
CA GLU B 92 38.80 37.61 -14.31
C GLU B 92 38.09 36.62 -13.39
N HIS B 93 36.76 36.50 -13.50
CA HIS B 93 36.04 35.58 -12.64
C HIS B 93 36.38 34.12 -12.93
N GLN B 94 36.81 33.82 -14.16
CA GLN B 94 37.17 32.45 -14.49
C GLN B 94 38.38 31.99 -13.68
N THR B 95 39.32 32.90 -13.40
CA THR B 95 40.48 32.62 -12.57
C THR B 95 40.29 33.12 -11.14
N SER B 96 39.05 33.23 -10.70
CA SER B 96 38.72 33.63 -9.34
C SER B 96 37.98 32.49 -8.65
N ASP B 97 37.81 32.61 -7.34
CA ASP B 97 37.10 31.61 -6.55
C ASP B 97 35.85 32.13 -5.86
N SER B 98 35.60 33.43 -5.88
CA SER B 98 34.46 34.02 -5.17
C SER B 98 34.32 35.46 -5.62
N THR B 99 33.31 36.14 -5.07
CA THR B 99 33.09 37.55 -5.33
C THR B 99 32.34 38.17 -4.17
N PHE B 100 32.45 39.49 -4.05
CA PHE B 100 31.75 40.27 -3.04
C PHE B 100 30.98 41.38 -3.73
N LEU B 101 29.76 41.63 -3.26
CA LEU B 101 28.90 42.67 -3.82
C LEU B 101 28.41 43.54 -2.66
N VAL B 102 28.98 44.73 -2.54
CA VAL B 102 28.64 45.67 -1.47
C VAL B 102 27.78 46.78 -2.07
N LEU B 103 26.57 46.93 -1.54
CA LEU B 103 25.61 47.92 -2.01
C LEU B 103 25.23 48.83 -0.85
N MET B 104 25.42 50.14 -1.04
CA MET B 104 25.18 51.11 0.02
C MET B 104 24.47 52.32 -0.55
N SER B 105 23.25 52.57 -0.08
CA SER B 105 22.40 53.67 -0.55
C SER B 105 21.17 53.71 0.35
N HIS B 106 20.26 54.62 0.03
CA HIS B 106 18.94 54.52 0.62
C HIS B 106 18.21 53.31 0.04
N GLY B 107 17.25 52.79 0.80
CA GLY B 107 16.60 51.55 0.42
C GLY B 107 15.13 51.55 0.76
N THR B 108 14.40 50.72 0.01
CA THR B 108 13.00 50.42 0.24
C THR B 108 12.88 48.98 0.74
N LEU B 109 11.65 48.48 0.81
CA LEU B 109 11.42 47.13 1.32
C LEU B 109 12.01 46.07 0.40
N HIS B 110 11.85 46.21 -0.91
CA HIS B 110 12.26 45.19 -1.86
C HIS B 110 13.37 45.66 -2.80
N GLY B 111 13.96 46.83 -2.58
CA GLY B 111 14.98 47.29 -3.49
C GLY B 111 15.87 48.35 -2.87
N ILE B 112 16.90 48.72 -3.62
CA ILE B 112 17.85 49.75 -3.22
C ILE B 112 17.66 50.95 -4.13
N CYS B 113 17.76 52.15 -3.56
CA CYS B 113 17.40 53.38 -4.25
C CYS B 113 18.55 53.92 -5.08
N GLY B 114 18.22 54.45 -6.26
CA GLY B 114 19.16 55.21 -7.05
C GLY B 114 19.19 56.67 -6.66
N THR B 115 19.98 57.45 -7.39
CA THR B 115 20.13 58.86 -7.07
C THR B 115 18.84 59.64 -7.31
N MET B 116 18.10 59.29 -8.36
CA MET B 116 16.93 60.04 -8.79
C MET B 116 15.64 59.53 -8.16
N HIS B 117 15.73 58.75 -7.08
CA HIS B 117 14.53 58.13 -6.53
C HIS B 117 13.63 59.14 -5.84
N SER B 118 12.33 58.97 -6.05
CA SER B 118 11.31 59.74 -5.35
C SER B 118 10.03 58.92 -5.31
N GLU B 119 9.14 59.26 -4.37
CA GLU B 119 7.88 58.53 -4.28
C GLU B 119 7.03 58.70 -5.53
N LYS B 120 7.13 59.84 -6.20
CA LYS B 120 6.42 60.02 -7.46
C LYS B 120 7.10 59.24 -8.58
N THR B 121 8.42 59.37 -8.70
CA THR B 121 9.21 58.75 -9.76
C THR B 121 10.19 57.77 -9.13
N PRO B 122 9.80 56.52 -8.93
CA PRO B 122 10.70 55.56 -8.26
C PRO B 122 11.90 55.24 -9.13
N ASP B 123 13.06 55.11 -8.47
CA ASP B 123 14.33 54.74 -9.10
C ASP B 123 14.93 53.65 -8.22
N VAL B 124 14.38 52.45 -8.31
CA VAL B 124 14.67 51.36 -7.39
C VAL B 124 15.20 50.17 -8.17
N LEU B 125 16.27 49.57 -7.66
CA LEU B 125 16.78 48.31 -8.19
C LEU B 125 16.36 47.20 -7.23
N GLN B 126 15.53 46.28 -7.73
CA GLN B 126 15.06 45.19 -6.90
C GLN B 126 16.23 44.28 -6.53
N TYR B 127 16.25 43.84 -5.27
CA TYR B 127 17.30 42.91 -4.86
C TYR B 127 17.18 41.58 -5.61
N ASP B 128 15.97 41.22 -6.02
CA ASP B 128 15.78 40.01 -6.82
C ASP B 128 16.50 40.10 -8.16
N THR B 129 16.63 41.31 -8.71
CA THR B 129 17.34 41.48 -9.97
C THR B 129 18.82 41.13 -9.83
N ILE B 130 19.42 41.39 -8.67
CA ILE B 130 20.83 41.08 -8.47
C ILE B 130 21.09 39.59 -8.58
N TYR B 131 20.23 38.78 -7.95
CA TYR B 131 20.38 37.34 -8.01
C TYR B 131 20.27 36.82 -9.44
N GLN B 132 19.38 37.42 -10.23
CA GLN B 132 19.24 37.01 -11.63
C GLN B 132 20.49 37.34 -12.43
N ILE B 133 21.15 38.46 -12.12
CA ILE B 133 22.33 38.86 -12.88
C ILE B 133 23.51 37.94 -12.60
N PHE B 134 23.63 37.46 -11.36
CA PHE B 134 24.81 36.71 -10.92
C PHE B 134 24.56 35.22 -10.78
N ASN B 135 23.39 34.73 -11.15
CA ASN B 135 23.10 33.29 -11.00
C ASN B 135 23.93 32.49 -12.01
N ASN B 136 23.76 31.17 -11.96
CA ASN B 136 24.50 30.30 -12.86
C ASN B 136 24.07 30.45 -14.32
N CYS B 137 22.94 31.11 -14.57
CA CYS B 137 22.49 31.30 -15.95
C CYS B 137 23.17 32.49 -16.61
N HIS B 138 23.26 33.61 -15.90
CA HIS B 138 23.75 34.86 -16.49
C HIS B 138 25.19 35.18 -16.11
N CYS B 139 25.78 34.47 -15.14
CA CYS B 139 27.17 34.68 -14.73
C CYS B 139 27.87 33.33 -14.71
N PRO B 140 28.31 32.84 -15.88
CA PRO B 140 29.01 31.55 -15.91
C PRO B 140 30.36 31.57 -15.20
N GLY B 141 31.00 32.73 -15.12
CA GLY B 141 32.32 32.81 -14.51
C GLY B 141 32.33 32.54 -13.02
N LEU B 142 31.20 32.70 -12.34
CA LEU B 142 31.12 32.51 -10.90
C LEU B 142 30.29 31.28 -10.52
N ARG B 143 30.10 30.35 -11.45
CA ARG B 143 29.39 29.12 -11.14
C ARG B 143 30.17 28.30 -10.11
N ASP B 144 29.44 27.73 -9.15
CA ASP B 144 29.99 26.94 -8.05
C ASP B 144 30.91 27.76 -7.16
N LYS B 145 30.85 29.09 -7.26
CA LYS B 145 31.69 29.97 -6.48
C LYS B 145 30.85 30.85 -5.56
N PRO B 146 31.32 31.11 -4.34
CA PRO B 146 30.54 31.92 -3.41
C PRO B 146 30.30 33.33 -3.95
N LYS B 147 29.06 33.79 -3.83
CA LYS B 147 28.68 35.14 -4.21
C LYS B 147 28.07 35.80 -2.97
N VAL B 148 28.83 36.67 -2.32
CA VAL B 148 28.44 37.30 -1.07
C VAL B 148 27.96 38.71 -1.34
N ILE B 149 26.76 39.04 -0.85
CA ILE B 149 26.15 40.35 -1.05
C ILE B 149 26.03 41.03 0.30
N ILE B 150 26.58 42.23 0.41
CA ILE B 150 26.51 43.05 1.61
C ILE B 150 25.67 44.28 1.28
N VAL B 151 24.60 44.49 2.04
CA VAL B 151 23.64 45.57 1.77
C VAL B 151 23.57 46.47 2.99
N GLN B 152 24.13 47.66 2.88
CA GLN B 152 23.95 48.72 3.88
C GLN B 152 22.90 49.67 3.31
N ALA B 153 21.66 49.51 3.76
CA ALA B 153 20.54 50.30 3.27
C ALA B 153 19.35 50.05 4.17
N ALA B 154 18.48 51.05 4.27
CA ALA B 154 17.23 50.87 5.00
C ALA B 154 16.33 49.91 4.24
N ARG B 155 15.47 49.22 5.00
CA ARG B 155 14.47 48.32 4.41
C ARG B 155 13.06 48.76 4.79
N GLY B 156 12.88 50.03 5.11
CA GLY B 156 11.63 50.54 5.62
C GLY B 156 11.86 51.85 6.34
N GLY B 157 10.77 52.40 6.86
CA GLY B 157 10.84 53.67 7.56
C GLY B 157 10.51 53.58 9.04
N ASN B 158 10.19 52.39 9.50
CA ASN B 158 9.75 52.18 10.88
C ASN B 158 10.95 51.94 11.79
N SER B 159 10.77 52.28 13.07
CA SER B 159 11.81 52.04 14.06
C SER B 159 11.84 50.56 14.43
N GLY B 160 13.03 50.08 14.78
CA GLY B 160 13.24 48.67 15.03
C GLY B 160 13.33 48.24 16.48
N GLU B 161 12.90 49.10 17.40
CA GLU B 161 12.99 48.80 18.82
C GLU B 161 11.71 49.21 19.52
N MET B 162 11.50 48.65 20.71
CA MET B 162 10.35 48.98 21.54
C MET B 162 10.68 48.65 22.98
N TRP B 163 9.82 49.12 23.88
CA TRP B 163 10.01 48.95 25.32
C TRP B 163 9.05 47.88 25.83
N ILE B 164 9.55 46.98 26.66
CA ILE B 164 8.74 45.89 27.18
C ILE B 164 8.98 45.78 28.69
N ARG B 165 8.18 44.92 29.32
CA ARG B 165 8.35 44.65 30.74
C ARG B 165 9.57 43.75 30.98
N GLU B 166 10.21 43.94 32.13
CA GLU B 166 11.46 43.26 32.43
C GLU B 166 11.39 42.63 33.83
N SER B 167 12.04 41.47 33.96
CA SER B 167 12.12 40.79 35.25
C SER B 167 12.90 41.63 36.26
N ALA C 1 -4.97 14.73 -38.81
CA ALA C 1 -3.95 15.66 -38.32
C ALA C 1 -4.18 17.07 -38.86
N ASP C 2 -3.81 18.08 -38.08
CA ASP C 2 -4.00 19.47 -38.45
C ASP C 2 -2.78 20.27 -38.04
N PHE C 3 -2.84 21.58 -38.29
CA PHE C 3 -1.74 22.47 -37.94
C PHE C 3 -1.54 22.57 -36.43
N GLN C 4 -2.63 22.44 -35.66
CA GLN C 4 -2.52 22.54 -34.21
C GLN C 4 -1.68 21.41 -33.63
N GLY C 5 -1.85 20.19 -34.16
CA GLY C 5 -0.99 19.10 -33.73
C GLY C 5 0.46 19.29 -34.15
N LEU C 6 0.68 19.99 -35.26
CA LEU C 6 2.05 20.29 -35.68
C LEU C 6 2.70 21.30 -34.74
N TYR C 7 1.97 22.36 -34.39
CA TYR C 7 2.51 23.39 -33.50
C TYR C 7 2.88 22.80 -32.14
N ALA C 8 1.95 22.07 -31.53
CA ALA C 8 2.21 21.49 -30.21
C ALA C 8 3.39 20.53 -30.25
N GLU C 9 3.51 19.75 -31.33
CA GLU C 9 4.62 18.82 -31.47
C GLU C 9 5.96 19.55 -31.61
N VAL C 10 5.98 20.61 -32.42
CA VAL C 10 7.22 21.38 -32.61
C VAL C 10 7.51 22.24 -31.38
N LYS C 11 6.47 22.85 -30.80
CA LYS C 11 6.68 23.69 -29.61
C LYS C 11 7.20 22.86 -28.44
N ALA C 12 6.70 21.64 -28.28
CA ALA C 12 7.19 20.77 -27.20
C ALA C 12 8.66 20.43 -27.40
N CYS C 13 9.08 20.23 -28.66
CA CYS C 13 10.48 19.95 -28.93
C CYS C 13 11.35 21.17 -28.63
N SER C 14 10.87 22.37 -28.97
CA SER C 14 11.64 23.58 -28.69
C SER C 14 11.63 23.94 -27.21
N SER C 15 10.67 23.42 -26.46
CA SER C 15 10.57 23.76 -25.04
C SER C 15 11.77 23.23 -24.25
N GLU C 16 12.19 21.99 -24.52
CA GLU C 16 13.32 21.41 -23.80
C GLU C 16 14.64 22.09 -24.14
N LEU C 17 14.74 22.73 -25.30
CA LEU C 17 15.94 23.48 -25.66
C LEU C 17 16.10 24.75 -24.84
N GLU C 18 15.01 25.29 -24.29
CA GLU C 18 15.11 26.51 -23.47
C GLU C 18 15.95 26.30 -22.22
N SER C 19 16.10 25.07 -21.75
CA SER C 19 16.92 24.78 -20.58
C SER C 19 18.41 24.64 -20.91
N LEU C 20 18.77 24.76 -22.18
CA LEU C 20 20.18 24.68 -22.57
C LEU C 20 20.87 26.02 -22.39
N GLU C 21 22.15 25.98 -22.08
CA GLU C 21 22.93 27.19 -21.88
C GLU C 21 22.92 28.04 -23.15
N MET C 22 22.99 29.37 -22.97
CA MET C 22 22.90 30.28 -24.10
C MET C 22 24.04 30.03 -25.10
N GLU C 23 25.26 29.83 -24.60
CA GLU C 23 26.38 29.60 -25.50
C GLU C 23 26.21 28.30 -26.27
N LEU C 24 25.64 27.27 -25.65
CA LEU C 24 25.44 26.00 -26.33
C LEU C 24 24.36 26.09 -27.39
N ARG C 25 23.31 26.88 -27.16
CA ARG C 25 22.30 27.06 -28.20
C ARG C 25 22.86 27.84 -29.39
N GLN C 26 23.76 28.79 -29.14
CA GLN C 26 24.40 29.51 -30.24
C GLN C 26 25.40 28.63 -30.98
N GLN C 27 26.12 27.77 -30.24
CA GLN C 27 27.03 26.83 -30.90
C GLN C 27 26.27 25.88 -31.82
N ILE C 28 25.14 25.36 -31.35
CA ILE C 28 24.31 24.48 -32.17
C ILE C 28 23.82 25.24 -33.40
N LEU C 29 23.35 26.47 -33.21
CA LEU C 29 22.78 27.23 -34.32
C LEU C 29 23.83 27.55 -35.37
N VAL C 30 25.01 28.00 -34.94
CA VAL C 30 26.07 28.34 -35.88
C VAL C 30 26.54 27.10 -36.63
N ASN C 31 26.75 25.99 -35.91
CA ASN C 31 27.27 24.79 -36.55
C ASN C 31 26.21 24.08 -37.39
N ILE C 32 24.93 24.29 -37.11
CA ILE C 32 23.89 23.81 -38.03
C ILE C 32 23.98 24.58 -39.34
N GLY C 33 24.20 25.89 -39.27
CA GLY C 33 24.42 26.67 -40.48
C GLY C 33 25.66 26.22 -41.25
N LYS C 34 26.64 25.63 -40.56
CA LYS C 34 27.82 25.12 -41.24
C LYS C 34 27.53 23.82 -41.96
N ILE C 35 26.91 22.85 -41.27
CA ILE C 35 26.59 21.57 -41.88
C ILE C 35 25.44 21.67 -42.88
N LEU C 36 24.70 22.78 -42.88
CA LEU C 36 23.63 22.97 -43.84
C LEU C 36 24.15 23.06 -45.27
N GLN C 37 25.45 23.33 -45.44
CA GLN C 37 26.12 23.27 -46.74
C GLN C 37 26.81 21.92 -46.94
N ASP C 38 26.48 20.91 -46.14
CA ASP C 38 27.17 19.63 -46.17
C ASP C 38 26.14 18.55 -45.84
N GLN C 39 25.42 18.09 -46.87
CA GLN C 39 24.40 17.08 -46.67
C GLN C 39 24.94 15.78 -46.06
N PRO C 40 26.12 15.26 -46.45
CA PRO C 40 26.64 14.08 -45.74
C PRO C 40 26.77 14.26 -44.23
N SER C 41 27.13 15.47 -43.78
CA SER C 41 27.25 15.69 -42.35
C SER C 41 25.90 15.64 -41.65
N MET C 42 24.86 16.17 -42.30
CA MET C 42 23.52 16.10 -41.73
C MET C 42 23.03 14.66 -41.66
N GLU C 43 23.31 13.87 -42.70
CA GLU C 43 22.88 12.48 -42.71
C GLU C 43 23.59 11.66 -41.64
N ALA C 44 24.90 11.91 -41.45
CA ALA C 44 25.65 11.22 -40.41
C ALA C 44 25.15 11.58 -39.03
N LEU C 45 24.84 12.86 -38.80
CA LEU C 45 24.37 13.28 -37.48
C LEU C 45 22.98 12.71 -37.18
N GLU C 46 22.12 12.62 -38.20
CA GLU C 46 20.82 11.96 -38.01
C GLU C 46 21.01 10.52 -37.54
N ALA C 47 21.87 9.77 -38.23
CA ALA C 47 22.09 8.37 -37.86
C ALA C 47 22.66 8.24 -36.47
N SER C 48 23.63 9.08 -36.11
CA SER C 48 24.22 9.02 -34.78
C SER C 48 23.18 9.32 -33.70
N LEU C 49 22.39 10.38 -33.91
CA LEU C 49 21.37 10.74 -32.92
C LEU C 49 20.26 9.70 -32.88
N GLY C 50 19.85 9.19 -34.04
CA GLY C 50 18.81 8.17 -34.06
C GLY C 50 19.27 6.88 -33.41
N GLN C 51 20.52 6.48 -33.64
CA GLN C 51 21.06 5.29 -32.98
C GLN C 51 21.17 5.50 -31.48
N GLY C 52 21.61 6.68 -31.05
CA GLY C 52 21.75 6.95 -29.63
C GLY C 52 20.42 7.06 -28.91
N LEU C 53 19.39 7.56 -29.59
CA LEU C 53 18.08 7.66 -28.96
C LEU C 53 17.41 6.30 -28.85
N CYS C 54 17.63 5.43 -29.83
CA CYS C 54 16.99 4.11 -29.81
C CYS C 54 17.73 3.15 -28.88
N SER C 55 19.06 3.16 -28.92
CA SER C 55 19.82 2.18 -28.15
C SER C 55 20.07 2.65 -26.72
N GLY C 56 20.29 3.94 -26.53
CA GLY C 56 20.64 4.45 -25.22
C GLY C 56 22.09 4.27 -24.84
N GLY C 57 22.91 3.75 -25.75
CA GLY C 57 24.33 3.53 -25.48
C GLY C 57 25.17 4.73 -25.86
N GLN C 58 26.49 4.50 -25.89
CA GLN C 58 27.41 5.56 -26.25
C GLN C 58 27.26 5.94 -27.72
N VAL C 59 27.40 7.24 -28.00
CA VAL C 59 27.35 7.77 -29.35
C VAL C 59 28.77 7.98 -29.84
N GLU C 60 29.11 7.37 -30.95
CA GLU C 60 30.44 7.54 -31.53
C GLU C 60 30.61 8.97 -31.99
N PRO C 61 31.61 9.69 -31.48
CA PRO C 61 31.74 11.12 -31.82
C PRO C 61 31.98 11.32 -33.31
N LEU C 62 31.52 12.45 -33.81
CA LEU C 62 31.70 12.85 -35.19
C LEU C 62 32.67 14.02 -35.26
N ASP C 63 33.21 14.25 -36.45
CA ASP C 63 34.19 15.30 -36.67
C ASP C 63 33.56 16.52 -37.32
N GLY C 64 34.24 17.66 -37.17
CA GLY C 64 33.80 18.90 -37.77
C GLY C 64 32.62 19.52 -37.06
N PRO C 65 31.84 20.33 -37.79
CA PRO C 65 30.70 21.00 -37.15
C PRO C 65 29.64 20.04 -36.65
N ALA C 66 29.48 18.88 -37.29
CA ALA C 66 28.54 17.87 -36.77
C ALA C 66 28.95 17.42 -35.39
N GLY C 67 30.26 17.32 -35.12
CA GLY C 67 30.72 16.97 -33.80
C GLY C 67 30.54 18.11 -32.79
N CYS C 68 30.64 19.35 -33.24
CA CYS C 68 30.39 20.48 -32.35
C CYS C 68 28.94 20.49 -31.88
N ILE C 69 28.02 20.09 -32.76
CA ILE C 69 26.62 19.95 -32.36
C ILE C 69 26.46 18.79 -31.39
N LEU C 70 27.15 17.67 -31.65
CA LEU C 70 27.00 16.49 -30.81
C LEU C 70 27.55 16.74 -29.41
N GLU C 71 28.56 17.60 -29.28
CA GLU C 71 29.09 17.95 -27.97
C GLU C 71 28.01 18.53 -27.07
N CYS C 72 27.05 19.24 -27.64
CA CYS C 72 26.00 19.91 -26.89
C CYS C 72 24.81 19.00 -26.57
N LEU C 73 24.88 17.72 -26.91
CA LEU C 73 23.76 16.82 -26.72
C LEU C 73 24.10 15.54 -25.98
N VAL C 74 25.33 15.39 -25.48
CA VAL C 74 25.79 14.15 -24.88
C VAL C 74 26.31 14.43 -23.48
N LEU C 75 26.23 13.41 -22.62
CA LEU C 75 26.80 13.47 -21.29
C LEU C 75 28.31 13.21 -21.37
N ASP C 76 28.97 13.29 -20.21
CA ASP C 76 30.38 12.92 -20.13
C ASP C 76 30.55 11.42 -20.41
N SER C 77 29.60 10.60 -19.95
CA SER C 77 29.68 9.16 -20.14
C SER C 77 29.36 8.73 -21.57
N GLY C 78 28.92 9.64 -22.43
CA GLY C 78 28.73 9.37 -23.84
C GLY C 78 27.30 9.19 -24.28
N GLU C 79 26.36 8.96 -23.36
CA GLU C 79 24.97 8.79 -23.74
C GLU C 79 24.37 10.11 -24.21
N LEU C 80 23.38 10.02 -25.09
CA LEU C 80 22.63 11.20 -25.49
C LEU C 80 21.76 11.68 -24.33
N VAL C 81 21.54 12.99 -24.29
CA VAL C 81 20.52 13.58 -23.44
C VAL C 81 19.22 13.58 -24.23
N PRO C 82 18.27 12.68 -23.91
CA PRO C 82 17.07 12.57 -24.76
C PRO C 82 16.29 13.87 -24.90
N GLU C 83 16.22 14.66 -23.83
CA GLU C 83 15.49 15.92 -23.88
C GLU C 83 16.12 16.90 -24.86
N LEU C 84 17.44 16.78 -25.09
CA LEU C 84 18.16 17.68 -25.99
C LEU C 84 18.37 17.10 -27.38
N ALA C 85 18.67 15.80 -27.48
CA ALA C 85 18.97 15.22 -28.79
C ALA C 85 17.73 15.06 -29.66
N ALA C 86 16.60 14.71 -29.04
CA ALA C 86 15.38 14.50 -29.81
C ALA C 86 14.91 15.72 -30.59
N PRO C 87 14.84 16.93 -30.02
CA PRO C 87 14.46 18.08 -30.84
C PRO C 87 15.45 18.38 -31.95
N ILE C 88 16.75 18.18 -31.72
CA ILE C 88 17.73 18.38 -32.77
C ILE C 88 17.56 17.32 -33.86
N PHE C 89 17.27 16.08 -33.46
CA PHE C 89 16.96 15.03 -34.43
C PHE C 89 15.71 15.38 -35.23
N TYR C 90 14.72 15.99 -34.56
CA TYR C 90 13.51 16.42 -35.25
C TYR C 90 13.83 17.53 -36.26
N LEU C 91 14.73 18.45 -35.88
CA LEU C 91 15.11 19.53 -36.78
C LEU C 91 15.88 19.01 -37.99
N LEU C 92 16.75 18.02 -37.77
CA LEU C 92 17.53 17.46 -38.87
C LEU C 92 16.64 16.73 -39.86
N GLY C 93 15.61 16.03 -39.37
CA GLY C 93 14.70 15.36 -40.27
C GLY C 93 13.88 16.32 -41.11
N ALA C 94 13.48 17.46 -40.53
CA ALA C 94 12.74 18.46 -41.28
C ALA C 94 13.62 19.13 -42.32
N LEU C 95 14.88 19.42 -41.97
CA LEU C 95 15.79 20.00 -42.96
C LEU C 95 16.09 19.02 -44.08
N ALA C 96 16.08 17.72 -43.79
CA ALA C 96 16.33 16.73 -44.84
C ALA C 96 15.21 16.72 -45.86
N VAL C 97 14.01 17.17 -45.47
CA VAL C 97 12.91 17.26 -46.41
C VAL C 97 13.08 18.44 -47.36
N LEU C 98 13.78 19.47 -46.92
CA LEU C 98 13.95 20.67 -47.73
C LEU C 98 14.89 20.40 -48.91
N SER C 99 14.85 21.30 -49.88
CA SER C 99 15.74 21.23 -51.03
C SER C 99 17.11 21.81 -50.68
N GLU C 100 18.08 21.55 -51.55
CA GLU C 100 19.44 22.05 -51.32
C GLU C 100 19.46 23.58 -51.32
N THR C 101 18.68 24.19 -52.21
CA THR C 101 18.60 25.66 -52.24
C THR C 101 18.00 26.21 -50.96
N GLN C 102 16.94 25.58 -50.46
CA GLN C 102 16.34 26.02 -49.20
C GLN C 102 17.32 25.86 -48.05
N GLN C 103 18.08 24.77 -48.04
CA GLN C 103 19.08 24.56 -47.00
C GLN C 103 20.18 25.61 -47.09
N GLN C 104 20.63 25.93 -48.31
CA GLN C 104 21.67 26.95 -48.46
C GLN C 104 21.15 28.31 -48.04
N LEU C 105 19.90 28.64 -48.37
CA LEU C 105 19.33 29.92 -47.98
C LEU C 105 19.20 30.05 -46.47
N LEU C 106 18.79 28.97 -45.79
CA LEU C 106 18.69 29.01 -44.33
C LEU C 106 20.04 29.22 -43.69
N ALA C 107 21.10 28.65 -44.27
CA ALA C 107 22.45 28.87 -43.76
C ALA C 107 22.82 30.35 -43.78
N LYS C 108 22.39 31.07 -44.82
CA LYS C 108 22.66 32.51 -44.89
C LYS C 108 21.75 33.29 -43.96
N ALA C 109 20.57 32.76 -43.64
CA ALA C 109 19.52 33.52 -42.96
C ALA C 109 19.55 33.39 -41.45
N LEU C 110 20.24 32.40 -40.88
CA LEU C 110 20.31 32.25 -39.42
C LEU C 110 20.94 33.45 -38.72
N GLU C 111 21.77 34.22 -39.43
CA GLU C 111 22.55 35.30 -38.83
C GLU C 111 21.71 36.50 -38.42
N THR C 112 20.43 36.56 -38.77
CA THR C 112 19.62 37.74 -38.55
C THR C 112 18.31 37.37 -37.84
N THR C 113 17.52 38.40 -37.53
CA THR C 113 16.19 38.22 -36.97
C THR C 113 15.11 38.18 -38.04
N VAL C 114 15.48 38.38 -39.31
CA VAL C 114 14.54 38.20 -40.41
C VAL C 114 13.98 36.79 -40.40
N LEU C 115 14.75 35.84 -39.86
CA LEU C 115 14.27 34.47 -39.68
C LEU C 115 12.90 34.45 -39.01
N SER C 116 12.70 35.30 -38.00
CA SER C 116 11.42 35.36 -37.30
C SER C 116 10.28 35.74 -38.24
N LYS C 117 10.46 36.81 -39.02
CA LYS C 117 9.44 37.23 -39.98
C LYS C 117 9.11 36.11 -40.95
N GLN C 118 10.14 35.45 -41.48
CA GLN C 118 9.93 34.37 -42.46
C GLN C 118 9.08 33.24 -41.87
N LEU C 119 9.29 32.91 -40.59
CA LEU C 119 8.51 31.85 -39.95
C LEU C 119 7.02 32.14 -39.99
N GLU C 120 6.62 33.35 -39.60
CA GLU C 120 5.19 33.66 -39.55
C GLU C 120 4.55 33.71 -40.92
N LEU C 121 5.32 33.98 -41.97
CA LEU C 121 4.78 33.90 -43.32
C LEU C 121 4.38 32.47 -43.65
N VAL C 122 5.28 31.51 -43.39
CA VAL C 122 4.97 30.11 -43.64
C VAL C 122 3.81 29.66 -42.77
N LYS C 123 3.79 30.08 -41.50
CA LYS C 123 2.65 29.79 -40.62
C LYS C 123 1.36 30.33 -41.22
N HIS C 124 1.37 31.59 -41.67
CA HIS C 124 0.19 32.18 -42.26
C HIS C 124 -0.25 31.42 -43.51
N VAL C 125 0.70 30.98 -44.33
CA VAL C 125 0.37 30.21 -45.52
C VAL C 125 -0.33 28.91 -45.15
N LEU C 126 0.10 28.27 -44.05
CA LEU C 126 -0.53 27.01 -43.66
C LEU C 126 -1.92 27.25 -43.07
N GLU C 127 -2.10 28.34 -42.31
CA GLU C 127 -3.42 28.64 -41.77
C GLU C 127 -4.36 29.14 -42.85
N GLN C 128 -3.89 30.08 -43.68
CA GLN C 128 -4.79 30.72 -44.65
C GLN C 128 -5.18 29.78 -45.77
N SER C 129 -4.40 28.72 -46.01
CA SER C 129 -4.71 27.74 -47.05
C SER C 129 -5.55 26.59 -46.52
N THR C 130 -5.83 26.56 -45.23
CA THR C 130 -6.70 25.52 -44.66
C THR C 130 -8.12 25.72 -45.20
N PRO C 131 -8.77 24.65 -45.72
CA PRO C 131 -8.32 23.26 -45.76
C PRO C 131 -7.18 22.99 -46.76
N TRP C 132 -6.17 22.26 -46.28
CA TRP C 132 -4.94 22.05 -47.05
C TRP C 132 -5.19 21.28 -48.34
N GLN C 133 -6.24 20.47 -48.38
CA GLN C 133 -6.47 19.59 -49.51
C GLN C 133 -7.08 20.28 -50.72
N GLU C 134 -7.38 21.58 -50.61
CA GLU C 134 -7.91 22.36 -51.73
C GLU C 134 -6.88 23.38 -52.16
N GLN C 135 -6.65 23.49 -53.48
CA GLN C 135 -5.85 24.58 -53.99
C GLN C 135 -6.50 25.90 -53.62
N SER C 136 -5.67 26.90 -53.32
CA SER C 136 -6.21 28.18 -52.85
C SER C 136 -5.16 29.26 -53.05
N SER C 137 -5.57 30.49 -52.78
CA SER C 137 -4.70 31.66 -52.84
C SER C 137 -4.63 32.30 -51.46
N VAL C 138 -3.53 32.98 -51.18
CA VAL C 138 -3.28 33.60 -49.89
C VAL C 138 -2.75 35.01 -50.11
N SER C 139 -3.36 35.99 -49.44
CA SER C 139 -2.85 37.34 -49.43
C SER C 139 -1.97 37.55 -48.20
N LEU C 140 -0.87 38.28 -48.40
CA LEU C 140 0.09 38.50 -47.34
C LEU C 140 0.18 39.98 -46.98
N PRO C 141 0.36 40.30 -45.71
CA PRO C 141 0.55 41.71 -45.33
C PRO C 141 1.83 42.27 -45.92
N THR C 142 1.75 43.50 -46.42
CA THR C 142 2.93 44.15 -47.00
C THR C 142 4.04 44.30 -45.96
N VAL C 143 3.69 44.39 -44.68
CA VAL C 143 4.68 44.51 -43.62
C VAL C 143 5.55 43.27 -43.52
N LEU C 144 5.12 42.15 -44.10
CA LEU C 144 5.89 40.91 -44.07
C LEU C 144 6.67 40.65 -45.36
N LEU C 145 6.39 41.38 -46.43
CA LEU C 145 7.04 41.16 -47.71
C LEU C 145 8.37 41.90 -47.85
N GLY C 146 8.80 42.64 -46.83
CA GLY C 146 10.06 43.32 -46.90
C GLY C 146 10.04 44.53 -47.82
N ASP C 147 11.24 45.13 -47.97
CA ASP C 147 11.38 46.30 -48.83
C ASP C 147 11.17 45.94 -50.29
N CYS C 148 11.81 44.87 -50.77
CA CYS C 148 11.72 44.45 -52.16
C CYS C 148 11.14 43.05 -52.20
N TRP C 149 9.95 42.92 -52.77
CA TRP C 149 9.25 41.64 -52.90
C TRP C 149 9.24 41.26 -54.38
N ASP C 150 10.11 40.34 -54.76
CA ASP C 150 10.21 39.87 -56.14
C ASP C 150 10.89 38.52 -56.13
N GLU C 151 11.13 37.98 -57.33
CA GLU C 151 11.73 36.65 -57.44
C GLU C 151 13.18 36.63 -56.98
N LYS C 152 13.78 37.80 -56.71
CA LYS C 152 15.12 37.89 -56.17
C LYS C 152 15.14 38.02 -54.65
N ASN C 153 13.97 38.08 -54.01
CA ASN C 153 13.90 38.13 -52.56
C ASN C 153 14.17 36.74 -51.99
N PRO C 154 15.01 36.61 -50.95
CA PRO C 154 15.30 35.27 -50.41
C PRO C 154 14.06 34.56 -49.87
N THR C 155 13.13 35.29 -49.28
CA THR C 155 11.90 34.66 -48.78
C THR C 155 11.05 34.13 -49.93
N TRP C 156 11.04 34.86 -51.05
CA TRP C 156 10.35 34.39 -52.25
C TRP C 156 10.87 33.04 -52.69
N VAL C 157 12.20 32.88 -52.74
CA VAL C 157 12.78 31.63 -53.20
C VAL C 157 12.49 30.49 -52.23
N LEU C 158 12.52 30.78 -50.93
CA LEU C 158 12.21 29.75 -49.93
C LEU C 158 10.80 29.21 -50.13
N LEU C 159 9.82 30.09 -50.31
CA LEU C 159 8.44 29.63 -50.50
C LEU C 159 8.24 29.03 -51.88
N GLU C 160 8.91 29.59 -52.90
CA GLU C 160 8.74 29.10 -54.26
C GLU C 160 9.30 27.69 -54.42
N GLU C 161 10.45 27.43 -53.80
CA GLU C 161 11.08 26.11 -53.88
C GLU C 161 10.32 25.03 -53.13
N CYS C 162 9.36 25.40 -52.29
CA CYS C 162 8.49 24.42 -51.66
C CYS C 162 7.40 23.92 -52.60
N GLY C 163 7.33 24.45 -53.81
CA GLY C 163 6.27 24.12 -54.75
C GLY C 163 5.12 25.09 -54.77
N LEU C 164 5.25 26.24 -54.12
CA LEU C 164 4.21 27.26 -54.13
C LEU C 164 4.46 28.23 -55.28
N ARG C 165 3.41 28.53 -56.04
CA ARG C 165 3.51 29.50 -57.13
C ARG C 165 3.40 30.91 -56.54
N LEU C 166 4.40 31.74 -56.81
CA LEU C 166 4.45 33.08 -56.27
C LEU C 166 4.27 34.12 -57.38
N GLN C 167 3.82 35.30 -56.96
CA GLN C 167 3.68 36.43 -57.85
C GLN C 167 3.81 37.71 -57.02
N VAL C 168 3.95 38.84 -57.72
CA VAL C 168 4.14 40.10 -57.03
C VAL C 168 2.82 40.64 -56.50
N GLU C 169 1.76 40.57 -57.31
CA GLU C 169 0.48 41.16 -56.95
C GLU C 169 -0.30 40.21 -56.02
N SER C 170 -1.12 40.81 -55.16
CA SER C 170 -1.98 40.02 -54.30
C SER C 170 -3.09 39.37 -55.11
N PRO C 171 -3.39 38.09 -54.88
CA PRO C 171 -2.77 37.19 -53.90
C PRO C 171 -1.42 36.67 -54.35
N GLN C 172 -0.47 36.61 -53.42
CA GLN C 172 0.92 36.31 -53.76
C GLN C 172 1.24 34.81 -53.76
N VAL C 173 0.49 34.00 -53.02
CA VAL C 173 0.82 32.59 -52.84
C VAL C 173 -0.32 31.75 -53.38
N HIS C 174 0.02 30.79 -54.26
CA HIS C 174 -0.92 29.78 -54.72
C HIS C 174 -0.57 28.47 -54.02
N TRP C 175 -1.46 28.03 -53.14
CA TRP C 175 -1.23 26.82 -52.36
C TRP C 175 -1.56 25.58 -53.18
N GLU C 176 -0.54 24.77 -53.46
CA GLU C 176 -0.71 23.46 -54.07
C GLU C 176 -0.58 22.40 -53.00
N PRO C 177 -1.58 21.53 -52.83
CA PRO C 177 -1.54 20.54 -51.74
C PRO C 177 -0.35 19.62 -51.78
N THR C 178 0.27 19.40 -52.94
CA THR C 178 1.48 18.59 -53.02
C THR C 178 2.64 19.23 -52.26
N SER C 179 2.53 20.51 -51.89
CA SER C 179 3.56 21.23 -51.17
C SER C 179 3.40 21.14 -49.66
N LEU C 180 2.45 20.34 -49.17
CA LEU C 180 2.16 20.34 -47.73
C LEU C 180 3.33 19.80 -46.93
N ILE C 181 3.84 18.62 -47.30
CA ILE C 181 4.93 18.01 -46.54
C ILE C 181 6.18 18.89 -46.53
N PRO C 182 6.66 19.43 -47.66
CA PRO C 182 7.86 20.29 -47.56
C PRO C 182 7.60 21.60 -46.83
N THR C 183 6.47 22.25 -47.07
CA THR C 183 6.17 23.51 -46.40
C THR C 183 6.11 23.31 -44.88
N SER C 184 5.44 22.26 -44.43
CA SER C 184 5.39 21.95 -43.01
C SER C 184 6.78 21.78 -42.43
N ALA C 185 7.65 21.04 -43.14
CA ALA C 185 9.03 20.86 -42.69
C ALA C 185 9.76 22.20 -42.59
N LEU C 186 9.58 23.07 -43.59
CA LEU C 186 10.18 24.40 -43.52
C LEU C 186 9.68 25.17 -42.31
N TYR C 187 8.37 25.11 -42.05
CA TYR C 187 7.82 25.72 -40.84
C TYR C 187 8.50 25.18 -39.58
N ALA C 188 8.53 23.85 -39.44
CA ALA C 188 9.18 23.24 -38.28
C ALA C 188 10.65 23.64 -38.21
N SER C 189 11.33 23.68 -39.36
CA SER C 189 12.72 24.13 -39.38
C SER C 189 12.84 25.57 -38.88
N LEU C 190 12.06 26.47 -39.48
CA LEU C 190 12.12 27.88 -39.09
C LEU C 190 11.77 28.07 -37.61
N PHE C 191 10.86 27.24 -37.09
CA PHE C 191 10.47 27.36 -35.69
C PHE C 191 11.64 27.01 -34.78
N LEU C 192 12.24 25.84 -34.98
CA LEU C 192 13.32 25.38 -34.09
C LEU C 192 14.56 26.26 -34.24
N LEU C 193 14.86 26.69 -35.47
CA LEU C 193 15.98 27.60 -35.68
C LEU C 193 15.76 28.93 -34.97
N SER C 194 14.52 29.45 -35.03
CA SER C 194 14.22 30.71 -34.35
C SER C 194 14.28 30.56 -32.84
N SER C 195 13.84 29.41 -32.31
CA SER C 195 13.85 29.20 -30.86
C SER C 195 15.26 29.05 -30.29
N LEU C 196 16.25 28.80 -31.15
CA LEU C 196 17.63 28.68 -30.68
C LEU C 196 18.32 30.03 -30.56
N GLY C 197 17.89 31.02 -31.33
CA GLY C 197 18.48 32.35 -31.27
C GLY C 197 17.74 33.27 -30.31
N GLN C 198 17.06 32.67 -29.33
CA GLN C 198 16.26 33.41 -28.37
C GLN C 198 16.97 33.53 -27.01
N ASP D 1 -1.70 79.01 18.78
CA ASP D 1 -2.77 78.52 17.93
C ASP D 1 -2.99 77.02 18.13
N PHE D 2 -4.11 76.52 17.58
CA PHE D 2 -4.45 75.11 17.77
C PHE D 2 -3.48 74.19 17.03
N GLN D 3 -2.90 74.67 15.92
CA GLN D 3 -2.01 73.82 15.14
C GLN D 3 -0.75 73.47 15.91
N GLY D 4 -0.23 74.41 16.70
CA GLY D 4 0.88 74.11 17.57
C GLY D 4 0.50 73.18 18.71
N LEU D 5 -0.76 73.23 19.14
CA LEU D 5 -1.24 72.32 20.17
C LEU D 5 -1.33 70.89 19.65
N TYR D 6 -1.87 70.72 18.44
CA TYR D 6 -2.01 69.38 17.87
C TYR D 6 -0.65 68.73 17.64
N ALA D 7 0.29 69.47 17.06
CA ALA D 7 1.62 68.92 16.80
C ALA D 7 2.34 68.60 18.10
N GLU D 8 2.19 69.47 19.11
CA GLU D 8 2.84 69.23 20.39
C GLU D 8 2.29 67.99 21.08
N VAL D 9 0.96 67.81 21.06
CA VAL D 9 0.37 66.65 21.70
C VAL D 9 0.63 65.39 20.89
N LYS D 10 0.59 65.49 19.55
CA LYS D 10 0.88 64.33 18.72
C LYS D 10 2.32 63.86 18.92
N ALA D 11 3.25 64.82 19.08
CA ALA D 11 4.63 64.45 19.34
C ALA D 11 4.76 63.69 20.66
N CYS D 12 3.98 64.09 21.67
CA CYS D 12 3.98 63.37 22.93
C CYS D 12 3.40 61.96 22.76
N SER D 13 2.35 61.83 21.96
CA SER D 13 1.73 60.53 21.73
C SER D 13 2.57 59.64 20.83
N SER D 14 3.51 60.22 20.07
CA SER D 14 4.31 59.43 19.14
C SER D 14 5.20 58.43 19.87
N GLU D 15 5.91 58.88 20.91
CA GLU D 15 6.79 57.97 21.65
C GLU D 15 6.01 56.96 22.48
N LEU D 16 4.76 57.26 22.84
CA LEU D 16 3.96 56.25 23.54
C LEU D 16 3.59 55.09 22.62
N GLU D 17 3.55 55.31 21.30
CA GLU D 17 3.29 54.22 20.37
C GLU D 17 4.39 53.17 20.41
N SER D 18 5.59 53.53 20.85
CA SER D 18 6.70 52.58 20.96
C SER D 18 6.66 51.77 22.23
N LEU D 19 5.69 52.01 23.11
CA LEU D 19 5.55 51.22 24.33
C LEU D 19 4.76 49.95 24.04
N GLU D 20 5.07 48.90 24.79
CA GLU D 20 4.39 47.61 24.60
C GLU D 20 2.90 47.77 24.84
N MET D 21 2.11 46.96 24.11
CA MET D 21 0.66 47.04 24.19
C MET D 21 0.17 46.77 25.61
N GLU D 22 0.73 45.77 26.28
CA GLU D 22 0.29 45.44 27.63
C GLU D 22 0.61 46.59 28.59
N LEU D 23 1.75 47.27 28.39
CA LEU D 23 2.11 48.37 29.27
C LEU D 23 1.24 49.60 29.03
N ARG D 24 0.84 49.84 27.77
CA ARG D 24 -0.04 50.98 27.50
C ARG D 24 -1.42 50.78 28.12
N GLN D 25 -1.93 49.55 28.08
CA GLN D 25 -3.20 49.27 28.76
C GLN D 25 -3.03 49.36 30.27
N GLN D 26 -1.86 48.96 30.78
CA GLN D 26 -1.60 49.09 32.22
C GLN D 26 -1.58 50.55 32.64
N ILE D 27 -0.93 51.41 31.86
CA ILE D 27 -0.93 52.84 32.16
C ILE D 27 -2.34 53.40 32.10
N LEU D 28 -3.12 53.00 31.09
CA LEU D 28 -4.45 53.55 30.91
C LEU D 28 -5.37 53.16 32.07
N VAL D 29 -5.34 51.90 32.49
CA VAL D 29 -6.21 51.45 33.57
C VAL D 29 -5.85 52.15 34.87
N ASN D 30 -4.56 52.25 35.18
CA ASN D 30 -4.14 52.85 36.44
C ASN D 30 -4.27 54.37 36.44
N ILE D 31 -4.25 55.01 35.27
CA ILE D 31 -4.57 56.43 35.22
C ILE D 31 -6.04 56.64 35.60
N GLY D 32 -6.93 55.78 35.10
CA GLY D 32 -8.32 55.85 35.52
C GLY D 32 -8.52 55.61 37.00
N LYS D 33 -7.60 54.88 37.64
CA LYS D 33 -7.69 54.64 39.07
C LYS D 33 -7.25 55.87 39.87
N ILE D 34 -6.08 56.43 39.54
CA ILE D 34 -5.59 57.61 40.26
C ILE D 34 -6.36 58.87 39.91
N LEU D 35 -7.18 58.83 38.86
CA LEU D 35 -7.99 59.99 38.51
C LEU D 35 -8.99 60.34 39.61
N GLN D 36 -9.33 59.38 40.47
CA GLN D 36 -10.14 59.61 41.66
C GLN D 36 -9.30 59.85 42.90
N ASP D 37 -8.03 60.24 42.72
CA ASP D 37 -7.07 60.38 43.83
C ASP D 37 -6.08 61.47 43.42
N GLN D 38 -6.51 62.72 43.60
CA GLN D 38 -5.67 63.86 43.21
C GLN D 38 -4.32 63.92 43.92
N PRO D 39 -4.18 63.55 45.21
CA PRO D 39 -2.84 63.54 45.81
C PRO D 39 -1.84 62.66 45.06
N SER D 40 -2.28 61.50 44.57
CA SER D 40 -1.35 60.62 43.83
C SER D 40 -0.91 61.26 42.52
N MET D 41 -1.81 62.00 41.87
CA MET D 41 -1.45 62.65 40.61
C MET D 41 -0.43 63.76 40.83
N GLU D 42 -0.63 64.60 41.85
CA GLU D 42 0.33 65.66 42.13
C GLU D 42 1.68 65.08 42.53
N ALA D 43 1.68 64.02 43.33
CA ALA D 43 2.93 63.37 43.71
C ALA D 43 3.62 62.75 42.52
N LEU D 44 2.86 62.14 41.61
CA LEU D 44 3.46 61.53 40.42
C LEU D 44 4.01 62.58 39.48
N GLU D 45 3.33 63.72 39.35
CA GLU D 45 3.87 64.82 38.57
C GLU D 45 5.23 65.26 39.11
N ALA D 46 5.32 65.47 40.42
CA ALA D 46 6.57 65.92 41.02
C ALA D 46 7.68 64.88 40.83
N SER D 47 7.35 63.60 41.01
CA SER D 47 8.34 62.55 40.83
C SER D 47 8.83 62.52 39.39
N LEU D 48 7.92 62.58 38.42
CA LEU D 48 8.32 62.56 37.02
C LEU D 48 9.06 63.83 36.63
N GLY D 49 8.59 64.99 37.13
CA GLY D 49 9.28 66.24 36.84
C GLY D 49 10.68 66.29 37.44
N GLN D 50 10.82 65.85 38.69
CA GLN D 50 12.12 65.84 39.33
C GLN D 50 13.08 64.88 38.63
N GLY D 51 12.56 63.76 38.13
CA GLY D 51 13.40 62.82 37.42
C GLY D 51 13.84 63.29 36.06
N LEU D 52 13.00 64.08 35.38
CA LEU D 52 13.37 64.60 34.07
C LEU D 52 14.39 65.72 34.18
N CYS D 53 14.29 66.53 35.23
CA CYS D 53 15.21 67.66 35.39
C CYS D 53 16.56 67.20 35.95
N SER D 54 16.57 66.16 36.78
CA SER D 54 17.81 65.69 37.41
C SER D 54 18.48 64.57 36.63
N GLY D 55 17.70 63.76 35.92
CA GLY D 55 18.27 62.56 35.33
C GLY D 55 18.60 61.48 36.32
N GLY D 56 18.24 61.67 37.59
CA GLY D 56 18.54 60.70 38.64
C GLY D 56 17.44 59.67 38.81
N GLN D 57 17.59 58.89 39.87
CA GLN D 57 16.66 57.79 40.13
C GLN D 57 15.37 58.31 40.76
N VAL D 58 14.25 57.72 40.35
CA VAL D 58 12.94 58.01 40.92
C VAL D 58 12.63 56.96 41.97
N GLU D 59 12.15 57.40 43.12
CA GLU D 59 11.76 56.47 44.17
C GLU D 59 10.45 55.81 43.80
N PRO D 60 10.32 54.49 43.95
CA PRO D 60 9.09 53.81 43.55
C PRO D 60 7.90 54.30 44.37
N LEU D 61 6.73 54.28 43.75
CA LEU D 61 5.48 54.66 44.39
C LEU D 61 4.59 53.43 44.57
N ASP D 62 3.60 53.57 45.44
CA ASP D 62 2.68 52.48 45.76
C ASP D 62 1.35 52.71 45.06
N GLY D 63 0.60 51.62 44.89
CA GLY D 63 -0.72 51.67 44.31
C GLY D 63 -0.68 51.89 42.81
N PRO D 64 -1.77 52.43 42.26
CA PRO D 64 -1.82 52.63 40.80
C PRO D 64 -0.79 53.63 40.29
N ALA D 65 -0.41 54.62 41.11
CA ALA D 65 0.65 55.52 40.70
C ALA D 65 1.96 54.78 40.48
N GLY D 66 2.23 53.76 41.30
CA GLY D 66 3.41 52.94 41.08
C GLY D 66 3.30 52.03 39.87
N CYS D 67 2.09 51.56 39.58
CA CYS D 67 1.88 50.74 38.39
C CYS D 67 2.16 51.55 37.12
N ILE D 68 1.82 52.84 37.14
CA ILE D 68 2.19 53.71 36.03
C ILE D 68 3.69 53.93 36.01
N LEU D 69 4.30 54.10 37.18
CA LEU D 69 5.74 54.34 37.25
C LEU D 69 6.54 53.13 36.80
N GLU D 70 5.99 51.93 36.99
CA GLU D 70 6.66 50.73 36.50
C GLU D 70 6.91 50.79 35.00
N CYS D 71 6.00 51.43 34.26
CA CYS D 71 6.08 51.51 32.81
C CYS D 71 6.93 52.67 32.31
N LEU D 72 7.59 53.41 33.19
CA LEU D 72 8.34 54.59 32.78
C LEU D 72 9.77 54.62 33.28
N VAL D 73 10.24 53.59 33.98
CA VAL D 73 11.57 53.61 34.59
C VAL D 73 12.34 52.35 34.17
N LEU D 74 13.66 52.49 34.13
CA LEU D 74 14.56 51.37 33.89
C LEU D 74 14.79 50.62 35.20
N ASP D 75 15.59 49.54 35.13
CA ASP D 75 15.99 48.84 36.34
C ASP D 75 16.86 49.72 37.23
N SER D 76 17.69 50.58 36.62
CA SER D 76 18.56 51.45 37.40
C SER D 76 17.82 52.59 38.07
N GLY D 77 16.54 52.77 37.77
CA GLY D 77 15.71 53.76 38.43
C GLY D 77 15.48 55.02 37.64
N GLU D 78 16.30 55.26 36.61
CA GLU D 78 16.18 56.47 35.83
C GLU D 78 14.90 56.45 34.99
N LEU D 79 14.38 57.63 34.73
CA LEU D 79 13.25 57.78 33.83
C LEU D 79 13.68 57.50 32.40
N VAL D 80 12.74 56.96 31.62
CA VAL D 80 12.86 56.91 30.16
C VAL D 80 12.29 58.22 29.62
N PRO D 81 13.13 59.16 29.17
CA PRO D 81 12.60 60.49 28.79
C PRO D 81 11.54 60.43 27.70
N GLU D 82 11.71 59.54 26.71
CA GLU D 82 10.72 59.43 25.64
C GLU D 82 9.37 58.96 26.15
N LEU D 83 9.35 58.22 27.25
CA LEU D 83 8.10 57.71 27.84
C LEU D 83 7.60 58.56 28.99
N ALA D 84 8.49 59.07 29.85
CA ALA D 84 8.05 59.81 31.02
C ALA D 84 7.51 61.18 30.65
N ALA D 85 8.12 61.83 29.66
CA ALA D 85 7.69 63.18 29.28
C ALA D 85 6.23 63.25 28.83
N PRO D 86 5.73 62.37 27.93
CA PRO D 86 4.31 62.46 27.57
C PRO D 86 3.37 62.20 28.74
N ILE D 87 3.73 61.28 29.63
CA ILE D 87 2.90 61.04 30.81
C ILE D 87 2.94 62.25 31.73
N PHE D 88 4.11 62.88 31.86
CA PHE D 88 4.22 64.12 32.63
C PHE D 88 3.36 65.21 32.01
N TYR D 89 3.37 65.32 30.68
CA TYR D 89 2.54 66.32 30.02
C TYR D 89 1.06 66.01 30.17
N LEU D 90 0.71 64.72 30.15
CA LEU D 90 -0.69 64.33 30.33
C LEU D 90 -1.16 64.64 31.76
N LEU D 91 -0.33 64.33 32.75
CA LEU D 91 -0.71 64.60 34.13
C LEU D 91 -0.85 66.09 34.40
N GLY D 92 0.02 66.91 33.77
CA GLY D 92 -0.10 68.34 33.93
C GLY D 92 -1.37 68.90 33.32
N ALA D 93 -1.82 68.32 32.21
CA ALA D 93 -3.06 68.76 31.59
C ALA D 93 -4.27 68.35 32.44
N LEU D 94 -4.21 67.15 33.03
CA LEU D 94 -5.31 66.71 33.88
C LEU D 94 -5.43 67.54 35.15
N ALA D 95 -4.32 68.11 35.63
CA ALA D 95 -4.37 68.95 36.82
C ALA D 95 -5.12 70.24 36.57
N VAL D 96 -5.08 70.75 35.34
CA VAL D 96 -5.84 71.96 35.00
C VAL D 96 -7.34 71.68 35.07
N LEU D 97 -7.76 70.45 34.79
CA LEU D 97 -9.17 70.09 34.76
C LEU D 97 -9.73 70.06 36.18
N SER D 98 -11.06 70.02 36.27
CA SER D 98 -11.76 70.02 37.54
C SER D 98 -11.97 68.59 38.04
N GLU D 99 -12.33 68.47 39.32
CA GLU D 99 -12.57 67.15 39.91
C GLU D 99 -13.74 66.45 39.24
N THR D 100 -14.79 67.21 38.88
CA THR D 100 -15.92 66.61 38.16
C THR D 100 -15.47 66.07 36.81
N GLN D 101 -14.63 66.82 36.11
CA GLN D 101 -14.09 66.34 34.83
C GLN D 101 -13.24 65.10 35.01
N GLN D 102 -12.48 65.02 36.11
CA GLN D 102 -11.64 63.85 36.35
C GLN D 102 -12.47 62.59 36.53
N GLN D 103 -13.55 62.67 37.30
CA GLN D 103 -14.41 61.51 37.48
C GLN D 103 -15.11 61.11 36.19
N LEU D 104 -15.53 62.11 35.40
CA LEU D 104 -16.18 61.80 34.12
C LEU D 104 -15.22 61.11 33.17
N LEU D 105 -13.98 61.58 33.11
CA LEU D 105 -12.98 60.92 32.26
C LEU D 105 -12.67 59.52 32.75
N ALA D 106 -12.65 59.32 34.08
CA ALA D 106 -12.44 57.99 34.62
C ALA D 106 -13.55 57.04 34.20
N LYS D 107 -14.77 57.55 34.04
CA LYS D 107 -15.85 56.74 33.50
C LYS D 107 -15.72 56.56 31.99
N ALA D 108 -15.24 57.60 31.29
CA ALA D 108 -15.21 57.57 29.84
C ALA D 108 -14.14 56.64 29.29
N LEU D 109 -13.05 56.45 30.04
CA LEU D 109 -12.01 55.53 29.58
C LEU D 109 -12.50 54.11 29.43
N GLU D 110 -13.59 53.76 30.13
CA GLU D 110 -14.13 52.40 30.09
C GLU D 110 -14.89 52.11 28.80
N THR D 111 -15.08 53.11 27.94
CA THR D 111 -15.83 52.93 26.70
C THR D 111 -15.04 53.56 25.54
N THR D 112 -15.57 53.40 24.34
CA THR D 112 -14.97 53.98 23.14
C THR D 112 -15.51 55.37 22.81
N VAL D 113 -16.50 55.85 23.56
CA VAL D 113 -17.05 57.19 23.35
C VAL D 113 -15.97 58.24 23.51
N LEU D 114 -14.91 57.93 24.28
CA LEU D 114 -13.77 58.83 24.43
C LEU D 114 -13.28 59.38 23.09
N SER D 115 -13.22 58.53 22.07
CA SER D 115 -12.79 58.99 20.75
C SER D 115 -13.74 60.05 20.20
N LYS D 116 -15.05 59.79 20.27
CA LYS D 116 -16.04 60.77 19.82
C LYS D 116 -15.90 62.08 20.58
N GLN D 117 -15.76 62.00 21.91
CA GLN D 117 -15.65 63.19 22.73
C GLN D 117 -14.43 64.02 22.36
N LEU D 118 -13.32 63.36 22.06
CA LEU D 118 -12.10 64.07 21.65
C LEU D 118 -12.36 64.93 20.42
N GLU D 119 -13.00 64.36 19.40
CA GLU D 119 -13.22 65.09 18.17
C GLU D 119 -14.19 66.26 18.37
N LEU D 120 -15.06 66.18 19.37
CA LEU D 120 -15.92 67.32 19.69
C LEU D 120 -15.11 68.49 20.22
N VAL D 121 -14.24 68.23 21.20
CA VAL D 121 -13.39 69.29 21.74
C VAL D 121 -12.46 69.84 20.67
N LYS D 122 -11.92 68.96 19.83
CA LYS D 122 -11.14 69.40 18.69
C LYS D 122 -11.94 70.36 17.81
N HIS D 123 -13.19 69.98 17.50
CA HIS D 123 -14.04 70.84 16.67
C HIS D 123 -14.33 72.16 17.38
N VAL D 124 -14.56 72.12 18.70
CA VAL D 124 -14.82 73.35 19.44
C VAL D 124 -13.63 74.28 19.36
N LEU D 125 -12.42 73.73 19.42
CA LEU D 125 -11.22 74.57 19.34
C LEU D 125 -10.97 75.04 17.91
N GLU D 126 -11.26 74.19 16.92
CA GLU D 126 -11.05 74.59 15.53
C GLU D 126 -12.12 75.57 15.06
N GLN D 127 -13.40 75.27 15.31
CA GLN D 127 -14.47 76.08 14.75
C GLN D 127 -14.61 77.42 15.44
N SER D 128 -14.07 77.59 16.65
CA SER D 128 -14.18 78.85 17.37
C SER D 128 -13.06 79.81 17.02
N THR D 129 -12.11 79.39 16.19
CA THR D 129 -11.06 80.27 15.72
C THR D 129 -11.68 81.35 14.83
N PRO D 130 -11.35 82.65 15.04
CA PRO D 130 -10.39 83.21 15.98
C PRO D 130 -10.82 83.17 17.45
N TRP D 131 -9.88 82.76 18.31
CA TRP D 131 -10.20 82.55 19.72
C TRP D 131 -10.59 83.85 20.41
N GLN D 132 -10.12 85.00 19.91
CA GLN D 132 -10.36 86.28 20.56
C GLN D 132 -11.77 86.82 20.31
N GLU D 133 -12.59 86.12 19.55
CA GLU D 133 -13.98 86.52 19.31
C GLU D 133 -14.89 85.54 20.03
N GLN D 134 -15.75 86.07 20.90
CA GLN D 134 -16.83 85.26 21.45
C GLN D 134 -17.75 84.84 20.32
N SER D 135 -17.88 83.54 20.10
CA SER D 135 -18.60 83.03 18.94
C SER D 135 -19.51 81.89 19.36
N SER D 136 -20.34 81.46 18.40
CA SER D 136 -21.20 80.31 18.55
C SER D 136 -20.70 79.18 17.66
N VAL D 137 -20.89 77.95 18.11
CA VAL D 137 -20.40 76.77 17.41
C VAL D 137 -21.55 75.78 17.25
N SER D 138 -21.89 75.47 16.01
CA SER D 138 -22.87 74.44 15.71
C SER D 138 -22.18 73.08 15.64
N LEU D 139 -22.81 72.07 16.23
CA LEU D 139 -22.23 70.75 16.26
C LEU D 139 -22.99 69.79 15.36
N PRO D 140 -22.30 68.86 14.71
CA PRO D 140 -23.01 67.80 13.98
C PRO D 140 -23.81 66.94 14.96
N THR D 141 -25.11 66.82 14.69
CA THR D 141 -26.00 66.07 15.57
C THR D 141 -25.56 64.62 15.75
N VAL D 142 -24.75 64.09 14.81
CA VAL D 142 -24.26 62.73 14.91
C VAL D 142 -23.36 62.53 16.13
N LEU D 143 -22.88 63.61 16.74
CA LEU D 143 -21.96 63.53 17.86
C LEU D 143 -22.60 63.88 19.20
N LEU D 144 -23.93 64.07 19.24
CA LEU D 144 -24.60 64.52 20.45
C LEU D 144 -25.20 63.39 21.27
N GLY D 145 -25.10 62.14 20.81
CA GLY D 145 -25.48 61.02 21.65
C GLY D 145 -26.99 60.82 21.79
N ASP D 146 -27.35 60.03 22.79
CA ASP D 146 -28.75 59.68 23.01
C ASP D 146 -29.56 60.91 23.42
N CYS D 147 -29.22 61.52 24.56
CA CYS D 147 -29.96 62.65 25.10
C CYS D 147 -28.97 63.79 25.36
N TRP D 148 -29.06 64.84 24.55
CA TRP D 148 -28.16 65.99 24.67
C TRP D 148 -28.77 67.00 25.62
N ASP D 149 -28.28 67.01 26.85
CA ASP D 149 -28.74 67.93 27.89
C ASP D 149 -27.65 68.01 28.96
N GLU D 150 -27.94 68.75 30.03
CA GLU D 150 -26.92 68.91 31.07
C GLU D 150 -26.66 67.63 31.86
N LYS D 151 -27.34 66.53 31.56
CA LYS D 151 -27.01 65.23 32.11
C LYS D 151 -26.06 64.45 31.23
N ASN D 152 -25.77 64.94 30.03
CA ASN D 152 -24.81 64.27 29.16
C ASN D 152 -23.40 64.45 29.72
N PRO D 153 -22.59 63.39 29.78
CA PRO D 153 -21.23 63.55 30.32
C PRO D 153 -20.37 64.52 29.53
N THR D 154 -20.53 64.54 28.21
CA THR D 154 -19.78 65.50 27.39
C THR D 154 -20.25 66.93 27.63
N TRP D 155 -21.56 67.10 27.86
CA TRP D 155 -22.09 68.41 28.22
C TRP D 155 -21.41 68.93 29.48
N VAL D 156 -21.32 68.09 30.52
CA VAL D 156 -20.71 68.51 31.77
C VAL D 156 -19.23 68.79 31.56
N LEU D 157 -18.56 67.99 30.73
CA LEU D 157 -17.15 68.24 30.43
C LEU D 157 -16.97 69.61 29.80
N LEU D 158 -17.84 69.98 28.85
CA LEU D 158 -17.74 71.29 28.23
C LEU D 158 -18.20 72.38 29.19
N GLU D 159 -19.22 72.09 30.01
CA GLU D 159 -19.73 73.09 30.94
C GLU D 159 -18.71 73.42 32.01
N GLU D 160 -17.99 72.41 32.52
CA GLU D 160 -16.96 72.62 33.53
C GLU D 160 -15.75 73.36 32.99
N CYS D 161 -15.59 73.46 31.68
CA CYS D 161 -14.54 74.29 31.10
C CYS D 161 -14.88 75.76 31.11
N GLY D 162 -16.10 76.12 31.53
CA GLY D 162 -16.56 77.50 31.48
C GLY D 162 -17.37 77.83 30.25
N LEU D 163 -17.56 76.89 29.35
CA LEU D 163 -18.33 77.13 28.13
C LEU D 163 -19.82 77.12 28.44
N ARG D 164 -20.53 78.14 27.96
CA ARG D 164 -21.98 78.21 28.14
C ARG D 164 -22.65 77.38 27.05
N LEU D 165 -23.46 76.41 27.45
CA LEU D 165 -24.07 75.46 26.53
C LEU D 165 -25.56 75.71 26.42
N GLN D 166 -26.14 75.17 25.34
CA GLN D 166 -27.57 75.23 25.12
C GLN D 166 -28.00 73.99 24.33
N VAL D 167 -29.31 73.79 24.26
CA VAL D 167 -29.85 72.60 23.60
C VAL D 167 -29.88 72.80 22.09
N GLU D 168 -30.35 73.95 21.63
CA GLU D 168 -30.56 74.19 20.21
C GLU D 168 -29.26 74.59 19.53
N SER D 169 -29.16 74.26 18.25
CA SER D 169 -28.01 74.67 17.45
C SER D 169 -28.07 76.17 17.19
N PRO D 170 -26.95 76.89 17.34
CA PRO D 170 -25.63 76.39 17.73
C PRO D 170 -25.53 76.09 19.22
N GLN D 171 -25.02 74.90 19.55
CA GLN D 171 -25.13 74.36 20.90
C GLN D 171 -24.09 74.90 21.86
N VAL D 172 -22.94 75.39 21.36
CA VAL D 172 -21.83 75.80 22.20
C VAL D 172 -21.59 77.28 22.03
N HIS D 173 -21.53 78.01 23.14
CA HIS D 173 -21.15 79.42 23.16
C HIS D 173 -19.73 79.53 23.68
N TRP D 174 -18.82 80.00 22.83
CA TRP D 174 -17.40 80.06 23.16
C TRP D 174 -17.09 81.35 23.91
N GLU D 175 -16.56 81.22 25.12
CA GLU D 175 -16.05 82.35 25.88
C GLU D 175 -14.54 82.23 25.98
N PRO D 176 -13.79 83.25 25.57
CA PRO D 176 -12.31 83.16 25.60
C PRO D 176 -11.75 82.84 26.97
N THR D 177 -12.48 83.12 28.05
CA THR D 177 -12.01 82.78 29.38
C THR D 177 -11.87 81.27 29.59
N SER D 178 -12.43 80.46 28.71
CA SER D 178 -12.40 79.01 28.79
C SER D 178 -11.21 78.40 28.05
N LEU D 179 -10.30 79.22 27.52
CA LEU D 179 -9.25 78.70 26.65
C LEU D 179 -8.29 77.78 27.39
N ILE D 180 -7.78 78.22 28.54
CA ILE D 180 -6.77 77.43 29.26
C ILE D 180 -7.27 76.05 29.66
N PRO D 181 -8.45 75.89 30.27
CA PRO D 181 -8.90 74.53 30.61
C PRO D 181 -9.24 73.68 29.40
N THR D 182 -9.91 74.26 28.40
CA THR D 182 -10.33 73.47 27.23
C THR D 182 -9.13 72.86 26.51
N SER D 183 -8.08 73.64 26.29
CA SER D 183 -6.87 73.12 25.66
C SER D 183 -6.31 71.93 26.43
N ALA D 184 -6.25 72.04 27.76
CA ALA D 184 -5.80 70.93 28.59
C ALA D 184 -6.71 69.71 28.42
N LEU D 185 -8.03 69.93 28.40
CA LEU D 185 -8.97 68.83 28.19
C LEU D 185 -8.71 68.14 26.86
N TYR D 186 -8.49 68.93 25.79
CA TYR D 186 -8.15 68.35 24.49
C TYR D 186 -6.90 67.47 24.60
N ALA D 187 -5.82 68.03 25.14
CA ALA D 187 -4.58 67.26 25.28
C ALA D 187 -4.82 66.00 26.10
N SER D 188 -5.61 66.09 27.18
CA SER D 188 -5.95 64.91 27.96
C SER D 188 -6.68 63.89 27.11
N LEU D 189 -7.77 64.30 26.46
CA LEU D 189 -8.55 63.37 25.63
C LEU D 189 -7.71 62.80 24.49
N PHE D 190 -6.78 63.59 23.94
CA PHE D 190 -5.96 63.11 22.85
C PHE D 190 -5.01 62.02 23.31
N LEU D 191 -4.23 62.29 24.37
CA LEU D 191 -3.24 61.32 24.83
C LEU D 191 -3.91 60.07 25.38
N LEU D 192 -5.02 60.21 26.09
CA LEU D 192 -5.76 59.04 26.57
C LEU D 192 -6.26 58.20 25.40
N SER D 193 -6.75 58.85 24.34
CA SER D 193 -7.21 58.12 23.16
C SER D 193 -6.06 57.41 22.47
N SER D 194 -4.89 58.04 22.42
CA SER D 194 -3.74 57.42 21.77
C SER D 194 -3.21 56.22 22.53
N LEU D 195 -3.58 56.07 23.81
CA LEU D 195 -3.18 54.92 24.60
C LEU D 195 -4.11 53.73 24.43
N GLY D 196 -5.37 53.98 24.08
CA GLY D 196 -6.34 52.93 23.87
C GLY D 196 -6.37 52.53 22.41
N GLN D 197 -5.26 52.78 21.72
CA GLN D 197 -5.13 52.51 20.29
C GLN D 197 -4.33 51.24 20.02
N THR E 1 -16.24 59.79 -48.62
CA THR E 1 -17.66 59.55 -48.42
C THR E 1 -18.13 60.12 -47.08
N LEU E 2 -17.66 61.32 -46.76
CA LEU E 2 -17.97 61.99 -45.50
C LEU E 2 -18.81 63.23 -45.79
N LYS E 3 -20.01 63.28 -45.20
CA LYS E 3 -20.83 64.48 -45.28
C LYS E 3 -20.19 65.59 -44.45
N LEU E 4 -20.26 66.81 -44.97
CA LEU E 4 -19.65 67.97 -44.34
C LEU E 4 -20.70 68.86 -43.70
N CYS E 5 -20.24 69.92 -43.05
CA CYS E 5 -21.11 70.93 -42.45
C CYS E 5 -20.92 72.24 -43.19
N SER E 6 -22.03 72.91 -43.51
CA SER E 6 -21.95 74.17 -44.23
C SER E 6 -21.34 75.25 -43.33
N PRO E 7 -20.55 76.16 -43.89
CA PRO E 7 -20.06 77.30 -43.10
C PRO E 7 -21.19 78.11 -42.51
N GLU E 8 -22.38 78.02 -43.08
CA GLU E 8 -23.56 78.65 -42.50
C GLU E 8 -23.87 78.05 -41.13
N GLU E 9 -24.04 76.74 -41.07
CA GLU E 9 -24.27 76.05 -39.80
C GLU E 9 -23.04 76.11 -38.90
N PHE E 10 -21.85 76.28 -39.47
CA PHE E 10 -20.64 76.42 -38.66
C PHE E 10 -20.71 77.66 -37.77
N THR E 11 -20.93 78.82 -38.38
CA THR E 11 -21.07 80.05 -37.60
C THR E 11 -22.39 80.11 -36.85
N ARG E 12 -23.40 79.36 -37.29
CA ARG E 12 -24.70 79.40 -36.63
C ARG E 12 -24.61 78.83 -35.21
N LEU E 13 -24.06 77.62 -35.08
CA LEU E 13 -23.88 77.01 -33.77
C LEU E 13 -22.76 77.64 -32.96
N CYS E 14 -21.81 78.33 -33.62
CA CYS E 14 -20.79 79.05 -32.88
C CYS E 14 -21.32 80.30 -32.20
N ARG E 15 -22.44 80.85 -32.68
CA ARG E 15 -23.06 82.01 -32.06
C ARG E 15 -24.14 81.61 -31.06
N GLU E 16 -25.01 80.68 -31.44
CA GLU E 16 -26.13 80.30 -30.58
C GLU E 16 -25.65 79.67 -29.29
N LYS E 17 -24.70 78.74 -29.38
CA LYS E 17 -24.23 77.98 -28.23
C LYS E 17 -22.73 78.20 -28.07
N THR E 18 -22.36 79.40 -27.62
CA THR E 18 -20.93 79.70 -27.46
C THR E 18 -20.35 79.07 -26.20
N GLN E 19 -21.13 78.99 -25.12
CA GLN E 19 -20.65 78.41 -23.88
C GLN E 19 -20.78 76.89 -23.84
N GLU E 20 -21.59 76.30 -24.72
CA GLU E 20 -21.84 74.87 -24.69
C GLU E 20 -20.98 74.07 -25.66
N ILE E 21 -20.22 74.73 -26.52
CA ILE E 21 -19.39 74.01 -27.48
C ILE E 21 -17.94 74.44 -27.33
N TYR E 22 -17.05 73.53 -27.69
CA TYR E 22 -15.63 73.81 -27.71
C TYR E 22 -15.31 74.73 -28.89
N PRO E 23 -14.54 75.80 -28.68
CA PRO E 23 -14.27 76.73 -29.79
C PRO E 23 -13.42 76.08 -30.87
N ILE E 24 -13.82 76.27 -32.12
CA ILE E 24 -13.14 75.71 -33.28
C ILE E 24 -12.48 76.85 -34.04
N LYS E 25 -11.18 76.71 -34.30
CA LYS E 25 -10.48 77.70 -35.11
C LYS E 25 -10.82 77.52 -36.58
N GLU E 26 -10.93 78.63 -37.29
CA GLU E 26 -11.20 78.61 -38.72
C GLU E 26 -10.04 77.96 -39.47
N ALA E 27 -10.37 77.28 -40.57
CA ALA E 27 -9.40 76.48 -41.31
C ALA E 27 -8.29 77.28 -41.96
N ASN E 28 -8.23 78.60 -41.75
CA ASN E 28 -7.19 79.41 -42.36
C ASN E 28 -5.85 79.14 -41.70
N GLY E 29 -5.62 79.73 -40.52
CA GLY E 29 -4.39 79.51 -39.79
C GLY E 29 -4.49 78.40 -38.78
N ARG E 30 -4.94 77.23 -39.23
CA ARG E 30 -5.16 76.07 -38.37
C ARG E 30 -4.08 75.02 -38.65
N THR E 31 -3.50 74.48 -37.57
CA THR E 31 -2.46 73.43 -37.66
C THR E 31 -2.85 72.29 -36.72
N ARG E 32 -3.94 71.61 -37.04
CA ARG E 32 -4.38 70.46 -36.26
C ARG E 32 -3.40 69.30 -36.38
N LYS E 33 -3.05 68.70 -35.25
CA LYS E 33 -2.15 67.55 -35.20
C LYS E 33 -2.86 66.37 -34.53
N ALA E 34 -2.67 65.19 -35.10
CA ALA E 34 -3.21 63.95 -34.55
C ALA E 34 -2.11 62.90 -34.56
N LEU E 35 -2.19 61.96 -33.62
CA LEU E 35 -1.18 60.93 -33.45
C LEU E 35 -1.81 59.55 -33.51
N ILE E 36 -1.21 58.66 -34.31
CA ILE E 36 -1.62 57.27 -34.39
C ILE E 36 -0.42 56.41 -34.01
N ILE E 37 -0.58 55.58 -33.00
CA ILE E 37 0.45 54.64 -32.55
C ILE E 37 -0.11 53.24 -32.71
N CYS E 38 0.53 52.43 -33.55
CA CYS E 38 0.05 51.08 -33.81
C CYS E 38 1.25 50.13 -33.90
N ASN E 39 1.18 49.03 -33.16
CA ASN E 39 2.20 48.00 -33.18
C ASN E 39 1.61 46.74 -33.81
N THR E 40 2.28 46.22 -34.84
CA THR E 40 1.83 45.04 -35.55
C THR E 40 2.64 43.80 -35.23
N GLU E 41 3.98 43.87 -35.33
CA GLU E 41 4.83 42.73 -35.06
C GLU E 41 5.29 42.74 -33.61
N PHE E 42 5.18 41.58 -32.95
CA PHE E 42 5.61 41.41 -31.57
C PHE E 42 6.54 40.21 -31.48
N LYS E 43 7.49 40.28 -30.56
CA LYS E 43 8.40 39.16 -30.37
C LYS E 43 7.70 37.96 -29.74
N HIS E 44 6.81 38.21 -28.78
CA HIS E 44 6.12 37.13 -28.08
C HIS E 44 4.62 37.10 -28.30
N LEU E 45 4.03 38.16 -28.83
CA LEU E 45 2.59 38.24 -29.02
C LEU E 45 2.21 37.97 -30.47
N SER E 46 0.95 37.60 -30.67
CA SER E 46 0.47 37.27 -32.00
C SER E 46 0.51 38.50 -32.92
N LEU E 47 0.74 38.26 -34.20
CA LEU E 47 0.75 39.34 -35.18
C LEU E 47 -0.66 39.90 -35.35
N ARG E 48 -0.77 41.22 -35.39
CA ARG E 48 -2.06 41.88 -35.59
C ARG E 48 -2.32 42.02 -37.08
N TYR E 49 -2.82 40.94 -37.68
CA TYR E 49 -3.17 40.95 -39.09
C TYR E 49 -4.25 41.98 -39.36
N GLY E 50 -4.10 42.73 -40.43
CA GLY E 50 -5.06 43.76 -40.78
C GLY E 50 -4.90 45.06 -40.03
N ALA E 51 -3.84 45.20 -39.23
CA ALA E 51 -3.62 46.45 -38.51
C ALA E 51 -3.34 47.62 -39.44
N ASN E 52 -2.84 47.34 -40.65
CA ASN E 52 -2.65 48.41 -41.64
C ASN E 52 -3.98 48.98 -42.10
N PHE E 53 -5.04 48.19 -42.06
CA PHE E 53 -6.36 48.70 -42.42
C PHE E 53 -6.85 49.72 -41.40
N ASP E 54 -6.58 49.47 -40.12
CA ASP E 54 -6.97 50.41 -39.07
C ASP E 54 -6.14 51.68 -39.14
N ILE E 55 -4.85 51.55 -39.44
CA ILE E 55 -3.99 52.73 -39.57
C ILE E 55 -4.45 53.60 -40.73
N ILE E 56 -4.65 52.99 -41.90
CA ILE E 56 -5.06 53.74 -43.09
C ILE E 56 -6.44 54.36 -42.87
N GLY E 57 -7.35 53.62 -42.24
CA GLY E 57 -8.69 54.15 -42.04
C GLY E 57 -8.72 55.35 -41.11
N MET E 58 -8.06 55.23 -39.95
CA MET E 58 -8.07 56.34 -38.99
C MET E 58 -7.28 57.53 -39.52
N LYS E 59 -6.16 57.29 -40.18
CA LYS E 59 -5.38 58.39 -40.74
C LYS E 59 -6.17 59.15 -41.81
N GLY E 60 -6.87 58.41 -42.67
CA GLY E 60 -7.68 59.07 -43.69
C GLY E 60 -8.83 59.86 -43.11
N LEU E 61 -9.49 59.32 -42.08
CA LEU E 61 -10.61 60.02 -41.45
C LEU E 61 -10.14 61.29 -40.77
N LEU E 62 -9.03 61.21 -40.02
CA LEU E 62 -8.50 62.38 -39.34
C LEU E 62 -8.05 63.45 -40.33
N GLU E 63 -7.56 63.03 -41.51
CA GLU E 63 -7.21 63.99 -42.55
C GLU E 63 -8.45 64.68 -43.09
N ASP E 64 -9.53 63.94 -43.31
CA ASP E 64 -10.78 64.53 -43.76
C ASP E 64 -11.39 65.46 -42.71
N LEU E 65 -11.06 65.25 -41.44
CA LEU E 65 -11.51 66.13 -40.37
C LEU E 65 -10.56 67.30 -40.14
N GLY E 66 -9.48 67.40 -40.90
CA GLY E 66 -8.57 68.52 -40.81
C GLY E 66 -7.34 68.31 -39.95
N TYR E 67 -7.05 67.09 -39.54
CA TYR E 67 -5.91 66.79 -38.66
C TYR E 67 -4.75 66.27 -39.48
N ASP E 68 -3.57 66.85 -39.24
CA ASP E 68 -2.33 66.28 -39.79
C ASP E 68 -1.90 65.12 -38.92
N VAL E 69 -1.84 63.92 -39.51
CA VAL E 69 -1.66 62.69 -38.76
C VAL E 69 -0.19 62.34 -38.68
N VAL E 70 0.30 62.09 -37.47
CA VAL E 70 1.64 61.57 -37.25
C VAL E 70 1.52 60.09 -36.94
N VAL E 71 2.23 59.26 -37.70
CA VAL E 71 2.15 57.81 -37.58
C VAL E 71 3.47 57.28 -37.06
N LYS E 72 3.41 56.52 -35.96
CA LYS E 72 4.57 55.86 -35.37
C LYS E 72 4.22 54.40 -35.18
N GLU E 73 5.13 53.51 -35.61
CA GLU E 73 4.86 52.07 -35.60
C GLU E 73 6.01 51.32 -34.95
N GLU E 74 5.69 50.14 -34.41
CA GLU E 74 6.66 49.22 -33.82
C GLU E 74 7.50 49.92 -32.74
N LEU E 75 6.83 50.20 -31.63
CA LEU E 75 7.42 50.92 -30.51
C LEU E 75 7.31 50.10 -29.24
N THR E 76 8.29 50.27 -28.35
CA THR E 76 8.22 49.72 -27.01
C THR E 76 7.37 50.64 -26.13
N ALA E 77 7.19 50.25 -24.87
CA ALA E 77 6.47 51.12 -23.94
C ALA E 77 7.21 52.43 -23.74
N GLU E 78 8.54 52.38 -23.65
CA GLU E 78 9.33 53.60 -23.61
C GLU E 78 9.28 54.34 -24.95
N GLY E 79 9.18 53.60 -26.06
CA GLY E 79 9.04 54.25 -27.35
C GLY E 79 7.74 55.03 -27.48
N MET E 80 6.64 54.42 -27.05
CA MET E 80 5.37 55.13 -27.04
C MET E 80 5.42 56.34 -26.10
N GLU E 81 6.03 56.16 -24.93
CA GLU E 81 6.12 57.25 -23.97
C GLU E 81 6.93 58.41 -24.52
N SER E 82 8.06 58.12 -25.17
CA SER E 82 8.89 59.17 -25.72
C SER E 82 8.22 59.86 -26.91
N GLU E 83 7.58 59.08 -27.78
CA GLU E 83 6.90 59.67 -28.94
C GLU E 83 5.70 60.50 -28.51
N MET E 84 4.99 60.10 -27.45
CA MET E 84 3.88 60.89 -26.96
C MET E 84 4.37 62.20 -26.35
N LYS E 85 5.48 62.15 -25.60
CA LYS E 85 6.05 63.36 -25.03
C LYS E 85 6.51 64.31 -26.13
N ASP E 86 7.11 63.76 -27.19
CA ASP E 86 7.48 64.58 -28.34
C ASP E 86 6.24 65.14 -29.04
N PHE E 87 5.21 64.32 -29.20
CA PHE E 87 4.00 64.78 -29.87
C PHE E 87 3.31 65.89 -29.06
N ALA E 88 3.33 65.77 -27.73
CA ALA E 88 2.69 66.76 -26.88
C ALA E 88 3.48 68.06 -26.83
N ALA E 89 4.78 68.02 -27.11
CA ALA E 89 5.63 69.20 -27.09
C ALA E 89 5.64 69.94 -28.42
N LEU E 90 4.88 69.48 -29.40
CA LEU E 90 4.88 70.13 -30.71
C LEU E 90 4.30 71.54 -30.60
N SER E 91 5.03 72.51 -31.14
CA SER E 91 4.55 73.89 -31.16
C SER E 91 3.33 74.09 -32.05
N GLU E 92 3.01 73.13 -32.92
CA GLU E 92 1.86 73.25 -33.79
C GLU E 92 0.53 73.21 -33.02
N HIS E 93 0.53 72.65 -31.81
CA HIS E 93 -0.69 72.59 -31.02
C HIS E 93 -1.16 73.98 -30.59
N GLN E 94 -0.25 74.96 -30.51
CA GLN E 94 -0.63 76.30 -30.10
C GLN E 94 -1.63 76.93 -31.07
N THR E 95 -1.51 76.64 -32.36
CA THR E 95 -2.44 77.13 -33.37
C THR E 95 -3.48 76.08 -33.76
N SER E 96 -3.77 75.15 -32.85
CA SER E 96 -4.77 74.12 -33.05
C SER E 96 -5.90 74.30 -32.03
N ASP E 97 -6.98 73.55 -32.23
CA ASP E 97 -8.12 73.60 -31.32
C ASP E 97 -8.42 72.27 -30.63
N SER E 98 -7.75 71.18 -31.03
CA SER E 98 -8.02 69.86 -30.46
C SER E 98 -6.93 68.92 -30.93
N THR E 99 -7.00 67.67 -30.50
CA THR E 99 -6.07 66.64 -30.92
C THR E 99 -6.74 65.28 -30.79
N PHE E 100 -6.20 64.30 -31.52
CA PHE E 100 -6.67 62.92 -31.47
C PHE E 100 -5.49 62.01 -31.17
N LEU E 101 -5.74 61.00 -30.33
CA LEU E 101 -4.73 60.02 -29.95
C LEU E 101 -5.29 58.63 -30.17
N VAL E 102 -4.83 57.96 -31.23
CA VAL E 102 -5.29 56.64 -31.60
C VAL E 102 -4.23 55.62 -31.20
N LEU E 103 -4.62 54.65 -30.36
CA LEU E 103 -3.71 53.63 -29.87
C LEU E 103 -4.25 52.26 -30.25
N MET E 104 -3.42 51.49 -30.97
CA MET E 104 -3.83 50.18 -31.47
C MET E 104 -2.69 49.20 -31.26
N SER E 105 -2.92 48.19 -30.43
CA SER E 105 -1.91 47.18 -30.10
C SER E 105 -2.58 46.11 -29.25
N HIS E 106 -1.78 45.16 -28.78
CA HIS E 106 -2.24 44.29 -27.71
C HIS E 106 -2.34 45.08 -26.41
N GLY E 107 -3.18 44.61 -25.50
CA GLY E 107 -3.46 45.36 -24.29
C GLY E 107 -3.62 44.46 -23.08
N THR E 108 -3.36 45.06 -21.92
CA THR E 108 -3.60 44.46 -20.62
C THR E 108 -4.78 45.16 -19.94
N LEU E 109 -4.99 44.86 -18.67
CA LEU E 109 -6.12 45.44 -17.95
C LEU E 109 -5.95 46.95 -17.76
N HIS E 110 -4.74 47.39 -17.39
CA HIS E 110 -4.50 48.80 -17.07
C HIS E 110 -3.50 49.46 -18.01
N GLY E 111 -3.11 48.80 -19.10
CA GLY E 111 -2.12 49.39 -19.98
C GLY E 111 -2.16 48.79 -21.37
N ILE E 112 -1.35 49.38 -22.25
CA ILE E 112 -1.23 48.95 -23.64
C ILE E 112 0.15 48.35 -23.82
N CYS E 113 0.22 47.28 -24.62
CA CYS E 113 1.43 46.48 -24.74
C CYS E 113 2.38 47.05 -25.77
N GLY E 114 3.68 47.01 -25.46
CA GLY E 114 4.72 47.33 -26.42
C GLY E 114 5.09 46.12 -27.26
N THR E 115 6.09 46.33 -28.13
CA THR E 115 6.51 45.27 -29.03
C THR E 115 7.15 44.11 -28.27
N MET E 116 7.90 44.40 -27.22
CA MET E 116 8.65 43.40 -26.48
C MET E 116 7.88 42.81 -25.31
N HIS E 117 6.56 42.99 -25.27
CA HIS E 117 5.79 42.57 -24.11
C HIS E 117 5.70 41.05 -24.01
N SER E 118 5.80 40.55 -22.79
CA SER E 118 5.57 39.15 -22.48
C SER E 118 5.15 39.06 -21.02
N GLU E 119 4.51 37.95 -20.67
CA GLU E 119 4.08 37.77 -19.28
C GLU E 119 5.27 37.70 -18.34
N LYS E 120 6.40 37.15 -18.79
CA LYS E 120 7.60 37.11 -17.96
C LYS E 120 8.32 38.44 -17.95
N THR E 121 8.34 39.15 -19.09
CA THR E 121 9.00 40.44 -19.23
C THR E 121 7.98 41.46 -19.68
N PRO E 122 7.26 42.10 -18.75
CA PRO E 122 6.22 43.05 -19.15
C PRO E 122 6.82 44.29 -19.80
N ASP E 123 6.16 44.74 -20.88
CA ASP E 123 6.52 45.97 -21.60
C ASP E 123 5.22 46.73 -21.84
N VAL E 124 4.70 47.36 -20.80
CA VAL E 124 3.35 47.93 -20.79
C VAL E 124 3.43 49.42 -20.51
N LEU E 125 2.66 50.19 -21.29
CA LEU E 125 2.48 51.61 -21.05
C LEU E 125 1.11 51.82 -20.41
N GLN E 126 1.11 52.31 -19.16
CA GLN E 126 -0.14 52.57 -18.47
C GLN E 126 -0.91 53.69 -19.15
N TYR E 127 -2.23 53.52 -19.25
CA TYR E 127 -3.07 54.58 -19.81
C TYR E 127 -3.02 55.82 -18.93
N ASP E 128 -2.84 55.65 -17.62
CA ASP E 128 -2.71 56.80 -16.74
C ASP E 128 -1.49 57.65 -17.08
N THR E 129 -0.43 57.02 -17.59
CA THR E 129 0.75 57.78 -18.01
C THR E 129 0.43 58.70 -19.17
N ILE E 130 -0.46 58.27 -20.06
CA ILE E 130 -0.85 59.10 -21.20
C ILE E 130 -1.54 60.36 -20.73
N TYR E 131 -2.47 60.22 -19.78
CA TYR E 131 -3.15 61.39 -19.23
C TYR E 131 -2.16 62.35 -18.56
N GLN E 132 -1.13 61.81 -17.91
CA GLN E 132 -0.12 62.66 -17.29
C GLN E 132 0.68 63.42 -18.34
N ILE E 133 0.93 62.80 -19.49
CA ILE E 133 1.75 63.45 -20.51
C ILE E 133 0.98 64.59 -21.16
N PHE E 134 -0.33 64.44 -21.33
CA PHE E 134 -1.14 65.39 -22.09
C PHE E 134 -2.00 66.30 -21.22
N ASN E 135 -1.86 66.25 -19.90
CA ASN E 135 -2.68 67.09 -19.04
C ASN E 135 -2.27 68.55 -19.19
N ASN E 136 -2.98 69.43 -18.47
CA ASN E 136 -2.71 70.86 -18.55
C ASN E 136 -1.35 71.24 -17.96
N CYS E 137 -0.71 70.34 -17.20
CA CYS E 137 0.59 70.65 -16.62
C CYS E 137 1.73 70.41 -17.62
N HIS E 138 1.69 69.29 -18.34
CA HIS E 138 2.79 68.87 -19.19
C HIS E 138 2.56 69.14 -20.67
N CYS E 139 1.35 69.53 -21.07
CA CYS E 139 1.04 69.86 -22.45
C CYS E 139 0.39 71.24 -22.48
N PRO E 140 1.21 72.31 -22.45
CA PRO E 140 0.64 73.66 -22.43
C PRO E 140 -0.06 74.04 -23.72
N GLY E 141 0.33 73.45 -24.86
CA GLY E 141 -0.28 73.81 -26.13
C GLY E 141 -1.74 73.38 -26.27
N LEU E 142 -2.17 72.39 -25.50
CA LEU E 142 -3.52 71.84 -25.61
C LEU E 142 -4.37 72.14 -24.38
N ARG E 143 -4.02 73.15 -23.61
CA ARG E 143 -4.85 73.53 -22.47
C ARG E 143 -6.21 74.04 -22.94
N ASP E 144 -7.26 73.63 -22.24
CA ASP E 144 -8.64 73.99 -22.55
C ASP E 144 -9.09 73.49 -23.92
N LYS E 145 -8.34 72.55 -24.50
CA LYS E 145 -8.66 72.00 -25.81
C LYS E 145 -8.96 70.52 -25.72
N PRO E 146 -9.92 70.02 -26.50
CA PRO E 146 -10.30 68.60 -26.41
C PRO E 146 -9.14 67.67 -26.73
N LYS E 147 -8.98 66.65 -25.91
CA LYS E 147 -7.97 65.60 -26.11
C LYS E 147 -8.72 64.27 -26.15
N VAL E 148 -8.86 63.72 -27.36
CA VAL E 148 -9.63 62.50 -27.59
C VAL E 148 -8.68 61.33 -27.72
N ILE E 149 -8.94 60.27 -26.97
CA ILE E 149 -8.10 59.07 -26.97
C ILE E 149 -8.94 57.91 -27.49
N ILE E 150 -8.44 57.25 -28.54
CA ILE E 150 -9.07 56.07 -29.12
C ILE E 150 -8.15 54.88 -28.88
N VAL E 151 -8.67 53.85 -28.22
CA VAL E 151 -7.88 52.68 -27.82
C VAL E 151 -8.50 51.44 -28.43
N GLN E 152 -7.83 50.89 -29.44
CA GLN E 152 -8.16 49.57 -29.98
C GLN E 152 -7.15 48.60 -29.39
N ALA E 153 -7.58 47.89 -28.35
CA ALA E 153 -6.72 46.96 -27.63
C ALA E 153 -7.57 46.16 -26.66
N ALA E 154 -7.14 44.93 -26.38
CA ALA E 154 -7.80 44.14 -25.37
C ALA E 154 -7.56 44.74 -23.99
N ARG E 155 -8.50 44.50 -23.09
CA ARG E 155 -8.39 44.94 -21.70
C ARG E 155 -8.43 43.76 -20.74
N GLY E 156 -8.06 42.58 -21.23
CA GLY E 156 -8.18 41.37 -20.45
C GLY E 156 -8.19 40.17 -21.38
N GLY E 157 -8.34 39.00 -20.76
CA GLY E 157 -8.32 37.76 -21.53
C GLY E 157 -9.64 37.01 -21.49
N ASN E 158 -10.62 37.55 -20.79
CA ASN E 158 -11.90 36.88 -20.58
C ASN E 158 -12.88 37.22 -21.71
N SER E 159 -13.83 36.31 -21.93
CA SER E 159 -14.86 36.53 -22.94
C SER E 159 -15.89 37.53 -22.45
N GLY E 160 -16.49 38.25 -23.39
CA GLY E 160 -17.40 39.32 -23.07
C GLY E 160 -18.88 39.04 -23.25
N GLU E 161 -19.26 37.76 -23.37
CA GLU E 161 -20.65 37.39 -23.60
C GLU E 161 -21.01 36.18 -22.75
N MET E 162 -22.33 35.98 -22.59
CA MET E 162 -22.85 34.84 -21.85
C MET E 162 -24.27 34.58 -22.31
N TRP E 163 -24.79 33.40 -21.92
CA TRP E 163 -26.12 32.96 -22.28
C TRP E 163 -27.02 33.05 -21.05
N ILE E 164 -28.22 33.62 -21.21
CA ILE E 164 -29.16 33.78 -20.11
C ILE E 164 -30.54 33.37 -20.59
N ARG E 165 -31.51 33.40 -19.67
CA ARG E 165 -32.90 33.18 -20.04
C ARG E 165 -33.45 34.38 -20.81
N GLU E 166 -34.48 34.12 -21.59
CA GLU E 166 -35.17 35.19 -22.30
C GLU E 166 -36.20 35.85 -21.40
N THR F 1 -39.06 70.74 -4.74
CA THR F 1 -38.68 71.81 -5.66
C THR F 1 -38.02 71.24 -6.92
N LEU F 2 -38.61 70.17 -7.45
CA LEU F 2 -38.14 69.52 -8.66
C LEU F 2 -39.09 69.85 -9.81
N LYS F 3 -38.54 70.37 -10.91
CA LYS F 3 -39.35 70.69 -12.08
C LYS F 3 -39.68 69.39 -12.82
N LEU F 4 -40.96 69.16 -13.04
CA LEU F 4 -41.44 67.91 -13.63
C LEU F 4 -41.56 68.03 -15.14
N CYS F 5 -41.74 66.88 -15.78
CA CYS F 5 -42.01 66.80 -17.21
C CYS F 5 -43.47 66.48 -17.42
N SER F 6 -44.09 67.16 -18.38
CA SER F 6 -45.51 66.97 -18.62
C SER F 6 -45.77 65.54 -19.11
N PRO F 7 -46.82 64.88 -18.60
CA PRO F 7 -47.08 63.49 -19.02
C PRO F 7 -47.32 63.35 -20.51
N GLU F 8 -47.83 64.39 -21.18
CA GLU F 8 -47.97 64.34 -22.63
C GLU F 8 -46.61 64.27 -23.31
N GLU F 9 -45.65 65.06 -22.80
CA GLU F 9 -44.29 64.99 -23.33
C GLU F 9 -43.61 63.66 -22.96
N PHE F 10 -43.98 63.08 -21.83
CA PHE F 10 -43.42 61.78 -21.43
C PHE F 10 -43.78 60.72 -22.45
N THR F 11 -45.06 60.59 -22.79
CA THR F 11 -45.48 59.65 -23.81
C THR F 11 -45.01 60.05 -25.21
N ARG F 12 -44.75 61.34 -25.43
CA ARG F 12 -44.27 61.79 -26.73
C ARG F 12 -42.89 61.24 -27.03
N LEU F 13 -41.96 61.37 -26.08
CA LEU F 13 -40.61 60.85 -26.30
C LEU F 13 -40.57 59.33 -26.26
N CYS F 14 -41.42 58.71 -25.45
CA CYS F 14 -41.44 57.25 -25.36
C CYS F 14 -41.97 56.59 -26.63
N ARG F 15 -42.76 57.32 -27.43
CA ARG F 15 -43.28 56.82 -28.69
C ARG F 15 -42.46 57.25 -29.90
N GLU F 16 -42.03 58.52 -29.94
CA GLU F 16 -41.41 59.05 -31.14
C GLU F 16 -40.08 58.37 -31.44
N LYS F 17 -39.17 58.37 -30.48
CA LYS F 17 -37.86 57.72 -30.62
C LYS F 17 -37.70 56.67 -29.53
N THR F 18 -38.43 55.57 -29.70
CA THR F 18 -38.36 54.47 -28.73
C THR F 18 -37.02 53.76 -28.77
N GLN F 19 -36.36 53.74 -29.93
CA GLN F 19 -35.11 53.00 -30.07
C GLN F 19 -33.90 53.77 -29.55
N GLU F 20 -34.01 55.08 -29.33
CA GLU F 20 -32.88 55.89 -28.91
C GLU F 20 -32.84 56.15 -27.41
N ILE F 21 -33.87 55.78 -26.67
CA ILE F 21 -33.92 56.03 -25.23
C ILE F 21 -34.16 54.73 -24.47
N TYR F 22 -33.73 54.75 -23.21
CA TYR F 22 -33.97 53.64 -22.30
C TYR F 22 -35.44 53.57 -21.93
N PRO F 23 -36.07 52.39 -21.99
CA PRO F 23 -37.50 52.30 -21.67
C PRO F 23 -37.79 52.59 -20.20
N ILE F 24 -38.84 53.36 -19.98
CA ILE F 24 -39.27 53.76 -18.64
C ILE F 24 -40.56 53.03 -18.29
N LYS F 25 -40.56 52.34 -17.16
CA LYS F 25 -41.75 51.64 -16.68
C LYS F 25 -42.74 52.62 -16.06
N GLU F 26 -44.02 52.33 -16.23
CA GLU F 26 -45.07 53.16 -15.67
C GLU F 26 -45.01 53.15 -14.15
N ALA F 27 -45.32 54.31 -13.54
CA ALA F 27 -45.21 54.50 -12.10
C ALA F 27 -46.21 53.68 -11.29
N ASN F 28 -47.05 52.86 -11.92
CA ASN F 28 -48.06 52.11 -11.20
C ASN F 28 -47.43 50.97 -10.38
N GLY F 29 -47.11 49.87 -11.04
CA GLY F 29 -46.50 48.74 -10.35
C GLY F 29 -44.99 48.81 -10.39
N ARG F 30 -44.44 50.01 -10.25
CA ARG F 30 -43.01 50.21 -10.33
C ARG F 30 -42.42 50.24 -8.92
N THR F 31 -41.31 49.53 -8.73
CA THR F 31 -40.61 49.45 -7.45
C THR F 31 -39.17 49.88 -7.66
N ARG F 32 -38.97 51.15 -7.97
CA ARG F 32 -37.62 51.68 -8.16
C ARG F 32 -36.86 51.62 -6.84
N LYS F 33 -35.65 51.08 -6.88
CA LYS F 33 -34.80 50.96 -5.70
C LYS F 33 -33.49 51.69 -5.95
N ALA F 34 -33.03 52.41 -4.93
CA ALA F 34 -31.75 53.11 -4.98
C ALA F 34 -30.99 52.84 -3.69
N LEU F 35 -29.67 52.88 -3.77
CA LEU F 35 -28.79 52.57 -2.65
C LEU F 35 -27.88 53.76 -2.37
N ILE F 36 -27.82 54.16 -1.10
CA ILE F 36 -26.90 55.20 -0.65
C ILE F 36 -26.03 54.59 0.45
N ILE F 37 -24.72 54.60 0.24
CA ILE F 37 -23.75 54.13 1.22
C ILE F 37 -22.84 55.30 1.58
N CYS F 38 -22.85 55.68 2.85
CA CYS F 38 -22.05 56.82 3.32
C CYS F 38 -21.43 56.47 4.66
N ASN F 39 -20.13 56.68 4.78
CA ASN F 39 -19.39 56.45 6.01
C ASN F 39 -18.95 57.78 6.59
N THR F 40 -19.31 58.02 7.86
CA THR F 40 -18.98 59.25 8.56
C THR F 40 -17.88 59.05 9.58
N GLU F 41 -18.00 58.04 10.43
CA GLU F 41 -17.02 57.78 11.48
C GLU F 41 -15.94 56.85 10.97
N PHE F 42 -14.68 57.22 11.18
CA PHE F 42 -13.54 56.41 10.78
C PHE F 42 -12.62 56.17 11.96
N LYS F 43 -11.97 55.01 11.95
CA LYS F 43 -11.05 54.67 13.04
C LYS F 43 -9.79 55.53 13.00
N HIS F 44 -9.23 55.74 11.82
CA HIS F 44 -8.00 56.51 11.66
C HIS F 44 -8.14 57.75 10.81
N LEU F 45 -9.22 57.91 10.06
CA LEU F 45 -9.37 59.03 9.14
C LEU F 45 -10.28 60.10 9.73
N SER F 46 -10.16 61.31 9.18
CA SER F 46 -10.92 62.44 9.68
C SER F 46 -12.42 62.22 9.48
N LEU F 47 -13.21 62.78 10.38
CA LEU F 47 -14.66 62.70 10.28
C LEU F 47 -15.15 63.50 9.09
N ARG F 48 -16.10 62.92 8.34
CA ARG F 48 -16.67 63.60 7.18
C ARG F 48 -17.82 64.47 7.66
N TYR F 49 -17.44 65.67 8.13
CA TYR F 49 -18.42 66.63 8.60
C TYR F 49 -19.37 67.04 7.48
N GLY F 50 -20.66 67.12 7.81
CA GLY F 50 -21.66 67.50 6.84
C GLY F 50 -22.10 66.39 5.92
N ALA F 51 -21.64 65.16 6.14
CA ALA F 51 -22.07 64.04 5.31
C ALA F 51 -23.56 63.76 5.46
N ASN F 52 -24.16 64.17 6.58
CA ASN F 52 -25.61 64.01 6.74
C ASN F 52 -26.38 64.88 5.75
N PHE F 53 -25.80 66.01 5.33
CA PHE F 53 -26.46 66.84 4.34
C PHE F 53 -26.46 66.18 2.97
N ASP F 54 -25.38 65.49 2.62
CA ASP F 54 -25.34 64.79 1.34
C ASP F 54 -26.28 63.59 1.33
N ILE F 55 -26.38 62.88 2.45
CA ILE F 55 -27.29 61.74 2.54
C ILE F 55 -28.73 62.20 2.35
N ILE F 56 -29.14 63.21 3.13
CA ILE F 56 -30.51 63.71 3.04
C ILE F 56 -30.78 64.30 1.67
N GLY F 57 -29.80 64.99 1.09
CA GLY F 57 -30.00 65.60 -0.22
C GLY F 57 -30.22 64.56 -1.32
N MET F 58 -29.34 63.57 -1.38
CA MET F 58 -29.47 62.54 -2.41
C MET F 58 -30.70 61.67 -2.17
N LYS F 59 -30.99 61.34 -0.91
CA LYS F 59 -32.16 60.53 -0.61
C LYS F 59 -33.44 61.25 -1.02
N GLY F 60 -33.54 62.55 -0.74
CA GLY F 60 -34.71 63.30 -1.15
C GLY F 60 -34.84 63.41 -2.65
N LEU F 61 -33.72 63.62 -3.36
CA LEU F 61 -33.76 63.71 -4.82
C LEU F 61 -34.17 62.37 -5.43
N LEU F 62 -33.56 61.28 -4.96
CA LEU F 62 -33.90 59.97 -5.49
C LEU F 62 -35.35 59.59 -5.19
N GLU F 63 -35.87 60.03 -4.03
CA GLU F 63 -37.28 59.82 -3.74
C GLU F 63 -38.16 60.65 -4.67
N ASP F 64 -37.78 61.90 -4.92
CA ASP F 64 -38.53 62.73 -5.86
C ASP F 64 -38.48 62.20 -7.28
N LEU F 65 -37.45 61.41 -7.61
CA LEU F 65 -37.38 60.76 -8.91
C LEU F 65 -38.07 59.41 -8.93
N GLY F 66 -38.67 58.99 -7.83
CA GLY F 66 -39.44 57.76 -7.77
C GLY F 66 -38.72 56.55 -7.24
N TYR F 67 -37.53 56.72 -6.66
CA TYR F 67 -36.73 55.61 -6.16
C TYR F 67 -36.93 55.45 -4.66
N ASP F 68 -37.20 54.23 -4.22
CA ASP F 68 -37.17 53.91 -2.80
C ASP F 68 -35.72 53.72 -2.37
N VAL F 69 -35.25 54.55 -1.45
CA VAL F 69 -33.83 54.64 -1.15
C VAL F 69 -33.51 53.74 0.03
N VAL F 70 -32.49 52.90 -0.14
CA VAL F 70 -31.93 52.11 0.95
C VAL F 70 -30.63 52.78 1.38
N VAL F 71 -30.54 53.12 2.66
CA VAL F 71 -29.40 53.84 3.21
C VAL F 71 -28.67 52.93 4.19
N LYS F 72 -27.36 52.77 3.97
CA LYS F 72 -26.50 51.98 4.84
C LYS F 72 -25.31 52.86 5.22
N GLU F 73 -24.98 52.89 6.50
CA GLU F 73 -23.94 53.76 7.01
C GLU F 73 -22.96 52.98 7.88
N GLU F 74 -21.74 53.50 7.97
CA GLU F 74 -20.68 52.97 8.81
C GLU F 74 -20.44 51.48 8.53
N LEU F 75 -19.86 51.23 7.37
CA LEU F 75 -19.60 49.88 6.88
C LEU F 75 -18.11 49.70 6.57
N THR F 76 -17.64 48.48 6.74
CA THR F 76 -16.30 48.11 6.29
C THR F 76 -16.35 47.79 4.80
N ALA F 77 -15.18 47.48 4.22
CA ALA F 77 -15.15 47.07 2.82
C ALA F 77 -15.93 45.77 2.61
N GLU F 78 -15.77 44.82 3.53
CA GLU F 78 -16.60 43.61 3.49
C GLU F 78 -18.07 43.95 3.73
N GLY F 79 -18.33 44.96 4.57
CA GLY F 79 -19.71 45.36 4.80
C GLY F 79 -20.36 45.98 3.57
N MET F 80 -19.63 46.86 2.87
CA MET F 80 -20.16 47.45 1.65
C MET F 80 -20.43 46.38 0.59
N GLU F 81 -19.51 45.42 0.44
CA GLU F 81 -19.68 44.37 -0.55
C GLU F 81 -20.91 43.52 -0.25
N SER F 82 -21.10 43.17 1.03
CA SER F 82 -22.25 42.33 1.40
C SER F 82 -23.56 43.07 1.19
N GLU F 83 -23.61 44.36 1.55
CA GLU F 83 -24.83 45.13 1.35
C GLU F 83 -25.13 45.34 -0.12
N MET F 84 -24.10 45.48 -0.96
CA MET F 84 -24.32 45.63 -2.40
C MET F 84 -24.87 44.34 -3.01
N LYS F 85 -24.34 43.19 -2.60
CA LYS F 85 -24.85 41.92 -3.10
C LYS F 85 -26.31 41.72 -2.70
N ASP F 86 -26.67 42.10 -1.47
CA ASP F 86 -28.07 42.05 -1.06
C ASP F 86 -28.91 43.03 -1.86
N PHE F 87 -28.39 44.23 -2.11
CA PHE F 87 -29.15 45.21 -2.88
C PHE F 87 -29.35 44.73 -4.31
N ALA F 88 -28.34 44.08 -4.88
CA ALA F 88 -28.44 43.59 -6.25
C ALA F 88 -29.33 42.36 -6.37
N ALA F 89 -29.50 41.62 -5.27
CA ALA F 89 -30.34 40.44 -5.26
C ALA F 89 -31.79 40.74 -4.93
N LEU F 90 -32.13 42.02 -4.74
CA LEU F 90 -33.50 42.39 -4.40
C LEU F 90 -34.43 42.05 -5.56
N SER F 91 -35.53 41.34 -5.25
CA SER F 91 -36.52 40.98 -6.25
C SER F 91 -37.26 42.18 -6.81
N GLU F 92 -37.18 43.36 -6.17
CA GLU F 92 -37.85 44.54 -6.67
C GLU F 92 -37.26 45.04 -7.99
N HIS F 93 -36.02 44.65 -8.32
CA HIS F 93 -35.40 45.11 -9.56
C HIS F 93 -36.11 44.57 -10.79
N GLN F 94 -36.80 43.43 -10.66
CA GLN F 94 -37.53 42.87 -11.80
C GLN F 94 -38.63 43.81 -12.27
N THR F 95 -39.26 44.54 -11.34
CA THR F 95 -40.28 45.52 -11.67
C THR F 95 -39.74 46.94 -11.67
N SER F 96 -38.44 47.10 -11.90
CA SER F 96 -37.79 48.39 -11.99
C SER F 96 -37.23 48.58 -13.40
N ASP F 97 -36.83 49.83 -13.68
CA ASP F 97 -36.24 50.16 -14.97
C ASP F 97 -34.82 50.70 -14.87
N SER F 98 -34.32 51.00 -13.67
CA SER F 98 -33.00 51.57 -13.49
C SER F 98 -32.68 51.53 -12.01
N THR F 99 -31.47 51.99 -11.65
CA THR F 99 -31.07 52.09 -10.26
C THR F 99 -29.99 53.16 -10.13
N PHE F 100 -29.83 53.64 -8.90
CA PHE F 100 -28.80 54.62 -8.56
C PHE F 100 -27.96 54.08 -7.41
N LEU F 101 -26.64 54.31 -7.50
CA LEU F 101 -25.69 53.85 -6.50
C LEU F 101 -24.85 55.05 -6.06
N VAL F 102 -25.13 55.55 -4.86
CA VAL F 102 -24.42 56.71 -4.32
C VAL F 102 -23.42 56.20 -3.28
N LEU F 103 -22.15 56.52 -3.51
CA LEU F 103 -21.06 56.09 -2.64
C LEU F 103 -20.35 57.32 -2.11
N MET F 104 -20.27 57.45 -0.79
CA MET F 104 -19.68 58.61 -0.14
C MET F 104 -18.83 58.16 1.03
N SER F 105 -17.54 58.41 0.96
CA SER F 105 -16.58 58.02 1.99
C SER F 105 -15.23 58.62 1.62
N HIS F 106 -14.21 58.31 2.42
CA HIS F 106 -12.86 58.55 1.96
C HIS F 106 -12.53 57.57 0.85
N GLY F 107 -11.57 57.95 0.00
CA GLY F 107 -11.27 57.16 -1.18
C GLY F 107 -9.79 57.12 -1.48
N THR F 108 -9.41 56.06 -2.20
CA THR F 108 -8.08 55.90 -2.75
C THR F 108 -8.15 56.06 -4.27
N LEU F 109 -7.05 55.74 -4.94
CA LEU F 109 -6.99 55.90 -6.39
C LEU F 109 -7.95 54.94 -7.09
N HIS F 110 -7.99 53.69 -6.66
CA HIS F 110 -8.78 52.65 -7.32
C HIS F 110 -9.87 52.06 -6.43
N GLY F 111 -10.15 52.65 -5.27
CA GLY F 111 -11.16 52.09 -4.40
C GLY F 111 -11.70 53.12 -3.43
N ILE F 112 -12.72 52.71 -2.68
CA ILE F 112 -13.36 53.55 -1.68
C ILE F 112 -13.06 52.96 -0.31
N CYS F 113 -12.83 53.85 0.66
CA CYS F 113 -12.34 53.45 1.97
C CYS F 113 -13.48 53.04 2.89
N GLY F 114 -13.23 51.99 3.68
CA GLY F 114 -14.13 51.62 4.76
C GLY F 114 -13.85 52.40 6.03
N THR F 115 -14.59 52.04 7.09
CA THR F 115 -14.43 52.75 8.36
C THR F 115 -13.06 52.48 8.97
N MET F 116 -12.55 51.25 8.82
CA MET F 116 -11.31 50.83 9.47
C MET F 116 -10.08 51.05 8.59
N HIS F 117 -10.18 51.85 7.54
CA HIS F 117 -9.08 51.96 6.59
C HIS F 117 -7.90 52.74 7.17
N SER F 118 -6.69 52.24 6.88
CA SER F 118 -5.45 52.92 7.18
C SER F 118 -4.40 52.40 6.22
N GLU F 119 -3.32 53.16 6.04
CA GLU F 119 -2.25 52.69 5.17
C GLU F 119 -1.59 51.44 5.74
N LYS F 120 -1.65 51.25 7.06
CA LYS F 120 -1.19 50.00 7.66
C LYS F 120 -2.18 48.87 7.39
N THR F 121 -3.46 49.09 7.71
CA THR F 121 -4.51 48.09 7.60
C THR F 121 -5.55 48.58 6.61
N PRO F 122 -5.38 48.30 5.32
CA PRO F 122 -6.34 48.80 4.34
C PRO F 122 -7.70 48.13 4.48
N ASP F 123 -8.75 48.94 4.33
CA ASP F 123 -10.13 48.46 4.32
C ASP F 123 -10.84 49.14 3.15
N VAL F 124 -10.52 48.68 1.94
CA VAL F 124 -10.90 49.35 0.71
C VAL F 124 -11.72 48.40 -0.15
N LEU F 125 -12.82 48.90 -0.70
CA LEU F 125 -13.62 48.18 -1.69
C LEU F 125 -13.28 48.74 -3.06
N GLN F 126 -12.71 47.90 -3.92
CA GLN F 126 -12.35 48.34 -5.26
C GLN F 126 -13.59 48.67 -6.07
N TYR F 127 -13.53 49.75 -6.84
CA TYR F 127 -14.66 50.10 -7.70
C TYR F 127 -14.91 49.03 -8.75
N ASP F 128 -13.85 48.33 -9.18
CA ASP F 128 -14.03 47.24 -10.13
C ASP F 128 -14.91 46.14 -9.55
N THR F 129 -14.87 45.95 -8.23
CA THR F 129 -15.73 44.96 -7.59
C THR F 129 -17.20 45.36 -7.70
N ILE F 130 -17.49 46.66 -7.68
CA ILE F 130 -18.87 47.12 -7.77
C ILE F 130 -19.46 46.75 -9.14
N TYR F 131 -18.70 46.99 -10.21
CA TYR F 131 -19.16 46.61 -11.54
C TYR F 131 -19.35 45.09 -11.62
N GLN F 132 -18.48 44.33 -10.96
CA GLN F 132 -18.61 42.88 -10.95
C GLN F 132 -19.89 42.46 -10.23
N ILE F 133 -20.26 43.19 -9.17
CA ILE F 133 -21.44 42.83 -8.40
C ILE F 133 -22.71 43.11 -9.18
N PHE F 134 -22.73 44.17 -9.98
CA PHE F 134 -23.94 44.64 -10.63
C PHE F 134 -23.98 44.34 -12.12
N ASN F 135 -23.01 43.59 -12.66
CA ASN F 135 -23.01 43.30 -14.08
C ASN F 135 -24.14 42.32 -14.41
N ASN F 136 -24.26 41.98 -15.70
CA ASN F 136 -25.31 41.09 -16.15
C ASN F 136 -25.13 39.65 -15.64
N CYS F 137 -23.96 39.32 -15.11
CA CYS F 137 -23.73 37.96 -14.61
C CYS F 137 -24.27 37.80 -13.19
N HIS F 138 -24.02 38.76 -12.32
CA HIS F 138 -24.34 38.64 -10.91
C HIS F 138 -25.60 39.38 -10.49
N CYS F 139 -26.14 40.24 -11.35
CA CYS F 139 -27.36 40.99 -11.06
C CYS F 139 -28.35 40.80 -12.20
N PRO F 140 -29.10 39.68 -12.20
CA PRO F 140 -30.05 39.46 -13.28
C PRO F 140 -31.23 40.44 -13.27
N GLY F 141 -31.58 40.99 -12.12
CA GLY F 141 -32.72 41.89 -12.04
C GLY F 141 -32.53 43.22 -12.74
N LEU F 142 -31.28 43.63 -12.94
CA LEU F 142 -30.98 44.93 -13.55
C LEU F 142 -30.32 44.77 -14.92
N ARG F 143 -30.49 43.63 -15.57
CA ARG F 143 -29.96 43.43 -16.91
C ARG F 143 -30.65 44.36 -17.90
N ASP F 144 -29.86 44.94 -18.80
CA ASP F 144 -30.34 45.85 -19.84
C ASP F 144 -30.97 47.11 -19.26
N LYS F 145 -30.73 47.38 -17.97
CA LYS F 145 -31.28 48.54 -17.29
C LYS F 145 -30.16 49.46 -16.82
N PRO F 146 -30.36 50.77 -16.87
CA PRO F 146 -29.29 51.71 -16.49
C PRO F 146 -28.88 51.52 -15.03
N LYS F 147 -27.57 51.48 -14.81
CA LYS F 147 -26.99 51.40 -13.47
C LYS F 147 -26.07 52.61 -13.31
N VAL F 148 -26.53 53.60 -12.55
CA VAL F 148 -25.82 54.87 -12.39
C VAL F 148 -25.08 54.84 -11.06
N ILE F 149 -23.79 55.15 -11.09
CA ILE F 149 -22.95 55.15 -9.91
C ILE F 149 -22.48 56.58 -9.66
N ILE F 150 -22.74 57.09 -8.46
CA ILE F 150 -22.30 58.41 -8.03
C ILE F 150 -21.30 58.20 -6.91
N VAL F 151 -20.10 58.74 -7.09
CA VAL F 151 -19.00 58.53 -6.15
C VAL F 151 -18.53 59.89 -5.66
N GLN F 152 -18.85 60.22 -4.41
CA GLN F 152 -18.29 61.38 -3.73
C GLN F 152 -17.18 60.88 -2.82
N ALA F 153 -15.93 61.00 -3.28
CA ALA F 153 -14.78 60.50 -2.56
C ALA F 153 -13.52 61.01 -3.24
N ALA F 154 -12.46 61.17 -2.46
CA ALA F 154 -11.17 61.50 -3.02
C ALA F 154 -10.63 60.32 -3.82
N ARG F 155 -9.81 60.64 -4.82
CA ARG F 155 -9.16 59.62 -5.64
C ARG F 155 -7.63 59.73 -5.55
N GLY F 156 -7.15 60.30 -4.45
CA GLY F 156 -5.74 60.58 -4.31
C GLY F 156 -5.53 61.66 -3.26
N GLY F 157 -4.27 62.03 -3.09
CA GLY F 157 -3.91 63.01 -2.09
C GLY F 157 -3.37 64.31 -2.67
N ASN F 158 -3.26 64.38 -3.98
CA ASN F 158 -2.66 65.53 -4.64
C ASN F 158 -3.71 66.61 -4.92
N SER F 159 -3.24 67.86 -4.97
CA SER F 159 -4.12 68.97 -5.31
C SER F 159 -4.40 69.00 -6.80
N GLY F 160 -5.57 69.53 -7.15
CA GLY F 160 -6.03 69.50 -8.53
C GLY F 160 -5.92 70.80 -9.31
N GLU F 161 -5.12 71.75 -8.83
CA GLU F 161 -5.02 73.05 -9.48
C GLU F 161 -3.57 73.51 -9.53
N MET F 162 -3.30 74.45 -10.43
CA MET F 162 -1.99 75.06 -10.56
C MET F 162 -2.15 76.42 -11.22
N TRP F 163 -1.08 77.21 -11.17
CA TRP F 163 -1.07 78.57 -11.68
C TRP F 163 -0.30 78.67 -12.99
N ILE F 164 -0.88 79.39 -13.95
CA ILE F 164 -0.33 79.57 -15.28
C ILE F 164 -0.41 81.04 -15.64
N ARG F 165 0.53 81.51 -16.45
CA ARG F 165 0.42 82.86 -16.97
C ARG F 165 -0.71 82.96 -17.99
N GLU F 166 -1.41 84.09 -17.98
CA GLU F 166 -2.60 84.29 -18.80
C GLU F 166 -2.33 84.06 -20.29
N ALA G 1 -4.44 5.32 -26.57
CA ALA G 1 -5.06 6.47 -25.92
C ALA G 1 -4.45 6.70 -24.54
N ASP G 2 -4.46 7.96 -24.10
CA ASP G 2 -3.88 8.34 -22.81
C ASP G 2 -4.82 9.28 -22.08
N PHE G 3 -4.49 9.56 -20.82
CA PHE G 3 -5.36 10.36 -19.96
C PHE G 3 -5.38 11.82 -20.40
N GLN G 4 -4.31 12.32 -21.00
CA GLN G 4 -4.23 13.73 -21.35
C GLN G 4 -5.24 14.09 -22.44
N GLY G 5 -5.35 13.26 -23.48
CA GLY G 5 -6.35 13.50 -24.50
C GLY G 5 -7.77 13.46 -23.96
N LEU G 6 -8.01 12.63 -22.94
CA LEU G 6 -9.31 12.59 -22.30
C LEU G 6 -9.58 13.87 -21.51
N TYR G 7 -8.57 14.35 -20.77
CA TYR G 7 -8.73 15.55 -19.97
C TYR G 7 -8.99 16.77 -20.85
N ALA G 8 -8.13 16.98 -21.86
CA ALA G 8 -8.29 18.13 -22.74
C ALA G 8 -9.64 18.10 -23.47
N GLU G 9 -10.09 16.90 -23.86
CA GLU G 9 -11.36 16.78 -24.55
C GLU G 9 -12.52 17.17 -23.65
N VAL G 10 -12.50 16.71 -22.39
CA VAL G 10 -13.59 17.02 -21.47
C VAL G 10 -13.49 18.47 -20.99
N LYS G 11 -12.27 18.96 -20.75
CA LYS G 11 -12.11 20.34 -20.28
C LYS G 11 -12.58 21.33 -21.35
N ALA G 12 -12.30 21.05 -22.62
CA ALA G 12 -12.77 21.93 -23.69
C ALA G 12 -14.28 21.94 -23.76
N CYS G 13 -14.93 20.79 -23.54
CA CYS G 13 -16.38 20.75 -23.51
C CYS G 13 -16.94 21.52 -22.33
N SER G 14 -16.28 21.43 -21.17
CA SER G 14 -16.74 22.14 -19.98
C SER G 14 -16.47 23.64 -20.06
N SER G 15 -15.58 24.08 -20.95
CA SER G 15 -15.25 25.49 -21.04
C SER G 15 -16.45 26.31 -21.52
N GLU G 16 -17.14 25.84 -22.56
CA GLU G 16 -18.29 26.57 -23.07
C GLU G 16 -19.47 26.55 -22.10
N LEU G 17 -19.56 25.54 -21.23
CA LEU G 17 -20.59 25.56 -20.19
C LEU G 17 -20.32 26.61 -19.14
N GLU G 18 -19.06 27.02 -18.96
CA GLU G 18 -18.74 28.09 -18.02
C GLU G 18 -19.35 29.41 -18.45
N SER G 19 -19.66 29.57 -19.73
CA SER G 19 -20.31 30.77 -20.24
C SER G 19 -21.82 30.76 -20.05
N LEU G 20 -22.38 29.68 -19.51
CA LEU G 20 -23.81 29.62 -19.25
C LEU G 20 -24.11 30.27 -17.89
N GLU G 21 -25.30 30.85 -17.80
CA GLU G 21 -25.72 31.53 -16.59
C GLU G 21 -25.74 30.57 -15.40
N MET G 22 -25.49 31.12 -14.22
CA MET G 22 -25.45 30.30 -13.00
C MET G 22 -26.78 29.61 -12.75
N GLU G 23 -27.89 30.33 -12.94
CA GLU G 23 -29.21 29.74 -12.69
C GLU G 23 -29.48 28.59 -13.65
N LEU G 24 -29.06 28.74 -14.91
CA LEU G 24 -29.28 27.67 -15.88
C LEU G 24 -28.36 26.47 -15.62
N ARG G 25 -27.15 26.73 -15.13
CA ARG G 25 -26.24 25.63 -14.79
C ARG G 25 -26.77 24.83 -13.61
N GLN G 26 -27.38 25.50 -12.63
CA GLN G 26 -27.99 24.78 -11.52
C GLN G 26 -29.23 24.01 -11.96
N GLN G 27 -30.00 24.59 -12.89
CA GLN G 27 -31.18 23.90 -13.40
C GLN G 27 -30.80 22.63 -14.14
N ILE G 28 -29.76 22.70 -14.98
CA ILE G 28 -29.28 21.51 -15.68
C ILE G 28 -28.79 20.48 -14.68
N LEU G 29 -28.05 20.92 -13.66
CA LEU G 29 -27.48 19.97 -12.70
C LEU G 29 -28.55 19.25 -11.91
N VAL G 30 -29.55 19.98 -11.41
CA VAL G 30 -30.59 19.36 -10.61
C VAL G 30 -31.43 18.41 -11.46
N ASN G 31 -31.78 18.84 -12.68
CA ASN G 31 -32.63 18.00 -13.53
C ASN G 31 -31.88 16.82 -14.13
N ILE G 32 -30.55 16.91 -14.27
CA ILE G 32 -29.77 15.74 -14.63
C ILE G 32 -29.81 14.71 -13.51
N GLY G 33 -29.68 15.16 -12.27
CA GLY G 33 -29.81 14.24 -11.14
C GLY G 33 -31.17 13.58 -11.07
N LYS G 34 -32.20 14.23 -11.60
CA LYS G 34 -33.53 13.63 -11.62
C LYS G 34 -33.64 12.56 -12.71
N ILE G 35 -33.18 12.88 -13.93
CA ILE G 35 -33.24 11.90 -15.01
C ILE G 35 -32.24 10.77 -14.83
N LEU G 36 -31.29 10.92 -13.91
CA LEU G 36 -30.37 9.83 -13.62
C LEU G 36 -31.10 8.62 -13.03
N GLN G 37 -32.29 8.84 -12.47
CA GLN G 37 -33.15 7.77 -12.01
C GLN G 37 -34.13 7.32 -13.10
N ASP G 38 -33.83 7.63 -14.36
CA ASP G 38 -34.76 7.36 -15.46
C ASP G 38 -33.90 7.25 -16.72
N GLN G 39 -33.35 6.04 -16.92
CA GLN G 39 -32.55 5.73 -18.11
C GLN G 39 -33.26 6.00 -19.43
N PRO G 40 -34.52 5.61 -19.64
CA PRO G 40 -35.15 5.91 -20.94
C PRO G 40 -35.20 7.39 -21.28
N SER G 41 -35.41 8.27 -20.30
CA SER G 41 -35.47 9.69 -20.58
C SER G 41 -34.09 10.25 -20.95
N MET G 42 -33.04 9.72 -20.35
CA MET G 42 -31.68 10.13 -20.75
C MET G 42 -31.41 9.75 -22.20
N GLU G 43 -31.68 8.49 -22.56
CA GLU G 43 -31.46 8.04 -23.92
C GLU G 43 -32.33 8.82 -24.91
N ALA G 44 -33.57 9.13 -24.52
CA ALA G 44 -34.43 9.93 -25.38
C ALA G 44 -33.86 11.33 -25.57
N LEU G 45 -33.32 11.92 -24.50
CA LEU G 45 -32.71 13.23 -24.61
C LEU G 45 -31.43 13.19 -25.43
N GLU G 46 -30.67 12.10 -25.31
CA GLU G 46 -29.50 11.91 -26.17
C GLU G 46 -29.89 11.97 -27.65
N ALA G 47 -30.91 11.21 -28.02
CA ALA G 47 -31.33 11.17 -29.42
C ALA G 47 -31.80 12.53 -29.91
N SER G 48 -32.57 13.25 -29.10
CA SER G 48 -33.05 14.57 -29.50
C SER G 48 -31.89 15.53 -29.71
N LEU G 49 -30.93 15.55 -28.77
CA LEU G 49 -29.78 16.44 -28.90
C LEU G 49 -28.87 16.01 -30.04
N GLY G 50 -28.67 14.70 -30.21
CA GLY G 50 -27.83 14.22 -31.29
C GLY G 50 -28.39 14.53 -32.67
N GLN G 51 -29.70 14.32 -32.85
CA GLN G 51 -30.33 14.65 -34.12
C GLN G 51 -30.39 16.15 -34.33
N GLY G 52 -30.61 16.91 -33.26
CA GLY G 52 -30.60 18.36 -33.38
C GLY G 52 -29.25 18.92 -33.75
N LEU G 53 -28.17 18.26 -33.31
CA LEU G 53 -26.83 18.72 -33.66
C LEU G 53 -26.50 18.40 -35.12
N CYS G 54 -27.01 17.28 -35.64
CA CYS G 54 -26.70 16.88 -37.01
C CYS G 54 -27.52 17.69 -38.01
N SER G 55 -28.80 17.89 -37.74
CA SER G 55 -29.68 18.60 -38.66
C SER G 55 -29.64 20.12 -38.46
N GLY G 56 -29.41 20.57 -37.23
CA GLY G 56 -29.46 22.00 -36.96
C GLY G 56 -30.83 22.61 -36.94
N GLY G 57 -31.88 21.79 -37.05
CA GLY G 57 -33.24 22.28 -37.07
C GLY G 57 -33.85 22.36 -35.68
N GLN G 58 -35.15 22.58 -35.64
CA GLN G 58 -35.85 22.76 -34.38
C GLN G 58 -35.92 21.45 -33.61
N VAL G 59 -35.75 21.54 -32.30
CA VAL G 59 -35.93 20.42 -31.38
C VAL G 59 -37.22 20.65 -30.62
N GLU G 60 -38.16 19.72 -30.75
CA GLU G 60 -39.46 19.87 -30.12
C GLU G 60 -39.36 19.69 -28.62
N PRO G 61 -40.17 20.41 -27.86
CA PRO G 61 -40.05 20.37 -26.40
C PRO G 61 -40.35 18.99 -25.83
N LEU G 62 -39.68 18.68 -24.71
CA LEU G 62 -39.89 17.45 -23.98
C LEU G 62 -40.54 17.77 -22.64
N ASP G 63 -41.09 16.73 -22.02
CA ASP G 63 -41.79 16.88 -20.75
C ASP G 63 -40.90 16.42 -19.60
N GLY G 64 -41.20 16.93 -18.41
CA GLY G 64 -40.49 16.56 -17.21
C GLY G 64 -39.11 17.16 -17.14
N PRO G 65 -38.21 16.52 -16.39
CA PRO G 65 -36.85 17.06 -16.24
C PRO G 65 -36.06 17.09 -17.53
N ALA G 66 -36.34 16.16 -18.46
CA ALA G 66 -35.68 16.21 -19.76
C ALA G 66 -36.00 17.50 -20.49
N GLY G 67 -37.23 18.00 -20.35
CA GLY G 67 -37.58 19.27 -20.95
C GLY G 67 -36.94 20.46 -20.25
N CYS G 68 -36.77 20.37 -18.93
CA CYS G 68 -36.11 21.43 -18.19
C CYS G 68 -34.65 21.57 -18.61
N ILE G 69 -33.99 20.45 -18.93
CA ILE G 69 -32.65 20.50 -19.48
C ILE G 69 -32.67 21.08 -20.89
N LEU G 70 -33.66 20.69 -21.69
CA LEU G 70 -33.72 21.17 -23.06
C LEU G 70 -33.99 22.67 -23.13
N GLU G 71 -34.73 23.20 -22.15
CA GLU G 71 -34.95 24.65 -22.09
C GLU G 71 -33.65 25.43 -22.02
N CYS G 72 -32.63 24.88 -21.36
CA CYS G 72 -31.36 25.55 -21.16
C CYS G 72 -30.40 25.37 -22.33
N LEU G 73 -30.82 24.71 -23.42
CA LEU G 73 -29.93 24.41 -24.53
C LEU G 73 -30.49 24.85 -25.88
N VAL G 74 -31.64 25.52 -25.91
CA VAL G 74 -32.30 25.88 -27.16
C VAL G 74 -32.54 27.38 -27.16
N LEU G 75 -32.59 27.96 -28.36
CA LEU G 75 -32.96 29.35 -28.54
C LEU G 75 -34.48 29.49 -28.53
N ASP G 76 -34.96 30.74 -28.65
CA ASP G 76 -36.40 30.94 -28.81
C ASP G 76 -36.89 30.35 -30.12
N SER G 77 -36.07 30.43 -31.18
CA SER G 77 -36.44 29.90 -32.47
C SER G 77 -36.35 28.37 -32.54
N GLY G 78 -35.84 27.72 -31.49
CA GLY G 78 -35.85 26.28 -31.38
C GLY G 78 -34.55 25.58 -31.67
N GLU G 79 -33.59 26.24 -32.31
CA GLU G 79 -32.32 25.56 -32.62
C GLU G 79 -31.51 25.35 -31.35
N LEU G 80 -30.72 24.28 -31.37
CA LEU G 80 -29.77 24.03 -30.29
C LEU G 80 -28.62 25.02 -30.35
N VAL G 81 -28.07 25.35 -29.19
CA VAL G 81 -26.80 26.06 -29.08
C VAL G 81 -25.69 25.02 -29.08
N PRO G 82 -24.95 24.85 -30.18
CA PRO G 82 -23.98 23.75 -30.25
C PRO G 82 -22.93 23.79 -29.15
N GLU G 83 -22.47 24.98 -28.76
CA GLU G 83 -21.45 25.07 -27.72
C GLU G 83 -21.97 24.58 -26.38
N LEU G 84 -23.27 24.64 -26.15
CA LEU G 84 -23.88 24.18 -24.90
C LEU G 84 -24.48 22.79 -25.00
N ALA G 85 -25.10 22.45 -26.14
CA ALA G 85 -25.77 21.17 -26.26
C ALA G 85 -24.77 20.02 -26.42
N ALA G 86 -23.68 20.26 -27.13
CA ALA G 86 -22.70 19.20 -27.37
C ALA G 86 -22.11 18.63 -26.09
N PRO G 87 -21.67 19.42 -25.10
CA PRO G 87 -21.16 18.81 -23.86
C PRO G 87 -22.23 18.03 -23.11
N ILE G 88 -23.49 18.46 -23.17
CA ILE G 88 -24.56 17.72 -22.49
C ILE G 88 -24.77 16.38 -23.17
N PHE G 89 -24.73 16.35 -24.51
CA PHE G 89 -24.81 15.08 -25.22
C PHE G 89 -23.63 14.18 -24.87
N TYR G 90 -22.42 14.76 -24.77
CA TYR G 90 -21.25 13.98 -24.36
C TYR G 90 -21.39 13.46 -22.95
N LEU G 91 -22.04 14.23 -22.07
CA LEU G 91 -22.24 13.79 -20.69
C LEU G 91 -23.26 12.66 -20.61
N LEU G 92 -24.40 12.83 -21.29
CA LEU G 92 -25.45 11.81 -21.25
C LEU G 92 -24.99 10.50 -21.86
N GLY G 93 -24.16 10.55 -22.91
CA GLY G 93 -23.62 9.32 -23.47
C GLY G 93 -22.69 8.61 -22.52
N ALA G 94 -21.85 9.36 -21.80
CA ALA G 94 -20.98 8.75 -20.81
C ALA G 94 -21.75 8.20 -19.63
N LEU G 95 -22.90 8.81 -19.30
CA LEU G 95 -23.74 8.27 -18.24
C LEU G 95 -24.44 6.99 -18.66
N ALA G 96 -24.76 6.85 -19.95
CA ALA G 96 -25.35 5.62 -20.45
C ALA G 96 -24.37 4.45 -20.39
N VAL G 97 -23.07 4.74 -20.38
CA VAL G 97 -22.08 3.67 -20.23
C VAL G 97 -22.07 3.15 -18.80
N LEU G 98 -22.34 4.02 -17.83
CA LEU G 98 -22.35 3.62 -16.43
C LEU G 98 -23.50 2.66 -16.15
N SER G 99 -23.41 1.96 -15.03
CA SER G 99 -24.49 1.08 -14.61
C SER G 99 -25.63 1.90 -14.00
N GLU G 100 -26.79 1.26 -13.89
CA GLU G 100 -27.95 1.93 -13.30
C GLU G 100 -27.70 2.26 -11.84
N THR G 101 -27.01 1.38 -11.12
CA THR G 101 -26.67 1.64 -9.72
C THR G 101 -25.76 2.86 -9.59
N GLN G 102 -24.77 2.97 -10.48
CA GLN G 102 -23.89 4.14 -10.45
C GLN G 102 -24.66 5.43 -10.72
N GLN G 103 -25.65 5.37 -11.61
CA GLN G 103 -26.46 6.55 -11.90
C GLN G 103 -27.24 7.02 -10.67
N GLN G 104 -27.79 6.08 -9.91
CA GLN G 104 -28.52 6.46 -8.69
C GLN G 104 -27.58 7.06 -7.66
N LEU G 105 -26.37 6.50 -7.54
CA LEU G 105 -25.39 7.04 -6.59
C LEU G 105 -24.95 8.44 -6.99
N LEU G 106 -24.77 8.68 -8.29
CA LEU G 106 -24.40 10.02 -8.74
C LEU G 106 -25.50 11.01 -8.43
N ALA G 107 -26.76 10.59 -8.52
CA ALA G 107 -27.87 11.45 -8.13
C ALA G 107 -27.80 11.81 -6.65
N LYS G 108 -27.22 10.93 -5.83
CA LYS G 108 -27.04 11.23 -4.41
C LYS G 108 -25.87 12.16 -4.19
N ALA G 109 -24.79 12.00 -4.97
CA ALA G 109 -23.55 12.73 -4.72
C ALA G 109 -23.61 14.17 -5.18
N LEU G 110 -24.55 14.52 -6.05
CA LEU G 110 -24.64 15.89 -6.55
C LEU G 110 -24.99 16.87 -5.44
N GLU G 111 -25.70 16.42 -4.42
CA GLU G 111 -26.20 17.30 -3.36
C GLU G 111 -25.12 17.75 -2.39
N THR G 112 -23.90 17.21 -2.48
CA THR G 112 -22.82 17.55 -1.57
C THR G 112 -21.56 17.88 -2.36
N THR G 113 -20.50 18.24 -1.62
CA THR G 113 -19.20 18.47 -2.22
C THR G 113 -18.44 17.19 -2.51
N VAL G 114 -19.02 16.03 -2.17
CA VAL G 114 -18.35 14.75 -2.38
C VAL G 114 -18.10 14.51 -3.87
N LEU G 115 -18.94 15.10 -4.73
CA LEU G 115 -18.73 15.01 -6.17
C LEU G 115 -17.31 15.41 -6.55
N SER G 116 -16.80 16.50 -5.96
CA SER G 116 -15.44 16.94 -6.25
C SER G 116 -14.41 15.91 -5.81
N LYS G 117 -14.53 15.42 -4.57
CA LYS G 117 -13.60 14.41 -4.06
C LYS G 117 -13.59 13.17 -4.94
N GLN G 118 -14.77 12.68 -5.31
CA GLN G 118 -14.86 11.48 -6.14
C GLN G 118 -14.16 11.68 -7.48
N LEU G 119 -14.30 12.87 -8.09
CA LEU G 119 -13.61 13.15 -9.34
C LEU G 119 -12.11 13.03 -9.17
N GLU G 120 -11.55 13.63 -8.13
CA GLU G 120 -10.10 13.57 -7.92
C GLU G 120 -9.65 12.15 -7.60
N LEU G 121 -10.54 11.34 -7.02
CA LEU G 121 -10.20 9.93 -6.79
C LEU G 121 -10.13 9.18 -8.12
N VAL G 122 -11.15 9.31 -8.96
CA VAL G 122 -11.16 8.65 -10.26
C VAL G 122 -10.03 9.18 -11.14
N LYS G 123 -9.81 10.50 -11.11
CA LYS G 123 -8.69 11.08 -11.84
C LYS G 123 -7.38 10.44 -11.45
N HIS G 124 -7.14 10.30 -10.14
CA HIS G 124 -5.91 9.66 -9.66
C HIS G 124 -5.82 8.21 -10.12
N VAL G 125 -6.95 7.50 -10.12
CA VAL G 125 -6.95 6.10 -10.58
C VAL G 125 -6.52 6.02 -12.03
N LEU G 126 -6.95 6.97 -12.86
CA LEU G 126 -6.55 6.95 -14.26
C LEU G 126 -5.08 7.37 -14.43
N GLU G 127 -4.61 8.29 -13.58
CA GLU G 127 -3.21 8.71 -13.67
C GLU G 127 -2.28 7.61 -13.17
N GLN G 128 -2.59 7.04 -12.00
CA GLN G 128 -1.68 6.10 -11.36
C GLN G 128 -1.68 4.73 -12.05
N SER G 129 -2.70 4.41 -12.83
CA SER G 129 -2.77 3.10 -13.47
C SER G 129 -2.08 3.06 -14.82
N THR G 130 -1.58 4.19 -15.31
CA THR G 130 -0.80 4.20 -16.55
C THR G 130 0.52 3.47 -16.32
N PRO G 131 0.91 2.52 -17.18
CA PRO G 131 0.24 2.13 -18.43
C PRO G 131 -1.04 1.32 -18.21
N TRP G 132 -2.09 1.71 -18.93
CA TRP G 132 -3.41 1.09 -18.72
C TRP G 132 -3.41 -0.38 -19.08
N GLN G 133 -2.51 -0.81 -19.96
CA GLN G 133 -2.52 -2.20 -20.43
C GLN G 133 -1.93 -3.17 -19.41
N GLU G 134 -1.41 -2.67 -18.29
CA GLU G 134 -0.87 -3.51 -17.22
C GLU G 134 -1.74 -3.39 -15.97
N GLN G 135 -1.84 -4.49 -15.23
CA GLN G 135 -2.49 -4.44 -13.93
C GLN G 135 -1.59 -3.72 -12.92
N SER G 136 -2.22 -3.05 -11.95
CA SER G 136 -1.48 -2.27 -10.98
C SER G 136 -2.37 -2.01 -9.77
N SER G 137 -1.78 -1.38 -8.75
CA SER G 137 -2.49 -0.98 -7.54
C SER G 137 -2.32 0.51 -7.33
N VAL G 138 -3.31 1.12 -6.67
CA VAL G 138 -3.35 2.57 -6.47
C VAL G 138 -3.74 2.85 -5.03
N SER G 139 -2.97 3.73 -4.38
CA SER G 139 -3.31 4.19 -3.04
C SER G 139 -4.11 5.49 -3.12
N LEU G 140 -4.94 5.72 -2.09
CA LEU G 140 -5.81 6.87 -2.07
C LEU G 140 -5.57 7.71 -0.83
N PRO G 141 -5.60 9.03 -0.95
CA PRO G 141 -5.46 9.89 0.24
C PRO G 141 -6.66 9.72 1.18
N THR G 142 -6.36 9.72 2.48
CA THR G 142 -7.42 9.54 3.49
C THR G 142 -8.43 10.68 3.45
N VAL G 143 -8.00 11.89 3.07
CA VAL G 143 -8.88 13.04 3.08
C VAL G 143 -10.01 12.95 2.06
N LEU G 144 -9.93 12.02 1.11
CA LEU G 144 -10.97 11.86 0.10
C LEU G 144 -11.86 10.65 0.32
N LEU G 145 -11.53 9.77 1.27
CA LEU G 145 -12.30 8.54 1.48
C LEU G 145 -13.51 8.73 2.37
N GLY G 146 -13.69 9.92 2.97
CA GLY G 146 -14.83 10.14 3.84
C GLY G 146 -14.58 9.64 5.25
N ASP G 147 -15.68 9.50 5.99
CA ASP G 147 -15.59 9.06 7.38
C ASP G 147 -15.36 7.56 7.49
N CYS G 148 -16.06 6.77 6.67
CA CYS G 148 -15.98 5.31 6.73
C CYS G 148 -15.70 4.78 5.33
N TRP G 149 -14.54 4.17 5.16
CA TRP G 149 -14.12 3.57 3.88
C TRP G 149 -14.33 2.07 3.96
N ASP G 150 -15.40 1.59 3.33
CA ASP G 150 -15.73 0.17 3.31
C ASP G 150 -16.64 -0.08 2.11
N GLU G 151 -17.13 -1.32 2.00
CA GLU G 151 -17.98 -1.69 0.86
C GLU G 151 -19.34 -1.00 0.89
N LYS G 152 -19.64 -0.24 1.94
CA LYS G 152 -20.87 0.56 2.01
C LYS G 152 -20.64 2.01 1.63
N ASN G 153 -19.41 2.41 1.37
CA ASN G 153 -19.13 3.78 0.95
C ASN G 153 -19.61 3.98 -0.49
N PRO G 154 -20.28 5.10 -0.77
CA PRO G 154 -20.76 5.32 -2.15
C PRO G 154 -19.66 5.36 -3.18
N THR G 155 -18.49 5.90 -2.82
CA THR G 155 -17.36 5.91 -3.76
C THR G 155 -16.85 4.49 -3.99
N TRP G 156 -16.87 3.65 -2.96
CA TRP G 156 -16.51 2.25 -3.12
C TRP G 156 -17.39 1.58 -4.18
N VAL G 157 -18.71 1.75 -4.07
CA VAL G 157 -19.63 1.12 -5.01
C VAL G 157 -19.45 1.71 -6.41
N LEU G 158 -19.21 3.02 -6.49
CA LEU G 158 -18.97 3.66 -7.79
C LEU G 158 -17.76 3.06 -8.49
N LEU G 159 -16.66 2.88 -7.74
CA LEU G 159 -15.45 2.31 -8.34
C LEU G 159 -15.60 0.81 -8.57
N GLU G 160 -16.29 0.12 -7.66
CA GLU G 160 -16.43 -1.34 -7.79
C GLU G 160 -17.26 -1.70 -9.01
N GLU G 161 -18.33 -0.96 -9.28
CA GLU G 161 -19.18 -1.21 -10.43
C GLU G 161 -18.50 -0.88 -11.76
N CYS G 162 -17.38 -0.16 -11.73
CA CYS G 162 -16.58 0.05 -12.93
C CYS G 162 -15.75 -1.16 -13.31
N GLY G 163 -15.77 -2.22 -12.49
CA GLY G 163 -14.93 -3.37 -12.70
C GLY G 163 -13.63 -3.38 -11.91
N LEU G 164 -13.46 -2.43 -10.98
CA LEU G 164 -12.26 -2.34 -10.18
C LEU G 164 -12.44 -3.12 -8.88
N ARG G 165 -11.36 -3.76 -8.44
CA ARG G 165 -11.36 -4.51 -7.19
C ARG G 165 -10.85 -3.61 -6.07
N LEU G 166 -11.66 -3.48 -5.01
CA LEU G 166 -11.37 -2.54 -3.95
C LEU G 166 -11.09 -3.26 -2.63
N GLN G 167 -10.51 -2.51 -1.69
CA GLN G 167 -10.19 -3.01 -0.37
C GLN G 167 -10.12 -1.83 0.58
N VAL G 168 -10.08 -2.12 1.88
CA VAL G 168 -10.11 -1.07 2.89
C VAL G 168 -8.73 -0.44 3.08
N GLU G 169 -7.71 -1.27 3.24
CA GLU G 169 -6.38 -0.76 3.52
C GLU G 169 -5.65 -0.35 2.24
N SER G 170 -4.74 0.61 2.39
CA SER G 170 -3.94 1.07 1.27
C SER G 170 -2.96 -0.01 0.83
N PRO G 171 -2.81 -0.24 -0.49
CA PRO G 171 -3.53 0.44 -1.57
C PRO G 171 -4.96 -0.07 -1.76
N GLN G 172 -5.92 0.85 -1.84
CA GLN G 172 -7.33 0.47 -1.82
C GLN G 172 -7.85 0.03 -3.18
N VAL G 173 -7.21 0.43 -4.28
CA VAL G 173 -7.72 0.17 -5.62
C VAL G 173 -6.74 -0.74 -6.35
N HIS G 174 -7.26 -1.76 -7.03
CA HIS G 174 -6.48 -2.63 -7.90
C HIS G 174 -7.06 -2.50 -9.31
N TRP G 175 -6.28 -1.94 -10.22
CA TRP G 175 -6.78 -1.62 -11.57
C TRP G 175 -6.71 -2.85 -12.47
N GLU G 176 -7.81 -3.12 -13.17
CA GLU G 176 -7.87 -4.13 -14.21
C GLU G 176 -8.10 -3.44 -15.55
N PRO G 177 -7.29 -3.74 -16.58
CA PRO G 177 -7.37 -2.97 -17.83
C PRO G 177 -8.72 -3.03 -18.51
N THR G 178 -9.52 -4.07 -18.29
CA THR G 178 -10.85 -4.14 -18.85
C THR G 178 -11.79 -3.07 -18.30
N SER G 179 -11.40 -2.39 -17.22
CA SER G 179 -12.21 -1.36 -16.60
C SER G 179 -11.97 0.02 -17.20
N LEU G 180 -11.15 0.11 -18.25
CA LEU G 180 -10.76 1.41 -18.78
C LEU G 180 -11.95 2.15 -19.37
N ILE G 181 -12.72 1.50 -20.24
CA ILE G 181 -13.85 2.17 -20.89
C ILE G 181 -14.90 2.64 -19.89
N PRO G 182 -15.37 1.81 -18.94
CA PRO G 182 -16.38 2.32 -18.00
C PRO G 182 -15.84 3.36 -17.03
N THR G 183 -14.63 3.13 -16.47
CA THR G 183 -14.07 4.09 -15.52
C THR G 183 -13.87 5.46 -16.16
N SER G 184 -13.32 5.49 -17.37
CA SER G 184 -13.15 6.75 -18.09
C SER G 184 -14.47 7.50 -18.21
N ALA G 185 -15.55 6.77 -18.55
CA ALA G 185 -16.86 7.40 -18.64
C ALA G 185 -17.27 8.00 -17.30
N LEU G 186 -17.03 7.28 -16.20
CA LEU G 186 -17.32 7.83 -14.87
C LEU G 186 -16.52 9.10 -14.62
N TYR G 187 -15.23 9.09 -15.00
CA TYR G 187 -14.41 10.30 -14.89
C TYR G 187 -15.04 11.46 -15.67
N ALA G 188 -15.36 11.23 -16.94
CA ALA G 188 -15.98 12.28 -17.75
C ALA G 188 -17.28 12.76 -17.12
N SER G 189 -18.09 11.83 -16.61
CA SER G 189 -19.32 12.21 -15.92
C SER G 189 -19.02 13.10 -14.72
N LEU G 190 -18.17 12.62 -13.81
CA LEU G 190 -17.85 13.38 -12.61
C LEU G 190 -17.23 14.74 -12.94
N PHE G 191 -16.44 14.81 -14.01
CA PHE G 191 -15.82 16.08 -14.38
C PHE G 191 -16.86 17.10 -14.82
N LEU G 192 -17.72 16.72 -15.77
CA LEU G 192 -18.71 17.67 -16.28
C LEU G 192 -19.73 18.04 -15.21
N LEU G 193 -20.12 17.08 -14.37
CA LEU G 193 -21.02 17.38 -13.26
C LEU G 193 -20.38 18.38 -12.29
N SER G 194 -19.08 18.22 -12.02
CA SER G 194 -18.39 19.15 -11.14
C SER G 194 -18.32 20.54 -11.75
N SER G 195 -18.12 20.63 -13.06
CA SER G 195 -18.04 21.94 -13.70
C SER G 195 -19.38 22.66 -13.74
N LEU G 196 -20.48 21.95 -13.53
CA LEU G 196 -21.80 22.57 -13.48
C LEU G 196 -22.16 23.08 -12.09
N GLY G 197 -21.60 22.48 -11.04
CA GLY G 197 -21.89 22.90 -9.69
C GLY G 197 -20.89 23.91 -9.16
N GLN G 198 -20.24 24.62 -10.07
CA GLN G 198 -19.22 25.62 -9.73
C GLN G 198 -19.77 27.04 -9.85
N ALA H 1 10.15 73.48 8.51
CA ALA H 1 8.74 73.21 8.25
C ALA H 1 8.03 74.47 7.74
N GLU H 2 8.40 75.62 8.30
CA GLU H 2 7.80 76.88 7.87
C GLU H 2 8.18 77.20 6.44
N VAL H 3 9.45 76.99 6.07
CA VAL H 3 9.88 77.25 4.71
C VAL H 3 9.32 76.20 3.76
N LYS H 4 9.25 74.95 4.21
CA LYS H 4 8.68 73.89 3.36
C LYS H 4 7.22 74.17 3.07
N ALA H 5 6.48 74.67 4.06
CA ALA H 5 5.09 75.06 3.81
C ALA H 5 5.02 76.22 2.84
N CYS H 6 5.95 77.17 2.96
CA CYS H 6 6.02 78.28 2.01
C CYS H 6 6.44 77.79 0.64
N SER H 7 7.39 76.85 0.58
CA SER H 7 7.84 76.32 -0.71
C SER H 7 6.82 75.39 -1.33
N SER H 8 5.87 74.87 -0.54
CA SER H 8 4.87 73.95 -1.07
C SER H 8 3.96 74.67 -2.06
N GLU H 9 3.51 75.88 -1.74
CA GLU H 9 2.64 76.62 -2.63
C GLU H 9 3.37 77.06 -3.90
N LEU H 10 4.69 77.19 -3.85
CA LEU H 10 5.45 77.49 -5.07
C LEU H 10 5.49 76.30 -6.01
N GLU H 11 5.34 75.09 -5.48
CA GLU H 11 5.32 73.89 -6.31
C GLU H 11 4.11 73.89 -7.25
N SER H 12 3.06 74.64 -6.92
CA SER H 12 1.86 74.72 -7.75
C SER H 12 2.00 75.73 -8.89
N LEU H 13 3.13 76.41 -9.00
CA LEU H 13 3.34 77.34 -10.10
C LEU H 13 3.85 76.60 -11.33
N GLU H 14 3.49 77.12 -12.50
CA GLU H 14 3.87 76.51 -13.77
C GLU H 14 5.39 76.42 -13.91
N MET H 15 5.84 75.40 -14.64
CA MET H 15 7.27 75.17 -14.81
C MET H 15 7.96 76.37 -15.46
N GLU H 16 7.34 76.94 -16.49
CA GLU H 16 7.94 78.09 -17.17
C GLU H 16 8.02 79.30 -16.25
N LEU H 17 7.01 79.50 -15.40
CA LEU H 17 7.04 80.62 -14.48
C LEU H 17 8.04 80.41 -13.36
N ARG H 18 8.21 79.16 -12.90
CA ARG H 18 9.23 78.88 -11.91
C ARG H 18 10.64 79.08 -12.47
N GLN H 19 10.82 78.82 -13.76
CA GLN H 19 12.08 79.16 -14.42
C GLN H 19 12.17 80.65 -14.70
N GLN H 20 11.04 81.31 -14.99
CA GLN H 20 11.07 82.75 -15.22
C GLN H 20 11.41 83.50 -13.94
N ILE H 21 10.80 83.11 -12.82
CA ILE H 21 11.14 83.72 -11.53
C ILE H 21 12.60 83.47 -11.19
N LEU H 22 13.08 82.26 -11.42
CA LEU H 22 14.45 81.90 -11.05
C LEU H 22 15.48 82.71 -11.83
N VAL H 23 15.28 82.84 -13.15
CA VAL H 23 16.21 83.59 -13.97
C VAL H 23 16.19 85.06 -13.60
N ASN H 24 15.00 85.63 -13.44
CA ASN H 24 14.89 87.06 -13.14
C ASN H 24 15.28 87.40 -11.71
N ILE H 25 15.17 86.44 -10.78
CA ILE H 25 15.74 86.66 -9.45
C ILE H 25 17.25 86.72 -9.52
N GLY H 26 17.85 85.80 -10.29
CA GLY H 26 19.29 85.85 -10.48
C GLY H 26 19.78 87.12 -11.15
N LYS H 27 18.93 87.76 -11.95
CA LYS H 27 19.32 89.00 -12.60
C LYS H 27 19.26 90.18 -11.64
N ILE H 28 18.15 90.35 -10.92
CA ILE H 28 18.03 91.47 -9.99
C ILE H 28 18.87 91.32 -8.75
N LEU H 29 19.38 90.12 -8.46
CA LEU H 29 20.25 89.93 -7.31
C LEU H 29 21.55 90.70 -7.47
N GLU H 36 14.30 95.53 -2.68
CA GLU H 36 13.65 96.32 -1.65
C GLU H 36 12.33 96.91 -2.16
N ALA H 37 12.31 97.35 -3.42
CA ALA H 37 11.08 97.88 -3.99
C ALA H 37 10.02 96.80 -4.09
N LEU H 38 10.41 95.59 -4.46
CA LEU H 38 9.45 94.48 -4.51
C LEU H 38 9.02 94.06 -3.11
N GLU H 39 9.92 94.15 -2.14
CA GLU H 39 9.57 93.88 -0.75
C GLU H 39 8.42 94.75 -0.28
N ALA H 40 8.55 96.07 -0.48
CA ALA H 40 7.51 96.99 -0.04
C ALA H 40 6.21 96.78 -0.79
N SER H 41 6.30 96.56 -2.12
CA SER H 41 5.10 96.36 -2.92
C SER H 41 4.31 95.13 -2.46
N LEU H 42 5.00 94.03 -2.21
CA LEU H 42 4.30 92.81 -1.77
C LEU H 42 3.68 92.99 -0.39
N GLY H 43 4.40 93.66 0.52
CA GLY H 43 3.84 93.90 1.84
C GLY H 43 2.62 94.79 1.82
N GLN H 44 2.63 95.80 0.95
CA GLN H 44 1.47 96.68 0.82
C GLN H 44 0.29 95.93 0.20
N GLY H 45 0.56 95.07 -0.78
CA GLY H 45 -0.53 94.35 -1.42
C GLY H 45 -1.14 93.26 -0.56
N LEU H 46 -0.36 92.65 0.32
CA LEU H 46 -0.90 91.62 1.20
C LEU H 46 -1.73 92.23 2.32
N CYS H 47 -1.34 93.42 2.82
CA CYS H 47 -2.07 94.03 3.92
C CYS H 47 -3.36 94.69 3.44
N SER H 48 -3.34 95.28 2.24
CA SER H 48 -4.51 95.98 1.71
C SER H 48 -5.43 95.06 0.93
N GLY H 49 -4.87 94.16 0.12
CA GLY H 49 -5.67 93.34 -0.76
C GLY H 49 -6.09 94.01 -2.05
N GLY H 50 -5.60 95.22 -2.31
CA GLY H 50 -5.95 95.94 -3.51
C GLY H 50 -4.98 95.67 -4.65
N GLN H 51 -5.06 96.52 -5.67
CA GLN H 51 -4.22 96.38 -6.85
C GLN H 51 -2.79 96.82 -6.56
N VAL H 52 -1.85 96.22 -7.28
CA VAL H 52 -0.43 96.54 -7.16
C VAL H 52 0.03 97.13 -8.48
N GLU H 53 0.89 98.15 -8.40
CA GLU H 53 1.37 98.82 -9.61
C GLU H 53 2.54 98.08 -10.21
N PRO H 54 2.63 98.03 -11.54
CA PRO H 54 3.69 97.28 -12.19
C PRO H 54 5.06 97.91 -11.98
N LEU H 55 6.07 97.05 -11.95
CA LEU H 55 7.47 97.45 -11.85
C LEU H 55 8.17 97.15 -13.17
N ASP H 56 9.34 97.76 -13.35
CA ASP H 56 10.08 97.64 -14.60
C ASP H 56 11.23 96.63 -14.48
N GLY H 57 11.64 96.12 -15.64
CA GLY H 57 12.76 95.21 -15.74
C GLY H 57 12.45 93.81 -15.24
N PRO H 58 13.48 93.08 -14.84
CA PRO H 58 13.26 91.71 -14.35
C PRO H 58 12.43 91.64 -13.09
N ALA H 59 12.49 92.68 -12.24
CA ALA H 59 11.64 92.73 -11.06
C ALA H 59 10.16 92.73 -11.47
N GLY H 60 9.84 93.38 -12.59
CA GLY H 60 8.48 93.33 -13.09
C GLY H 60 8.13 91.97 -13.67
N CYS H 61 9.11 91.28 -14.27
CA CYS H 61 8.88 89.92 -14.74
C CYS H 61 8.57 88.99 -13.58
N ILE H 62 9.20 89.23 -12.43
CA ILE H 62 8.86 88.47 -11.23
C ILE H 62 7.48 88.83 -10.73
N LEU H 63 7.12 90.11 -10.77
CA LEU H 63 5.82 90.54 -10.28
C LEU H 63 4.69 89.99 -11.14
N GLU H 64 4.94 89.79 -12.43
CA GLU H 64 3.93 89.18 -13.29
C GLU H 64 3.51 87.80 -12.78
N CYS H 65 4.43 87.09 -12.13
CA CYS H 65 4.18 85.73 -11.66
C CYS H 65 3.48 85.68 -10.31
N LEU H 66 3.08 86.83 -9.75
CA LEU H 66 2.44 86.85 -8.45
C LEU H 66 1.12 87.62 -8.43
N VAL H 67 0.68 88.13 -9.57
CA VAL H 67 -0.51 88.97 -9.64
C VAL H 67 -1.44 88.45 -10.72
N LEU H 68 -2.73 88.71 -10.56
CA LEU H 68 -3.71 88.42 -11.59
C LEU H 68 -3.69 89.54 -12.63
N ASP H 69 -4.53 89.43 -13.65
CA ASP H 69 -4.67 90.52 -14.62
C ASP H 69 -5.20 91.78 -13.96
N SER H 70 -6.09 91.65 -12.98
CA SER H 70 -6.65 92.82 -12.32
C SER H 70 -5.67 93.48 -11.36
N GLY H 71 -4.51 92.89 -11.11
CA GLY H 71 -3.45 93.52 -10.35
C GLY H 71 -3.29 93.05 -8.91
N GLU H 72 -4.29 92.37 -8.35
CA GLU H 72 -4.16 91.93 -6.97
C GLU H 72 -3.12 90.82 -6.84
N LEU H 73 -2.50 90.75 -5.66
CA LEU H 73 -1.55 89.69 -5.39
C LEU H 73 -2.27 88.35 -5.26
N VAL H 74 -1.56 87.28 -5.66
CA VAL H 74 -1.99 85.92 -5.36
C VAL H 74 -1.37 85.59 -4.00
N PRO H 75 -2.16 85.57 -2.93
CA PRO H 75 -1.56 85.38 -1.59
C PRO H 75 -0.76 84.10 -1.45
N GLU H 76 -1.22 83.01 -2.07
CA GLU H 76 -0.49 81.74 -1.97
C GLU H 76 0.88 81.84 -2.64
N LEU H 77 1.05 82.72 -3.62
CA LEU H 77 2.31 82.88 -4.32
C LEU H 77 3.12 84.07 -3.82
N ALA H 78 2.47 85.19 -3.49
CA ALA H 78 3.19 86.40 -3.09
C ALA H 78 3.78 86.26 -1.70
N ALA H 79 3.07 85.60 -0.78
CA ALA H 79 3.56 85.50 0.60
C ALA H 79 4.92 84.80 0.71
N PRO H 80 5.17 83.65 0.06
CA PRO H 80 6.52 83.07 0.15
C PRO H 80 7.59 83.94 -0.49
N ILE H 81 7.27 84.67 -1.55
CA ILE H 81 8.26 85.52 -2.20
C ILE H 81 8.68 86.66 -1.28
N PHE H 82 7.74 87.26 -0.56
CA PHE H 82 8.10 88.28 0.42
C PHE H 82 8.97 87.70 1.52
N TYR H 83 8.72 86.45 1.90
CA TYR H 83 9.50 85.80 2.94
C TYR H 83 10.88 85.41 2.41
N SER H 92 24.51 89.76 1.84
CA SER H 92 25.45 90.75 1.34
C SER H 92 25.51 90.73 -0.19
N GLU H 93 26.09 91.80 -0.77
CA GLU H 93 26.20 91.88 -2.22
C GLU H 93 27.08 90.76 -2.78
N THR H 94 28.15 90.39 -2.05
CA THR H 94 29.01 89.32 -2.51
C THR H 94 28.26 88.00 -2.59
N GLN H 95 27.43 87.70 -1.59
CA GLN H 95 26.60 86.50 -1.63
C GLN H 95 25.59 86.57 -2.77
N GLN H 96 25.06 87.76 -3.05
CA GLN H 96 24.10 87.91 -4.15
C GLN H 96 24.75 87.58 -5.49
N GLN H 97 25.97 88.05 -5.70
CA GLN H 97 26.67 87.78 -6.96
C GLN H 97 26.98 86.29 -7.11
N LEU H 98 27.38 85.64 -6.01
CA LEU H 98 27.70 84.21 -6.07
C LEU H 98 26.47 83.37 -6.41
N LEU H 99 25.33 83.68 -5.80
CA LEU H 99 24.11 82.94 -6.10
C LEU H 99 23.67 83.15 -7.54
N ALA H 100 23.85 84.35 -8.07
CA ALA H 100 23.55 84.64 -9.48
C ALA H 100 24.41 83.79 -10.41
N VAL H 107 25.02 72.77 -8.40
CA VAL H 107 25.81 73.02 -7.20
C VAL H 107 24.97 73.81 -6.20
N LEU H 108 24.01 74.58 -6.71
CA LEU H 108 23.06 75.29 -5.85
C LEU H 108 22.45 74.35 -4.82
N SER H 109 22.04 73.15 -5.26
CA SER H 109 21.52 72.16 -4.34
C SER H 109 22.58 71.76 -3.31
N LYS H 110 23.80 71.50 -3.80
CA LYS H 110 24.90 71.13 -2.92
C LYS H 110 25.12 72.18 -1.83
N GLN H 111 25.10 73.46 -2.21
CA GLN H 111 25.30 74.51 -1.22
C GLN H 111 24.22 74.46 -0.15
N LEU H 112 22.96 74.28 -0.57
CA LEU H 112 21.86 74.10 0.39
C LEU H 112 22.10 72.86 1.24
N GLU H 113 22.46 71.74 0.59
CA GLU H 113 22.61 70.47 1.29
C GLU H 113 23.75 70.51 2.30
N LEU H 114 24.79 71.30 2.04
CA LEU H 114 25.87 71.48 3.01
C LEU H 114 25.43 72.35 4.19
N VAL H 115 24.83 73.51 3.90
CA VAL H 115 24.45 74.45 4.94
C VAL H 115 23.45 73.85 5.91
N LYS H 116 22.51 73.04 5.40
CA LYS H 116 21.55 72.36 6.28
C LYS H 116 22.27 71.58 7.37
N HIS H 117 23.34 70.85 7.01
CA HIS H 117 24.10 70.09 7.99
C HIS H 117 24.73 71.00 9.03
N VAL H 118 25.19 72.19 8.63
CA VAL H 118 25.82 73.11 9.57
C VAL H 118 24.85 73.48 10.68
N LEU H 119 23.58 73.67 10.35
CA LEU H 119 22.58 74.00 11.37
C LEU H 119 22.23 72.79 12.23
N GLU H 120 22.26 71.59 11.65
CA GLU H 120 21.94 70.39 12.42
C GLU H 120 23.03 70.05 13.42
N GLN H 121 24.30 70.09 12.98
CA GLN H 121 25.40 69.67 13.84
C GLN H 121 25.69 70.67 14.95
N SER H 122 25.26 71.92 14.81
CA SER H 122 25.55 72.95 15.80
C SER H 122 24.49 73.06 16.89
N THR H 123 23.39 72.33 16.81
CA THR H 123 22.39 72.35 17.87
C THR H 123 22.94 71.67 19.12
N PRO H 124 22.85 72.32 20.31
CA PRO H 124 22.28 73.64 20.60
C PRO H 124 23.16 74.77 20.09
N TRP H 125 22.51 75.73 19.43
CA TRP H 125 23.19 76.80 18.69
C TRP H 125 24.00 77.73 19.59
N GLN H 126 23.68 77.81 20.88
CA GLN H 126 24.30 78.76 21.79
C GLN H 126 25.72 78.38 22.23
N GLU H 127 26.30 77.30 21.69
CA GLU H 127 27.65 76.89 22.06
C GLU H 127 28.63 77.20 20.92
N GLN H 128 29.82 77.64 21.31
CA GLN H 128 30.94 77.64 20.37
C GLN H 128 31.28 76.19 20.01
N SER H 129 31.34 75.90 18.72
CA SER H 129 31.49 74.51 18.30
C SER H 129 32.28 74.44 17.01
N SER H 130 32.67 73.22 16.66
CA SER H 130 33.33 72.92 15.40
C SER H 130 32.56 71.81 14.70
N VAL H 131 32.54 71.86 13.37
CA VAL H 131 31.73 70.95 12.56
C VAL H 131 32.60 70.36 11.46
N SER H 132 32.56 69.03 11.33
CA SER H 132 33.24 68.34 10.24
C SER H 132 32.28 68.15 9.08
N LEU H 133 32.79 68.33 7.87
CA LEU H 133 32.02 68.29 6.64
C LEU H 133 32.51 67.18 5.73
N PRO H 134 31.65 66.64 4.87
CA PRO H 134 32.11 65.68 3.87
C PRO H 134 33.03 66.33 2.86
N THR H 135 34.23 65.77 2.71
CA THR H 135 35.22 66.34 1.81
C THR H 135 34.75 66.29 0.35
N VAL H 136 33.93 65.31 0.00
CA VAL H 136 33.49 65.15 -1.39
C VAL H 136 32.66 66.35 -1.84
N LEU H 137 31.99 67.04 -0.91
CA LEU H 137 31.19 68.20 -1.24
C LEU H 137 31.92 69.52 -1.01
N LEU H 138 33.15 69.48 -0.52
CA LEU H 138 33.95 70.69 -0.34
C LEU H 138 34.71 71.07 -1.60
N GLY H 139 34.49 70.36 -2.70
CA GLY H 139 35.08 70.73 -3.98
C GLY H 139 36.42 70.07 -4.24
N ASP H 140 36.94 70.35 -5.43
CA ASP H 140 38.28 69.86 -5.79
C ASP H 140 39.33 70.44 -4.86
N CYS H 141 39.18 71.70 -4.48
CA CYS H 141 40.10 72.36 -3.56
C CYS H 141 39.26 73.19 -2.58
N TRP H 142 39.26 72.78 -1.32
CA TRP H 142 38.50 73.46 -0.27
C TRP H 142 39.39 74.54 0.36
N ASP H 143 39.12 75.80 0.01
CA ASP H 143 39.90 76.92 0.53
C ASP H 143 39.03 78.17 0.45
N GLU H 144 39.63 79.31 0.81
CA GLU H 144 38.90 80.57 0.86
C GLU H 144 38.47 81.09 -0.49
N LYS H 145 39.00 80.56 -1.59
CA LYS H 145 38.55 80.96 -2.92
C LYS H 145 37.33 80.19 -3.39
N ASN H 146 36.91 79.17 -2.65
CA ASN H 146 35.73 78.42 -3.02
C ASN H 146 34.47 79.26 -2.78
N PRO H 147 33.52 79.25 -3.71
CA PRO H 147 32.30 80.07 -3.52
C PRO H 147 31.52 79.70 -2.27
N THR H 148 31.51 78.43 -1.88
CA THR H 148 30.80 78.04 -0.66
C THR H 148 31.47 78.62 0.57
N TRP H 149 32.80 78.70 0.57
CA TRP H 149 33.51 79.37 1.67
C TRP H 149 33.06 80.82 1.80
N VAL H 150 32.96 81.54 0.68
CA VAL H 150 32.58 82.94 0.72
C VAL H 150 31.16 83.10 1.24
N LEU H 151 30.27 82.17 0.87
CA LEU H 151 28.91 82.18 1.42
C LEU H 151 28.95 82.04 2.94
N LEU H 152 29.75 81.10 3.44
CA LEU H 152 29.88 80.91 4.88
C LEU H 152 30.72 82.01 5.53
N GLU H 153 31.73 82.52 4.83
CA GLU H 153 32.61 83.53 5.42
C GLU H 153 31.85 84.82 5.73
N GLU H 154 30.95 85.21 4.83
CA GLU H 154 30.17 86.43 5.04
C GLU H 154 29.18 86.31 6.19
N CYS H 155 28.90 85.09 6.67
CA CYS H 155 28.08 84.92 7.85
C CYS H 155 28.81 85.18 9.16
N GLY H 156 30.13 85.37 9.13
CA GLY H 156 30.89 85.55 10.35
C GLY H 156 31.52 84.29 10.92
N LEU H 157 31.46 83.17 10.21
CA LEU H 157 31.96 81.91 10.74
C LEU H 157 33.45 81.78 10.48
N ARG H 158 34.20 81.37 11.50
CA ARG H 158 35.60 81.02 11.30
C ARG H 158 35.69 79.69 10.57
N LEU H 159 36.26 79.71 9.37
CA LEU H 159 36.40 78.52 8.55
C LEU H 159 37.87 78.14 8.43
N GLN H 160 38.11 76.92 7.99
CA GLN H 160 39.47 76.41 7.82
C GLN H 160 39.44 75.25 6.83
N VAL H 161 40.63 74.86 6.39
CA VAL H 161 40.76 73.79 5.40
C VAL H 161 40.64 72.42 6.06
N GLU H 162 41.33 72.23 7.19
CA GLU H 162 41.38 70.93 7.83
C GLU H 162 40.11 70.67 8.64
N SER H 163 39.76 69.39 8.74
CA SER H 163 38.61 69.00 9.55
C SER H 163 38.93 69.18 11.02
N PRO H 164 38.02 69.76 11.82
CA PRO H 164 36.71 70.28 11.40
C PRO H 164 36.82 71.63 10.70
N GLN H 165 36.12 71.76 9.57
CA GLN H 165 36.32 72.90 8.68
C GLN H 165 35.67 74.19 9.18
N VAL H 166 34.65 74.10 10.03
CA VAL H 166 33.86 75.26 10.43
C VAL H 166 33.95 75.44 11.94
N HIS H 167 34.24 76.66 12.37
CA HIS H 167 34.09 77.06 13.77
C HIS H 167 32.85 77.92 13.90
N TRP H 168 31.91 77.47 14.72
CA TRP H 168 30.60 78.11 14.82
C TRP H 168 30.60 79.14 15.95
N GLU H 169 30.21 80.37 15.64
CA GLU H 169 29.95 81.41 16.61
C GLU H 169 28.46 81.72 16.65
N PRO H 170 27.83 81.68 17.82
CA PRO H 170 26.37 81.84 17.90
C PRO H 170 25.85 83.14 17.32
N THR H 171 26.69 84.18 17.22
CA THR H 171 26.25 85.46 16.64
C THR H 171 25.88 85.34 15.17
N SER H 172 26.26 84.25 14.50
CA SER H 172 25.97 84.05 13.09
C SER H 172 24.65 83.31 12.85
N LEU H 173 23.89 83.00 13.89
CA LEU H 173 22.73 82.14 13.74
C LEU H 173 21.63 82.78 12.90
N ILE H 174 21.21 83.99 13.28
CA ILE H 174 20.08 84.63 12.59
C ILE H 174 20.36 84.91 11.12
N PRO H 175 21.50 85.50 10.74
CA PRO H 175 21.72 85.74 9.30
C PRO H 175 21.91 84.47 8.48
N THR H 176 22.66 83.50 9.01
CA THR H 176 22.90 82.26 8.27
C THR H 176 21.59 81.52 8.00
N SER H 177 20.70 81.47 8.99
CA SER H 177 19.40 80.81 8.82
C SER H 177 18.64 81.35 7.61
N ALA H 178 18.66 82.67 7.42
CA ALA H 178 18.00 83.26 6.25
C ALA H 178 18.59 82.73 4.95
N LEU H 179 19.92 82.59 4.89
CA LEU H 179 20.56 82.04 3.71
C LEU H 179 20.07 80.63 3.40
N TYR H 180 19.87 79.81 4.45
CA TYR H 180 19.30 78.48 4.26
C TYR H 180 17.98 78.54 3.50
N ALA H 181 17.05 79.37 3.98
CA ALA H 181 15.76 79.52 3.30
C ALA H 181 15.96 79.99 1.86
N SER H 182 16.89 80.91 1.62
CA SER H 182 17.18 81.37 0.26
C SER H 182 17.61 80.21 -0.63
N LEU H 183 18.63 79.46 -0.22
CA LEU H 183 19.09 78.33 -1.01
C LEU H 183 17.99 77.30 -1.21
N PHE H 184 17.11 77.15 -0.22
CA PHE H 184 16.00 76.22 -0.34
C PHE H 184 15.04 76.65 -1.43
N LEU H 185 14.56 77.91 -1.35
CA LEU H 185 13.55 78.37 -2.30
C LEU H 185 14.10 78.44 -3.72
N LEU H 186 15.35 78.85 -3.89
CA LEU H 186 15.96 78.84 -5.21
C LEU H 186 16.03 77.41 -5.77
N SER H 187 16.39 76.46 -4.92
CA SER H 187 16.45 75.06 -5.35
C SER H 187 15.04 74.53 -5.66
N SER H 188 14.04 74.99 -4.90
CA SER H 188 12.68 74.51 -5.10
C SER H 188 12.07 75.00 -6.41
N LEU H 189 12.64 76.01 -7.04
CA LEU H 189 12.10 76.49 -8.31
C LEU H 189 12.63 75.71 -9.51
N GLY H 190 13.85 75.19 -9.45
CA GLY H 190 14.39 74.42 -10.56
C GLY H 190 14.22 72.93 -10.36
N GLN H 191 13.30 72.55 -9.48
CA GLN H 191 13.06 71.15 -9.17
C GLN H 191 11.76 70.64 -9.80
N LEU I 1 -12.82 -30.07 -31.19
CA LEU I 1 -12.98 -29.09 -30.12
C LEU I 1 -13.55 -27.77 -30.65
N LYS I 2 -14.73 -27.39 -30.16
CA LYS I 2 -15.32 -26.13 -30.55
C LYS I 2 -14.56 -24.97 -29.90
N LEU I 3 -14.27 -23.95 -30.69
CA LEU I 3 -13.53 -22.79 -30.23
C LEU I 3 -14.49 -21.68 -29.81
N CYS I 4 -13.94 -20.69 -29.10
CA CYS I 4 -14.69 -19.54 -28.63
C CYS I 4 -14.33 -18.32 -29.49
N SER I 5 -15.34 -17.62 -29.98
CA SER I 5 -15.10 -16.47 -30.83
C SER I 5 -14.35 -15.38 -30.04
N PRO I 6 -13.36 -14.72 -30.66
CA PRO I 6 -12.63 -13.69 -29.93
C PRO I 6 -13.51 -12.56 -29.41
N GLU I 7 -14.65 -12.32 -30.05
CA GLU I 7 -15.59 -11.34 -29.51
C GLU I 7 -16.19 -11.82 -28.19
N GLU I 8 -16.55 -13.10 -28.13
CA GLU I 8 -17.04 -13.67 -26.88
C GLU I 8 -15.95 -13.73 -25.82
N PHE I 9 -14.70 -13.94 -26.24
CA PHE I 9 -13.58 -13.92 -25.31
C PHE I 9 -13.48 -12.57 -24.60
N THR I 10 -13.50 -11.48 -25.37
CA THR I 10 -13.45 -10.15 -24.76
C THR I 10 -14.74 -9.81 -24.03
N ARG I 11 -15.86 -10.39 -24.45
CA ARG I 11 -17.13 -10.12 -23.79
C ARG I 11 -17.10 -10.60 -22.34
N LEU I 12 -16.70 -11.85 -22.12
CA LEU I 12 -16.59 -12.37 -20.76
C LEU I 12 -15.49 -11.68 -19.98
N CYS I 13 -14.43 -11.22 -20.67
CA CYS I 13 -13.36 -10.49 -19.99
C CYS I 13 -13.82 -9.13 -19.49
N ARG I 14 -14.88 -8.57 -20.08
CA ARG I 14 -15.46 -7.30 -19.64
C ARG I 14 -16.63 -7.49 -18.67
N GLU I 15 -17.56 -8.40 -18.99
CA GLU I 15 -18.77 -8.53 -18.19
C GLU I 15 -18.47 -9.12 -16.81
N LYS I 16 -17.63 -10.15 -16.75
CA LYS I 16 -17.29 -10.82 -15.51
C LYS I 16 -15.77 -10.78 -15.35
N THR I 17 -15.23 -9.60 -15.02
CA THR I 17 -13.79 -9.43 -15.02
C THR I 17 -13.13 -9.90 -13.73
N GLN I 18 -13.78 -9.66 -12.59
CA GLN I 18 -13.22 -10.03 -11.29
C GLN I 18 -13.53 -11.47 -10.90
N GLU I 19 -14.48 -12.11 -11.58
CA GLU I 19 -14.93 -13.44 -11.22
C GLU I 19 -14.26 -14.55 -12.03
N ILE I 20 -13.43 -14.21 -13.02
CA ILE I 20 -12.77 -15.22 -13.82
C ILE I 20 -11.26 -15.04 -13.73
N TYR I 21 -10.55 -16.13 -13.94
CA TYR I 21 -9.10 -16.13 -13.96
C TYR I 21 -8.58 -15.45 -15.22
N PRO I 22 -7.61 -14.53 -15.10
CA PRO I 22 -7.10 -13.83 -16.29
C PRO I 22 -6.34 -14.78 -17.21
N ILE I 23 -6.62 -14.65 -18.51
CA ILE I 23 -6.00 -15.47 -19.54
C ILE I 23 -5.02 -14.61 -20.32
N LYS I 24 -3.78 -15.08 -20.45
CA LYS I 24 -2.79 -14.36 -21.23
C LYS I 24 -3.06 -14.54 -22.72
N GLU I 25 -2.79 -13.48 -23.49
CA GLU I 25 -2.99 -13.53 -24.93
C GLU I 25 -2.07 -14.57 -25.56
N ALA I 26 -2.56 -15.20 -26.63
CA ALA I 26 -1.87 -16.31 -27.29
C ALA I 26 -0.57 -15.91 -27.96
N ASN I 27 -0.13 -14.65 -27.83
CA ASN I 27 1.08 -14.21 -28.50
C ASN I 27 2.32 -14.82 -27.84
N GLY I 28 2.76 -14.25 -26.73
CA GLY I 28 3.92 -14.77 -26.02
C GLY I 28 3.58 -15.74 -24.91
N ARG I 29 2.68 -16.68 -25.19
CA ARG I 29 2.19 -17.62 -24.19
C ARG I 29 2.91 -18.95 -24.30
N THR I 30 3.27 -19.53 -23.14
CA THR I 30 3.97 -20.81 -23.07
C THR I 30 3.27 -21.71 -22.04
N ARG I 31 2.04 -22.12 -22.36
CA ARG I 31 1.31 -23.02 -21.49
C ARG I 31 1.98 -24.40 -21.45
N LYS I 32 2.20 -24.91 -20.25
CA LYS I 32 2.79 -26.23 -20.06
C LYS I 32 1.86 -27.12 -19.24
N ALA I 33 1.76 -28.38 -19.66
CA ALA I 33 0.99 -29.39 -18.96
C ALA I 33 1.84 -30.64 -18.82
N LEU I 34 1.57 -31.41 -17.77
CA LEU I 34 2.35 -32.60 -17.44
C LEU I 34 1.43 -33.81 -17.37
N ILE I 35 1.83 -34.89 -18.03
CA ILE I 35 1.13 -36.16 -17.99
C ILE I 35 2.08 -37.21 -17.45
N ILE I 36 1.68 -37.87 -16.36
CA ILE I 36 2.44 -38.96 -15.76
C ILE I 36 1.55 -40.19 -15.80
N CYS I 37 2.00 -41.22 -16.52
CA CYS I 37 1.22 -42.43 -16.69
C CYS I 37 2.12 -43.65 -16.59
N ASN I 38 1.73 -44.61 -15.76
CA ASN I 38 2.45 -45.86 -15.59
C ASN I 38 1.61 -46.99 -16.17
N THR I 39 2.20 -47.75 -17.10
CA THR I 39 1.53 -48.87 -17.74
C THR I 39 2.03 -50.22 -17.25
N GLU I 40 3.35 -50.42 -17.24
CA GLU I 40 3.94 -51.68 -16.80
C GLU I 40 4.29 -51.59 -15.32
N PHE I 41 3.90 -52.60 -14.55
CA PHE I 41 4.21 -52.68 -13.14
C PHE I 41 4.90 -54.00 -12.82
N LYS I 42 5.80 -53.97 -11.84
CA LYS I 42 6.49 -55.18 -11.44
C LYS I 42 5.56 -56.15 -10.72
N HIS I 43 4.68 -55.63 -9.87
CA HIS I 43 3.77 -56.47 -9.09
C HIS I 43 2.30 -56.27 -9.40
N LEU I 44 1.93 -55.18 -10.08
CA LEU I 44 0.54 -54.87 -10.34
C LEU I 44 0.16 -55.23 -11.77
N SER I 45 -1.15 -55.37 -12.01
CA SER I 45 -1.64 -55.74 -13.32
C SER I 45 -1.30 -54.67 -14.35
N LEU I 46 -1.09 -55.10 -15.60
CA LEU I 46 -0.82 -54.16 -16.67
C LEU I 46 -2.05 -53.32 -16.97
N ARG I 47 -1.84 -52.02 -17.14
CA ARG I 47 -2.93 -51.09 -17.44
C ARG I 47 -3.14 -51.05 -18.95
N TYR I 48 -3.86 -52.05 -19.45
CA TYR I 48 -4.19 -52.10 -20.87
C TYR I 48 -5.03 -50.90 -21.27
N GLY I 49 -4.71 -50.32 -22.42
CA GLY I 49 -5.41 -49.16 -22.90
C GLY I 49 -4.96 -47.86 -22.31
N ALA I 50 -3.89 -47.86 -21.49
CA ALA I 50 -3.38 -46.63 -20.92
C ALA I 50 -2.84 -45.69 -22.00
N ASN I 51 -2.35 -46.26 -23.11
CA ASN I 51 -1.88 -45.44 -24.22
C ASN I 51 -3.01 -44.61 -24.80
N PHE I 52 -4.25 -45.10 -24.73
CA PHE I 52 -5.37 -44.33 -25.25
C PHE I 52 -5.62 -43.09 -24.40
N ASP I 53 -5.46 -43.20 -23.08
CA ASP I 53 -5.64 -42.04 -22.22
C ASP I 53 -4.53 -41.02 -22.43
N ILE I 54 -3.30 -41.49 -22.64
CA ILE I 54 -2.19 -40.58 -22.91
C ILE I 54 -2.44 -39.82 -24.21
N ILE I 55 -2.77 -40.55 -25.27
CA ILE I 55 -3.02 -39.93 -26.57
C ILE I 55 -4.22 -38.97 -26.48
N GLY I 56 -5.27 -39.40 -25.78
CA GLY I 56 -6.44 -38.55 -25.67
C GLY I 56 -6.19 -37.28 -24.88
N MET I 57 -5.57 -37.41 -23.69
CA MET I 57 -5.32 -36.25 -22.86
C MET I 57 -4.27 -35.32 -23.48
N LYS I 58 -3.23 -35.89 -24.08
CA LYS I 58 -2.22 -35.05 -24.71
C LYS I 58 -2.80 -34.25 -25.87
N GLY I 59 -3.64 -34.88 -26.69
CA GLY I 59 -4.27 -34.17 -27.78
C GLY I 59 -5.24 -33.10 -27.30
N LEU I 60 -6.01 -33.40 -26.26
CA LEU I 60 -6.96 -32.43 -25.73
C LEU I 60 -6.26 -31.21 -25.15
N LEU I 61 -5.21 -31.43 -24.36
CA LEU I 61 -4.48 -30.31 -23.77
C LEU I 61 -3.79 -29.46 -24.82
N GLU I 62 -3.32 -30.07 -25.91
CA GLU I 62 -2.74 -29.30 -27.00
C GLU I 62 -3.79 -28.46 -27.72
N ASP I 63 -4.99 -29.03 -27.95
CA ASP I 63 -6.06 -28.25 -28.57
C ASP I 63 -6.52 -27.10 -27.69
N LEU I 64 -6.29 -27.19 -26.38
CA LEU I 64 -6.58 -26.10 -25.46
C LEU I 64 -5.40 -25.15 -25.31
N GLY I 65 -4.30 -25.40 -26.01
CA GLY I 65 -3.15 -24.52 -26.00
C GLY I 65 -2.03 -24.90 -25.06
N TYR I 66 -2.03 -26.10 -24.49
CA TYR I 66 -0.99 -26.53 -23.55
C TYR I 66 0.01 -27.42 -24.28
N ASP I 67 1.30 -27.10 -24.10
CA ASP I 67 2.37 -27.98 -24.55
C ASP I 67 2.56 -29.09 -23.52
N VAL I 68 2.36 -30.34 -23.94
CA VAL I 68 2.24 -31.46 -23.02
C VAL I 68 3.60 -32.11 -22.81
N VAL I 69 3.97 -32.28 -21.55
CA VAL I 69 5.15 -33.06 -21.15
C VAL I 69 4.66 -34.42 -20.65
N VAL I 70 5.15 -35.49 -21.25
CA VAL I 70 4.73 -36.85 -20.93
C VAL I 70 5.90 -37.61 -20.32
N LYS I 71 5.68 -38.18 -19.14
CA LYS I 71 6.66 -39.02 -18.47
C LYS I 71 5.98 -40.33 -18.09
N GLU I 72 6.64 -41.45 -18.37
CA GLU I 72 6.05 -42.76 -18.18
C GLU I 72 6.98 -43.67 -17.38
N GLU I 73 6.38 -44.66 -16.74
CA GLU I 73 7.10 -45.70 -15.99
C GLU I 73 8.04 -45.09 -14.96
N LEU I 74 7.44 -44.54 -13.92
CA LEU I 74 8.18 -43.84 -12.88
C LEU I 74 7.90 -44.44 -11.51
N THR I 75 8.92 -44.41 -10.65
CA THR I 75 8.77 -44.73 -9.24
C THR I 75 8.24 -43.52 -8.49
N ALA I 76 8.03 -43.67 -7.18
CA ALA I 76 7.61 -42.54 -6.37
C ALA I 76 8.68 -41.45 -6.37
N GLU I 77 9.96 -41.83 -6.32
CA GLU I 77 11.03 -40.86 -6.49
C GLU I 77 11.04 -40.27 -7.89
N GLY I 78 10.68 -41.08 -8.89
CA GLY I 78 10.68 -40.57 -10.26
C GLY I 78 9.58 -39.57 -10.51
N MET I 79 8.36 -39.86 -10.04
CA MET I 79 7.27 -38.91 -10.17
C MET I 79 7.56 -37.63 -9.41
N GLU I 80 8.09 -37.76 -8.19
CA GLU I 80 8.40 -36.58 -7.38
C GLU I 80 9.45 -35.71 -8.06
N SER I 81 10.50 -36.33 -8.61
CA SER I 81 11.55 -35.56 -9.27
C SER I 81 11.04 -34.90 -10.55
N GLU I 82 10.23 -35.62 -11.33
CA GLU I 82 9.70 -35.04 -12.56
C GLU I 82 8.73 -33.90 -12.27
N MET I 83 7.98 -33.98 -11.17
CA MET I 83 7.09 -32.89 -10.80
C MET I 83 7.87 -31.67 -10.34
N LYS I 84 8.93 -31.88 -9.56
CA LYS I 84 9.76 -30.76 -9.14
C LYS I 84 10.44 -30.10 -10.33
N ASP I 85 10.91 -30.89 -11.29
CA ASP I 85 11.47 -30.32 -12.51
C ASP I 85 10.41 -29.59 -13.32
N PHE I 86 9.21 -30.17 -13.43
CA PHE I 86 8.15 -29.52 -14.19
C PHE I 86 7.73 -28.22 -13.52
N ALA I 87 7.72 -28.18 -12.19
CA ALA I 87 7.31 -26.98 -11.46
C ALA I 87 8.35 -25.87 -11.53
N ALA I 88 9.61 -26.21 -11.76
CA ALA I 88 10.68 -25.22 -11.84
C ALA I 88 10.88 -24.65 -13.24
N LEU I 89 10.06 -25.07 -14.20
CA LEU I 89 10.21 -24.61 -15.58
C LEU I 89 9.95 -23.11 -15.67
N SER I 90 10.88 -22.39 -16.31
CA SER I 90 10.73 -20.96 -16.53
C SER I 90 9.60 -20.61 -17.49
N GLU I 91 9.08 -21.59 -18.24
CA GLU I 91 7.99 -21.33 -19.16
C GLU I 91 6.69 -20.96 -18.45
N HIS I 92 6.56 -21.34 -17.17
CA HIS I 92 5.33 -21.02 -16.43
C HIS I 92 5.18 -19.52 -16.20
N GLN I 93 6.28 -18.76 -16.22
CA GLN I 93 6.20 -17.31 -16.02
C GLN I 93 5.36 -16.65 -17.12
N THR I 94 5.43 -17.17 -18.34
CA THR I 94 4.63 -16.67 -19.46
C THR I 94 3.40 -17.55 -19.70
N SER I 95 2.92 -18.24 -18.68
CA SER I 95 1.73 -19.05 -18.76
C SER I 95 0.66 -18.49 -17.82
N ASP I 96 -0.56 -18.99 -17.98
CA ASP I 96 -1.68 -18.57 -17.14
C ASP I 96 -2.29 -19.69 -16.32
N SER I 97 -1.89 -20.95 -16.56
CA SER I 97 -2.46 -22.11 -15.87
C SER I 97 -1.60 -23.32 -16.20
N THR I 98 -1.96 -24.46 -15.62
CA THR I 98 -1.29 -25.72 -15.91
C THR I 98 -2.23 -26.86 -15.61
N PHE I 99 -1.94 -28.01 -16.21
CA PHE I 99 -2.70 -29.24 -16.01
C PHE I 99 -1.77 -30.36 -15.56
N LEU I 100 -2.24 -31.17 -14.62
CA LEU I 100 -1.48 -32.30 -14.09
C LEU I 100 -2.33 -33.55 -14.19
N VAL I 101 -2.00 -34.42 -15.14
CA VAL I 101 -2.74 -35.65 -15.37
C VAL I 101 -1.92 -36.81 -14.80
N LEU I 102 -2.51 -37.55 -13.87
CA LEU I 102 -1.86 -38.68 -13.22
C LEU I 102 -2.69 -39.93 -13.45
N MET I 103 -2.07 -40.97 -14.03
CA MET I 103 -2.77 -42.19 -14.40
C MET I 103 -1.91 -43.38 -14.02
N SER I 104 -2.40 -44.20 -13.10
CA SER I 104 -1.69 -45.37 -12.61
C SER I 104 -2.63 -46.14 -11.68
N HIS I 105 -2.11 -47.20 -11.07
CA HIS I 105 -2.79 -47.79 -9.94
C HIS I 105 -2.72 -46.84 -8.75
N GLY I 106 -3.67 -46.98 -7.85
CA GLY I 106 -3.78 -46.03 -6.74
C GLY I 106 -4.23 -46.70 -5.45
N THR I 107 -3.85 -46.06 -4.35
CA THR I 107 -4.29 -46.41 -3.01
C THR I 107 -5.23 -45.30 -2.50
N LEU I 108 -5.55 -45.37 -1.20
CA LEU I 108 -6.49 -44.40 -0.64
C LEU I 108 -5.90 -42.99 -0.62
N HIS I 109 -4.63 -42.85 -0.25
CA HIS I 109 -4.02 -41.53 -0.07
C HIS I 109 -2.87 -41.27 -1.05
N GLY I 110 -2.66 -42.13 -2.04
CA GLY I 110 -1.54 -41.91 -2.94
C GLY I 110 -1.71 -42.65 -4.24
N ILE I 111 -0.78 -42.39 -5.15
CA ILE I 111 -0.75 -43.00 -6.48
C ILE I 111 0.45 -43.93 -6.54
N CYS I 112 0.28 -45.09 -7.18
CA CYS I 112 1.27 -46.16 -7.15
C CYS I 112 2.32 -45.96 -8.24
N GLY I 113 3.58 -46.27 -7.88
CA GLY I 113 4.65 -46.36 -8.85
C GLY I 113 4.72 -47.74 -9.48
N THR I 114 5.74 -47.91 -10.34
CA THR I 114 5.90 -49.19 -11.02
C THR I 114 6.27 -50.30 -10.05
N MET I 115 7.07 -49.98 -9.03
CA MET I 115 7.60 -50.97 -8.12
C MET I 115 6.70 -51.20 -6.90
N HIS I 116 5.44 -50.76 -6.95
CA HIS I 116 4.58 -50.85 -5.78
C HIS I 116 4.20 -52.30 -5.50
N SER I 117 4.14 -52.64 -4.22
CA SER I 117 3.69 -53.96 -3.79
C SER I 117 3.08 -53.84 -2.41
N GLU I 118 2.29 -54.86 -2.05
CA GLU I 118 1.64 -54.88 -0.74
C GLU I 118 2.66 -54.92 0.39
N LYS I 119 3.81 -55.57 0.17
CA LYS I 119 4.86 -55.63 1.18
C LYS I 119 5.82 -54.44 1.08
N THR I 120 6.15 -54.01 -0.14
CA THR I 120 7.09 -52.93 -0.39
C THR I 120 6.36 -51.79 -1.09
N PRO I 121 5.75 -50.87 -0.34
CA PRO I 121 4.98 -49.79 -0.97
C PRO I 121 5.88 -48.83 -1.74
N ASP I 122 5.37 -48.39 -2.89
CA ASP I 122 6.02 -47.38 -3.75
C ASP I 122 4.93 -46.38 -4.12
N VAL I 123 4.55 -45.54 -3.17
CA VAL I 123 3.38 -44.68 -3.28
C VAL I 123 3.81 -43.22 -3.14
N LEU I 124 3.29 -42.37 -4.02
CA LEU I 124 3.46 -40.93 -3.93
C LEU I 124 2.18 -40.32 -3.39
N GLN I 125 2.26 -39.71 -2.21
CA GLN I 125 1.09 -39.07 -1.61
C GLN I 125 0.63 -37.90 -2.45
N TYR I 126 -0.69 -37.76 -2.61
CA TYR I 126 -1.23 -36.61 -3.32
C TYR I 126 -0.92 -35.32 -2.58
N ASP I 127 -0.80 -35.39 -1.25
CA ASP I 127 -0.42 -34.22 -0.48
C ASP I 127 0.97 -33.71 -0.87
N THR I 128 1.86 -34.62 -1.29
CA THR I 128 3.18 -34.20 -1.76
C THR I 128 3.08 -33.36 -3.02
N ILE I 129 2.10 -33.68 -3.89
CA ILE I 129 1.93 -32.92 -5.13
C ILE I 129 1.55 -31.48 -4.83
N TYR I 130 0.62 -31.28 -3.90
CA TYR I 130 0.22 -29.93 -3.52
C TYR I 130 1.39 -29.15 -2.94
N GLN I 131 2.27 -29.82 -2.19
CA GLN I 131 3.44 -29.16 -1.64
C GLN I 131 4.40 -28.73 -2.75
N ILE I 132 4.49 -29.53 -3.82
CA ILE I 132 5.44 -29.22 -4.89
C ILE I 132 4.96 -28.03 -5.69
N PHE I 133 3.66 -27.89 -5.90
CA PHE I 133 3.12 -26.90 -6.80
C PHE I 133 2.45 -25.72 -6.10
N ASN I 134 2.50 -25.65 -4.78
CA ASN I 134 1.87 -24.54 -4.07
C ASN I 134 2.65 -23.24 -4.31
N ASN I 135 2.16 -22.15 -3.72
CA ASN I 135 2.82 -20.86 -3.89
C ASN I 135 4.18 -20.79 -3.22
N CYS I 136 4.52 -21.75 -2.37
CA CYS I 136 5.82 -21.73 -1.70
C CYS I 136 6.93 -22.33 -2.57
N HIS I 137 6.65 -23.46 -3.22
CA HIS I 137 7.69 -24.20 -3.95
C HIS I 137 7.61 -24.03 -5.46
N CYS I 138 6.54 -23.43 -5.98
CA CYS I 138 6.39 -23.20 -7.42
C CYS I 138 6.08 -21.74 -7.66
N PRO I 139 7.11 -20.88 -7.69
CA PRO I 139 6.85 -19.44 -7.88
C PRO I 139 6.30 -19.10 -9.25
N GLY I 140 6.56 -19.91 -10.27
CA GLY I 140 6.09 -19.60 -11.61
C GLY I 140 4.59 -19.69 -11.77
N LEU I 141 3.91 -20.45 -10.90
CA LEU I 141 2.47 -20.66 -11.00
C LEU I 141 1.70 -20.03 -9.85
N ARG I 142 2.27 -19.05 -9.17
CA ARG I 142 1.54 -18.37 -8.11
C ARG I 142 0.35 -17.61 -8.70
N ASP I 143 -0.80 -17.69 -8.00
CA ASP I 143 -2.05 -17.05 -8.41
C ASP I 143 -2.56 -17.58 -9.74
N LYS I 144 -2.07 -18.74 -10.19
CA LYS I 144 -2.49 -19.32 -11.45
C LYS I 144 -3.17 -20.66 -11.22
N PRO I 145 -4.22 -20.98 -11.99
CA PRO I 145 -4.95 -22.23 -11.79
C PRO I 145 -4.04 -23.44 -12.00
N LYS I 146 -4.14 -24.39 -11.07
CA LYS I 146 -3.42 -25.66 -11.15
C LYS I 146 -4.45 -26.79 -11.08
N VAL I 147 -4.71 -27.41 -12.22
CA VAL I 147 -5.75 -28.43 -12.35
C VAL I 147 -5.09 -29.80 -12.33
N ILE I 148 -5.58 -30.68 -11.46
CA ILE I 148 -5.03 -32.02 -11.29
C ILE I 148 -6.10 -33.03 -11.69
N ILE I 149 -5.75 -33.90 -12.63
CA ILE I 149 -6.64 -34.98 -13.09
C ILE I 149 -5.99 -36.30 -12.68
N VAL I 150 -6.73 -37.11 -11.92
CA VAL I 150 -6.21 -38.37 -11.37
C VAL I 150 -7.10 -39.51 -11.84
N GLN I 151 -6.57 -40.33 -12.75
CA GLN I 151 -7.21 -41.59 -13.14
C GLN I 151 -6.49 -42.72 -12.40
N ALA I 152 -7.11 -43.18 -11.31
CA ALA I 152 -6.53 -44.21 -10.46
C ALA I 152 -7.58 -44.67 -9.48
N ALA I 153 -7.47 -45.93 -9.06
CA ALA I 153 -8.32 -46.44 -8.00
C ALA I 153 -7.97 -45.78 -6.68
N ARG I 154 -8.95 -45.68 -5.79
CA ARG I 154 -8.75 -45.14 -4.45
C ARG I 154 -9.07 -46.15 -3.37
N GLY I 155 -9.00 -47.43 -3.69
CA GLY I 155 -9.41 -48.49 -2.79
C GLY I 155 -9.70 -49.75 -3.58
N GLY I 156 -10.12 -50.77 -2.85
CA GLY I 156 -10.40 -52.06 -3.46
C GLY I 156 -11.86 -52.44 -3.40
N ASN I 157 -12.68 -51.57 -2.80
CA ASN I 157 -14.10 -51.84 -2.59
C ASN I 157 -14.92 -51.41 -3.79
N SER I 158 -16.06 -52.08 -3.98
CA SER I 158 -16.99 -51.74 -5.05
C SER I 158 -17.75 -50.47 -4.73
N GLY I 159 -18.12 -49.74 -5.78
CA GLY I 159 -18.77 -48.45 -5.60
C GLY I 159 -20.26 -48.45 -5.85
N GLU I 160 -20.87 -49.63 -5.86
CA GLU I 160 -22.30 -49.74 -6.14
C GLU I 160 -22.92 -50.77 -5.20
N MET I 161 -24.24 -50.68 -5.05
CA MET I 161 -25.00 -51.63 -4.24
C MET I 161 -26.46 -51.58 -4.68
N TRP I 162 -27.22 -52.57 -4.21
CA TRP I 162 -28.62 -52.74 -4.56
C TRP I 162 -29.51 -52.33 -3.39
N ILE I 163 -30.56 -51.56 -3.68
CA ILE I 163 -31.49 -51.09 -2.67
C ILE I 163 -32.90 -51.31 -3.19
N ARG I 164 -33.89 -50.99 -2.35
CA ARG I 164 -35.29 -51.15 -2.72
C ARG I 164 -35.83 -49.84 -3.27
N GLU I 165 -36.40 -49.88 -4.47
CA GLU I 165 -36.97 -48.70 -5.10
C GLU I 165 -38.45 -48.56 -4.79
N THR J 1 -34.78 -29.05 -15.45
CA THR J 1 -35.30 -29.92 -14.40
C THR J 1 -34.26 -30.99 -14.07
N GLN J 2 -33.48 -31.38 -15.08
CA GLN J 2 -32.46 -32.40 -14.93
C GLN J 2 -31.14 -31.85 -14.39
N GLU J 3 -30.95 -30.53 -14.41
CA GLU J 3 -29.69 -29.93 -14.01
C GLU J 3 -29.66 -29.44 -12.57
N ILE J 4 -30.79 -29.48 -11.86
CA ILE J 4 -30.83 -29.01 -10.48
C ILE J 4 -31.37 -30.10 -9.58
N TYR J 5 -30.97 -30.03 -8.32
CA TYR J 5 -31.47 -30.94 -7.30
C TYR J 5 -32.92 -30.63 -6.97
N PRO J 6 -33.80 -31.63 -6.91
CA PRO J 6 -35.22 -31.35 -6.63
C PRO J 6 -35.43 -30.84 -5.22
N ILE J 7 -36.26 -29.81 -5.10
CA ILE J 7 -36.56 -29.15 -3.84
C ILE J 7 -37.99 -29.50 -3.44
N LYS J 8 -38.17 -30.00 -2.22
CA LYS J 8 -39.48 -30.32 -1.69
C LYS J 8 -40.22 -29.05 -1.26
N GLU J 9 -41.54 -29.08 -1.44
CA GLU J 9 -42.38 -27.97 -1.03
C GLU J 9 -42.30 -27.78 0.48
N ALA J 10 -42.32 -26.52 0.92
CA ALA J 10 -42.13 -26.19 2.33
C ALA J 10 -43.31 -26.60 3.21
N ASN J 11 -44.35 -27.21 2.65
CA ASN J 11 -45.53 -27.59 3.44
C ASN J 11 -45.23 -28.77 4.35
N GLY J 12 -45.26 -29.97 3.79
CA GLY J 12 -44.98 -31.17 4.55
C GLY J 12 -43.51 -31.55 4.51
N ARG J 13 -42.65 -30.54 4.55
CA ARG J 13 -41.21 -30.73 4.51
C ARG J 13 -40.64 -30.66 5.92
N THR J 14 -39.68 -31.54 6.21
CA THR J 14 -39.04 -31.61 7.51
C THR J 14 -37.52 -31.54 7.31
N ARG J 15 -37.03 -30.38 6.84
CA ARG J 15 -35.59 -30.20 6.69
C ARG J 15 -34.93 -30.21 8.05
N LYS J 16 -33.89 -31.02 8.21
CA LYS J 16 -33.15 -31.11 9.45
C LYS J 16 -31.69 -30.79 9.20
N ALA J 17 -31.09 -30.05 10.12
CA ALA J 17 -29.67 -29.70 10.05
C ALA J 17 -29.04 -29.97 11.42
N LEU J 18 -27.75 -30.28 11.41
CA LEU J 18 -27.01 -30.67 12.60
C LEU J 18 -25.83 -29.74 12.81
N ILE J 19 -25.69 -29.23 14.02
CA ILE J 19 -24.55 -28.41 14.43
C ILE J 19 -23.88 -29.09 15.61
N ILE J 20 -22.59 -29.38 15.47
CA ILE J 20 -21.79 -29.97 16.54
C ILE J 20 -20.67 -28.99 16.85
N CYS J 21 -20.65 -28.49 18.08
CA CYS J 21 -19.67 -27.48 18.48
C CYS J 21 -19.14 -27.79 19.87
N ASN J 22 -17.83 -27.83 20.01
CA ASN J 22 -17.16 -28.04 21.28
C ASN J 22 -16.43 -26.77 21.69
N THR J 23 -16.73 -26.28 22.88
CA THR J 23 -16.10 -25.07 23.42
C THR J 23 -15.08 -25.38 24.50
N GLU J 24 -15.45 -26.21 25.49
CA GLU J 24 -14.56 -26.57 26.57
C GLU J 24 -13.81 -27.84 26.20
N PHE J 25 -12.49 -27.82 26.39
CA PHE J 25 -11.64 -28.96 26.15
C PHE J 25 -10.81 -29.24 27.40
N LYS J 26 -10.51 -30.52 27.63
CA LYS J 26 -9.73 -30.87 28.81
C LYS J 26 -8.29 -30.39 28.68
N HIS J 27 -7.70 -30.52 27.49
CA HIS J 27 -6.31 -30.12 27.27
C HIS J 27 -6.13 -29.01 26.25
N LEU J 28 -7.15 -28.68 25.47
CA LEU J 28 -7.03 -27.68 24.41
C LEU J 28 -7.63 -26.35 24.85
N SER J 29 -7.22 -25.29 24.15
CA SER J 29 -7.66 -23.94 24.50
C SER J 29 -9.17 -23.79 24.30
N LEU J 30 -9.77 -22.94 25.14
CA LEU J 30 -11.19 -22.66 25.03
C LEU J 30 -11.48 -21.88 23.75
N ARG J 31 -12.53 -22.28 23.05
CA ARG J 31 -12.92 -21.63 21.79
C ARG J 31 -13.84 -20.46 22.09
N TYR J 32 -13.22 -19.33 22.46
CA TYR J 32 -13.99 -18.12 22.72
C TYR J 32 -14.71 -17.65 21.46
N GLY J 33 -15.95 -17.23 21.63
CA GLY J 33 -16.77 -16.79 20.51
C GLY J 33 -17.42 -17.90 19.74
N ALA J 34 -17.29 -19.15 20.18
CA ALA J 34 -17.96 -20.25 19.49
C ALA J 34 -19.48 -20.12 19.57
N ASN J 35 -19.99 -19.45 20.61
CA ASN J 35 -21.42 -19.24 20.72
C ASN J 35 -21.92 -18.34 19.59
N PHE J 36 -21.13 -17.36 19.18
CA PHE J 36 -21.52 -16.51 18.07
C PHE J 36 -21.68 -17.32 16.79
N ASP J 37 -20.82 -18.32 16.58
CA ASP J 37 -20.94 -19.17 15.40
C ASP J 37 -22.16 -20.07 15.49
N ILE J 38 -22.46 -20.57 16.70
CA ILE J 38 -23.64 -21.43 16.88
C ILE J 38 -24.91 -20.66 16.56
N ILE J 39 -25.09 -19.50 17.18
CA ILE J 39 -26.28 -18.69 16.94
C ILE J 39 -26.33 -18.25 15.47
N GLY J 40 -25.20 -17.86 14.91
CA GLY J 40 -25.18 -17.41 13.53
C GLY J 40 -25.57 -18.50 12.55
N MET J 41 -24.96 -19.67 12.68
CA MET J 41 -25.27 -20.77 11.79
C MET J 41 -26.69 -21.29 12.02
N LYS J 42 -27.11 -21.36 13.28
CA LYS J 42 -28.47 -21.82 13.59
C LYS J 42 -29.51 -20.88 13.00
N GLY J 43 -29.28 -19.58 13.11
CA GLY J 43 -30.22 -18.62 12.53
C GLY J 43 -30.28 -18.71 11.02
N LEU J 44 -29.12 -18.88 10.37
CA LEU J 44 -29.10 -18.98 8.92
C LEU J 44 -29.81 -20.25 8.44
N LEU J 45 -29.52 -21.38 9.10
CA LEU J 45 -30.17 -22.64 8.71
C LEU J 45 -31.66 -22.60 8.96
N GLU J 46 -32.10 -21.91 10.02
CA GLU J 46 -33.53 -21.73 10.25
C GLU J 46 -34.15 -20.85 9.18
N ASP J 47 -33.46 -19.77 8.80
CA ASP J 47 -33.94 -18.92 7.72
C ASP J 47 -33.95 -19.65 6.38
N LEU J 48 -33.13 -20.69 6.22
CA LEU J 48 -33.14 -21.51 5.02
C LEU J 48 -34.13 -22.66 5.09
N GLY J 49 -34.87 -22.78 6.19
CA GLY J 49 -35.90 -23.79 6.32
C GLY J 49 -35.51 -25.07 7.02
N TYR J 50 -34.34 -25.11 7.67
CA TYR J 50 -33.86 -26.30 8.35
C TYR J 50 -34.13 -26.21 9.84
N ASP J 51 -34.68 -27.28 10.40
CA ASP J 51 -34.78 -27.41 11.86
C ASP J 51 -33.44 -27.86 12.40
N VAL J 52 -32.83 -27.04 13.25
CA VAL J 52 -31.44 -27.21 13.65
C VAL J 52 -31.36 -28.01 14.93
N VAL J 53 -30.55 -29.07 14.91
CA VAL J 53 -30.21 -29.84 16.10
C VAL J 53 -28.80 -29.43 16.53
N VAL J 54 -28.68 -28.99 17.78
CA VAL J 54 -27.41 -28.49 18.31
C VAL J 54 -26.93 -29.45 19.40
N LYS J 55 -25.70 -29.91 19.26
CA LYS J 55 -25.07 -30.79 20.24
C LYS J 55 -23.73 -30.18 20.62
N GLU J 56 -23.46 -30.11 21.92
CA GLU J 56 -22.26 -29.44 22.42
C GLU J 56 -21.52 -30.33 23.40
N GLU J 57 -20.21 -30.08 23.50
CA GLU J 57 -19.32 -30.76 24.45
C GLU J 57 -19.45 -32.28 24.35
N LEU J 58 -18.91 -32.78 23.24
CA LEU J 58 -18.97 -34.20 22.90
C LEU J 58 -17.57 -34.76 22.70
N THR J 59 -17.41 -36.04 23.02
CA THR J 59 -16.20 -36.74 22.68
C THR J 59 -16.27 -37.18 21.21
N ALA J 60 -15.18 -37.79 20.73
CA ALA J 60 -15.21 -38.34 19.37
C ALA J 60 -16.22 -39.46 19.26
N GLU J 61 -16.32 -40.30 20.29
CA GLU J 61 -17.40 -41.26 20.38
C GLU J 61 -18.75 -40.57 20.52
N GLY J 62 -18.77 -39.42 21.20
CA GLY J 62 -20.02 -38.68 21.34
C GLY J 62 -20.48 -38.08 20.02
N MET J 63 -19.56 -37.50 19.25
CA MET J 63 -19.92 -36.97 17.94
C MET J 63 -20.42 -38.08 17.02
N GLU J 64 -19.74 -39.23 17.03
CA GLU J 64 -20.15 -40.34 16.16
C GLU J 64 -21.56 -40.82 16.51
N SER J 65 -21.86 -40.96 17.80
CA SER J 65 -23.18 -41.45 18.20
C SER J 65 -24.27 -40.44 17.85
N GLU J 66 -24.01 -39.14 18.09
CA GLU J 66 -25.01 -38.13 17.78
C GLU J 66 -25.22 -38.00 16.27
N MET J 67 -24.17 -38.19 15.47
CA MET J 67 -24.33 -38.17 14.03
C MET J 67 -25.15 -39.36 13.54
N LYS J 68 -24.90 -40.55 14.11
CA LYS J 68 -25.69 -41.72 13.74
C LYS J 68 -27.15 -41.53 14.12
N ASP J 69 -27.41 -40.91 15.28
CA ASP J 69 -28.78 -40.60 15.66
C ASP J 69 -29.40 -39.60 14.68
N PHE J 70 -28.65 -38.58 14.29
CA PHE J 70 -29.16 -37.58 13.37
C PHE J 70 -29.45 -38.17 11.99
N ALA J 71 -28.61 -39.11 11.55
CA ALA J 71 -28.78 -39.69 10.22
C ALA J 71 -29.94 -40.66 10.13
N ALA J 72 -30.36 -41.23 11.26
CA ALA J 72 -31.45 -42.18 11.29
C ALA J 72 -32.82 -41.53 11.44
N LEU J 73 -32.87 -40.19 11.48
CA LEU J 73 -34.14 -39.50 11.66
C LEU J 73 -35.06 -39.75 10.47
N SER J 74 -36.31 -40.13 10.78
CA SER J 74 -37.31 -40.36 9.74
C SER J 74 -37.71 -39.07 9.02
N GLU J 75 -37.34 -37.90 9.56
CA GLU J 75 -37.66 -36.64 8.91
C GLU J 75 -36.93 -36.48 7.58
N HIS J 76 -35.85 -37.21 7.38
CA HIS J 76 -35.09 -37.10 6.14
C HIS J 76 -35.89 -37.59 4.94
N GLN J 77 -36.86 -38.49 5.15
CA GLN J 77 -37.70 -38.96 4.06
C GLN J 77 -38.50 -37.82 3.45
N THR J 78 -38.94 -36.87 4.28
CA THR J 78 -39.68 -35.70 3.83
C THR J 78 -38.80 -34.46 3.73
N SER J 79 -37.50 -34.65 3.54
CA SER J 79 -36.57 -33.55 3.36
C SER J 79 -35.95 -33.65 1.97
N ASP J 80 -35.27 -32.58 1.56
CA ASP J 80 -34.60 -32.54 0.28
C ASP J 80 -33.09 -32.37 0.37
N SER J 81 -32.55 -32.12 1.55
CA SER J 81 -31.13 -31.88 1.73
C SER J 81 -30.82 -31.89 3.22
N THR J 82 -29.55 -31.70 3.57
CA THR J 82 -29.13 -31.60 4.96
C THR J 82 -27.85 -30.78 5.04
N PHE J 83 -27.62 -30.23 6.23
CA PHE J 83 -26.42 -29.46 6.51
C PHE J 83 -25.73 -30.02 7.74
N LEU J 84 -24.40 -30.07 7.71
CA LEU J 84 -23.60 -30.59 8.80
C LEU J 84 -22.56 -29.54 9.16
N VAL J 85 -22.76 -28.86 10.29
CA VAL J 85 -21.85 -27.82 10.76
C VAL J 85 -21.04 -28.41 11.90
N LEU J 86 -19.71 -28.41 11.73
CA LEU J 86 -18.80 -28.97 12.72
C LEU J 86 -17.81 -27.87 13.13
N MET J 87 -17.74 -27.61 14.43
CA MET J 87 -16.91 -26.54 14.95
C MET J 87 -16.21 -27.05 16.20
N SER J 88 -14.88 -27.11 16.15
CA SER J 88 -14.06 -27.61 17.25
C SER J 88 -12.61 -27.39 16.86
N HIS J 89 -11.70 -27.82 17.72
CA HIS J 89 -10.31 -27.96 17.29
C HIS J 89 -10.20 -29.13 16.33
N GLY J 90 -9.17 -29.08 15.49
CA GLY J 90 -9.04 -30.07 14.43
C GLY J 90 -7.60 -30.46 14.19
N THR J 91 -7.45 -31.66 13.65
CA THR J 91 -6.16 -32.18 13.20
C THR J 91 -6.18 -32.26 11.67
N LEU J 92 -5.17 -32.90 11.10
CA LEU J 92 -5.06 -32.98 9.65
C LEU J 92 -6.20 -33.79 9.05
N HIS J 93 -6.52 -34.93 9.66
CA HIS J 93 -7.52 -35.85 9.12
C HIS J 93 -8.75 -36.01 10.02
N GLY J 94 -8.89 -35.18 11.05
CA GLY J 94 -10.04 -35.35 11.93
C GLY J 94 -10.34 -34.12 12.75
N ILE J 95 -11.45 -34.20 13.47
CA ILE J 95 -11.91 -33.13 14.35
C ILE J 95 -11.77 -33.59 15.79
N CYS J 96 -11.39 -32.67 16.67
CA CYS J 96 -11.03 -33.01 18.04
C CYS J 96 -12.25 -33.07 18.93
N GLY J 97 -12.27 -34.06 19.83
CA GLY J 97 -13.25 -34.12 20.88
C GLY J 97 -12.83 -33.32 22.09
N THR J 98 -13.67 -33.39 23.13
CA THR J 98 -13.39 -32.61 24.34
C THR J 98 -12.14 -33.14 25.06
N MET J 99 -11.94 -34.45 25.04
CA MET J 99 -10.85 -35.09 25.78
C MET J 99 -9.58 -35.24 24.95
N HIS J 100 -9.46 -34.53 23.83
CA HIS J 100 -8.33 -34.73 22.93
C HIS J 100 -7.03 -34.21 23.55
N SER J 101 -5.96 -34.97 23.34
CA SER J 101 -4.62 -34.56 23.72
C SER J 101 -3.63 -35.26 22.80
N GLU J 102 -2.41 -34.72 22.76
CA GLU J 102 -1.38 -35.32 21.92
C GLU J 102 -1.05 -36.74 22.38
N LYS J 103 -1.02 -36.96 23.69
CA LYS J 103 -0.73 -38.30 24.20
C LYS J 103 -1.93 -39.23 24.08
N THR J 104 -3.13 -38.72 24.36
CA THR J 104 -4.36 -39.51 24.29
C THR J 104 -5.29 -38.87 23.26
N PRO J 105 -5.16 -39.22 21.98
CA PRO J 105 -5.99 -38.60 20.95
C PRO J 105 -7.45 -39.00 21.08
N ASP J 106 -8.34 -38.03 20.86
CA ASP J 106 -9.78 -38.23 20.84
C ASP J 106 -10.29 -37.53 19.59
N VAL J 107 -10.07 -38.16 18.44
CA VAL J 107 -10.27 -37.54 17.13
C VAL J 107 -11.28 -38.36 16.33
N LEU J 108 -12.22 -37.68 15.69
CA LEU J 108 -13.15 -38.30 14.76
C LEU J 108 -12.71 -38.00 13.33
N GLN J 109 -12.38 -39.05 12.58
CA GLN J 109 -11.97 -38.88 11.20
C GLN J 109 -13.12 -38.32 10.35
N TYR J 110 -12.78 -37.39 9.46
CA TYR J 110 -13.80 -36.85 8.55
C TYR J 110 -14.34 -37.92 7.62
N ASP J 111 -13.52 -38.93 7.29
CA ASP J 111 -13.99 -40.02 6.46
C ASP J 111 -15.12 -40.79 7.13
N THR J 112 -15.13 -40.85 8.46
CA THR J 112 -16.21 -41.51 9.18
C THR J 112 -17.54 -40.83 8.93
N ILE J 113 -17.54 -39.51 8.78
CA ILE J 113 -18.78 -38.77 8.52
C ILE J 113 -19.39 -39.20 7.19
N TYR J 114 -18.55 -39.30 6.16
CA TYR J 114 -19.05 -39.75 4.86
C TYR J 114 -19.61 -41.16 4.93
N GLN J 115 -18.98 -42.03 5.73
CA GLN J 115 -19.49 -43.39 5.89
C GLN J 115 -20.84 -43.39 6.60
N ILE J 116 -21.04 -42.48 7.55
CA ILE J 116 -22.29 -42.45 8.30
C ILE J 116 -23.43 -41.94 7.43
N PHE J 117 -23.16 -40.99 6.54
CA PHE J 117 -24.21 -40.32 5.78
C PHE J 117 -24.28 -40.74 4.32
N ASN J 118 -23.48 -41.71 3.88
CA ASN J 118 -23.54 -42.12 2.48
C ASN J 118 -24.84 -42.86 2.20
N ASN J 119 -25.02 -43.26 0.94
CA ASN J 119 -26.23 -43.97 0.53
C ASN J 119 -26.34 -45.36 1.14
N CYS J 120 -25.26 -45.89 1.74
CA CYS J 120 -25.32 -47.21 2.33
C CYS J 120 -25.91 -47.18 3.74
N HIS J 121 -25.48 -46.23 4.57
CA HIS J 121 -25.87 -46.20 5.97
C HIS J 121 -26.94 -45.16 6.28
N CYS J 122 -27.25 -44.27 5.36
CA CYS J 122 -28.28 -43.24 5.55
C CYS J 122 -29.23 -43.27 4.38
N PRO J 123 -30.20 -44.20 4.39
CA PRO J 123 -31.15 -44.27 3.27
C PRO J 123 -32.06 -43.05 3.15
N GLY J 124 -32.30 -42.34 4.25
CA GLY J 124 -33.20 -41.19 4.22
C GLY J 124 -32.68 -40.02 3.41
N LEU J 125 -31.36 -39.93 3.20
CA LEU J 125 -30.75 -38.81 2.50
C LEU J 125 -30.15 -39.24 1.16
N ARG J 126 -30.60 -40.36 0.61
CA ARG J 126 -30.14 -40.81 -0.70
C ARG J 126 -30.60 -39.83 -1.79
N ASP J 127 -29.70 -39.55 -2.73
CA ASP J 127 -29.94 -38.64 -3.85
C ASP J 127 -30.25 -37.21 -3.39
N LYS J 128 -29.94 -36.88 -2.14
CA LYS J 128 -30.19 -35.56 -1.60
C LYS J 128 -28.88 -34.90 -1.19
N PRO J 129 -28.76 -33.59 -1.42
CA PRO J 129 -27.51 -32.89 -1.10
C PRO J 129 -27.17 -33.00 0.39
N LYS J 130 -25.92 -33.31 0.69
CA LYS J 130 -25.41 -33.36 2.05
C LYS J 130 -24.24 -32.40 2.14
N VAL J 131 -24.47 -31.25 2.77
CA VAL J 131 -23.49 -30.18 2.84
C VAL J 131 -22.81 -30.25 4.21
N ILE J 132 -21.48 -30.27 4.20
CA ILE J 132 -20.69 -30.36 5.42
C ILE J 132 -19.89 -29.08 5.56
N ILE J 133 -20.06 -28.39 6.68
CA ILE J 133 -19.33 -27.18 7.00
C ILE J 133 -18.41 -27.49 8.16
N VAL J 134 -17.11 -27.27 7.98
CA VAL J 134 -16.10 -27.62 8.97
C VAL J 134 -15.34 -26.35 9.33
N GLN J 135 -15.59 -25.83 10.53
CA GLN J 135 -14.79 -24.74 11.10
C GLN J 135 -13.84 -25.38 12.11
N ALA J 136 -12.61 -25.60 11.68
CA ALA J 136 -11.60 -26.26 12.50
C ALA J 136 -10.25 -26.14 11.80
N ALA J 137 -9.20 -26.10 12.60
CA ALA J 137 -7.85 -26.13 12.06
C ALA J 137 -7.56 -27.49 11.43
N ARG J 138 -6.67 -27.49 10.45
CA ARG J 138 -6.23 -28.71 9.80
C ARG J 138 -4.72 -28.89 9.96
N GLY J 139 -4.17 -28.29 11.00
CA GLY J 139 -2.73 -28.27 11.20
C GLY J 139 -2.36 -27.14 12.14
N GLY J 140 -1.05 -27.02 12.36
CA GLY J 140 -0.55 -26.02 13.28
C GLY J 140 0.29 -24.94 12.62
N ASN J 141 0.49 -25.04 11.32
CA ASN J 141 1.33 -24.12 10.59
C ASN J 141 0.54 -22.90 10.13
N SER J 142 1.24 -21.78 9.98
CA SER J 142 0.63 -20.56 9.48
C SER J 142 0.41 -20.67 7.97
N GLY J 143 -0.61 -19.98 7.49
CA GLY J 143 -1.00 -20.11 6.09
C GLY J 143 -0.56 -18.96 5.20
N GLU J 144 0.39 -18.16 5.67
CA GLU J 144 0.85 -17.01 4.90
C GLU J 144 2.37 -16.92 4.98
N MET J 145 2.94 -16.18 4.02
CA MET J 145 4.37 -15.94 3.98
C MET J 145 4.60 -14.68 3.15
N TRP J 146 5.83 -14.18 3.22
CA TRP J 146 6.21 -12.98 2.48
C TRP J 146 7.06 -13.39 1.29
N ILE J 147 6.72 -12.86 0.12
CA ILE J 147 7.42 -13.19 -1.11
C ILE J 147 7.68 -11.89 -1.88
N ARG J 148 8.72 -11.93 -2.72
CA ARG J 148 9.07 -10.79 -3.55
C ARG J 148 8.09 -10.64 -4.70
N GLU J 149 7.71 -9.40 -4.99
CA GLU J 149 6.76 -9.11 -6.05
C GLU J 149 7.35 -9.44 -7.42
N ASP K 1 -13.03 -81.60 -4.16
CA ASP K 1 -12.36 -81.31 -2.91
C ASP K 1 -13.17 -80.34 -2.06
N PHE K 2 -12.72 -80.13 -0.81
CA PHE K 2 -13.44 -79.23 0.09
C PHE K 2 -13.22 -77.77 -0.30
N GLN K 3 -12.01 -77.43 -0.72
CA GLN K 3 -11.69 -76.04 -1.01
C GLN K 3 -12.42 -75.55 -2.25
N GLY K 4 -12.69 -76.43 -3.22
CA GLY K 4 -13.45 -76.03 -4.38
C GLY K 4 -14.90 -75.73 -4.04
N LEU K 5 -15.48 -76.49 -3.12
CA LEU K 5 -16.84 -76.22 -2.68
C LEU K 5 -16.92 -74.92 -1.89
N TYR K 6 -15.90 -74.65 -1.06
CA TYR K 6 -15.89 -73.43 -0.27
C TYR K 6 -15.82 -72.20 -1.17
N ALA K 7 -14.94 -72.23 -2.18
CA ALA K 7 -14.84 -71.12 -3.12
C ALA K 7 -16.14 -70.91 -3.87
N GLU K 8 -16.82 -72.00 -4.24
CA GLU K 8 -18.09 -71.90 -4.94
C GLU K 8 -19.15 -71.24 -4.07
N VAL K 9 -19.22 -71.62 -2.79
CA VAL K 9 -20.21 -71.02 -1.89
C VAL K 9 -19.81 -69.60 -1.53
N LYS K 10 -18.51 -69.35 -1.35
CA LYS K 10 -18.05 -68.00 -1.05
C LYS K 10 -18.36 -67.05 -2.19
N ALA K 11 -18.19 -67.52 -3.43
CA ALA K 11 -18.53 -66.71 -4.60
C ALA K 11 -20.03 -66.42 -4.64
N CYS K 12 -20.86 -67.40 -4.28
CA CYS K 12 -22.30 -67.18 -4.26
C CYS K 12 -22.69 -66.16 -3.19
N SER K 13 -22.06 -66.23 -2.02
CA SER K 13 -22.35 -65.27 -0.96
C SER K 13 -21.76 -63.90 -1.24
N SER K 14 -20.76 -63.81 -2.13
CA SER K 14 -20.10 -62.54 -2.39
C SER K 14 -21.04 -61.55 -3.05
N GLU K 15 -21.79 -62.00 -4.06
CA GLU K 15 -22.71 -61.10 -4.74
C GLU K 15 -23.88 -60.69 -3.85
N LEU K 16 -24.23 -61.50 -2.86
CA LEU K 16 -25.25 -61.10 -1.89
C LEU K 16 -24.74 -60.03 -0.95
N GLU K 17 -23.43 -59.93 -0.74
CA GLU K 17 -22.87 -58.88 0.11
C GLU K 17 -23.14 -57.49 -0.44
N SER K 18 -23.39 -57.37 -1.74
CA SER K 18 -23.71 -56.07 -2.35
C SER K 18 -25.17 -55.70 -2.19
N LEU K 19 -25.98 -56.55 -1.58
CA LEU K 19 -27.38 -56.24 -1.32
C LEU K 19 -27.51 -55.44 -0.03
N GLU K 20 -28.52 -54.56 0.00
CA GLU K 20 -28.74 -53.72 1.16
C GLU K 20 -28.99 -54.57 2.40
N MET K 21 -28.58 -54.05 3.56
CA MET K 21 -28.69 -54.80 4.81
C MET K 21 -30.14 -55.16 5.11
N GLU K 22 -31.06 -54.22 4.91
CA GLU K 22 -32.47 -54.50 5.18
C GLU K 22 -33.01 -55.59 4.26
N LEU K 23 -32.56 -55.60 3.00
CA LEU K 23 -33.01 -56.62 2.07
C LEU K 23 -32.41 -57.97 2.38
N ARG K 24 -31.18 -58.01 2.88
CA ARG K 24 -30.58 -59.27 3.30
C ARG K 24 -31.28 -59.85 4.53
N GLN K 25 -31.82 -58.99 5.38
CA GLN K 25 -32.61 -59.47 6.52
C GLN K 25 -34.01 -59.87 6.09
N GLN K 26 -34.60 -59.13 5.13
CA GLN K 26 -35.91 -59.50 4.62
C GLN K 26 -35.89 -60.87 3.96
N ILE K 27 -34.86 -61.14 3.15
CA ILE K 27 -34.73 -62.46 2.53
C ILE K 27 -34.57 -63.53 3.60
N LEU K 28 -33.76 -63.26 4.62
CA LEU K 28 -33.50 -64.27 5.65
C LEU K 28 -34.76 -64.60 6.44
N VAL K 29 -35.51 -63.57 6.84
CA VAL K 29 -36.72 -63.80 7.62
C VAL K 29 -37.76 -64.55 6.80
N ASN K 30 -37.95 -64.14 5.54
CA ASN K 30 -38.97 -64.78 4.71
C ASN K 30 -38.54 -66.15 4.23
N ILE K 31 -37.22 -66.42 4.17
CA ILE K 31 -36.78 -67.79 3.92
C ILE K 31 -37.15 -68.69 5.10
N GLY K 32 -36.97 -68.19 6.32
CA GLY K 32 -37.38 -68.95 7.48
C GLY K 32 -38.88 -69.23 7.53
N LYS K 33 -39.68 -68.35 6.91
CA LYS K 33 -41.12 -68.59 6.86
C LYS K 33 -41.47 -69.64 5.80
N ILE K 34 -40.91 -69.51 4.59
CA ILE K 34 -41.19 -70.49 3.55
C ILE K 34 -40.53 -71.83 3.84
N LEU K 35 -39.59 -71.86 4.79
CA LEU K 35 -38.97 -73.12 5.18
C LEU K 35 -39.97 -74.07 5.83
N GLN K 36 -41.07 -73.55 6.36
CA GLN K 36 -42.16 -74.36 6.90
C GLN K 36 -43.27 -74.59 5.87
N ASP K 37 -43.00 -74.30 4.60
CA ASP K 37 -44.00 -74.46 3.52
C ASP K 37 -43.24 -74.84 2.26
N GLN K 38 -42.99 -76.14 2.09
CA GLN K 38 -42.27 -76.62 0.92
C GLN K 38 -42.95 -76.25 -0.41
N PRO K 39 -44.28 -76.29 -0.55
CA PRO K 39 -44.88 -75.82 -1.81
C PRO K 39 -44.47 -74.41 -2.20
N SER K 40 -44.33 -73.50 -1.24
CA SER K 40 -43.87 -72.15 -1.55
C SER K 40 -42.42 -72.16 -2.05
N MET K 41 -41.59 -73.05 -1.53
CA MET K 41 -40.22 -73.17 -2.03
C MET K 41 -40.19 -73.78 -3.41
N GLU K 42 -41.09 -74.74 -3.68
CA GLU K 42 -41.14 -75.33 -5.02
C GLU K 42 -41.52 -74.29 -6.06
N ALA K 43 -42.48 -73.42 -5.75
CA ALA K 43 -42.85 -72.35 -6.66
C ALA K 43 -41.71 -71.36 -6.84
N LEU K 44 -41.00 -71.04 -5.75
CA LEU K 44 -39.91 -70.08 -5.84
C LEU K 44 -38.73 -70.66 -6.64
N GLU K 45 -38.46 -71.95 -6.48
CA GLU K 45 -37.46 -72.60 -7.32
C GLU K 45 -37.84 -72.52 -8.80
N ALA K 46 -39.09 -72.86 -9.13
CA ALA K 46 -39.53 -72.85 -10.52
C ALA K 46 -39.48 -71.45 -11.11
N SER K 47 -39.91 -70.43 -10.35
CA SER K 47 -39.90 -69.07 -10.84
C SER K 47 -38.48 -68.61 -11.16
N LEU K 48 -37.54 -68.87 -10.26
CA LEU K 48 -36.15 -68.46 -10.48
C LEU K 48 -35.53 -69.22 -11.64
N GLY K 49 -35.81 -70.53 -11.74
CA GLY K 49 -35.25 -71.31 -12.83
C GLY K 49 -35.76 -70.85 -14.19
N GLN K 50 -37.07 -70.59 -14.30
CA GLN K 50 -37.60 -70.08 -15.55
C GLN K 50 -37.12 -68.65 -15.81
N GLY K 51 -37.00 -67.85 -14.75
CA GLY K 51 -36.53 -66.48 -14.92
C GLY K 51 -35.08 -66.39 -15.34
N LEU K 52 -34.25 -67.34 -14.91
CA LEU K 52 -32.84 -67.33 -15.31
C LEU K 52 -32.66 -67.78 -16.75
N CYS K 53 -33.51 -68.71 -17.22
CA CYS K 53 -33.36 -69.22 -18.58
C CYS K 53 -33.94 -68.25 -19.61
N SER K 54 -35.09 -67.65 -19.32
CA SER K 54 -35.73 -66.73 -20.25
C SER K 54 -35.21 -65.30 -20.11
N GLY K 55 -34.93 -64.87 -18.88
CA GLY K 55 -34.49 -63.52 -18.62
C GLY K 55 -35.56 -62.46 -18.72
N GLY K 56 -36.82 -62.85 -18.92
CA GLY K 56 -37.92 -61.91 -19.02
C GLY K 56 -38.57 -61.64 -17.68
N GLN K 57 -39.81 -61.17 -17.74
CA GLN K 57 -40.55 -60.88 -16.53
C GLN K 57 -40.91 -62.18 -15.81
N VAL K 58 -40.79 -62.15 -14.48
CA VAL K 58 -41.19 -63.26 -13.63
C VAL K 58 -42.53 -62.92 -12.99
N GLU K 59 -43.46 -63.85 -13.05
CA GLU K 59 -44.79 -63.62 -12.49
C GLU K 59 -44.68 -63.51 -10.98
N PRO K 60 -45.28 -62.49 -10.37
CA PRO K 60 -45.13 -62.29 -8.92
C PRO K 60 -45.73 -63.43 -8.12
N LEU K 61 -45.14 -63.71 -6.98
CA LEU K 61 -45.62 -64.73 -6.06
C LEU K 61 -46.16 -64.06 -4.79
N ASP K 62 -46.98 -64.81 -4.06
CA ASP K 62 -47.61 -64.33 -2.84
C ASP K 62 -46.93 -64.90 -1.59
N GLY K 63 -47.14 -64.20 -0.48
CA GLY K 63 -46.62 -64.62 0.80
C GLY K 63 -45.14 -64.36 0.96
N PRO K 64 -44.50 -65.12 1.84
CA PRO K 64 -43.06 -64.89 2.08
C PRO K 64 -42.20 -65.17 0.85
N ALA K 65 -42.62 -66.11 -0.01
CA ALA K 65 -41.89 -66.34 -1.25
C ALA K 65 -41.91 -65.10 -2.12
N GLY K 66 -43.02 -64.35 -2.12
CA GLY K 66 -43.08 -63.12 -2.87
C GLY K 66 -42.26 -62.00 -2.26
N CYS K 67 -42.17 -61.96 -0.93
CA CYS K 67 -41.31 -60.98 -0.28
C CYS K 67 -39.85 -61.22 -0.62
N ILE K 68 -39.45 -62.48 -0.78
CA ILE K 68 -38.11 -62.80 -1.24
C ILE K 68 -37.92 -62.36 -2.67
N LEU K 69 -38.94 -62.60 -3.52
CA LEU K 69 -38.83 -62.25 -4.93
C LEU K 69 -38.74 -60.74 -5.13
N GLU K 70 -39.37 -59.96 -4.24
CA GLU K 70 -39.27 -58.51 -4.31
C GLU K 70 -37.82 -58.05 -4.20
N CYS K 71 -36.99 -58.76 -3.46
CA CYS K 71 -35.60 -58.38 -3.24
C CYS K 71 -34.67 -58.87 -4.33
N LEU K 72 -35.19 -59.49 -5.39
CA LEU K 72 -34.36 -60.07 -6.44
C LEU K 72 -34.75 -59.63 -7.84
N VAL K 73 -35.73 -58.73 -7.99
CA VAL K 73 -36.26 -58.33 -9.28
C VAL K 73 -36.17 -56.82 -9.40
N LEU K 74 -36.11 -56.34 -10.64
CA LEU K 74 -36.15 -54.92 -10.91
C LEU K 74 -37.58 -54.40 -10.81
N ASP K 75 -37.75 -53.09 -10.99
CA ASP K 75 -39.09 -52.52 -11.03
C ASP K 75 -39.85 -53.04 -12.25
N SER K 76 -39.16 -53.23 -13.37
CA SER K 76 -39.79 -53.72 -14.58
C SER K 76 -40.11 -55.22 -14.52
N GLY K 77 -39.67 -55.92 -13.48
CA GLY K 77 -40.02 -57.31 -13.26
C GLY K 77 -38.96 -58.33 -13.59
N GLU K 78 -37.93 -57.98 -14.36
CA GLU K 78 -36.90 -58.94 -14.71
C GLU K 78 -36.05 -59.29 -13.49
N LEU K 79 -35.51 -60.51 -13.48
CA LEU K 79 -34.59 -60.92 -12.43
C LEU K 79 -33.26 -60.20 -12.55
N VAL K 80 -32.64 -59.94 -11.40
CA VAL K 80 -31.24 -59.55 -11.33
C VAL K 80 -30.42 -60.83 -11.23
N PRO K 81 -29.74 -61.26 -12.29
CA PRO K 81 -29.04 -62.55 -12.24
C PRO K 81 -28.02 -62.64 -11.11
N GLU K 82 -27.31 -61.54 -10.83
CA GLU K 82 -26.31 -61.56 -9.77
C GLU K 82 -26.94 -61.81 -8.40
N LEU K 83 -28.21 -61.47 -8.22
CA LEU K 83 -28.91 -61.67 -6.96
C LEU K 83 -29.75 -62.94 -6.93
N ALA K 84 -30.40 -63.28 -8.05
CA ALA K 84 -31.30 -64.43 -8.06
C ALA K 84 -30.52 -65.74 -8.05
N ALA K 85 -29.37 -65.78 -8.74
CA ALA K 85 -28.61 -67.02 -8.84
C ALA K 85 -28.15 -67.55 -7.49
N PRO K 86 -27.58 -66.75 -6.57
CA PRO K 86 -27.23 -67.31 -5.26
C PRO K 86 -28.43 -67.78 -4.47
N ILE K 87 -29.57 -67.10 -4.58
CA ILE K 87 -30.78 -67.53 -3.90
C ILE K 87 -31.28 -68.84 -4.49
N PHE K 88 -31.23 -68.97 -5.82
CA PHE K 88 -31.61 -70.23 -6.47
C PHE K 88 -30.68 -71.35 -6.04
N TYR K 89 -29.39 -71.06 -5.89
CA TYR K 89 -28.45 -72.07 -5.42
C TYR K 89 -28.77 -72.48 -3.98
N LEU K 90 -29.16 -71.52 -3.14
CA LEU K 90 -29.52 -71.84 -1.77
C LEU K 90 -30.79 -72.69 -1.71
N LEU K 91 -31.77 -72.39 -2.57
CA LEU K 91 -33.01 -73.16 -2.58
C LEU K 91 -32.77 -74.61 -3.02
N GLY K 92 -31.80 -74.83 -3.91
CA GLY K 92 -31.46 -76.19 -4.27
C GLY K 92 -30.79 -76.93 -3.14
N ALA K 93 -29.97 -76.23 -2.35
CA ALA K 93 -29.33 -76.86 -1.19
C ALA K 93 -30.34 -77.12 -0.08
N LEU K 94 -31.32 -76.22 0.09
CA LEU K 94 -32.35 -76.44 1.10
C LEU K 94 -33.30 -77.56 0.70
N ALA K 95 -33.48 -77.79 -0.60
CA ALA K 95 -34.34 -78.88 -1.06
C ALA K 95 -33.73 -80.25 -0.82
N VAL K 96 -32.39 -80.32 -0.68
CA VAL K 96 -31.74 -81.60 -0.39
C VAL K 96 -31.99 -82.00 1.06
N LEU K 97 -32.08 -81.03 1.96
CA LEU K 97 -32.26 -81.31 3.37
C LEU K 97 -33.64 -81.89 3.65
N SER K 98 -33.78 -82.50 4.82
CA SER K 98 -35.07 -83.06 5.24
C SER K 98 -35.96 -81.97 5.83
N GLU K 99 -37.25 -82.29 5.94
CA GLU K 99 -38.19 -81.33 6.50
C GLU K 99 -37.86 -81.01 7.95
N THR K 100 -37.42 -82.02 8.71
CA THR K 100 -36.99 -81.78 10.08
C THR K 100 -35.79 -80.84 10.13
N GLN K 101 -34.85 -81.03 9.21
CA GLN K 101 -33.70 -80.13 9.12
C GLN K 101 -34.15 -78.72 8.75
N GLN K 102 -35.16 -78.60 7.90
CA GLN K 102 -35.66 -77.28 7.53
C GLN K 102 -36.27 -76.56 8.72
N GLN K 103 -37.04 -77.28 9.55
CA GLN K 103 -37.63 -76.66 10.74
C GLN K 103 -36.56 -76.28 11.75
N LEU K 104 -35.53 -77.13 11.89
CA LEU K 104 -34.44 -76.82 12.81
C LEU K 104 -33.68 -75.58 12.36
N LEU K 105 -33.43 -75.46 11.04
CA LEU K 105 -32.76 -74.27 10.52
C LEU K 105 -33.62 -73.03 10.72
N ALA K 106 -34.95 -73.18 10.58
CA ALA K 106 -35.85 -72.05 10.84
C ALA K 106 -35.74 -71.58 12.29
N LYS K 107 -35.46 -72.50 13.21
CA LYS K 107 -35.21 -72.11 14.60
C LYS K 107 -33.86 -71.43 14.74
N ALA K 108 -32.87 -71.87 13.95
CA ALA K 108 -31.50 -71.41 14.14
C ALA K 108 -31.30 -69.98 13.64
N LEU K 109 -32.20 -69.45 12.81
CA LEU K 109 -32.05 -68.09 12.34
C LEU K 109 -32.26 -67.05 13.44
N GLU K 110 -32.83 -67.46 14.57
CA GLU K 110 -33.11 -66.55 15.68
C GLU K 110 -31.87 -66.23 16.51
N THR K 111 -30.80 -66.98 16.36
CA THR K 111 -29.62 -66.84 17.21
C THR K 111 -28.37 -66.74 16.34
N THR K 112 -27.24 -66.43 17.01
CA THR K 112 -25.93 -66.48 16.37
C THR K 112 -25.35 -67.89 16.37
N VAL K 113 -26.05 -68.85 16.96
CA VAL K 113 -25.58 -70.24 16.98
C VAL K 113 -25.47 -70.78 15.57
N LEU K 114 -26.26 -70.24 14.63
CA LEU K 114 -26.15 -70.62 13.22
C LEU K 114 -24.71 -70.59 12.75
N SER K 115 -23.96 -69.54 13.13
CA SER K 115 -22.55 -69.46 12.76
C SER K 115 -21.76 -70.62 13.35
N LYS K 116 -21.97 -70.90 14.64
CA LYS K 116 -21.28 -72.00 15.30
C LYS K 116 -21.50 -73.33 14.57
N GLN K 117 -22.75 -73.62 14.21
CA GLN K 117 -23.06 -74.87 13.52
C GLN K 117 -22.32 -74.96 12.19
N LEU K 118 -22.23 -73.85 11.47
CA LEU K 118 -21.50 -73.83 10.20
C LEU K 118 -20.06 -74.28 10.38
N GLU K 119 -19.36 -73.72 11.37
CA GLU K 119 -17.96 -74.05 11.56
C GLU K 119 -17.77 -75.51 11.99
N LEU K 120 -18.77 -76.09 12.65
CA LEU K 120 -18.72 -77.50 12.98
C LEU K 120 -18.83 -78.37 11.73
N VAL K 121 -19.83 -78.09 10.89
CA VAL K 121 -20.02 -78.86 9.67
C VAL K 121 -18.81 -78.71 8.75
N LYS K 122 -18.25 -77.50 8.66
CA LYS K 122 -17.01 -77.31 7.91
C LYS K 122 -15.92 -78.24 8.42
N HIS K 123 -15.75 -78.31 9.74
CA HIS K 123 -14.74 -79.19 10.32
C HIS K 123 -15.04 -80.65 10.01
N VAL K 124 -16.32 -81.03 10.01
CA VAL K 124 -16.69 -82.41 9.69
C VAL K 124 -16.26 -82.76 8.27
N LEU K 125 -16.39 -81.81 7.34
CA LEU K 125 -15.99 -82.07 5.97
C LEU K 125 -14.47 -82.07 5.82
N GLU K 126 -13.78 -81.22 6.58
CA GLU K 126 -12.32 -81.16 6.50
C GLU K 126 -11.66 -82.38 7.16
N GLN K 127 -12.11 -82.74 8.37
CA GLN K 127 -11.40 -83.76 9.12
C GLN K 127 -11.56 -85.16 8.54
N SER K 128 -12.59 -85.40 7.72
CA SER K 128 -12.81 -86.70 7.14
C SER K 128 -12.14 -86.88 5.79
N THR K 129 -11.49 -85.84 5.26
CA THR K 129 -10.78 -85.95 3.99
C THR K 129 -9.59 -86.89 4.13
N PRO K 130 -9.42 -87.88 3.23
CA PRO K 130 -10.25 -88.17 2.05
C PRO K 130 -11.61 -88.77 2.43
N TRP K 131 -12.67 -88.23 1.81
CA TRP K 131 -14.03 -88.54 2.20
C TRP K 131 -14.42 -89.99 1.97
N GLN K 132 -13.76 -90.71 1.07
CA GLN K 132 -14.18 -92.06 0.72
C GLN K 132 -13.84 -93.09 1.78
N GLU K 133 -13.19 -92.72 2.88
CA GLU K 133 -12.92 -93.63 3.98
C GLU K 133 -13.75 -93.25 5.19
N GLN K 134 -14.41 -94.23 5.79
CA GLN K 134 -15.09 -94.00 7.06
C GLN K 134 -14.07 -93.80 8.17
N SER K 135 -14.27 -92.77 8.99
CA SER K 135 -13.28 -92.38 9.98
C SER K 135 -13.98 -91.83 11.21
N SER K 136 -13.19 -91.52 12.23
CA SER K 136 -13.66 -90.88 13.45
C SER K 136 -13.13 -89.45 13.50
N VAL K 137 -13.91 -88.58 14.13
CA VAL K 137 -13.57 -87.15 14.21
C VAL K 137 -13.82 -86.67 15.64
N SER K 138 -12.82 -86.01 16.22
CA SER K 138 -12.98 -85.37 17.52
C SER K 138 -13.45 -83.93 17.33
N LEU K 139 -14.35 -83.50 18.22
CA LEU K 139 -14.93 -82.18 18.11
C LEU K 139 -14.54 -81.32 19.32
N PRO K 140 -14.42 -80.01 19.14
CA PRO K 140 -14.20 -79.13 20.30
C PRO K 140 -15.43 -79.08 21.18
N THR K 141 -15.22 -79.28 22.49
CA THR K 141 -16.33 -79.22 23.44
C THR K 141 -16.96 -77.84 23.47
N VAL K 142 -16.19 -76.81 23.10
CA VAL K 142 -16.70 -75.44 23.11
C VAL K 142 -17.81 -75.24 22.10
N LEU K 143 -17.93 -76.13 21.11
CA LEU K 143 -18.92 -76.01 20.05
C LEU K 143 -20.11 -76.95 20.23
N LEU K 144 -20.11 -77.78 21.27
CA LEU K 144 -21.13 -78.81 21.44
C LEU K 144 -22.31 -78.34 22.30
N GLY K 145 -22.30 -77.11 22.77
CA GLY K 145 -23.41 -76.59 23.54
C GLY K 145 -23.36 -77.00 25.00
N ASP K 146 -24.47 -76.75 25.68
CA ASP K 146 -24.56 -77.07 27.11
C ASP K 146 -24.61 -78.59 27.33
N CYS K 147 -25.53 -79.26 26.65
CA CYS K 147 -25.68 -80.71 26.77
C CYS K 147 -25.64 -81.30 25.37
N TRP K 148 -24.59 -82.07 25.07
CA TRP K 148 -24.41 -82.70 23.76
C TRP K 148 -25.01 -84.10 23.81
N ASP K 149 -26.18 -84.26 23.21
CA ASP K 149 -26.85 -85.55 23.16
C ASP K 149 -27.81 -85.55 21.99
N GLU K 150 -28.55 -86.66 21.84
CA GLU K 150 -29.46 -86.83 20.71
C GLU K 150 -30.68 -85.92 20.78
N LYS K 151 -30.79 -85.05 21.78
CA LYS K 151 -31.87 -84.08 21.86
C LYS K 151 -31.40 -82.66 21.56
N ASN K 152 -30.11 -82.47 21.27
CA ASN K 152 -29.58 -81.19 20.82
C ASN K 152 -29.92 -80.99 19.35
N PRO K 153 -30.36 -79.78 18.97
CA PRO K 153 -30.72 -79.54 17.56
C PRO K 153 -29.58 -79.80 16.58
N THR K 154 -28.33 -79.49 16.98
CA THR K 154 -27.20 -79.74 16.09
C THR K 154 -26.98 -81.24 15.90
N TRP K 155 -27.19 -82.03 16.96
CA TRP K 155 -27.13 -83.48 16.84
C TRP K 155 -28.14 -83.98 15.82
N VAL K 156 -29.37 -83.49 15.90
CA VAL K 156 -30.42 -83.96 14.98
C VAL K 156 -30.08 -83.55 13.55
N LEU K 157 -29.52 -82.36 13.37
CA LEU K 157 -29.07 -81.95 12.04
C LEU K 157 -28.05 -82.91 11.48
N LEU K 158 -27.07 -83.30 12.30
CA LEU K 158 -26.06 -84.24 11.83
C LEU K 158 -26.61 -85.66 11.69
N GLU K 159 -27.50 -86.05 12.60
CA GLU K 159 -28.05 -87.41 12.54
C GLU K 159 -28.96 -87.58 11.33
N GLU K 160 -29.75 -86.56 11.00
CA GLU K 160 -30.64 -86.65 9.85
C GLU K 160 -29.88 -86.69 8.53
N CYS K 161 -28.60 -86.33 8.53
CA CYS K 161 -27.75 -86.50 7.37
C CYS K 161 -27.28 -87.93 7.20
N GLY K 162 -27.55 -88.81 8.17
CA GLY K 162 -27.06 -90.17 8.16
C GLY K 162 -25.80 -90.38 8.97
N LEU K 163 -25.30 -89.36 9.67
CA LEU K 163 -24.10 -89.49 10.48
C LEU K 163 -24.44 -90.15 11.81
N ARG K 164 -23.69 -91.20 12.15
CA ARG K 164 -23.83 -91.87 13.43
C ARG K 164 -22.98 -91.14 14.46
N LEU K 165 -23.60 -90.70 15.55
CA LEU K 165 -22.94 -89.84 16.53
C LEU K 165 -22.90 -90.49 17.90
N GLN K 166 -22.09 -89.90 18.77
CA GLN K 166 -22.01 -90.28 20.17
C GLN K 166 -21.70 -89.02 20.97
N VAL K 167 -21.83 -89.12 22.29
CA VAL K 167 -21.66 -87.95 23.15
C VAL K 167 -20.18 -87.64 23.38
N GLU K 168 -19.41 -88.65 23.76
CA GLU K 168 -18.00 -88.45 24.11
C GLU K 168 -17.10 -88.50 22.89
N SER K 169 -15.97 -87.81 23.00
CA SER K 169 -14.98 -87.81 21.92
C SER K 169 -14.33 -89.18 21.80
N PRO K 170 -14.14 -89.69 20.56
CA PRO K 170 -14.50 -89.04 19.31
C PRO K 170 -16.00 -89.12 19.00
N GLN K 171 -16.61 -87.98 18.69
CA GLN K 171 -18.06 -87.89 18.61
C GLN K 171 -18.63 -88.22 17.24
N VAL K 172 -17.85 -88.03 16.17
CA VAL K 172 -18.38 -88.09 14.80
C VAL K 172 -17.86 -89.35 14.12
N HIS K 173 -18.77 -90.09 13.48
CA HIS K 173 -18.44 -91.19 12.59
C HIS K 173 -18.84 -90.79 11.18
N TRP K 174 -17.86 -90.69 10.29
CA TRP K 174 -18.09 -90.25 8.92
C TRP K 174 -18.48 -91.44 8.05
N GLU K 175 -19.57 -91.27 7.30
CA GLU K 175 -20.06 -92.26 6.35
C GLU K 175 -20.21 -91.60 5.00
N PRO K 176 -19.59 -92.13 3.94
CA PRO K 176 -19.67 -91.46 2.62
C PRO K 176 -21.07 -91.32 2.08
N THR K 177 -22.02 -92.16 2.51
CA THR K 177 -23.40 -92.01 2.06
C THR K 177 -24.02 -90.71 2.55
N SER K 178 -23.43 -90.05 3.53
CA SER K 178 -23.94 -88.80 4.07
C SER K 178 -23.37 -87.57 3.38
N LEU K 179 -22.53 -87.74 2.36
CA LEU K 179 -21.81 -86.61 1.79
C LEU K 179 -22.75 -85.64 1.07
N ILE K 180 -23.59 -86.15 0.18
CA ILE K 180 -24.44 -85.28 -0.63
C ILE K 180 -25.38 -84.42 0.21
N PRO K 181 -26.12 -84.98 1.19
CA PRO K 181 -26.96 -84.09 2.01
C PRO K 181 -26.16 -83.17 2.92
N THR K 182 -25.10 -83.69 3.55
CA THR K 182 -24.30 -82.86 4.46
C THR K 182 -23.67 -81.69 3.75
N SER K 183 -23.10 -81.92 2.56
CA SER K 183 -22.52 -80.83 1.77
C SER K 183 -23.55 -79.73 1.53
N ALA K 184 -24.78 -80.11 1.16
CA ALA K 184 -25.84 -79.13 0.98
C ALA K 184 -26.10 -78.38 2.29
N LEU K 185 -26.12 -79.10 3.41
CA LEU K 185 -26.30 -78.45 4.71
C LEU K 185 -25.18 -77.45 4.99
N TYR K 186 -23.94 -77.82 4.68
CA TYR K 186 -22.83 -76.88 4.81
C TYR K 186 -23.07 -75.62 3.98
N ALA K 187 -23.36 -75.80 2.70
CA ALA K 187 -23.63 -74.65 1.83
C ALA K 187 -24.79 -73.81 2.36
N SER K 188 -25.84 -74.48 2.86
CA SER K 188 -26.96 -73.76 3.45
C SER K 188 -26.50 -72.90 4.64
N LEU K 189 -25.81 -73.52 5.61
CA LEU K 189 -25.37 -72.79 6.79
C LEU K 189 -24.45 -71.63 6.43
N PHE K 190 -23.63 -71.78 5.39
CA PHE K 190 -22.75 -70.69 4.99
C PHE K 190 -23.56 -69.50 4.46
N LEU K 191 -24.44 -69.75 3.50
CA LEU K 191 -25.20 -68.66 2.89
C LEU K 191 -26.14 -68.01 3.90
N LEU K 192 -26.75 -68.81 4.78
CA LEU K 192 -27.58 -68.25 5.84
C LEU K 192 -26.77 -67.36 6.76
N SER K 193 -25.55 -67.77 7.11
CA SER K 193 -24.71 -66.94 7.96
C SER K 193 -24.30 -65.65 7.26
N SER K 194 -24.04 -65.72 5.96
CA SER K 194 -23.65 -64.52 5.23
C SER K 194 -24.81 -63.53 5.06
N LEU K 195 -26.05 -63.99 5.23
CA LEU K 195 -27.20 -63.10 5.13
C LEU K 195 -27.53 -62.40 6.44
N GLY K 196 -27.25 -63.03 7.57
CA GLY K 196 -27.54 -62.42 8.85
C GLY K 196 -26.38 -61.68 9.46
N GLN K 197 -25.41 -61.30 8.64
CA GLN K 197 -24.21 -60.60 9.10
C GLN K 197 -24.25 -59.12 8.74
N LEU L 1 25.59 8.16 16.17
CA LEU L 1 24.83 8.76 17.24
C LEU L 1 23.58 9.44 16.69
N SER L 2 22.58 8.65 16.34
CA SER L 2 21.35 9.15 15.76
C SER L 2 20.28 9.31 16.84
N LEU L 3 19.26 10.09 16.50
CA LEU L 3 18.09 10.28 17.35
C LEU L 3 16.96 9.40 16.82
N LEU L 4 16.35 8.61 17.72
CA LEU L 4 15.28 7.70 17.34
C LEU L 4 14.10 7.90 18.27
N SER L 5 12.98 7.28 17.91
CA SER L 5 11.78 7.34 18.75
C SER L 5 12.03 6.59 20.06
N ASP L 6 11.12 6.79 21.00
CA ASP L 6 11.32 6.29 22.37
C ASP L 6 11.44 4.78 22.39
N GLY L 7 10.68 4.09 21.54
CA GLY L 7 10.66 2.63 21.60
C GLY L 7 11.92 1.99 21.05
N ILE L 8 12.48 2.57 19.98
CA ILE L 8 13.58 1.93 19.27
C ILE L 8 14.83 1.94 20.13
N ASP L 9 15.54 0.81 20.15
CA ASP L 9 16.82 0.68 20.83
C ASP L 9 17.78 -0.02 19.89
N GLU L 10 18.91 0.64 19.60
CA GLU L 10 19.86 0.08 18.64
C GLU L 10 20.57 -1.15 19.18
N GLU L 11 20.70 -1.27 20.50
CA GLU L 11 21.39 -2.40 21.10
C GLU L 11 20.48 -3.16 22.06
N GLU L 12 19.33 -3.61 21.56
CA GLU L 12 18.39 -4.34 22.41
C GLU L 12 18.91 -5.72 22.77
N LEU L 13 19.45 -6.45 21.78
CA LEU L 13 19.96 -7.79 22.02
C LEU L 13 21.10 -7.83 23.02
N ILE L 14 21.70 -6.68 23.32
CA ILE L 14 22.65 -6.60 24.43
C ILE L 14 21.91 -6.45 25.75
N GLU L 15 20.91 -5.57 25.78
CA GLU L 15 20.12 -5.34 26.99
C GLU L 15 19.39 -6.61 27.41
N ALA L 16 19.80 -7.18 28.54
CA ALA L 16 19.20 -8.40 29.06
C ALA L 16 19.40 -8.45 30.56
N ALA L 17 19.00 -9.56 31.15
CA ALA L 17 19.20 -9.81 32.58
C ALA L 17 19.83 -11.16 32.83
N ASP L 18 19.42 -12.19 32.11
CA ASP L 18 20.01 -13.52 32.21
C ASP L 18 20.02 -14.13 30.81
N PHE L 19 20.37 -15.42 30.73
CA PHE L 19 20.44 -16.08 29.43
C PHE L 19 19.06 -16.42 28.88
N GLN L 20 18.11 -16.75 29.75
CA GLN L 20 16.78 -17.12 29.28
C GLN L 20 16.09 -15.94 28.60
N GLY L 21 16.25 -14.73 29.15
CA GLY L 21 15.70 -13.55 28.49
C GLY L 21 16.39 -13.24 27.18
N LEU L 22 17.69 -13.51 27.10
CA LEU L 22 18.41 -13.28 25.85
C LEU L 22 17.96 -14.25 24.76
N TYR L 23 17.80 -15.53 25.12
CA TYR L 23 17.37 -16.53 24.13
C TYR L 23 15.97 -16.22 23.62
N ALA L 24 15.03 -15.97 24.52
CA ALA L 24 13.66 -15.69 24.10
C ALA L 24 13.58 -14.46 23.21
N GLU L 25 14.37 -13.42 23.54
CA GLU L 25 14.37 -12.21 22.73
C GLU L 25 14.91 -12.48 21.34
N VAL L 26 15.99 -13.27 21.24
CA VAL L 26 16.55 -13.60 19.93
C VAL L 26 15.65 -14.59 19.21
N LYS L 27 15.06 -15.54 19.94
CA LYS L 27 14.15 -16.49 19.32
C LYS L 27 12.94 -15.79 18.73
N ALA L 28 12.42 -14.77 19.43
CA ALA L 28 11.30 -14.00 18.90
C ALA L 28 11.70 -13.28 17.62
N CYS L 29 12.92 -12.75 17.56
CA CYS L 29 13.40 -12.11 16.34
C CYS L 29 13.57 -13.12 15.21
N SER L 30 14.09 -14.31 15.53
CA SER L 30 14.29 -15.32 14.50
C SER L 30 12.99 -15.99 14.08
N SER L 31 11.95 -15.93 14.91
CA SER L 31 10.69 -16.59 14.57
C SER L 31 10.00 -15.91 13.39
N GLU L 32 9.92 -14.57 13.42
CA GLU L 32 9.26 -13.85 12.34
C GLU L 32 10.05 -13.88 11.04
N LEU L 33 11.37 -14.08 11.11
CA LEU L 33 12.15 -14.23 9.89
C LEU L 33 11.87 -15.56 9.20
N GLU L 34 11.44 -16.57 9.95
CA GLU L 34 11.11 -17.86 9.36
C GLU L 34 9.93 -17.78 8.41
N SER L 35 9.10 -16.76 8.53
CA SER L 35 7.95 -16.58 7.64
C SER L 35 8.32 -15.92 6.32
N LEU L 36 9.58 -15.56 6.14
CA LEU L 36 10.05 -14.97 4.89
C LEU L 36 10.39 -16.05 3.89
N GLU L 37 10.21 -15.73 2.60
CA GLU L 37 10.47 -16.68 1.53
C GLU L 37 11.93 -17.15 1.56
N MET L 38 12.13 -18.38 1.10
CA MET L 38 13.47 -18.98 1.13
C MET L 38 14.47 -18.16 0.33
N GLU L 39 14.07 -17.68 -0.86
CA GLU L 39 14.98 -16.90 -1.70
C GLU L 39 15.37 -15.59 -1.04
N LEU L 40 14.42 -14.93 -0.37
CA LEU L 40 14.70 -13.64 0.25
C LEU L 40 15.58 -13.77 1.49
N ARG L 41 15.43 -14.85 2.26
CA ARG L 41 16.29 -15.05 3.41
C ARG L 41 17.73 -15.32 2.99
N GLN L 42 17.93 -16.09 1.91
CA GLN L 42 19.27 -16.28 1.39
C GLN L 42 19.81 -15.00 0.77
N GLN L 43 18.94 -14.18 0.17
CA GLN L 43 19.37 -12.89 -0.36
C GLN L 43 19.85 -11.98 0.77
N ILE L 44 19.10 -11.94 1.87
CA ILE L 44 19.52 -11.16 3.03
C ILE L 44 20.82 -11.70 3.60
N LEU L 45 20.94 -13.02 3.67
CA LEU L 45 22.11 -13.63 4.28
C LEU L 45 23.39 -13.33 3.51
N VAL L 46 23.33 -13.47 2.18
CA VAL L 46 24.52 -13.23 1.37
C VAL L 46 24.94 -11.77 1.43
N ASN L 47 23.99 -10.85 1.32
CA ASN L 47 24.33 -9.43 1.32
C ASN L 47 24.73 -8.92 2.69
N ILE L 48 24.28 -9.58 3.77
CA ILE L 48 24.81 -9.26 5.09
C ILE L 48 26.27 -9.66 5.17
N GLY L 49 26.63 -10.81 4.63
CA GLY L 49 28.03 -11.20 4.56
C GLY L 49 28.87 -10.24 3.75
N LYS L 50 28.26 -9.54 2.79
CA LYS L 50 28.99 -8.55 2.01
C LYS L 50 29.19 -7.25 2.79
N ILE L 51 28.14 -6.74 3.43
CA ILE L 51 28.25 -5.50 4.18
C ILE L 51 29.07 -5.63 5.46
N LEU L 52 29.33 -6.86 5.91
CA LEU L 52 30.18 -7.04 7.08
C LEU L 52 31.62 -6.60 6.81
N GLN L 53 32.04 -6.60 5.55
CA GLN L 53 33.36 -6.11 5.16
C GLN L 53 33.34 -4.65 4.77
N ASP L 54 32.21 -3.96 4.95
CA ASP L 54 32.05 -2.56 4.54
C ASP L 54 31.24 -1.87 5.65
N GLN L 55 31.95 -1.36 6.66
CA GLN L 55 31.27 -0.72 7.79
C GLN L 55 30.38 0.45 7.38
N PRO L 56 30.78 1.34 6.45
CA PRO L 56 29.84 2.40 6.03
C PRO L 56 28.51 1.86 5.50
N SER L 57 28.50 0.66 4.92
CA SER L 57 27.25 0.08 4.44
C SER L 57 26.39 -0.40 5.59
N MET L 58 27.01 -0.93 6.65
CA MET L 58 26.23 -1.31 7.83
C MET L 58 25.69 -0.09 8.56
N GLU L 59 26.49 0.97 8.66
CA GLU L 59 26.03 2.18 9.33
C GLU L 59 24.86 2.82 8.59
N ALA L 60 24.94 2.84 7.26
CA ALA L 60 23.85 3.41 6.46
C ALA L 60 22.57 2.59 6.59
N LEU L 61 22.69 1.26 6.62
CA LEU L 61 21.50 0.42 6.73
C LEU L 61 20.85 0.54 8.09
N GLU L 62 21.64 0.67 9.16
CA GLU L 62 21.08 0.93 10.48
C GLU L 62 20.25 2.21 10.50
N ALA L 63 20.80 3.30 9.95
CA ALA L 63 20.09 4.57 9.95
C ALA L 63 18.79 4.47 9.14
N SER L 64 18.83 3.83 7.98
CA SER L 64 17.63 3.67 7.16
C SER L 64 16.58 2.84 7.88
N LEU L 65 16.99 1.71 8.47
CA LEU L 65 16.03 0.86 9.18
C LEU L 65 15.50 1.56 10.43
N GLY L 66 16.36 2.28 11.16
CA GLY L 66 15.91 2.98 12.34
C GLY L 66 14.92 4.08 12.00
N GLN L 67 15.18 4.82 10.92
CA GLN L 67 14.26 5.89 10.50
C GLN L 67 12.92 5.32 10.05
N GLY L 68 12.94 4.21 9.30
CA GLY L 68 11.70 3.58 8.89
C GLY L 68 10.90 3.03 10.05
N LEU L 69 11.59 2.59 11.10
CA LEU L 69 10.91 2.07 12.28
C LEU L 69 10.30 3.20 13.12
N CYS L 70 10.88 4.39 13.07
CA CYS L 70 10.38 5.48 13.90
C CYS L 70 9.04 6.00 13.36
N SER L 71 8.34 6.73 14.23
CA SER L 71 6.98 7.18 13.96
C SER L 71 6.91 8.06 12.71
N GLY L 72 6.52 7.47 11.59
CA GLY L 72 6.26 8.20 10.38
C GLY L 72 7.42 8.38 9.43
N GLY L 73 8.57 7.78 9.73
CA GLY L 73 9.73 7.89 8.86
C GLY L 73 9.76 6.77 7.84
N GLN L 74 10.13 7.12 6.61
CA GLN L 74 10.34 6.13 5.56
C GLN L 74 11.83 5.90 5.36
N VAL L 75 12.14 4.87 4.57
CA VAL L 75 13.53 4.46 4.37
C VAL L 75 14.15 5.31 3.27
N GLU L 76 15.26 5.96 3.57
CA GLU L 76 16.05 6.58 2.52
C GLU L 76 16.73 5.49 1.71
N PRO L 77 16.47 5.36 0.41
CA PRO L 77 17.00 4.22 -0.34
C PRO L 77 18.52 4.24 -0.36
N LEU L 78 19.10 3.05 -0.31
CA LEU L 78 20.55 2.89 -0.37
C LEU L 78 20.95 2.12 -1.62
N ASP L 79 22.24 2.25 -1.96
CA ASP L 79 22.84 1.58 -3.10
C ASP L 79 23.66 0.39 -2.64
N GLY L 80 23.90 -0.54 -3.56
CA GLY L 80 24.73 -1.69 -3.26
C GLY L 80 24.03 -2.74 -2.42
N PRO L 81 24.83 -3.51 -1.67
CA PRO L 81 24.25 -4.61 -0.87
C PRO L 81 23.28 -4.14 0.20
N ALA L 82 23.46 -2.94 0.75
CA ALA L 82 22.49 -2.43 1.71
C ALA L 82 21.10 -2.30 1.08
N GLY L 83 21.05 -1.91 -0.19
CA GLY L 83 19.77 -1.86 -0.89
C GLY L 83 19.23 -3.24 -1.22
N CYS L 84 20.11 -4.19 -1.51
CA CYS L 84 19.65 -5.56 -1.77
C CYS L 84 19.01 -6.17 -0.54
N ILE L 85 19.51 -5.84 0.65
CA ILE L 85 18.86 -6.25 1.88
C ILE L 85 17.53 -5.50 2.04
N LEU L 86 17.53 -4.21 1.71
CA LEU L 86 16.35 -3.39 1.90
C LEU L 86 15.19 -3.82 1.00
N GLU L 87 15.49 -4.39 -0.18
CA GLU L 87 14.44 -4.90 -1.05
C GLU L 87 13.60 -5.97 -0.35
N CYS L 88 14.21 -6.75 0.54
CA CYS L 88 13.52 -7.85 1.20
C CYS L 88 12.73 -7.43 2.43
N LEU L 89 12.66 -6.13 2.72
CA LEU L 89 11.97 -5.65 3.91
C LEU L 89 10.96 -4.55 3.65
N VAL L 90 10.70 -4.19 2.39
CA VAL L 90 9.83 -3.07 2.07
C VAL L 90 8.73 -3.53 1.12
N LEU L 91 7.58 -2.85 1.21
CA LEU L 91 6.47 -3.05 0.31
C LEU L 91 6.68 -2.26 -0.98
N ASP L 92 5.72 -2.37 -1.90
CA ASP L 92 5.77 -1.53 -3.09
C ASP L 92 5.64 -0.05 -2.74
N SER L 93 4.86 0.27 -1.71
CA SER L 93 4.67 1.66 -1.31
C SER L 93 5.88 2.23 -0.59
N GLY L 94 6.88 1.41 -0.27
CA GLY L 94 8.10 1.89 0.33
C GLY L 94 8.18 1.67 1.82
N GLU L 95 7.06 1.35 2.46
CA GLU L 95 7.01 1.18 3.90
C GLU L 95 7.79 -0.06 4.33
N LEU L 96 8.37 0.00 5.51
CA LEU L 96 9.00 -1.17 6.09
C LEU L 96 7.95 -2.15 6.57
N VAL L 97 8.28 -3.43 6.50
CA VAL L 97 7.49 -4.45 7.19
C VAL L 97 8.08 -4.55 8.59
N PRO L 98 7.42 -4.00 9.60
CA PRO L 98 8.04 -3.95 10.94
C PRO L 98 8.43 -5.32 11.46
N GLU L 99 7.62 -6.35 11.19
CA GLU L 99 7.93 -7.69 11.66
C GLU L 99 9.22 -8.22 11.04
N LEU L 100 9.59 -7.73 9.87
CA LEU L 100 10.79 -8.15 9.16
C LEU L 100 11.97 -7.20 9.37
N ALA L 101 11.73 -5.89 9.36
CA ALA L 101 12.83 -4.94 9.46
C ALA L 101 13.41 -4.88 10.87
N ALA L 102 12.55 -5.00 11.89
CA ALA L 102 13.01 -4.90 13.27
C ALA L 102 14.03 -5.97 13.63
N PRO L 103 13.84 -7.26 13.33
CA PRO L 103 14.90 -8.24 13.66
C PRO L 103 16.20 -7.97 12.93
N ILE L 104 16.14 -7.46 11.69
CA ILE L 104 17.36 -7.10 10.99
C ILE L 104 18.04 -5.92 11.67
N PHE L 105 17.24 -4.96 12.13
CA PHE L 105 17.79 -3.82 12.88
C PHE L 105 18.47 -4.28 14.16
N TYR L 106 17.86 -5.24 14.87
CA TYR L 106 18.48 -5.76 16.09
C TYR L 106 19.73 -6.57 15.77
N LEU L 107 19.72 -7.30 14.65
CA LEU L 107 20.90 -8.06 14.25
C LEU L 107 22.06 -7.15 13.92
N LEU L 108 21.79 -6.08 13.15
CA LEU L 108 22.86 -5.15 12.78
C LEU L 108 23.41 -4.43 14.00
N GLY L 109 22.56 -4.15 15.00
CA GLY L 109 23.05 -3.54 16.22
C GLY L 109 24.00 -4.43 16.99
N ALA L 110 23.79 -5.75 16.94
CA ALA L 110 24.70 -6.67 17.60
C ALA L 110 25.99 -6.85 16.82
N LEU L 111 25.91 -6.88 15.49
CA LEU L 111 27.11 -7.01 14.67
C LEU L 111 28.00 -5.78 14.80
N ALA L 112 27.40 -4.59 14.91
CA ALA L 112 28.18 -3.36 15.02
C ALA L 112 28.96 -3.29 16.32
N VAL L 113 28.52 -4.00 17.36
CA VAL L 113 29.25 -3.98 18.63
C VAL L 113 30.48 -4.87 18.56
N LEU L 114 30.43 -5.93 17.76
CA LEU L 114 31.59 -6.77 17.54
C LEU L 114 32.68 -5.99 16.82
N SER L 115 33.93 -6.38 17.03
CA SER L 115 35.06 -5.72 16.39
C SER L 115 35.07 -6.02 14.90
N GLU L 116 35.86 -5.23 14.16
CA GLU L 116 35.95 -5.43 12.71
C GLU L 116 36.53 -6.80 12.38
N THR L 117 37.48 -7.28 13.19
CA THR L 117 38.02 -8.62 12.97
C THR L 117 36.92 -9.67 13.15
N GLN L 118 36.09 -9.52 14.18
CA GLN L 118 34.95 -10.42 14.34
C GLN L 118 33.96 -10.28 13.19
N GLN L 119 33.76 -9.05 12.70
CA GLN L 119 32.85 -8.85 11.57
C GLN L 119 33.38 -9.53 10.32
N GLN L 120 34.69 -9.42 10.07
CA GLN L 120 35.28 -10.08 8.91
C GLN L 120 35.21 -11.59 9.03
N LEU L 121 35.45 -12.12 10.24
CA LEU L 121 35.40 -13.57 10.45
C LEU L 121 33.99 -14.10 10.22
N LEU L 122 32.98 -13.39 10.71
CA LEU L 122 31.60 -13.82 10.49
C LEU L 122 31.24 -13.77 9.01
N ALA L 123 31.76 -12.78 8.27
CA ALA L 123 31.54 -12.72 6.84
C ALA L 123 32.10 -13.94 6.13
N LYS L 124 33.17 -14.54 6.69
CA LYS L 124 33.68 -15.79 6.14
C LYS L 124 32.77 -16.96 6.49
N ALA L 125 32.20 -16.95 7.69
CA ALA L 125 31.50 -18.12 8.18
C ALA L 125 30.11 -18.29 7.58
N LEU L 126 29.50 -17.21 7.07
CA LEU L 126 28.17 -17.31 6.49
C LEU L 126 28.15 -18.22 5.26
N GLU L 127 29.30 -18.43 4.62
CA GLU L 127 29.39 -19.29 3.45
C GLU L 127 29.51 -20.77 3.80
N THR L 128 29.68 -21.11 5.07
CA THR L 128 29.92 -22.47 5.50
C THR L 128 28.94 -22.86 6.60
N THR L 129 29.00 -24.12 7.01
CA THR L 129 28.21 -24.63 8.13
C THR L 129 28.90 -24.43 9.47
N VAL L 130 30.14 -23.93 9.48
CA VAL L 130 30.89 -23.72 10.71
C VAL L 130 30.16 -22.72 11.62
N LEU L 131 29.37 -21.82 11.02
CA LEU L 131 28.56 -20.89 11.79
C LEU L 131 27.77 -21.58 12.89
N SER L 132 27.18 -22.74 12.57
CA SER L 132 26.42 -23.49 13.57
C SER L 132 27.30 -23.93 14.73
N LYS L 133 28.47 -24.50 14.42
CA LYS L 133 29.39 -24.94 15.47
C LYS L 133 29.77 -23.80 16.40
N GLN L 134 30.16 -22.65 15.83
CA GLN L 134 30.58 -21.51 16.63
C GLN L 134 29.46 -21.01 17.53
N LEU L 135 28.22 -21.00 17.01
CA LEU L 135 27.07 -20.57 17.81
C LEU L 135 26.95 -21.41 19.07
N GLU L 136 27.02 -22.73 18.94
CA GLU L 136 26.85 -23.60 20.09
C GLU L 136 27.98 -23.45 21.11
N LEU L 137 29.17 -23.05 20.65
CA LEU L 137 30.26 -22.78 21.59
C LEU L 137 29.97 -21.55 22.44
N VAL L 138 29.60 -20.43 21.81
CA VAL L 138 29.27 -19.23 22.55
C VAL L 138 28.06 -19.49 23.44
N LYS L 139 27.08 -20.22 22.92
CA LYS L 139 25.94 -20.67 23.71
C LYS L 139 26.39 -21.43 24.95
N HIS L 140 27.31 -22.38 24.76
CA HIS L 140 27.83 -23.15 25.88
C HIS L 140 28.56 -22.26 26.89
N VAL L 141 29.33 -21.29 26.40
CA VAL L 141 30.06 -20.39 27.30
C VAL L 141 29.08 -19.60 28.18
N LEU L 142 27.96 -19.17 27.61
CA LEU L 142 27.00 -18.36 28.36
C LEU L 142 26.27 -19.21 29.40
N GLU L 143 25.98 -20.47 29.09
CA GLU L 143 25.29 -21.32 30.06
C GLU L 143 26.21 -21.69 31.23
N GLN L 144 27.42 -22.13 30.93
CA GLN L 144 28.32 -22.62 31.98
C GLN L 144 28.92 -21.50 32.81
N SER L 145 28.91 -20.25 32.32
CA SER L 145 29.49 -19.14 33.05
C SER L 145 28.50 -18.50 34.02
N THR L 146 27.27 -18.97 34.05
CA THR L 146 26.29 -18.46 35.01
C THR L 146 26.72 -18.84 36.42
N PRO L 147 26.73 -17.90 37.38
CA PRO L 147 26.33 -16.49 37.28
C PRO L 147 27.33 -15.61 36.53
N TRP L 148 26.82 -14.78 35.62
CA TRP L 148 27.69 -13.98 34.77
C TRP L 148 28.49 -12.96 35.56
N GLN L 149 27.96 -12.50 36.70
CA GLN L 149 28.58 -11.44 37.47
C GLN L 149 29.77 -11.90 38.29
N GLU L 150 30.09 -13.19 38.29
CA GLU L 150 31.22 -13.72 39.02
C GLU L 150 32.32 -14.17 38.06
N GLN L 151 33.57 -13.89 38.43
CA GLN L 151 34.70 -14.46 37.69
C GLN L 151 34.66 -15.97 37.80
N SER L 152 34.84 -16.65 36.67
CA SER L 152 34.70 -18.10 36.64
C SER L 152 35.59 -18.67 35.55
N SER L 153 35.76 -19.99 35.60
CA SER L 153 36.47 -20.76 34.59
C SER L 153 35.48 -21.59 33.79
N VAL L 154 35.79 -21.79 32.51
CA VAL L 154 34.92 -22.50 31.59
C VAL L 154 35.75 -23.50 30.80
N SER L 155 35.39 -24.79 30.90
CA SER L 155 35.99 -25.82 30.08
C SER L 155 35.16 -26.02 28.80
N LEU L 156 35.85 -26.35 27.71
CA LEU L 156 35.20 -26.47 26.42
C LEU L 156 35.40 -27.86 25.83
N PRO L 157 34.37 -28.43 25.20
CA PRO L 157 34.55 -29.75 24.56
C PRO L 157 35.47 -29.66 23.36
N THR L 158 36.31 -30.70 23.21
CA THR L 158 37.24 -30.73 22.08
C THR L 158 36.53 -30.96 20.76
N VAL L 159 35.37 -31.62 20.79
CA VAL L 159 34.65 -31.98 19.57
C VAL L 159 34.25 -30.75 18.75
N LEU L 160 34.15 -29.59 19.38
CA LEU L 160 33.72 -28.38 18.69
C LEU L 160 34.87 -27.50 18.21
N LEU L 161 36.09 -27.70 18.72
CA LEU L 161 37.20 -26.82 18.39
C LEU L 161 37.84 -27.13 17.04
N GLY L 162 37.42 -28.20 16.36
CA GLY L 162 38.00 -28.53 15.07
C GLY L 162 39.29 -29.31 15.21
N ASP L 163 40.19 -29.10 14.25
CA ASP L 163 41.46 -29.83 14.24
C ASP L 163 42.49 -29.21 15.17
N CYS L 164 42.63 -27.89 15.14
CA CYS L 164 43.67 -27.19 15.89
C CYS L 164 43.04 -26.12 16.77
N TRP L 165 43.42 -26.12 18.04
CA TRP L 165 42.99 -25.11 19.01
C TRP L 165 44.22 -24.29 19.39
N ASP L 166 44.35 -23.11 18.80
CA ASP L 166 45.46 -22.20 19.06
C ASP L 166 45.03 -20.80 18.63
N GLU L 167 45.97 -19.85 18.71
CA GLU L 167 45.67 -18.48 18.36
C GLU L 167 45.43 -18.29 16.86
N LYS L 168 45.56 -19.34 16.05
CA LYS L 168 45.24 -19.27 14.63
C LYS L 168 43.80 -19.68 14.33
N ASN L 169 43.11 -20.29 15.29
CA ASN L 169 41.75 -20.74 15.05
C ASN L 169 40.81 -19.54 15.01
N PRO L 170 39.89 -19.48 14.03
CA PRO L 170 38.97 -18.32 13.97
C PRO L 170 38.11 -18.18 15.21
N THR L 171 37.69 -19.29 15.82
CA THR L 171 36.87 -19.20 17.03
C THR L 171 37.65 -18.61 18.20
N TRP L 172 38.95 -18.93 18.29
CA TRP L 172 39.79 -18.32 19.31
C TRP L 172 39.78 -16.80 19.20
N VAL L 173 39.93 -16.29 17.98
CA VAL L 173 39.93 -14.84 17.77
C VAL L 173 38.57 -14.26 18.10
N LEU L 174 37.49 -14.99 17.77
CA LEU L 174 36.15 -14.53 18.10
C LEU L 174 35.97 -14.38 19.61
N LEU L 175 36.41 -15.37 20.39
CA LEU L 175 36.25 -15.31 21.83
C LEU L 175 37.21 -14.31 22.48
N GLU L 176 38.45 -14.22 21.96
CA GLU L 176 39.40 -13.31 22.58
C GLU L 176 39.00 -11.86 22.37
N GLU L 177 38.49 -11.54 21.19
CA GLU L 177 38.02 -10.18 20.92
C GLU L 177 36.77 -9.82 21.73
N CYS L 178 36.11 -10.81 22.33
CA CYS L 178 35.04 -10.56 23.28
C CYS L 178 35.56 -10.16 24.65
N GLY L 179 36.89 -10.15 24.84
CA GLY L 179 37.48 -9.85 26.12
C GLY L 179 37.83 -11.06 26.95
N LEU L 180 37.52 -12.27 26.49
CA LEU L 180 37.81 -13.47 27.24
C LEU L 180 39.30 -13.81 27.14
N ARG L 181 39.95 -13.95 28.29
CA ARG L 181 41.34 -14.39 28.34
C ARG L 181 41.40 -15.90 28.11
N LEU L 182 41.99 -16.30 27.00
CA LEU L 182 41.96 -17.69 26.56
C LEU L 182 43.28 -18.39 26.82
N GLN L 183 43.23 -19.72 26.77
CA GLN L 183 44.42 -20.55 26.86
C GLN L 183 44.12 -21.88 26.18
N VAL L 184 45.19 -22.66 25.96
CA VAL L 184 45.05 -23.93 25.27
C VAL L 184 44.53 -25.00 26.21
N GLU L 185 45.03 -25.02 27.44
CA GLU L 185 44.72 -26.08 28.38
C GLU L 185 43.32 -25.88 28.96
N SER L 186 42.66 -26.99 29.28
CA SER L 186 41.36 -26.90 29.93
C SER L 186 41.54 -26.45 31.37
N PRO L 187 40.76 -25.47 31.86
CA PRO L 187 39.71 -24.73 31.16
C PRO L 187 40.27 -23.65 30.24
N GLN L 188 39.69 -23.49 29.05
CA GLN L 188 40.22 -22.59 28.05
C GLN L 188 39.77 -21.15 28.21
N VAL L 189 38.65 -20.91 28.87
CA VAL L 189 38.04 -19.57 28.95
C VAL L 189 38.03 -19.12 30.40
N HIS L 190 38.56 -17.93 30.65
CA HIS L 190 38.48 -17.26 31.94
C HIS L 190 37.45 -16.13 31.81
N TRP L 191 36.29 -16.30 32.44
CA TRP L 191 35.21 -15.35 32.31
C TRP L 191 35.46 -14.12 33.17
N GLU L 192 35.36 -12.95 32.56
CA GLU L 192 35.36 -11.65 33.22
C GLU L 192 34.06 -10.92 32.91
N PRO L 193 33.47 -10.23 33.89
CA PRO L 193 32.18 -9.57 33.64
C PRO L 193 32.24 -8.52 32.54
N THR L 194 33.43 -7.95 32.25
CA THR L 194 33.56 -7.01 31.15
C THR L 194 33.33 -7.65 29.80
N SER L 195 33.33 -8.97 29.70
CA SER L 195 33.12 -9.67 28.44
C SER L 195 31.66 -9.97 28.15
N LEU L 196 30.75 -9.56 29.04
CA LEU L 196 29.34 -9.94 28.88
C LEU L 196 28.73 -9.27 27.66
N ILE L 197 28.91 -7.95 27.53
CA ILE L 197 28.27 -7.21 26.44
C ILE L 197 28.69 -7.71 25.07
N PRO L 198 29.99 -7.89 24.76
CA PRO L 198 30.32 -8.42 23.43
C PRO L 198 29.94 -9.88 23.23
N THR L 199 30.13 -10.73 24.24
CA THR L 199 29.82 -12.15 24.09
C THR L 199 28.32 -12.35 23.80
N SER L 200 27.46 -11.67 24.56
CA SER L 200 26.03 -11.75 24.31
C SER L 200 25.69 -11.31 22.89
N ALA L 201 26.28 -10.19 22.45
CA ALA L 201 26.05 -9.72 21.08
C ALA L 201 26.51 -10.75 20.05
N LEU L 202 27.68 -11.36 20.27
CA LEU L 202 28.16 -12.39 19.35
C LEU L 202 27.18 -13.56 19.26
N TYR L 203 26.66 -14.01 20.41
CA TYR L 203 25.65 -15.06 20.42
C TYR L 203 24.43 -14.68 19.58
N ALA L 204 23.85 -13.49 19.85
CA ALA L 204 22.68 -13.05 19.12
C ALA L 204 22.94 -12.98 17.62
N SER L 205 24.12 -12.50 17.23
CA SER L 205 24.49 -12.47 15.82
C SER L 205 24.51 -13.87 15.23
N LEU L 206 25.25 -14.79 15.86
CA LEU L 206 25.38 -16.15 15.36
C LEU L 206 24.01 -16.85 15.26
N PHE L 207 23.11 -16.57 16.19
CA PHE L 207 21.79 -17.21 16.16
C PHE L 207 20.98 -16.76 14.96
N LEU L 208 20.82 -15.44 14.79
CA LEU L 208 19.98 -14.92 13.71
C LEU L 208 20.55 -15.26 12.34
N LEU L 209 21.87 -15.20 12.21
CA LEU L 209 22.51 -15.60 10.95
C LEU L 209 22.24 -17.08 10.65
N SER L 210 22.30 -17.93 11.68
CA SER L 210 22.02 -19.34 11.48
C SER L 210 20.56 -19.57 11.10
N SER L 211 19.63 -18.80 11.68
CA SER L 211 18.22 -18.97 11.36
C SER L 211 17.89 -18.52 9.94
N LEU L 212 18.78 -17.75 9.32
CA LEU L 212 18.58 -17.33 7.94
C LEU L 212 19.06 -18.36 6.94
N GLY L 213 20.03 -19.18 7.33
CA GLY L 213 20.56 -20.22 6.45
C GLY L 213 19.88 -21.56 6.66
N GLN L 214 18.65 -21.51 7.19
CA GLN L 214 17.87 -22.71 7.47
C GLN L 214 16.81 -22.95 6.42
N LEU M 1 5.48 -82.72 37.75
CA LEU M 1 6.34 -81.61 38.15
C LEU M 1 7.36 -82.05 39.20
N LYS M 2 8.64 -81.89 38.87
CA LYS M 2 9.70 -82.16 39.84
C LYS M 2 9.88 -80.96 40.75
N LEU M 3 9.95 -81.21 42.05
CA LEU M 3 10.00 -80.17 43.05
C LEU M 3 11.43 -79.88 43.49
N CYS M 4 11.59 -78.79 44.22
CA CYS M 4 12.87 -78.39 44.78
C CYS M 4 12.89 -78.65 46.28
N SER M 5 14.00 -79.20 46.77
CA SER M 5 14.10 -79.53 48.18
C SER M 5 14.14 -78.25 49.01
N PRO M 6 13.53 -78.25 50.21
CA PRO M 6 13.53 -77.03 51.03
C PRO M 6 14.92 -76.59 51.46
N GLU M 7 15.88 -77.51 51.60
CA GLU M 7 17.22 -77.11 51.97
C GLU M 7 17.92 -76.38 50.83
N GLU M 8 17.71 -76.83 49.59
CA GLU M 8 18.20 -76.10 48.44
C GLU M 8 17.44 -74.79 48.26
N PHE M 9 16.17 -74.76 48.67
CA PHE M 9 15.39 -73.53 48.61
C PHE M 9 15.99 -72.46 49.53
N THR M 10 16.34 -72.84 50.76
CA THR M 10 16.95 -71.88 51.68
C THR M 10 18.40 -71.59 51.34
N ARG M 11 19.06 -72.52 50.64
CA ARG M 11 20.46 -72.27 50.26
C ARG M 11 20.57 -71.11 49.27
N LEU M 12 19.69 -71.07 48.28
CA LEU M 12 19.73 -69.99 47.30
C LEU M 12 19.21 -68.69 47.89
N CYS M 13 18.24 -68.75 48.81
CA CYS M 13 17.70 -67.54 49.41
C CYS M 13 18.69 -66.85 50.34
N ARG M 14 19.69 -67.56 50.85
CA ARG M 14 20.71 -66.99 51.72
C ARG M 14 21.98 -66.62 50.97
N GLU M 15 22.53 -67.55 50.19
CA GLU M 15 23.83 -67.32 49.56
C GLU M 15 23.76 -66.19 48.55
N LYS M 16 22.77 -66.23 47.65
CA LYS M 16 22.67 -65.22 46.61
C LYS M 16 21.36 -64.45 46.73
N THR M 17 21.19 -63.71 47.82
CA THR M 17 19.93 -63.01 48.06
C THR M 17 19.75 -61.84 47.10
N GLN M 18 20.84 -61.19 46.68
CA GLN M 18 20.73 -60.03 45.80
C GLN M 18 20.63 -60.41 44.33
N GLU M 19 20.98 -61.64 43.98
CA GLU M 19 20.96 -62.06 42.58
C GLU M 19 19.69 -62.81 42.21
N ILE M 20 18.82 -63.09 43.17
CA ILE M 20 17.58 -63.80 42.91
C ILE M 20 16.42 -62.93 43.36
N TYR M 21 15.28 -63.13 42.72
CA TYR M 21 14.07 -62.44 43.12
C TYR M 21 13.54 -63.04 44.43
N PRO M 22 13.19 -62.22 45.42
CA PRO M 22 12.73 -62.78 46.70
C PRO M 22 11.41 -63.50 46.53
N ILE M 23 11.31 -64.67 47.15
CA ILE M 23 10.13 -65.52 47.09
C ILE M 23 9.44 -65.47 48.45
N LYS M 24 8.16 -65.12 48.43
CA LYS M 24 7.38 -65.11 49.67
C LYS M 24 7.01 -66.53 50.06
N GLU M 25 7.00 -66.79 51.37
CA GLU M 25 6.63 -68.11 51.86
C GLU M 25 5.19 -68.43 51.52
N ALA M 26 4.93 -69.71 51.27
CA ALA M 26 3.60 -70.17 50.87
C ALA M 26 2.57 -70.01 51.98
N ASN M 27 2.96 -69.43 53.11
CA ASN M 27 2.08 -69.26 54.26
C ASN M 27 1.02 -68.21 53.95
N GLY M 28 1.40 -66.93 54.03
CA GLY M 28 0.49 -65.85 53.71
C GLY M 28 0.60 -65.41 52.27
N ARG M 29 0.75 -66.37 51.36
CA ARG M 29 0.99 -66.09 49.95
C ARG M 29 -0.31 -66.15 49.17
N THR M 30 -0.50 -65.19 48.26
CA THR M 30 -1.69 -65.12 47.40
C THR M 30 -1.23 -64.86 45.96
N ARG M 31 -0.54 -65.83 45.37
CA ARG M 31 -0.08 -65.72 43.99
C ARG M 31 -1.26 -65.71 43.03
N LYS M 32 -1.26 -64.74 42.11
CA LYS M 32 -2.29 -64.62 41.07
C LYS M 32 -1.66 -64.67 39.70
N ALA M 33 -2.30 -65.39 38.78
CA ALA M 33 -1.88 -65.47 37.39
C ALA M 33 -3.10 -65.29 36.50
N LEU M 34 -2.87 -64.77 35.30
CA LEU M 34 -3.93 -64.47 34.36
C LEU M 34 -3.69 -65.19 33.05
N ILE M 35 -4.72 -65.88 32.56
CA ILE M 35 -4.69 -66.54 31.25
C ILE M 35 -5.83 -65.97 30.41
N ILE M 36 -5.49 -65.42 29.25
CA ILE M 36 -6.47 -64.90 28.31
C ILE M 36 -6.32 -65.67 27.01
N CYS M 37 -7.39 -66.37 26.61
CA CYS M 37 -7.35 -67.18 25.41
C CYS M 37 -8.64 -67.02 24.63
N ASN M 38 -8.53 -66.73 23.34
CA ASN M 38 -9.67 -66.60 22.45
C ASN M 38 -9.66 -67.75 21.45
N THR M 39 -10.76 -68.49 21.39
CA THR M 39 -10.91 -69.61 20.48
C THR M 39 -11.84 -69.32 19.31
N GLU M 40 -13.03 -68.80 19.59
CA GLU M 40 -14.00 -68.52 18.55
C GLU M 40 -13.86 -67.07 18.09
N PHE M 41 -13.81 -66.86 16.78
CA PHE M 41 -13.71 -65.54 16.19
C PHE M 41 -14.81 -65.34 15.17
N LYS M 42 -15.27 -64.09 15.02
CA LYS M 42 -16.32 -63.79 14.07
C LYS M 42 -15.82 -63.91 12.64
N HIS M 43 -14.61 -63.43 12.35
CA HIS M 43 -14.06 -63.46 11.01
C HIS M 43 -12.81 -64.30 10.85
N LEU M 44 -12.16 -64.70 11.94
CA LEU M 44 -10.91 -65.43 11.86
C LEU M 44 -11.15 -66.92 12.09
N SER M 45 -10.17 -67.72 11.65
CA SER M 45 -10.29 -69.17 11.77
C SER M 45 -10.33 -69.59 13.24
N LEU M 46 -11.06 -70.68 13.50
CA LEU M 46 -11.14 -71.21 14.85
C LEU M 46 -9.79 -71.78 15.27
N ARG M 47 -9.37 -71.45 16.49
CA ARG M 47 -8.10 -71.95 17.03
C ARG M 47 -8.38 -73.29 17.72
N TYR M 48 -8.42 -74.35 16.90
CA TYR M 48 -8.63 -75.69 17.41
C TYR M 48 -7.51 -76.10 18.36
N GLY M 49 -7.89 -76.77 19.45
CA GLY M 49 -6.92 -77.21 20.43
C GLY M 49 -6.49 -76.16 21.43
N ALA M 50 -7.12 -74.98 21.41
CA ALA M 50 -6.77 -73.94 22.38
C ALA M 50 -7.10 -74.38 23.80
N ASN M 51 -8.12 -75.22 23.98
CA ASN M 51 -8.45 -75.72 25.30
C ASN M 51 -7.35 -76.62 25.84
N PHE M 52 -6.59 -77.27 24.96
CA PHE M 52 -5.44 -78.05 25.41
C PHE M 52 -4.38 -77.16 26.03
N ASP M 53 -4.16 -75.98 25.43
CA ASP M 53 -3.19 -75.03 25.96
C ASP M 53 -3.68 -74.41 27.27
N ILE M 54 -4.99 -74.14 27.37
CA ILE M 54 -5.54 -73.55 28.59
C ILE M 54 -5.36 -74.50 29.76
N ILE M 55 -5.76 -75.75 29.60
CA ILE M 55 -5.65 -76.72 30.68
C ILE M 55 -4.18 -76.93 31.06
N GLY M 56 -3.29 -77.00 30.06
CA GLY M 56 -1.89 -77.22 30.34
C GLY M 56 -1.26 -76.07 31.11
N MET M 57 -1.46 -74.84 30.64
CA MET M 57 -0.87 -73.69 31.30
C MET M 57 -1.48 -73.47 32.68
N LYS M 58 -2.79 -73.66 32.81
CA LYS M 58 -3.44 -73.50 34.11
C LYS M 58 -2.92 -74.53 35.10
N GLY M 59 -2.73 -75.77 34.67
CA GLY M 59 -2.19 -76.78 35.56
C GLY M 59 -0.77 -76.48 35.98
N LEU M 60 0.06 -75.99 35.05
CA LEU M 60 1.43 -75.65 35.39
C LEU M 60 1.50 -74.51 36.40
N LEU M 61 0.71 -73.46 36.16
CA LEU M 61 0.72 -72.32 37.07
C LEU M 61 0.17 -72.69 38.45
N GLU M 62 -0.82 -73.59 38.52
CA GLU M 62 -1.29 -74.06 39.81
C GLU M 62 -0.22 -74.89 40.52
N ASP M 63 0.47 -75.76 39.78
CA ASP M 63 1.58 -76.51 40.37
C ASP M 63 2.73 -75.61 40.79
N LEU M 64 2.82 -74.41 40.22
CA LEU M 64 3.81 -73.42 40.64
C LEU M 64 3.29 -72.53 41.76
N GLY M 65 2.06 -72.75 42.22
CA GLY M 65 1.51 -72.01 43.34
C GLY M 65 0.65 -70.82 43.00
N TYR M 66 0.27 -70.65 41.74
CA TYR M 66 -0.51 -69.51 41.30
C TYR M 66 -1.98 -69.88 41.19
N ASP M 67 -2.85 -69.05 41.75
CA ASP M 67 -4.28 -69.16 41.50
C ASP M 67 -4.57 -68.52 40.15
N VAL M 68 -5.10 -69.32 39.23
CA VAL M 68 -5.16 -68.93 37.82
C VAL M 68 -6.50 -68.25 37.53
N VAL M 69 -6.44 -67.10 36.88
CA VAL M 69 -7.61 -66.41 36.36
C VAL M 69 -7.71 -66.71 34.88
N VAL M 70 -8.83 -67.29 34.45
CA VAL M 70 -9.03 -67.69 33.07
C VAL M 70 -10.15 -66.84 32.50
N LYS M 71 -9.86 -66.13 31.41
CA LYS M 71 -10.84 -65.31 30.70
C LYS M 71 -10.78 -65.67 29.22
N GLU M 72 -11.95 -65.89 28.62
CA GLU M 72 -12.02 -66.33 27.23
C GLU M 72 -13.00 -65.46 26.45
N GLU M 73 -12.78 -65.41 25.14
CA GLU M 73 -13.64 -64.73 24.18
C GLU M 73 -13.86 -63.27 24.58
N LEU M 74 -12.79 -62.49 24.41
CA LEU M 74 -12.77 -61.09 24.79
C LEU M 74 -12.38 -60.22 23.60
N THR M 75 -12.92 -59.01 23.58
CA THR M 75 -12.50 -58.00 22.63
C THR M 75 -11.24 -57.31 23.13
N ALA M 76 -10.71 -56.37 22.33
CA ALA M 76 -9.57 -55.58 22.79
C ALA M 76 -9.94 -54.73 24.00
N GLU M 77 -11.16 -54.21 24.02
CA GLU M 77 -11.64 -53.51 25.20
C GLU M 77 -11.86 -54.46 26.37
N GLY M 78 -12.28 -55.70 26.08
CA GLY M 78 -12.47 -56.67 27.13
C GLY M 78 -11.16 -57.12 27.75
N MET M 79 -10.16 -57.41 26.92
CA MET M 79 -8.84 -57.77 27.43
C MET M 79 -8.23 -56.64 28.24
N GLU M 80 -8.37 -55.39 27.75
CA GLU M 80 -7.81 -54.26 28.46
C GLU M 80 -8.45 -54.09 29.83
N SER M 81 -9.77 -54.22 29.91
CA SER M 81 -10.46 -54.08 31.20
C SER M 81 -10.10 -55.22 32.15
N GLU M 82 -10.01 -56.45 31.64
CA GLU M 82 -9.65 -57.58 32.49
C GLU M 82 -8.23 -57.47 33.00
N MET M 83 -7.31 -56.94 32.19
CA MET M 83 -5.95 -56.73 32.66
C MET M 83 -5.90 -55.64 33.72
N LYS M 84 -6.65 -54.56 33.53
CA LYS M 84 -6.73 -53.51 34.54
C LYS M 84 -7.34 -54.04 35.83
N ASP M 85 -8.37 -54.88 35.70
CA ASP M 85 -8.95 -55.52 36.88
C ASP M 85 -7.96 -56.48 37.54
N PHE M 86 -7.22 -57.24 36.73
CA PHE M 86 -6.25 -58.18 37.29
C PHE M 86 -5.13 -57.45 38.01
N ALA M 87 -4.70 -56.31 37.47
CA ALA M 87 -3.61 -55.55 38.08
C ALA M 87 -4.03 -54.84 39.35
N ALA M 88 -5.32 -54.58 39.53
CA ALA M 88 -5.82 -53.89 40.71
C ALA M 88 -6.15 -54.86 41.85
N LEU M 89 -5.91 -56.16 41.66
CA LEU M 89 -6.24 -57.13 42.70
C LEU M 89 -5.37 -56.90 43.93
N SER M 90 -6.01 -56.84 45.10
CA SER M 90 -5.28 -56.66 46.35
C SER M 90 -4.42 -57.86 46.74
N GLU M 91 -4.66 -59.03 46.11
CA GLU M 91 -3.87 -60.21 46.43
C GLU M 91 -2.41 -60.08 45.98
N HIS M 92 -2.11 -59.18 45.05
CA HIS M 92 -0.73 -59.02 44.59
C HIS M 92 0.19 -58.50 45.68
N GLN M 93 -0.36 -57.78 46.67
CA GLN M 93 0.46 -57.26 47.76
C GLN M 93 1.08 -58.39 48.57
N THR M 94 0.36 -59.49 48.75
CA THR M 94 0.87 -60.65 49.45
C THR M 94 1.35 -61.74 48.49
N SER M 95 1.73 -61.35 47.29
CA SER M 95 2.30 -62.22 46.28
C SER M 95 3.72 -61.77 45.97
N ASP M 96 4.44 -62.61 45.24
CA ASP M 96 5.81 -62.30 44.85
C ASP M 96 6.02 -62.19 43.35
N SER M 97 5.03 -62.56 42.54
CA SER M 97 5.17 -62.56 41.08
C SER M 97 3.80 -62.76 40.47
N THR M 98 3.75 -62.76 39.13
CA THR M 98 2.54 -63.02 38.39
C THR M 98 2.91 -63.55 37.02
N PHE M 99 1.95 -64.22 36.38
CA PHE M 99 2.11 -64.75 35.03
C PHE M 99 0.98 -64.24 34.15
N LEU M 100 1.33 -63.92 32.90
CA LEU M 100 0.38 -63.39 31.92
C LEU M 100 0.46 -64.25 30.67
N VAL M 101 -0.53 -65.11 30.47
CA VAL M 101 -0.59 -66.01 29.32
C VAL M 101 -1.62 -65.48 28.35
N LEU M 102 -1.17 -65.20 27.12
CA LEU M 102 -2.03 -64.67 26.07
C LEU M 102 -2.01 -65.61 24.88
N MET M 103 -3.18 -66.08 24.47
CA MET M 103 -3.29 -67.05 23.39
C MET M 103 -4.46 -66.66 22.49
N SER M 104 -4.16 -66.32 21.24
CA SER M 104 -5.16 -65.89 20.26
C SER M 104 -4.44 -65.73 18.93
N HIS M 105 -5.19 -65.26 17.93
CA HIS M 105 -4.56 -64.77 16.71
C HIS M 105 -3.84 -63.47 17.02
N GLY M 106 -2.82 -63.16 16.22
CA GLY M 106 -1.97 -62.01 16.50
C GLY M 106 -1.52 -61.31 15.24
N THR M 107 -1.20 -60.03 15.41
CA THR M 107 -0.59 -59.20 14.39
C THR M 107 0.86 -58.90 14.79
N LEU M 108 1.49 -57.97 14.05
CA LEU M 108 2.89 -57.66 14.32
C LEU M 108 3.07 -56.99 15.67
N HIS M 109 2.19 -56.04 16.01
CA HIS M 109 2.33 -55.27 17.25
C HIS M 109 1.19 -55.48 18.23
N GLY M 110 0.32 -56.46 17.98
CA GLY M 110 -0.79 -56.68 18.88
C GLY M 110 -1.37 -58.06 18.74
N ILE M 111 -2.29 -58.39 19.64
CA ILE M 111 -2.99 -59.67 19.66
C ILE M 111 -4.46 -59.40 19.33
N CYS M 112 -5.07 -60.34 18.59
CA CYS M 112 -6.39 -60.09 18.02
C CYS M 112 -7.49 -60.41 19.01
N GLY M 113 -8.54 -59.57 18.98
CA GLY M 113 -9.77 -59.85 19.71
C GLY M 113 -10.73 -60.71 18.91
N THR M 114 -11.91 -60.93 19.51
CA THR M 114 -12.91 -61.78 18.87
C THR M 114 -13.46 -61.15 17.60
N MET M 115 -13.65 -59.83 17.60
CA MET M 115 -14.27 -59.13 16.48
C MET M 115 -13.26 -58.63 15.45
N HIS M 116 -12.04 -59.14 15.49
CA HIS M 116 -10.99 -58.61 14.63
C HIS M 116 -11.23 -59.00 13.17
N SER M 117 -10.96 -58.07 12.27
CA SER M 117 -11.01 -58.32 10.85
C SER M 117 -10.07 -57.34 10.16
N GLU M 118 -9.69 -57.68 8.92
CA GLU M 118 -8.80 -56.80 8.16
C GLU M 118 -9.46 -55.47 7.88
N LYS M 119 -10.79 -55.42 7.84
CA LYS M 119 -11.48 -54.16 7.61
C LYS M 119 -11.71 -53.41 8.92
N THR M 120 -12.11 -54.12 9.97
CA THR M 120 -12.44 -53.54 11.27
C THR M 120 -11.54 -54.16 12.33
N PRO M 121 -10.34 -53.61 12.54
CA PRO M 121 -9.41 -54.22 13.51
C PRO M 121 -9.91 -54.12 14.94
N ASP M 122 -9.66 -55.19 15.71
CA ASP M 122 -9.96 -55.28 17.14
C ASP M 122 -8.72 -55.85 17.81
N VAL M 123 -7.70 -55.02 17.96
CA VAL M 123 -6.36 -55.45 18.34
C VAL M 123 -5.96 -54.76 19.64
N LEU M 124 -5.37 -55.53 20.56
CA LEU M 124 -4.79 -55.00 21.79
C LEU M 124 -3.29 -54.92 21.63
N GLN M 125 -2.74 -53.71 21.69
CA GLN M 125 -1.31 -53.52 21.57
C GLN M 125 -0.59 -54.12 22.77
N TYR M 126 0.55 -54.77 22.50
CA TYR M 126 1.35 -55.31 23.59
C TYR M 126 1.89 -54.18 24.48
N ASP M 127 2.09 -53.00 23.91
CA ASP M 127 2.52 -51.85 24.70
C ASP M 127 1.50 -51.48 25.76
N THR M 128 0.21 -51.71 25.49
CA THR M 128 -0.81 -51.46 26.49
C THR M 128 -0.66 -52.37 27.70
N ILE M 129 -0.22 -53.61 27.46
CA ILE M 129 -0.03 -54.56 28.56
C ILE M 129 1.06 -54.08 29.51
N TYR M 130 2.19 -53.64 28.96
CA TYR M 130 3.26 -53.11 29.79
C TYR M 130 2.81 -51.85 30.53
N GLN M 131 2.01 -51.01 29.87
CA GLN M 131 1.52 -49.80 30.52
C GLN M 131 0.58 -50.13 31.66
N ILE M 132 -0.24 -51.17 31.51
CA ILE M 132 -1.21 -51.52 32.55
C ILE M 132 -0.51 -52.09 33.78
N PHE M 133 0.57 -52.85 33.57
CA PHE M 133 1.20 -53.60 34.65
C PHE M 133 2.51 -52.98 35.12
N ASN M 134 2.88 -51.80 34.63
CA ASN M 134 4.13 -51.19 35.05
C ASN M 134 4.03 -50.73 36.51
N ASN M 135 5.13 -50.16 37.01
CA ASN M 135 5.15 -49.69 38.39
C ASN M 135 4.23 -48.50 38.62
N CYS M 136 3.76 -47.85 37.56
CA CYS M 136 2.86 -46.71 37.70
C CYS M 136 1.41 -47.14 37.87
N HIS M 137 0.95 -48.11 37.07
CA HIS M 137 -0.45 -48.48 37.02
C HIS M 137 -0.75 -49.78 37.77
N CYS M 138 0.26 -50.51 38.21
CA CYS M 138 0.08 -51.76 38.97
C CYS M 138 0.91 -51.65 40.24
N PRO M 139 0.38 -50.99 41.27
CA PRO M 139 1.15 -50.84 42.51
C PRO M 139 1.39 -52.15 43.25
N GLY M 140 0.49 -53.13 43.10
CA GLY M 140 0.63 -54.38 43.82
C GLY M 140 1.81 -55.24 43.37
N LEU M 141 2.30 -55.04 42.15
CA LEU M 141 3.36 -55.86 41.59
C LEU M 141 4.66 -55.09 41.40
N ARG M 142 4.85 -53.98 42.11
CA ARG M 142 6.11 -53.26 42.02
C ARG M 142 7.24 -54.11 42.58
N ASP M 143 8.39 -54.07 41.90
CA ASP M 143 9.58 -54.83 42.27
C ASP M 143 9.35 -56.33 42.24
N LYS M 144 8.27 -56.78 41.59
CA LYS M 144 7.92 -58.18 41.49
C LYS M 144 7.94 -58.64 40.03
N PRO M 145 8.40 -59.86 39.77
CA PRO M 145 8.48 -60.34 38.38
C PRO M 145 7.11 -60.38 37.71
N LYS M 146 7.06 -59.88 36.48
CA LYS M 146 5.86 -59.91 35.66
C LYS M 146 6.19 -60.63 34.35
N VAL M 147 5.73 -61.87 34.22
CA VAL M 147 6.06 -62.74 33.11
C VAL M 147 4.91 -62.75 32.11
N ILE M 148 5.21 -62.50 30.85
CA ILE M 148 4.22 -62.45 29.78
C ILE M 148 4.52 -63.58 28.81
N ILE M 149 3.54 -64.45 28.58
CA ILE M 149 3.65 -65.55 27.63
C ILE M 149 2.65 -65.30 26.51
N VAL M 150 3.13 -65.26 25.28
CA VAL M 150 2.31 -64.91 24.12
C VAL M 150 2.35 -66.06 23.14
N GLN M 151 1.23 -66.79 23.03
CA GLN M 151 1.04 -67.77 21.96
C GLN M 151 0.13 -67.09 20.92
N ALA M 152 0.74 -66.56 19.87
CA ALA M 152 0.03 -65.82 18.84
C ALA M 152 0.99 -65.57 17.69
N ALA M 153 0.43 -65.47 16.48
CA ALA M 153 1.24 -65.10 15.34
C ALA M 153 1.70 -63.65 15.45
N ARG M 154 2.85 -63.36 14.84
CA ARG M 154 3.38 -62.01 14.77
C ARG M 154 3.52 -61.56 13.33
N GLY M 155 2.74 -62.14 12.43
CA GLY M 155 2.89 -61.91 11.02
C GLY M 155 2.26 -63.05 10.24
N GLY M 156 2.37 -62.95 8.92
CA GLY M 156 1.77 -63.94 8.05
C GLY M 156 2.78 -64.74 7.24
N ASN M 157 4.05 -64.44 7.40
CA ASN M 157 5.11 -65.06 6.60
C ASN M 157 5.61 -66.35 7.25
N SER M 158 6.14 -67.23 6.42
CA SER M 158 6.73 -68.47 6.89
C SER M 158 8.11 -68.20 7.50
N GLY M 159 8.49 -69.03 8.47
CA GLY M 159 9.71 -68.80 9.22
C GLY M 159 10.91 -69.66 8.86
N GLU M 160 10.89 -70.31 7.71
CA GLU M 160 11.98 -71.20 7.32
C GLU M 160 12.32 -70.99 5.85
N MET M 161 13.52 -71.45 5.48
CA MET M 161 13.99 -71.36 4.10
C MET M 161 15.05 -72.43 3.87
N TRP M 162 15.37 -72.63 2.59
CA TRP M 162 16.35 -73.63 2.16
C TRP M 162 17.62 -72.91 1.71
N ILE M 163 18.77 -73.37 2.15
CA ILE M 163 20.04 -72.74 1.80
C ILE M 163 21.06 -73.84 1.45
N ARG M 164 22.30 -73.41 1.19
CA ARG M 164 23.39 -74.33 0.90
C ARG M 164 23.90 -74.97 2.18
N GLU M 165 24.42 -76.19 2.03
CA GLU M 165 25.12 -76.86 3.13
C GLU M 165 25.94 -78.02 2.58
N LEU N 1 41.17 -55.42 30.39
CA LEU N 1 40.28 -56.57 30.34
C LEU N 1 40.95 -57.83 30.85
N LYS N 2 40.44 -58.36 31.95
CA LYS N 2 40.95 -59.61 32.51
C LYS N 2 40.50 -60.77 31.63
N LEU N 3 41.47 -61.49 31.06
CA LEU N 3 41.17 -62.47 30.03
C LEU N 3 40.71 -63.79 30.63
N CYS N 4 40.10 -64.62 29.79
CA CYS N 4 39.75 -65.98 30.16
C CYS N 4 40.85 -66.92 29.67
N SER N 5 41.22 -67.88 30.51
CA SER N 5 42.37 -68.71 30.24
C SER N 5 42.06 -69.71 29.13
N PRO N 6 43.03 -70.05 28.27
CA PRO N 6 42.79 -71.10 27.27
C PRO N 6 42.49 -72.45 27.88
N GLU N 7 42.91 -72.68 29.12
CA GLU N 7 42.53 -73.89 29.84
C GLU N 7 41.02 -73.99 29.98
N GLU N 8 40.39 -72.90 30.44
CA GLU N 8 38.94 -72.88 30.56
C GLU N 8 38.27 -72.80 29.20
N PHE N 9 38.93 -72.21 28.20
CA PHE N 9 38.37 -72.14 26.86
C PHE N 9 38.18 -73.54 26.28
N THR N 10 39.23 -74.36 26.32
CA THR N 10 39.10 -75.73 25.84
C THR N 10 38.27 -76.60 26.78
N ARG N 11 38.27 -76.27 28.07
CA ARG N 11 37.49 -77.06 29.03
C ARG N 11 36.00 -76.86 28.82
N LEU N 12 35.56 -75.62 28.57
CA LEU N 12 34.15 -75.36 28.35
C LEU N 12 33.70 -75.86 26.98
N CYS N 13 34.58 -75.80 25.98
CA CYS N 13 34.22 -76.28 24.64
C CYS N 13 34.11 -77.80 24.59
N ARG N 14 34.75 -78.52 25.52
CA ARG N 14 34.61 -79.96 25.59
C ARG N 14 33.40 -80.37 26.43
N GLU N 15 33.32 -79.86 27.66
CA GLU N 15 32.34 -80.36 28.62
C GLU N 15 30.92 -80.02 28.19
N LYS N 16 30.71 -78.85 27.57
CA LYS N 16 29.39 -78.41 27.13
C LYS N 16 29.52 -77.78 25.74
N THR N 17 29.78 -78.63 24.74
CA THR N 17 29.94 -78.14 23.37
C THR N 17 28.60 -77.72 22.76
N GLN N 18 27.51 -78.40 23.15
CA GLN N 18 26.20 -78.10 22.58
C GLN N 18 25.49 -76.96 23.30
N GLU N 19 25.95 -76.55 24.48
CA GLU N 19 25.28 -75.52 25.25
C GLU N 19 25.89 -74.13 25.06
N ILE N 20 27.01 -74.00 24.36
CA ILE N 20 27.64 -72.70 24.15
C ILE N 20 27.80 -72.47 22.66
N TYR N 21 27.86 -71.20 22.28
CA TYR N 21 28.11 -70.84 20.90
C TYR N 21 29.57 -71.12 20.54
N PRO N 22 29.84 -71.76 19.41
CA PRO N 22 31.22 -72.09 19.07
C PRO N 22 32.05 -70.86 18.77
N ILE N 23 33.27 -70.85 19.30
CA ILE N 23 34.22 -69.76 19.13
C ILE N 23 35.32 -70.22 18.20
N LYS N 24 35.57 -69.46 17.14
CA LYS N 24 36.65 -69.79 16.24
C LYS N 24 37.99 -69.44 16.85
N GLU N 25 39.00 -70.28 16.61
CA GLU N 25 40.34 -70.05 17.10
C GLU N 25 40.92 -68.80 16.45
N ALA N 26 41.77 -68.09 17.20
CA ALA N 26 42.34 -66.81 16.77
C ALA N 26 43.24 -66.96 15.55
N ASN N 27 43.30 -68.16 14.97
CA ASN N 27 44.17 -68.42 13.82
C ASN N 27 43.66 -67.70 12.58
N GLY N 28 42.68 -68.28 11.89
CA GLY N 28 42.11 -67.68 10.71
C GLY N 28 40.87 -66.84 10.97
N ARG N 29 40.78 -66.28 12.18
CA ARG N 29 39.58 -65.58 12.60
C ARG N 29 39.64 -64.11 12.16
N THR N 30 38.53 -63.63 11.57
CA THR N 30 38.42 -62.24 11.11
C THR N 30 37.10 -61.67 11.66
N ARG N 31 37.04 -61.51 12.98
CA ARG N 31 35.87 -60.92 13.61
C ARG N 31 35.73 -59.46 13.21
N LYS N 32 34.53 -59.06 12.79
CA LYS N 32 34.23 -57.70 12.40
C LYS N 32 33.09 -57.15 13.25
N ALA N 33 33.22 -55.89 13.65
CA ALA N 33 32.19 -55.19 14.42
C ALA N 33 31.94 -53.82 13.80
N LEU N 34 30.72 -53.32 13.98
CA LEU N 34 30.28 -52.07 13.39
C LEU N 34 29.80 -51.11 14.46
N ILE N 35 30.29 -49.88 14.40
CA ILE N 35 29.85 -48.80 15.28
C ILE N 35 29.34 -47.66 14.41
N ILE N 36 28.09 -47.27 14.61
CA ILE N 36 27.48 -46.14 13.91
C ILE N 36 27.08 -45.12 14.95
N CYS N 37 27.67 -43.92 14.86
CA CYS N 37 27.40 -42.87 15.83
C CYS N 37 27.29 -41.53 15.12
N ASN N 38 26.22 -40.80 15.41
CA ASN N 38 25.97 -39.48 14.87
C ASN N 38 26.09 -38.45 15.99
N THR N 39 26.91 -37.43 15.78
CA THR N 39 27.12 -36.39 16.78
C THR N 39 26.42 -35.09 16.43
N GLU N 40 26.62 -34.58 15.22
CA GLU N 40 26.00 -33.34 14.78
C GLU N 40 24.69 -33.62 14.05
N PHE N 41 23.65 -32.88 14.41
CA PHE N 41 22.35 -32.98 13.78
C PHE N 41 21.95 -31.62 13.25
N LYS N 42 21.23 -31.60 12.13
CA LYS N 42 20.82 -30.34 11.54
C LYS N 42 19.76 -29.64 12.39
N HIS N 43 18.81 -30.40 12.94
CA HIS N 43 17.75 -29.85 13.77
C HIS N 43 17.75 -30.34 15.21
N LEU N 44 18.49 -31.40 15.53
CA LEU N 44 18.49 -31.95 16.87
C LEU N 44 19.73 -31.51 17.65
N SER N 45 19.65 -31.63 18.97
CA SER N 45 20.73 -31.21 19.84
C SER N 45 21.99 -32.03 19.62
N LEU N 46 23.13 -31.41 19.84
CA LEU N 46 24.41 -32.10 19.72
C LEU N 46 24.57 -33.12 20.84
N ARG N 47 25.06 -34.31 20.48
CA ARG N 47 25.27 -35.39 21.46
C ARG N 47 26.67 -35.23 22.07
N TYR N 48 26.75 -34.36 23.07
CA TYR N 48 28.00 -34.14 23.78
C TYR N 48 28.47 -35.43 24.45
N GLY N 49 29.75 -35.70 24.35
CA GLY N 49 30.33 -36.88 24.96
C GLY N 49 30.13 -38.17 24.19
N ALA N 50 29.54 -38.11 22.99
CA ALA N 50 29.38 -39.31 22.19
C ALA N 50 30.73 -39.87 21.76
N ASN N 51 31.73 -39.00 21.62
CA ASN N 51 33.07 -39.44 21.26
C ASN N 51 33.66 -40.34 22.33
N PHE N 52 33.34 -40.08 23.61
CA PHE N 52 33.81 -40.95 24.68
C PHE N 52 33.28 -42.37 24.51
N ASP N 53 32.02 -42.49 24.07
CA ASP N 53 31.44 -43.81 23.84
C ASP N 53 32.05 -44.48 22.61
N ILE N 54 32.36 -43.70 21.57
CA ILE N 54 32.95 -44.28 20.36
C ILE N 54 34.30 -44.91 20.67
N ILE N 55 35.19 -44.15 21.30
CA ILE N 55 36.52 -44.68 21.63
C ILE N 55 36.41 -45.84 22.61
N GLY N 56 35.52 -45.71 23.61
CA GLY N 56 35.38 -46.75 24.60
C GLY N 56 34.88 -48.06 24.01
N MET N 57 33.81 -47.99 23.21
CA MET N 57 33.26 -49.20 22.60
C MET N 57 34.22 -49.78 21.56
N LYS N 58 34.87 -48.91 20.78
CA LYS N 58 35.83 -49.39 19.79
C LYS N 58 37.00 -50.11 20.45
N GLY N 59 37.53 -49.56 21.54
CA GLY N 59 38.62 -50.21 22.23
C GLY N 59 38.21 -51.52 22.87
N LEU N 60 37.01 -51.57 23.47
CA LEU N 60 36.54 -52.79 24.10
C LEU N 60 36.32 -53.90 23.06
N LEU N 61 35.68 -53.56 21.94
CA LEU N 61 35.43 -54.56 20.92
C LEU N 61 36.72 -55.08 20.29
N GLU N 62 37.73 -54.22 20.15
CA GLU N 62 39.03 -54.69 19.69
C GLU N 62 39.70 -55.60 20.72
N ASP N 63 39.60 -55.24 22.01
CA ASP N 63 40.13 -56.10 23.05
C ASP N 63 39.42 -57.44 23.10
N LEU N 64 38.19 -57.51 22.59
CA LEU N 64 37.46 -58.76 22.48
C LEU N 64 37.74 -59.48 21.16
N GLY N 65 38.60 -58.92 20.31
CA GLY N 65 39.01 -59.54 19.08
C GLY N 65 38.26 -59.11 17.83
N TYR N 66 37.48 -58.04 17.90
CA TYR N 66 36.69 -57.58 16.77
C TYR N 66 37.40 -56.41 16.08
N ASP N 67 37.53 -56.49 14.77
CA ASP N 67 37.98 -55.35 13.98
C ASP N 67 36.79 -54.42 13.75
N VAL N 68 36.90 -53.20 14.25
CA VAL N 68 35.76 -52.28 14.34
C VAL N 68 35.72 -51.40 13.10
N VAL N 69 34.55 -51.35 12.46
CA VAL N 69 34.28 -50.41 11.39
C VAL N 69 33.45 -49.28 11.97
N VAL N 70 33.91 -48.05 11.84
CA VAL N 70 33.28 -46.88 12.44
C VAL N 70 32.74 -45.99 11.34
N LYS N 71 31.45 -45.66 11.44
CA LYS N 71 30.76 -44.76 10.52
C LYS N 71 30.10 -43.66 11.31
N GLU N 72 30.29 -42.42 10.89
CA GLU N 72 29.80 -41.27 11.63
C GLU N 72 29.03 -40.35 10.69
N GLU N 73 28.10 -39.59 11.27
CA GLU N 73 27.31 -38.59 10.53
C GLU N 73 26.63 -39.22 9.31
N LEU N 74 25.62 -40.03 9.59
CA LEU N 74 24.90 -40.77 8.57
C LEU N 74 23.42 -40.44 8.62
N THR N 75 22.79 -40.44 7.45
CA THR N 75 21.34 -40.37 7.35
C THR N 75 20.74 -41.76 7.53
N ALA N 76 19.42 -41.84 7.53
CA ALA N 76 18.77 -43.16 7.57
C ALA N 76 19.10 -43.96 6.32
N GLU N 77 19.12 -43.29 5.16
CA GLU N 77 19.57 -43.94 3.94
C GLU N 77 21.03 -44.35 4.03
N GLY N 78 21.85 -43.52 4.69
CA GLY N 78 23.25 -43.85 4.83
C GLY N 78 23.49 -45.05 5.75
N MET N 79 22.79 -45.09 6.88
CA MET N 79 22.91 -46.24 7.79
C MET N 79 22.48 -47.53 7.12
N GLU N 80 21.38 -47.49 6.36
CA GLU N 80 20.91 -48.69 5.68
C GLU N 80 21.92 -49.18 4.66
N SER N 81 22.49 -48.27 3.87
CA SER N 81 23.47 -48.67 2.86
C SER N 81 24.75 -49.17 3.50
N GLU N 82 25.22 -48.49 4.56
CA GLU N 82 26.44 -48.91 5.22
C GLU N 82 26.28 -50.24 5.95
N MET N 83 25.09 -50.52 6.48
CA MET N 83 24.86 -51.81 7.13
C MET N 83 24.89 -52.95 6.12
N LYS N 84 24.28 -52.74 4.95
CA LYS N 84 24.34 -53.75 3.90
C LYS N 84 25.77 -53.97 3.45
N ASP N 85 26.56 -52.91 3.37
CA ASP N 85 27.98 -53.06 3.05
C ASP N 85 28.70 -53.86 4.14
N PHE N 86 28.37 -53.59 5.40
CA PHE N 86 28.99 -54.31 6.50
C PHE N 86 28.59 -55.78 6.50
N ALA N 87 27.33 -56.07 6.14
CA ALA N 87 26.83 -57.44 6.16
C ALA N 87 27.38 -58.29 5.02
N ALA N 88 27.82 -57.67 3.92
CA ALA N 88 28.34 -58.41 2.78
C ALA N 88 29.82 -58.72 2.88
N LEU N 89 30.46 -58.35 4.00
CA LEU N 89 31.89 -58.61 4.16
C LEU N 89 32.16 -60.10 4.22
N SER N 90 33.13 -60.56 3.41
CA SER N 90 33.52 -61.97 3.42
C SER N 90 34.20 -62.39 4.71
N GLU N 91 34.62 -61.45 5.55
CA GLU N 91 35.27 -61.81 6.80
C GLU N 91 34.33 -62.52 7.77
N HIS N 92 33.02 -62.36 7.60
CA HIS N 92 32.08 -63.03 8.49
C HIS N 92 32.11 -64.55 8.32
N GLN N 93 32.49 -65.02 7.13
CA GLN N 93 32.58 -66.46 6.91
C GLN N 93 33.63 -67.09 7.82
N THR N 94 34.73 -66.39 8.07
CA THR N 94 35.76 -66.85 8.98
C THR N 94 35.66 -66.19 10.35
N SER N 95 34.46 -65.73 10.71
CA SER N 95 34.19 -65.14 12.01
C SER N 95 33.16 -66.00 12.74
N ASP N 96 32.97 -65.72 14.02
CA ASP N 96 32.02 -66.46 14.84
C ASP N 96 30.90 -65.59 15.40
N SER N 97 30.96 -64.28 15.26
CA SER N 97 29.96 -63.38 15.84
C SER N 97 30.17 -61.98 15.27
N THR N 98 29.31 -61.06 15.69
CA THR N 98 29.42 -59.67 15.31
C THR N 98 28.78 -58.79 16.37
N PHE N 99 29.19 -57.54 16.40
CA PHE N 99 28.63 -56.54 17.30
C PHE N 99 28.16 -55.34 16.49
N LEU N 100 27.02 -54.78 16.88
CA LEU N 100 26.42 -53.63 16.20
C LEU N 100 26.13 -52.57 17.25
N VAL N 101 26.95 -51.51 17.27
CA VAL N 101 26.79 -50.42 18.22
C VAL N 101 26.18 -49.24 17.47
N LEU N 102 25.01 -48.79 17.93
CA LEU N 102 24.29 -47.69 17.32
C LEU N 102 24.06 -46.61 18.37
N MET N 103 24.52 -45.38 18.09
CA MET N 103 24.43 -44.29 19.04
C MET N 103 23.99 -43.04 18.31
N SER N 104 22.82 -42.53 18.66
CA SER N 104 22.22 -41.35 18.04
C SER N 104 20.97 -41.01 18.82
N HIS N 105 20.23 -40.00 18.35
CA HIS N 105 18.88 -39.80 18.84
C HIS N 105 17.98 -40.91 18.31
N GLY N 106 16.89 -41.15 19.03
CA GLY N 106 16.01 -42.26 18.71
C GLY N 106 14.56 -41.92 18.96
N THR N 107 13.69 -42.63 18.25
CA THR N 107 12.26 -42.59 18.44
C THR N 107 11.81 -43.91 19.06
N LEU N 108 10.50 -44.13 19.09
CA LEU N 108 9.97 -45.34 19.72
C LEU N 108 10.40 -46.59 18.97
N HIS N 109 10.33 -46.56 17.64
CA HIS N 109 10.60 -47.74 16.82
C HIS N 109 11.80 -47.58 15.90
N GLY N 110 12.60 -46.52 16.05
CA GLY N 110 13.72 -46.33 15.14
C GLY N 110 14.79 -45.43 15.72
N ILE N 111 15.89 -45.34 14.99
CA ILE N 111 17.03 -44.50 15.35
C ILE N 111 17.11 -43.35 14.36
N CYS N 112 17.46 -42.16 14.86
CA CYS N 112 17.40 -40.95 14.06
C CYS N 112 18.66 -40.75 13.25
N GLY N 113 18.48 -40.26 12.03
CA GLY N 113 19.60 -39.80 11.21
C GLY N 113 19.95 -38.36 11.50
N THR N 114 20.92 -37.85 10.72
CA THR N 114 21.38 -36.48 10.93
C THR N 114 20.29 -35.47 10.60
N MET N 115 19.49 -35.75 9.58
CA MET N 115 18.50 -34.82 9.06
C MET N 115 17.12 -34.98 9.71
N HIS N 116 17.03 -35.66 10.86
CA HIS N 116 15.73 -35.98 11.42
C HIS N 116 15.03 -34.73 11.96
N SER N 117 13.73 -34.65 11.70
CA SER N 117 12.85 -33.64 12.26
C SER N 117 11.44 -34.18 12.25
N GLU N 118 10.57 -33.59 13.07
CA GLU N 118 9.17 -34.03 13.09
C GLU N 118 8.49 -33.77 11.76
N LYS N 119 8.84 -32.69 11.08
CA LYS N 119 8.28 -32.43 9.75
C LYS N 119 8.94 -33.31 8.69
N THR N 120 10.26 -33.46 8.75
CA THR N 120 11.03 -34.25 7.79
C THR N 120 11.68 -35.41 8.53
N PRO N 121 10.98 -36.53 8.69
CA PRO N 121 11.56 -37.66 9.43
C PRO N 121 12.74 -38.28 8.69
N ASP N 122 13.77 -38.63 9.45
CA ASP N 122 14.94 -39.33 8.94
C ASP N 122 15.25 -40.47 9.92
N VAL N 123 14.43 -41.51 9.87
CA VAL N 123 14.43 -42.57 10.88
C VAL N 123 14.70 -43.90 10.21
N LEU N 124 15.59 -44.69 10.80
CA LEU N 124 15.84 -46.07 10.40
C LEU N 124 15.18 -46.99 11.42
N GLN N 125 14.21 -47.78 10.96
CA GLN N 125 13.52 -48.71 11.85
C GLN N 125 14.47 -49.77 12.36
N TYR N 126 14.35 -50.10 13.65
CA TYR N 126 15.15 -51.19 14.20
C TYR N 126 14.78 -52.51 13.55
N ASP N 127 13.52 -52.65 13.12
CA ASP N 127 13.09 -53.85 12.42
C ASP N 127 13.84 -54.03 11.11
N THR N 128 14.24 -52.92 10.46
CA THR N 128 15.02 -53.02 9.24
C THR N 128 16.40 -53.63 9.49
N ILE N 129 16.98 -53.36 10.66
CA ILE N 129 18.31 -53.90 10.98
C ILE N 129 18.25 -55.43 11.06
N TYR N 130 17.23 -55.96 11.73
CA TYR N 130 17.08 -57.42 11.80
C TYR N 130 16.86 -58.03 10.42
N GLN N 131 16.16 -57.33 9.54
CA GLN N 131 15.98 -57.83 8.18
C GLN N 131 17.31 -57.89 7.45
N ILE N 132 18.21 -56.93 7.71
CA ILE N 132 19.48 -56.87 7.00
C ILE N 132 20.40 -57.99 7.47
N PHE N 133 20.36 -58.33 8.76
CA PHE N 133 21.33 -59.24 9.36
C PHE N 133 20.78 -60.63 9.64
N ASN N 134 19.55 -60.93 9.22
CA ASN N 134 18.99 -62.25 9.48
C ASN N 134 19.68 -63.30 8.62
N ASN N 135 19.27 -64.55 8.78
CA ASN N 135 19.85 -65.64 7.99
C ASN N 135 19.49 -65.55 6.52
N CYS N 136 18.52 -64.70 6.15
CA CYS N 136 18.13 -64.56 4.75
C CYS N 136 19.05 -63.60 3.99
N HIS N 137 19.38 -62.46 4.59
CA HIS N 137 20.14 -61.42 3.89
C HIS N 137 21.61 -61.35 4.28
N CYS N 138 22.03 -62.08 5.32
CA CYS N 138 23.42 -62.11 5.77
C CYS N 138 23.86 -63.56 5.88
N PRO N 139 24.24 -64.18 4.75
CA PRO N 139 24.67 -65.59 4.82
C PRO N 139 25.96 -65.79 5.59
N GLY N 140 26.84 -64.79 5.65
CA GLY N 140 28.11 -64.96 6.34
C GLY N 140 27.99 -65.10 7.84
N LEU N 141 26.89 -64.63 8.43
CA LEU N 141 26.69 -64.67 9.88
C LEU N 141 25.57 -65.63 10.29
N ARG N 142 25.23 -66.59 9.42
CA ARG N 142 24.23 -67.57 9.76
C ARG N 142 24.69 -68.44 10.93
N ASP N 143 23.77 -68.72 11.84
CA ASP N 143 24.03 -69.55 13.03
C ASP N 143 25.07 -68.95 13.95
N LYS N 144 25.38 -67.66 13.78
CA LYS N 144 26.39 -66.97 14.57
C LYS N 144 25.75 -65.86 15.39
N PRO N 145 26.22 -65.63 16.62
CA PRO N 145 25.62 -64.59 17.47
C PRO N 145 25.73 -63.21 16.84
N LYS N 146 24.62 -62.48 16.87
CA LYS N 146 24.56 -61.12 16.36
C LYS N 146 24.06 -60.22 17.49
N VAL N 147 24.97 -59.46 18.09
CA VAL N 147 24.69 -58.64 19.26
C VAL N 147 24.53 -57.19 18.82
N ILE N 148 23.42 -56.56 19.22
CA ILE N 148 23.12 -55.19 18.86
C ILE N 148 23.09 -54.35 20.13
N ILE N 149 23.90 -53.29 20.16
CA ILE N 149 23.94 -52.35 21.28
C ILE N 149 23.41 -51.01 20.77
N VAL N 150 22.38 -50.50 21.44
CA VAL N 150 21.69 -49.28 21.02
C VAL N 150 21.73 -48.28 22.17
N GLN N 151 22.54 -47.23 22.00
CA GLN N 151 22.52 -46.08 22.91
C GLN N 151 21.71 -44.99 22.23
N ALA N 152 20.44 -44.87 22.64
CA ALA N 152 19.52 -43.92 22.04
C ALA N 152 18.26 -43.87 22.88
N ALA N 153 17.61 -42.70 22.90
CA ALA N 153 16.32 -42.59 23.54
C ALA N 153 15.27 -43.37 22.76
N ARG N 154 14.26 -43.84 23.47
CA ARG N 154 13.13 -44.54 22.85
C ARG N 154 11.82 -43.81 23.12
N GLY N 155 11.92 -42.51 23.35
CA GLY N 155 10.77 -41.71 23.74
C GLY N 155 11.23 -40.42 24.39
N GLY N 156 10.25 -39.64 24.81
CA GLY N 156 10.55 -38.34 25.42
C GLY N 156 10.16 -38.23 26.88
N ASN N 157 9.60 -39.30 27.44
CA ASN N 157 9.09 -39.28 28.80
C ASN N 157 10.19 -39.63 29.80
N SER N 158 10.03 -39.13 31.03
CA SER N 158 10.94 -39.46 32.11
C SER N 158 10.65 -40.86 32.63
N GLY N 159 11.70 -41.52 33.13
CA GLY N 159 11.59 -42.91 33.52
C GLY N 159 11.47 -43.20 35.01
N GLU N 160 11.15 -42.19 35.81
CA GLU N 160 11.08 -42.37 37.25
C GLU N 160 9.86 -41.65 37.82
N MET N 161 9.48 -42.05 39.03
CA MET N 161 8.37 -41.44 39.76
C MET N 161 8.56 -41.70 41.24
N TRP N 162 7.77 -40.99 42.05
CA TRP N 162 7.88 -41.04 43.50
C TRP N 162 6.73 -41.86 44.09
N ILE N 163 7.07 -42.76 45.03
CA ILE N 163 6.11 -43.66 45.67
C ILE N 163 6.39 -43.66 47.17
N ARG N 164 5.37 -44.04 47.95
CA ARG N 164 5.51 -44.16 49.39
C ARG N 164 6.49 -45.26 49.75
N GLU N 165 7.31 -45.01 50.77
CA GLU N 165 8.28 -45.98 51.26
C GLU N 165 7.69 -46.78 52.42
N ALA O 1 -11.37 -72.52 -21.04
CA ALA O 1 -11.77 -71.27 -20.40
C ALA O 1 -11.22 -71.20 -18.98
N ASP O 2 -10.60 -72.29 -18.54
CA ASP O 2 -10.04 -72.36 -17.19
C ASP O 2 -8.57 -71.96 -17.18
N PHE O 3 -8.27 -70.80 -17.75
CA PHE O 3 -6.93 -70.23 -17.63
C PHE O 3 -6.57 -69.96 -16.18
N GLN O 4 -7.56 -69.63 -15.35
CA GLN O 4 -7.31 -69.47 -13.92
C GLN O 4 -6.85 -70.77 -13.29
N GLY O 5 -7.36 -71.90 -13.76
CA GLY O 5 -6.88 -73.18 -13.27
C GLY O 5 -5.43 -73.43 -13.60
N LEU O 6 -5.01 -73.03 -14.80
CA LEU O 6 -3.59 -73.11 -15.16
C LEU O 6 -2.76 -72.15 -14.31
N TYR O 7 -3.26 -70.93 -14.08
CA TYR O 7 -2.53 -69.97 -13.26
C TYR O 7 -2.33 -70.49 -11.85
N ALA O 8 -3.41 -70.98 -11.22
CA ALA O 8 -3.29 -71.51 -9.86
C ALA O 8 -2.33 -72.69 -9.81
N GLU O 9 -2.35 -73.53 -10.86
CA GLU O 9 -1.45 -74.68 -10.89
C GLU O 9 0.01 -74.23 -11.00
N VAL O 10 0.29 -73.25 -11.86
CA VAL O 10 1.65 -72.77 -12.03
C VAL O 10 2.08 -71.92 -10.83
N LYS O 11 1.16 -71.10 -10.29
CA LYS O 11 1.50 -70.28 -9.13
C LYS O 11 1.83 -71.14 -7.92
N ALA O 12 1.13 -72.26 -7.75
CA ALA O 12 1.44 -73.16 -6.63
C ALA O 12 2.84 -73.72 -6.77
N CYS O 13 3.27 -74.02 -8.00
CA CYS O 13 4.64 -74.49 -8.20
C CYS O 13 5.64 -73.38 -7.92
N SER O 14 5.34 -72.15 -8.35
CA SER O 14 6.24 -71.03 -8.11
C SER O 14 6.22 -70.56 -6.67
N SER O 15 5.18 -70.89 -5.91
CA SER O 15 5.07 -70.43 -4.53
C SER O 15 6.16 -71.08 -3.66
N GLU O 16 6.36 -72.38 -3.79
CA GLU O 16 7.36 -73.08 -3.00
C GLU O 16 8.78 -72.70 -3.40
N LEU O 17 8.99 -72.24 -4.63
CA LEU O 17 10.31 -71.76 -5.03
C LEU O 17 10.67 -70.46 -4.35
N GLU O 18 9.69 -69.68 -3.88
CA GLU O 18 9.98 -68.44 -3.17
C GLU O 18 10.74 -68.67 -1.87
N SER O 19 10.64 -69.87 -1.30
CA SER O 19 11.34 -70.19 -0.06
C SER O 19 12.79 -70.61 -0.28
N LEU O 20 13.25 -70.68 -1.53
CA LEU O 20 14.63 -71.03 -1.81
C LEU O 20 15.53 -69.80 -1.72
N GLU O 21 16.77 -70.03 -1.32
CA GLU O 21 17.73 -68.94 -1.18
C GLU O 21 17.91 -68.23 -2.51
N MET O 22 18.20 -66.92 -2.43
CA MET O 22 18.37 -66.11 -3.64
C MET O 22 19.50 -66.65 -4.50
N GLU O 23 20.62 -67.01 -3.88
CA GLU O 23 21.76 -67.54 -4.64
C GLU O 23 21.43 -68.87 -5.30
N LEU O 24 20.65 -69.72 -4.61
CA LEU O 24 20.28 -71.01 -5.19
C LEU O 24 19.28 -70.85 -6.33
N ARG O 25 18.39 -69.87 -6.22
CA ARG O 25 17.47 -69.61 -7.32
C ARG O 25 18.20 -69.05 -8.54
N GLN O 26 19.27 -68.28 -8.31
CA GLN O 26 20.08 -67.80 -9.43
C GLN O 26 20.89 -68.94 -10.05
N GLN O 27 21.40 -69.86 -9.22
CA GLN O 27 22.13 -71.00 -9.75
C GLN O 27 21.24 -71.87 -10.62
N ILE O 28 20.01 -72.13 -10.17
CA ILE O 28 19.07 -72.90 -10.97
C ILE O 28 18.76 -72.17 -12.28
N LEU O 29 18.58 -70.85 -12.22
CA LEU O 29 18.22 -70.09 -13.41
C LEU O 29 19.34 -70.12 -14.44
N VAL O 30 20.58 -69.90 -14.00
CA VAL O 30 21.71 -69.88 -14.93
C VAL O 30 21.90 -71.24 -15.58
N ASN O 31 21.86 -72.30 -14.76
CA ASN O 31 22.09 -73.65 -15.27
C ASN O 31 20.93 -74.21 -16.07
N ILE O 32 19.70 -73.72 -15.82
CA ILE O 32 18.60 -74.08 -16.72
C ILE O 32 18.82 -73.48 -18.10
N GLY O 33 19.30 -72.24 -18.15
CA GLY O 33 19.68 -71.65 -19.43
C GLY O 33 20.79 -72.42 -20.11
N LYS O 34 21.62 -73.12 -19.33
CA LYS O 34 22.70 -73.93 -19.90
C LYS O 34 22.16 -75.22 -20.50
N ILE O 35 21.36 -75.97 -19.72
CA ILE O 35 20.82 -77.24 -20.21
C ILE O 35 19.73 -77.06 -21.26
N LEU O 36 19.21 -75.84 -21.43
CA LEU O 36 18.20 -75.60 -22.45
C LEU O 36 18.75 -75.81 -23.85
N GLN O 37 20.07 -75.68 -24.02
CA GLN O 37 20.74 -75.99 -25.27
C GLN O 37 21.34 -77.40 -25.26
N ASP O 38 20.79 -78.28 -24.43
CA ASP O 38 21.21 -79.67 -24.35
C ASP O 38 20.02 -80.54 -23.97
N GLN O 39 19.17 -80.92 -24.93
CA GLN O 39 17.93 -81.60 -24.56
C GLN O 39 18.12 -82.95 -23.88
N PRO O 40 19.10 -83.78 -24.26
CA PRO O 40 19.29 -85.05 -23.51
C PRO O 40 19.52 -84.84 -22.03
N SER O 41 20.19 -83.75 -21.65
CA SER O 41 20.38 -83.46 -20.23
C SER O 41 19.05 -83.13 -19.57
N MET O 42 18.16 -82.45 -20.28
CA MET O 42 16.82 -82.18 -19.73
C MET O 42 16.04 -83.47 -19.53
N GLU O 43 16.09 -84.37 -20.51
CA GLU O 43 15.38 -85.65 -20.38
C GLU O 43 15.94 -86.47 -19.23
N ALA O 44 17.27 -86.48 -19.06
CA ALA O 44 17.87 -87.20 -17.96
C ALA O 44 17.48 -86.59 -16.61
N LEU O 45 17.43 -85.26 -16.54
CA LEU O 45 17.06 -84.61 -15.29
C LEU O 45 15.59 -84.82 -14.96
N GLU O 46 14.72 -84.82 -15.98
CA GLU O 46 13.32 -85.16 -15.76
C GLU O 46 13.16 -86.54 -15.14
N ALA O 47 13.85 -87.54 -15.72
CA ALA O 47 13.74 -88.90 -15.21
C ALA O 47 14.24 -89.00 -13.78
N SER O 48 15.36 -88.35 -13.47
CA SER O 48 15.89 -88.38 -12.11
C SER O 48 14.92 -87.74 -11.14
N LEU O 49 14.37 -86.57 -11.50
CA LEU O 49 13.42 -85.90 -10.61
C LEU O 49 12.12 -86.69 -10.50
N GLY O 50 11.64 -87.24 -11.62
CA GLY O 50 10.43 -88.05 -11.57
C GLY O 50 10.62 -89.33 -10.76
N GLN O 51 11.81 -89.93 -10.87
CA GLN O 51 12.12 -91.12 -10.08
C GLN O 51 12.16 -90.78 -8.59
N GLY O 52 12.84 -89.68 -8.23
CA GLY O 52 12.91 -89.28 -6.84
C GLY O 52 11.57 -88.91 -6.24
N LEU O 53 10.68 -88.36 -7.05
CA LEU O 53 9.35 -88.00 -6.54
C LEU O 53 8.48 -89.24 -6.33
N CYS O 54 8.64 -90.26 -7.18
CA CYS O 54 7.81 -91.46 -7.05
C CYS O 54 8.30 -92.37 -5.93
N SER O 55 9.62 -92.57 -5.84
CA SER O 55 10.18 -93.49 -4.85
C SER O 55 10.44 -92.83 -3.50
N GLY O 56 11.00 -91.62 -3.50
CA GLY O 56 11.40 -90.99 -2.27
C GLY O 56 12.78 -91.40 -1.77
N GLY O 57 13.51 -92.20 -2.55
CA GLY O 57 14.83 -92.65 -2.16
C GLY O 57 15.91 -91.72 -2.66
N GLN O 58 17.14 -92.24 -2.69
CA GLN O 58 18.28 -91.45 -3.12
C GLN O 58 18.20 -91.15 -4.61
N VAL O 59 18.80 -90.03 -5.01
CA VAL O 59 18.91 -89.63 -6.41
C VAL O 59 20.36 -89.76 -6.84
N GLU O 60 20.58 -90.48 -7.93
CA GLU O 60 21.93 -90.68 -8.44
C GLU O 60 22.47 -89.35 -8.96
N PRO O 61 23.59 -88.86 -8.45
CA PRO O 61 24.06 -87.53 -8.83
C PRO O 61 24.43 -87.46 -10.31
N LEU O 62 24.22 -86.27 -10.88
CA LEU O 62 24.58 -85.99 -12.26
C LEU O 62 25.72 -84.98 -12.31
N ASP O 63 26.39 -84.93 -13.46
CA ASP O 63 27.51 -84.05 -13.69
C ASP O 63 27.09 -82.86 -14.55
N GLY O 64 27.88 -81.79 -14.48
CA GLY O 64 27.66 -80.62 -15.29
C GLY O 64 26.51 -79.77 -14.81
N PRO O 65 25.90 -79.00 -15.73
CA PRO O 65 24.82 -78.09 -15.33
C PRO O 65 23.59 -78.82 -14.79
N ALA O 66 23.31 -80.03 -15.28
CA ALA O 66 22.21 -80.81 -14.72
C ALA O 66 22.45 -81.13 -13.25
N GLY O 67 23.71 -81.39 -12.89
CA GLY O 67 24.04 -81.63 -11.49
C GLY O 67 23.99 -80.36 -10.65
N CYS O 68 24.33 -79.22 -11.24
CA CYS O 68 24.23 -77.95 -10.50
C CYS O 68 22.79 -77.65 -10.13
N ILE O 69 21.84 -78.00 -11.00
CA ILE O 69 20.44 -77.87 -10.67
C ILE O 69 20.04 -78.87 -9.59
N LEU O 70 20.54 -80.11 -9.70
CA LEU O 70 20.18 -81.14 -8.74
C LEU O 70 20.72 -80.85 -7.34
N GLU O 71 21.85 -80.15 -7.25
CA GLU O 71 22.39 -79.76 -5.95
C GLU O 71 21.40 -78.93 -5.15
N CYS O 72 20.57 -78.14 -5.83
CA CYS O 72 19.62 -77.24 -5.18
C CYS O 72 18.30 -77.91 -4.81
N LEU O 73 18.18 -79.23 -5.01
CA LEU O 73 16.91 -79.92 -4.78
C LEU O 73 17.03 -81.14 -3.87
N VAL O 74 18.19 -81.41 -3.29
CA VAL O 74 18.40 -82.63 -2.52
C VAL O 74 18.87 -82.30 -1.12
N LEU O 75 18.56 -83.18 -0.17
CA LEU O 75 19.03 -83.07 1.20
C LEU O 75 20.45 -83.62 1.30
N ASP O 76 20.99 -83.58 2.53
CA ASP O 76 22.30 -84.18 2.78
C ASP O 76 22.27 -85.68 2.55
N SER O 77 21.16 -86.33 2.91
CA SER O 77 21.04 -87.78 2.74
C SER O 77 20.81 -88.19 1.29
N GLY O 78 20.58 -87.23 0.38
CA GLY O 78 20.48 -87.50 -1.04
C GLY O 78 19.08 -87.50 -1.62
N GLU O 79 18.04 -87.61 -0.79
CA GLU O 79 16.68 -87.61 -1.30
C GLU O 79 16.30 -86.24 -1.84
N LEU O 80 15.38 -86.23 -2.81
CA LEU O 80 14.83 -84.98 -3.32
C LEU O 80 13.97 -84.31 -2.26
N VAL O 81 13.94 -82.98 -2.29
CA VAL O 81 12.98 -82.20 -1.53
C VAL O 81 11.72 -82.06 -2.39
N PRO O 82 10.64 -82.77 -2.09
CA PRO O 82 9.47 -82.74 -2.99
C PRO O 82 8.90 -81.34 -3.20
N GLU O 83 8.91 -80.50 -2.17
CA GLU O 83 8.39 -79.14 -2.31
C GLU O 83 9.22 -78.33 -3.30
N LEU O 84 10.49 -78.67 -3.47
CA LEU O 84 11.38 -77.98 -4.40
C LEU O 84 11.54 -78.71 -5.72
N ALA O 85 11.63 -80.04 -5.70
CA ALA O 85 11.88 -80.80 -6.92
C ALA O 85 10.66 -80.84 -7.82
N ALA O 86 9.46 -80.92 -7.25
CA ALA O 86 8.26 -81.03 -8.06
C ALA O 86 8.04 -79.83 -8.98
N PRO O 87 8.17 -78.57 -8.54
CA PRO O 87 8.02 -77.47 -9.49
C PRO O 87 9.07 -77.46 -10.59
N ILE O 88 10.30 -77.88 -10.29
CA ILE O 88 11.33 -77.95 -11.32
C ILE O 88 10.98 -79.03 -12.34
N PHE O 89 10.45 -80.17 -11.87
CA PHE O 89 9.99 -81.21 -12.79
C PHE O 89 8.85 -80.69 -13.66
N TYR O 90 7.97 -79.87 -13.07
CA TYR O 90 6.88 -79.27 -13.85
C TYR O 90 7.42 -78.25 -14.84
N LEU O 91 8.51 -77.56 -14.49
CA LEU O 91 9.13 -76.62 -15.42
C LEU O 91 9.82 -77.36 -16.56
N LEU O 92 10.57 -78.41 -16.23
CA LEU O 92 11.26 -79.19 -17.27
C LEU O 92 10.26 -79.85 -18.21
N GLY O 93 9.14 -80.33 -17.67
CA GLY O 93 8.14 -80.95 -18.53
C GLY O 93 7.54 -79.97 -19.52
N ALA O 94 7.26 -78.75 -19.07
CA ALA O 94 6.73 -77.73 -19.97
C ALA O 94 7.79 -77.24 -20.94
N LEU O 95 9.06 -77.19 -20.51
CA LEU O 95 10.13 -76.78 -21.41
C LEU O 95 10.33 -77.79 -22.52
N ALA O 96 10.16 -79.09 -22.23
CA ALA O 96 10.32 -80.12 -23.24
C ALA O 96 9.24 -80.06 -24.31
N VAL O 97 8.07 -79.49 -23.99
CA VAL O 97 7.02 -79.35 -24.98
C VAL O 97 7.42 -78.34 -26.06
N LEU O 98 8.19 -77.32 -25.68
CA LEU O 98 8.59 -76.28 -26.61
C LEU O 98 9.56 -76.84 -27.65
N SER O 99 9.72 -76.09 -28.74
CA SER O 99 10.68 -76.45 -29.77
C SER O 99 12.09 -76.04 -29.37
N GLU O 100 13.07 -76.60 -30.08
CA GLU O 100 14.46 -76.27 -29.80
C GLU O 100 14.75 -74.80 -30.04
N THR O 101 14.13 -74.22 -31.08
CA THR O 101 14.32 -72.79 -31.34
C THR O 101 13.77 -71.96 -30.18
N GLN O 102 12.61 -72.33 -29.64
CA GLN O 102 12.09 -71.65 -28.46
C GLN O 102 13.01 -71.85 -27.28
N GLN O 103 13.60 -73.05 -27.15
CA GLN O 103 14.54 -73.30 -26.06
C GLN O 103 15.78 -72.42 -26.20
N GLN O 104 16.27 -72.24 -27.42
CA GLN O 104 17.44 -71.38 -27.62
C GLN O 104 17.11 -69.93 -27.32
N LEU O 105 15.91 -69.50 -27.71
CA LEU O 105 15.52 -68.10 -27.44
C LEU O 105 15.41 -67.89 -25.93
N LEU O 106 14.81 -68.84 -25.23
CA LEU O 106 14.65 -68.67 -23.76
C LEU O 106 16.03 -68.58 -23.11
N ALA O 107 16.98 -69.39 -23.54
CA ALA O 107 18.31 -69.29 -22.92
C ALA O 107 18.89 -67.91 -23.19
N LYS O 108 18.72 -67.38 -24.41
CA LYS O 108 19.25 -66.04 -24.76
C LYS O 108 18.61 -64.97 -23.89
N ALA O 109 17.32 -65.10 -23.59
CA ALA O 109 16.57 -64.04 -22.90
C ALA O 109 16.37 -64.30 -21.42
N LEU O 110 17.16 -65.12 -20.76
CA LEU O 110 16.85 -65.37 -19.32
C LEU O 110 17.32 -64.21 -18.45
N GLU O 111 16.56 -63.11 -18.41
CA GLU O 111 16.91 -61.89 -17.63
C GLU O 111 15.85 -61.53 -16.59
N THR O 112 14.59 -61.47 -17.05
CA THR O 112 13.28 -61.05 -16.44
C THR O 112 12.91 -59.65 -16.94
N THR O 113 13.85 -58.89 -17.52
CA THR O 113 13.42 -57.59 -18.08
C THR O 113 12.47 -57.88 -19.23
N VAL O 114 12.87 -58.82 -20.10
CA VAL O 114 12.05 -59.17 -21.29
C VAL O 114 11.17 -60.34 -20.95
N LEU O 115 11.61 -61.17 -20.01
CA LEU O 115 10.80 -62.35 -19.65
C LEU O 115 9.47 -61.86 -19.09
N SER O 116 9.51 -60.86 -18.21
CA SER O 116 8.27 -60.32 -17.65
C SER O 116 7.45 -59.76 -18.79
N LYS O 117 8.09 -59.15 -19.79
CA LYS O 117 7.21 -58.70 -20.87
C LYS O 117 6.63 -59.86 -21.65
N GLN O 118 7.47 -60.84 -22.00
CA GLN O 118 7.00 -61.99 -22.76
C GLN O 118 5.92 -62.75 -22.01
N LEU O 119 6.07 -62.89 -20.69
CA LEU O 119 5.05 -63.57 -19.90
C LEU O 119 3.70 -62.89 -20.03
N GLU O 120 3.67 -61.56 -19.89
CA GLU O 120 2.41 -60.84 -19.98
C GLU O 120 1.83 -60.89 -21.39
N LEU O 121 2.68 -61.04 -22.40
CA LEU O 121 2.17 -61.20 -23.76
C LEU O 121 1.48 -62.55 -23.94
N VAL O 122 2.16 -63.64 -23.53
CA VAL O 122 1.58 -64.97 -23.66
C VAL O 122 0.33 -65.10 -22.80
N LYS O 123 0.37 -64.57 -21.58
CA LYS O 123 -0.81 -64.55 -20.72
C LYS O 123 -1.98 -63.85 -21.41
N HIS O 124 -1.73 -62.67 -21.97
CA HIS O 124 -2.79 -61.91 -22.63
C HIS O 124 -3.36 -62.66 -23.82
N VAL O 125 -2.50 -63.33 -24.59
CA VAL O 125 -2.96 -64.11 -25.74
C VAL O 125 -3.89 -65.24 -25.29
N LEU O 126 -3.56 -65.89 -24.17
CA LEU O 126 -4.40 -66.99 -23.71
C LEU O 126 -5.72 -66.50 -23.12
N GLU O 127 -5.70 -65.35 -22.45
CA GLU O 127 -6.92 -64.81 -21.88
C GLU O 127 -7.83 -64.26 -22.96
N GLN O 128 -7.27 -63.46 -23.88
CA GLN O 128 -8.08 -62.74 -24.86
C GLN O 128 -8.63 -63.65 -25.94
N SER O 129 -8.05 -64.84 -26.14
CA SER O 129 -8.47 -65.75 -27.19
C SER O 129 -9.57 -66.71 -26.76
N THR O 130 -10.00 -66.65 -25.50
CA THR O 130 -11.11 -67.47 -25.05
C THR O 130 -12.39 -67.02 -25.76
N PRO O 131 -13.20 -67.96 -26.30
CA PRO O 131 -13.11 -69.42 -26.23
C PRO O 131 -11.99 -70.04 -27.06
N TRP O 132 -11.25 -70.97 -26.43
CA TRP O 132 -10.08 -71.55 -27.06
C TRP O 132 -10.44 -72.39 -28.29
N GLN O 133 -11.67 -72.93 -28.34
CA GLN O 133 -12.02 -73.84 -29.42
C GLN O 133 -12.36 -73.13 -30.72
N GLU O 134 -12.41 -71.80 -30.73
CA GLU O 134 -12.67 -71.03 -31.93
C GLU O 134 -11.43 -70.23 -32.31
N GLN O 135 -11.27 -69.99 -33.62
CA GLN O 135 -10.26 -69.06 -34.08
C GLN O 135 -10.60 -67.65 -33.61
N SER O 136 -9.58 -66.85 -33.33
CA SER O 136 -9.79 -65.51 -32.82
C SER O 136 -8.55 -64.67 -33.07
N SER O 137 -8.67 -63.37 -32.78
CA SER O 137 -7.58 -62.42 -32.93
C SER O 137 -7.32 -61.73 -31.59
N VAL O 138 -6.09 -61.24 -31.43
CA VAL O 138 -5.67 -60.59 -30.19
C VAL O 138 -4.86 -59.35 -30.55
N SER O 139 -5.22 -58.21 -29.96
CA SER O 139 -4.42 -57.00 -30.07
C SER O 139 -3.49 -56.88 -28.86
N LEU O 140 -2.31 -56.31 -29.10
CA LEU O 140 -1.29 -56.23 -28.07
C LEU O 140 -0.81 -54.79 -27.90
N PRO O 141 -0.50 -54.37 -26.68
CA PRO O 141 0.05 -53.03 -26.48
C PRO O 141 1.46 -52.92 -27.03
N THR O 142 1.77 -51.75 -27.60
CA THR O 142 3.10 -51.51 -28.12
C THR O 142 4.15 -51.56 -27.02
N VAL O 143 3.79 -51.19 -25.80
CA VAL O 143 4.72 -51.21 -24.68
C VAL O 143 5.25 -52.61 -24.39
N LEU O 144 4.49 -53.64 -24.79
CA LEU O 144 4.94 -55.03 -24.66
C LEU O 144 5.62 -55.56 -25.91
N LEU O 145 5.37 -54.95 -27.07
CA LEU O 145 5.95 -55.42 -28.32
C LEU O 145 7.39 -54.98 -28.52
N GLY O 146 7.92 -54.15 -27.65
CA GLY O 146 9.30 -53.73 -27.75
C GLY O 146 9.49 -52.57 -28.72
N ASP O 147 10.76 -52.31 -29.03
CA ASP O 147 11.11 -51.22 -29.94
C ASP O 147 10.82 -51.57 -31.38
N CYS O 148 11.09 -52.82 -31.79
CA CYS O 148 10.91 -53.27 -33.17
C CYS O 148 10.06 -54.53 -33.15
N TRP O 149 8.82 -54.42 -33.65
CA TRP O 149 7.89 -55.55 -33.71
C TRP O 149 7.85 -56.08 -35.13
N ASP O 150 8.50 -57.21 -35.35
CA ASP O 150 8.54 -57.86 -36.65
C ASP O 150 8.87 -59.33 -36.43
N GLU O 151 8.97 -60.08 -37.54
CA GLU O 151 9.29 -61.50 -37.41
C GLU O 151 10.73 -61.74 -36.98
N LYS O 152 11.55 -60.70 -36.88
CA LYS O 152 12.88 -60.79 -36.32
C LYS O 152 12.91 -60.55 -34.82
N ASN O 153 11.79 -60.15 -34.23
CA ASN O 153 11.70 -60.01 -32.78
C ASN O 153 11.71 -61.40 -32.14
N PRO O 154 12.49 -61.62 -31.07
CA PRO O 154 12.52 -62.95 -30.46
C PRO O 154 11.18 -63.43 -29.95
N THR O 155 10.34 -62.52 -29.44
CA THR O 155 9.02 -62.91 -28.96
C THR O 155 8.13 -63.37 -30.11
N TRP O 156 8.26 -62.73 -31.28
CA TRP O 156 7.53 -63.17 -32.47
C TRP O 156 7.83 -64.63 -32.78
N VAL O 157 9.11 -65.00 -32.78
CA VAL O 157 9.48 -66.39 -33.09
C VAL O 157 8.99 -67.31 -31.98
N LEU O 158 9.03 -66.85 -30.73
CA LEU O 158 8.51 -67.65 -29.62
C LEU O 158 7.02 -67.95 -29.83
N LEU O 159 6.25 -66.94 -30.22
CA LEU O 159 4.82 -67.15 -30.44
C LEU O 159 4.58 -67.93 -31.74
N GLU O 160 5.39 -67.67 -32.77
CA GLU O 160 5.17 -68.35 -34.05
C GLU O 160 5.46 -69.83 -33.94
N GLU O 161 6.52 -70.21 -33.22
CA GLU O 161 6.84 -71.63 -33.05
C GLU O 161 5.78 -72.36 -32.22
N CYS O 162 4.90 -71.63 -31.54
CA CYS O 162 3.75 -72.26 -30.91
C CYS O 162 2.65 -72.57 -31.92
N GLY O 163 2.81 -72.15 -33.17
CA GLY O 163 1.80 -72.31 -34.19
C GLY O 163 0.91 -71.10 -34.40
N LEU O 164 1.18 -69.99 -33.70
CA LEU O 164 0.35 -68.80 -33.82
C LEU O 164 0.71 -68.02 -35.07
N ARG O 165 -0.31 -67.64 -35.84
CA ARG O 165 -0.10 -66.83 -37.04
C ARG O 165 -0.05 -65.36 -36.65
N LEU O 166 1.09 -64.72 -36.92
CA LEU O 166 1.33 -63.36 -36.47
C LEU O 166 1.40 -62.40 -37.66
N GLN O 167 1.18 -61.13 -37.37
CA GLN O 167 1.28 -60.07 -38.37
C GLN O 167 1.76 -58.79 -37.68
N VAL O 168 2.14 -57.81 -38.50
CA VAL O 168 2.70 -56.57 -37.96
C VAL O 168 1.59 -55.65 -37.48
N GLU O 169 0.54 -55.49 -38.27
CA GLU O 169 -0.52 -54.54 -37.94
C GLU O 169 -1.47 -55.12 -36.90
N SER O 170 -2.07 -54.23 -36.11
CA SER O 170 -3.04 -54.64 -35.12
C SER O 170 -4.32 -55.11 -35.80
N PRO O 171 -4.89 -56.25 -35.40
CA PRO O 171 -4.41 -57.12 -34.31
C PRO O 171 -3.22 -57.97 -34.75
N GLN O 172 -2.22 -58.10 -33.88
CA GLN O 172 -0.94 -58.69 -34.24
C GLN O 172 -0.91 -60.20 -34.14
N VAL O 173 -1.80 -60.82 -33.38
CA VAL O 173 -1.77 -62.26 -33.13
C VAL O 173 -3.11 -62.86 -33.58
N HIS O 174 -3.03 -63.93 -34.38
CA HIS O 174 -4.19 -64.72 -34.74
C HIS O 174 -4.09 -66.05 -34.02
N TRP O 175 -5.11 -66.37 -33.22
CA TRP O 175 -5.10 -67.56 -32.38
C TRP O 175 -5.70 -68.74 -33.14
N GLU O 176 -4.89 -69.76 -33.38
CA GLU O 176 -5.38 -71.04 -33.88
C GLU O 176 -5.34 -72.06 -32.75
N PRO O 177 -6.46 -72.71 -32.46
CA PRO O 177 -6.54 -73.55 -31.25
C PRO O 177 -5.55 -74.70 -31.22
N THR O 178 -5.02 -75.14 -32.35
CA THR O 178 -4.00 -76.18 -32.34
C THR O 178 -2.75 -75.72 -31.61
N SER O 179 -2.62 -74.43 -31.33
CA SER O 179 -1.49 -73.85 -30.62
C SER O 179 -1.69 -73.83 -29.12
N LEU O 180 -2.79 -74.40 -28.62
CA LEU O 180 -3.09 -74.29 -27.19
C LEU O 180 -2.07 -75.07 -26.37
N ILE O 181 -1.80 -76.32 -26.74
CA ILE O 181 -0.88 -77.15 -25.96
C ILE O 181 0.51 -76.54 -25.88
N PRO O 182 1.14 -76.10 -26.98
CA PRO O 182 2.47 -75.49 -26.84
C PRO O 182 2.45 -74.15 -26.13
N THR O 183 1.47 -73.29 -26.43
CA THR O 183 1.42 -71.96 -25.81
C THR O 183 1.30 -72.05 -24.29
N SER O 184 0.40 -72.93 -23.80
CA SER O 184 0.27 -73.11 -22.36
C SER O 184 1.60 -73.51 -21.73
N ALA O 185 2.31 -74.44 -22.36
CA ALA O 185 3.62 -74.83 -21.86
C ALA O 185 4.59 -73.64 -21.86
N LEU O 186 4.57 -72.85 -22.93
CA LEU O 186 5.39 -71.64 -22.98
C LEU O 186 5.03 -70.68 -21.85
N TYR O 187 3.73 -70.50 -21.62
CA TYR O 187 3.29 -69.66 -20.49
C TYR O 187 3.84 -70.19 -19.18
N ALA O 188 3.63 -71.49 -18.90
CA ALA O 188 4.15 -72.08 -17.67
C ALA O 188 5.65 -71.94 -17.57
N SER O 189 6.37 -72.13 -18.68
CA SER O 189 7.82 -71.94 -18.69
C SER O 189 8.18 -70.51 -18.30
N LEU O 190 7.62 -69.53 -19.02
CA LEU O 190 7.92 -68.12 -18.74
C LEU O 190 7.55 -67.72 -17.33
N PHE O 191 6.49 -68.30 -16.78
CA PHE O 191 6.05 -67.95 -15.42
C PHE O 191 7.09 -68.39 -14.40
N LEU O 192 7.46 -69.67 -14.43
CA LEU O 192 8.38 -70.21 -13.43
C LEU O 192 9.77 -69.59 -13.56
N LEU O 193 10.22 -69.33 -14.80
CA LEU O 193 11.50 -68.67 -14.99
C LEU O 193 11.50 -67.27 -14.38
N SER O 194 10.39 -66.54 -14.50
CA SER O 194 10.32 -65.19 -13.94
C SER O 194 10.37 -65.23 -12.41
N SER O 195 9.74 -66.23 -11.79
CA SER O 195 9.73 -66.30 -10.34
C SER O 195 11.09 -66.68 -9.76
N LEU O 196 11.99 -67.24 -10.58
CA LEU O 196 13.30 -67.61 -10.10
C LEU O 196 14.32 -66.47 -10.17
N GLY O 197 14.16 -65.54 -11.10
CA GLY O 197 15.09 -64.43 -11.22
C GLY O 197 14.63 -63.19 -10.50
N GLN O 198 13.76 -63.37 -9.50
CA GLN O 198 13.20 -62.27 -8.74
C GLN O 198 13.82 -62.16 -7.35
N LEU P 1 11.13 -2.69 24.76
CA LEU P 1 9.80 -3.21 24.32
C LEU P 1 9.75 -3.31 22.80
N SER P 2 10.19 -4.45 22.29
CA SER P 2 10.16 -4.71 20.83
C SER P 2 8.75 -5.15 20.49
N LEU P 3 7.83 -4.18 20.35
CA LEU P 3 6.41 -4.45 19.97
C LEU P 3 6.26 -4.28 18.47
N LEU P 4 7.37 -4.07 17.77
CA LEU P 4 7.46 -3.94 16.30
C LEU P 4 7.08 -5.29 15.72
N SER P 5 7.48 -6.38 16.37
CA SER P 5 7.15 -7.76 15.97
C SER P 5 5.64 -8.06 16.09
N ASP P 6 4.91 -7.30 16.92
CA ASP P 6 3.46 -7.48 17.14
C ASP P 6 2.65 -6.32 16.55
N GLY P 7 2.97 -5.07 16.91
CA GLY P 7 2.27 -3.85 16.44
C GLY P 7 1.14 -3.37 17.35
N ILE P 8 0.82 -4.10 18.40
CA ILE P 8 -0.25 -3.82 19.42
C ILE P 8 0.29 -2.83 20.47
N ASP P 9 -0.56 -2.26 21.34
CA ASP P 9 -0.18 -1.28 22.39
C ASP P 9 1.10 -1.70 23.12
N GLU P 10 1.93 -0.70 23.41
CA GLU P 10 3.24 -1.00 24.00
C GLU P 10 3.08 -1.62 25.38
N GLU P 11 2.30 -0.99 26.25
CA GLU P 11 2.15 -1.48 27.62
C GLU P 11 1.35 -2.78 27.67
N GLU P 12 0.39 -2.95 26.77
CA GLU P 12 -0.43 -4.15 26.79
C GLU P 12 0.39 -5.39 26.46
N LEU P 13 1.42 -5.25 25.62
CA LEU P 13 2.24 -6.42 25.29
C LEU P 13 3.22 -6.74 26.41
N ILE P 14 3.56 -5.75 27.25
CA ILE P 14 4.41 -6.01 28.40
C ILE P 14 3.68 -6.85 29.43
N GLU P 15 2.46 -6.44 29.79
CA GLU P 15 1.71 -7.14 30.83
C GLU P 15 1.26 -8.52 30.35
N ALA P 16 0.99 -8.67 29.05
CA ALA P 16 0.70 -9.99 28.50
C ALA P 16 1.91 -10.89 28.57
N ALA P 17 3.12 -10.33 28.50
CA ALA P 17 4.32 -11.12 28.68
C ALA P 17 4.52 -11.52 30.14
N ASP P 18 4.02 -10.71 31.07
CA ASP P 18 4.07 -11.09 32.49
C ASP P 18 3.15 -12.27 32.76
N PHE P 19 1.93 -12.25 32.22
CA PHE P 19 1.01 -13.35 32.43
C PHE P 19 1.53 -14.64 31.81
N GLN P 20 2.15 -14.53 30.62
CA GLN P 20 2.78 -15.70 30.02
C GLN P 20 3.89 -16.24 30.90
N GLY P 21 4.61 -15.34 31.59
CA GLY P 21 5.62 -15.78 32.54
C GLY P 21 5.02 -16.47 33.75
N LEU P 22 3.90 -15.95 34.25
CA LEU P 22 3.22 -16.61 35.36
C LEU P 22 2.71 -17.98 34.97
N TYR P 23 2.17 -18.10 33.74
CA TYR P 23 1.69 -19.39 33.27
C TYR P 23 2.83 -20.40 33.20
N ALA P 24 3.94 -20.01 32.58
CA ALA P 24 5.08 -20.93 32.48
C ALA P 24 5.63 -21.27 33.86
N GLU P 25 5.65 -20.30 34.77
CA GLU P 25 6.16 -20.55 36.12
C GLU P 25 5.26 -21.53 36.87
N VAL P 26 3.95 -21.37 36.77
CA VAL P 26 3.04 -22.28 37.46
C VAL P 26 2.98 -23.63 36.75
N LYS P 27 3.03 -23.62 35.41
CA LYS P 27 3.04 -24.87 34.66
C LYS P 27 4.28 -25.68 34.98
N ALA P 28 5.43 -25.01 35.13
CA ALA P 28 6.65 -25.72 35.50
C ALA P 28 6.53 -26.34 36.88
N CYS P 29 5.87 -25.65 37.82
CA CYS P 29 5.65 -26.24 39.14
C CYS P 29 4.72 -27.44 39.06
N SER P 30 3.69 -27.36 38.21
CA SER P 30 2.77 -28.49 38.06
C SER P 30 3.41 -29.64 37.31
N SER P 31 4.46 -29.38 36.52
CA SER P 31 5.11 -30.44 35.77
C SER P 31 5.79 -31.43 36.71
N GLU P 32 6.52 -30.91 37.71
CA GLU P 32 7.22 -31.78 38.64
C GLU P 32 6.25 -32.56 39.53
N LEU P 33 5.05 -32.02 39.75
CA LEU P 33 4.03 -32.77 40.48
C LEU P 33 3.46 -33.91 39.66
N GLU P 34 3.51 -33.80 38.32
CA GLU P 34 3.03 -34.89 37.47
C GLU P 34 3.86 -36.15 37.64
N SER P 35 5.09 -36.04 38.12
CA SER P 35 5.91 -37.22 38.36
C SER P 35 5.60 -37.90 39.67
N LEU P 36 4.68 -37.34 40.46
CA LEU P 36 4.25 -37.96 41.71
C LEU P 36 3.15 -38.98 41.43
N GLU P 37 3.12 -40.02 42.25
CA GLU P 37 2.12 -41.07 42.11
C GLU P 37 0.71 -40.50 42.24
N MET P 38 -0.24 -41.10 41.52
CA MET P 38 -1.61 -40.61 41.53
C MET P 38 -2.22 -40.65 42.93
N GLU P 39 -1.95 -41.74 43.67
CA GLU P 39 -2.52 -41.86 45.01
C GLU P 39 -1.98 -40.76 45.93
N LEU P 40 -0.71 -40.40 45.77
CA LEU P 40 -0.13 -39.35 46.60
C LEU P 40 -0.65 -37.97 46.21
N ARG P 41 -0.91 -37.74 44.92
CA ARG P 41 -1.49 -36.46 44.51
C ARG P 41 -2.90 -36.29 45.04
N GLN P 42 -3.66 -37.38 45.12
CA GLN P 42 -4.97 -37.31 45.74
C GLN P 42 -4.85 -37.10 47.25
N GLN P 43 -3.82 -37.69 47.86
CA GLN P 43 -3.58 -37.48 49.28
C GLN P 43 -3.28 -36.02 49.57
N ILE P 44 -2.41 -35.42 48.76
CA ILE P 44 -2.11 -33.99 48.91
C ILE P 44 -3.36 -33.15 48.67
N LEU P 45 -4.14 -33.49 47.64
CA LEU P 45 -5.29 -32.68 47.28
C LEU P 45 -6.36 -32.69 48.37
N VAL P 46 -6.67 -33.88 48.90
CA VAL P 46 -7.71 -33.98 49.93
C VAL P 46 -7.31 -33.22 51.19
N ASN P 47 -6.07 -33.40 51.64
CA ASN P 47 -5.64 -32.77 52.88
C ASN P 47 -5.41 -31.27 52.72
N ILE P 48 -5.15 -30.79 51.50
CA ILE P 48 -5.13 -29.34 51.27
C ILE P 48 -6.52 -28.76 51.47
N GLY P 49 -7.55 -29.45 50.99
CA GLY P 49 -8.91 -29.02 51.24
C GLY P 49 -9.26 -28.99 52.73
N LYS P 50 -8.59 -29.82 53.52
CA LYS P 50 -8.81 -29.83 54.96
C LYS P 50 -8.11 -28.64 55.64
N ILE P 51 -6.84 -28.42 55.32
CA ILE P 51 -6.10 -27.33 55.95
C ILE P 51 -6.53 -25.95 55.48
N LEU P 52 -7.29 -25.86 54.39
CA LEU P 52 -7.79 -24.55 53.96
C LEU P 52 -8.73 -23.95 54.99
N GLN P 53 -9.33 -24.77 55.85
CA GLN P 53 -10.12 -24.30 56.99
C GLN P 53 -9.28 -24.18 58.25
N ASP P 54 -7.95 -24.04 58.11
CA ASP P 54 -7.02 -24.01 59.23
C ASP P 54 -5.80 -23.20 58.80
N GLN P 55 -5.93 -21.87 58.90
CA GLN P 55 -4.83 -20.99 58.52
C GLN P 55 -3.57 -21.19 59.36
N PRO P 56 -3.62 -21.39 60.67
CA PRO P 56 -2.37 -21.65 61.42
C PRO P 56 -1.60 -22.84 60.90
N SER P 57 -2.27 -23.88 60.42
CA SER P 57 -1.57 -25.03 59.86
C SER P 57 -0.91 -24.69 58.54
N MET P 58 -1.56 -23.85 57.73
CA MET P 58 -0.95 -23.43 56.46
C MET P 58 0.31 -22.60 56.72
N GLU P 59 0.27 -21.73 57.73
CA GLU P 59 1.46 -20.95 58.06
C GLU P 59 2.59 -21.85 58.55
N ALA P 60 2.25 -22.86 59.35
CA ALA P 60 3.27 -23.79 59.83
C ALA P 60 3.87 -24.60 58.68
N LEU P 61 3.02 -25.04 57.74
CA LEU P 61 3.52 -25.82 56.61
C LEU P 61 4.36 -24.98 55.66
N GLU P 62 3.96 -23.71 55.46
CA GLU P 62 4.80 -22.81 54.67
C GLU P 62 6.19 -22.67 55.27
N ALA P 63 6.26 -22.42 56.59
CA ALA P 63 7.55 -22.27 57.24
C ALA P 63 8.36 -23.55 57.17
N SER P 64 7.71 -24.70 57.38
CA SER P 64 8.42 -25.98 57.31
C SER P 64 8.97 -26.22 55.91
N LEU P 65 8.13 -26.03 54.89
CA LEU P 65 8.59 -26.23 53.52
C LEU P 65 9.58 -25.17 53.09
N GLY P 66 9.34 -23.91 53.47
CA GLY P 66 10.27 -22.84 53.12
C GLY P 66 11.63 -23.00 53.77
N GLN P 67 11.65 -23.36 55.05
CA GLN P 67 12.92 -23.55 55.74
C GLN P 67 13.68 -24.74 55.19
N GLY P 68 12.96 -25.82 54.84
CA GLY P 68 13.60 -26.99 54.28
C GLY P 68 14.16 -26.76 52.89
N LEU P 69 13.52 -25.89 52.11
CA LEU P 69 14.02 -25.60 50.77
C LEU P 69 15.26 -24.73 50.80
N CYS P 70 15.35 -23.80 51.76
CA CYS P 70 16.50 -22.91 51.82
C CYS P 70 17.73 -23.59 52.42
N SER P 71 17.53 -24.53 53.34
CA SER P 71 18.64 -25.18 54.01
C SER P 71 19.00 -26.53 53.42
N GLY P 72 18.03 -27.22 52.80
CA GLY P 72 18.27 -28.58 52.37
C GLY P 72 18.35 -29.59 53.49
N GLY P 73 18.07 -29.18 54.73
CA GLY P 73 18.14 -30.06 55.88
C GLY P 73 16.83 -30.76 56.16
N GLN P 74 16.80 -31.43 57.31
CA GLN P 74 15.62 -32.20 57.68
C GLN P 74 14.49 -31.30 58.13
N VAL P 75 13.26 -31.65 57.72
CA VAL P 75 12.05 -30.99 58.16
C VAL P 75 11.34 -31.94 59.11
N GLU P 76 11.09 -31.47 60.33
CA GLU P 76 10.46 -32.32 61.33
C GLU P 76 9.01 -32.59 60.94
N PRO P 77 8.53 -33.82 61.13
CA PRO P 77 7.15 -34.14 60.74
C PRO P 77 6.13 -33.30 61.49
N LEU P 78 5.00 -33.05 60.82
CA LEU P 78 3.91 -32.30 61.39
C LEU P 78 2.72 -33.22 61.66
N ASP P 79 1.80 -32.73 62.48
CA ASP P 79 0.63 -33.50 62.89
C ASP P 79 -0.60 -33.06 62.09
N GLY P 80 -1.59 -33.95 62.03
CA GLY P 80 -2.83 -33.67 61.38
C GLY P 80 -2.73 -33.68 59.87
N PRO P 81 -3.63 -32.95 59.20
CA PRO P 81 -3.62 -32.95 57.73
C PRO P 81 -2.36 -32.34 57.14
N ALA P 82 -1.74 -31.39 57.84
CA ALA P 82 -0.47 -30.82 57.36
C ALA P 82 0.60 -31.89 57.26
N GLY P 83 0.60 -32.86 58.19
CA GLY P 83 1.55 -33.94 58.12
C GLY P 83 1.27 -34.92 56.99
N CYS P 84 -0.01 -35.12 56.67
CA CYS P 84 -0.36 -35.98 55.54
C CYS P 84 0.16 -35.40 54.23
N ILE P 85 0.16 -34.08 54.11
CA ILE P 85 0.77 -33.43 52.95
C ILE P 85 2.28 -33.59 52.99
N LEU P 86 2.87 -33.40 54.17
CA LEU P 86 4.32 -33.48 54.31
C LEU P 86 4.85 -34.89 54.07
N GLU P 87 4.04 -35.92 54.38
CA GLU P 87 4.45 -37.28 54.11
C GLU P 87 4.75 -37.51 52.63
N CYS P 88 4.06 -36.80 51.74
CA CYS P 88 4.23 -36.95 50.31
C CYS P 88 5.38 -36.12 49.73
N LEU P 89 6.16 -35.45 50.58
CA LEU P 89 7.20 -34.55 50.09
C LEU P 89 8.59 -34.79 50.68
N VAL P 90 8.78 -35.82 51.51
CA VAL P 90 10.04 -36.03 52.20
C VAL P 90 10.57 -37.43 51.95
N LEU P 91 11.90 -37.55 52.00
CA LEU P 91 12.58 -38.84 51.93
C LEU P 91 12.59 -39.50 53.31
N ASP P 92 13.17 -40.71 53.38
CA ASP P 92 13.34 -41.36 54.67
C ASP P 92 14.30 -40.60 55.56
N SER P 93 15.34 -40.00 54.98
CA SER P 93 16.33 -39.27 55.76
C SER P 93 15.83 -37.92 56.26
N GLY P 94 14.65 -37.48 55.83
CA GLY P 94 14.02 -36.29 56.35
C GLY P 94 14.09 -35.06 55.46
N GLU P 95 14.97 -35.04 54.48
CA GLU P 95 15.06 -33.87 53.60
C GLU P 95 13.84 -33.77 52.72
N LEU P 96 13.51 -32.53 52.34
CA LEU P 96 12.45 -32.32 51.36
C LEU P 96 12.91 -32.79 50.00
N VAL P 97 11.94 -33.25 49.21
CA VAL P 97 12.14 -33.49 47.78
C VAL P 97 11.89 -32.16 47.06
N PRO P 98 12.92 -31.46 46.60
CA PRO P 98 12.70 -30.10 46.05
C PRO P 98 11.72 -30.06 44.88
N GLU P 99 11.73 -31.08 44.01
CA GLU P 99 10.82 -31.08 42.87
C GLU P 99 9.36 -31.14 43.32
N LEU P 100 9.10 -31.71 44.49
CA LEU P 100 7.74 -31.83 45.02
C LEU P 100 7.39 -30.76 46.03
N ALA P 101 8.34 -30.38 46.90
CA ALA P 101 8.03 -29.42 47.96
C ALA P 101 7.86 -28.01 47.42
N ALA P 102 8.67 -27.63 46.42
CA ALA P 102 8.61 -26.26 45.89
C ALA P 102 7.23 -25.90 45.32
N PRO P 103 6.59 -26.72 44.48
CA PRO P 103 5.25 -26.34 44.01
C PRO P 103 4.22 -26.28 45.13
N ILE P 104 4.32 -27.16 46.13
CA ILE P 104 3.39 -27.10 47.26
C ILE P 104 3.63 -25.83 48.07
N PHE P 105 4.89 -25.46 48.27
CA PHE P 105 5.20 -24.19 48.92
C PHE P 105 4.67 -23.01 48.11
N TYR P 106 4.89 -23.05 46.79
CA TYR P 106 4.39 -22.00 45.92
C TYR P 106 2.87 -21.92 45.94
N LEU P 107 2.19 -23.06 46.12
CA LEU P 107 0.74 -23.07 46.20
C LEU P 107 0.24 -22.49 47.51
N LEU P 108 0.92 -22.82 48.62
CA LEU P 108 0.49 -22.33 49.92
C LEU P 108 0.64 -20.82 50.02
N GLY P 109 1.68 -20.26 49.40
CA GLY P 109 1.84 -18.82 49.40
C GLY P 109 0.76 -18.11 48.61
N ALA P 110 0.34 -18.71 47.50
CA ALA P 110 -0.75 -18.14 46.71
C ALA P 110 -2.09 -18.25 47.44
N LEU P 111 -2.28 -19.34 48.19
CA LEU P 111 -3.52 -19.49 48.94
C LEU P 111 -3.56 -18.57 50.16
N ALA P 112 -2.40 -18.21 50.70
CA ALA P 112 -2.36 -17.31 51.85
C ALA P 112 -2.82 -15.90 51.46
N VAL P 113 -2.65 -15.52 50.19
CA VAL P 113 -3.11 -14.21 49.74
C VAL P 113 -4.62 -14.14 49.73
N LEU P 114 -5.29 -15.28 49.49
CA LEU P 114 -6.74 -15.29 49.37
C LEU P 114 -7.41 -14.98 50.71
N SER P 115 -8.67 -14.59 50.63
CA SER P 115 -9.48 -14.34 51.81
C SER P 115 -9.99 -15.67 52.38
N GLU P 116 -10.49 -15.62 53.61
CA GLU P 116 -11.03 -16.82 54.26
C GLU P 116 -12.23 -17.35 53.48
N THR P 117 -13.05 -16.45 52.94
CA THR P 117 -14.20 -16.89 52.15
C THR P 117 -13.75 -17.63 50.89
N GLN P 118 -12.71 -17.11 50.22
CA GLN P 118 -12.18 -17.81 49.05
C GLN P 118 -11.57 -19.15 49.43
N GLN P 119 -10.91 -19.23 50.59
CA GLN P 119 -10.33 -20.50 51.02
C GLN P 119 -11.41 -21.53 51.30
N GLN P 120 -12.51 -21.11 51.92
CA GLN P 120 -13.61 -22.05 52.20
C GLN P 120 -14.26 -22.52 50.91
N LEU P 121 -14.43 -21.62 49.94
CA LEU P 121 -15.04 -22.02 48.67
C LEU P 121 -14.17 -23.03 47.92
N LEU P 122 -12.86 -22.82 47.91
CA LEU P 122 -11.96 -23.75 47.23
C LEU P 122 -12.01 -25.13 47.88
N ALA P 123 -12.16 -25.17 49.21
CA ALA P 123 -12.32 -26.46 49.89
C ALA P 123 -13.57 -27.18 49.41
N LYS P 124 -14.59 -26.43 48.98
CA LYS P 124 -15.78 -27.05 48.42
C LYS P 124 -15.58 -27.47 46.97
N ALA P 125 -14.82 -26.67 46.21
CA ALA P 125 -14.72 -26.87 44.77
C ALA P 125 -13.70 -27.93 44.36
N LEU P 126 -12.99 -28.55 45.28
CA LEU P 126 -11.89 -29.35 44.70
C LEU P 126 -12.45 -30.53 43.94
N GLU P 127 -13.35 -30.27 42.98
CA GLU P 127 -13.94 -31.34 42.15
C GLU P 127 -13.23 -31.44 40.80
N THR P 128 -12.22 -30.60 40.55
CA THR P 128 -11.36 -30.59 39.32
C THR P 128 -12.10 -30.16 38.05
N THR P 129 -13.17 -30.83 37.64
CA THR P 129 -13.83 -30.39 36.40
C THR P 129 -14.34 -28.98 36.62
N VAL P 130 -15.00 -28.73 37.76
CA VAL P 130 -15.52 -27.36 38.06
C VAL P 130 -14.36 -26.42 38.30
N LEU P 131 -13.28 -26.91 38.90
CA LEU P 131 -12.11 -26.05 39.17
C LEU P 131 -11.57 -25.54 37.84
N SER P 132 -11.48 -26.42 36.85
CA SER P 132 -10.97 -26.05 35.52
C SER P 132 -11.84 -24.96 34.95
N LYS P 133 -13.13 -25.00 35.16
CA LYS P 133 -13.91 -23.88 34.62
C LYS P 133 -13.55 -22.58 35.31
N GLN P 134 -13.45 -22.60 36.65
CA GLN P 134 -13.11 -21.40 37.40
C GLN P 134 -11.74 -20.88 37.00
N LEU P 135 -10.78 -21.78 36.77
CA LEU P 135 -9.45 -21.39 36.33
C LEU P 135 -9.51 -20.60 35.03
N GLU P 136 -10.27 -21.09 34.04
CA GLU P 136 -10.36 -20.41 32.75
C GLU P 136 -11.05 -19.06 32.87
N LEU P 137 -11.94 -18.90 33.85
CA LEU P 137 -12.56 -17.60 34.06
C LEU P 137 -11.55 -16.58 34.58
N VAL P 138 -10.78 -16.96 35.62
CA VAL P 138 -9.76 -16.07 36.15
C VAL P 138 -8.71 -15.76 35.10
N LYS P 139 -8.31 -16.77 34.32
CA LYS P 139 -7.40 -16.55 33.20
C LYS P 139 -7.93 -15.49 32.24
N HIS P 140 -9.19 -15.63 31.83
CA HIS P 140 -9.78 -14.70 30.87
C HIS P 140 -9.86 -13.29 31.45
N VAL P 141 -10.20 -13.17 32.73
CA VAL P 141 -10.29 -11.86 33.36
C VAL P 141 -8.93 -11.17 33.36
N LEU P 142 -7.86 -11.92 33.62
CA LEU P 142 -6.52 -11.33 33.63
C LEU P 142 -6.04 -11.03 32.22
N GLU P 143 -6.38 -11.88 31.26
CA GLU P 143 -5.95 -11.65 29.88
C GLU P 143 -6.69 -10.47 29.26
N GLN P 144 -8.02 -10.45 29.39
CA GLN P 144 -8.85 -9.47 28.70
C GLN P 144 -8.79 -8.07 29.31
N SER P 145 -8.34 -7.94 30.57
CA SER P 145 -8.34 -6.66 31.26
C SER P 145 -7.08 -5.84 31.04
N THR P 146 -6.10 -6.34 30.30
CA THR P 146 -4.90 -5.57 30.01
C THR P 146 -5.28 -4.38 29.12
N PRO P 147 -4.83 -3.15 29.44
CA PRO P 147 -3.94 -2.73 30.54
C PRO P 147 -4.56 -2.77 31.93
N TRP P 148 -3.82 -3.35 32.87
CA TRP P 148 -4.34 -3.60 34.21
C TRP P 148 -4.62 -2.30 34.97
N GLN P 149 -3.89 -1.22 34.67
CA GLN P 149 -4.08 0.03 35.40
C GLN P 149 -5.28 0.83 34.91
N GLU P 150 -5.98 0.35 33.89
CA GLU P 150 -7.19 0.99 33.39
C GLU P 150 -8.39 0.12 33.73
N GLN P 151 -9.38 0.72 34.39
CA GLN P 151 -10.61 0.00 34.67
C GLN P 151 -11.32 -0.32 33.37
N SER P 152 -11.56 -1.61 33.13
CA SER P 152 -12.11 -2.08 31.87
C SER P 152 -13.20 -3.11 32.15
N SER P 153 -13.84 -3.57 31.08
CA SER P 153 -14.91 -4.55 31.15
C SER P 153 -14.44 -5.88 30.58
N VAL P 154 -15.07 -6.96 31.03
CA VAL P 154 -14.75 -8.32 30.59
C VAL P 154 -16.05 -9.09 30.40
N SER P 155 -16.24 -9.68 29.22
CA SER P 155 -17.36 -10.56 28.96
C SER P 155 -16.94 -12.01 29.15
N LEU P 156 -17.83 -12.80 29.76
CA LEU P 156 -17.50 -14.17 30.11
C LEU P 156 -18.33 -15.16 29.30
N PRO P 157 -17.81 -16.36 29.04
CA PRO P 157 -18.59 -17.37 28.32
C PRO P 157 -19.70 -17.92 29.22
N THR P 158 -20.93 -17.92 28.67
CA THR P 158 -22.08 -18.37 29.45
C THR P 158 -21.91 -19.83 29.89
N VAL P 159 -21.30 -20.66 29.05
CA VAL P 159 -21.12 -22.07 29.38
C VAL P 159 -20.20 -22.27 30.58
N LEU P 160 -19.43 -21.25 30.95
CA LEU P 160 -18.52 -21.33 32.10
C LEU P 160 -19.13 -20.81 33.39
N LEU P 161 -20.31 -20.19 33.33
CA LEU P 161 -20.90 -19.54 34.49
C LEU P 161 -21.78 -20.47 35.31
N GLY P 162 -21.92 -21.74 34.92
CA GLY P 162 -22.77 -22.66 35.64
C GLY P 162 -24.22 -22.56 35.20
N ASP P 163 -25.07 -23.23 35.97
CA ASP P 163 -26.50 -23.26 35.65
C ASP P 163 -27.17 -21.93 36.00
N CYS P 164 -26.80 -21.34 37.14
CA CYS P 164 -27.37 -20.08 37.60
C CYS P 164 -26.24 -19.12 37.90
N TRP P 165 -26.27 -17.94 37.28
CA TRP P 165 -25.23 -16.93 37.43
C TRP P 165 -25.78 -15.74 38.20
N ASP P 166 -25.41 -15.65 39.47
CA ASP P 166 -25.81 -14.53 40.33
C ASP P 166 -24.82 -14.45 41.48
N GLU P 167 -25.10 -13.54 42.42
CA GLU P 167 -24.17 -13.27 43.51
C GLU P 167 -24.04 -14.41 44.51
N LYS P 168 -24.74 -15.53 44.33
CA LYS P 168 -24.53 -16.70 45.18
C LYS P 168 -23.79 -17.82 44.48
N ASN P 169 -23.46 -17.66 43.20
CA ASN P 169 -22.61 -18.63 42.52
C ASN P 169 -21.23 -18.63 43.15
N PRO P 170 -20.64 -19.81 43.40
CA PRO P 170 -19.31 -19.83 44.03
C PRO P 170 -18.24 -19.10 43.23
N THR P 171 -18.32 -19.16 41.89
CA THR P 171 -17.35 -18.43 41.08
C THR P 171 -17.55 -16.92 41.20
N TRP P 172 -18.82 -16.48 41.31
CA TRP P 172 -19.09 -15.07 41.55
C TRP P 172 -18.42 -14.60 42.83
N VAL P 173 -18.56 -15.36 43.92
CA VAL P 173 -17.96 -14.97 45.18
C VAL P 173 -16.44 -15.02 45.10
N LEU P 174 -15.89 -16.03 44.40
CA LEU P 174 -14.45 -16.10 44.21
C LEU P 174 -13.93 -14.87 43.49
N LEU P 175 -14.61 -14.44 42.43
CA LEU P 175 -14.18 -13.26 41.69
C LEU P 175 -14.46 -11.98 42.47
N GLU P 176 -15.58 -11.96 43.20
CA GLU P 176 -15.95 -10.76 43.94
C GLU P 176 -14.97 -10.48 45.08
N GLU P 177 -14.53 -11.54 45.78
CA GLU P 177 -13.59 -11.38 46.87
C GLU P 177 -12.21 -10.94 46.42
N CYS P 178 -11.94 -10.98 45.11
CA CYS P 178 -10.73 -10.40 44.56
C CYS P 178 -10.79 -8.88 44.46
N GLY P 179 -11.94 -8.28 44.78
CA GLY P 179 -12.13 -6.85 44.63
C GLY P 179 -12.81 -6.43 43.34
N LEU P 180 -13.24 -7.38 42.52
CA LEU P 180 -13.89 -7.06 41.26
C LEU P 180 -15.36 -6.72 41.49
N ARG P 181 -15.85 -5.75 40.73
CA ARG P 181 -17.26 -5.39 40.74
C ARG P 181 -17.98 -6.17 39.64
N LEU P 182 -18.93 -7.01 40.04
CA LEU P 182 -19.59 -7.92 39.11
C LEU P 182 -21.04 -7.53 38.90
N GLN P 183 -21.58 -8.01 37.77
CA GLN P 183 -22.99 -7.87 37.44
C GLN P 183 -23.43 -9.14 36.70
N VAL P 184 -24.74 -9.28 36.51
CA VAL P 184 -25.27 -10.50 35.92
C VAL P 184 -25.11 -10.50 34.41
N GLU P 185 -25.48 -9.40 33.76
CA GLU P 185 -25.47 -9.33 32.30
C GLU P 185 -24.07 -9.00 31.77
N SER P 186 -23.81 -9.47 30.55
CA SER P 186 -22.55 -9.19 29.89
C SER P 186 -22.47 -7.71 29.50
N PRO P 187 -21.33 -7.04 29.74
CA PRO P 187 -20.12 -7.60 30.35
C PRO P 187 -20.26 -7.75 31.86
N GLN P 188 -19.89 -8.92 32.37
CA GLN P 188 -20.14 -9.30 33.76
C GLN P 188 -19.09 -8.76 34.73
N VAL P 189 -17.83 -8.63 34.32
CA VAL P 189 -16.73 -8.31 35.22
C VAL P 189 -16.28 -6.88 34.96
N HIS P 190 -16.14 -6.10 36.03
CA HIS P 190 -15.52 -4.77 35.98
C HIS P 190 -14.16 -4.88 36.64
N TRP P 191 -13.10 -4.74 35.84
CA TRP P 191 -11.75 -4.89 36.35
C TRP P 191 -11.31 -3.63 37.08
N GLU P 192 -10.81 -3.80 38.29
CA GLU P 192 -10.26 -2.72 39.09
C GLU P 192 -8.79 -3.01 39.36
N PRO P 193 -7.89 -2.04 39.18
CA PRO P 193 -6.44 -2.35 39.27
C PRO P 193 -6.00 -2.89 40.62
N THR P 194 -6.72 -2.58 41.70
CA THR P 194 -6.40 -3.13 43.00
C THR P 194 -6.61 -4.65 43.07
N SER P 195 -7.30 -5.22 42.09
CA SER P 195 -7.59 -6.65 42.09
C SER P 195 -6.50 -7.49 41.44
N LEU P 196 -5.39 -6.89 41.00
CA LEU P 196 -4.40 -7.65 40.24
C LEU P 196 -3.74 -8.70 41.11
N ILE P 197 -3.21 -8.29 42.27
CA ILE P 197 -2.48 -9.24 43.12
C ILE P 197 -3.38 -10.37 43.62
N PRO P 198 -4.59 -10.12 44.14
CA PRO P 198 -5.43 -11.26 44.55
C PRO P 198 -5.87 -12.13 43.39
N THR P 199 -6.28 -11.53 42.27
CA THR P 199 -6.70 -12.34 41.13
C THR P 199 -5.55 -13.20 40.62
N SER P 200 -4.36 -12.61 40.49
CA SER P 200 -3.18 -13.38 40.09
C SER P 200 -2.93 -14.55 41.05
N ALA P 201 -3.01 -14.28 42.35
CA ALA P 201 -2.84 -15.35 43.34
C ALA P 201 -3.92 -16.41 43.18
N LEU P 202 -5.16 -15.99 42.96
CA LEU P 202 -6.25 -16.95 42.74
C LEU P 202 -5.97 -17.82 41.52
N TYR P 203 -5.49 -17.21 40.43
CA TYR P 203 -5.13 -17.98 39.23
C TYR P 203 -4.11 -19.05 39.55
N ALA P 204 -3.00 -18.65 40.18
CA ALA P 204 -1.94 -19.62 40.53
C ALA P 204 -2.49 -20.73 41.42
N SER P 205 -3.34 -20.38 42.39
CA SER P 205 -3.96 -21.38 43.24
C SER P 205 -4.79 -22.37 42.42
N LEU P 206 -5.72 -21.86 41.62
CA LEU P 206 -6.60 -22.72 40.83
C LEU P 206 -5.82 -23.60 39.87
N PHE P 207 -4.70 -23.10 39.32
CA PHE P 207 -3.93 -23.89 38.37
C PHE P 207 -3.34 -25.12 39.03
N LEU P 208 -2.61 -24.92 40.14
CA LEU P 208 -1.94 -26.03 40.80
C LEU P 208 -2.94 -27.03 41.39
N LEU P 209 -4.05 -26.53 41.93
CA LEU P 209 -5.09 -27.42 42.44
C LEU P 209 -5.68 -28.30 41.33
N SER P 210 -5.89 -27.71 40.14
CA SER P 210 -6.43 -28.48 39.02
C SER P 210 -5.46 -29.56 38.56
N SER P 211 -4.15 -29.27 38.58
CA SER P 211 -3.17 -30.24 38.12
C SER P 211 -3.04 -31.43 39.05
N LEU P 212 -3.54 -31.33 40.28
CA LEU P 212 -3.48 -32.44 41.22
C LEU P 212 -4.64 -33.41 41.07
N GLY P 213 -5.78 -32.94 40.58
CA GLY P 213 -6.94 -33.79 40.39
C GLY P 213 -7.01 -34.37 39.00
N GLN P 214 -5.85 -34.48 38.35
CA GLN P 214 -5.75 -34.98 36.99
C GLN P 214 -5.25 -36.43 36.95
N LEU Q 1 -39.85 9.27 25.70
CA LEU Q 1 -40.00 8.17 24.74
C LEU Q 1 -39.19 6.95 25.15
N LYS Q 2 -39.88 5.85 25.46
CA LYS Q 2 -39.21 4.58 25.71
C LYS Q 2 -39.04 3.82 24.41
N LEU Q 3 -37.92 3.14 24.28
CA LEU Q 3 -37.55 2.46 23.05
C LEU Q 3 -37.80 0.96 23.16
N CYS Q 4 -37.80 0.29 22.00
CA CYS Q 4 -37.98 -1.15 21.94
C CYS Q 4 -36.62 -1.82 21.96
N SER Q 5 -36.46 -2.82 22.81
CA SER Q 5 -35.18 -3.51 22.92
C SER Q 5 -34.86 -4.23 21.62
N PRO Q 6 -33.60 -4.22 21.18
CA PRO Q 6 -33.25 -4.91 19.92
C PRO Q 6 -33.51 -6.41 19.97
N GLU Q 7 -33.59 -7.01 21.16
CA GLU Q 7 -33.94 -8.43 21.25
C GLU Q 7 -35.34 -8.68 20.73
N GLU Q 8 -36.31 -7.86 21.15
CA GLU Q 8 -37.66 -7.97 20.64
C GLU Q 8 -37.77 -7.51 19.20
N PHE Q 9 -36.84 -6.66 18.74
CA PHE Q 9 -36.86 -6.23 17.34
C PHE Q 9 -36.56 -7.40 16.41
N THR Q 10 -35.48 -8.13 16.67
CA THR Q 10 -35.15 -9.28 15.83
C THR Q 10 -36.06 -10.46 16.10
N ARG Q 11 -36.59 -10.57 17.32
CA ARG Q 11 -37.50 -11.67 17.64
C ARG Q 11 -38.77 -11.58 16.81
N LEU Q 12 -39.39 -10.39 16.77
CA LEU Q 12 -40.61 -10.22 15.99
C LEU Q 12 -40.34 -10.24 14.49
N CYS Q 13 -39.13 -9.86 14.08
CA CYS Q 13 -38.78 -9.93 12.67
C CYS Q 13 -38.55 -11.36 12.20
N ARG Q 14 -38.32 -12.29 13.12
CA ARG Q 14 -38.20 -13.71 12.81
C ARG Q 14 -39.51 -14.46 13.02
N GLU Q 15 -40.14 -14.32 14.19
CA GLU Q 15 -41.31 -15.11 14.51
C GLU Q 15 -42.48 -14.76 13.61
N LYS Q 16 -42.74 -13.48 13.41
CA LYS Q 16 -43.89 -12.99 12.64
C LYS Q 16 -43.37 -12.11 11.51
N THR Q 17 -42.66 -12.71 10.56
CA THR Q 17 -42.09 -11.94 9.45
C THR Q 17 -43.13 -11.58 8.41
N GLN Q 18 -44.14 -12.44 8.19
CA GLN Q 18 -45.15 -12.18 7.18
C GLN Q 18 -46.28 -11.28 7.69
N GLU Q 19 -46.40 -11.08 8.99
CA GLU Q 19 -47.49 -10.30 9.55
C GLU Q 19 -47.13 -8.85 9.83
N ILE Q 20 -45.86 -8.47 9.69
CA ILE Q 20 -45.45 -7.10 9.95
C ILE Q 20 -44.76 -6.53 8.72
N TYR Q 21 -44.81 -5.22 8.60
CA TYR Q 21 -44.11 -4.52 7.54
C TYR Q 21 -42.61 -4.58 7.79
N PRO Q 22 -41.80 -4.91 6.79
CA PRO Q 22 -40.35 -5.04 7.03
C PRO Q 22 -39.71 -3.71 7.36
N ILE Q 23 -38.84 -3.72 8.37
CA ILE Q 23 -38.13 -2.54 8.84
C ILE Q 23 -36.67 -2.66 8.45
N LYS Q 24 -36.15 -1.64 7.77
CA LYS Q 24 -34.75 -1.61 7.39
C LYS Q 24 -33.88 -1.25 8.59
N GLU Q 25 -32.70 -1.85 8.65
CA GLU Q 25 -31.76 -1.53 9.72
C GLU Q 25 -31.32 -0.08 9.61
N ALA Q 26 -31.07 0.53 10.77
CA ALA Q 26 -30.75 1.96 10.85
C ALA Q 26 -29.43 2.34 10.21
N ASN Q 27 -28.71 1.40 9.58
CA ASN Q 27 -27.42 1.69 8.99
C ASN Q 27 -27.58 2.56 7.74
N GLY Q 28 -27.92 1.93 6.62
CA GLY Q 28 -28.13 2.66 5.37
C GLY Q 28 -29.55 3.08 5.16
N ARG Q 29 -30.21 3.53 6.22
CA ARG Q 29 -31.62 3.93 6.20
C ARG Q 29 -31.73 5.44 6.01
N THR Q 30 -32.63 5.85 5.12
CA THR Q 30 -32.90 7.26 4.86
C THR Q 30 -34.41 7.50 4.94
N ARG Q 31 -34.96 7.35 6.15
CA ARG Q 31 -36.38 7.60 6.36
C ARG Q 31 -36.68 9.08 6.17
N LYS Q 32 -37.72 9.37 5.38
CA LYS Q 32 -38.16 10.73 5.12
C LYS Q 32 -39.61 10.90 5.53
N ALA Q 33 -39.90 12.04 6.15
CA ALA Q 33 -41.26 12.42 6.53
C ALA Q 33 -41.48 13.86 6.09
N LEU Q 34 -42.73 14.20 5.80
CA LEU Q 34 -43.09 15.51 5.28
C LEU Q 34 -44.14 16.15 6.18
N ILE Q 35 -43.91 17.40 6.53
CA ILE Q 35 -44.87 18.19 7.30
C ILE Q 35 -45.22 19.42 6.47
N ILE Q 36 -46.51 19.58 6.18
CA ILE Q 36 -47.02 20.74 5.47
C ILE Q 36 -48.01 21.43 6.40
N CYS Q 37 -47.69 22.66 6.78
CA CYS Q 37 -48.53 23.41 7.72
C CYS Q 37 -48.64 24.85 7.28
N ASN Q 38 -49.86 25.36 7.21
CA ASN Q 38 -50.14 26.75 6.88
C ASN Q 38 -50.69 27.44 8.13
N THR Q 39 -50.06 28.55 8.51
CA THR Q 39 -50.47 29.30 9.68
C THR Q 39 -51.19 30.59 9.32
N GLU Q 40 -50.60 31.41 8.45
CA GLU Q 40 -51.20 32.67 8.03
C GLU Q 40 -52.00 32.46 6.76
N PHE Q 41 -53.23 32.98 6.75
CA PHE Q 41 -54.12 32.90 5.61
C PHE Q 41 -54.58 34.29 5.22
N LYS Q 42 -54.84 34.48 3.92
CA LYS Q 42 -55.29 35.78 3.43
C LYS Q 42 -56.70 36.08 3.92
N HIS Q 43 -57.59 35.08 3.93
CA HIS Q 43 -58.96 35.28 4.34
C HIS Q 43 -59.37 34.48 5.58
N LEU Q 44 -58.59 33.49 5.99
CA LEU Q 44 -58.95 32.63 7.10
C LEU Q 44 -58.19 33.03 8.36
N SER Q 45 -58.71 32.58 9.50
CA SER Q 45 -58.12 32.91 10.79
C SER Q 45 -56.72 32.34 10.93
N LEU Q 46 -55.88 33.06 11.67
CA LEU Q 46 -54.54 32.58 11.94
C LEU Q 46 -54.58 31.38 12.87
N ARG Q 47 -53.79 30.36 12.56
CA ARG Q 47 -53.72 29.15 13.37
C ARG Q 47 -52.67 29.37 14.45
N TYR Q 48 -53.08 30.05 15.52
CA TYR Q 48 -52.19 30.30 16.64
C TYR Q 48 -51.76 28.98 17.28
N GLY Q 49 -50.48 28.90 17.61
CA GLY Q 49 -49.96 27.69 18.21
C GLY Q 49 -49.64 26.58 17.24
N ALA Q 50 -49.75 26.83 15.93
CA ALA Q 50 -49.42 25.80 14.96
C ALA Q 50 -47.95 25.43 15.02
N ASN Q 51 -47.09 26.36 15.42
CA ASN Q 51 -45.67 26.05 15.57
C ASN Q 51 -45.45 25.02 16.67
N PHE Q 52 -46.37 24.92 17.63
CA PHE Q 52 -46.27 23.89 18.65
C PHE Q 52 -46.48 22.50 18.04
N ASP Q 53 -47.42 22.39 17.11
CA ASP Q 53 -47.66 21.12 16.44
C ASP Q 53 -46.54 20.76 15.49
N ILE Q 54 -45.99 21.76 14.78
CA ILE Q 54 -44.90 21.51 13.84
C ILE Q 54 -43.66 21.01 14.59
N ILE Q 55 -43.27 21.73 15.63
CA ILE Q 55 -42.08 21.35 16.40
C ILE Q 55 -42.29 19.99 17.06
N GLY Q 56 -43.49 19.76 17.60
CA GLY Q 56 -43.77 18.49 18.26
C GLY Q 56 -43.72 17.32 17.30
N MET Q 57 -44.40 17.44 16.16
CA MET Q 57 -44.41 16.35 15.19
C MET Q 57 -43.03 16.13 14.58
N LYS Q 58 -42.30 17.22 14.31
CA LYS Q 58 -40.96 17.09 13.76
C LYS Q 58 -40.03 16.38 14.74
N GLY Q 59 -40.12 16.73 16.03
CA GLY Q 59 -39.30 16.05 17.01
C GLY Q 59 -39.67 14.59 17.19
N LEU Q 60 -40.98 14.29 17.16
CA LEU Q 60 -41.43 12.90 17.29
C LEU Q 60 -40.96 12.06 16.10
N LEU Q 61 -41.13 12.59 14.89
CA LEU Q 61 -40.71 11.83 13.71
C LEU Q 61 -39.20 11.64 13.69
N GLU Q 62 -38.44 12.59 14.21
CA GLU Q 62 -37.00 12.41 14.34
C GLU Q 62 -36.68 11.32 15.35
N ASP Q 63 -37.41 11.29 16.47
CA ASP Q 63 -37.21 10.23 17.46
C ASP Q 63 -37.57 8.86 16.93
N LEU Q 64 -38.44 8.79 15.92
CA LEU Q 64 -38.77 7.53 15.27
C LEU Q 64 -37.84 7.20 14.11
N GLY Q 65 -36.86 8.07 13.84
CA GLY Q 65 -35.87 7.81 12.82
C GLY Q 65 -36.14 8.43 11.46
N TYR Q 66 -37.10 9.35 11.36
CA TYR Q 66 -37.45 9.97 10.09
C TYR Q 66 -36.80 11.35 10.00
N ASP Q 67 -36.15 11.61 8.87
CA ASP Q 67 -35.67 12.96 8.57
C ASP Q 67 -36.84 13.80 8.06
N VAL Q 68 -37.15 14.87 8.77
CA VAL Q 68 -38.40 15.60 8.55
C VAL Q 68 -38.16 16.74 7.57
N VAL Q 69 -38.99 16.80 6.53
CA VAL Q 69 -39.02 17.94 5.62
C VAL Q 69 -40.23 18.80 5.97
N VAL Q 70 -39.99 20.07 6.27
CA VAL Q 70 -41.03 20.99 6.70
C VAL Q 70 -41.21 22.07 5.63
N LYS Q 71 -42.44 22.24 5.16
CA LYS Q 71 -42.80 23.28 4.21
C LYS Q 71 -44.01 24.03 4.77
N GLU Q 72 -43.94 25.36 4.74
CA GLU Q 72 -44.98 26.18 5.35
C GLU Q 72 -45.45 27.25 4.37
N GLU Q 73 -46.69 27.71 4.60
CA GLU Q 73 -47.32 28.80 3.84
C GLU Q 73 -47.29 28.50 2.34
N LEU Q 74 -48.11 27.54 1.96
CA LEU Q 74 -48.19 27.05 0.59
C LEU Q 74 -49.62 27.15 0.08
N THR Q 75 -49.76 27.38 -1.22
CA THR Q 75 -51.04 27.31 -1.88
C THR Q 75 -51.39 25.85 -2.19
N ALA Q 76 -52.57 25.62 -2.76
CA ALA Q 76 -52.94 24.28 -3.18
C ALA Q 76 -52.01 23.78 -4.28
N GLU Q 77 -51.68 24.64 -5.24
CA GLU Q 77 -50.68 24.29 -6.24
C GLU Q 77 -49.31 24.10 -5.59
N GLY Q 78 -49.02 24.88 -4.56
CA GLY Q 78 -47.76 24.71 -3.85
C GLY Q 78 -47.69 23.39 -3.11
N MET Q 79 -48.78 23.01 -2.43
CA MET Q 79 -48.81 21.73 -1.74
C MET Q 79 -48.63 20.57 -2.73
N GLU Q 80 -49.30 20.65 -3.88
CA GLU Q 80 -49.20 19.59 -4.87
C GLU Q 80 -47.77 19.45 -5.39
N SER Q 81 -47.11 20.56 -5.70
CA SER Q 81 -45.76 20.50 -6.22
C SER Q 81 -44.77 19.99 -5.16
N GLU Q 82 -44.93 20.46 -3.92
CA GLU Q 82 -44.03 20.02 -2.86
C GLU Q 82 -44.23 18.53 -2.54
N MET Q 83 -45.47 18.04 -2.64
CA MET Q 83 -45.71 16.62 -2.44
C MET Q 83 -45.12 15.79 -3.57
N LYS Q 84 -45.25 16.27 -4.81
CA LYS Q 84 -44.65 15.57 -5.94
C LYS Q 84 -43.14 15.54 -5.82
N ASP Q 85 -42.55 16.65 -5.35
CA ASP Q 85 -41.12 16.68 -5.10
C ASP Q 85 -40.73 15.72 -3.99
N PHE Q 86 -41.52 15.64 -2.93
CA PHE Q 86 -41.19 14.76 -1.82
C PHE Q 86 -41.27 13.30 -2.25
N ALA Q 87 -42.24 12.96 -3.10
CA ALA Q 87 -42.42 11.57 -3.51
C ALA Q 87 -41.36 11.11 -4.50
N ALA Q 88 -40.74 12.03 -5.24
CA ALA Q 88 -39.72 11.66 -6.21
C ALA Q 88 -38.32 11.62 -5.60
N LEU Q 89 -38.19 11.88 -4.30
CA LEU Q 89 -36.88 11.87 -3.66
C LEU Q 89 -36.28 10.46 -3.67
N SER Q 90 -35.02 10.36 -4.09
CA SER Q 90 -34.34 9.08 -4.13
C SER Q 90 -34.09 8.48 -2.76
N GLU Q 91 -34.24 9.26 -1.67
CA GLU Q 91 -34.04 8.72 -0.34
C GLU Q 91 -35.12 7.71 0.03
N HIS Q 92 -36.28 7.74 -0.63
CA HIS Q 92 -37.33 6.77 -0.34
C HIS Q 92 -36.92 5.35 -0.72
N GLN Q 93 -35.99 5.22 -1.67
CA GLN Q 93 -35.55 3.90 -2.11
C GLN Q 93 -34.88 3.12 -0.98
N THR Q 94 -34.17 3.82 -0.09
CA THR Q 94 -33.53 3.21 1.07
C THR Q 94 -34.34 3.42 2.34
N SER Q 95 -35.65 3.59 2.23
CA SER Q 95 -36.53 3.73 3.37
C SER Q 95 -37.50 2.56 3.44
N ASP Q 96 -38.19 2.46 4.58
CA ASP Q 96 -39.16 1.41 4.79
C ASP Q 96 -40.59 1.92 5.00
N SER Q 97 -40.77 3.23 5.12
CA SER Q 97 -42.08 3.83 5.37
C SER Q 97 -41.95 5.33 5.20
N THR Q 98 -43.07 6.03 5.37
CA THR Q 98 -43.08 7.49 5.32
C THR Q 98 -44.26 8.01 6.13
N PHE Q 99 -44.15 9.28 6.54
CA PHE Q 99 -45.20 9.96 7.27
C PHE Q 99 -45.55 11.26 6.56
N LEU Q 100 -46.84 11.57 6.50
CA LEU Q 100 -47.34 12.79 5.86
C LEU Q 100 -48.24 13.52 6.84
N VAL Q 101 -47.75 14.61 7.40
CA VAL Q 101 -48.50 15.43 8.34
C VAL Q 101 -48.96 16.68 7.63
N LEU Q 102 -50.27 16.89 7.59
CA LEU Q 102 -50.88 18.04 6.93
C LEU Q 102 -51.71 18.79 7.94
N MET Q 103 -51.43 20.08 8.12
CA MET Q 103 -52.08 20.89 9.13
C MET Q 103 -52.43 22.25 8.53
N SER Q 104 -53.73 22.55 8.46
CA SER Q 104 -54.23 23.79 7.87
C SER Q 104 -55.74 23.82 8.11
N HIS Q 105 -56.38 24.86 7.58
CA HIS Q 105 -57.82 24.84 7.49
C HIS Q 105 -58.26 23.83 6.44
N GLY Q 106 -59.49 23.33 6.59
CA GLY Q 106 -59.95 22.26 5.73
C GLY Q 106 -61.42 22.41 5.39
N THR Q 107 -61.79 21.80 4.27
CA THR Q 107 -63.17 21.65 3.84
C THR Q 107 -63.56 20.18 3.99
N LEU Q 108 -64.73 19.83 3.44
CA LEU Q 108 -65.21 18.47 3.58
C LEU Q 108 -64.31 17.47 2.86
N HIS Q 109 -63.87 17.81 1.65
CA HIS Q 109 -63.11 16.88 0.83
C HIS Q 109 -61.68 17.34 0.55
N GLY Q 110 -61.22 18.40 1.22
CA GLY Q 110 -59.88 18.89 0.95
C GLY Q 110 -59.35 19.74 2.08
N ILE Q 111 -58.08 20.11 1.94
CA ILE Q 111 -57.38 20.97 2.90
C ILE Q 111 -57.11 22.30 2.23
N CYS Q 112 -57.24 23.38 3.00
CA CYS Q 112 -57.22 24.73 2.44
C CYS Q 112 -55.81 25.27 2.29
N GLY Q 113 -55.57 25.99 1.20
CA GLY Q 113 -54.36 26.75 1.01
C GLY Q 113 -54.46 28.14 1.61
N THR Q 114 -53.40 28.92 1.43
CA THR Q 114 -53.35 30.27 1.99
C THR Q 114 -54.37 31.19 1.34
N MET Q 115 -54.59 31.04 0.04
CA MET Q 115 -55.44 31.94 -0.73
C MET Q 115 -56.89 31.47 -0.77
N HIS Q 116 -57.29 30.59 0.13
CA HIS Q 116 -58.62 30.00 0.07
C HIS Q 116 -59.69 31.03 0.41
N SER Q 117 -60.81 30.95 -0.31
CA SER Q 117 -61.98 31.78 -0.04
C SER Q 117 -63.22 31.04 -0.54
N GLU Q 118 -64.37 31.45 -0.01
CA GLU Q 118 -65.62 30.82 -0.41
C GLU Q 118 -65.92 31.05 -1.89
N LYS Q 119 -65.58 32.24 -2.41
CA LYS Q 119 -65.81 32.52 -3.81
C LYS Q 119 -64.67 32.02 -4.68
N THR Q 120 -63.42 32.14 -4.20
CA THR Q 120 -62.24 31.67 -4.93
C THR Q 120 -61.56 30.59 -4.10
N PRO Q 121 -61.99 29.34 -4.23
CA PRO Q 121 -61.40 28.25 -3.42
C PRO Q 121 -59.95 27.97 -3.82
N ASP Q 122 -59.13 27.65 -2.81
CA ASP Q 122 -57.74 27.23 -2.99
C ASP Q 122 -57.56 25.99 -2.14
N VAL Q 123 -58.10 24.87 -2.63
CA VAL Q 123 -58.22 23.63 -1.85
C VAL Q 123 -57.51 22.51 -2.59
N LEU Q 124 -56.76 21.71 -1.83
CA LEU Q 124 -56.14 20.49 -2.36
C LEU Q 124 -56.96 19.28 -1.93
N GLN Q 125 -57.49 18.56 -2.91
CA GLN Q 125 -58.30 17.38 -2.63
C GLN Q 125 -57.44 16.28 -1.98
N TYR Q 126 -58.01 15.61 -0.98
CA TYR Q 126 -57.31 14.49 -0.37
C TYR Q 126 -57.13 13.35 -1.36
N ASP Q 127 -58.06 13.22 -2.32
CA ASP Q 127 -57.92 12.21 -3.36
C ASP Q 127 -56.68 12.45 -4.21
N THR Q 128 -56.29 13.71 -4.38
CA THR Q 128 -55.07 14.03 -5.12
C THR Q 128 -53.82 13.52 -4.41
N ILE Q 129 -53.84 13.50 -3.07
CA ILE Q 129 -52.68 13.03 -2.32
C ILE Q 129 -52.44 11.55 -2.58
N TYR Q 130 -53.51 10.74 -2.55
CA TYR Q 130 -53.37 9.32 -2.81
C TYR Q 130 -52.85 9.06 -4.23
N GLN Q 131 -53.25 9.88 -5.19
CA GLN Q 131 -52.74 9.72 -6.56
C GLN Q 131 -51.25 10.00 -6.61
N ILE Q 132 -50.77 10.96 -5.80
CA ILE Q 132 -49.36 11.33 -5.85
C ILE Q 132 -48.48 10.24 -5.26
N PHE Q 133 -48.96 9.55 -4.22
CA PHE Q 133 -48.15 8.59 -3.48
C PHE Q 133 -48.53 7.13 -3.76
N ASN Q 134 -49.42 6.87 -4.70
CA ASN Q 134 -49.79 5.49 -4.98
C ASN Q 134 -48.62 4.75 -5.63
N ASN Q 135 -48.82 3.46 -5.87
CA ASN Q 135 -47.77 2.65 -6.49
C ASN Q 135 -47.49 3.02 -7.94
N CYS Q 136 -48.37 3.82 -8.56
CA CYS Q 136 -48.16 4.22 -9.95
C CYS Q 136 -47.22 5.42 -10.06
N HIS Q 137 -47.39 6.42 -9.19
CA HIS Q 137 -46.68 7.68 -9.33
C HIS Q 137 -45.52 7.83 -8.34
N CYS Q 138 -45.39 6.94 -7.36
CA CYS Q 138 -44.31 6.99 -6.38
C CYS Q 138 -43.63 5.62 -6.34
N PRO Q 139 -42.71 5.35 -7.26
CA PRO Q 139 -42.04 4.04 -7.26
C PRO Q 139 -41.16 3.83 -6.04
N GLY Q 140 -40.65 4.91 -5.43
CA GLY Q 140 -39.79 4.76 -4.28
C GLY Q 140 -40.49 4.24 -3.04
N LEU Q 141 -41.81 4.40 -2.96
CA LEU Q 141 -42.59 3.98 -1.80
C LEU Q 141 -43.55 2.83 -2.12
N ARG Q 142 -43.30 2.08 -3.19
CA ARG Q 142 -44.12 0.92 -3.48
C ARG Q 142 -43.97 -0.13 -2.39
N ASP Q 143 -45.08 -0.73 -1.99
CA ASP Q 143 -45.12 -1.75 -0.95
C ASP Q 143 -44.65 -1.24 0.40
N LYS Q 144 -44.59 0.09 0.57
CA LYS Q 144 -44.13 0.68 1.80
C LYS Q 144 -45.25 1.47 2.47
N PRO Q 145 -45.35 1.42 3.80
CA PRO Q 145 -46.44 2.12 4.50
C PRO Q 145 -46.39 3.62 4.26
N LYS Q 146 -47.55 4.19 3.95
CA LYS Q 146 -47.70 5.63 3.76
C LYS Q 146 -48.78 6.11 4.73
N VAL Q 147 -48.35 6.76 5.80
CA VAL Q 147 -49.23 7.20 6.87
C VAL Q 147 -49.49 8.68 6.70
N ILE Q 148 -50.77 9.07 6.70
CA ILE Q 148 -51.17 10.45 6.51
C ILE Q 148 -51.85 10.93 7.78
N ILE Q 149 -51.34 12.01 8.36
CA ILE Q 149 -51.90 12.64 9.54
C ILE Q 149 -52.45 14.00 9.13
N VAL Q 150 -53.73 14.22 9.36
CA VAL Q 150 -54.41 15.44 8.92
C VAL Q 150 -55.02 16.12 10.14
N GLN Q 151 -54.43 17.24 10.55
CA GLN Q 151 -55.01 18.12 11.55
C GLN Q 151 -55.66 19.27 10.78
N ALA Q 152 -56.97 19.19 10.61
CA ALA Q 152 -57.73 20.15 9.82
C ALA Q 152 -59.20 19.90 10.05
N ALA Q 153 -60.00 20.96 9.95
CA ALA Q 153 -61.43 20.79 10.01
C ALA Q 153 -61.93 20.03 8.77
N ARG Q 154 -63.04 19.31 8.95
CA ARG Q 154 -63.68 18.60 7.86
C ARG Q 154 -65.11 19.10 7.66
N GLY Q 155 -65.37 20.33 8.07
CA GLY Q 155 -66.72 20.87 8.05
C GLY Q 155 -66.80 22.03 9.02
N GLY Q 156 -68.00 22.60 9.11
CA GLY Q 156 -68.21 23.74 9.97
C GLY Q 156 -69.17 23.48 11.12
N ASN Q 157 -69.71 22.27 11.19
CA ASN Q 157 -70.72 21.92 12.17
C ASN Q 157 -70.08 21.41 13.46
N SER Q 158 -70.81 21.57 14.56
CA SER Q 158 -70.34 21.08 15.85
C SER Q 158 -70.49 19.56 15.93
N GLY Q 159 -69.60 18.93 16.70
CA GLY Q 159 -69.53 17.49 16.77
C GLY Q 159 -70.12 16.86 18.00
N GLU Q 160 -70.94 17.59 18.75
CA GLU Q 160 -71.49 17.09 20.00
C GLU Q 160 -72.96 17.48 20.12
N MET Q 161 -73.68 16.76 20.99
CA MET Q 161 -75.07 17.04 21.26
C MET Q 161 -75.42 16.49 22.64
N TRP Q 162 -76.60 16.85 23.11
CA TRP Q 162 -77.10 16.45 24.43
C TRP Q 162 -78.19 15.39 24.24
N ILE Q 163 -78.10 14.31 25.02
CA ILE Q 163 -79.03 13.19 24.95
C ILE Q 163 -79.45 12.80 26.36
N ARG Q 164 -80.43 11.90 26.44
CA ARG Q 164 -80.94 11.42 27.72
C ARG Q 164 -79.97 10.43 28.33
N GLU Q 165 -79.75 10.54 29.64
CA GLU Q 165 -78.92 9.59 30.36
C GLU Q 165 -79.79 8.66 31.20
N THR R 1 -61.62 -4.81 30.37
CA THR R 1 -63.04 -4.51 30.25
C THR R 1 -63.26 -3.19 29.52
N GLN R 2 -62.32 -2.26 29.69
CA GLN R 2 -62.42 -0.94 29.07
C GLN R 2 -61.91 -0.91 27.63
N GLU R 3 -61.20 -1.94 27.19
CA GLU R 3 -60.63 -1.94 25.85
C GLU R 3 -61.53 -2.64 24.83
N ILE R 4 -62.62 -3.26 25.28
CA ILE R 4 -63.51 -3.98 24.38
C ILE R 4 -64.92 -3.42 24.50
N TYR R 5 -65.67 -3.57 23.43
CA TYR R 5 -67.07 -3.19 23.40
C TYR R 5 -67.88 -4.18 24.23
N PRO R 6 -68.77 -3.71 25.11
CA PRO R 6 -69.54 -4.64 25.94
C PRO R 6 -70.49 -5.49 25.12
N ILE R 7 -70.54 -6.77 25.46
CA ILE R 7 -71.37 -7.75 24.76
C ILE R 7 -72.56 -8.09 25.64
N LYS R 8 -73.75 -7.99 25.06
CA LYS R 8 -74.97 -8.32 25.79
C LYS R 8 -75.11 -9.83 25.96
N GLU R 9 -75.68 -10.23 27.09
CA GLU R 9 -75.90 -11.64 27.36
C GLU R 9 -76.87 -12.21 26.33
N ALA R 10 -76.62 -13.45 25.91
CA ALA R 10 -77.34 -14.06 24.80
C ALA R 10 -78.81 -14.36 25.09
N ASN R 11 -79.32 -14.07 26.29
CA ASN R 11 -80.71 -14.40 26.59
C ASN R 11 -81.70 -13.47 25.89
N GLY R 12 -81.91 -12.28 26.45
CA GLY R 12 -82.83 -11.33 25.86
C GLY R 12 -82.17 -10.37 24.90
N ARG R 13 -81.22 -10.87 24.11
CA ARG R 13 -80.53 -10.07 23.12
C ARG R 13 -81.22 -10.20 21.77
N THR R 14 -81.38 -9.07 21.08
CA THR R 14 -82.05 -9.02 19.78
C THR R 14 -81.11 -8.36 18.77
N ARG R 15 -80.02 -9.05 18.44
CA ARG R 15 -79.09 -8.55 17.45
C ARG R 15 -79.77 -8.52 16.08
N LYS R 16 -79.67 -7.38 15.40
CA LYS R 16 -80.28 -7.21 14.08
C LYS R 16 -79.20 -6.82 13.08
N ALA R 17 -79.29 -7.41 11.88
CA ALA R 17 -78.40 -7.09 10.78
C ALA R 17 -79.21 -6.86 9.52
N LEU R 18 -78.69 -6.04 8.62
CA LEU R 18 -79.39 -5.65 7.41
C LEU R 18 -78.54 -6.01 6.20
N ILE R 19 -79.18 -6.66 5.22
CA ILE R 19 -78.54 -6.99 3.95
C ILE R 19 -79.36 -6.35 2.84
N ILE R 20 -78.71 -5.52 2.03
CA ILE R 20 -79.32 -4.89 0.86
C ILE R 20 -78.52 -5.32 -0.36
N CYS R 21 -79.17 -6.01 -1.29
CA CYS R 21 -78.50 -6.51 -2.48
C CYS R 21 -79.39 -6.33 -3.70
N ASN R 22 -78.83 -5.73 -4.75
CA ASN R 22 -79.52 -5.51 -6.01
C ASN R 22 -78.90 -6.39 -7.10
N THR R 23 -79.74 -7.17 -7.78
CA THR R 23 -79.29 -8.05 -8.85
C THR R 23 -79.68 -7.53 -10.23
N GLU R 24 -80.95 -7.18 -10.42
CA GLU R 24 -81.43 -6.68 -11.71
C GLU R 24 -81.37 -5.16 -11.74
N PHE R 25 -80.81 -4.63 -12.83
CA PHE R 25 -80.74 -3.19 -13.06
C PHE R 25 -81.36 -2.88 -14.41
N LYS R 26 -81.97 -1.71 -14.52
CA LYS R 26 -82.62 -1.33 -15.77
C LYS R 26 -81.60 -1.06 -16.87
N HIS R 27 -80.50 -0.39 -16.54
CA HIS R 27 -79.49 -0.05 -17.53
C HIS R 27 -78.13 -0.69 -17.29
N LEU R 28 -77.90 -1.26 -16.11
CA LEU R 28 -76.61 -1.86 -15.78
C LEU R 28 -76.67 -3.37 -15.92
N SER R 29 -75.48 -3.98 -16.03
CA SER R 29 -75.39 -5.42 -16.22
C SER R 29 -75.93 -6.17 -15.00
N LEU R 30 -76.47 -7.36 -15.26
CA LEU R 30 -76.97 -8.19 -14.17
C LEU R 30 -75.80 -8.68 -13.32
N ARG R 31 -75.98 -8.63 -12.00
CA ARG R 31 -74.95 -9.07 -11.07
C ARG R 31 -75.15 -10.56 -10.80
N TYR R 32 -74.62 -11.37 -11.73
CA TYR R 32 -74.70 -12.82 -11.59
C TYR R 32 -73.98 -13.29 -10.34
N GLY R 33 -74.58 -14.24 -9.64
CA GLY R 33 -73.99 -14.79 -8.44
C GLY R 33 -74.19 -13.96 -7.20
N ALA R 34 -74.96 -12.87 -7.27
CA ALA R 34 -75.21 -12.06 -6.09
C ALA R 34 -75.99 -12.82 -5.02
N ASN R 35 -76.71 -13.87 -5.41
CA ASN R 35 -77.46 -14.65 -4.43
C ASN R 35 -76.51 -15.42 -3.51
N PHE R 36 -75.40 -15.92 -4.05
CA PHE R 36 -74.41 -16.60 -3.24
C PHE R 36 -73.90 -15.71 -2.12
N ASP R 37 -73.72 -14.42 -2.41
CA ASP R 37 -73.29 -13.49 -1.37
C ASP R 37 -74.38 -13.27 -0.33
N ILE R 38 -75.64 -13.21 -0.77
CA ILE R 38 -76.74 -13.01 0.17
C ILE R 38 -76.83 -14.18 1.14
N ILE R 39 -76.89 -15.40 0.61
CA ILE R 39 -76.99 -16.59 1.45
C ILE R 39 -75.77 -16.74 2.34
N GLY R 40 -74.58 -16.48 1.80
CA GLY R 40 -73.36 -16.61 2.58
C GLY R 40 -73.32 -15.66 3.75
N MET R 41 -73.59 -14.37 3.50
CA MET R 41 -73.57 -13.39 4.57
C MET R 41 -74.71 -13.62 5.56
N LYS R 42 -75.89 -13.99 5.06
CA LYS R 42 -77.01 -14.26 5.96
C LYS R 42 -76.71 -15.43 6.88
N GLY R 43 -76.11 -16.49 6.36
CA GLY R 43 -75.75 -17.62 7.20
C GLY R 43 -74.68 -17.27 8.22
N LEU R 44 -73.69 -16.48 7.82
CA LEU R 44 -72.64 -16.07 8.75
C LEU R 44 -73.20 -15.17 9.84
N LEU R 45 -74.02 -14.18 9.46
CA LEU R 45 -74.61 -13.28 10.45
C LEU R 45 -75.55 -14.01 11.39
N GLU R 46 -76.26 -15.03 10.91
CA GLU R 46 -77.10 -15.82 11.81
C GLU R 46 -76.24 -16.61 12.79
N ASP R 47 -75.13 -17.20 12.32
CA ASP R 47 -74.20 -17.88 13.21
C ASP R 47 -73.54 -16.93 14.20
N LEU R 48 -73.49 -15.64 13.88
CA LEU R 48 -72.99 -14.63 14.81
C LEU R 48 -74.07 -14.10 15.74
N GLY R 49 -75.31 -14.56 15.61
CA GLY R 49 -76.37 -14.19 16.52
C GLY R 49 -77.25 -13.05 16.06
N TYR R 50 -77.16 -12.63 14.80
CA TYR R 50 -77.93 -11.50 14.28
C TYR R 50 -79.15 -12.00 13.54
N ASP R 51 -80.31 -11.40 13.85
CA ASP R 51 -81.51 -11.63 13.06
C ASP R 51 -81.42 -10.77 11.80
N VAL R 52 -81.41 -11.41 10.64
CA VAL R 52 -81.05 -10.75 9.39
C VAL R 52 -82.31 -10.27 8.68
N VAL R 53 -82.32 -9.00 8.30
CA VAL R 53 -83.35 -8.43 7.42
C VAL R 53 -82.76 -8.29 6.03
N VAL R 54 -83.42 -8.90 5.04
CA VAL R 54 -82.93 -8.92 3.66
C VAL R 54 -83.89 -8.11 2.80
N LYS R 55 -83.35 -7.14 2.07
CA LYS R 55 -84.11 -6.33 1.13
C LYS R 55 -83.39 -6.34 -0.21
N GLU R 56 -84.13 -6.59 -1.29
CA GLU R 56 -83.56 -6.72 -2.62
C GLU R 56 -84.31 -5.87 -3.62
N GLU R 57 -83.60 -5.51 -4.69
CA GLU R 57 -84.15 -4.77 -5.83
C GLU R 57 -84.80 -3.46 -5.37
N LEU R 58 -83.94 -2.54 -4.95
CA LEU R 58 -84.36 -1.26 -4.40
C LEU R 58 -83.74 -0.11 -5.17
N THR R 59 -84.49 1.00 -5.24
CA THR R 59 -83.96 2.26 -5.74
C THR R 59 -83.17 2.96 -4.64
N ALA R 60 -82.59 4.12 -4.98
CA ALA R 60 -81.89 4.90 -3.97
C ALA R 60 -82.87 5.39 -2.90
N GLU R 61 -84.05 5.84 -3.31
CA GLU R 61 -85.08 6.20 -2.34
C GLU R 61 -85.51 5.00 -1.52
N GLY R 62 -85.56 3.82 -2.16
CA GLY R 62 -85.94 2.62 -1.44
C GLY R 62 -84.92 2.20 -0.40
N MET R 63 -83.63 2.25 -0.75
CA MET R 63 -82.60 1.92 0.22
C MET R 63 -82.62 2.87 1.40
N GLU R 64 -82.78 4.17 1.14
CA GLU R 64 -82.81 5.14 2.23
C GLU R 64 -83.99 4.88 3.15
N SER R 65 -85.17 4.57 2.57
CA SER R 65 -86.34 4.30 3.39
C SER R 65 -86.17 3.00 4.17
N GLU R 66 -85.60 1.98 3.54
CA GLU R 66 -85.38 0.71 4.24
C GLU R 66 -84.33 0.85 5.34
N MET R 67 -83.31 1.69 5.12
CA MET R 67 -82.29 1.92 6.15
C MET R 67 -82.86 2.70 7.33
N LYS R 68 -83.67 3.73 7.04
CA LYS R 68 -84.27 4.51 8.12
C LYS R 68 -85.21 3.66 8.97
N ASP R 69 -85.98 2.76 8.33
CA ASP R 69 -86.82 1.85 9.07
C ASP R 69 -85.97 0.89 9.91
N PHE R 70 -84.86 0.42 9.36
CA PHE R 70 -84.00 -0.51 10.09
C PHE R 70 -83.41 0.14 11.33
N ALA R 71 -83.06 1.43 11.23
CA ALA R 71 -82.45 2.12 12.36
C ALA R 71 -83.44 2.43 13.47
N ALA R 72 -84.74 2.51 13.16
CA ALA R 72 -85.76 2.82 14.15
C ALA R 72 -86.30 1.58 14.86
N LEU R 73 -85.78 0.40 14.55
CA LEU R 73 -86.27 -0.83 15.17
C LEU R 73 -85.97 -0.84 16.66
N SER R 74 -87.00 -1.18 17.45
CA SER R 74 -86.84 -1.27 18.90
C SER R 74 -85.92 -2.41 19.32
N GLU R 75 -85.58 -3.34 18.42
CA GLU R 75 -84.70 -4.43 18.78
C GLU R 75 -83.27 -3.96 19.05
N HIS R 76 -82.89 -2.79 18.53
CA HIS R 76 -81.54 -2.28 18.77
C HIS R 76 -81.32 -1.92 20.23
N GLN R 77 -82.40 -1.60 20.96
CA GLN R 77 -82.26 -1.27 22.37
C GLN R 77 -81.72 -2.46 23.16
N THR R 78 -82.13 -3.67 22.79
CA THR R 78 -81.64 -4.90 23.41
C THR R 78 -80.58 -5.59 22.55
N SER R 79 -79.89 -4.83 21.71
CA SER R 79 -78.80 -5.33 20.90
C SER R 79 -77.51 -4.66 21.32
N ASP R 80 -76.39 -5.22 20.85
CA ASP R 80 -75.08 -4.68 21.17
C ASP R 80 -74.30 -4.18 19.97
N SER R 81 -74.79 -4.41 18.76
CA SER R 81 -74.09 -4.03 17.54
C SER R 81 -75.05 -4.20 16.37
N THR R 82 -74.56 -3.89 15.17
CA THR R 82 -75.33 -4.09 13.96
C THR R 82 -74.37 -4.28 12.79
N PHE R 83 -74.88 -4.90 11.73
CA PHE R 83 -74.11 -5.10 10.51
C PHE R 83 -74.91 -4.56 9.33
N LEU R 84 -74.21 -3.91 8.41
CA LEU R 84 -74.83 -3.32 7.22
C LEU R 84 -74.07 -3.83 6.00
N VAL R 85 -74.67 -4.77 5.27
CA VAL R 85 -74.07 -5.35 4.08
C VAL R 85 -74.76 -4.74 2.87
N LEU R 86 -73.99 -4.08 2.02
CA LEU R 86 -74.51 -3.43 0.83
C LEU R 86 -73.82 -4.00 -0.40
N MET R 87 -74.60 -4.52 -1.33
CA MET R 87 -74.07 -5.19 -2.52
C MET R 87 -74.87 -4.77 -3.73
N SER R 88 -74.20 -4.11 -4.68
CA SER R 88 -74.83 -3.59 -5.89
C SER R 88 -73.72 -3.04 -6.78
N HIS R 89 -74.11 -2.45 -7.91
CA HIS R 89 -73.18 -1.62 -8.64
C HIS R 89 -72.93 -0.34 -7.85
N GLY R 90 -71.77 0.27 -8.09
CA GLY R 90 -71.36 1.42 -7.30
C GLY R 90 -70.67 2.47 -8.14
N THR R 91 -70.72 3.70 -7.64
CA THR R 91 -70.00 4.82 -8.18
C THR R 91 -68.87 5.20 -7.21
N LEU R 92 -68.24 6.34 -7.47
CA LEU R 92 -67.11 6.74 -6.65
C LEU R 92 -67.53 7.05 -5.22
N HIS R 93 -68.64 7.78 -5.05
CA HIS R 93 -69.07 8.25 -3.74
C HIS R 93 -70.42 7.68 -3.30
N GLY R 94 -70.97 6.71 -4.02
CA GLY R 94 -72.27 6.18 -3.64
C GLY R 94 -72.50 4.81 -4.22
N ILE R 95 -73.63 4.23 -3.82
CA ILE R 95 -74.05 2.91 -4.27
C ILE R 95 -75.27 3.08 -5.17
N CYS R 96 -75.32 2.27 -6.23
CA CYS R 96 -76.31 2.45 -7.29
C CYS R 96 -77.61 1.75 -6.94
N GLY R 97 -78.73 2.38 -7.29
CA GLY R 97 -80.02 1.75 -7.24
C GLY R 97 -80.32 0.98 -8.52
N THR R 98 -81.51 0.41 -8.58
CA THR R 98 -81.89 -0.39 -9.74
C THR R 98 -82.00 0.47 -11.00
N MET R 99 -82.48 1.71 -10.85
CA MET R 99 -82.76 2.59 -11.98
C MET R 99 -81.58 3.48 -12.36
N HIS R 100 -80.37 3.16 -11.89
CA HIS R 100 -79.24 4.06 -12.11
C HIS R 100 -78.80 4.06 -13.57
N SER R 101 -78.46 5.25 -14.06
CA SER R 101 -77.87 5.43 -15.38
C SER R 101 -77.04 6.72 -15.34
N GLU R 102 -76.13 6.85 -16.31
CA GLU R 102 -75.32 8.06 -16.36
C GLU R 102 -76.16 9.30 -16.61
N LYS R 103 -77.18 9.18 -17.46
CA LYS R 103 -78.06 10.32 -17.71
C LYS R 103 -79.01 10.56 -16.55
N THR R 104 -79.57 9.50 -15.98
CA THR R 104 -80.49 9.58 -14.85
C THR R 104 -79.90 8.82 -13.67
N PRO R 105 -79.06 9.47 -12.87
CA PRO R 105 -78.43 8.76 -11.74
C PRO R 105 -79.44 8.38 -10.67
N ASP R 106 -79.24 7.19 -10.10
CA ASP R 106 -80.04 6.68 -8.99
C ASP R 106 -79.06 6.11 -7.96
N VAL R 107 -78.38 7.01 -7.24
CA VAL R 107 -77.26 6.67 -6.38
C VAL R 107 -77.55 7.14 -4.97
N LEU R 108 -77.27 6.27 -4.00
CA LEU R 108 -77.32 6.61 -2.59
C LEU R 108 -75.90 6.84 -2.08
N GLN R 109 -75.61 8.07 -1.66
CA GLN R 109 -74.29 8.38 -1.14
C GLN R 109 -74.03 7.63 0.15
N TYR R 110 -72.79 7.14 0.29
CA TYR R 110 -72.41 6.46 1.52
C TYR R 110 -72.43 7.41 2.72
N ASP R 111 -72.17 8.70 2.48
CA ASP R 111 -72.22 9.68 3.56
C ASP R 111 -73.62 9.78 4.16
N THR R 112 -74.66 9.55 3.35
CA THR R 112 -76.02 9.56 3.87
C THR R 112 -76.24 8.43 4.87
N ILE R 113 -75.59 7.28 4.65
CA ILE R 113 -75.75 6.14 5.55
C ILE R 113 -75.24 6.46 6.94
N TYR R 114 -74.08 7.12 7.02
CA TYR R 114 -73.54 7.51 8.32
C TYR R 114 -74.49 8.48 9.03
N GLN R 115 -75.12 9.37 8.27
CA GLN R 115 -76.10 10.29 8.85
C GLN R 115 -77.31 9.53 9.39
N ILE R 116 -77.70 8.45 8.71
CA ILE R 116 -78.90 7.71 9.11
C ILE R 116 -78.64 6.96 10.41
N PHE R 117 -77.42 6.45 10.60
CA PHE R 117 -77.11 5.56 11.71
C PHE R 117 -76.25 6.22 12.79
N ASN R 118 -75.96 7.51 12.69
CA ASN R 118 -75.13 8.14 13.70
C ASN R 118 -75.88 8.25 15.02
N ASN R 119 -75.20 8.79 16.04
CA ASN R 119 -75.82 8.94 17.35
C ASN R 119 -76.96 9.94 17.36
N CYS R 120 -77.10 10.75 16.30
CA CYS R 120 -78.18 11.73 16.24
C CYS R 120 -79.49 11.10 15.78
N HIS R 121 -79.44 10.27 14.73
CA HIS R 121 -80.65 9.75 14.11
C HIS R 121 -80.96 8.31 14.49
N CYS R 122 -80.04 7.61 15.15
CA CYS R 122 -80.24 6.22 15.58
C CYS R 122 -79.89 6.11 17.05
N PRO R 123 -80.81 6.47 17.94
CA PRO R 123 -80.51 6.38 19.37
C PRO R 123 -80.32 4.96 19.87
N GLY R 124 -80.93 3.98 19.20
CA GLY R 124 -80.83 2.60 19.65
C GLY R 124 -79.44 2.01 19.52
N LEU R 125 -78.60 2.57 18.66
CA LEU R 125 -77.26 2.05 18.42
C LEU R 125 -76.17 2.98 18.92
N ARG R 126 -76.51 3.89 19.84
CA ARG R 126 -75.51 4.76 20.43
C ARG R 126 -74.52 3.94 21.25
N ASP R 127 -73.24 4.27 21.13
CA ASP R 127 -72.13 3.60 21.81
C ASP R 127 -72.02 2.12 21.44
N LYS R 128 -72.66 1.70 20.35
CA LYS R 128 -72.64 0.33 19.90
C LYS R 128 -72.02 0.22 18.51
N PRO R 129 -71.24 -0.83 18.25
CA PRO R 129 -70.57 -0.95 16.95
C PRO R 129 -71.56 -1.00 15.80
N LYS R 130 -71.27 -0.23 14.76
CA LYS R 130 -72.06 -0.22 13.53
C LYS R 130 -71.11 -0.56 12.38
N VAL R 131 -71.23 -1.80 11.89
CA VAL R 131 -70.31 -2.34 10.88
C VAL R 131 -70.98 -2.26 9.52
N ILE R 132 -70.30 -1.68 8.55
CA ILE R 132 -70.82 -1.52 7.19
C ILE R 132 -69.93 -2.31 6.24
N ILE R 133 -70.53 -3.22 5.49
CA ILE R 133 -69.82 -4.01 4.48
C ILE R 133 -70.36 -3.62 3.11
N VAL R 134 -69.48 -3.17 2.22
CA VAL R 134 -69.88 -2.67 0.91
C VAL R 134 -69.15 -3.49 -0.15
N GLN R 135 -69.88 -4.35 -0.84
CA GLN R 135 -69.39 -5.05 -2.03
C GLN R 135 -69.94 -4.32 -3.26
N ALA R 136 -69.11 -3.49 -3.86
CA ALA R 136 -69.51 -2.66 -4.99
C ALA R 136 -68.28 -2.03 -5.60
N ALA R 137 -68.36 -1.74 -6.89
CA ALA R 137 -67.29 -0.99 -7.55
C ALA R 137 -67.28 0.44 -7.04
N ARG R 138 -66.10 1.05 -7.08
CA ARG R 138 -65.93 2.45 -6.70
C ARG R 138 -65.39 3.28 -7.85
N GLY R 139 -65.63 2.84 -9.08
CA GLY R 139 -65.05 3.47 -10.25
C GLY R 139 -65.04 2.49 -11.41
N GLY R 140 -64.50 2.96 -12.53
CA GLY R 140 -64.47 2.14 -13.71
C GLY R 140 -63.09 1.73 -14.18
N ASN R 141 -62.05 2.18 -13.47
CA ASN R 141 -60.68 1.92 -13.85
C ASN R 141 -60.20 0.62 -13.22
N SER R 142 -59.23 -0.03 -13.88
CA SER R 142 -58.64 -1.24 -13.34
C SER R 142 -57.68 -0.90 -12.20
N GLY R 143 -57.55 -1.84 -11.28
CA GLY R 143 -56.76 -1.60 -10.07
C GLY R 143 -55.39 -2.23 -10.04
N GLU R 144 -54.88 -2.64 -11.20
CA GLU R 144 -53.58 -3.30 -11.27
C GLU R 144 -52.80 -2.77 -12.47
N MET R 145 -51.48 -2.99 -12.43
CA MET R 145 -50.59 -2.60 -13.51
C MET R 145 -49.33 -3.45 -13.42
N TRP R 146 -48.52 -3.39 -14.47
CA TRP R 146 -47.31 -4.16 -14.56
C TRP R 146 -46.11 -3.26 -14.31
N ILE R 147 -45.18 -3.71 -13.46
CA ILE R 147 -44.01 -2.94 -13.09
C ILE R 147 -42.79 -3.85 -13.16
N ARG R 148 -41.62 -3.26 -12.96
CA ARG R 148 -40.36 -3.97 -13.10
C ARG R 148 -40.09 -4.83 -11.87
N GLU R 149 -39.76 -6.09 -12.11
CA GLU R 149 -39.42 -7.01 -11.02
C GLU R 149 -38.07 -6.65 -10.42
N SER R 150 -37.96 -6.77 -9.11
CA SER R 150 -36.71 -6.50 -8.41
C SER R 150 -36.18 -7.76 -7.75
N ASP S 1 -82.89 48.49 18.70
CA ASP S 1 -83.50 48.14 17.42
C ASP S 1 -83.94 46.67 17.41
N PHE S 2 -84.63 46.27 16.34
CA PHE S 2 -85.14 44.92 16.25
C PHE S 2 -84.04 43.90 16.02
N GLN S 3 -82.95 44.29 15.36
CA GLN S 3 -81.86 43.36 15.09
C GLN S 3 -81.20 42.88 16.37
N GLY S 4 -81.13 43.74 17.39
CA GLY S 4 -80.58 43.30 18.66
C GLY S 4 -81.43 42.26 19.35
N LEU S 5 -82.75 42.41 19.27
CA LEU S 5 -83.64 41.40 19.84
C LEU S 5 -83.58 40.11 19.05
N TYR S 6 -83.55 40.20 17.72
CA TYR S 6 -83.45 39.01 16.88
C TYR S 6 -82.15 38.27 17.13
N ALA S 7 -81.03 39.00 17.25
CA ALA S 7 -79.75 38.37 17.54
C ALA S 7 -79.76 37.73 18.92
N GLU S 8 -80.40 38.37 19.89
CA GLU S 8 -80.46 37.81 21.24
C GLU S 8 -81.26 36.52 21.26
N VAL S 9 -82.39 36.48 20.55
CA VAL S 9 -83.21 35.28 20.52
C VAL S 9 -82.54 34.19 19.68
N LYS S 10 -81.89 34.59 18.58
CA LYS S 10 -81.21 33.61 17.73
C LYS S 10 -80.09 32.91 18.49
N ALA S 11 -79.35 33.64 19.32
CA ALA S 11 -78.29 33.04 20.12
C ALA S 11 -78.87 32.05 21.13
N CYS S 12 -80.01 32.38 21.74
CA CYS S 12 -80.65 31.46 22.67
C CYS S 12 -81.19 30.23 21.95
N SER S 13 -81.77 30.42 20.76
CA SER S 13 -82.30 29.29 20.01
C SER S 13 -81.19 28.44 19.40
N SER S 14 -79.99 29.00 19.25
CA SER S 14 -78.89 28.24 18.65
C SER S 14 -78.49 27.06 19.54
N GLU S 15 -78.37 27.29 20.85
CA GLU S 15 -78.00 26.21 21.76
C GLU S 15 -79.11 25.18 21.90
N LEU S 16 -80.37 25.55 21.64
CA LEU S 16 -81.44 24.57 21.64
C LEU S 16 -81.34 23.63 20.45
N GLU S 17 -80.73 24.08 19.36
CA GLU S 17 -80.55 23.22 18.19
C GLU S 17 -79.64 22.03 18.47
N SER S 18 -78.78 22.13 19.49
CA SER S 18 -77.90 21.03 19.86
C SER S 18 -78.58 20.01 20.75
N LEU S 19 -79.84 20.23 21.11
CA LEU S 19 -80.57 19.27 21.92
C LEU S 19 -81.19 18.17 21.05
N GLU S 20 -81.28 16.98 21.63
CA GLU S 20 -81.85 15.83 20.92
C GLU S 20 -83.28 16.12 20.49
N MET S 21 -83.68 15.49 19.37
CA MET S 21 -85.00 15.74 18.81
C MET S 21 -86.11 15.37 19.80
N GLU S 22 -85.98 14.23 20.47
CA GLU S 22 -87.01 13.82 21.42
C GLU S 22 -87.12 14.79 22.60
N LEU S 23 -85.97 15.32 23.04
CA LEU S 23 -86.00 16.26 24.17
C LEU S 23 -86.58 17.60 23.78
N ARG S 24 -86.35 18.06 22.55
CA ARG S 24 -86.96 19.29 22.09
C ARG S 24 -88.47 19.15 21.94
N GLN S 25 -88.95 17.96 21.56
CA GLN S 25 -90.39 17.73 21.52
C GLN S 25 -90.98 17.61 22.91
N GLN S 26 -90.25 16.96 23.83
CA GLN S 26 -90.74 16.82 25.20
C GLN S 26 -90.85 18.18 25.88
N ILE S 27 -89.84 19.03 25.71
CA ILE S 27 -89.91 20.38 26.27
C ILE S 27 -91.08 21.15 25.67
N LEU S 28 -91.28 21.03 24.36
CA LEU S 28 -92.33 21.79 23.69
C LEU S 28 -93.71 21.35 24.16
N VAL S 29 -93.93 20.04 24.25
CA VAL S 29 -95.24 19.54 24.68
C VAL S 29 -95.52 19.93 26.12
N ASN S 30 -94.53 19.76 27.00
CA ASN S 30 -94.74 20.06 28.40
C ASN S 30 -94.79 21.55 28.69
N ILE S 31 -94.17 22.38 27.86
CA ILE S 31 -94.36 23.83 27.97
C ILE S 31 -95.80 24.20 27.60
N GLY S 32 -96.34 23.59 26.55
CA GLY S 32 -97.74 23.82 26.21
C GLY S 32 -98.70 23.40 27.30
N LYS S 33 -98.31 22.43 28.13
CA LYS S 33 -99.14 22.01 29.25
C LYS S 33 -99.07 23.00 30.40
N ILE S 34 -97.87 23.43 30.78
CA ILE S 34 -97.72 24.36 31.89
C ILE S 34 -98.19 25.76 31.57
N LEU S 35 -98.45 26.07 30.30
CA LEU S 35 -98.99 27.37 29.95
C LEU S 35 -100.38 27.59 30.54
N GLN S 36 -101.06 26.51 30.95
CA GLN S 36 -102.34 26.59 31.63
C GLN S 36 -102.19 26.56 33.16
N ASP S 37 -100.97 26.75 33.66
CA ASP S 37 -100.68 26.67 35.10
C ASP S 37 -99.57 27.68 35.41
N GLN S 38 -99.97 28.94 35.59
CA GLN S 38 -99.01 29.99 35.86
C GLN S 38 -98.18 29.77 37.13
N PRO S 39 -98.71 29.23 38.23
CA PRO S 39 -97.82 28.93 39.37
C PRO S 39 -96.65 28.03 39.03
N SER S 40 -96.85 27.03 38.18
CA SER S 40 -95.76 26.12 37.83
C SER S 40 -94.72 26.81 36.96
N MET S 41 -95.17 27.69 36.05
CA MET S 41 -94.22 28.43 35.21
C MET S 41 -93.35 29.37 36.05
N GLU S 42 -93.99 30.13 36.93
CA GLU S 42 -93.25 31.04 37.80
C GLU S 42 -92.32 30.27 38.74
N ALA S 43 -92.79 29.14 39.27
CA ALA S 43 -91.94 28.31 40.11
C ALA S 43 -90.76 27.77 39.31
N LEU S 44 -90.99 27.39 38.06
CA LEU S 44 -89.91 26.89 37.21
C LEU S 44 -88.92 28.01 36.88
N GLU S 45 -89.43 29.24 36.69
CA GLU S 45 -88.55 30.38 36.53
C GLU S 45 -87.63 30.54 37.74
N ALA S 46 -88.20 30.50 38.94
CA ALA S 46 -87.39 30.65 40.15
C ALA S 46 -86.37 29.52 40.27
N SER S 47 -86.77 28.28 39.96
CA SER S 47 -85.86 27.16 40.04
C SER S 47 -84.68 27.33 39.08
N LEU S 48 -84.97 27.75 37.84
CA LEU S 48 -83.89 27.95 36.87
C LEU S 48 -83.01 29.12 37.26
N GLY S 49 -83.62 30.21 37.75
CA GLY S 49 -82.82 31.34 38.19
C GLY S 49 -81.95 31.01 39.39
N GLN S 50 -82.46 30.19 40.30
CA GLN S 50 -81.66 29.74 41.44
C GLN S 50 -80.51 28.86 41.00
N GLY S 51 -80.76 27.93 40.07
CA GLY S 51 -79.71 27.06 39.59
C GLY S 51 -78.65 27.78 38.78
N LEU S 52 -79.05 28.83 38.07
CA LEU S 52 -78.08 29.60 37.28
C LEU S 52 -77.20 30.47 38.17
N CYS S 53 -77.75 30.99 39.26
CA CYS S 53 -76.97 31.86 40.15
C CYS S 53 -76.03 31.06 41.05
N SER S 54 -76.52 29.93 41.58
CA SER S 54 -75.72 29.15 42.51
C SER S 54 -74.83 28.13 41.82
N GLY S 55 -75.28 27.58 40.69
CA GLY S 55 -74.56 26.49 40.06
C GLY S 55 -74.70 25.16 40.76
N GLY S 56 -75.52 25.07 41.80
CA GLY S 56 -75.73 23.85 42.53
C GLY S 56 -76.88 23.04 41.98
N GLN S 57 -77.20 21.95 42.68
CA GLN S 57 -78.28 21.07 42.25
C GLN S 57 -79.62 21.76 42.43
N VAL S 58 -80.50 21.56 41.45
CA VAL S 58 -81.87 22.07 41.49
C VAL S 58 -82.80 20.93 41.84
N GLU S 59 -83.67 21.15 42.82
CA GLU S 59 -84.56 20.10 43.28
C GLU S 59 -85.62 19.81 42.23
N PRO S 60 -85.90 18.54 41.95
CA PRO S 60 -86.86 18.20 40.90
C PRO S 60 -88.26 18.70 41.20
N LEU S 61 -89.00 19.00 40.12
CA LEU S 61 -90.39 19.41 40.21
C LEU S 61 -91.27 18.29 39.66
N ASP S 62 -92.56 18.36 39.98
CA ASP S 62 -93.51 17.34 39.59
C ASP S 62 -94.33 17.80 38.38
N GLY S 63 -94.88 16.82 37.67
CA GLY S 63 -95.71 17.11 36.53
C GLY S 63 -94.92 17.54 35.32
N PRO S 64 -95.54 18.30 34.43
CA PRO S 64 -94.85 18.74 33.22
C PRO S 64 -93.64 19.63 33.49
N ALA S 65 -93.66 20.38 34.60
CA ALA S 65 -92.49 21.18 34.96
C ALA S 65 -91.27 20.31 35.21
N GLY S 66 -91.47 19.11 35.78
CA GLY S 66 -90.36 18.20 35.96
C GLY S 66 -89.88 17.56 34.68
N CYS S 67 -90.80 17.30 33.74
CA CYS S 67 -90.40 16.77 32.44
C CYS S 67 -89.55 17.78 31.68
N ILE S 68 -89.84 19.07 31.83
CA ILE S 68 -88.99 20.10 31.24
C ILE S 68 -87.64 20.16 31.95
N LEU S 69 -87.65 20.05 33.28
CA LEU S 69 -86.40 20.16 34.03
C LEU S 69 -85.46 18.99 33.77
N GLU S 70 -86.00 17.80 33.48
CA GLU S 70 -85.14 16.66 33.14
C GLU S 70 -84.27 16.95 31.94
N CYS S 71 -84.75 17.76 31.00
CA CYS S 71 -84.03 18.06 29.77
C CYS S 71 -83.01 19.19 29.95
N LEU S 72 -82.82 19.67 31.17
CA LEU S 72 -81.95 20.81 31.43
C LEU S 72 -80.91 20.55 32.52
N VAL S 73 -80.84 19.33 33.05
CA VAL S 73 -79.98 19.03 34.20
C VAL S 73 -79.07 17.86 33.86
N LEU S 74 -77.91 17.85 34.52
CA LEU S 74 -76.99 16.72 34.42
C LEU S 74 -77.45 15.60 35.36
N ASP S 75 -76.71 14.49 35.35
CA ASP S 75 -76.99 13.43 36.31
C ASP S 75 -76.70 13.89 37.73
N SER S 76 -75.67 14.72 37.91
CA SER S 76 -75.30 15.20 39.24
C SER S 76 -76.26 16.27 39.77
N GLY S 77 -77.21 16.73 38.96
CA GLY S 77 -78.26 17.62 39.40
C GLY S 77 -78.10 19.07 38.99
N GLU S 78 -76.90 19.49 38.60
CA GLU S 78 -76.72 20.89 38.20
C GLU S 78 -77.41 21.15 36.86
N LEU S 79 -77.81 22.41 36.68
CA LEU S 79 -78.36 22.83 35.40
C LEU S 79 -77.26 22.86 34.34
N VAL S 80 -77.65 22.60 33.10
CA VAL S 80 -76.79 22.83 31.94
C VAL S 80 -77.00 24.28 31.51
N PRO S 81 -76.04 25.18 31.77
CA PRO S 81 -76.28 26.60 31.47
C PRO S 81 -76.60 26.87 30.02
N GLU S 82 -75.96 26.14 29.10
CA GLU S 82 -76.24 26.35 27.67
C GLU S 82 -77.67 25.96 27.32
N LEU S 83 -78.28 25.06 28.08
CA LEU S 83 -79.65 24.62 27.86
C LEU S 83 -80.66 25.32 28.76
N ALA S 84 -80.31 25.56 30.02
CA ALA S 84 -81.27 26.15 30.96
C ALA S 84 -81.50 27.62 30.67
N ALA S 85 -80.45 28.35 30.26
CA ALA S 85 -80.59 29.78 30.02
C ALA S 85 -81.62 30.13 28.95
N PRO S 86 -81.64 29.48 27.77
CA PRO S 86 -82.70 29.83 26.79
C PRO S 86 -84.09 29.50 27.28
N ILE S 87 -84.26 28.42 28.05
CA ILE S 87 -85.57 28.09 28.59
C ILE S 87 -86.00 29.11 29.63
N PHE S 88 -85.05 29.58 30.46
CA PHE S 88 -85.38 30.62 31.43
C PHE S 88 -85.82 31.90 30.75
N TYR S 89 -85.10 32.33 29.71
CA TYR S 89 -85.49 33.53 28.98
C TYR S 89 -86.82 33.33 28.25
N LEU S 90 -87.09 32.12 27.76
CA LEU S 90 -88.38 31.84 27.13
C LEU S 90 -89.51 31.95 28.14
N LEU S 91 -89.29 31.45 29.36
CA LEU S 91 -90.33 31.55 30.39
C LEU S 91 -90.56 32.99 30.80
N GLY S 92 -89.53 33.84 30.74
CA GLY S 92 -89.71 35.25 31.03
C GLY S 92 -90.55 35.95 29.97
N ALA S 93 -90.38 35.55 28.71
CA ALA S 93 -91.20 36.13 27.65
C ALA S 93 -92.65 35.68 27.77
N LEU S 94 -92.87 34.41 28.13
CA LEU S 94 -94.23 33.92 28.32
C LEU S 94 -94.89 34.55 29.54
N ALA S 95 -94.11 34.94 30.54
CA ALA S 95 -94.68 35.53 31.75
C ALA S 95 -95.24 36.93 31.48
N VAL S 96 -94.69 37.64 30.49
CA VAL S 96 -95.22 38.95 30.14
C VAL S 96 -96.59 38.83 29.50
N LEU S 97 -96.84 37.73 28.80
CA LEU S 97 -98.08 37.57 28.03
C LEU S 97 -99.28 37.38 28.98
N SER S 98 -100.46 37.51 28.39
CA SER S 98 -101.73 37.39 29.11
C SER S 98 -102.22 35.94 29.12
N GLU S 99 -103.22 35.68 29.96
CA GLU S 99 -103.77 34.33 30.06
C GLU S 99 -104.38 33.89 28.74
N THR S 100 -105.05 34.80 28.03
CA THR S 100 -105.59 34.46 26.72
C THR S 100 -104.47 34.13 25.73
N GLN S 101 -103.40 34.91 25.75
CA GLN S 101 -102.26 34.65 24.87
C GLN S 101 -101.60 33.31 25.19
N GLN S 102 -101.49 32.97 26.49
CA GLN S 102 -100.89 31.69 26.85
C GLN S 102 -101.74 30.51 26.38
N GLN S 103 -103.05 30.61 26.54
CA GLN S 103 -103.92 29.51 26.11
C GLN S 103 -103.91 29.35 24.60
N LEU S 104 -103.88 30.47 23.86
CA LEU S 104 -103.84 30.39 22.40
C LEU S 104 -102.54 29.75 21.93
N LEU S 105 -101.42 30.09 22.55
CA LEU S 105 -100.14 29.48 22.18
C LEU S 105 -100.15 27.99 22.47
N ALA S 106 -100.82 27.56 23.55
CA ALA S 106 -100.95 26.14 23.83
C ALA S 106 -101.67 25.42 22.72
N LYS S 107 -102.60 26.09 22.03
CA LYS S 107 -103.21 25.53 20.83
C LYS S 107 -102.28 25.64 19.63
N ALA S 108 -101.40 26.65 19.62
CA ALA S 108 -100.59 26.94 18.45
C ALA S 108 -99.36 26.04 18.33
N LEU S 109 -98.91 25.42 19.43
CA LEU S 109 -97.75 24.54 19.35
C LEU S 109 -98.01 23.31 18.51
N GLU S 110 -99.27 22.99 18.25
CA GLU S 110 -99.66 21.75 17.59
C GLU S 110 -99.55 21.80 16.08
N THR S 111 -99.18 22.95 15.50
CA THR S 111 -99.15 23.11 14.06
C THR S 111 -97.85 23.79 13.63
N THR S 112 -97.65 23.84 12.32
CA THR S 112 -96.59 24.65 11.72
C THR S 112 -97.05 26.08 11.43
N VAL S 113 -98.33 26.37 11.64
CA VAL S 113 -98.85 27.73 11.51
C VAL S 113 -98.11 28.67 12.47
N LEU S 114 -97.59 28.12 13.57
CA LEU S 114 -96.77 28.89 14.50
C LEU S 114 -95.70 29.71 13.79
N SER S 115 -95.08 29.13 12.75
CA SER S 115 -94.07 29.84 11.99
C SER S 115 -94.64 31.10 11.34
N LYS S 116 -95.82 30.99 10.72
CA LYS S 116 -96.47 32.15 10.12
C LYS S 116 -96.64 33.26 11.13
N GLN S 117 -97.12 32.91 12.33
CA GLN S 117 -97.34 33.91 13.36
C GLN S 117 -96.05 34.64 13.73
N LEU S 118 -94.93 33.91 13.80
CA LEU S 118 -93.66 34.54 14.09
C LEU S 118 -93.32 35.62 13.07
N GLU S 119 -93.37 35.27 11.78
CA GLU S 119 -93.00 36.24 10.75
C GLU S 119 -94.04 37.35 10.64
N LEU S 120 -95.29 37.08 11.03
CA LEU S 120 -96.30 38.14 11.07
C LEU S 120 -95.95 39.17 12.13
N VAL S 121 -95.68 38.72 13.35
CA VAL S 121 -95.27 39.63 14.41
C VAL S 121 -93.94 40.29 14.04
N LYS S 122 -93.02 39.50 13.48
CA LYS S 122 -91.76 40.05 12.98
C LYS S 122 -92.01 41.17 11.98
N HIS S 123 -92.95 40.95 11.04
CA HIS S 123 -93.28 41.98 10.08
C HIS S 123 -93.84 43.23 10.75
N VAL S 124 -94.64 43.05 11.81
CA VAL S 124 -95.18 44.18 12.53
C VAL S 124 -94.06 45.02 13.13
N LEU S 125 -93.03 44.37 13.66
CA LEU S 125 -91.92 45.12 14.24
C LEU S 125 -91.04 45.76 13.18
N GLU S 126 -90.87 45.11 12.03
CA GLU S 126 -90.06 45.69 10.96
C GLU S 126 -90.78 46.87 10.31
N GLN S 127 -92.05 46.69 9.97
CA GLN S 127 -92.78 47.73 9.26
C GLN S 127 -93.14 48.93 10.14
N SER S 128 -93.11 48.77 11.46
CA SER S 128 -93.48 49.85 12.35
C SER S 128 -92.31 50.75 12.72
N THR S 129 -91.11 50.43 12.27
CA THR S 129 -89.96 51.31 12.51
C THR S 129 -90.15 52.60 11.73
N PRO S 130 -90.00 53.78 12.36
CA PRO S 130 -89.61 54.02 13.75
C PRO S 130 -90.72 53.71 14.75
N TRP S 131 -90.34 53.00 15.83
CA TRP S 131 -91.32 52.48 16.77
C TRP S 131 -92.08 53.59 17.50
N GLN S 132 -91.48 54.76 17.63
CA GLN S 132 -92.07 55.81 18.46
C GLN S 132 -93.23 56.55 17.79
N GLU S 133 -93.52 56.27 16.51
CA GLU S 133 -94.65 56.87 15.84
C GLU S 133 -95.69 55.80 15.48
N GLN S 134 -96.95 56.18 15.52
CA GLN S 134 -98.03 55.28 15.14
C GLN S 134 -98.12 55.19 13.62
N SER S 135 -98.31 53.97 13.12
CA SER S 135 -98.29 53.73 11.68
C SER S 135 -99.31 52.65 11.34
N SER S 136 -99.32 52.24 10.07
CA SER S 136 -100.24 51.24 9.56
C SER S 136 -99.46 50.21 8.76
N VAL S 137 -99.87 48.95 8.83
CA VAL S 137 -99.16 47.84 8.23
C VAL S 137 -100.15 46.95 7.49
N SER S 138 -99.80 46.56 6.27
CA SER S 138 -100.56 45.58 5.51
C SER S 138 -99.87 44.23 5.54
N LEU S 139 -100.67 43.17 5.46
CA LEU S 139 -100.19 41.80 5.61
C LEU S 139 -100.59 40.98 4.40
N PRO S 140 -99.86 39.89 4.12
CA PRO S 140 -100.26 38.99 3.03
C PRO S 140 -101.59 38.32 3.35
N THR S 141 -102.47 38.27 2.34
CA THR S 141 -103.79 37.67 2.51
C THR S 141 -103.70 36.19 2.88
N VAL S 142 -102.70 35.49 2.34
CA VAL S 142 -102.56 34.06 2.60
C VAL S 142 -102.25 33.77 4.05
N LEU S 143 -101.80 34.77 4.81
CA LEU S 143 -101.47 34.59 6.21
C LEU S 143 -102.62 34.91 7.15
N LEU S 144 -103.62 35.66 6.69
CA LEU S 144 -104.72 36.08 7.56
C LEU S 144 -105.79 35.01 7.73
N GLY S 145 -105.74 33.92 6.95
CA GLY S 145 -106.68 32.84 7.12
C GLY S 145 -108.02 33.09 6.46
N ASP S 146 -108.94 32.16 6.68
CA ASP S 146 -110.27 32.26 6.08
C ASP S 146 -111.08 33.36 6.75
N CYS S 147 -111.07 33.40 8.07
CA CYS S 147 -111.90 34.34 8.84
C CYS S 147 -110.96 35.22 9.67
N TRP S 148 -110.62 36.40 9.12
CA TRP S 148 -109.77 37.36 9.81
C TRP S 148 -110.69 38.29 10.60
N ASP S 149 -110.83 38.02 11.89
CA ASP S 149 -111.67 38.80 12.79
C ASP S 149 -111.22 38.53 14.22
N GLU S 150 -111.98 39.02 15.19
CA GLU S 150 -111.63 38.82 16.59
C GLU S 150 -111.72 37.37 17.02
N LYS S 151 -112.11 36.47 16.12
CA LYS S 151 -112.10 35.03 16.38
C LYS S 151 -110.93 34.32 15.73
N ASN S 152 -110.13 35.03 14.93
CA ASN S 152 -108.89 34.45 14.42
C ASN S 152 -107.85 34.43 15.54
N PRO S 153 -107.13 33.33 15.73
CA PRO S 153 -106.15 33.27 16.83
C PRO S 153 -105.05 34.32 16.71
N THR S 154 -104.60 34.62 15.48
CA THR S 154 -103.55 35.62 15.32
C THR S 154 -104.06 37.02 15.66
N TRP S 155 -105.31 37.33 15.33
CA TRP S 155 -105.90 38.61 15.71
C TRP S 155 -105.91 38.78 17.22
N VAL S 156 -106.35 37.75 17.95
CA VAL S 156 -106.45 37.87 19.41
C VAL S 156 -105.06 37.98 20.02
N LEU S 157 -104.08 37.23 19.49
CA LEU S 157 -102.71 37.35 19.97
C LEU S 157 -102.19 38.76 19.78
N LEU S 158 -102.44 39.36 18.62
CA LEU S 158 -101.98 40.71 18.36
C LEU S 158 -102.78 41.75 19.14
N GLU S 159 -104.08 41.50 19.35
CA GLU S 159 -104.92 42.48 20.03
C GLU S 159 -104.50 42.67 21.49
N GLU S 160 -104.18 41.57 22.18
CA GLU S 160 -103.73 41.67 23.57
C GLU S 160 -102.34 42.28 23.70
N CYS S 161 -101.60 42.42 22.60
CA CYS S 161 -100.34 43.14 22.62
C CYS S 161 -100.54 44.65 22.66
N GLY S 162 -101.78 45.13 22.60
CA GLY S 162 -102.07 46.54 22.54
C GLY S 162 -102.28 47.08 21.15
N LEU S 163 -102.14 46.24 20.13
CA LEU S 163 -102.30 46.67 18.74
C LEU S 163 -103.78 46.79 18.40
N ARG S 164 -104.18 47.97 17.92
CA ARG S 164 -105.52 48.15 17.39
C ARG S 164 -105.56 47.60 15.97
N LEU S 165 -106.38 46.60 15.74
CA LEU S 165 -106.47 45.95 14.43
C LEU S 165 -107.78 46.31 13.76
N GLN S 166 -107.79 46.16 12.43
CA GLN S 166 -108.98 46.34 11.62
C GLN S 166 -108.98 45.27 10.53
N VAL S 167 -110.13 45.13 9.88
CA VAL S 167 -110.28 44.09 8.85
C VAL S 167 -109.67 44.56 7.53
N GLU S 168 -109.93 45.79 7.14
CA GLU S 168 -109.50 46.28 5.84
C GLU S 168 -108.03 46.67 5.87
N SER S 169 -107.37 46.54 4.72
CA SER S 169 -105.98 46.95 4.60
C SER S 169 -105.87 48.47 4.62
N PRO S 170 -104.94 49.05 5.38
CA PRO S 170 -103.96 48.36 6.24
C PRO S 170 -104.59 47.89 7.56
N GLN S 171 -104.30 46.65 7.94
CA GLN S 171 -105.01 46.01 9.04
C GLN S 171 -104.43 46.29 10.42
N VAL S 172 -103.15 46.63 10.50
CA VAL S 172 -102.45 46.77 11.78
C VAL S 172 -102.22 48.24 12.08
N HIS S 173 -102.56 48.67 13.29
CA HIS S 173 -102.24 50.00 13.79
C HIS S 173 -101.24 49.86 14.92
N TRP S 174 -100.00 50.27 14.67
CA TRP S 174 -98.94 50.16 15.66
C TRP S 174 -98.97 51.35 16.61
N GLU S 175 -98.72 51.09 17.89
CA GLU S 175 -98.67 52.11 18.93
C GLU S 175 -97.43 51.86 19.78
N PRO S 176 -96.63 52.90 20.08
CA PRO S 176 -95.40 52.67 20.85
C PRO S 176 -95.64 52.06 22.21
N THR S 177 -96.82 52.24 22.80
CA THR S 177 -97.14 51.60 24.07
C THR S 177 -97.23 50.08 23.94
N SER S 178 -97.31 49.55 22.73
CA SER S 178 -97.41 48.12 22.50
C SER S 178 -96.06 47.44 22.35
N LEU S 179 -94.96 48.19 22.50
CA LEU S 179 -93.64 47.63 22.24
C LEU S 179 -93.29 46.55 23.26
N ILE S 180 -93.48 46.84 24.55
CA ILE S 180 -93.07 45.91 25.59
C ILE S 180 -93.80 44.57 25.48
N PRO S 181 -95.13 44.51 25.34
CA PRO S 181 -95.77 43.18 25.21
C PRO S 181 -95.48 42.49 23.89
N THR S 182 -95.51 43.22 22.77
CA THR S 182 -95.31 42.60 21.46
C THR S 182 -93.96 41.92 21.36
N SER S 183 -92.89 42.57 21.84
CA SER S 183 -91.57 41.97 21.82
C SER S 183 -91.56 40.61 22.51
N ALA S 184 -92.21 40.51 23.67
CA ALA S 184 -92.29 39.24 24.39
C ALA S 184 -93.00 38.18 23.56
N LEU S 185 -94.11 38.53 22.91
CA LEU S 185 -94.81 37.58 22.06
C LEU S 185 -93.92 37.11 20.91
N TYR S 186 -93.20 38.04 20.30
CA TYR S 186 -92.25 37.69 19.24
C TYR S 186 -91.24 36.66 19.72
N ALA S 187 -90.57 36.93 20.85
CA ALA S 187 -89.59 36.00 21.38
C ALA S 187 -90.20 34.63 21.65
N SER S 188 -91.41 34.60 22.20
CA SER S 188 -92.09 33.33 22.44
C SER S 188 -92.28 32.55 21.14
N LEU S 189 -92.90 33.18 20.14
CA LEU S 189 -93.16 32.50 18.88
C LEU S 189 -91.88 32.01 18.22
N PHE S 190 -90.78 32.76 18.37
CA PHE S 190 -89.52 32.36 17.76
C PHE S 190 -88.99 31.08 18.42
N LEU S 191 -88.84 31.10 19.75
CA LEU S 191 -88.24 29.97 20.46
C LEU S 191 -89.12 28.73 20.38
N LEU S 192 -90.45 28.91 20.47
CA LEU S 192 -91.35 27.76 20.32
C LEU S 192 -91.22 27.14 18.93
N SER S 193 -91.09 27.97 17.90
CA SER S 193 -90.92 27.44 16.54
C SER S 193 -89.59 26.72 16.39
N SER S 194 -88.55 27.23 17.04
CA SER S 194 -87.23 26.62 16.94
C SER S 194 -87.16 25.26 17.63
N LEU S 195 -88.12 24.95 18.51
CA LEU S 195 -88.14 23.66 19.18
C LEU S 195 -88.85 22.58 18.38
N GLY S 196 -89.82 22.95 17.55
CA GLY S 196 -90.56 21.98 16.76
C GLY S 196 -90.03 21.75 15.35
N GLN S 197 -88.76 22.08 15.12
CA GLN S 197 -88.16 21.92 13.80
C GLN S 197 -87.23 20.72 13.73
N ASP T 1 -62.22 -2.38 -43.95
CA ASP T 1 -62.37 -0.93 -43.90
C ASP T 1 -61.42 -0.32 -42.87
N PHE T 2 -61.46 1.01 -42.73
CA PHE T 2 -60.54 1.69 -41.83
C PHE T 2 -60.92 1.49 -40.37
N GLN T 3 -62.22 1.48 -40.07
CA GLN T 3 -62.65 1.34 -38.69
C GLN T 3 -62.27 -0.02 -38.11
N GLY T 4 -62.25 -1.06 -38.94
CA GLY T 4 -61.78 -2.35 -38.48
C GLY T 4 -60.29 -2.37 -38.18
N LEU T 5 -59.51 -1.58 -38.92
CA LEU T 5 -58.09 -1.47 -38.63
C LEU T 5 -57.85 -0.69 -37.34
N TYR T 6 -58.57 0.41 -37.15
CA TYR T 6 -58.40 1.21 -35.94
C TYR T 6 -58.77 0.39 -34.69
N ALA T 7 -59.90 -0.32 -34.75
CA ALA T 7 -60.31 -1.12 -33.60
C ALA T 7 -59.32 -2.23 -33.31
N GLU T 8 -58.77 -2.85 -34.36
CA GLU T 8 -57.80 -3.92 -34.16
C GLU T 8 -56.52 -3.39 -33.52
N VAL T 9 -56.04 -2.22 -33.98
CA VAL T 9 -54.82 -1.65 -33.41
C VAL T 9 -55.09 -1.06 -32.04
N LYS T 10 -56.25 -0.41 -31.85
CA LYS T 10 -56.57 0.17 -30.55
C LYS T 10 -56.74 -0.90 -29.48
N ALA T 11 -57.37 -2.03 -29.83
CA ALA T 11 -57.53 -3.11 -28.86
C ALA T 11 -56.18 -3.66 -28.41
N CYS T 12 -55.24 -3.78 -29.33
CA CYS T 12 -53.89 -4.21 -28.96
C CYS T 12 -53.19 -3.15 -28.13
N SER T 13 -53.39 -1.86 -28.48
CA SER T 13 -52.76 -0.78 -27.73
C SER T 13 -53.40 -0.57 -26.36
N SER T 14 -54.62 -1.08 -26.15
CA SER T 14 -55.28 -0.89 -24.86
C SER T 14 -54.55 -1.63 -23.75
N GLU T 15 -54.11 -2.86 -24.02
CA GLU T 15 -53.40 -3.64 -23.02
C GLU T 15 -52.03 -3.06 -22.69
N LEU T 16 -51.44 -2.29 -23.60
CA LEU T 16 -50.19 -1.62 -23.31
C LEU T 16 -50.36 -0.47 -22.32
N GLU T 17 -51.56 0.10 -22.21
CA GLU T 17 -51.81 1.16 -21.25
C GLU T 17 -51.66 0.69 -19.81
N SER T 18 -51.78 -0.62 -19.56
CA SER T 18 -51.62 -1.16 -18.22
C SER T 18 -50.15 -1.38 -17.85
N LEU T 19 -49.23 -1.11 -18.77
CA LEU T 19 -47.81 -1.23 -18.49
C LEU T 19 -47.29 0.05 -17.84
N GLU T 20 -46.28 -0.10 -16.98
CA GLU T 20 -45.71 1.04 -16.29
C GLU T 20 -45.16 2.07 -17.27
N MET T 21 -45.22 3.34 -16.87
CA MET T 21 -44.77 4.43 -17.74
C MET T 21 -43.30 4.27 -18.10
N GLU T 22 -42.47 3.91 -17.12
CA GLU T 22 -41.04 3.74 -17.41
C GLU T 22 -40.80 2.60 -18.39
N LEU T 23 -41.61 1.54 -18.29
CA LEU T 23 -41.46 0.42 -19.21
C LEU T 23 -41.95 0.77 -20.62
N ARG T 24 -42.99 1.59 -20.73
CA ARG T 24 -43.42 2.03 -22.06
C ARG T 24 -42.38 2.94 -22.70
N GLN T 25 -41.64 3.70 -21.88
CA GLN T 25 -40.55 4.50 -22.43
C GLN T 25 -39.38 3.62 -22.85
N GLN T 26 -39.11 2.55 -22.09
CA GLN T 26 -38.06 1.62 -22.48
C GLN T 26 -38.38 0.93 -23.79
N ILE T 27 -39.63 0.48 -23.95
CA ILE T 27 -40.03 -0.15 -25.21
C ILE T 27 -39.92 0.83 -26.36
N LEU T 28 -40.37 2.07 -26.15
CA LEU T 28 -40.38 3.05 -27.24
C LEU T 28 -38.97 3.43 -27.66
N VAL T 29 -38.09 3.71 -26.69
CA VAL T 29 -36.73 4.13 -27.02
C VAL T 29 -35.96 3.01 -27.71
N ASN T 30 -36.05 1.79 -27.18
CA ASN T 30 -35.29 0.68 -27.75
C ASN T 30 -35.89 0.16 -29.05
N ILE T 31 -37.19 0.37 -29.29
CA ILE T 31 -37.73 0.10 -30.61
C ILE T 31 -37.13 1.07 -31.63
N GLY T 32 -36.99 2.34 -31.25
CA GLY T 32 -36.31 3.28 -32.11
C GLY T 32 -34.87 2.91 -32.40
N LYS T 33 -34.23 2.16 -31.49
CA LYS T 33 -32.87 1.70 -31.73
C LYS T 33 -32.85 0.53 -32.71
N ILE T 34 -33.69 -0.48 -32.48
CA ILE T 34 -33.73 -1.63 -33.37
C ILE T 34 -34.36 -1.28 -34.71
N LEU T 35 -35.03 -0.13 -34.81
CA LEU T 35 -35.60 0.31 -36.08
C LEU T 35 -34.51 0.55 -37.11
N GLN T 36 -33.26 0.73 -36.68
CA GLN T 36 -32.11 0.84 -37.56
C GLN T 36 -31.34 -0.48 -37.66
N ASP T 37 -31.98 -1.60 -37.33
CA ASP T 37 -31.35 -2.92 -37.33
C ASP T 37 -32.44 -3.95 -37.61
N GLN T 38 -32.71 -4.18 -38.90
CA GLN T 38 -33.73 -5.14 -39.28
C GLN T 38 -33.45 -6.57 -38.80
N PRO T 39 -32.21 -7.10 -38.85
CA PRO T 39 -32.00 -8.44 -38.30
C PRO T 39 -32.41 -8.58 -36.84
N SER T 40 -32.33 -7.50 -36.05
CA SER T 40 -32.75 -7.59 -34.65
C SER T 40 -34.27 -7.61 -34.54
N MET T 41 -34.96 -6.87 -35.40
CA MET T 41 -36.43 -6.90 -35.39
C MET T 41 -36.94 -8.26 -35.83
N GLU T 42 -36.35 -8.83 -36.89
CA GLU T 42 -36.73 -10.17 -37.32
C GLU T 42 -36.45 -11.20 -36.23
N ALA T 43 -35.33 -11.06 -35.52
CA ALA T 43 -35.03 -11.96 -34.42
C ALA T 43 -36.03 -11.79 -33.28
N LEU T 44 -36.44 -10.55 -33.01
CA LEU T 44 -37.40 -10.31 -31.93
C LEU T 44 -38.79 -10.83 -32.29
N GLU T 45 -39.19 -10.71 -33.56
CA GLU T 45 -40.44 -11.31 -34.01
C GLU T 45 -40.44 -12.82 -33.77
N ALA T 46 -39.37 -13.50 -34.16
CA ALA T 46 -39.32 -14.95 -33.99
C ALA T 46 -39.40 -15.33 -32.52
N SER T 47 -38.69 -14.60 -31.65
CA SER T 47 -38.75 -14.88 -30.21
C SER T 47 -40.16 -14.66 -29.67
N LEU T 48 -40.78 -13.53 -30.04
CA LEU T 48 -42.12 -13.24 -29.55
C LEU T 48 -43.15 -14.18 -30.16
N GLY T 49 -43.02 -14.50 -31.45
CA GLY T 49 -43.95 -15.42 -32.08
C GLY T 49 -43.83 -16.83 -31.51
N GLN T 50 -42.61 -17.26 -31.21
CA GLN T 50 -42.42 -18.58 -30.62
C GLN T 50 -42.95 -18.62 -29.20
N GLY T 51 -42.75 -17.56 -28.43
CA GLY T 51 -43.20 -17.54 -27.05
C GLY T 51 -44.70 -17.44 -26.89
N LEU T 52 -45.37 -16.76 -27.83
CA LEU T 52 -46.82 -16.64 -27.75
C LEU T 52 -47.51 -17.95 -28.12
N CYS T 53 -46.94 -18.68 -29.07
CA CYS T 53 -47.54 -19.94 -29.50
C CYS T 53 -47.25 -21.08 -28.53
N SER T 54 -46.02 -21.13 -28.01
CA SER T 54 -45.63 -22.25 -27.17
C SER T 54 -46.03 -22.03 -25.71
N GLY T 55 -45.91 -20.80 -25.23
CA GLY T 55 -46.15 -20.52 -23.83
C GLY T 55 -45.00 -20.84 -22.91
N GLY T 56 -43.85 -21.23 -23.45
CA GLY T 56 -42.69 -21.57 -22.65
C GLY T 56 -41.79 -20.38 -22.39
N GLN T 57 -40.58 -20.67 -21.94
CA GLN T 57 -39.61 -19.64 -21.60
C GLN T 57 -38.85 -19.20 -22.85
N VAL T 58 -38.69 -17.88 -22.99
CA VAL T 58 -37.94 -17.30 -24.09
C VAL T 58 -36.55 -16.92 -23.60
N GLU T 59 -35.53 -17.29 -24.37
CA GLU T 59 -34.16 -16.98 -23.97
C GLU T 59 -33.87 -15.50 -24.23
N PRO T 60 -33.18 -14.83 -23.31
CA PRO T 60 -32.94 -13.39 -23.45
C PRO T 60 -32.10 -13.06 -24.67
N LEU T 61 -32.33 -11.86 -25.21
CA LEU T 61 -31.58 -11.32 -26.33
C LEU T 61 -30.71 -10.18 -25.83
N ASP T 62 -29.72 -9.81 -26.64
CA ASP T 62 -28.77 -8.77 -26.28
C ASP T 62 -29.12 -7.46 -26.98
N GLY T 63 -28.63 -6.38 -26.41
CA GLY T 63 -28.82 -5.05 -26.97
C GLY T 63 -30.23 -4.54 -26.77
N PRO T 64 -30.67 -3.63 -27.66
CA PRO T 64 -32.02 -3.06 -27.50
C PRO T 64 -33.13 -4.09 -27.65
N ALA T 65 -32.92 -5.14 -28.45
CA ALA T 65 -33.91 -6.20 -28.56
C ALA T 65 -34.15 -6.87 -27.21
N GLY T 66 -33.09 -7.03 -26.41
CA GLY T 66 -33.25 -7.58 -25.09
C GLY T 66 -33.89 -6.61 -24.11
N CYS T 67 -33.61 -5.32 -24.26
CA CYS T 67 -34.26 -4.31 -23.42
C CYS T 67 -35.76 -4.26 -23.68
N ILE T 68 -36.17 -4.49 -24.92
CA ILE T 68 -37.60 -4.59 -25.24
C ILE T 68 -38.19 -5.86 -24.63
N LEU T 69 -37.46 -6.97 -24.73
CA LEU T 69 -37.97 -8.25 -24.23
C LEU T 69 -38.12 -8.26 -22.72
N GLU T 70 -37.31 -7.49 -22.00
CA GLU T 70 -37.43 -7.39 -20.55
C GLU T 70 -38.82 -6.90 -20.13
N CYS T 71 -39.45 -6.06 -20.94
CA CYS T 71 -40.75 -5.47 -20.61
C CYS T 71 -41.92 -6.37 -20.95
N LEU T 72 -41.68 -7.60 -21.41
CA LEU T 72 -42.74 -8.49 -21.85
C LEU T 72 -42.69 -9.87 -21.21
N VAL T 73 -41.78 -10.09 -20.26
CA VAL T 73 -41.57 -11.43 -19.70
C VAL T 73 -41.76 -11.40 -18.19
N LEU T 74 -42.18 -12.54 -17.64
CA LEU T 74 -42.30 -12.72 -16.20
C LEU T 74 -40.96 -13.06 -15.58
N ASP T 75 -40.96 -13.21 -14.25
CA ASP T 75 -39.78 -13.70 -13.54
C ASP T 75 -39.49 -15.14 -13.93
N SER T 76 -40.53 -15.95 -14.13
CA SER T 76 -40.37 -17.34 -14.51
C SER T 76 -39.97 -17.53 -15.96
N GLY T 77 -39.96 -16.46 -16.75
CA GLY T 77 -39.50 -16.50 -18.12
C GLY T 77 -40.60 -16.50 -19.16
N GLU T 78 -41.84 -16.80 -18.76
CA GLU T 78 -42.94 -16.84 -19.71
C GLU T 78 -43.29 -15.43 -20.20
N LEU T 79 -43.78 -15.36 -21.43
CA LEU T 79 -44.29 -14.09 -21.95
C LEU T 79 -45.61 -13.74 -21.28
N VAL T 80 -45.86 -12.44 -21.15
CA VAL T 80 -47.17 -11.93 -20.79
C VAL T 80 -47.96 -11.77 -22.09
N PRO T 81 -48.93 -12.64 -22.37
CA PRO T 81 -49.61 -12.57 -23.68
C PRO T 81 -50.27 -11.23 -23.96
N GLU T 82 -50.85 -10.60 -22.93
CA GLU T 82 -51.50 -9.31 -23.12
C GLU T 82 -50.51 -8.23 -23.52
N LEU T 83 -49.24 -8.38 -23.14
CA LEU T 83 -48.20 -7.41 -23.45
C LEU T 83 -47.36 -7.79 -24.67
N ALA T 84 -47.04 -9.07 -24.83
CA ALA T 84 -46.15 -9.48 -25.92
C ALA T 84 -46.87 -9.43 -27.26
N ALA T 85 -48.16 -9.78 -27.29
CA ALA T 85 -48.91 -9.82 -28.55
C ALA T 85 -48.94 -8.49 -29.28
N PRO T 86 -49.23 -7.34 -28.64
CA PRO T 86 -49.21 -6.08 -29.38
C PRO T 86 -47.84 -5.72 -29.94
N ILE T 87 -46.76 -6.06 -29.22
CA ILE T 87 -45.43 -5.78 -29.75
C ILE T 87 -45.13 -6.62 -30.98
N PHE T 88 -45.55 -7.90 -30.96
CA PHE T 88 -45.42 -8.74 -32.15
C PHE T 88 -46.26 -8.19 -33.30
N TYR T 89 -47.41 -7.60 -32.97
CA TYR T 89 -48.23 -6.95 -34.00
C TYR T 89 -47.53 -5.74 -34.58
N LEU T 90 -46.87 -4.94 -33.73
CA LEU T 90 -46.18 -3.74 -34.20
C LEU T 90 -44.99 -4.11 -35.08
N LEU T 91 -44.19 -5.08 -34.65
CA LEU T 91 -43.00 -5.46 -35.41
C LEU T 91 -43.36 -6.01 -36.78
N GLY T 92 -44.49 -6.71 -36.89
CA GLY T 92 -44.96 -7.15 -38.19
C GLY T 92 -45.35 -6.01 -39.10
N ALA T 93 -45.92 -4.94 -38.54
CA ALA T 93 -46.26 -3.77 -39.34
C ALA T 93 -45.01 -2.98 -39.73
N LEU T 94 -44.00 -2.97 -38.86
CA LEU T 94 -42.75 -2.29 -39.20
C LEU T 94 -41.95 -3.08 -40.22
N ALA T 95 -42.07 -4.42 -40.21
CA ALA T 95 -41.37 -5.23 -41.21
C ALA T 95 -41.93 -5.01 -42.60
N VAL T 96 -43.21 -4.62 -42.70
CA VAL T 96 -43.80 -4.32 -44.00
C VAL T 96 -43.20 -3.03 -44.57
N LEU T 97 -42.84 -2.09 -43.71
CA LEU T 97 -42.30 -0.82 -44.16
C LEU T 97 -40.90 -0.99 -44.74
N SER T 98 -40.45 0.04 -45.45
CA SER T 98 -39.15 0.04 -46.11
C SER T 98 -38.07 0.54 -45.15
N GLU T 99 -36.81 0.29 -45.53
CA GLU T 99 -35.69 0.72 -44.69
C GLU T 99 -35.65 2.24 -44.54
N THR T 100 -35.98 2.97 -45.62
CA THR T 100 -36.03 4.42 -45.52
C THR T 100 -37.10 4.87 -44.54
N GLN T 101 -38.29 4.24 -44.61
CA GLN T 101 -39.34 4.55 -43.65
C GLN T 101 -38.94 4.16 -42.23
N GLN T 102 -38.23 3.02 -42.08
CA GLN T 102 -37.80 2.61 -40.75
C GLN T 102 -36.81 3.60 -40.16
N GLN T 103 -35.86 4.09 -40.97
CA GLN T 103 -34.89 5.06 -40.47
C GLN T 103 -35.58 6.39 -40.13
N LEU T 104 -36.53 6.81 -40.97
CA LEU T 104 -37.24 8.05 -40.70
C LEU T 104 -38.08 7.96 -39.44
N LEU T 105 -38.76 6.83 -39.24
CA LEU T 105 -39.54 6.66 -38.01
C LEU T 105 -38.67 6.65 -36.78
N ALA T 106 -37.46 6.10 -36.88
CA ALA T 106 -36.53 6.13 -35.76
C ALA T 106 -36.16 7.57 -35.40
N LYS T 107 -36.19 8.48 -36.38
CA LYS T 107 -35.95 9.89 -36.10
C LYS T 107 -37.16 10.55 -35.44
N ALA T 108 -38.37 10.13 -35.84
CA ALA T 108 -39.59 10.79 -35.37
C ALA T 108 -40.04 10.33 -34.00
N LEU T 109 -39.60 9.15 -33.54
CA LEU T 109 -39.97 8.67 -32.21
C LEU T 109 -39.49 9.61 -31.12
N GLU T 110 -38.33 10.24 -31.32
CA GLU T 110 -37.71 11.13 -30.36
C GLU T 110 -38.36 12.51 -30.32
N THR T 111 -39.46 12.71 -31.06
CA THR T 111 -40.10 14.02 -31.18
C THR T 111 -41.60 13.85 -31.06
N THR T 112 -42.32 14.98 -31.20
CA THR T 112 -43.77 14.98 -31.18
C THR T 112 -44.40 14.98 -32.57
N VAL T 113 -43.58 15.08 -33.62
CA VAL T 113 -44.08 15.00 -34.99
C VAL T 113 -44.71 13.63 -35.24
N LEU T 114 -44.29 12.61 -34.49
CA LEU T 114 -44.91 11.28 -34.59
C LEU T 114 -46.42 11.35 -34.55
N SER T 115 -46.98 12.16 -33.65
CA SER T 115 -48.43 12.34 -33.59
C SER T 115 -48.95 12.96 -34.88
N LYS T 116 -48.29 14.02 -35.36
CA LYS T 116 -48.70 14.69 -36.58
C LYS T 116 -48.74 13.73 -37.76
N GLN T 117 -47.69 12.93 -37.94
CA GLN T 117 -47.63 12.00 -39.06
C GLN T 117 -48.75 10.97 -38.98
N LEU T 118 -49.04 10.46 -37.79
CA LEU T 118 -50.13 9.51 -37.62
C LEU T 118 -51.45 10.11 -38.09
N GLU T 119 -51.75 11.33 -37.65
CA GLU T 119 -53.01 11.97 -37.99
C GLU T 119 -53.09 12.28 -39.48
N LEU T 120 -51.94 12.48 -40.12
CA LEU T 120 -51.93 12.64 -41.58
C LEU T 120 -52.28 11.33 -42.28
N VAL T 121 -51.62 10.24 -41.89
CA VAL T 121 -51.89 8.94 -42.51
C VAL T 121 -53.32 8.49 -42.23
N LYS T 122 -53.81 8.71 -41.01
CA LYS T 122 -55.20 8.41 -40.70
C LYS T 122 -56.14 9.17 -41.65
N HIS T 123 -55.87 10.46 -41.86
CA HIS T 123 -56.68 11.25 -42.78
C HIS T 123 -56.64 10.68 -44.19
N VAL T 124 -55.47 10.19 -44.60
CA VAL T 124 -55.34 9.58 -45.93
C VAL T 124 -56.28 8.38 -46.05
N LEU T 125 -56.40 7.60 -44.97
CA LEU T 125 -57.27 6.42 -45.03
C LEU T 125 -58.75 6.79 -45.02
N GLU T 126 -59.12 7.85 -44.30
CA GLU T 126 -60.51 8.29 -44.30
C GLU T 126 -60.88 8.94 -45.63
N GLN T 127 -60.01 9.82 -46.15
CA GLN T 127 -60.33 10.57 -47.35
C GLN T 127 -60.31 9.69 -48.60
N SER T 128 -59.64 8.54 -48.55
CA SER T 128 -59.52 7.65 -49.69
C SER T 128 -60.63 6.61 -49.79
N THR T 129 -61.56 6.57 -48.84
CA THR T 129 -62.66 5.61 -48.92
C THR T 129 -63.56 5.96 -50.10
N PRO T 130 -63.88 4.99 -50.98
CA PRO T 130 -63.52 3.56 -51.01
C PRO T 130 -62.08 3.29 -51.46
N TRP T 131 -61.37 2.40 -50.75
CA TRP T 131 -59.95 2.17 -51.02
C TRP T 131 -59.69 1.61 -52.41
N GLN T 132 -60.67 0.94 -53.02
CA GLN T 132 -60.46 0.29 -54.32
C GLN T 132 -60.47 1.27 -55.47
N GLU T 133 -60.68 2.56 -55.21
CA GLU T 133 -60.66 3.59 -56.25
C GLU T 133 -59.43 4.48 -56.08
N GLN T 134 -58.77 4.79 -57.21
CA GLN T 134 -57.74 5.81 -57.19
C GLN T 134 -58.39 7.16 -56.95
N SER T 135 -57.76 7.98 -56.09
CA SER T 135 -58.37 9.23 -55.68
C SER T 135 -57.29 10.27 -55.42
N SER T 136 -57.74 11.51 -55.26
CA SER T 136 -56.90 12.64 -54.89
C SER T 136 -57.32 13.15 -53.51
N VAL T 137 -56.34 13.58 -52.73
CA VAL T 137 -56.57 14.00 -51.35
C VAL T 137 -55.87 15.33 -51.12
N SER T 138 -56.62 16.30 -50.59
CA SER T 138 -56.03 17.56 -50.14
C SER T 138 -55.65 17.45 -48.67
N LEU T 139 -54.61 18.21 -48.30
CA LEU T 139 -54.08 18.10 -46.94
C LEU T 139 -54.13 19.45 -46.23
N PRO T 140 -54.32 19.45 -44.92
CA PRO T 140 -54.20 20.70 -44.15
C PRO T 140 -52.76 21.19 -44.12
N THR T 141 -52.58 22.49 -44.31
CA THR T 141 -51.25 23.07 -44.35
C THR T 141 -50.56 22.99 -42.99
N VAL T 142 -51.33 22.88 -41.91
CA VAL T 142 -50.76 22.94 -40.57
C VAL T 142 -49.81 21.78 -40.29
N LEU T 143 -49.94 20.68 -41.04
CA LEU T 143 -49.12 19.50 -40.81
C LEU T 143 -48.01 19.33 -41.85
N LEU T 144 -47.83 20.30 -42.73
CA LEU T 144 -46.80 20.22 -43.76
C LEU T 144 -45.47 20.84 -43.33
N GLY T 145 -45.43 21.53 -42.20
CA GLY T 145 -44.19 22.09 -41.71
C GLY T 145 -43.81 23.37 -42.44
N ASP T 146 -42.53 23.74 -42.28
CA ASP T 146 -42.04 24.95 -42.91
C ASP T 146 -41.83 24.77 -44.41
N CYS T 147 -41.28 23.62 -44.81
CA CYS T 147 -40.96 23.35 -46.20
C CYS T 147 -41.58 22.02 -46.60
N TRP T 148 -42.41 22.05 -47.64
CA TRP T 148 -43.08 20.87 -48.17
C TRP T 148 -42.44 20.56 -49.52
N ASP T 149 -41.57 19.55 -49.55
CA ASP T 149 -40.86 19.17 -50.77
C ASP T 149 -40.42 17.71 -50.63
N GLU T 150 -39.68 17.24 -51.63
CA GLU T 150 -39.24 15.85 -51.65
C GLU T 150 -38.22 15.53 -50.55
N LYS T 151 -37.64 16.55 -49.91
CA LYS T 151 -36.74 16.35 -48.79
C LYS T 151 -37.46 16.34 -47.45
N ASN T 152 -38.74 16.73 -47.42
CA ASN T 152 -39.50 16.69 -46.18
C ASN T 152 -39.66 15.24 -45.74
N PRO T 153 -39.44 14.92 -44.46
CA PRO T 153 -39.58 13.52 -44.03
C PRO T 153 -40.96 12.93 -44.23
N THR T 154 -42.01 13.74 -44.03
CA THR T 154 -43.36 13.23 -44.25
C THR T 154 -43.62 12.97 -45.73
N TRP T 155 -43.08 13.81 -46.60
CA TRP T 155 -43.17 13.57 -48.04
C TRP T 155 -42.56 12.22 -48.39
N VAL T 156 -41.37 11.95 -47.87
CA VAL T 156 -40.68 10.69 -48.18
C VAL T 156 -41.46 9.51 -47.60
N LEU T 157 -42.02 9.68 -46.41
CA LEU T 157 -42.85 8.62 -45.81
C LEU T 157 -44.03 8.28 -46.71
N LEU T 158 -44.70 9.30 -47.24
CA LEU T 158 -45.87 9.06 -48.09
C LEU T 158 -45.46 8.50 -49.45
N GLU T 159 -44.32 8.97 -49.99
CA GLU T 159 -43.89 8.50 -51.29
C GLU T 159 -43.45 7.05 -51.23
N GLU T 160 -42.80 6.64 -50.13
CA GLU T 160 -42.34 5.27 -50.00
C GLU T 160 -43.50 4.28 -49.90
N CYS T 161 -44.71 4.75 -49.64
CA CYS T 161 -45.88 3.89 -49.75
C CYS T 161 -46.32 3.71 -51.20
N GLY T 162 -45.73 4.44 -52.13
CA GLY T 162 -46.17 4.43 -53.51
C GLY T 162 -47.13 5.54 -53.91
N LEU T 163 -47.22 6.60 -53.11
CA LEU T 163 -48.17 7.69 -53.36
C LEU T 163 -47.51 8.77 -54.19
N ARG T 164 -48.22 9.25 -55.20
CA ARG T 164 -47.76 10.40 -55.99
C ARG T 164 -48.05 11.69 -55.22
N LEU T 165 -47.02 12.50 -55.03
CA LEU T 165 -47.13 13.71 -54.24
C LEU T 165 -46.84 14.94 -55.10
N GLN T 166 -47.31 16.08 -54.60
CA GLN T 166 -47.09 17.37 -55.25
C GLN T 166 -47.24 18.46 -54.20
N VAL T 167 -46.85 19.68 -54.57
CA VAL T 167 -46.87 20.78 -53.60
C VAL T 167 -48.27 21.36 -53.47
N GLU T 168 -48.93 21.62 -54.59
CA GLU T 168 -50.23 22.26 -54.58
C GLU T 168 -51.35 21.26 -54.33
N SER T 169 -52.44 21.75 -53.76
CA SER T 169 -53.61 20.93 -53.52
C SER T 169 -54.28 20.56 -54.84
N PRO T 170 -54.68 19.30 -55.03
CA PRO T 170 -54.54 18.21 -54.06
C PRO T 170 -53.12 17.65 -54.01
N GLN T 171 -52.54 17.61 -52.81
CA GLN T 171 -51.13 17.25 -52.65
C GLN T 171 -50.89 15.75 -52.79
N VAL T 172 -51.88 14.90 -52.53
CA VAL T 172 -51.70 13.46 -52.47
C VAL T 172 -52.56 12.81 -53.55
N HIS T 173 -51.94 11.93 -54.35
CA HIS T 173 -52.64 11.07 -55.29
C HIS T 173 -52.61 9.64 -54.74
N TRP T 174 -53.78 9.10 -54.43
CA TRP T 174 -53.89 7.78 -53.82
C TRP T 174 -53.91 6.70 -54.89
N GLU T 175 -53.09 5.67 -54.69
CA GLU T 175 -53.03 4.50 -55.56
C GLU T 175 -53.34 3.25 -54.75
N PRO T 176 -54.23 2.37 -55.25
CA PRO T 176 -54.66 1.23 -54.43
C PRO T 176 -53.54 0.25 -54.08
N THR T 177 -52.47 0.19 -54.86
CA THR T 177 -51.34 -0.66 -54.52
C THR T 177 -50.65 -0.24 -53.23
N SER T 178 -50.94 0.96 -52.73
CA SER T 178 -50.33 1.48 -51.52
C SER T 178 -51.10 1.12 -50.26
N LEU T 179 -52.18 0.34 -50.37
CA LEU T 179 -53.03 0.10 -49.21
C LEU T 179 -52.30 -0.71 -48.14
N ILE T 180 -51.68 -1.83 -48.54
CA ILE T 180 -51.01 -2.69 -47.57
C ILE T 180 -49.89 -1.96 -46.83
N PRO T 181 -48.98 -1.25 -47.50
CA PRO T 181 -47.96 -0.51 -46.73
C PRO T 181 -48.52 0.65 -45.93
N THR T 182 -49.44 1.44 -46.53
CA THR T 182 -50.00 2.58 -45.81
C THR T 182 -50.73 2.15 -44.55
N SER T 183 -51.56 1.10 -44.67
CA SER T 183 -52.24 0.56 -43.49
C SER T 183 -51.24 0.17 -42.40
N ALA T 184 -50.17 -0.51 -42.79
CA ALA T 184 -49.13 -0.86 -41.83
C ALA T 184 -48.49 0.39 -41.22
N LEU T 185 -48.22 1.40 -42.04
CA LEU T 185 -47.68 2.65 -41.53
C LEU T 185 -48.62 3.29 -40.51
N TYR T 186 -49.92 3.30 -40.80
CA TYR T 186 -50.90 3.80 -39.83
C TYR T 186 -50.81 3.05 -38.51
N ALA T 187 -50.85 1.72 -38.57
CA ALA T 187 -50.75 0.90 -37.36
C ALA T 187 -49.46 1.18 -36.62
N SER T 188 -48.34 1.33 -37.35
CA SER T 188 -47.07 1.67 -36.72
C SER T 188 -47.16 2.99 -35.98
N LEU T 189 -47.58 4.05 -36.68
CA LEU T 189 -47.67 5.37 -36.06
C LEU T 189 -48.64 5.37 -34.89
N PHE T 190 -49.71 4.56 -34.95
CA PHE T 190 -50.66 4.50 -33.86
C PHE T 190 -50.02 3.91 -32.60
N LEU T 191 -49.42 2.73 -32.72
CA LEU T 191 -48.85 2.07 -31.54
C LEU T 191 -47.67 2.86 -30.97
N LEU T 192 -46.85 3.44 -31.84
CA LEU T 192 -45.75 4.27 -31.37
C LEU T 192 -46.26 5.50 -30.62
N SER T 193 -47.32 6.14 -31.13
CA SER T 193 -47.89 7.30 -30.44
C SER T 193 -48.54 6.88 -29.13
N SER T 194 -49.17 5.71 -29.10
CA SER T 194 -49.83 5.25 -27.88
C SER T 194 -48.84 4.90 -26.78
N LEU T 195 -47.56 4.74 -27.12
CA LEU T 195 -46.55 4.45 -26.11
C LEU T 195 -46.02 5.70 -25.43
N GLY T 196 -46.05 6.84 -26.12
CA GLY T 196 -45.57 8.09 -25.56
C GLY T 196 -46.65 8.92 -24.91
N GLN T 197 -47.74 8.28 -24.49
CA GLN T 197 -48.86 8.99 -23.88
C GLN T 197 -48.88 8.79 -22.37
N THR U 1 -105.72 47.66 -20.00
CA THR U 1 -105.15 48.96 -20.35
C THR U 1 -103.97 48.79 -21.32
N LEU U 2 -104.10 47.85 -22.24
CA LEU U 2 -103.11 47.62 -23.29
C LEU U 2 -103.73 47.99 -24.63
N LYS U 3 -103.15 49.00 -25.28
CA LYS U 3 -103.60 49.37 -26.62
C LYS U 3 -103.21 48.28 -27.60
N LEU U 4 -104.19 47.76 -28.33
CA LEU U 4 -104.00 46.58 -29.15
C LEU U 4 -103.38 46.94 -30.50
N CYS U 5 -102.97 45.89 -31.22
CA CYS U 5 -102.47 46.04 -32.58
C CYS U 5 -103.64 46.02 -33.56
N SER U 6 -103.61 46.94 -34.51
CA SER U 6 -104.68 47.05 -35.48
C SER U 6 -104.66 45.86 -36.44
N PRO U 7 -105.83 45.36 -36.87
CA PRO U 7 -105.83 44.25 -37.82
C PRO U 7 -105.18 44.58 -39.16
N GLU U 8 -104.97 45.87 -39.47
CA GLU U 8 -104.27 46.22 -40.70
C GLU U 8 -102.81 45.80 -40.62
N GLU U 9 -102.12 46.22 -39.56
CA GLU U 9 -100.73 45.79 -39.36
C GLU U 9 -100.63 44.29 -39.09
N PHE U 10 -101.71 43.67 -38.62
CA PHE U 10 -101.71 42.22 -38.42
C PHE U 10 -101.59 41.49 -39.75
N THR U 11 -102.42 41.85 -40.73
CA THR U 11 -102.32 41.23 -42.04
C THR U 11 -101.14 41.75 -42.84
N ARG U 12 -100.65 42.95 -42.51
CA ARG U 12 -99.50 43.50 -43.23
C ARG U 12 -98.25 42.68 -42.95
N LEU U 13 -97.99 42.39 -41.67
CA LEU U 13 -96.81 41.61 -41.29
C LEU U 13 -96.98 40.13 -41.61
N CYS U 14 -98.21 39.62 -41.62
CA CYS U 14 -98.42 38.22 -41.95
C CYS U 14 -98.11 37.92 -43.41
N ARG U 15 -98.18 38.92 -44.28
CA ARG U 15 -97.93 38.73 -45.71
C ARG U 15 -96.53 39.14 -46.13
N GLU U 16 -96.09 40.33 -45.73
CA GLU U 16 -94.85 40.89 -46.27
C GLU U 16 -93.63 40.11 -45.81
N LYS U 17 -93.59 39.74 -44.52
CA LYS U 17 -92.44 39.05 -43.94
C LYS U 17 -92.90 37.74 -43.28
N THR U 18 -93.52 36.88 -44.09
CA THR U 18 -94.05 35.62 -43.57
C THR U 18 -92.93 34.72 -43.06
N GLN U 19 -91.73 34.83 -43.62
CA GLN U 19 -90.62 33.97 -43.22
C GLN U 19 -89.94 34.47 -41.96
N GLU U 20 -90.13 35.73 -41.60
CA GLU U 20 -89.45 36.34 -40.47
C GLU U 20 -90.29 36.43 -39.21
N ILE U 21 -91.57 36.07 -39.27
CA ILE U 21 -92.41 36.14 -38.09
C ILE U 21 -92.98 34.76 -37.80
N TYR U 22 -93.24 34.51 -36.52
CA TYR U 22 -93.87 33.27 -36.08
C TYR U 22 -95.36 33.30 -36.42
N PRO U 23 -95.90 32.22 -37.00
CA PRO U 23 -97.33 32.24 -37.36
C PRO U 23 -98.22 32.24 -36.13
N ILE U 24 -99.28 33.04 -36.19
CA ILE U 24 -100.23 33.20 -35.10
C ILE U 24 -101.52 32.49 -35.49
N LYS U 25 -102.00 31.61 -34.62
CA LYS U 25 -103.26 30.92 -34.86
C LYS U 25 -104.43 31.86 -34.63
N GLU U 26 -105.47 31.69 -35.43
CA GLU U 26 -106.66 32.53 -35.32
C GLU U 26 -107.33 32.33 -33.96
N ALA U 27 -107.87 33.43 -33.43
CA ALA U 27 -108.47 33.46 -32.09
C ALA U 27 -109.75 32.64 -31.99
N ASN U 28 -110.15 31.95 -33.04
CA ASN U 28 -111.40 31.19 -33.02
C ASN U 28 -111.30 29.98 -32.10
N GLY U 29 -110.69 28.91 -32.60
CA GLY U 29 -110.50 27.70 -31.81
C GLY U 29 -109.17 27.65 -31.09
N ARG U 30 -108.65 28.82 -30.72
CA ARG U 30 -107.33 28.92 -30.10
C ARG U 30 -107.44 28.74 -28.59
N THR U 31 -106.49 27.99 -28.03
CA THR U 31 -106.46 27.69 -26.59
C THR U 31 -105.04 27.94 -26.05
N ARG U 32 -104.65 29.22 -26.04
CA ARG U 32 -103.35 29.57 -25.49
C ARG U 32 -103.30 29.29 -23.99
N LYS U 33 -102.26 28.60 -23.55
CA LYS U 33 -102.05 28.29 -22.15
C LYS U 33 -100.69 28.81 -21.71
N ALA U 34 -100.64 29.39 -20.51
CA ALA U 34 -99.40 29.88 -19.92
C ALA U 34 -99.30 29.41 -18.48
N LEU U 35 -98.07 29.29 -18.00
CA LEU U 35 -97.80 28.76 -16.66
C LEU U 35 -97.03 29.78 -15.84
N ILE U 36 -97.49 30.04 -14.62
CA ILE U 36 -96.81 30.91 -13.66
C ILE U 36 -96.53 30.08 -12.41
N ILE U 37 -95.26 30.01 -12.03
CA ILE U 37 -94.84 29.32 -10.81
C ILE U 37 -94.16 30.33 -9.90
N CYS U 38 -94.73 30.55 -8.72
CA CYS U 38 -94.20 31.52 -7.76
C CYS U 38 -94.29 30.95 -6.36
N ASN U 39 -93.17 30.98 -5.64
CA ASN U 39 -93.11 30.53 -4.25
C ASN U 39 -92.86 31.72 -3.33
N THR U 40 -93.72 31.87 -2.33
CA THR U 40 -93.63 32.96 -1.35
C THR U 40 -93.15 32.49 0.01
N GLU U 41 -93.77 31.44 0.55
CA GLU U 41 -93.43 30.95 1.88
C GLU U 41 -92.37 29.86 1.78
N PHE U 42 -91.32 29.98 2.59
CA PHE U 42 -90.22 29.02 2.63
C PHE U 42 -89.99 28.51 4.04
N LYS U 43 -89.53 27.25 4.13
CA LYS U 43 -89.21 26.67 5.43
C LYS U 43 -87.93 27.30 5.99
N HIS U 44 -86.92 27.51 5.14
CA HIS U 44 -85.64 28.06 5.58
C HIS U 44 -85.28 29.39 4.94
N LEU U 45 -85.95 29.79 3.87
CA LEU U 45 -85.60 31.02 3.16
C LEU U 45 -86.56 32.16 3.53
N SER U 46 -86.11 33.38 3.25
CA SER U 46 -86.88 34.56 3.59
C SER U 46 -88.19 34.60 2.80
N LEU U 47 -89.22 35.17 3.43
CA LEU U 47 -90.50 35.32 2.76
C LEU U 47 -90.39 36.36 1.65
N ARG U 48 -90.96 36.04 0.49
CA ARG U 48 -90.94 36.94 -0.66
C ARG U 48 -92.17 37.84 -0.59
N TYR U 49 -92.06 38.91 0.20
CA TYR U 49 -93.14 39.86 0.36
C TYR U 49 -93.51 40.49 -0.97
N GLY U 50 -94.83 40.61 -1.23
CA GLY U 50 -95.31 41.22 -2.45
C GLY U 50 -95.27 40.35 -3.68
N ALA U 51 -94.93 39.07 -3.54
CA ALA U 51 -94.88 38.18 -4.70
C ALA U 51 -96.26 37.99 -5.32
N ASN U 52 -97.32 38.05 -4.52
CA ASN U 52 -98.66 37.86 -5.05
C ASN U 52 -99.04 38.98 -6.03
N PHE U 53 -98.43 40.15 -5.87
CA PHE U 53 -98.66 41.24 -6.83
C PHE U 53 -98.08 40.90 -8.19
N ASP U 54 -96.92 40.22 -8.22
CA ASP U 54 -96.34 39.80 -9.48
C ASP U 54 -97.19 38.72 -10.14
N ILE U 55 -97.77 37.83 -9.33
CA ILE U 55 -98.66 36.81 -9.87
C ILE U 55 -99.87 37.46 -10.53
N ILE U 56 -100.52 38.39 -9.81
CA ILE U 56 -101.68 39.09 -10.35
C ILE U 56 -101.30 39.90 -11.58
N GLY U 57 -100.14 40.56 -11.53
CA GLY U 57 -99.72 41.38 -12.66
C GLY U 57 -99.45 40.57 -13.92
N MET U 58 -98.66 39.50 -13.79
CA MET U 58 -98.34 38.69 -14.96
C MET U 58 -99.57 37.93 -15.46
N LYS U 59 -100.40 37.43 -14.55
CA LYS U 59 -101.60 36.72 -14.97
C LYS U 59 -102.53 37.63 -15.75
N GLY U 60 -102.71 38.86 -15.29
CA GLY U 60 -103.53 39.80 -16.03
C GLY U 60 -102.94 40.15 -17.38
N LEU U 61 -101.62 40.33 -17.44
CA LEU U 61 -100.97 40.63 -18.71
C LEU U 61 -101.08 39.46 -19.68
N LEU U 62 -100.82 38.24 -19.20
CA LEU U 62 -100.92 37.08 -20.07
C LEU U 62 -102.34 36.86 -20.54
N GLU U 63 -103.33 37.15 -19.70
CA GLU U 63 -104.72 37.08 -20.14
C GLU U 63 -105.02 38.17 -21.17
N ASP U 64 -104.49 39.37 -20.96
CA ASP U 64 -104.65 40.44 -21.96
C ASP U 64 -103.95 40.09 -23.27
N LEU U 65 -102.95 39.22 -23.23
CA LEU U 65 -102.30 38.72 -24.43
C LEU U 65 -103.00 37.50 -25.01
N GLY U 66 -104.08 37.04 -24.39
CA GLY U 66 -104.87 35.94 -24.91
C GLY U 66 -104.55 34.57 -24.34
N TYR U 67 -103.78 34.49 -23.26
CA TYR U 67 -103.37 33.22 -22.68
C TYR U 67 -104.24 32.89 -21.47
N ASP U 68 -104.73 31.65 -21.44
CA ASP U 68 -105.34 31.12 -20.23
C ASP U 68 -104.23 30.72 -19.28
N VAL U 69 -104.18 31.35 -18.11
CA VAL U 69 -103.02 31.29 -17.24
C VAL U 69 -103.19 30.15 -16.25
N VAL U 70 -102.16 29.32 -16.14
CA VAL U 70 -102.06 28.29 -15.11
C VAL U 70 -101.14 28.80 -14.02
N VAL U 71 -101.65 28.89 -12.80
CA VAL U 71 -100.91 29.43 -11.67
C VAL U 71 -100.68 28.31 -10.66
N LYS U 72 -99.43 28.09 -10.29
CA LYS U 72 -99.07 27.11 -9.28
C LYS U 72 -98.18 27.79 -8.25
N GLU U 73 -98.49 27.60 -6.98
CA GLU U 73 -97.80 28.28 -5.89
C GLU U 73 -97.35 27.29 -4.84
N GLU U 74 -96.28 27.65 -4.13
CA GLU U 74 -95.75 26.88 -3.01
C GLU U 74 -95.51 25.42 -3.40
N LEU U 75 -94.49 25.25 -4.21
CA LEU U 75 -94.13 23.94 -4.76
C LEU U 75 -92.68 23.60 -4.42
N THR U 76 -92.41 22.32 -4.25
CA THR U 76 -91.05 21.84 -4.12
C THR U 76 -90.42 21.72 -5.51
N ALA U 77 -89.12 21.36 -5.55
CA ALA U 77 -88.47 21.12 -6.83
C ALA U 77 -89.10 19.92 -7.54
N GLU U 78 -89.42 18.86 -6.79
CA GLU U 78 -90.18 17.77 -7.37
C GLU U 78 -91.57 18.24 -7.79
N GLY U 79 -92.15 19.15 -7.01
CA GLY U 79 -93.44 19.72 -7.39
C GLY U 79 -93.35 20.56 -8.66
N MET U 80 -92.31 21.40 -8.75
CA MET U 80 -92.10 22.19 -9.96
C MET U 80 -91.93 21.31 -11.19
N GLU U 81 -91.13 20.24 -11.05
CA GLU U 81 -90.89 19.34 -12.18
C GLU U 81 -92.17 18.63 -12.61
N SER U 82 -92.96 18.15 -11.65
CA SER U 82 -94.18 17.43 -11.99
C SER U 82 -95.23 18.36 -12.60
N GLU U 83 -95.37 19.57 -12.06
CA GLU U 83 -96.36 20.50 -12.61
C GLU U 83 -95.98 20.96 -14.01
N MET U 84 -94.69 21.12 -14.28
CA MET U 84 -94.26 21.49 -15.64
C MET U 84 -94.50 20.34 -16.62
N LYS U 85 -94.22 19.11 -16.20
CA LYS U 85 -94.50 17.96 -17.07
C LYS U 85 -95.98 17.83 -17.34
N ASP U 86 -96.81 18.09 -16.32
CA ASP U 86 -98.25 18.13 -16.54
C ASP U 86 -98.63 19.25 -17.50
N PHE U 87 -98.00 20.41 -17.34
CA PHE U 87 -98.30 21.54 -18.23
C PHE U 87 -97.86 21.24 -19.66
N ALA U 88 -96.74 20.53 -19.83
CA ALA U 88 -96.26 20.21 -21.17
C ALA U 88 -97.08 19.12 -21.84
N ALA U 89 -97.76 18.28 -21.08
CA ALA U 89 -98.58 17.21 -21.63
C ALA U 89 -100.01 17.64 -21.94
N LEU U 90 -100.34 18.92 -21.72
CA LEU U 90 -101.70 19.40 -21.96
C LEU U 90 -102.03 19.33 -23.44
N SER U 91 -103.20 18.74 -23.75
CA SER U 91 -103.67 18.66 -25.13
C SER U 91 -104.05 20.03 -25.69
N GLU U 92 -104.18 21.05 -24.84
CA GLU U 92 -104.55 22.38 -25.30
C GLU U 92 -103.46 23.04 -26.15
N HIS U 93 -102.21 22.56 -26.05
CA HIS U 93 -101.13 23.13 -26.84
C HIS U 93 -101.31 22.88 -28.34
N GLN U 94 -102.05 21.83 -28.72
CA GLN U 94 -102.26 21.54 -30.13
C GLN U 94 -102.98 22.67 -30.84
N THR U 95 -103.92 23.34 -30.15
CA THR U 95 -104.64 24.47 -30.71
C THR U 95 -104.09 25.81 -30.22
N SER U 96 -102.82 25.84 -29.84
CA SER U 96 -102.15 27.06 -29.42
C SER U 96 -100.99 27.36 -30.37
N ASP U 97 -100.44 28.56 -30.23
CA ASP U 97 -99.30 28.98 -31.05
C ASP U 97 -98.05 29.29 -30.24
N SER U 98 -98.15 29.34 -28.90
CA SER U 98 -97.03 29.68 -28.04
C SER U 98 -97.44 29.39 -26.60
N THR U 99 -96.51 29.65 -25.68
CA THR U 99 -96.76 29.51 -24.25
C THR U 99 -95.80 30.44 -23.51
N PHE U 100 -96.16 30.76 -22.27
CA PHE U 100 -95.34 31.60 -21.42
C PHE U 100 -95.01 30.87 -20.12
N LEU U 101 -93.78 31.03 -19.67
CA LEU U 101 -93.30 30.38 -18.44
C LEU U 101 -92.69 31.45 -17.55
N VAL U 102 -93.41 31.84 -16.50
CA VAL U 102 -92.96 32.85 -15.55
C VAL U 102 -92.54 32.14 -14.28
N LEU U 103 -91.29 32.34 -13.87
CA LEU U 103 -90.73 31.70 -12.69
C LEU U 103 -90.27 32.79 -11.73
N MET U 104 -90.81 32.76 -10.51
CA MET U 104 -90.52 33.78 -9.51
C MET U 104 -90.33 33.09 -8.17
N SER U 105 -89.11 33.18 -7.62
CA SER U 105 -88.76 32.56 -6.35
C SER U 105 -87.35 32.97 -5.99
N HIS U 106 -86.82 32.42 -4.90
CA HIS U 106 -85.40 32.52 -4.66
C HIS U 106 -84.65 31.67 -5.68
N GLY U 107 -83.41 32.03 -5.95
CA GLY U 107 -82.65 31.38 -6.99
C GLY U 107 -81.18 31.27 -6.64
N THR U 108 -80.55 30.28 -7.25
CA THR U 108 -79.11 30.09 -7.21
C THR U 108 -78.53 30.41 -8.58
N LEU U 109 -77.25 30.11 -8.77
CA LEU U 109 -76.59 30.45 -10.03
C LEU U 109 -77.18 29.67 -11.20
N HIS U 110 -77.44 28.37 -11.01
CA HIS U 110 -77.89 27.51 -12.09
C HIS U 110 -79.29 26.94 -11.88
N GLY U 111 -80.03 27.42 -10.87
CA GLY U 111 -81.35 26.88 -10.64
C GLY U 111 -82.21 27.82 -9.82
N ILE U 112 -83.48 27.44 -9.69
CA ILE U 112 -84.47 28.19 -8.93
C ILE U 112 -84.84 27.38 -7.69
N CYS U 113 -85.04 28.07 -6.58
CA CYS U 113 -85.21 27.41 -5.29
C CYS U 113 -86.66 26.99 -5.05
N GLY U 114 -86.83 25.81 -4.45
CA GLY U 114 -88.11 25.38 -3.96
C GLY U 114 -88.37 25.87 -2.54
N THR U 115 -89.51 25.43 -2.00
CA THR U 115 -89.90 25.87 -0.66
C THR U 115 -88.95 25.32 0.41
N MET U 116 -88.48 24.09 0.24
CA MET U 116 -87.68 23.41 1.24
C MET U 116 -86.19 23.65 1.07
N HIS U 117 -85.80 24.65 0.28
CA HIS U 117 -84.38 24.84 -0.03
C HIS U 117 -83.62 25.35 1.18
N SER U 118 -82.41 24.83 1.36
CA SER U 118 -81.47 25.31 2.37
C SER U 118 -80.06 24.97 1.89
N GLU U 119 -79.07 25.64 2.48
CA GLU U 119 -77.69 25.37 2.11
C GLU U 119 -77.30 23.94 2.44
N LYS U 120 -77.87 23.37 3.51
CA LYS U 120 -77.58 21.99 3.87
C LYS U 120 -78.42 21.01 3.06
N THR U 121 -79.71 21.32 2.86
CA THR U 121 -80.65 20.44 2.17
C THR U 121 -81.16 21.16 0.92
N PRO U 122 -80.45 21.04 -0.21
CA PRO U 122 -80.88 21.75 -1.42
C PRO U 122 -82.19 21.21 -1.97
N ASP U 123 -83.03 22.14 -2.43
CA ASP U 123 -84.30 21.82 -3.10
C ASP U 123 -84.38 22.76 -4.32
N VAL U 124 -83.58 22.46 -5.34
CA VAL U 124 -83.35 23.35 -6.46
C VAL U 124 -83.75 22.66 -7.77
N LEU U 125 -84.46 23.39 -8.63
CA LEU U 125 -84.79 22.93 -9.97
C LEU U 125 -83.86 23.61 -10.97
N GLN U 126 -83.05 22.81 -11.65
CA GLN U 126 -82.15 23.34 -12.68
C GLN U 126 -82.95 23.89 -13.84
N TYR U 127 -82.53 25.04 -14.36
CA TYR U 127 -83.18 25.61 -15.54
C TYR U 127 -83.00 24.71 -16.74
N ASP U 128 -81.90 23.95 -16.80
CA ASP U 128 -81.69 23.01 -17.89
C ASP U 128 -82.77 21.92 -17.92
N THR U 129 -83.32 21.56 -16.75
CA THR U 129 -84.41 20.60 -16.73
C THR U 129 -85.64 21.14 -17.42
N ILE U 130 -85.88 22.45 -17.32
CA ILE U 130 -87.04 23.06 -17.95
C ILE U 130 -86.94 22.97 -19.47
N TYR U 131 -85.76 23.29 -20.03
CA TYR U 131 -85.56 23.17 -21.46
C TYR U 131 -85.73 21.74 -21.94
N GLN U 132 -85.29 20.76 -21.15
CA GLN U 132 -85.45 19.37 -21.52
C GLN U 132 -86.93 18.97 -21.54
N ILE U 133 -87.72 19.52 -20.62
CA ILE U 133 -89.13 19.15 -20.54
C ILE U 133 -89.90 19.71 -21.72
N PHE U 134 -89.55 20.90 -22.21
CA PHE U 134 -90.34 21.58 -23.22
C PHE U 134 -89.73 21.54 -24.62
N ASN U 135 -88.64 20.82 -24.81
CA ASN U 135 -88.02 20.73 -26.13
C ASN U 135 -88.91 19.87 -27.05
N ASN U 136 -88.45 19.70 -28.29
CA ASN U 136 -89.22 18.94 -29.27
C ASN U 136 -89.33 17.46 -28.93
N CYS U 137 -88.52 16.97 -27.99
CA CYS U 137 -88.57 15.55 -27.64
C CYS U 137 -89.68 15.26 -26.62
N HIS U 138 -89.79 16.07 -25.58
CA HIS U 138 -90.70 15.78 -24.47
C HIS U 138 -91.99 16.60 -24.49
N CYS U 139 -92.09 17.61 -25.36
CA CYS U 139 -93.29 18.43 -25.48
C CYS U 139 -93.70 18.45 -26.94
N PRO U 140 -94.42 17.43 -27.40
CA PRO U 140 -94.83 17.39 -28.81
C PRO U 140 -95.83 18.48 -29.19
N GLY U 141 -96.64 18.95 -28.24
CA GLY U 141 -97.66 19.95 -28.54
C GLY U 141 -97.13 21.32 -28.89
N LEU U 142 -95.90 21.64 -28.48
CA LEU U 142 -95.34 22.97 -28.69
C LEU U 142 -94.18 22.98 -29.68
N ARG U 143 -94.11 21.99 -30.57
CA ARG U 143 -93.07 21.97 -31.58
C ARG U 143 -93.22 23.15 -32.54
N ASP U 144 -92.08 23.77 -32.88
CA ASP U 144 -92.01 24.92 -33.78
C ASP U 144 -92.77 26.13 -33.25
N LYS U 145 -93.10 26.15 -31.96
CA LYS U 145 -93.84 27.27 -31.39
C LYS U 145 -93.01 27.97 -30.33
N PRO U 146 -93.10 29.29 -30.23
CA PRO U 146 -92.29 30.03 -29.26
C PRO U 146 -92.57 29.60 -27.82
N LYS U 147 -91.48 29.41 -27.06
CA LYS U 147 -91.55 29.05 -25.65
C LYS U 147 -90.78 30.12 -24.87
N VAL U 148 -91.51 30.99 -24.18
CA VAL U 148 -90.94 32.15 -23.51
C VAL U 148 -90.82 31.86 -22.02
N ILE U 149 -89.63 32.06 -21.47
CA ILE U 149 -89.35 31.82 -20.06
C ILE U 149 -88.95 33.16 -19.44
N ILE U 150 -89.67 33.56 -18.39
CA ILE U 150 -89.38 34.78 -17.64
C ILE U 150 -88.96 34.37 -16.24
N VAL U 151 -87.79 34.81 -15.81
CA VAL U 151 -87.21 34.40 -14.52
C VAL U 151 -86.95 35.65 -13.70
N GLN U 152 -87.77 35.84 -12.66
CA GLN U 152 -87.52 36.83 -11.62
C GLN U 152 -86.98 36.06 -10.41
N ALA U 153 -85.66 36.09 -10.25
CA ALA U 153 -85.00 35.36 -9.18
C ALA U 153 -83.54 35.79 -9.13
N ALA U 154 -82.96 35.72 -7.94
CA ALA U 154 -81.54 35.97 -7.80
C ALA U 154 -80.75 34.85 -8.47
N ARG U 155 -79.55 35.20 -8.95
CA ARG U 155 -78.65 34.22 -9.55
C ARG U 155 -77.31 34.17 -8.81
N GLY U 156 -77.31 34.57 -7.55
CA GLY U 156 -76.06 34.69 -6.81
C GLY U 156 -76.27 35.63 -5.64
N GLY U 157 -75.17 35.86 -4.92
CA GLY U 157 -75.21 36.71 -3.74
C GLY U 157 -74.44 38.00 -3.87
N ASN U 158 -73.81 38.23 -5.01
CA ASN U 158 -72.96 39.39 -5.19
C ASN U 158 -73.77 40.59 -5.67
N SER U 159 -73.27 41.78 -5.35
CA SER U 159 -73.88 43.03 -5.78
C SER U 159 -73.56 43.30 -7.24
N GLY U 160 -74.49 44.01 -7.91
CA GLY U 160 -74.37 44.25 -9.33
C GLY U 160 -73.92 45.65 -9.73
N GLU U 161 -73.36 46.41 -8.80
CA GLU U 161 -72.95 47.78 -9.08
C GLU U 161 -71.60 48.07 -8.44
N MET U 162 -70.95 49.12 -8.94
CA MET U 162 -69.67 49.57 -8.41
C MET U 162 -69.44 51.01 -8.81
N TRP U 163 -68.44 51.63 -8.18
CA TRP U 163 -68.07 53.02 -8.44
C TRP U 163 -66.78 53.08 -9.23
N ILE U 164 -66.77 53.91 -10.28
CA ILE U 164 -65.61 54.09 -11.15
C ILE U 164 -65.46 55.59 -11.42
N ARG U 165 -64.40 55.95 -12.13
CA ARG U 165 -64.16 57.34 -12.49
C ARG U 165 -65.26 57.86 -13.41
N THR V 1 -65.34 40.73 -50.37
CA THR V 1 -66.73 40.68 -50.84
C THR V 1 -67.69 41.28 -49.82
N LEU V 2 -67.15 42.09 -48.92
CA LEU V 2 -67.96 42.78 -47.92
C LEU V 2 -68.66 43.98 -48.55
N LYS V 3 -69.98 44.05 -48.39
CA LYS V 3 -70.72 45.23 -48.82
C LYS V 3 -70.67 46.29 -47.73
N LEU V 4 -70.45 47.54 -48.13
CA LEU V 4 -70.18 48.63 -47.21
C LEU V 4 -71.39 49.54 -47.05
N CYS V 5 -71.38 50.31 -45.97
CA CYS V 5 -72.42 51.28 -45.67
C CYS V 5 -71.91 52.68 -46.00
N SER V 6 -72.76 53.47 -46.64
CA SER V 6 -72.37 54.82 -47.04
C SER V 6 -72.19 55.71 -45.81
N PRO V 7 -71.25 56.66 -45.87
CA PRO V 7 -71.08 57.59 -44.74
C PRO V 7 -72.29 58.47 -44.51
N GLU V 8 -73.10 58.73 -45.53
CA GLU V 8 -74.31 59.54 -45.35
C GLU V 8 -75.32 58.82 -44.46
N GLU V 9 -75.51 57.51 -44.70
CA GLU V 9 -76.40 56.75 -43.83
C GLU V 9 -75.78 56.50 -42.47
N PHE V 10 -74.45 56.48 -42.39
CA PHE V 10 -73.77 56.33 -41.11
C PHE V 10 -74.05 57.50 -40.18
N THR V 11 -73.83 58.72 -40.67
CA THR V 11 -74.13 59.90 -39.87
C THR V 11 -75.63 60.08 -39.66
N ARG V 12 -76.44 59.57 -40.58
CA ARG V 12 -77.89 59.66 -40.42
C ARG V 12 -78.36 58.80 -39.24
N LEU V 13 -77.79 57.60 -39.08
CA LEU V 13 -78.17 56.75 -37.97
C LEU V 13 -77.59 57.24 -36.65
N CYS V 14 -76.39 57.84 -36.68
CA CYS V 14 -75.77 58.34 -35.46
C CYS V 14 -76.41 59.62 -34.95
N ARG V 15 -77.30 60.24 -35.72
CA ARG V 15 -77.95 61.49 -35.33
C ARG V 15 -79.42 61.33 -35.02
N GLU V 16 -80.18 60.63 -35.86
CA GLU V 16 -81.63 60.60 -35.72
C GLU V 16 -82.06 59.93 -34.42
N LYS V 17 -81.51 58.76 -34.12
CA LYS V 17 -81.79 58.03 -32.89
C LYS V 17 -80.46 57.60 -32.27
N THR V 18 -79.72 58.59 -31.76
CA THR V 18 -78.40 58.34 -31.19
C THR V 18 -78.48 57.49 -29.93
N GLN V 19 -79.58 57.59 -29.17
CA GLN V 19 -79.69 56.87 -27.91
C GLN V 19 -80.09 55.41 -28.07
N GLU V 20 -80.56 55.02 -29.25
CA GLU V 20 -80.97 53.63 -29.46
C GLU V 20 -79.88 52.78 -30.08
N ILE V 21 -78.76 53.38 -30.47
CA ILE V 21 -77.64 52.64 -31.05
C ILE V 21 -76.39 52.94 -30.22
N TYR V 22 -75.47 52.00 -30.25
CA TYR V 22 -74.18 52.16 -29.58
C TYR V 22 -73.31 53.18 -30.32
N PRO V 23 -72.69 54.11 -29.61
CA PRO V 23 -71.88 55.14 -30.27
C PRO V 23 -70.65 54.56 -30.94
N ILE V 24 -70.34 55.06 -32.14
CA ILE V 24 -69.22 54.61 -32.95
C ILE V 24 -68.14 55.68 -32.91
N LYS V 25 -66.91 55.26 -32.58
CA LYS V 25 -65.80 56.20 -32.58
C LYS V 25 -65.38 56.54 -34.00
N GLU V 26 -65.00 57.79 -34.21
CA GLU V 26 -64.56 58.24 -35.52
C GLU V 26 -63.28 57.53 -35.94
N ALA V 27 -63.17 57.27 -37.25
CA ALA V 27 -62.10 56.46 -37.82
C ALA V 27 -60.71 57.10 -37.74
N ASN V 28 -60.55 58.27 -37.12
CA ASN V 28 -59.24 58.91 -37.07
C ASN V 28 -58.30 58.17 -36.12
N GLY V 29 -58.43 58.44 -34.83
CA GLY V 29 -57.59 57.79 -33.84
C GLY V 29 -58.20 56.53 -33.27
N ARG V 30 -58.72 55.67 -34.15
CA ARG V 30 -59.41 54.46 -33.75
C ARG V 30 -58.51 53.26 -33.95
N THR V 31 -58.40 52.42 -32.91
CA THR V 31 -57.57 51.22 -32.93
C THR V 31 -58.43 50.04 -32.47
N ARG V 32 -59.39 49.65 -33.32
CA ARG V 32 -60.24 48.51 -33.01
C ARG V 32 -59.41 47.24 -32.91
N LYS V 33 -59.60 46.49 -31.83
CA LYS V 33 -58.88 45.25 -31.61
C LYS V 33 -59.85 44.10 -31.44
N ALA V 34 -59.55 42.97 -32.07
CA ALA V 34 -60.32 41.74 -31.94
C ALA V 34 -59.37 40.58 -31.68
N LEU V 35 -59.87 39.57 -30.99
CA LEU V 35 -59.06 38.44 -30.58
C LEU V 35 -59.69 37.15 -31.09
N ILE V 36 -58.87 36.30 -31.71
CA ILE V 36 -59.29 34.98 -32.17
C ILE V 36 -58.40 33.94 -31.49
N ILE V 37 -59.03 33.02 -30.78
CA ILE V 37 -58.32 31.91 -30.14
C ILE V 37 -58.85 30.62 -30.74
N CYS V 38 -57.97 29.86 -31.40
CA CYS V 38 -58.35 28.63 -32.06
C CYS V 38 -57.27 27.58 -31.85
N ASN V 39 -57.68 26.40 -31.41
CA ASN V 39 -56.77 25.28 -31.21
C ASN V 39 -57.07 24.21 -32.23
N THR V 40 -56.03 23.77 -32.95
CA THR V 40 -56.18 22.78 -34.01
C THR V 40 -55.67 21.40 -33.59
N GLU V 41 -54.45 21.32 -33.07
CA GLU V 41 -53.87 20.05 -32.65
C GLU V 41 -54.15 19.81 -31.18
N PHE V 42 -54.63 18.62 -30.86
CA PHE V 42 -54.91 18.22 -29.49
C PHE V 42 -54.19 16.92 -29.19
N LYS V 43 -53.79 16.76 -27.93
CA LYS V 43 -53.11 15.53 -27.52
C LYS V 43 -54.06 14.34 -27.51
N HIS V 44 -55.30 14.54 -27.05
CA HIS V 44 -56.26 13.47 -26.94
C HIS V 44 -57.49 13.62 -27.82
N LEU V 45 -57.74 14.81 -28.37
CA LEU V 45 -58.93 15.05 -29.16
C LEU V 45 -58.62 15.04 -30.65
N SER V 46 -59.67 14.84 -31.44
CA SER V 46 -59.55 14.78 -32.89
C SER V 46 -59.11 16.12 -33.45
N LEU V 47 -58.39 16.08 -34.56
CA LEU V 47 -57.95 17.30 -35.23
C LEU V 47 -59.15 18.03 -35.81
N ARG V 48 -59.15 19.36 -35.67
CA ARG V 48 -60.22 20.20 -36.20
C ARG V 48 -59.88 20.50 -37.65
N TYR V 49 -60.19 19.53 -38.52
CA TYR V 49 -59.94 19.69 -39.94
C TYR V 49 -60.74 20.86 -40.50
N GLY V 50 -60.09 21.67 -41.33
CA GLY V 50 -60.74 22.82 -41.91
C GLY V 50 -60.83 24.02 -40.99
N ALA V 51 -60.25 23.95 -39.80
CA ALA V 51 -60.25 25.11 -38.89
C ALA V 51 -59.46 26.27 -39.47
N ASN V 52 -58.52 25.99 -40.37
CA ASN V 52 -57.75 27.06 -41.00
C ASN V 52 -58.65 27.98 -41.82
N PHE V 53 -59.60 27.40 -42.57
CA PHE V 53 -60.57 28.22 -43.29
C PHE V 53 -61.34 29.13 -42.34
N ASP V 54 -61.67 28.64 -41.15
CA ASP V 54 -62.37 29.47 -40.18
C ASP V 54 -61.47 30.56 -39.62
N ILE V 55 -60.19 30.24 -39.38
CA ILE V 55 -59.26 31.25 -38.87
C ILE V 55 -59.05 32.35 -39.90
N ILE V 56 -58.71 31.97 -41.13
CA ILE V 56 -58.48 32.96 -42.19
C ILE V 56 -59.75 33.74 -42.49
N GLY V 57 -60.90 33.04 -42.51
CA GLY V 57 -62.15 33.70 -42.83
C GLY V 57 -62.52 34.77 -41.81
N MET V 58 -62.48 34.41 -40.53
CA MET V 58 -62.81 35.37 -39.48
C MET V 58 -61.75 36.47 -39.41
N LYS V 59 -60.47 36.10 -39.58
CA LYS V 59 -59.41 37.10 -39.57
C LYS V 59 -59.59 38.10 -40.70
N GLY V 60 -59.92 37.60 -41.90
CA GLY V 60 -60.17 38.50 -43.01
C GLY V 60 -61.40 39.36 -42.81
N LEU V 61 -62.46 38.77 -42.25
CA LEU V 61 -63.69 39.52 -42.01
C LEU V 61 -63.48 40.63 -40.98
N LEU V 62 -62.83 40.30 -39.86
CA LEU V 62 -62.62 41.29 -38.82
C LEU V 62 -61.70 42.42 -39.28
N GLU V 63 -60.72 42.13 -40.13
CA GLU V 63 -59.89 43.19 -40.70
C GLU V 63 -60.71 44.06 -41.65
N ASP V 64 -61.54 43.44 -42.49
CA ASP V 64 -62.40 44.20 -43.38
C ASP V 64 -63.45 45.00 -42.62
N LEU V 65 -63.79 44.59 -41.40
CA LEU V 65 -64.71 45.35 -40.56
C LEU V 65 -64.00 46.41 -39.72
N GLY V 66 -62.69 46.53 -39.85
CA GLY V 66 -61.94 47.56 -39.17
C GLY V 66 -61.27 47.15 -37.88
N TYR V 67 -61.25 45.86 -37.57
CA TYR V 67 -60.66 45.36 -36.33
C TYR V 67 -59.26 44.83 -36.60
N ASP V 68 -58.30 45.22 -35.77
CA ASP V 68 -56.97 44.63 -35.79
C ASP V 68 -57.01 43.28 -35.08
N VAL V 69 -56.69 42.21 -35.81
CA VAL V 69 -56.93 40.86 -35.34
C VAL V 69 -55.67 40.31 -34.67
N VAL V 70 -55.83 39.81 -33.45
CA VAL V 70 -54.79 39.06 -32.76
C VAL V 70 -55.15 37.58 -32.84
N VAL V 71 -54.24 36.77 -33.38
CA VAL V 71 -54.48 35.34 -33.59
C VAL V 71 -53.56 34.57 -32.65
N LYS V 72 -54.17 33.71 -31.83
CA LYS V 72 -53.43 32.84 -30.92
C LYS V 72 -53.92 31.41 -31.10
N GLU V 73 -52.97 30.49 -31.23
CA GLU V 73 -53.27 29.08 -31.48
C GLU V 73 -52.46 28.22 -30.51
N GLU V 74 -52.96 27.00 -30.29
CA GLU V 74 -52.32 26.01 -29.42
C GLU V 74 -52.12 26.59 -28.01
N LEU V 75 -53.24 26.74 -27.32
CA LEU V 75 -53.28 27.31 -25.99
C LEU V 75 -53.95 26.35 -25.01
N THR V 76 -53.48 26.36 -23.77
CA THR V 76 -54.16 25.65 -22.70
C THR V 76 -55.28 26.53 -22.14
N ALA V 77 -56.04 25.97 -21.19
CA ALA V 77 -57.04 26.78 -20.51
C ALA V 77 -56.39 27.89 -19.70
N GLU V 78 -55.28 27.56 -19.01
CA GLU V 78 -54.49 28.58 -18.33
C GLU V 78 -53.85 29.53 -19.34
N GLY V 79 -53.41 29.00 -20.47
CA GLY V 79 -52.84 29.85 -21.51
C GLY V 79 -53.85 30.83 -22.08
N MET V 80 -55.07 30.36 -22.35
CA MET V 80 -56.12 31.25 -22.82
C MET V 80 -56.43 32.32 -21.77
N GLU V 81 -56.45 31.94 -20.50
CA GLU V 81 -56.72 32.92 -19.44
C GLU V 81 -55.66 34.01 -19.42
N SER V 82 -54.38 33.64 -19.55
CA SER V 82 -53.32 34.64 -19.51
C SER V 82 -53.36 35.53 -20.75
N GLU V 83 -53.61 34.95 -21.93
CA GLU V 83 -53.69 35.75 -23.14
C GLU V 83 -54.91 36.67 -23.14
N MET V 84 -56.01 36.21 -22.55
CA MET V 84 -57.19 37.07 -22.43
C MET V 84 -56.94 38.21 -21.46
N LYS V 85 -56.24 37.96 -20.37
CA LYS V 85 -55.91 39.02 -19.43
C LYS V 85 -55.02 40.08 -20.09
N ASP V 86 -54.06 39.65 -20.90
CA ASP V 86 -53.25 40.60 -21.66
C ASP V 86 -54.09 41.35 -22.69
N PHE V 87 -54.99 40.64 -23.37
CA PHE V 87 -55.82 41.30 -24.38
C PHE V 87 -56.74 42.33 -23.74
N ALA V 88 -57.26 42.02 -22.55
CA ALA V 88 -58.16 42.95 -21.87
C ALA V 88 -57.42 44.13 -21.27
N ALA V 89 -56.12 43.98 -21.01
CA ALA V 89 -55.32 45.06 -20.45
C ALA V 89 -54.71 45.96 -21.52
N LEU V 90 -55.00 45.70 -22.79
CA LEU V 90 -54.44 46.51 -23.86
C LEU V 90 -54.96 47.94 -23.80
N SER V 91 -54.05 48.91 -23.87
CA SER V 91 -54.43 50.32 -23.88
C SER V 91 -55.19 50.70 -25.13
N GLU V 92 -55.17 49.86 -26.17
CA GLU V 92 -55.88 50.17 -27.40
C GLU V 92 -57.39 50.16 -27.22
N HIS V 93 -57.90 49.52 -26.16
CA HIS V 93 -59.35 49.49 -25.94
C HIS V 93 -59.90 50.89 -25.65
N GLN V 94 -59.07 51.79 -25.13
CA GLN V 94 -59.52 53.15 -24.87
C GLN V 94 -59.91 53.87 -26.16
N THR V 95 -59.23 53.59 -27.27
CA THR V 95 -59.54 54.18 -28.55
C THR V 95 -60.38 53.27 -29.43
N SER V 96 -61.13 52.35 -28.84
CA SER V 96 -62.04 51.48 -29.56
C SER V 96 -63.47 51.73 -29.07
N ASP V 97 -64.42 51.20 -29.83
CA ASP V 97 -65.83 51.31 -29.47
C ASP V 97 -66.48 49.97 -29.21
N SER V 98 -65.79 48.86 -29.48
CA SER V 98 -66.31 47.51 -29.33
C SER V 98 -65.13 46.55 -29.48
N THR V 99 -65.43 45.26 -29.34
CA THR V 99 -64.42 44.23 -29.56
C THR V 99 -65.14 42.94 -29.95
N PHE V 100 -64.39 42.06 -30.60
CA PHE V 100 -64.90 40.75 -30.99
C PHE V 100 -63.99 39.66 -30.47
N LEU V 101 -64.59 38.58 -29.98
CA LEU V 101 -63.85 37.45 -29.42
C LEU V 101 -64.32 36.18 -30.10
N VAL V 102 -63.49 35.62 -30.98
CA VAL V 102 -63.81 34.41 -31.71
C VAL V 102 -63.05 33.26 -31.05
N LEU V 103 -63.79 32.26 -30.57
CA LEU V 103 -63.22 31.10 -29.89
C LEU V 103 -63.64 29.85 -30.66
N MET V 104 -62.66 29.07 -31.08
CA MET V 104 -62.91 27.88 -31.90
C MET V 104 -62.04 26.73 -31.40
N SER V 105 -62.67 25.68 -30.91
CA SER V 105 -61.97 24.52 -30.37
C SER V 105 -63.02 23.46 -30.05
N HIS V 106 -62.58 22.35 -29.47
CA HIS V 106 -63.52 21.45 -28.84
C HIS V 106 -64.06 22.08 -27.56
N GLY V 107 -65.26 21.65 -27.17
CA GLY V 107 -65.94 22.26 -26.05
C GLY V 107 -66.69 21.22 -25.23
N THR V 108 -66.91 21.58 -23.98
CA THR V 108 -67.74 20.81 -23.06
C THR V 108 -69.05 21.58 -22.83
N LEU V 109 -69.83 21.12 -21.86
CA LEU V 109 -71.12 21.74 -21.61
C LEU V 109 -70.96 23.19 -21.12
N HIS V 110 -70.01 23.43 -20.22
CA HIS V 110 -69.85 24.74 -19.60
C HIS V 110 -68.51 25.39 -19.92
N GLY V 111 -67.73 24.86 -20.85
CA GLY V 111 -66.43 25.45 -21.11
C GLY V 111 -65.88 25.08 -22.47
N ILE V 112 -64.74 25.67 -22.79
CA ILE V 112 -64.02 25.42 -24.03
C ILE V 112 -62.73 24.68 -23.69
N CYS V 113 -62.36 23.72 -24.53
CA CYS V 113 -61.28 22.79 -24.22
C CYS V 113 -59.92 23.36 -24.60
N GLY V 114 -58.93 23.07 -23.77
CA GLY V 114 -57.55 23.36 -24.10
C GLY V 114 -56.92 22.22 -24.90
N THR V 115 -55.62 22.38 -25.17
CA THR V 115 -54.91 21.40 -25.99
C THR V 115 -54.76 20.06 -25.26
N MET V 116 -54.53 20.10 -23.95
CA MET V 116 -54.23 18.90 -23.17
C MET V 116 -55.48 18.25 -22.56
N HIS V 117 -56.66 18.60 -23.06
CA HIS V 117 -57.89 18.14 -22.41
C HIS V 117 -58.13 16.64 -22.61
N SER V 118 -58.60 16.00 -21.54
CA SER V 118 -59.07 14.62 -21.54
C SER V 118 -60.04 14.48 -20.38
N GLU V 119 -60.88 13.44 -20.42
CA GLU V 119 -61.80 13.23 -19.32
C GLU V 119 -61.07 12.95 -18.02
N LYS V 120 -59.92 12.30 -18.08
CA LYS V 120 -59.12 12.09 -16.87
C LYS V 120 -58.29 13.31 -16.51
N THR V 121 -57.88 14.11 -17.50
CA THR V 121 -57.10 15.32 -17.29
C THR V 121 -57.84 16.50 -17.91
N PRO V 122 -58.78 17.10 -17.18
CA PRO V 122 -59.54 18.21 -17.76
C PRO V 122 -58.67 19.44 -17.95
N ASP V 123 -58.84 20.10 -19.10
CA ASP V 123 -58.17 21.36 -19.41
C ASP V 123 -59.24 22.27 -20.03
N VAL V 124 -60.12 22.79 -19.19
CA VAL V 124 -61.33 23.46 -19.64
C VAL V 124 -61.33 24.88 -19.10
N LEU V 125 -61.65 25.84 -19.97
CA LEU V 125 -61.88 27.22 -19.57
C LEU V 125 -63.38 27.48 -19.56
N GLN V 126 -63.94 27.75 -18.38
CA GLN V 126 -65.36 28.03 -18.27
C GLN V 126 -65.70 29.33 -18.99
N TYR V 127 -66.83 29.32 -19.70
CA TYR V 127 -67.27 30.53 -20.38
C TYR V 127 -67.56 31.65 -19.39
N ASP V 128 -67.97 31.32 -18.17
CA ASP V 128 -68.19 32.33 -17.15
C ASP V 128 -66.90 33.08 -16.81
N THR V 129 -65.75 32.41 -16.92
CA THR V 129 -64.48 33.08 -16.66
C THR V 129 -64.20 34.18 -17.69
N ILE V 130 -64.64 33.98 -18.94
CA ILE V 130 -64.42 34.98 -19.98
C ILE V 130 -65.17 36.26 -19.65
N TYR V 131 -66.43 36.12 -19.22
CA TYR V 131 -67.21 37.29 -18.82
C TYR V 131 -66.57 38.00 -17.64
N GLN V 132 -65.99 37.25 -16.70
CA GLN V 132 -65.33 37.86 -15.56
C GLN V 132 -64.12 38.68 -15.98
N ILE V 133 -63.38 38.20 -16.98
CA ILE V 133 -62.17 38.91 -17.42
C ILE V 133 -62.53 40.19 -18.14
N PHE V 134 -63.63 40.18 -18.89
CA PHE V 134 -63.98 41.28 -19.79
C PHE V 134 -65.13 42.14 -19.27
N ASN V 135 -65.60 41.91 -18.05
CA ASN V 135 -66.71 42.67 -17.52
C ASN V 135 -66.31 44.12 -17.26
N ASN V 136 -67.26 44.93 -16.81
CA ASN V 136 -66.99 46.33 -16.52
C ASN V 136 -66.06 46.51 -15.34
N CYS V 137 -65.84 45.47 -14.53
CA CYS V 137 -64.94 45.56 -13.39
C CYS V 137 -63.48 45.33 -13.79
N HIS V 138 -63.23 44.33 -14.64
CA HIS V 138 -61.88 43.91 -14.96
C HIS V 138 -61.38 44.41 -16.30
N CYS V 139 -62.25 45.00 -17.12
CA CYS V 139 -61.86 45.56 -18.43
C CYS V 139 -62.36 46.99 -18.49
N PRO V 140 -61.62 47.94 -17.90
CA PRO V 140 -62.08 49.33 -17.91
C PRO V 140 -62.06 49.97 -19.29
N GLY V 141 -61.20 49.51 -20.19
CA GLY V 141 -61.13 50.11 -21.51
C GLY V 141 -62.35 49.88 -22.38
N LEU V 142 -63.13 48.84 -22.09
CA LEU V 142 -64.29 48.47 -22.89
C LEU V 142 -65.60 48.68 -22.13
N ARG V 143 -65.60 49.54 -21.11
CA ARG V 143 -66.82 49.83 -20.38
C ARG V 143 -67.82 50.53 -21.29
N ASP V 144 -69.09 50.12 -21.17
CA ASP V 144 -70.18 50.65 -21.97
C ASP V 144 -70.00 50.39 -23.47
N LYS V 145 -69.11 49.45 -23.82
CA LYS V 145 -68.84 49.12 -25.20
C LYS V 145 -69.23 47.68 -25.50
N PRO V 146 -69.80 47.40 -26.67
CA PRO V 146 -70.22 46.03 -26.99
C PRO V 146 -69.04 45.08 -27.00
N LYS V 147 -69.23 43.93 -26.37
CA LYS V 147 -68.23 42.86 -26.35
C LYS V 147 -68.91 41.62 -26.92
N VAL V 148 -68.57 41.29 -28.16
CA VAL V 148 -69.22 40.19 -28.88
C VAL V 148 -68.29 38.98 -28.84
N ILE V 149 -68.84 37.84 -28.40
CA ILE V 149 -68.09 36.60 -28.28
C ILE V 149 -68.70 35.58 -29.24
N ILE V 150 -67.85 35.02 -30.11
CA ILE V 150 -68.26 34.01 -31.07
C ILE V 150 -67.59 32.70 -30.68
N VAL V 151 -68.41 31.66 -30.47
CA VAL V 151 -67.93 30.38 -29.99
C VAL V 151 -68.33 29.31 -31.01
N GLN V 152 -67.36 28.80 -31.75
CA GLN V 152 -67.53 27.62 -32.59
C GLN V 152 -66.94 26.45 -31.82
N ALA V 153 -67.81 25.67 -31.18
CA ALA V 153 -67.39 24.56 -30.33
C ALA V 153 -68.62 23.75 -29.97
N ALA V 154 -68.40 22.45 -29.76
CA ALA V 154 -69.46 21.60 -29.27
C ALA V 154 -69.82 21.97 -27.83
N ARG V 155 -71.09 21.72 -27.48
CA ARG V 155 -71.56 21.94 -26.12
C ARG V 155 -72.08 20.64 -25.51
N GLY V 156 -71.59 19.51 -26.00
CA GLY V 156 -72.09 18.21 -25.62
C GLY V 156 -71.72 17.18 -26.67
N GLY V 157 -72.17 15.96 -26.42
CA GLY V 157 -71.86 14.86 -27.30
C GLY V 157 -73.06 14.27 -28.01
N ASN V 158 -74.25 14.82 -27.74
CA ASN V 158 -75.48 14.28 -28.26
C ASN V 158 -75.80 14.87 -29.63
N SER V 159 -76.55 14.11 -30.42
CA SER V 159 -77.01 14.58 -31.71
C SER V 159 -78.15 15.57 -31.55
N GLY V 160 -78.27 16.49 -32.49
CA GLY V 160 -79.23 17.57 -32.36
C GLY V 160 -80.51 17.43 -33.18
N GLU V 161 -80.80 16.22 -33.65
CA GLU V 161 -81.96 16.00 -34.50
C GLU V 161 -82.68 14.72 -34.11
N MET V 162 -83.94 14.63 -34.52
CA MET V 162 -84.77 13.45 -34.29
C MET V 162 -85.88 13.42 -35.34
N TRP V 163 -86.57 12.29 -35.40
CA TRP V 163 -87.60 12.05 -36.41
C TRP V 163 -88.98 12.15 -35.79
N ILE V 164 -89.88 12.87 -36.45
CA ILE V 164 -91.25 13.10 -35.99
C ILE V 164 -92.20 12.89 -37.16
N ARG V 165 -93.50 12.87 -36.84
CA ARG V 165 -94.58 12.72 -37.82
C ARG V 165 -94.65 13.87 -38.80
N GLU V 166 -95.81 14.02 -39.43
CA GLU V 166 -96.10 15.14 -40.33
C GLU V 166 -97.61 15.20 -40.54
N SER V 167 -98.08 16.38 -40.91
CA SER V 167 -99.51 16.60 -41.10
C SER V 167 -100.02 15.83 -42.32
N ASP W 1 -66.66 46.49 23.66
CA ASP W 1 -65.84 45.29 23.46
C ASP W 1 -65.31 45.22 22.03
N PHE W 2 -64.61 44.12 21.72
CA PHE W 2 -63.97 44.00 20.42
C PHE W 2 -64.98 43.75 19.30
N GLN W 3 -66.11 43.12 19.61
CA GLN W 3 -67.09 42.79 18.57
C GLN W 3 -67.67 44.06 17.95
N GLY W 4 -68.04 45.04 18.77
CA GLY W 4 -68.55 46.29 18.25
C GLY W 4 -67.52 47.05 17.43
N LEU W 5 -66.25 46.94 17.80
CA LEU W 5 -65.19 47.58 17.03
C LEU W 5 -64.98 46.88 15.69
N TYR W 6 -64.96 45.54 15.70
CA TYR W 6 -64.73 44.79 14.47
C TYR W 6 -65.87 45.01 13.47
N ALA W 7 -67.11 44.95 13.93
CA ALA W 7 -68.25 45.04 13.03
C ALA W 7 -68.44 46.45 12.50
N GLU W 8 -68.23 47.46 13.34
CA GLU W 8 -68.38 48.85 12.91
C GLU W 8 -67.35 49.21 11.84
N VAL W 9 -66.10 48.78 12.03
CA VAL W 9 -65.06 49.06 11.04
C VAL W 9 -65.28 48.23 9.78
N LYS W 10 -65.71 46.97 9.94
CA LYS W 10 -65.98 46.14 8.77
C LYS W 10 -67.12 46.72 7.93
N ALA W 11 -68.15 47.26 8.59
CA ALA W 11 -69.25 47.89 7.85
C ALA W 11 -68.75 49.10 7.07
N CYS W 12 -67.83 49.87 7.65
CA CYS W 12 -67.24 50.98 6.91
C CYS W 12 -66.39 50.48 5.76
N SER W 13 -65.65 49.38 5.98
CA SER W 13 -64.84 48.81 4.92
C SER W 13 -65.67 48.07 3.88
N SER W 14 -66.92 47.74 4.20
CA SER W 14 -67.75 46.99 3.26
C SER W 14 -68.03 47.79 2.01
N GLU W 15 -68.41 49.06 2.16
CA GLU W 15 -68.66 49.91 0.99
C GLU W 15 -67.38 50.23 0.24
N LEU W 16 -66.22 50.18 0.91
CA LEU W 16 -64.97 50.37 0.19
C LEU W 16 -64.68 49.20 -0.73
N GLU W 17 -65.20 48.01 -0.40
CA GLU W 17 -65.02 46.86 -1.28
C GLU W 17 -65.71 47.06 -2.62
N SER W 18 -66.73 47.92 -2.68
CA SER W 18 -67.44 48.23 -3.92
C SER W 18 -66.75 49.30 -4.75
N LEU W 19 -65.66 49.87 -4.26
CA LEU W 19 -64.91 50.86 -5.03
C LEU W 19 -63.95 50.16 -5.98
N GLU W 20 -63.69 50.80 -7.12
CA GLU W 20 -62.77 50.23 -8.10
C GLU W 20 -61.39 50.05 -7.48
N MET W 21 -60.70 48.99 -7.92
CA MET W 21 -59.40 48.66 -7.36
C MET W 21 -58.39 49.78 -7.58
N GLU W 22 -58.37 50.35 -8.79
CA GLU W 22 -57.41 51.41 -9.08
C GLU W 22 -57.67 52.65 -8.23
N LEU W 23 -58.94 52.96 -7.96
CA LEU W 23 -59.25 54.12 -7.12
C LEU W 23 -58.88 53.86 -5.66
N ARG W 24 -59.03 52.62 -5.20
CA ARG W 24 -58.60 52.29 -3.84
C ARG W 24 -57.09 52.36 -3.68
N GLN W 25 -56.34 52.03 -4.73
CA GLN W 25 -54.89 52.18 -4.66
C GLN W 25 -54.48 53.65 -4.76
N GLN W 26 -55.18 54.43 -5.58
CA GLN W 26 -54.89 55.86 -5.66
C GLN W 26 -55.16 56.54 -4.32
N ILE W 27 -56.26 56.18 -3.66
CA ILE W 27 -56.53 56.70 -2.32
C ILE W 27 -55.42 56.28 -1.37
N LEU W 28 -54.98 55.03 -1.48
CA LEU W 28 -53.95 54.51 -0.58
C LEU W 28 -52.63 55.26 -0.75
N VAL W 29 -52.22 55.47 -2.00
CA VAL W 29 -50.94 56.15 -2.26
C VAL W 29 -50.99 57.59 -1.75
N ASN W 30 -52.07 58.31 -2.03
CA ASN W 30 -52.16 59.70 -1.61
C ASN W 30 -52.39 59.84 -0.12
N ILE W 31 -52.97 58.84 0.53
CA ILE W 31 -53.00 58.84 1.99
C ILE W 31 -51.59 58.69 2.55
N GLY W 32 -50.79 57.81 1.94
CA GLY W 32 -49.40 57.70 2.34
C GLY W 32 -48.62 58.98 2.13
N LYS W 33 -49.05 59.82 1.18
CA LYS W 33 -48.41 61.11 0.96
C LYS W 33 -48.81 62.11 2.04
N ILE W 34 -50.12 62.24 2.30
CA ILE W 34 -50.60 63.16 3.31
C ILE W 34 -50.34 62.67 4.73
N LEU W 35 -49.95 61.40 4.88
CA LEU W 35 -49.62 60.87 6.20
C LEU W 35 -48.42 61.56 6.81
N GLN W 36 -47.58 62.18 5.99
CA GLN W 36 -46.47 63.01 6.45
C GLN W 36 -46.87 64.47 6.56
N ASP W 37 -48.17 64.76 6.67
CA ASP W 37 -48.67 66.14 6.64
C ASP W 37 -49.98 66.18 7.43
N GLN W 38 -49.86 66.44 8.74
CA GLN W 38 -51.05 66.48 9.58
C GLN W 38 -52.06 67.56 9.19
N PRO W 39 -51.67 68.78 8.82
CA PRO W 39 -52.69 69.77 8.42
C PRO W 39 -53.58 69.32 7.28
N SER W 40 -53.06 68.53 6.33
CA SER W 40 -53.88 68.09 5.21
C SER W 40 -54.93 67.07 5.67
N MET W 41 -54.58 66.20 6.61
CA MET W 41 -55.53 65.20 7.08
C MET W 41 -56.65 65.83 7.90
N GLU W 42 -56.32 66.76 8.79
CA GLU W 42 -57.35 67.46 9.55
C GLU W 42 -58.21 68.31 8.63
N ALA W 43 -57.60 68.94 7.62
CA ALA W 43 -58.37 69.72 6.66
C ALA W 43 -59.32 68.83 5.88
N LEU W 44 -58.87 67.63 5.51
CA LEU W 44 -59.73 66.71 4.77
C LEU W 44 -60.87 66.21 5.65
N GLU W 45 -60.60 66.00 6.94
CA GLU W 45 -61.67 65.66 7.88
C GLU W 45 -62.72 66.76 7.90
N ALA W 46 -62.30 68.02 8.01
CA ALA W 46 -63.23 69.14 8.04
C ALA W 46 -64.04 69.20 6.75
N SER W 47 -63.39 68.96 5.61
CA SER W 47 -64.10 68.97 4.33
C SER W 47 -65.18 67.91 4.31
N LEU W 48 -64.87 66.70 4.77
CA LEU W 48 -65.86 65.63 4.78
C LEU W 48 -66.99 65.93 5.75
N GLY W 49 -66.67 66.48 6.92
CA GLY W 49 -67.72 66.82 7.88
C GLY W 49 -68.62 67.93 7.35
N GLN W 50 -68.06 68.87 6.59
CA GLN W 50 -68.87 69.87 5.92
C GLN W 50 -69.78 69.24 4.87
N GLY W 51 -69.25 68.29 4.11
CA GLY W 51 -70.04 67.67 3.06
C GLY W 51 -71.05 66.67 3.57
N LEU W 52 -70.76 66.00 4.69
CA LEU W 52 -71.70 65.04 5.24
C LEU W 52 -72.87 65.73 5.91
N CYS W 53 -72.65 66.89 6.54
CA CYS W 53 -73.74 67.58 7.23
C CYS W 53 -74.62 68.35 6.26
N SER W 54 -74.03 68.99 5.25
CA SER W 54 -74.79 69.82 4.33
C SER W 54 -75.29 69.05 3.12
N GLY W 55 -74.46 68.18 2.54
CA GLY W 55 -74.83 67.49 1.33
C GLY W 55 -74.64 68.27 0.06
N GLY W 56 -74.05 69.46 0.14
CA GLY W 56 -73.83 70.30 -1.02
C GLY W 56 -72.49 70.05 -1.67
N GLN W 57 -72.06 71.02 -2.46
CA GLN W 57 -70.80 70.91 -3.19
C GLN W 57 -69.62 70.97 -2.23
N VAL W 58 -68.53 70.29 -2.62
CA VAL W 58 -67.27 70.32 -1.90
C VAL W 58 -66.26 71.11 -2.73
N GLU W 59 -65.50 71.97 -2.07
CA GLU W 59 -64.48 72.74 -2.76
C GLU W 59 -63.26 71.86 -3.04
N PRO W 60 -62.73 71.88 -4.26
CA PRO W 60 -61.58 71.02 -4.58
C PRO W 60 -60.37 71.37 -3.73
N LEU W 61 -59.57 70.35 -3.43
CA LEU W 61 -58.34 70.51 -2.68
C LEU W 61 -57.14 70.26 -3.59
N ASP W 62 -55.99 70.73 -3.14
CA ASP W 62 -54.75 70.60 -3.90
C ASP W 62 -53.88 69.48 -3.34
N GLY W 63 -53.00 68.96 -4.20
CA GLY W 63 -52.07 67.95 -3.80
C GLY W 63 -52.72 66.59 -3.63
N PRO W 64 -52.10 65.73 -2.82
CA PRO W 64 -52.66 64.39 -2.61
C PRO W 64 -54.01 64.39 -1.93
N ALA W 65 -54.29 65.37 -1.07
CA ALA W 65 -55.61 65.48 -0.45
C ALA W 65 -56.68 65.70 -1.52
N GLY W 66 -56.36 66.47 -2.56
CA GLY W 66 -57.30 66.65 -3.65
C GLY W 66 -57.43 65.42 -4.53
N CYS W 67 -56.33 64.67 -4.70
CA CYS W 67 -56.40 63.42 -5.45
C CYS W 67 -57.29 62.40 -4.75
N ILE W 68 -57.28 62.39 -3.41
CA ILE W 68 -58.21 61.54 -2.67
C ILE W 68 -59.63 62.02 -2.87
N LEU W 69 -59.83 63.34 -2.86
CA LEU W 69 -61.19 63.88 -3.02
C LEU W 69 -61.75 63.56 -4.40
N GLU W 70 -60.88 63.44 -5.41
CA GLU W 70 -61.33 63.04 -6.73
C GLU W 70 -62.03 61.68 -6.70
N CYS W 71 -61.60 60.78 -5.82
CA CYS W 71 -62.16 59.45 -5.72
C CYS W 71 -63.41 59.39 -4.85
N LEU W 72 -63.90 60.53 -4.36
CA LEU W 72 -65.05 60.56 -3.47
C LEU W 72 -66.15 61.52 -3.90
N VAL W 73 -66.02 62.17 -5.06
CA VAL W 73 -66.98 63.19 -5.46
C VAL W 73 -67.55 62.86 -6.83
N LEU W 74 -68.78 63.30 -7.05
CA LEU W 74 -69.45 63.21 -8.34
C LEU W 74 -69.03 64.38 -9.23
N ASP W 75 -69.57 64.43 -10.44
CA ASP W 75 -69.35 65.60 -11.29
C ASP W 75 -69.99 66.84 -10.67
N SER W 76 -71.15 66.67 -10.02
CA SER W 76 -71.84 67.79 -9.40
C SER W 76 -71.20 68.22 -8.08
N GLY W 77 -70.24 67.46 -7.55
CA GLY W 77 -69.46 67.87 -6.41
C GLY W 77 -69.85 67.24 -5.07
N GLU W 78 -71.03 66.65 -4.96
CA GLU W 78 -71.45 66.08 -3.69
C GLU W 78 -70.63 64.85 -3.32
N LEU W 79 -70.49 64.62 -2.01
CA LEU W 79 -69.82 63.43 -1.50
C LEU W 79 -70.66 62.18 -1.76
N VAL W 80 -69.96 61.06 -1.94
CA VAL W 80 -70.60 59.75 -1.96
C VAL W 80 -70.69 59.26 -0.51
N PRO W 81 -71.89 59.24 0.09
CA PRO W 81 -71.98 58.90 1.52
C PRO W 81 -71.40 57.54 1.87
N GLU W 82 -71.59 56.54 1.00
CA GLU W 82 -71.06 55.21 1.27
C GLU W 82 -69.54 55.20 1.32
N LEU W 83 -68.90 56.16 0.64
CA LEU W 83 -67.45 56.27 0.59
C LEU W 83 -66.89 57.29 1.58
N ALA W 84 -67.59 58.41 1.78
CA ALA W 84 -67.04 59.47 2.64
C ALA W 84 -67.05 59.07 4.11
N ALA W 85 -68.09 58.36 4.55
CA ALA W 85 -68.16 57.98 5.96
C ALA W 85 -67.00 57.09 6.39
N PRO W 86 -66.62 56.03 5.67
CA PRO W 86 -65.44 55.27 6.09
C PRO W 86 -64.14 56.06 6.00
N ILE W 87 -64.01 56.94 5.01
CA ILE W 87 -62.79 57.74 4.90
C ILE W 87 -62.68 58.73 6.05
N PHE W 88 -63.79 59.35 6.43
CA PHE W 88 -63.77 60.24 7.60
C PHE W 88 -63.43 59.46 8.87
N TYR W 89 -63.97 58.25 9.00
CA TYR W 89 -63.67 57.41 10.16
C TYR W 89 -62.21 56.99 10.16
N LEU W 90 -61.64 56.70 8.99
CA LEU W 90 -60.24 56.32 8.90
C LEU W 90 -59.34 57.51 9.25
N LEU W 91 -59.65 58.69 8.71
CA LEU W 91 -58.85 59.87 9.02
C LEU W 91 -58.92 60.26 10.48
N GLY W 92 -60.07 60.04 11.12
CA GLY W 92 -60.18 60.33 12.54
C GLY W 92 -59.30 59.42 13.38
N ALA W 93 -59.16 58.16 12.95
CA ALA W 93 -58.29 57.23 13.65
C ALA W 93 -56.82 57.56 13.41
N LEU W 94 -56.47 58.07 12.24
CA LEU W 94 -55.09 58.48 11.99
C LEU W 94 -54.72 59.74 12.77
N ALA W 95 -55.70 60.61 13.03
CA ALA W 95 -55.41 61.83 13.79
C ALA W 95 -55.13 61.51 15.26
N VAL W 96 -55.73 60.44 15.79
CA VAL W 96 -55.45 60.04 17.16
C VAL W 96 -54.00 59.58 17.31
N LEU W 97 -53.45 58.96 16.27
CA LEU W 97 -52.09 58.45 16.32
C LEU W 97 -51.08 59.60 16.33
N SER W 98 -49.88 59.29 16.80
CA SER W 98 -48.79 60.25 16.83
C SER W 98 -48.15 60.35 15.45
N GLU W 99 -47.35 61.40 15.26
CA GLU W 99 -46.67 61.60 13.99
C GLU W 99 -45.71 60.45 13.69
N THR W 100 -45.06 59.91 14.72
CA THR W 100 -44.16 58.78 14.52
C THR W 100 -44.92 57.58 13.99
N GLN W 101 -46.10 57.30 14.53
CA GLN W 101 -46.93 56.22 14.01
C GLN W 101 -47.38 56.53 12.58
N GLN W 102 -47.70 57.80 12.31
CA GLN W 102 -48.11 58.18 10.96
C GLN W 102 -46.98 58.01 9.95
N GLN W 103 -45.75 58.37 10.35
CA GLN W 103 -44.61 58.21 9.45
C GLN W 103 -44.32 56.75 9.16
N LEU W 104 -44.44 55.89 10.19
CA LEU W 104 -44.21 54.46 9.98
C LEU W 104 -45.26 53.86 9.06
N LEU W 105 -46.52 54.26 9.22
CA LEU W 105 -47.56 53.75 8.33
C LEU W 105 -47.31 54.16 6.89
N ALA W 106 -46.81 55.37 6.68
CA ALA W 106 -46.45 55.81 5.32
C ALA W 106 -45.38 54.91 4.72
N LYS W 107 -44.49 54.35 5.56
CA LYS W 107 -43.49 53.41 5.07
C LYS W 107 -44.10 52.04 4.80
N ALA W 108 -45.07 51.63 5.60
CA ALA W 108 -45.61 50.29 5.53
C ALA W 108 -46.75 50.14 4.53
N LEU W 109 -47.31 51.25 4.03
CA LEU W 109 -48.39 51.16 3.06
C LEU W 109 -47.96 50.53 1.75
N GLU W 110 -46.66 50.57 1.43
CA GLU W 110 -46.17 50.04 0.17
C GLU W 110 -46.13 48.53 0.12
N THR W 111 -46.37 47.85 1.24
CA THR W 111 -46.20 46.40 1.33
C THR W 111 -47.47 45.75 1.85
N THR W 112 -47.49 44.41 1.79
CA THR W 112 -48.55 43.62 2.38
C THR W 112 -48.27 43.24 3.82
N VAL W 113 -47.08 43.58 4.34
CA VAL W 113 -46.77 43.37 5.74
C VAL W 113 -47.77 44.10 6.63
N LEU W 114 -48.38 45.17 6.10
CA LEU W 114 -49.43 45.89 6.82
C LEU W 114 -50.47 44.94 7.40
N SER W 115 -50.87 43.92 6.64
CA SER W 115 -51.83 42.93 7.14
C SER W 115 -51.30 42.21 8.37
N LYS W 116 -50.03 41.77 8.31
CA LYS W 116 -49.42 41.08 9.45
C LYS W 116 -49.47 41.93 10.71
N GLN W 117 -49.12 43.22 10.60
CA GLN W 117 -49.18 44.11 11.76
C GLN W 117 -50.60 44.19 12.31
N LEU W 118 -51.59 44.24 11.42
CA LEU W 118 -52.99 44.24 11.84
C LEU W 118 -53.29 43.00 12.69
N GLU W 119 -52.80 41.83 12.25
CA GLU W 119 -53.08 40.59 12.96
C GLU W 119 -52.47 40.60 14.36
N LEU W 120 -51.38 41.35 14.56
CA LEU W 120 -50.81 41.51 15.89
C LEU W 120 -51.70 42.37 16.78
N VAL W 121 -52.13 43.54 16.29
CA VAL W 121 -52.94 44.45 17.09
C VAL W 121 -54.27 43.82 17.46
N LYS W 122 -54.91 43.12 16.51
CA LYS W 122 -56.15 42.41 16.83
C LYS W 122 -55.93 41.43 17.98
N HIS W 123 -54.86 40.63 17.90
CA HIS W 123 -54.57 39.67 18.95
C HIS W 123 -54.31 40.36 20.29
N VAL W 124 -53.60 41.50 20.26
CA VAL W 124 -53.32 42.24 21.49
C VAL W 124 -54.62 42.70 22.14
N LEU W 125 -55.58 43.13 21.33
CA LEU W 125 -56.85 43.59 21.89
C LEU W 125 -57.69 42.42 22.42
N GLU W 126 -57.60 41.26 21.76
CA GLU W 126 -58.33 40.08 22.24
C GLU W 126 -57.68 39.54 23.52
N GLN W 127 -56.35 39.44 23.51
CA GLN W 127 -55.64 38.84 24.64
C GLN W 127 -55.66 39.71 25.89
N SER W 128 -55.94 41.00 25.75
CA SER W 128 -55.93 41.93 26.86
C SER W 128 -57.27 42.02 27.58
N THR W 129 -58.29 41.31 27.11
CA THR W 129 -59.59 41.31 27.79
C THR W 129 -59.44 40.64 29.16
N PRO W 130 -59.94 41.28 30.24
CA PRO W 130 -60.67 42.55 30.31
C PRO W 130 -59.80 43.78 30.09
N TRP W 131 -60.26 44.72 29.27
CA TRP W 131 -59.43 45.86 28.91
C TRP W 131 -59.11 46.74 30.11
N GLN W 132 -59.98 46.75 31.12
CA GLN W 132 -59.79 47.65 32.25
C GLN W 132 -58.76 47.12 33.26
N GLU W 133 -58.24 45.93 33.04
CA GLU W 133 -57.20 45.35 33.90
C GLU W 133 -55.89 45.25 33.13
N GLN W 134 -54.78 45.49 33.82
CA GLN W 134 -53.47 45.28 33.22
C GLN W 134 -53.19 43.79 33.08
N SER W 135 -52.51 43.42 32.00
CA SER W 135 -52.26 42.02 31.73
C SER W 135 -51.03 41.88 30.83
N SER W 136 -50.62 40.65 30.60
CA SER W 136 -49.52 40.32 29.71
C SER W 136 -50.05 39.55 28.51
N VAL W 137 -49.38 39.73 27.37
CA VAL W 137 -49.80 39.13 26.10
C VAL W 137 -48.60 38.44 25.47
N SER W 138 -48.78 37.17 25.11
CA SER W 138 -47.77 36.43 24.36
C SER W 138 -48.06 36.56 22.87
N LEU W 139 -47.00 36.62 22.08
CA LEU W 139 -47.12 36.81 20.65
C LEU W 139 -46.47 35.66 19.89
N PRO W 140 -47.02 35.28 18.74
CA PRO W 140 -46.38 34.22 17.95
C PRO W 140 -45.06 34.71 17.36
N THR W 141 -44.05 33.84 17.43
CA THR W 141 -42.75 34.17 16.85
C THR W 141 -42.85 34.40 15.35
N VAL W 142 -43.83 33.78 14.69
CA VAL W 142 -44.00 33.93 13.25
C VAL W 142 -44.34 35.38 12.86
N LEU W 143 -44.87 36.17 13.80
CA LEU W 143 -45.23 37.55 13.53
C LEU W 143 -44.17 38.56 13.94
N LEU W 144 -43.10 38.12 14.61
CA LEU W 144 -42.08 39.04 15.09
C LEU W 144 -40.91 39.19 14.13
N GLY W 145 -40.87 38.42 13.05
CA GLY W 145 -39.83 38.56 12.05
C GLY W 145 -38.49 38.02 12.48
N ASP W 146 -37.48 38.30 11.65
CA ASP W 146 -36.11 37.86 11.94
C ASP W 146 -35.47 38.69 13.05
N CYS W 147 -35.67 40.01 13.02
CA CYS W 147 -35.04 40.92 13.98
C CYS W 147 -36.12 41.61 14.79
N TRP W 148 -36.21 41.28 16.07
CA TRP W 148 -37.20 41.84 16.99
C TRP W 148 -36.43 42.71 17.98
N ASP W 149 -36.50 44.03 17.79
CA ASP W 149 -35.79 44.97 18.65
C ASP W 149 -36.49 46.32 18.58
N GLU W 150 -35.89 47.32 19.23
CA GLU W 150 -36.49 48.64 19.27
C GLU W 150 -36.47 49.31 17.90
N LYS W 151 -35.58 48.86 17.00
CA LYS W 151 -35.53 49.37 15.65
C LYS W 151 -36.56 48.72 14.73
N ASN W 152 -37.31 47.74 15.22
CA ASN W 152 -38.38 47.16 14.43
C ASN W 152 -39.55 48.13 14.35
N PRO W 153 -40.12 48.36 13.16
CA PRO W 153 -41.22 49.32 13.06
C PRO W 153 -42.45 48.95 13.89
N THR W 154 -42.75 47.65 14.00
CA THR W 154 -43.89 47.23 14.80
C THR W 154 -43.67 47.47 16.28
N TRP W 155 -42.43 47.31 16.76
CA TRP W 155 -42.11 47.61 18.15
C TRP W 155 -42.45 49.05 18.48
N VAL W 156 -42.04 49.98 17.62
CA VAL W 156 -42.30 51.40 17.87
C VAL W 156 -43.80 51.70 17.76
N LEU W 157 -44.48 51.07 16.81
CA LEU W 157 -45.92 51.27 16.68
C LEU W 157 -46.66 50.88 17.95
N LEU W 158 -46.31 49.73 18.52
CA LEU W 158 -46.97 49.28 19.75
C LEU W 158 -46.50 50.09 20.96
N GLU W 159 -45.22 50.48 20.97
CA GLU W 159 -44.69 51.19 22.14
C GLU W 159 -45.32 52.58 22.29
N GLU W 160 -45.51 53.30 21.19
CA GLU W 160 -46.11 54.62 21.25
C GLU W 160 -47.59 54.60 21.63
N CYS W 161 -48.23 53.44 21.61
CA CYS W 161 -49.59 53.35 22.12
C CYS W 161 -49.65 53.34 23.64
N GLY W 162 -48.50 53.30 24.30
CA GLY W 162 -48.45 53.20 25.75
C GLY W 162 -48.28 51.81 26.30
N LEU W 163 -48.02 50.81 25.45
CA LEU W 163 -47.86 49.44 25.88
C LEU W 163 -46.40 49.16 26.22
N ARG W 164 -46.17 48.52 27.37
CA ARG W 164 -44.83 48.12 27.76
C ARG W 164 -44.44 46.84 27.03
N LEU W 165 -43.31 46.86 26.33
CA LEU W 165 -42.90 45.77 25.47
C LEU W 165 -41.60 45.15 25.95
N GLN W 166 -41.32 43.96 25.44
CA GLN W 166 -40.07 43.26 25.68
C GLN W 166 -39.88 42.22 24.59
N VAL W 167 -38.69 41.65 24.53
CA VAL W 167 -38.37 40.68 23.49
C VAL W 167 -38.93 39.30 23.83
N GLU W 168 -38.76 38.87 25.08
CA GLU W 168 -39.16 37.52 25.47
C GLU W 168 -40.65 37.44 25.76
N SER W 169 -41.22 36.26 25.53
CA SER W 169 -42.62 36.03 25.85
C SER W 169 -42.79 35.94 27.36
N PRO W 170 -43.81 36.61 27.94
CA PRO W 170 -44.80 37.45 27.25
C PRO W 170 -44.23 38.81 26.89
N GLN W 171 -44.49 39.25 25.65
CA GLN W 171 -43.83 40.43 25.12
C GLN W 171 -44.57 41.73 25.42
N VAL W 172 -45.89 41.71 25.51
CA VAL W 172 -46.70 42.92 25.60
C VAL W 172 -47.30 43.02 27.00
N HIS W 173 -47.18 44.20 27.59
CA HIS W 173 -47.85 44.54 28.86
C HIS W 173 -48.93 45.57 28.55
N TRP W 174 -50.19 45.18 28.76
CA TRP W 174 -51.33 46.01 28.39
C TRP W 174 -51.70 46.96 29.52
N GLU W 175 -51.82 48.24 29.20
CA GLU W 175 -52.30 49.26 30.11
C GLU W 175 -53.63 49.80 29.60
N PRO W 176 -54.67 49.83 30.42
CA PRO W 176 -55.99 50.30 29.94
C PRO W 176 -55.97 51.71 29.40
N THR W 177 -55.03 52.56 29.83
CA THR W 177 -54.91 53.88 29.25
C THR W 177 -54.48 53.84 27.79
N SER W 178 -54.01 52.69 27.31
CA SER W 178 -53.58 52.52 25.94
C SER W 178 -54.71 52.07 25.02
N LEU W 179 -55.92 51.92 25.55
CA LEU W 179 -57.03 51.38 24.76
C LEU W 179 -57.44 52.35 23.65
N ILE W 180 -57.63 53.62 23.99
CA ILE W 180 -58.12 54.59 23.01
C ILE W 180 -57.17 54.72 21.82
N PRO W 181 -55.85 54.87 21.98
CA PRO W 181 -54.99 54.93 20.78
C PRO W 181 -54.94 53.61 20.03
N THR W 182 -54.89 52.48 20.73
CA THR W 182 -54.79 51.18 20.07
C THR W 182 -55.97 50.93 19.14
N SER W 183 -57.20 51.24 19.59
CA SER W 183 -58.36 51.08 18.73
C SER W 183 -58.21 51.85 17.43
N ALA W 184 -57.74 53.10 17.52
CA ALA W 184 -57.50 53.89 16.31
C ALA W 184 -56.44 53.24 15.43
N LEU W 185 -55.35 52.74 16.03
CA LEU W 185 -54.33 52.04 15.27
C LEU W 185 -54.89 50.79 14.60
N TYR W 186 -55.71 50.02 15.33
CA TYR W 186 -56.35 48.85 14.75
C TYR W 186 -57.20 49.24 13.54
N ALA W 187 -58.07 50.23 13.71
CA ALA W 187 -58.92 50.69 12.62
C ALA W 187 -58.09 51.12 11.41
N SER W 188 -56.97 51.80 11.64
CA SER W 188 -56.09 52.19 10.54
C SER W 188 -55.61 50.96 9.78
N LEU W 189 -55.01 50.00 10.49
CA LEU W 189 -54.48 48.81 9.82
C LEU W 189 -55.58 48.03 9.11
N PHE W 190 -56.79 48.01 9.67
CA PHE W 190 -57.90 47.29 9.05
C PHE W 190 -58.33 47.96 7.75
N LEU W 191 -58.66 49.25 7.80
CA LEU W 191 -59.20 49.94 6.63
C LEU W 191 -58.16 50.07 5.53
N LEU W 192 -56.90 50.33 5.89
CA LEU W 192 -55.84 50.38 4.89
C LEU W 192 -55.66 49.04 4.20
N SER W 193 -55.74 47.94 4.94
CA SER W 193 -55.60 46.62 4.32
C SER W 193 -56.76 46.33 3.37
N SER W 194 -57.98 46.73 3.73
CA SER W 194 -59.11 46.47 2.83
C SER W 194 -59.06 47.36 1.60
N LEU W 195 -58.31 48.47 1.67
CA LEU W 195 -58.13 49.35 0.51
C LEU W 195 -56.95 48.93 -0.35
N GLY W 196 -55.93 48.30 0.26
CA GLY W 196 -54.76 47.86 -0.47
C GLY W 196 -54.87 46.41 -0.90
N GLN W 197 -56.11 45.93 -1.00
CA GLN W 197 -56.38 44.54 -1.38
C GLN W 197 -56.85 44.43 -2.83
N ALA X 1 -65.87 -16.40 -29.02
CA ALA X 1 -65.57 -15.45 -27.93
C ALA X 1 -65.97 -14.04 -28.37
N ALA X 2 -65.33 -13.57 -29.44
CA ALA X 2 -65.65 -12.25 -30.03
C ALA X 2 -66.66 -12.46 -31.16
N ASP X 3 -67.07 -13.70 -31.43
CA ASP X 3 -68.12 -13.90 -32.43
C ASP X 3 -69.39 -13.29 -31.84
N PHE X 4 -69.64 -13.59 -30.57
CA PHE X 4 -70.85 -13.02 -29.94
C PHE X 4 -70.71 -11.51 -29.91
N GLN X 5 -69.54 -11.03 -29.49
CA GLN X 5 -69.29 -9.57 -29.34
C GLN X 5 -69.60 -8.88 -30.66
N GLY X 6 -69.31 -9.55 -31.77
CA GLY X 6 -69.66 -8.98 -33.05
C GLY X 6 -71.16 -8.90 -33.27
N LEU X 7 -71.89 -9.89 -32.75
CA LEU X 7 -73.35 -9.85 -32.84
C LEU X 7 -73.93 -8.74 -31.96
N TYR X 8 -73.41 -8.58 -30.75
CA TYR X 8 -73.90 -7.53 -29.87
C TYR X 8 -73.70 -6.15 -30.49
N ALA X 9 -72.49 -5.88 -30.99
CA ALA X 9 -72.22 -4.58 -31.60
C ALA X 9 -73.10 -4.36 -32.83
N GLU X 10 -73.33 -5.42 -33.61
CA GLU X 10 -74.17 -5.30 -34.80
C GLU X 10 -75.62 -4.99 -34.43
N VAL X 11 -76.15 -5.65 -33.41
CA VAL X 11 -77.53 -5.40 -32.99
C VAL X 11 -77.63 -4.07 -32.26
N LYS X 12 -76.63 -3.73 -31.44
CA LYS X 12 -76.65 -2.45 -30.74
C LYS X 12 -76.59 -1.28 -31.71
N ALA X 13 -75.81 -1.42 -32.79
CA ALA X 13 -75.74 -0.36 -33.80
C ALA X 13 -77.10 -0.13 -34.46
N CYS X 14 -77.87 -1.20 -34.69
CA CYS X 14 -79.20 -1.03 -35.26
C CYS X 14 -80.13 -0.31 -34.30
N SER X 15 -80.04 -0.62 -33.00
CA SER X 15 -80.89 0.04 -32.02
C SER X 15 -80.45 1.47 -31.75
N SER X 16 -79.21 1.82 -32.09
CA SER X 16 -78.70 3.17 -31.81
C SER X 16 -79.46 4.21 -32.64
N GLU X 17 -79.64 3.95 -33.93
CA GLU X 17 -80.37 4.88 -34.78
C GLU X 17 -81.85 4.92 -34.44
N LEU X 18 -82.38 3.86 -33.82
CA LEU X 18 -83.75 3.88 -33.35
C LEU X 18 -83.93 4.82 -32.17
N GLU X 19 -82.86 5.12 -31.44
CA GLU X 19 -82.94 6.08 -30.34
C GLU X 19 -83.33 7.47 -30.81
N SER X 20 -83.09 7.80 -32.08
CA SER X 20 -83.45 9.09 -32.62
C SER X 20 -84.90 9.16 -33.09
N LEU X 21 -85.64 8.06 -33.00
CA LEU X 21 -87.05 8.08 -33.37
C LEU X 21 -87.90 8.55 -32.19
N GLU X 22 -88.99 9.24 -32.51
CA GLU X 22 -89.89 9.74 -31.48
C GLU X 22 -90.47 8.58 -30.67
N MET X 23 -90.72 8.85 -29.38
CA MET X 23 -91.23 7.81 -28.50
C MET X 23 -92.58 7.28 -28.96
N GLU X 24 -93.47 8.19 -29.39
CA GLU X 24 -94.79 7.77 -29.85
C GLU X 24 -94.69 6.90 -31.10
N LEU X 25 -93.75 7.21 -31.99
CA LEU X 25 -93.58 6.41 -33.19
C LEU X 25 -92.94 5.05 -32.88
N ARG X 26 -92.03 5.01 -31.89
CA ARG X 26 -91.43 3.74 -31.51
C ARG X 26 -92.47 2.82 -30.87
N GLN X 27 -93.39 3.38 -30.09
CA GLN X 27 -94.49 2.57 -29.56
C GLN X 27 -95.39 2.07 -30.68
N GLN X 28 -95.64 2.91 -31.69
CA GLN X 28 -96.45 2.49 -32.82
C GLN X 28 -95.82 1.31 -33.55
N ILE X 29 -94.51 1.37 -33.78
CA ILE X 29 -93.81 0.26 -34.41
C ILE X 29 -93.91 -0.99 -33.55
N LEU X 30 -93.72 -0.84 -32.24
CA LEU X 30 -93.71 -1.99 -31.34
C LEU X 30 -95.08 -2.67 -31.28
N VAL X 31 -96.15 -1.88 -31.17
CA VAL X 31 -97.49 -2.46 -31.06
C VAL X 31 -97.85 -3.18 -32.36
N ASN X 32 -97.57 -2.56 -33.50
CA ASN X 32 -97.92 -3.18 -34.78
C ASN X 32 -97.00 -4.34 -35.15
N ILE X 33 -95.78 -4.38 -34.61
CA ILE X 33 -94.95 -5.56 -34.77
C ILE X 33 -95.57 -6.75 -34.04
N GLY X 34 -96.09 -6.52 -32.84
CA GLY X 34 -96.83 -7.56 -32.15
C GLY X 34 -98.05 -8.01 -32.91
N LYS X 35 -98.63 -7.13 -33.72
CA LYS X 35 -99.79 -7.49 -34.52
C LYS X 35 -99.40 -8.35 -35.73
N ILE X 36 -98.41 -7.89 -36.51
CA ILE X 36 -97.98 -8.65 -37.69
C ILE X 36 -97.21 -9.90 -37.32
N LEU X 37 -96.77 -10.04 -36.08
CA LEU X 37 -96.08 -11.26 -35.65
C LEU X 37 -96.99 -12.48 -35.75
N GLN X 38 -98.30 -12.27 -35.80
CA GLN X 38 -99.27 -13.34 -36.02
C GLN X 38 -99.77 -13.37 -37.46
N ASP X 39 -99.00 -12.81 -38.40
CA ASP X 39 -99.35 -12.74 -39.82
C ASP X 39 -98.05 -12.79 -40.61
N GLN X 40 -97.53 -14.01 -40.78
CA GLN X 40 -96.27 -14.18 -41.49
C GLN X 40 -96.28 -13.66 -42.93
N PRO X 41 -97.35 -13.81 -43.72
CA PRO X 41 -97.35 -13.17 -45.05
C PRO X 41 -97.12 -11.67 -45.00
N SER X 42 -97.69 -10.98 -44.01
CA SER X 42 -97.48 -9.54 -43.91
C SER X 42 -96.05 -9.21 -43.49
N MET X 43 -95.40 -10.08 -42.73
CA MET X 43 -94.01 -9.85 -42.36
C MET X 43 -93.09 -10.02 -43.56
N GLU X 44 -93.31 -11.06 -44.37
CA GLU X 44 -92.50 -11.25 -45.58
C GLU X 44 -92.69 -10.10 -46.55
N ALA X 45 -93.91 -9.59 -46.67
CA ALA X 45 -94.16 -8.45 -47.55
C ALA X 45 -93.43 -7.21 -47.06
N LEU X 46 -93.42 -6.99 -45.75
CA LEU X 46 -92.73 -5.83 -45.22
C LEU X 46 -91.22 -5.98 -45.35
N GLU X 47 -90.70 -7.20 -45.18
CA GLU X 47 -89.28 -7.45 -45.45
C GLU X 47 -88.92 -7.07 -46.89
N ALA X 48 -89.72 -7.56 -47.84
CA ALA X 48 -89.43 -7.29 -49.25
C ALA X 48 -89.50 -5.80 -49.55
N SER X 49 -90.53 -5.12 -49.03
CA SER X 49 -90.66 -3.68 -49.28
C SER X 49 -89.48 -2.91 -48.70
N LEU X 50 -89.11 -3.20 -47.46
CA LEU X 50 -87.98 -2.52 -46.84
C LEU X 50 -86.66 -2.92 -47.50
N GLY X 51 -86.50 -4.21 -47.81
CA GLY X 51 -85.27 -4.65 -48.44
C GLY X 51 -85.08 -4.06 -49.83
N GLN X 52 -86.13 -4.09 -50.65
CA GLN X 52 -86.03 -3.52 -52.00
C GLN X 52 -85.86 -2.01 -51.96
N GLY X 53 -86.45 -1.35 -50.97
CA GLY X 53 -86.24 0.09 -50.83
C GLY X 53 -84.83 0.44 -50.39
N LEU X 54 -84.21 -0.44 -49.59
CA LEU X 54 -82.82 -0.20 -49.17
C LEU X 54 -81.84 -0.47 -50.30
N CYS X 55 -82.13 -1.46 -51.14
CA CYS X 55 -81.22 -1.79 -52.23
C CYS X 55 -81.33 -0.82 -53.40
N SER X 56 -82.50 -0.21 -53.58
CA SER X 56 -82.73 0.69 -54.71
C SER X 56 -82.60 2.16 -54.34
N GLY X 57 -82.86 2.51 -53.09
CA GLY X 57 -82.98 3.91 -52.74
C GLY X 57 -84.21 4.59 -53.30
N GLY X 58 -85.12 3.83 -53.93
CA GLY X 58 -86.31 4.38 -54.50
C GLY X 58 -87.48 4.40 -53.53
N GLN X 59 -88.63 4.82 -54.04
CA GLN X 59 -89.83 4.94 -53.23
C GLN X 59 -90.44 3.57 -52.96
N VAL X 60 -90.99 3.42 -51.76
CA VAL X 60 -91.72 2.22 -51.37
C VAL X 60 -93.21 2.53 -51.41
N GLU X 61 -93.96 1.71 -52.14
CA GLU X 61 -95.40 1.89 -52.20
C GLU X 61 -96.02 1.54 -50.85
N PRO X 62 -96.95 2.36 -50.36
CA PRO X 62 -97.50 2.13 -49.01
C PRO X 62 -98.22 0.79 -48.91
N LEU X 63 -98.19 0.22 -47.72
CA LEU X 63 -98.88 -1.03 -47.42
C LEU X 63 -100.05 -0.76 -46.48
N ASP X 64 -100.96 -1.72 -46.42
CA ASP X 64 -102.17 -1.58 -45.62
C ASP X 64 -102.06 -2.36 -44.33
N GLY X 65 -102.88 -1.96 -43.35
CA GLY X 65 -102.94 -2.64 -42.08
C GLY X 65 -101.76 -2.33 -41.18
N PRO X 66 -101.47 -3.24 -40.25
CA PRO X 66 -100.36 -2.99 -39.31
C PRO X 66 -99.00 -2.90 -39.99
N ALA X 67 -98.80 -3.62 -41.09
CA ALA X 67 -97.55 -3.49 -41.83
C ALA X 67 -97.35 -2.08 -42.34
N GLY X 68 -98.43 -1.41 -42.76
CA GLY X 68 -98.32 -0.03 -43.17
C GLY X 68 -98.09 0.92 -42.01
N CYS X 69 -98.64 0.61 -40.84
CA CYS X 69 -98.41 1.44 -39.67
C CYS X 69 -96.93 1.46 -39.29
N ILE X 70 -96.24 0.34 -39.47
CA ILE X 70 -94.80 0.31 -39.27
C ILE X 70 -94.10 1.12 -40.35
N LEU X 71 -94.54 0.98 -41.60
CA LEU X 71 -93.90 1.69 -42.71
C LEU X 71 -94.12 3.20 -42.62
N GLU X 72 -95.24 3.63 -42.04
CA GLU X 72 -95.48 5.07 -41.86
C GLU X 72 -94.37 5.72 -41.05
N CYS X 73 -93.78 4.98 -40.12
CA CYS X 73 -92.72 5.49 -39.26
C CYS X 73 -91.34 5.40 -39.91
N LEU X 74 -91.25 4.99 -41.18
CA LEU X 74 -89.97 4.79 -41.83
C LEU X 74 -89.81 5.48 -43.17
N VAL X 75 -90.78 6.28 -43.63
CA VAL X 75 -90.72 6.87 -44.95
C VAL X 75 -90.88 8.38 -44.86
N LEU X 76 -90.28 9.07 -45.83
CA LEU X 76 -90.43 10.52 -45.98
C LEU X 76 -91.72 10.84 -46.74
N ASP X 77 -91.98 12.13 -46.93
CA ASP X 77 -93.10 12.54 -47.76
C ASP X 77 -92.88 12.14 -49.21
N SER X 78 -91.63 12.22 -49.70
CA SER X 78 -91.33 11.85 -51.06
C SER X 78 -91.33 10.35 -51.31
N GLY X 79 -91.44 9.54 -50.26
CA GLY X 79 -91.62 8.10 -50.39
C GLY X 79 -90.38 7.27 -50.11
N GLU X 80 -89.19 7.86 -50.11
CA GLU X 80 -87.98 7.08 -49.85
C GLU X 80 -87.91 6.62 -48.40
N LEU X 81 -87.24 5.49 -48.19
CA LEU X 81 -86.98 5.00 -46.85
C LEU X 81 -85.96 5.86 -46.12
N VAL X 82 -86.10 5.93 -44.80
CA VAL X 82 -85.05 6.49 -43.96
C VAL X 82 -84.11 5.34 -43.63
N PRO X 83 -82.92 5.29 -44.23
CA PRO X 83 -82.04 4.12 -44.04
C PRO X 83 -81.70 3.85 -42.59
N GLU X 84 -81.48 4.91 -41.80
CA GLU X 84 -81.13 4.73 -40.39
C GLU X 84 -82.26 4.09 -39.60
N LEU X 85 -83.50 4.25 -40.06
CA LEU X 85 -84.66 3.67 -39.40
C LEU X 85 -85.13 2.38 -40.05
N ALA X 86 -85.08 2.29 -41.37
CA ALA X 86 -85.60 1.10 -42.05
C ALA X 86 -84.67 -0.09 -41.88
N ALA X 87 -83.35 0.15 -41.89
CA ALA X 87 -82.40 -0.95 -41.78
C ALA X 87 -82.55 -1.75 -40.49
N PRO X 88 -82.66 -1.12 -39.29
CA PRO X 88 -82.88 -1.93 -38.09
C PRO X 88 -84.21 -2.66 -38.11
N ILE X 89 -85.25 -2.07 -38.69
CA ILE X 89 -86.54 -2.77 -38.79
C ILE X 89 -86.43 -3.95 -39.74
N PHE X 90 -85.72 -3.78 -40.85
CA PHE X 90 -85.47 -4.91 -41.74
C PHE X 90 -84.67 -6.00 -41.04
N TYR X 91 -83.65 -5.61 -40.28
CA TYR X 91 -82.86 -6.59 -39.53
C TYR X 91 -83.71 -7.32 -38.50
N LEU X 92 -84.70 -6.63 -37.92
CA LEU X 92 -85.54 -7.24 -36.91
C LEU X 92 -86.53 -8.24 -37.51
N LEU X 93 -87.14 -7.86 -38.64
CA LEU X 93 -88.11 -8.76 -39.28
C LEU X 93 -87.45 -10.03 -39.80
N GLY X 94 -86.22 -9.92 -40.28
CA GLY X 94 -85.51 -11.13 -40.70
C GLY X 94 -85.17 -12.03 -39.53
N ALA X 95 -84.82 -11.43 -38.39
CA ALA X 95 -84.54 -12.23 -37.20
C ALA X 95 -85.80 -12.89 -36.66
N LEU X 96 -86.93 -12.20 -36.76
CA LEU X 96 -88.21 -12.78 -36.34
C LEU X 96 -88.65 -13.89 -37.28
N ALA X 97 -88.27 -13.81 -38.56
CA ALA X 97 -88.61 -14.86 -39.51
C ALA X 97 -87.85 -16.15 -39.24
N VAL X 98 -86.69 -16.07 -38.56
CA VAL X 98 -85.95 -17.28 -38.22
C VAL X 98 -86.68 -18.05 -37.13
N LEU X 99 -87.39 -17.36 -36.25
CA LEU X 99 -88.07 -18.01 -35.14
C LEU X 99 -89.22 -18.88 -35.63
N SER X 100 -89.64 -19.80 -34.77
CA SER X 100 -90.77 -20.67 -35.05
C SER X 100 -92.08 -19.91 -34.85
N GLU X 101 -93.16 -20.50 -35.35
CA GLU X 101 -94.48 -19.88 -35.21
C GLU X 101 -94.87 -19.77 -33.74
N THR X 102 -94.52 -20.77 -32.94
CA THR X 102 -94.80 -20.71 -31.50
C THR X 102 -94.03 -19.56 -30.85
N GLN X 103 -92.75 -19.40 -31.21
CA GLN X 103 -91.96 -18.30 -30.66
C GLN X 103 -92.53 -16.95 -31.07
N GLN X 104 -93.01 -16.84 -32.32
CA GLN X 104 -93.60 -15.57 -32.76
C GLN X 104 -94.86 -15.25 -31.97
N GLN X 105 -95.70 -16.25 -31.71
CA GLN X 105 -96.92 -16.03 -30.95
C GLN X 105 -96.61 -15.65 -29.50
N LEU X 106 -95.60 -16.29 -28.90
CA LEU X 106 -95.23 -15.97 -27.53
C LEU X 106 -94.69 -14.55 -27.41
N LEU X 107 -93.87 -14.12 -28.36
CA LEU X 107 -93.33 -12.76 -28.30
C LEU X 107 -94.44 -11.72 -28.41
N ALA X 108 -95.48 -12.01 -29.20
CA ALA X 108 -96.62 -11.09 -29.29
C ALA X 108 -97.29 -10.93 -27.94
N LYS X 109 -97.25 -11.96 -27.10
CA LYS X 109 -97.81 -11.85 -25.75
C LYS X 109 -96.89 -11.05 -24.83
N ALA X 110 -95.57 -11.21 -24.99
CA ALA X 110 -94.60 -10.67 -24.05
C ALA X 110 -94.23 -9.22 -24.32
N LEU X 111 -94.60 -8.66 -25.48
CA LEU X 111 -94.29 -7.26 -25.76
C LEU X 111 -95.00 -6.31 -24.80
N GLU X 112 -96.10 -6.76 -24.19
CA GLU X 112 -96.89 -5.91 -23.31
C GLU X 112 -96.20 -5.63 -21.97
N THR X 113 -95.12 -6.34 -21.65
CA THR X 113 -94.54 -6.30 -20.32
C THR X 113 -93.06 -5.93 -20.40
N THR X 114 -92.44 -5.80 -19.22
CA THR X 114 -90.99 -5.64 -19.11
C THR X 114 -90.28 -6.98 -19.00
N VAL X 115 -91.02 -8.09 -18.98
CA VAL X 115 -90.42 -9.41 -18.93
C VAL X 115 -89.54 -9.64 -20.16
N LEU X 116 -89.85 -8.96 -21.26
CA LEU X 116 -89.02 -9.02 -22.46
C LEU X 116 -87.55 -8.78 -22.14
N SER X 117 -87.26 -7.81 -21.28
CA SER X 117 -85.88 -7.53 -20.89
C SER X 117 -85.25 -8.73 -20.20
N LYS X 118 -85.95 -9.31 -19.22
CA LYS X 118 -85.44 -10.48 -18.51
C LYS X 118 -85.13 -11.61 -19.47
N GLN X 119 -86.06 -11.90 -20.39
CA GLN X 119 -85.85 -12.97 -21.36
C GLN X 119 -84.63 -12.71 -22.22
N LEU X 120 -84.41 -11.46 -22.63
CA LEU X 120 -83.25 -11.11 -23.44
C LEU X 120 -81.94 -11.50 -22.75
N GLU X 121 -81.79 -11.12 -21.48
CA GLU X 121 -80.54 -11.41 -20.78
C GLU X 121 -80.37 -12.90 -20.54
N LEU X 122 -81.47 -13.64 -20.46
CA LEU X 122 -81.36 -15.10 -20.33
C LEU X 122 -80.76 -15.69 -21.60
N VAL X 123 -81.30 -15.31 -22.76
CA VAL X 123 -80.76 -15.79 -24.03
C VAL X 123 -79.32 -15.30 -24.21
N LYS X 124 -79.06 -14.05 -23.84
CA LYS X 124 -77.70 -13.53 -23.86
C LYS X 124 -76.76 -14.38 -23.02
N HIS X 125 -77.18 -14.71 -21.80
CA HIS X 125 -76.34 -15.52 -20.91
C HIS X 125 -76.10 -16.91 -21.50
N VAL X 126 -77.12 -17.49 -22.13
CA VAL X 126 -76.96 -18.81 -22.76
C VAL X 126 -75.93 -18.74 -23.87
N LEU X 127 -75.93 -17.65 -24.65
CA LEU X 127 -74.98 -17.53 -25.75
C LEU X 127 -73.57 -17.26 -25.24
N GLU X 128 -73.45 -16.50 -24.15
CA GLU X 128 -72.12 -16.22 -23.58
C GLU X 128 -71.55 -17.46 -22.92
N GLN X 129 -72.35 -18.13 -22.10
CA GLN X 129 -71.84 -19.21 -21.25
C GLN X 129 -71.57 -20.50 -22.03
N SER X 130 -72.13 -20.66 -23.22
CA SER X 130 -71.99 -21.89 -23.99
C SER X 130 -70.79 -21.91 -24.93
N THR X 131 -70.01 -20.84 -25.00
CA THR X 131 -68.81 -20.84 -25.83
C THR X 131 -67.80 -21.84 -25.29
N PRO X 132 -67.21 -22.71 -26.13
CA PRO X 132 -67.35 -22.82 -27.60
C PRO X 132 -68.69 -23.38 -28.07
N TRP X 133 -69.27 -22.70 -29.06
CA TRP X 133 -70.62 -23.04 -29.52
C TRP X 133 -70.67 -24.41 -30.17
N GLN X 134 -69.56 -24.88 -30.75
CA GLN X 134 -69.58 -26.15 -31.47
C GLN X 134 -69.52 -27.36 -30.56
N GLU X 135 -69.35 -27.17 -29.26
CA GLU X 135 -69.37 -28.27 -28.29
C GLU X 135 -70.58 -28.13 -27.39
N GLN X 136 -71.18 -29.27 -27.03
CA GLN X 136 -72.28 -29.26 -26.07
C GLN X 136 -71.78 -28.81 -24.71
N SER X 137 -72.63 -28.03 -24.02
CA SER X 137 -72.26 -27.52 -22.71
C SER X 137 -73.54 -27.22 -21.93
N SER X 138 -73.37 -26.95 -20.64
CA SER X 138 -74.48 -26.65 -19.74
C SER X 138 -74.43 -25.19 -19.32
N VAL X 139 -75.58 -24.65 -18.95
CA VAL X 139 -75.71 -23.26 -18.53
C VAL X 139 -76.66 -23.21 -17.34
N SER X 140 -76.21 -22.56 -16.26
CA SER X 140 -77.05 -22.31 -15.09
C SER X 140 -77.65 -20.91 -15.18
N LEU X 141 -78.88 -20.77 -14.67
CA LEU X 141 -79.60 -19.53 -14.79
C LEU X 141 -79.95 -18.97 -13.42
N PRO X 142 -79.92 -17.65 -13.26
CA PRO X 142 -80.38 -17.06 -11.99
C PRO X 142 -81.87 -17.21 -11.82
N THR X 143 -82.28 -17.56 -10.60
CA THR X 143 -83.70 -17.73 -10.30
C THR X 143 -84.47 -16.42 -10.54
N VAL X 144 -83.81 -15.28 -10.40
CA VAL X 144 -84.47 -13.99 -10.51
C VAL X 144 -85.00 -13.73 -11.91
N LEU X 145 -84.52 -14.47 -12.91
CA LEU X 145 -84.95 -14.29 -14.29
C LEU X 145 -85.91 -15.37 -14.77
N LEU X 146 -86.15 -16.42 -13.98
CA LEU X 146 -86.96 -17.54 -14.44
C LEU X 146 -88.46 -17.32 -14.24
N GLY X 147 -88.85 -16.28 -13.51
CA GLY X 147 -90.25 -16.08 -13.19
C GLY X 147 -90.62 -16.73 -11.86
N ASP X 148 -91.92 -16.88 -11.66
CA ASP X 148 -92.41 -17.47 -10.42
C ASP X 148 -92.30 -18.98 -10.42
N CYS X 149 -92.77 -19.63 -11.50
CA CYS X 149 -92.72 -21.08 -11.62
C CYS X 149 -91.95 -21.45 -12.89
N TRP X 150 -91.03 -22.40 -12.75
CA TRP X 150 -90.11 -22.78 -13.83
C TRP X 150 -90.38 -24.23 -14.24
N ASP X 151 -91.05 -24.41 -15.38
CA ASP X 151 -91.35 -25.72 -15.91
C ASP X 151 -91.57 -25.58 -17.42
N GLU X 152 -91.92 -26.70 -18.07
CA GLU X 152 -92.07 -26.69 -19.52
C GLU X 152 -93.26 -25.90 -20.02
N LYS X 153 -94.06 -25.28 -19.13
CA LYS X 153 -95.12 -24.39 -19.56
C LYS X 153 -94.76 -22.91 -19.37
N ASN X 154 -93.58 -22.62 -18.82
CA ASN X 154 -93.13 -21.25 -18.71
C ASN X 154 -92.86 -20.66 -20.09
N PRO X 155 -93.30 -19.42 -20.37
CA PRO X 155 -93.07 -18.86 -21.71
C PRO X 155 -91.59 -18.77 -22.08
N THR X 156 -90.73 -18.46 -21.11
CA THR X 156 -89.30 -18.41 -21.40
C THR X 156 -88.75 -19.82 -21.66
N TRP X 157 -89.26 -20.81 -20.94
CA TRP X 157 -88.89 -22.20 -21.21
C TRP X 157 -89.21 -22.58 -22.65
N VAL X 158 -90.42 -22.26 -23.10
CA VAL X 158 -90.83 -22.63 -24.45
C VAL X 158 -90.01 -21.86 -25.48
N LEU X 159 -89.71 -20.59 -25.20
CA LEU X 159 -88.87 -19.82 -26.11
C LEU X 159 -87.50 -20.47 -26.28
N LEU X 160 -86.90 -20.90 -25.17
CA LEU X 160 -85.60 -21.56 -25.25
C LEU X 160 -85.73 -22.97 -25.81
N GLU X 161 -86.82 -23.67 -25.47
CA GLU X 161 -86.99 -25.04 -25.93
C GLU X 161 -87.20 -25.10 -27.44
N GLU X 162 -87.95 -24.14 -27.99
CA GLU X 162 -88.22 -24.08 -29.42
C GLU X 162 -86.98 -23.75 -30.24
N CYS X 163 -85.90 -23.28 -29.61
CA CYS X 163 -84.63 -23.12 -30.30
C CYS X 163 -83.88 -24.43 -30.46
N GLY X 164 -84.39 -25.53 -29.90
CA GLY X 164 -83.71 -26.80 -29.90
C GLY X 164 -82.91 -27.09 -28.65
N LEU X 165 -83.03 -26.28 -27.61
CA LEU X 165 -82.29 -26.47 -26.38
C LEU X 165 -83.01 -27.47 -25.49
N ARG X 166 -82.23 -28.37 -24.87
CA ARG X 166 -82.80 -29.32 -23.91
C ARG X 166 -82.83 -28.65 -22.54
N LEU X 167 -84.03 -28.42 -22.02
CA LEU X 167 -84.21 -27.73 -20.76
C LEU X 167 -84.59 -28.70 -19.65
N GLN X 168 -84.36 -28.27 -18.41
CA GLN X 168 -84.68 -29.04 -17.24
C GLN X 168 -85.00 -28.08 -16.09
N VAL X 169 -85.54 -28.63 -15.01
CA VAL X 169 -85.97 -27.78 -13.90
C VAL X 169 -84.79 -27.37 -13.04
N GLU X 170 -83.93 -28.32 -12.68
CA GLU X 170 -82.83 -28.06 -11.78
C GLU X 170 -81.63 -27.47 -12.51
N SER X 171 -80.83 -26.70 -11.79
CA SER X 171 -79.63 -26.12 -12.35
C SER X 171 -78.59 -27.21 -12.60
N PRO X 172 -77.92 -27.22 -13.77
CA PRO X 172 -78.08 -26.24 -14.85
C PRO X 172 -79.32 -26.48 -15.70
N GLN X 173 -80.10 -25.43 -15.91
CA GLN X 173 -81.40 -25.57 -16.55
C GLN X 173 -81.31 -25.76 -18.06
N VAL X 174 -80.30 -25.18 -18.71
CA VAL X 174 -80.18 -25.18 -20.16
C VAL X 174 -79.01 -26.05 -20.57
N HIS X 175 -79.26 -26.96 -21.51
CA HIS X 175 -78.22 -27.77 -22.13
C HIS X 175 -78.05 -27.27 -23.57
N TRP X 176 -76.87 -26.72 -23.87
CA TRP X 176 -76.62 -26.14 -25.18
C TRP X 176 -76.24 -27.23 -26.18
N GLU X 177 -76.78 -27.10 -27.38
CA GLU X 177 -76.43 -27.96 -28.51
C GLU X 177 -76.14 -27.09 -29.73
N PRO X 178 -75.08 -27.40 -30.48
CA PRO X 178 -74.64 -26.49 -31.55
C PRO X 178 -75.67 -26.23 -32.64
N THR X 179 -76.62 -27.14 -32.85
CA THR X 179 -77.66 -26.91 -33.84
C THR X 179 -78.59 -25.75 -33.45
N SER X 180 -78.55 -25.32 -32.19
CA SER X 180 -79.40 -24.24 -31.71
C SER X 180 -78.77 -22.86 -31.87
N LEU X 181 -77.58 -22.77 -32.48
CA LEU X 181 -76.88 -21.48 -32.54
C LEU X 181 -77.64 -20.48 -33.39
N ILE X 182 -78.01 -20.87 -34.60
CA ILE X 182 -78.70 -19.95 -35.51
C ILE X 182 -80.03 -19.46 -34.94
N PRO X 183 -80.92 -20.33 -34.43
CA PRO X 183 -82.17 -19.82 -33.86
C PRO X 183 -81.99 -19.01 -32.59
N THR X 184 -81.14 -19.47 -31.67
CA THR X 184 -80.92 -18.73 -30.43
C THR X 184 -80.37 -17.34 -30.70
N SER X 185 -79.38 -17.24 -31.59
CA SER X 185 -78.84 -15.94 -31.96
C SER X 185 -79.93 -15.02 -32.50
N ALA X 186 -80.78 -15.55 -33.39
CA ALA X 186 -81.90 -14.77 -33.92
C ALA X 186 -82.85 -14.35 -32.80
N LEU X 187 -83.15 -15.26 -31.88
CA LEU X 187 -84.00 -14.91 -30.74
C LEU X 187 -83.37 -13.80 -29.91
N TYR X 188 -82.06 -13.89 -29.67
CA TYR X 188 -81.35 -12.81 -28.99
C TYR X 188 -81.51 -11.49 -29.73
N ALA X 189 -81.19 -11.48 -31.02
CA ALA X 189 -81.33 -10.25 -31.81
C ALA X 189 -82.75 -9.73 -31.78
N SER X 190 -83.74 -10.62 -31.87
CA SER X 190 -85.13 -10.22 -31.77
C SER X 190 -85.42 -9.55 -30.43
N LEU X 191 -85.12 -10.25 -29.34
CA LEU X 191 -85.39 -9.72 -28.00
C LEU X 191 -84.66 -8.41 -27.75
N PHE X 192 -83.45 -8.25 -28.30
CA PHE X 192 -82.69 -7.03 -28.09
C PHE X 192 -83.38 -5.84 -28.75
N LEU X 193 -83.70 -5.96 -30.05
CA LEU X 193 -84.28 -4.85 -30.78
C LEU X 193 -85.68 -4.51 -30.25
N LEU X 194 -86.47 -5.54 -29.90
CA LEU X 194 -87.79 -5.29 -29.32
C LEU X 194 -87.69 -4.54 -28.00
N SER X 195 -86.73 -4.92 -27.14
CA SER X 195 -86.57 -4.24 -25.87
C SER X 195 -86.11 -2.79 -26.06
N SER X 196 -85.27 -2.55 -27.07
CA SER X 196 -84.77 -1.20 -27.30
C SER X 196 -85.85 -0.25 -27.82
N LEU X 197 -86.97 -0.77 -28.31
CA LEU X 197 -88.04 0.09 -28.80
C LEU X 197 -88.99 0.56 -27.72
N GLY X 198 -89.19 -0.23 -26.65
CA GLY X 198 -90.09 0.18 -25.60
C GLY X 198 -89.44 0.86 -24.41
N GLN X 199 -88.24 1.39 -24.62
CA GLN X 199 -87.50 2.07 -23.54
C GLN X 199 -87.50 3.58 -23.71
N LEU Y 1 93.93 -33.12 39.86
CA LEU Y 1 93.23 -34.24 39.22
C LEU Y 1 93.50 -35.55 39.94
N LYS Y 2 92.44 -36.19 40.42
CA LYS Y 2 92.55 -37.47 41.12
C LYS Y 2 92.68 -38.59 40.10
N LEU Y 3 93.64 -39.49 40.33
CA LEU Y 3 93.95 -40.55 39.39
C LEU Y 3 93.24 -41.84 39.78
N CYS Y 4 93.21 -42.79 38.84
CA CYS Y 4 92.65 -44.11 39.07
C CYS Y 4 93.78 -45.11 39.23
N SER Y 5 93.64 -46.00 40.20
CA SER Y 5 94.71 -46.96 40.49
C SER Y 5 94.87 -47.92 39.32
N PRO Y 6 96.10 -48.31 38.98
CA PRO Y 6 96.29 -49.20 37.83
C PRO Y 6 95.65 -50.57 37.99
N GLU Y 7 95.37 -50.99 39.22
CA GLU Y 7 94.71 -52.27 39.43
C GLU Y 7 93.27 -52.23 38.92
N GLU Y 8 92.53 -51.19 39.28
CA GLU Y 8 91.17 -51.02 38.76
C GLU Y 8 91.19 -50.67 37.28
N PHE Y 9 92.27 -50.04 36.80
CA PHE Y 9 92.41 -49.76 35.39
C PHE Y 9 92.46 -51.05 34.58
N THR Y 10 93.29 -52.00 35.00
CA THR Y 10 93.35 -53.29 34.33
C THR Y 10 92.14 -54.16 34.63
N ARG Y 11 91.43 -53.90 35.74
CA ARG Y 11 90.24 -54.67 36.05
C ARG Y 11 89.11 -54.36 35.08
N LEU Y 12 88.91 -53.07 34.77
CA LEU Y 12 87.88 -52.69 33.81
C LEU Y 12 88.27 -53.05 32.38
N CYS Y 13 89.58 -53.14 32.12
CA CYS Y 13 90.04 -53.55 30.79
C CYS Y 13 89.84 -55.04 30.54
N ARG Y 14 89.69 -55.84 31.60
CA ARG Y 14 89.46 -57.27 31.44
C ARG Y 14 87.98 -57.62 31.51
N GLU Y 15 87.32 -57.22 32.60
CA GLU Y 15 85.94 -57.62 32.83
C GLU Y 15 85.00 -57.00 31.80
N LYS Y 16 85.22 -55.75 31.44
CA LYS Y 16 84.37 -55.08 30.46
C LYS Y 16 85.21 -54.60 29.28
N THR Y 17 85.81 -55.55 28.55
CA THR Y 17 86.72 -55.18 27.47
C THR Y 17 85.98 -54.67 26.24
N GLN Y 18 84.79 -55.20 25.97
CA GLN Y 18 84.03 -54.80 24.79
C GLN Y 18 83.20 -53.55 25.00
N GLU Y 19 83.01 -53.12 26.25
CA GLU Y 19 82.16 -51.98 26.56
C GLU Y 19 82.92 -50.67 26.72
N ILE Y 20 84.25 -50.69 26.63
CA ILE Y 20 85.03 -49.47 26.78
C ILE Y 20 85.88 -49.26 25.54
N TYR Y 21 86.18 -48.00 25.29
CA TYR Y 21 87.06 -47.61 24.20
C TYR Y 21 88.50 -47.99 24.53
N PRO Y 22 89.24 -48.61 23.62
CA PRO Y 22 90.61 -49.04 23.93
C PRO Y 22 91.53 -47.85 24.15
N ILE Y 23 92.32 -47.92 25.22
CA ILE Y 23 93.25 -46.87 25.59
C ILE Y 23 94.68 -47.37 25.40
N LYS Y 24 95.48 -46.60 24.67
CA LYS Y 24 96.89 -46.94 24.53
C LYS Y 24 97.66 -46.56 25.78
N GLU Y 25 98.62 -47.39 26.15
CA GLU Y 25 99.49 -47.11 27.29
C GLU Y 25 100.33 -45.87 27.01
N ALA Y 26 100.65 -45.14 28.07
CA ALA Y 26 101.33 -43.85 27.97
C ALA Y 26 102.74 -43.97 27.39
N ASN Y 27 103.14 -45.18 27.01
CA ASN Y 27 104.46 -45.40 26.45
C ASN Y 27 104.50 -44.82 25.04
N GLY Y 28 103.94 -45.54 24.08
CA GLY Y 28 103.89 -45.05 22.70
C GLY Y 28 102.60 -44.31 22.40
N ARG Y 29 102.17 -43.47 23.33
CA ARG Y 29 100.93 -42.71 23.20
C ARG Y 29 101.24 -41.27 22.83
N THR Y 30 100.48 -40.73 21.86
CA THR Y 30 100.64 -39.35 21.41
C THR Y 30 99.23 -38.71 21.34
N ARG Y 31 98.61 -38.54 22.50
CA ARG Y 31 97.30 -37.89 22.56
C ARG Y 31 97.40 -36.42 22.18
N LYS Y 32 96.51 -35.99 21.30
CA LYS Y 32 96.44 -34.60 20.84
C LYS Y 32 95.07 -34.01 21.15
N ALA Y 33 95.08 -32.75 21.59
CA ALA Y 33 93.86 -32.00 21.86
C ALA Y 33 93.98 -30.62 21.23
N LEU Y 34 92.83 -30.05 20.87
CA LEU Y 34 92.78 -28.77 20.18
C LEU Y 34 91.92 -27.80 20.97
N ILE Y 35 92.43 -26.59 21.20
CA ILE Y 35 91.69 -25.51 21.83
C ILE Y 35 91.68 -24.33 20.88
N ILE Y 36 90.49 -23.88 20.50
CA ILE Y 36 90.31 -22.70 19.66
C ILE Y 36 89.48 -21.70 20.45
N CYS Y 37 90.07 -20.53 20.73
CA CYS Y 37 89.39 -19.51 21.52
C CYS Y 37 89.66 -18.15 20.94
N ASN Y 38 88.61 -17.37 20.71
CA ASN Y 38 88.70 -16.01 20.22
C ASN Y 38 88.28 -15.06 21.32
N THR Y 39 89.15 -14.08 21.62
CA THR Y 39 88.89 -13.11 22.67
C THR Y 39 88.51 -11.74 22.13
N GLU Y 40 89.32 -11.19 21.23
CA GLU Y 40 89.06 -9.87 20.67
C GLU Y 40 88.27 -10.00 19.36
N PHE Y 41 87.22 -9.20 19.23
CA PHE Y 41 86.40 -9.20 18.03
C PHE Y 41 86.30 -7.78 17.48
N LYS Y 42 86.21 -7.67 16.16
CA LYS Y 42 86.10 -6.36 15.52
C LYS Y 42 84.73 -5.74 15.79
N HIS Y 43 83.67 -6.54 15.76
CA HIS Y 43 82.31 -6.04 15.95
C HIS Y 43 81.61 -6.59 17.18
N LEU Y 44 82.13 -7.66 17.79
CA LEU Y 44 81.47 -8.28 18.93
C LEU Y 44 82.16 -7.88 20.23
N SER Y 45 81.43 -8.05 21.33
CA SER Y 45 81.96 -7.69 22.65
C SER Y 45 83.17 -8.54 22.99
N LEU Y 46 84.09 -7.94 23.75
CA LEU Y 46 85.27 -8.69 24.19
C LEU Y 46 84.87 -9.74 25.21
N ARG Y 47 85.41 -10.95 25.05
CA ARG Y 47 85.14 -12.05 25.97
C ARG Y 47 86.14 -11.98 27.11
N TYR Y 48 85.84 -11.11 28.08
CA TYR Y 48 86.70 -10.98 29.25
C TYR Y 48 86.76 -12.30 30.02
N GLY Y 49 87.96 -12.65 30.47
CA GLY Y 49 88.15 -13.88 31.22
C GLY Y 49 88.28 -15.12 30.37
N ALA Y 50 88.31 -14.99 29.05
CA ALA Y 50 88.48 -16.16 28.18
C ALA Y 50 89.82 -16.84 28.40
N ASN Y 51 90.84 -16.07 28.79
CA ASN Y 51 92.15 -16.66 29.05
C ASN Y 51 92.11 -17.61 30.23
N PHE Y 52 91.22 -17.37 31.19
CA PHE Y 52 91.05 -18.31 32.31
C PHE Y 52 90.52 -19.65 31.82
N ASP Y 53 89.60 -19.63 30.84
CA ASP Y 53 89.09 -20.87 30.28
C ASP Y 53 90.16 -21.59 29.47
N ILE Y 54 90.99 -20.83 28.76
CA ILE Y 54 92.07 -21.43 27.98
C ILE Y 54 93.05 -22.13 28.91
N ILE Y 55 93.49 -21.44 29.96
CA ILE Y 55 94.44 -22.02 30.91
C ILE Y 55 93.84 -23.23 31.60
N GLY Y 56 92.57 -23.15 31.98
CA GLY Y 56 91.94 -24.26 32.68
C GLY Y 56 91.82 -25.50 31.84
N MET Y 57 91.31 -25.37 30.62
CA MET Y 57 91.14 -26.53 29.75
C MET Y 57 92.49 -27.11 29.33
N LYS Y 58 93.46 -26.24 29.03
CA LYS Y 58 94.78 -26.72 28.65
C LYS Y 58 95.44 -27.49 29.78
N GLY Y 59 95.33 -26.98 31.01
CA GLY Y 59 95.92 -27.67 32.15
C GLY Y 59 95.26 -29.03 32.41
N LEU Y 60 93.94 -29.10 32.30
CA LEU Y 60 93.24 -30.36 32.52
C LEU Y 60 93.61 -31.38 31.45
N LEU Y 61 93.62 -30.95 30.18
CA LEU Y 61 93.96 -31.88 29.10
C LEU Y 61 95.40 -32.35 29.20
N GLU Y 62 96.30 -31.51 29.71
CA GLU Y 62 97.68 -31.96 29.94
C GLU Y 62 97.72 -33.01 31.03
N ASP Y 63 96.95 -32.82 32.11
CA ASP Y 63 96.85 -33.83 33.15
C ASP Y 63 96.17 -35.10 32.64
N LEU Y 64 95.38 -35.00 31.59
CA LEU Y 64 94.76 -36.17 30.96
C LEU Y 64 95.63 -36.81 29.90
N GLY Y 65 96.82 -36.26 29.63
CA GLY Y 65 97.76 -36.86 28.71
C GLY Y 65 97.71 -36.35 27.28
N TYR Y 66 97.02 -35.26 27.02
CA TYR Y 66 96.86 -34.73 25.67
C TYR Y 66 97.83 -33.59 25.41
N ASP Y 67 98.50 -33.65 24.25
CA ASP Y 67 99.30 -32.52 23.78
C ASP Y 67 98.37 -31.46 23.22
N VAL Y 68 98.37 -30.28 23.83
CA VAL Y 68 97.37 -29.25 23.57
C VAL Y 68 97.89 -28.29 22.52
N VAL Y 69 97.08 -28.07 21.48
CA VAL Y 69 97.33 -27.04 20.49
C VAL Y 69 96.37 -25.89 20.75
N VAL Y 70 96.91 -24.68 20.96
CA VAL Y 70 96.10 -23.51 21.28
C VAL Y 70 96.22 -22.53 20.12
N LYS Y 71 95.07 -22.14 19.56
CA LYS Y 71 95.00 -21.15 18.49
C LYS Y 71 93.98 -20.09 18.87
N GLU Y 72 94.35 -18.82 18.67
CA GLU Y 72 93.52 -17.69 19.09
C GLU Y 72 93.31 -16.73 17.94
N GLU Y 73 92.22 -15.97 18.03
CA GLU Y 73 91.87 -14.90 17.09
C GLU Y 73 91.86 -15.41 15.64
N LEU Y 74 90.83 -16.18 15.34
CA LEU Y 74 90.69 -16.83 14.03
C LEU Y 74 89.36 -16.44 13.38
N THR Y 75 89.40 -16.38 12.04
CA THR Y 75 88.20 -16.23 11.24
C THR Y 75 87.55 -17.60 11.03
N ALA Y 76 86.42 -17.61 10.32
CA ALA Y 76 85.78 -18.88 9.97
C ALA Y 76 86.70 -19.71 9.07
N GLU Y 77 87.42 -19.05 8.17
CA GLU Y 77 88.46 -19.74 7.41
C GLU Y 77 89.64 -20.11 8.30
N GLY Y 78 89.95 -19.26 9.29
CA GLY Y 78 91.07 -19.56 10.17
C GLY Y 78 90.80 -20.77 11.04
N MET Y 79 89.60 -20.84 11.64
CA MET Y 79 89.24 -22.02 12.41
C MET Y 79 89.19 -23.27 11.54
N GLU Y 80 88.60 -23.15 10.34
CA GLU Y 80 88.50 -24.30 9.45
C GLU Y 80 89.88 -24.78 9.03
N SER Y 81 90.78 -23.85 8.69
CA SER Y 81 92.13 -24.25 8.27
C SER Y 81 92.90 -24.86 9.43
N GLU Y 82 92.79 -24.26 10.62
CA GLU Y 82 93.50 -24.81 11.78
C GLU Y 82 92.94 -26.17 12.18
N MET Y 83 91.63 -26.38 12.03
CA MET Y 83 91.06 -27.69 12.30
C MET Y 83 91.51 -28.71 11.28
N LYS Y 84 91.58 -28.32 10.00
CA LYS Y 84 92.08 -29.24 8.97
C LYS Y 84 93.53 -29.60 9.22
N ASP Y 85 94.33 -28.62 9.65
CA ASP Y 85 95.72 -28.91 9.99
C ASP Y 85 95.81 -29.84 11.20
N PHE Y 86 94.97 -29.60 12.21
CA PHE Y 86 95.00 -30.44 13.41
C PHE Y 86 94.56 -31.87 13.08
N ALA Y 87 93.59 -32.01 12.18
CA ALA Y 87 93.06 -33.32 11.82
C ALA Y 87 94.03 -34.11 10.94
N ALA Y 88 94.94 -33.43 10.24
CA ALA Y 88 95.89 -34.09 9.37
C ALA Y 88 97.15 -34.51 10.09
N LEU Y 89 97.24 -34.30 11.39
CA LEU Y 89 98.44 -34.67 12.14
C LEU Y 89 98.61 -36.19 12.14
N SER Y 90 99.82 -36.64 11.78
CA SER Y 90 100.13 -38.06 11.79
C SER Y 90 100.18 -38.66 13.19
N GLU Y 91 100.19 -37.81 14.23
CA GLU Y 91 100.23 -38.29 15.61
C GLU Y 91 98.96 -39.04 16.01
N HIS Y 92 97.86 -38.85 15.28
CA HIS Y 92 96.62 -39.52 15.64
C HIS Y 92 96.71 -41.03 15.48
N GLN Y 93 97.60 -41.51 14.62
CA GLN Y 93 97.74 -42.96 14.44
C GLN Y 93 98.22 -43.64 15.73
N THR Y 94 99.07 -42.95 16.51
CA THR Y 94 99.54 -43.46 17.78
C THR Y 94 98.79 -42.86 18.96
N SER Y 95 97.55 -42.41 18.75
CA SER Y 95 96.70 -41.88 19.79
C SER Y 95 95.46 -42.76 19.95
N ASP Y 96 94.71 -42.52 21.03
CA ASP Y 96 93.49 -43.25 21.30
C ASP Y 96 92.24 -42.39 21.37
N SER Y 97 92.37 -41.07 21.36
CA SER Y 97 91.23 -40.16 21.48
C SER Y 97 91.72 -38.75 21.18
N THR Y 98 90.78 -37.79 21.21
CA THR Y 98 91.11 -36.39 21.01
C THR Y 98 90.04 -35.52 21.65
N PHE Y 99 90.40 -34.26 21.92
CA PHE Y 99 89.50 -33.27 22.47
C PHE Y 99 89.47 -32.03 21.58
N LEU Y 100 88.29 -31.46 21.39
CA LEU Y 100 88.10 -30.27 20.56
C LEU Y 100 87.35 -29.23 21.40
N VAL Y 101 88.07 -28.21 21.86
CA VAL Y 101 87.50 -27.14 22.69
C VAL Y 101 87.33 -25.89 21.83
N LEU Y 102 86.09 -25.41 21.72
CA LEU Y 102 85.77 -24.23 20.93
C LEU Y 102 85.10 -23.20 21.83
N MET Y 103 85.67 -22.00 21.88
CA MET Y 103 85.17 -20.94 22.77
C MET Y 103 85.17 -19.61 22.03
N SER Y 104 84.00 -19.04 21.83
CA SER Y 104 83.80 -17.78 21.13
C SER Y 104 82.33 -17.41 21.24
N HIS Y 105 81.94 -16.31 20.58
CA HIS Y 105 80.54 -16.07 20.37
C HIS Y 105 79.98 -17.08 19.36
N GLY Y 106 78.68 -17.32 19.43
CA GLY Y 106 78.07 -18.36 18.63
C GLY Y 106 76.69 -17.97 18.14
N THR Y 107 76.31 -18.62 17.04
CA THR Y 107 74.96 -18.55 16.48
C THR Y 107 74.26 -19.87 16.71
N LEU Y 108 73.10 -20.05 16.08
CA LEU Y 108 72.31 -21.26 16.28
C LEU Y 108 73.04 -22.49 15.75
N HIS Y 109 73.63 -22.40 14.56
CA HIS Y 109 74.25 -23.56 13.92
C HIS Y 109 75.75 -23.41 13.74
N GLY Y 110 76.38 -22.40 14.33
CA GLY Y 110 77.81 -22.21 14.14
C GLY Y 110 78.42 -21.36 15.23
N ILE Y 111 79.74 -21.27 15.18
CA ILE Y 111 80.53 -20.46 16.12
C ILE Y 111 81.13 -19.29 15.36
N CYS Y 112 81.17 -18.13 16.01
CA CYS Y 112 81.52 -16.88 15.35
C CYS Y 112 83.04 -16.69 15.30
N GLY Y 113 83.50 -16.15 14.17
CA GLY Y 113 84.88 -15.71 14.06
C GLY Y 113 85.08 -14.29 14.57
N THR Y 114 86.32 -13.81 14.41
CA THR Y 114 86.65 -12.47 14.90
C THR Y 114 85.92 -11.39 14.12
N MET Y 115 85.75 -11.58 12.82
CA MET Y 115 85.17 -10.57 11.96
C MET Y 115 83.65 -10.68 11.84
N HIS Y 116 83.02 -11.45 12.72
CA HIS Y 116 81.59 -11.72 12.57
C HIS Y 116 80.75 -10.49 12.90
N SER Y 117 79.69 -10.30 12.10
CA SER Y 117 78.68 -9.30 12.35
C SER Y 117 77.40 -9.77 11.67
N GLU Y 118 76.27 -9.22 12.10
CA GLU Y 118 75.00 -9.59 11.45
C GLU Y 118 75.01 -9.17 9.99
N LYS Y 119 75.61 -8.02 9.70
CA LYS Y 119 75.75 -7.57 8.31
C LYS Y 119 76.83 -8.35 7.58
N THR Y 120 77.93 -8.67 8.25
CA THR Y 120 79.05 -9.40 7.66
C THR Y 120 79.28 -10.67 8.47
N PRO Y 121 78.57 -11.75 8.16
CA PRO Y 121 78.72 -12.98 8.94
C PRO Y 121 80.08 -13.63 8.73
N ASP Y 122 80.66 -14.13 9.83
CA ASP Y 122 81.92 -14.88 9.82
C ASP Y 122 81.73 -16.08 10.75
N VAL Y 123 81.00 -17.09 10.27
CA VAL Y 123 80.54 -18.19 11.12
C VAL Y 123 81.06 -19.50 10.55
N LEU Y 124 81.58 -20.36 11.42
CA LEU Y 124 81.96 -21.73 11.08
C LEU Y 124 80.88 -22.67 11.59
N GLN Y 125 80.21 -23.37 10.68
CA GLN Y 125 79.15 -24.28 11.06
C GLN Y 125 79.70 -25.45 11.86
N TYR Y 126 78.96 -25.85 12.90
CA TYR Y 126 79.36 -27.03 13.67
C TYR Y 126 79.28 -28.28 12.82
N ASP Y 127 78.37 -28.32 11.85
CA ASP Y 127 78.27 -29.45 10.95
C ASP Y 127 79.55 -29.61 10.12
N THR Y 128 80.21 -28.50 9.81
CA THR Y 128 81.48 -28.57 9.09
C THR Y 128 82.56 -29.26 9.91
N ILE Y 129 82.54 -29.07 11.24
CA ILE Y 129 83.53 -29.70 12.10
C ILE Y 129 83.41 -31.22 12.06
N TYR Y 130 82.17 -31.73 12.13
CA TYR Y 130 81.96 -33.16 12.02
C TYR Y 130 82.43 -33.69 10.66
N GLN Y 131 82.25 -32.90 9.61
CA GLN Y 131 82.73 -33.31 8.28
C GLN Y 131 84.25 -33.40 8.26
N ILE Y 132 84.92 -32.52 8.99
CA ILE Y 132 86.38 -32.52 8.98
C ILE Y 132 86.94 -33.73 9.73
N PHE Y 133 86.26 -34.14 10.81
CA PHE Y 133 86.78 -35.17 11.70
C PHE Y 133 86.10 -36.52 11.56
N ASN Y 134 85.23 -36.69 10.57
CA ASN Y 134 84.57 -37.98 10.39
C ASN Y 134 85.58 -39.02 9.89
N ASN Y 135 85.10 -40.25 9.70
CA ASN Y 135 85.96 -41.33 9.24
C ASN Y 135 86.45 -41.12 7.81
N CYS Y 136 85.86 -40.18 7.07
CA CYS Y 136 86.28 -39.92 5.70
C CYS Y 136 87.48 -39.00 5.63
N HIS Y 137 87.48 -37.91 6.41
CA HIS Y 137 88.49 -36.88 6.29
C HIS Y 137 89.55 -36.93 7.39
N CYS Y 138 89.33 -37.74 8.44
CA CYS Y 138 90.30 -37.89 9.53
C CYS Y 138 90.54 -39.37 9.73
N PRO Y 139 91.39 -39.99 8.90
CA PRO Y 139 91.64 -41.43 9.05
C PRO Y 139 92.38 -41.80 10.32
N GLY Y 140 93.18 -40.88 10.87
CA GLY Y 140 93.96 -41.19 12.06
C GLY Y 140 93.14 -41.40 13.31
N LEU Y 141 91.91 -40.89 13.35
CA LEU Y 141 91.06 -40.98 14.53
C LEU Y 141 89.84 -41.87 14.30
N ARG Y 142 89.89 -42.77 13.32
CA ARG Y 142 88.79 -43.70 13.11
C ARG Y 142 88.65 -44.63 14.31
N ASP Y 143 87.39 -44.88 14.69
CA ASP Y 143 87.04 -45.75 15.81
C ASP Y 143 87.58 -45.24 17.14
N LYS Y 144 87.98 -43.97 17.20
CA LYS Y 144 88.52 -43.35 18.40
C LYS Y 144 87.62 -42.22 18.87
N PRO Y 145 87.47 -42.03 20.17
CA PRO Y 145 86.56 -40.99 20.68
C PRO Y 145 86.98 -39.60 20.22
N LYS Y 146 86.00 -38.83 19.74
CA LYS Y 146 86.21 -37.45 19.34
C LYS Y 146 85.24 -36.59 20.15
N VAL Y 147 85.77 -35.88 21.14
CA VAL Y 147 84.98 -35.10 22.08
C VAL Y 147 85.04 -33.63 21.69
N ILE Y 148 83.88 -32.99 21.58
CA ILE Y 148 83.77 -31.59 21.19
C ILE Y 148 83.18 -30.82 22.36
N ILE Y 149 83.89 -29.78 22.81
CA ILE Y 149 83.43 -28.90 23.88
C ILE Y 149 83.18 -27.52 23.28
N VAL Y 150 81.96 -27.01 23.45
CA VAL Y 150 81.55 -25.75 22.86
C VAL Y 150 81.07 -24.82 23.98
N GLN Y 151 81.89 -23.81 24.29
CA GLN Y 151 81.48 -22.71 25.16
C GLN Y 151 81.15 -21.53 24.24
N ALA Y 152 79.87 -21.33 23.99
CA ALA Y 152 79.42 -20.29 23.07
C ALA Y 152 77.90 -20.16 23.21
N ALA Y 153 77.41 -18.97 22.94
CA ALA Y 153 75.97 -18.77 22.88
C ALA Y 153 75.40 -19.50 21.67
N ARG Y 154 74.14 -19.92 21.79
CA ARG Y 154 73.44 -20.57 20.69
C ARG Y 154 72.19 -19.79 20.30
N GLY Y 155 72.17 -18.49 20.58
CA GLY Y 155 70.99 -17.68 20.37
C GLY Y 155 71.08 -16.43 21.22
N GLY Y 156 70.02 -15.62 21.14
CA GLY Y 156 69.98 -14.37 21.86
C GLY Y 156 68.92 -14.33 22.94
N ASN Y 157 68.17 -15.42 23.08
CA ASN Y 157 67.06 -15.48 24.01
C ASN Y 157 67.53 -15.94 25.38
N SER Y 158 66.81 -15.51 26.41
CA SER Y 158 67.10 -15.93 27.77
C SER Y 158 66.62 -17.37 27.99
N GLY Y 159 67.30 -18.07 28.89
CA GLY Y 159 67.04 -19.47 29.13
C GLY Y 159 66.21 -19.75 30.37
N GLU Y 160 65.57 -18.74 30.94
CA GLU Y 160 64.78 -18.92 32.15
C GLU Y 160 63.51 -18.09 32.02
N MET Y 161 62.51 -18.44 32.84
CA MET Y 161 61.26 -17.69 32.90
C MET Y 161 60.60 -17.97 34.23
N TRP Y 162 59.56 -17.18 34.52
CA TRP Y 162 58.83 -17.25 35.78
C TRP Y 162 57.47 -17.90 35.53
N ILE Y 163 57.11 -18.86 36.37
CA ILE Y 163 55.84 -19.57 36.26
C ILE Y 163 55.22 -19.66 37.65
N ARG Y 164 54.07 -20.34 37.72
CA ARG Y 164 53.42 -20.63 38.98
C ARG Y 164 53.88 -21.98 39.52
N GLU Y 165 54.12 -22.05 40.82
CA GLU Y 165 54.48 -23.31 41.46
C GLU Y 165 53.22 -24.00 42.00
N THR Z 1 60.66 -61.41 26.23
CA THR Z 1 59.68 -60.34 26.33
C THR Z 1 60.10 -59.34 27.40
N LEU Z 2 59.18 -58.45 27.78
CA LEU Z 2 59.47 -57.42 28.76
C LEU Z 2 59.79 -58.01 30.13
N LYS Z 3 61.08 -58.15 30.43
CA LYS Z 3 61.48 -58.55 31.77
C LYS Z 3 61.23 -57.41 32.74
N LEU Z 4 60.60 -57.71 33.87
CA LEU Z 4 60.17 -56.70 34.81
C LEU Z 4 61.18 -56.52 35.95
N CYS Z 5 61.11 -55.35 36.58
CA CYS Z 5 61.92 -55.05 37.76
C CYS Z 5 61.07 -55.29 39.00
N SER Z 6 61.63 -55.98 39.98
CA SER Z 6 60.88 -56.35 41.16
C SER Z 6 60.50 -55.10 41.96
N PRO Z 7 59.31 -55.05 42.55
CA PRO Z 7 58.92 -53.84 43.30
C PRO Z 7 59.81 -53.58 44.51
N GLU Z 8 60.39 -54.62 45.10
CA GLU Z 8 61.31 -54.41 46.21
C GLU Z 8 62.57 -53.68 45.75
N GLU Z 9 63.12 -54.09 44.59
CA GLU Z 9 64.28 -53.41 44.04
C GLU Z 9 63.92 -52.04 43.50
N PHE Z 10 62.68 -51.87 43.03
CA PHE Z 10 62.24 -50.57 42.54
C PHE Z 10 62.27 -49.52 43.65
N THR Z 11 61.63 -49.82 44.78
CA THR Z 11 61.67 -48.91 45.93
C THR Z 11 63.07 -48.82 46.52
N ARG Z 12 63.92 -49.84 46.31
CA ARG Z 12 65.28 -49.77 46.80
C ARG Z 12 66.08 -48.70 46.06
N LEU Z 13 65.87 -48.58 44.75
CA LEU Z 13 66.59 -47.57 43.97
C LEU Z 13 66.00 -46.18 44.15
N CYS Z 14 64.70 -46.07 44.42
CA CYS Z 14 64.10 -44.77 44.65
C CYS Z 14 64.50 -44.17 45.99
N ARG Z 15 64.87 -44.99 46.96
CA ARG Z 15 65.35 -44.48 48.24
C ARG Z 15 66.85 -44.20 48.22
N GLU Z 16 67.63 -45.15 47.68
CA GLU Z 16 69.08 -45.05 47.78
C GLU Z 16 69.63 -43.88 46.96
N LYS Z 17 69.13 -43.69 45.75
CA LYS Z 17 69.59 -42.63 44.86
C LYS Z 17 68.37 -41.85 44.36
N THR Z 18 67.72 -41.14 45.29
CA THR Z 18 66.59 -40.28 44.92
C THR Z 18 67.03 -39.07 44.11
N GLN Z 19 68.25 -38.58 44.35
CA GLN Z 19 68.73 -37.39 43.67
C GLN Z 19 69.28 -37.69 42.28
N GLU Z 20 69.57 -38.95 41.98
CA GLU Z 20 70.17 -39.32 40.70
C GLU Z 20 69.18 -39.84 39.68
N ILE Z 21 67.91 -40.04 40.06
CA ILE Z 21 66.92 -40.58 39.14
C ILE Z 21 65.72 -39.65 39.05
N TYR Z 22 65.05 -39.72 37.91
CA TYR Z 22 63.81 -39.00 37.70
C TYR Z 22 62.70 -39.63 38.54
N PRO Z 23 61.88 -38.83 39.24
CA PRO Z 23 60.84 -39.42 40.10
C PRO Z 23 59.78 -40.13 39.26
N ILE Z 24 59.42 -41.33 39.69
CA ILE Z 24 58.45 -42.17 39.00
C ILE Z 24 57.18 -42.25 39.83
N LYS Z 25 56.04 -41.95 39.20
CA LYS Z 25 54.76 -42.06 39.87
C LYS Z 25 54.36 -43.53 39.98
N GLU Z 26 53.74 -43.89 41.11
CA GLU Z 26 53.26 -45.24 41.30
C GLU Z 26 52.14 -45.54 40.31
N ALA Z 27 52.06 -46.80 39.88
CA ALA Z 27 51.13 -47.22 38.83
C ALA Z 27 49.67 -47.10 39.21
N ASN Z 28 49.34 -46.57 40.39
CA ASN Z 28 47.95 -46.46 40.81
C ASN Z 28 47.22 -45.38 40.03
N GLY Z 29 47.40 -44.12 40.42
CA GLY Z 29 46.76 -43.01 39.73
C GLY Z 29 47.64 -42.43 38.64
N ARG Z 30 48.23 -43.30 37.84
CA ARG Z 30 49.16 -42.91 36.79
C ARG Z 30 48.46 -42.88 35.45
N THR Z 31 48.66 -41.78 34.70
CA THR Z 31 48.08 -41.62 33.37
C THR Z 31 49.21 -41.30 32.39
N ARG Z 32 50.11 -42.26 32.20
CA ARG Z 32 51.18 -42.10 31.24
C ARG Z 32 50.61 -42.07 29.82
N LYS Z 33 51.01 -41.06 29.04
CA LYS Z 33 50.58 -40.93 27.66
C LYS Z 33 51.79 -40.88 26.75
N ALA Z 34 51.69 -41.58 25.62
CA ALA Z 34 52.72 -41.59 24.60
C ALA Z 34 52.08 -41.36 23.24
N LEU Z 35 52.86 -40.79 22.33
CA LEU Z 35 52.38 -40.42 21.01
C LEU Z 35 53.22 -41.08 19.94
N ILE Z 36 52.56 -41.72 18.98
CA ILE Z 36 53.21 -42.31 17.82
C ILE Z 36 52.62 -41.66 16.57
N ILE Z 37 53.48 -41.05 15.76
CA ILE Z 37 53.08 -40.44 14.50
C ILE Z 37 53.84 -41.13 13.38
N CYS Z 38 53.11 -41.76 12.47
CA CYS Z 38 53.70 -42.49 11.35
C CYS Z 38 52.90 -42.22 10.09
N ASN Z 39 53.59 -41.80 9.04
CA ASN Z 39 52.99 -41.55 7.73
C ASN Z 39 53.47 -42.59 6.74
N THR Z 40 52.54 -43.25 6.06
CA THR Z 40 52.85 -44.31 5.12
C THR Z 40 52.70 -43.89 3.67
N GLU Z 41 51.56 -43.30 3.29
CA GLU Z 41 51.33 -42.90 1.91
C GLU Z 41 51.74 -41.46 1.68
N PHE Z 42 52.48 -41.23 0.59
CA PHE Z 42 52.95 -39.90 0.22
C PHE Z 42 52.53 -39.61 -1.22
N LYS Z 43 52.27 -38.33 -1.50
CA LYS Z 43 51.90 -37.95 -2.85
C LYS Z 43 53.08 -38.06 -3.80
N HIS Z 44 54.28 -37.65 -3.36
CA HIS Z 44 55.45 -37.65 -4.22
C HIS Z 44 56.57 -38.58 -3.76
N LEU Z 45 56.53 -39.06 -2.52
CA LEU Z 45 57.61 -39.89 -1.98
C LEU Z 45 57.23 -41.37 -1.98
N SER Z 46 58.25 -42.21 -1.89
CA SER Z 46 58.05 -43.65 -1.91
C SER Z 46 57.28 -44.10 -0.68
N LEU Z 47 56.49 -45.16 -0.85
CA LEU Z 47 55.73 -45.72 0.25
C LEU Z 47 56.66 -46.39 1.26
N ARG Z 48 56.40 -46.16 2.55
CA ARG Z 48 57.20 -46.73 3.63
C ARG Z 48 56.66 -48.11 3.97
N TYR Z 49 57.08 -49.10 3.19
CA TYR Z 49 56.68 -50.48 3.41
C TYR Z 49 57.16 -50.98 4.77
N GLY Z 50 56.28 -51.72 5.44
CA GLY Z 50 56.60 -52.26 6.76
C GLY Z 50 56.44 -51.31 7.91
N ALA Z 51 55.91 -50.10 7.67
CA ALA Z 51 55.68 -49.16 8.76
C ALA Z 51 54.63 -49.67 9.75
N ASN Z 52 53.79 -50.62 9.33
CA ASN Z 52 52.77 -51.16 10.23
C ASN Z 52 53.41 -51.95 11.37
N PHE Z 53 54.42 -52.77 11.05
CA PHE Z 53 55.13 -53.51 12.10
C PHE Z 53 55.75 -52.58 13.13
N ASP Z 54 56.26 -51.43 12.69
CA ASP Z 54 56.85 -50.49 13.63
C ASP Z 54 55.77 -49.86 14.52
N ILE Z 55 54.60 -49.57 13.96
CA ILE Z 55 53.52 -49.00 14.75
C ILE Z 55 53.06 -50.00 15.81
N ILE Z 56 52.75 -51.22 15.40
CA ILE Z 56 52.30 -52.25 16.34
C ILE Z 56 53.40 -52.58 17.35
N GLY Z 57 54.65 -52.66 16.88
CA GLY Z 57 55.74 -52.98 17.79
C GLY Z 57 55.94 -51.91 18.84
N MET Z 58 56.00 -50.65 18.42
CA MET Z 58 56.18 -49.56 19.38
C MET Z 58 54.96 -49.39 20.26
N LYS Z 59 53.76 -49.56 19.70
CA LYS Z 59 52.54 -49.44 20.49
C LYS Z 59 52.47 -50.49 21.58
N GLY Z 60 52.82 -51.73 21.25
CA GLY Z 60 52.82 -52.78 22.26
C GLY Z 60 53.85 -52.56 23.35
N LEU Z 61 55.05 -52.11 22.97
CA LEU Z 61 56.09 -51.87 23.95
C LEU Z 61 55.71 -50.74 24.89
N LEU Z 62 55.22 -49.63 24.34
CA LEU Z 62 54.85 -48.49 25.17
C LEU Z 62 53.67 -48.82 26.08
N GLU Z 63 52.74 -49.65 25.62
CA GLU Z 63 51.66 -50.11 26.49
C GLU Z 63 52.18 -51.02 27.58
N ASP Z 64 53.11 -51.92 27.25
CA ASP Z 64 53.72 -52.76 28.26
C ASP Z 64 54.51 -51.95 29.27
N LEU Z 65 54.96 -50.76 28.89
CA LEU Z 65 55.63 -49.84 29.80
C LEU Z 65 54.67 -48.92 30.53
N GLY Z 66 53.36 -49.07 30.29
CA GLY Z 66 52.35 -48.31 31.01
C GLY Z 66 51.84 -47.06 30.32
N TYR Z 67 52.14 -46.88 29.04
CA TYR Z 67 51.72 -45.68 28.31
C TYR Z 67 50.48 -45.97 27.48
N ASP Z 68 49.48 -45.09 27.59
CA ASP Z 68 48.34 -45.11 26.68
C ASP Z 68 48.76 -44.41 25.38
N VAL Z 69 48.74 -45.15 24.28
CA VAL Z 69 49.35 -44.70 23.04
C VAL Z 69 48.31 -44.02 22.15
N VAL Z 70 48.62 -42.82 21.68
CA VAL Z 70 47.83 -42.13 20.67
C VAL Z 70 48.55 -42.29 19.33
N VAL Z 71 47.84 -42.83 18.34
CA VAL Z 71 48.40 -43.14 17.04
C VAL Z 71 47.77 -42.23 16.00
N LYS Z 72 48.60 -41.55 15.22
CA LYS Z 72 48.15 -40.66 14.16
C LYS Z 72 48.85 -41.02 12.86
N GLU Z 73 48.07 -41.09 11.77
CA GLU Z 73 48.58 -41.51 10.47
C GLU Z 73 48.21 -40.50 9.41
N GLU Z 74 49.03 -40.46 8.35
CA GLU Z 74 48.78 -39.65 7.16
C GLU Z 74 48.53 -38.19 7.53
N LEU Z 75 49.61 -37.52 7.93
CA LEU Z 75 49.54 -36.14 8.38
C LEU Z 75 50.47 -35.26 7.57
N THR Z 76 50.07 -34.00 7.38
CA THR Z 76 50.94 -32.98 6.82
C THR Z 76 51.84 -32.43 7.91
N ALA Z 77 52.74 -31.51 7.52
CA ALA Z 77 53.57 -30.84 8.53
C ALA Z 77 52.71 -30.00 9.46
N GLU Z 78 51.69 -29.33 8.91
CA GLU Z 78 50.70 -28.66 9.74
C GLU Z 78 49.93 -29.67 10.58
N GLY Z 79 49.61 -30.83 10.00
CA GLY Z 79 48.87 -31.84 10.73
C GLY Z 79 49.66 -32.41 11.89
N MET Z 80 50.93 -32.73 11.66
CA MET Z 80 51.77 -33.22 12.75
C MET Z 80 51.92 -32.18 13.84
N GLU Z 81 52.12 -30.91 13.46
CA GLU Z 81 52.25 -29.85 14.46
C GLU Z 81 50.97 -29.70 15.27
N SER Z 82 49.81 -29.77 14.61
CA SER Z 82 48.55 -29.62 15.32
C SER Z 82 48.31 -30.77 16.29
N GLU Z 83 48.61 -32.00 15.87
CA GLU Z 83 48.46 -33.13 16.77
C GLU Z 83 49.46 -33.08 17.92
N MET Z 84 50.67 -32.55 17.68
CA MET Z 84 51.63 -32.42 18.76
C MET Z 84 51.17 -31.40 19.79
N LYS Z 85 50.64 -30.27 19.33
CA LYS Z 85 50.09 -29.29 20.27
C LYS Z 85 48.89 -29.87 21.02
N ASP Z 86 48.04 -30.63 20.32
CA ASP Z 86 46.93 -31.30 20.98
C ASP Z 86 47.43 -32.34 21.98
N PHE Z 87 48.44 -33.12 21.60
CA PHE Z 87 48.98 -34.12 22.51
C PHE Z 87 49.64 -33.46 23.73
N ALA Z 88 50.33 -32.33 23.49
CA ALA Z 88 51.01 -31.63 24.57
C ALA Z 88 50.02 -30.92 25.49
N ALA Z 89 48.82 -30.64 25.01
CA ALA Z 89 47.80 -29.96 25.79
C ALA Z 89 46.96 -30.91 26.63
N LEU Z 90 47.27 -32.20 26.64
CA LEU Z 90 46.50 -33.16 27.41
C LEU Z 90 46.62 -32.86 28.90
N SER Z 91 45.49 -32.75 29.58
CA SER Z 91 45.51 -32.60 31.03
C SER Z 91 45.97 -33.86 31.72
N GLU Z 92 46.00 -34.99 31.01
CA GLU Z 92 46.46 -36.25 31.59
C GLU Z 92 47.94 -36.23 31.90
N HIS Z 93 48.70 -35.32 31.29
CA HIS Z 93 50.14 -35.23 31.56
C HIS Z 93 50.42 -34.78 32.99
N GLN Z 94 49.48 -34.08 33.63
CA GLN Z 94 49.68 -33.61 34.99
C GLN Z 94 49.87 -34.76 35.97
N THR Z 95 49.18 -35.89 35.74
CA THR Z 95 49.32 -37.07 36.57
C THR Z 95 50.23 -38.12 35.92
N SER Z 96 51.17 -37.68 35.08
CA SER Z 96 52.13 -38.56 34.45
C SER Z 96 53.53 -38.22 34.94
N ASP Z 97 54.49 -39.10 34.63
CA ASP Z 97 55.87 -38.89 35.01
C ASP Z 97 56.83 -38.79 33.82
N SER Z 98 56.36 -39.06 32.60
CA SER Z 98 57.22 -39.04 31.42
C SER Z 98 56.31 -39.14 30.20
N THR Z 99 56.94 -39.11 29.02
CA THR Z 99 56.22 -39.28 27.77
C THR Z 99 57.18 -39.82 26.71
N PHE Z 100 56.61 -40.41 25.67
CA PHE Z 100 57.37 -40.91 24.54
C PHE Z 100 56.82 -40.31 23.25
N LEU Z 101 57.73 -39.96 22.34
CA LEU Z 101 57.36 -39.37 21.05
C LEU Z 101 58.03 -40.18 19.95
N VAL Z 102 57.24 -41.00 19.25
CA VAL Z 102 57.74 -41.83 18.17
C VAL Z 102 57.31 -41.18 16.86
N LEU Z 103 58.28 -40.82 16.02
CA LEU Z 103 58.03 -40.19 14.74
C LEU Z 103 58.67 -41.04 13.65
N MET Z 104 57.87 -41.46 12.68
CA MET Z 104 58.33 -42.34 11.62
C MET Z 104 57.75 -41.86 10.31
N SER Z 105 58.63 -41.45 9.39
CA SER Z 105 58.25 -40.91 8.09
C SER Z 105 59.53 -40.73 7.29
N HIS Z 106 59.39 -40.19 6.09
CA HIS Z 106 60.57 -39.69 5.38
C HIS Z 106 61.08 -38.44 6.09
N GLY Z 107 62.37 -38.17 5.91
CA GLY Z 107 63.00 -37.09 6.63
C GLY Z 107 64.03 -36.37 5.79
N THR Z 108 64.27 -35.11 6.15
CA THR Z 108 65.33 -34.29 5.60
C THR Z 108 66.40 -34.08 6.67
N LEU Z 109 67.34 -33.17 6.39
CA LEU Z 109 68.43 -32.95 7.32
C LEU Z 109 67.94 -32.35 8.64
N HIS Z 110 67.03 -31.38 8.57
CA HIS Z 110 66.59 -30.66 9.76
C HIS Z 110 65.11 -30.84 10.07
N GLY Z 111 64.42 -31.76 9.39
CA GLY Z 111 63.00 -31.92 9.66
C GLY Z 111 62.50 -33.27 9.20
N ILE Z 112 61.24 -33.54 9.54
CA ILE Z 112 60.56 -34.78 9.16
C ILE Z 112 59.46 -34.43 8.17
N CYS Z 113 59.28 -35.29 7.17
CA CYS Z 113 58.41 -34.99 6.04
C CYS Z 113 56.95 -35.35 6.33
N GLY Z 114 56.05 -34.52 5.83
CA GLY Z 114 54.63 -34.84 5.81
C GLY Z 114 54.25 -35.65 4.57
N THR Z 115 52.96 -35.93 4.45
CA THR Z 115 52.48 -36.77 3.35
C THR Z 115 52.63 -36.07 2.00
N MET Z 116 52.40 -34.76 1.96
CA MET Z 116 52.38 -34.02 0.71
C MET Z 116 53.75 -33.44 0.35
N HIS Z 117 54.82 -33.93 0.95
CA HIS Z 117 56.13 -33.32 0.77
C HIS Z 117 56.67 -33.56 -0.63
N SER Z 118 57.29 -32.52 -1.18
CA SER Z 118 58.02 -32.58 -2.44
C SER Z 118 59.07 -31.48 -2.41
N GLU Z 119 60.09 -31.64 -3.26
CA GLU Z 119 61.14 -30.62 -3.30
C GLU Z 119 60.60 -29.28 -3.80
N LYS Z 120 59.59 -29.29 -4.66
CA LYS Z 120 59.00 -28.04 -5.14
C LYS Z 120 58.08 -27.43 -4.10
N THR Z 121 57.23 -28.24 -3.47
CA THR Z 121 56.31 -27.80 -2.43
C THR Z 121 56.68 -28.54 -1.14
N PRO Z 122 57.60 -28.00 -0.35
CA PRO Z 122 58.04 -28.71 0.86
C PRO Z 122 56.93 -28.80 1.89
N ASP Z 123 56.86 -29.96 2.55
CA ASP Z 123 55.92 -30.22 3.64
C ASP Z 123 56.69 -30.87 4.78
N VAL Z 124 57.48 -30.06 5.48
CA VAL Z 124 58.45 -30.54 6.46
C VAL Z 124 58.15 -29.88 7.80
N LEU Z 125 58.15 -30.68 8.86
CA LEU Z 125 58.07 -30.19 10.23
C LEU Z 125 59.46 -30.24 10.85
N GLN Z 126 60.00 -29.07 11.19
CA GLN Z 126 61.33 -29.01 11.80
C GLN Z 126 61.32 -29.67 13.17
N TYR Z 127 62.39 -30.41 13.46
CA TYR Z 127 62.51 -31.05 14.77
C TYR Z 127 62.59 -30.02 15.88
N ASP Z 128 63.15 -28.83 15.60
CA ASP Z 128 63.20 -27.78 16.60
C ASP Z 128 61.81 -27.32 17.02
N THR Z 129 60.83 -27.41 16.11
CA THR Z 129 59.46 -27.05 16.48
C THR Z 129 58.92 -27.98 17.55
N ILE Z 130 59.32 -29.26 17.52
CA ILE Z 130 58.85 -30.22 18.50
C ILE Z 130 59.35 -29.82 19.89
N TYR Z 131 60.62 -29.42 19.99
CA TYR Z 131 61.16 -28.99 21.28
C TYR Z 131 60.43 -27.76 21.79
N GLN Z 132 60.06 -26.85 20.89
CA GLN Z 132 59.30 -25.67 21.30
C GLN Z 132 57.91 -26.05 21.80
N ILE Z 133 57.30 -27.06 21.18
CA ILE Z 133 55.94 -27.45 21.56
C ILE Z 133 55.94 -28.12 22.94
N PHE Z 134 56.98 -28.90 23.24
CA PHE Z 134 57.00 -29.72 24.43
C PHE Z 134 57.92 -29.19 25.52
N ASN Z 135 58.51 -28.02 25.34
CA ASN Z 135 59.42 -27.49 26.36
C ASN Z 135 58.64 -27.08 27.61
N ASN Z 136 59.38 -26.63 28.62
CA ASN Z 136 58.77 -26.19 29.87
C ASN Z 136 57.96 -24.91 29.71
N CYS Z 137 58.11 -24.20 28.59
CA CYS Z 137 57.36 -22.96 28.38
C CYS Z 137 55.96 -23.23 27.84
N HIS Z 138 55.84 -24.12 26.85
CA HIS Z 138 54.59 -24.34 26.15
C HIS Z 138 53.88 -25.63 26.56
N CYS Z 139 54.53 -26.48 27.36
CA CYS Z 139 53.95 -27.75 27.82
C CYS Z 139 54.05 -27.80 29.32
N PRO Z 140 53.10 -27.17 30.03
CA PRO Z 140 53.15 -27.18 31.50
C PRO Z 140 52.93 -28.56 32.10
N GLY Z 141 52.21 -29.44 31.41
CA GLY Z 141 51.92 -30.75 31.95
C GLY Z 141 53.14 -31.65 32.07
N LEU Z 142 54.20 -31.37 31.30
CA LEU Z 142 55.40 -32.21 31.28
C LEU Z 142 56.61 -31.49 31.86
N ARG Z 143 56.41 -30.47 32.68
CA ARG Z 143 57.54 -29.78 33.31
C ARG Z 143 58.26 -30.74 34.25
N ASP Z 144 59.59 -30.71 34.22
CA ASP Z 144 60.45 -31.56 35.04
C ASP Z 144 60.25 -33.05 34.74
N LYS Z 145 59.63 -33.38 33.61
CA LYS Z 145 59.38 -34.77 33.28
C LYS Z 145 60.14 -35.18 32.02
N PRO Z 146 60.66 -36.40 31.98
CA PRO Z 146 61.42 -36.85 30.81
C PRO Z 146 60.57 -36.84 29.55
N LYS Z 147 61.14 -36.30 28.47
CA LYS Z 147 60.50 -36.29 27.17
C LYS Z 147 61.44 -36.98 26.18
N VAL Z 148 61.10 -38.21 25.81
CA VAL Z 148 61.93 -39.04 24.96
C VAL Z 148 61.37 -39.00 23.55
N ILE Z 149 62.22 -38.70 22.57
CA ILE Z 149 61.83 -38.60 21.18
C ILE Z 149 62.56 -39.67 20.39
N ILE Z 150 61.80 -40.50 19.66
CA ILE Z 150 62.36 -41.54 18.80
C ILE Z 150 62.05 -41.16 17.36
N VAL Z 151 63.11 -41.04 16.55
CA VAL Z 151 62.99 -40.57 15.17
C VAL Z 151 63.53 -41.66 14.26
N GLN Z 152 62.63 -42.35 13.56
CA GLN Z 152 63.00 -43.26 12.48
C GLN Z 152 62.72 -42.53 11.18
N ALA Z 153 63.78 -41.98 10.57
CA ALA Z 153 63.65 -41.18 9.36
C ALA Z 153 65.04 -40.92 8.81
N ALA Z 154 65.11 -40.77 7.49
CA ALA Z 154 66.37 -40.39 6.86
C ALA Z 154 66.72 -38.96 7.24
N ARG Z 155 68.02 -38.67 7.25
CA ARG Z 155 68.54 -37.33 7.52
C ARG Z 155 69.35 -36.81 6.34
N GLY Z 156 69.09 -37.32 5.15
CA GLY Z 156 69.89 -37.01 3.99
C GLY Z 156 69.69 -38.09 2.94
N GLY Z 157 70.41 -37.93 1.83
CA GLY Z 157 70.30 -38.88 0.74
C GLY Z 157 71.56 -39.67 0.49
N ASN Z 158 72.59 -39.41 1.28
CA ASN Z 158 73.89 -40.04 1.09
C ASN Z 158 73.97 -41.35 1.88
N SER Z 159 74.81 -42.26 1.39
CA SER Z 159 75.05 -43.52 2.09
C SER Z 159 75.93 -43.29 3.31
N GLY Z 160 75.74 -44.14 4.31
CA GLY Z 160 76.42 -43.94 5.58
C GLY Z 160 77.63 -44.83 5.83
N GLU Z 161 78.16 -45.44 4.77
CA GLU Z 161 79.29 -46.34 4.90
C GLU Z 161 80.28 -46.08 3.76
N MET Z 162 81.50 -46.56 3.95
CA MET Z 162 82.54 -46.43 2.93
C MET Z 162 83.57 -47.53 3.15
N TRP Z 163 84.45 -47.68 2.17
CA TRP Z 163 85.46 -48.73 2.17
C TRP Z 163 86.81 -48.11 2.50
N ILE Z 164 87.56 -48.74 3.40
CA ILE Z 164 88.85 -48.21 3.81
C ILE Z 164 89.88 -49.33 3.80
N ARG Z 165 91.14 -48.94 3.95
CA ARG Z 165 92.21 -49.91 4.09
C ARG Z 165 92.06 -50.70 5.38
N GLU Z 166 92.37 -51.99 5.31
CA GLU Z 166 92.34 -52.85 6.48
C GLU Z 166 93.74 -53.34 6.86
N PHE AA 1 64.80 13.04 26.32
CA PHE AA 1 63.86 11.97 26.08
C PHE AA 1 64.56 10.62 25.96
N GLN AA 2 65.86 10.68 25.63
CA GLN AA 2 66.62 9.44 25.45
C GLN AA 2 66.81 8.72 26.78
N GLY AA 3 67.06 9.47 27.86
CA GLY AA 3 67.17 8.85 29.17
C GLY AA 3 65.85 8.33 29.70
N LEU AA 4 64.75 9.00 29.34
CA LEU AA 4 63.42 8.55 29.76
C LEU AA 4 63.04 7.25 29.06
N TYR AA 5 63.36 7.14 27.76
CA TYR AA 5 63.03 5.92 27.02
C TYR AA 5 63.81 4.73 27.57
N ALA AA 6 65.12 4.90 27.76
CA ALA AA 6 65.93 3.82 28.33
C ALA AA 6 65.42 3.43 29.71
N GLU AA 7 64.97 4.41 30.50
CA GLU AA 7 64.44 4.12 31.82
C GLU AA 7 63.16 3.31 31.74
N VAL AA 8 62.26 3.66 30.82
CA VAL AA 8 60.99 2.92 30.69
C VAL AA 8 61.23 1.57 30.02
N LYS AA 9 62.11 1.51 29.03
CA LYS AA 9 62.38 0.24 28.36
C LYS AA 9 63.00 -0.77 29.32
N ALA AA 10 63.89 -0.31 30.20
CA ALA AA 10 64.49 -1.21 31.18
C ALA AA 10 63.44 -1.79 32.12
N CYS AA 11 62.44 -0.99 32.49
CA CYS AA 11 61.36 -1.50 33.35
C CYS AA 11 60.54 -2.55 32.62
N SER AA 12 60.25 -2.33 31.33
CA SER AA 12 59.49 -3.29 30.54
C SER AA 12 60.32 -4.51 30.15
N SER AA 13 61.65 -4.41 30.19
CA SER AA 13 62.49 -5.52 29.74
C SER AA 13 62.33 -6.74 30.64
N GLU AA 14 62.38 -6.56 31.95
CA GLU AA 14 62.19 -7.68 32.86
C GLU AA 14 60.76 -8.19 32.84
N LEU AA 15 59.81 -7.35 32.43
CA LEU AA 15 58.44 -7.82 32.28
C LEU AA 15 58.32 -8.77 31.10
N GLU AA 16 59.19 -8.64 30.10
CA GLU AA 16 59.17 -9.56 28.98
C GLU AA 16 59.52 -10.98 29.40
N SER AA 17 60.24 -11.14 30.51
CA SER AA 17 60.57 -12.45 31.04
C SER AA 17 59.47 -13.04 31.90
N LEU AA 18 58.39 -12.30 32.13
CA LEU AA 18 57.26 -12.81 32.89
C LEU AA 18 56.35 -13.62 31.97
N GLU AA 19 55.73 -14.65 32.54
CA GLU AA 19 54.84 -15.51 31.76
C GLU AA 19 53.68 -14.69 31.19
N MET AA 20 53.21 -15.11 30.01
CA MET AA 20 52.15 -14.38 29.32
C MET AA 20 50.88 -14.31 30.15
N GLU AA 21 50.47 -15.43 30.76
CA GLU AA 21 49.25 -15.45 31.56
C GLU AA 21 49.38 -14.56 32.79
N LEU AA 22 50.56 -14.51 33.40
CA LEU AA 22 50.74 -13.69 34.59
C LEU AA 22 50.74 -12.20 34.28
N ARG AA 23 51.27 -11.80 33.11
CA ARG AA 23 51.22 -10.38 32.75
C ARG AA 23 49.80 -9.90 32.51
N GLN AA 24 48.99 -10.71 31.83
CA GLN AA 24 47.61 -10.32 31.58
C GLN AA 24 46.78 -10.32 32.87
N GLN AA 25 47.14 -11.18 33.83
CA GLN AA 25 46.48 -11.13 35.13
C GLN AA 25 46.85 -9.85 35.88
N ILE AA 26 48.13 -9.50 35.87
CA ILE AA 26 48.57 -8.25 36.47
C ILE AA 26 47.93 -7.06 35.76
N LEU AA 27 47.86 -7.13 34.42
CA LEU AA 27 47.33 -6.02 33.64
C LEU AA 27 45.86 -5.77 33.96
N VAL AA 28 45.07 -6.84 34.03
CA VAL AA 28 43.64 -6.68 34.34
C VAL AA 28 43.46 -6.13 35.75
N ASN AA 29 44.22 -6.67 36.72
CA ASN AA 29 44.06 -6.23 38.11
C ASN AA 29 44.65 -4.85 38.35
N ILE AA 30 45.62 -4.41 37.53
CA ILE AA 30 46.04 -3.02 37.58
C ILE AA 30 44.93 -2.10 37.11
N GLY AA 31 44.22 -2.50 36.05
CA GLY AA 31 43.06 -1.73 35.61
C GLY AA 31 41.98 -1.62 36.67
N LYS AA 32 41.92 -2.59 37.58
CA LYS AA 32 40.96 -2.53 38.68
C LYS AA 32 41.39 -1.52 39.74
N ILE AA 33 42.64 -1.61 40.19
CA ILE AA 33 43.15 -0.70 41.21
C ILE AA 33 43.41 0.71 40.69
N LEU AA 34 43.44 0.90 39.36
CA LEU AA 34 43.59 2.25 38.82
C LEU AA 34 42.39 3.13 39.17
N GLN AA 35 41.23 2.53 39.37
CA GLN AA 35 40.02 3.24 39.77
C GLN AA 35 39.84 3.28 41.28
N ASP AA 36 40.91 3.05 42.04
CA ASP AA 36 40.87 2.99 43.50
C ASP AA 36 42.26 3.39 44.00
N GLN AA 37 42.47 4.70 44.15
CA GLN AA 37 43.78 5.20 44.54
C GLN AA 37 44.29 4.66 45.88
N PRO AA 38 43.47 4.50 46.93
CA PRO AA 38 44.00 3.91 48.16
C PRO AA 38 44.60 2.53 47.98
N SER AA 39 44.07 1.72 47.06
CA SER AA 39 44.63 0.39 46.83
C SER AA 39 45.98 0.46 46.14
N MET AA 40 46.18 1.44 45.25
CA MET AA 40 47.48 1.62 44.63
C MET AA 40 48.53 2.07 45.65
N GLU AA 41 48.16 3.01 46.51
CA GLU AA 41 49.06 3.43 47.58
C GLU AA 41 49.38 2.27 48.52
N ALA AA 42 48.39 1.42 48.80
CA ALA AA 42 48.63 0.26 49.64
C ALA AA 42 49.60 -0.72 48.98
N LEU AA 43 49.47 -0.92 47.66
CA LEU AA 43 50.38 -1.84 46.98
C LEU AA 43 51.78 -1.25 46.87
N GLU AA 44 51.89 0.06 46.67
CA GLU AA 44 53.20 0.72 46.72
C GLU AA 44 53.85 0.53 48.08
N ALA AA 45 53.09 0.78 49.16
CA ALA AA 45 53.65 0.64 50.50
C ALA AA 45 54.07 -0.80 50.77
N SER AA 46 53.25 -1.77 50.34
CA SER AA 46 53.61 -3.18 50.53
C SER AA 46 54.89 -3.52 49.78
N LEU AA 47 55.01 -3.09 48.53
CA LEU AA 47 56.20 -3.38 47.75
C LEU AA 47 57.42 -2.65 48.31
N GLY AA 48 57.25 -1.40 48.71
CA GLY AA 48 58.37 -0.66 49.28
C GLY AA 48 58.85 -1.25 50.59
N GLN AA 49 57.92 -1.77 51.40
CA GLN AA 49 58.31 -2.48 52.61
C GLN AA 49 59.06 -3.76 52.27
N GLY AA 50 58.60 -4.49 51.25
CA GLY AA 50 59.27 -5.72 50.87
C GLY AA 50 60.61 -5.49 50.18
N LEU AA 51 60.73 -4.38 49.45
CA LEU AA 51 62.00 -4.09 48.78
C LEU AA 51 63.07 -3.64 49.76
N CYS AA 52 62.68 -2.92 50.81
CA CYS AA 52 63.66 -2.43 51.78
C CYS AA 52 64.09 -3.54 52.75
N SER AA 53 63.15 -4.35 53.21
CA SER AA 53 63.43 -5.39 54.18
C SER AA 53 63.89 -6.68 53.52
N GLY AA 54 63.25 -7.08 52.43
CA GLY AA 54 63.56 -8.33 51.76
C GLY AA 54 63.00 -9.56 52.42
N GLY AA 55 62.20 -9.41 53.48
CA GLY AA 55 61.59 -10.52 54.18
C GLY AA 55 60.23 -10.88 53.63
N GLN AA 56 59.39 -11.43 54.50
CA GLN AA 56 58.01 -11.74 54.11
C GLN AA 56 57.22 -10.47 53.86
N VAL AA 57 56.35 -10.52 52.87
CA VAL AA 57 55.42 -9.44 52.57
C VAL AA 57 54.03 -9.86 53.02
N GLU AA 58 53.35 -8.96 53.72
CA GLU AA 58 52.00 -9.27 54.21
C GLU AA 58 51.05 -9.36 53.02
N PRO AA 59 50.26 -10.42 52.92
CA PRO AA 59 49.37 -10.58 51.78
C PRO AA 59 48.30 -9.49 51.74
N LEU AA 60 47.90 -9.12 50.53
CA LEU AA 60 46.84 -8.15 50.31
C LEU AA 60 45.62 -8.83 49.72
N ASP AA 61 44.48 -8.15 49.83
CA ASP AA 61 43.21 -8.67 49.35
C ASP AA 61 42.82 -7.97 48.04
N GLY AA 62 41.96 -8.65 47.28
CA GLY AA 62 41.45 -8.08 46.05
C GLY AA 62 42.47 -8.08 44.93
N PRO AA 63 42.29 -7.16 43.98
CA PRO AA 63 43.22 -7.11 42.84
C PRO AA 63 44.65 -6.78 43.23
N ALA AA 64 44.86 -6.02 44.29
CA ALA AA 64 46.22 -5.77 44.77
C ALA AA 64 46.90 -7.06 45.21
N GLY AA 65 46.13 -7.97 45.82
CA GLY AA 65 46.66 -9.27 46.18
C GLY AA 65 46.87 -10.19 45.00
N CYS AA 66 45.99 -10.10 44.00
CA CYS AA 66 46.15 -10.91 42.80
C CYS AA 66 47.43 -10.55 42.05
N ILE AA 67 47.79 -9.26 42.05
CA ILE AA 67 49.06 -8.85 41.46
C ILE AA 67 50.22 -9.33 42.32
N LEU AA 68 50.09 -9.22 43.64
CA LEU AA 68 51.18 -9.61 44.53
C LEU AA 68 51.46 -11.10 44.47
N GLU AA 69 50.43 -11.91 44.20
CA GLU AA 69 50.64 -13.35 44.04
C GLU AA 69 51.64 -13.64 42.92
N CYS AA 70 51.68 -12.81 41.89
CA CYS AA 70 52.56 -12.98 40.75
C CYS AA 70 53.95 -12.39 40.97
N LEU AA 71 54.24 -11.91 42.19
CA LEU AA 71 55.50 -11.23 42.47
C LEU AA 71 56.22 -11.79 43.67
N VAL AA 72 55.74 -12.88 44.27
CA VAL AA 72 56.31 -13.40 45.51
C VAL AA 72 56.70 -14.86 45.31
N LEU AA 73 57.69 -15.29 46.09
CA LEU AA 73 58.12 -16.68 46.12
C LEU AA 73 57.19 -17.49 47.03
N ASP AA 74 57.47 -18.79 47.13
CA ASP AA 74 56.73 -19.62 48.07
C ASP AA 74 56.99 -19.20 49.51
N SER AA 75 58.22 -18.79 49.81
CA SER AA 75 58.57 -18.38 51.16
C SER AA 75 58.05 -16.99 51.51
N GLY AA 76 57.49 -16.25 50.55
CA GLY AA 76 56.83 -14.98 50.81
C GLY AA 76 57.62 -13.75 50.43
N GLU AA 77 58.94 -13.86 50.23
CA GLU AA 77 59.73 -12.70 49.87
C GLU AA 77 59.42 -12.25 48.46
N LEU AA 78 59.59 -10.95 48.22
CA LEU AA 78 59.42 -10.41 46.88
C LEU AA 78 60.52 -10.88 45.94
N VAL AA 79 60.16 -11.02 44.66
CA VAL AA 79 61.13 -11.18 43.58
C VAL AA 79 61.53 -9.78 43.13
N PRO AA 80 62.73 -9.30 43.46
CA PRO AA 80 63.08 -7.90 43.13
C PRO AA 80 62.97 -7.58 41.64
N GLU AA 81 63.35 -8.52 40.78
CA GLU AA 81 63.28 -8.30 39.34
C GLU AA 81 61.85 -8.10 38.85
N LEU AA 82 60.86 -8.62 39.57
CA LEU AA 82 59.46 -8.48 39.19
C LEU AA 82 58.76 -7.35 39.93
N ALA AA 83 59.07 -7.16 41.22
CA ALA AA 83 58.38 -6.14 42.00
C ALA AA 83 58.85 -4.74 41.64
N ALA AA 84 60.14 -4.58 41.34
CA ALA AA 84 60.68 -3.25 41.04
C ALA AA 84 60.01 -2.58 39.84
N PRO AA 85 59.82 -3.25 38.70
CA PRO AA 85 59.09 -2.57 37.61
C PRO AA 85 57.65 -2.25 37.96
N ILE AA 86 56.99 -3.10 38.74
CA ILE AA 86 55.60 -2.83 39.13
C ILE AA 86 55.53 -1.63 40.06
N PHE AA 87 56.47 -1.52 41.02
CA PHE AA 87 56.50 -0.35 41.88
C PHE AA 87 56.78 0.92 41.09
N TYR AA 88 57.67 0.84 40.10
CA TYR AA 88 57.94 1.99 39.23
C TYR AA 88 56.69 2.40 38.46
N LEU AA 89 55.90 1.42 38.02
CA LEU AA 89 54.67 1.73 37.29
C LEU AA 89 53.65 2.42 38.18
N LEU AA 90 53.44 1.90 39.39
CA LEU AA 90 52.48 2.50 40.31
C LEU AA 90 52.93 3.88 40.76
N GLY AA 91 54.23 4.12 40.84
CA GLY AA 91 54.71 5.45 41.18
C GLY AA 91 54.45 6.46 40.08
N ALA AA 92 54.60 6.05 38.82
CA ALA AA 92 54.26 6.92 37.71
C ALA AA 92 52.75 7.10 37.59
N LEU AA 93 51.97 6.09 37.96
CA LEU AA 93 50.52 6.23 37.97
C LEU AA 93 50.08 7.18 39.08
N ALA AA 94 50.90 7.33 40.12
CA ALA AA 94 50.53 8.22 41.22
C ALA AA 94 50.74 9.68 40.86
N VAL AA 95 51.60 9.98 39.89
CA VAL AA 95 51.82 11.36 39.48
C VAL AA 95 50.60 11.90 38.73
N LEU AA 96 49.96 11.04 37.93
CA LEU AA 96 48.82 11.47 37.13
C LEU AA 96 47.63 11.83 38.01
N SER AA 97 46.70 12.56 37.43
CA SER AA 97 45.48 12.93 38.14
C SER AA 97 44.51 11.75 38.18
N GLU AA 98 43.50 11.87 39.04
CA GLU AA 98 42.49 10.82 39.16
C GLU AA 98 41.72 10.65 37.86
N THR AA 99 41.44 11.75 37.16
CA THR AA 99 40.76 11.66 35.87
C THR AA 99 41.60 10.91 34.84
N GLN AA 100 42.90 11.19 34.80
CA GLN AA 100 43.78 10.48 33.88
C GLN AA 100 43.84 8.99 34.20
N GLN AA 101 43.84 8.64 35.49
CA GLN AA 101 43.88 7.22 35.87
C GLN AA 101 42.62 6.51 35.41
N GLN AA 102 41.45 7.14 35.57
CA GLN AA 102 40.21 6.53 35.12
C GLN AA 102 40.17 6.38 33.61
N LEU AA 103 40.68 7.38 32.88
CA LEU AA 103 40.70 7.29 31.43
C LEU AA 103 41.59 6.14 30.97
N LEU AA 104 42.75 5.98 31.61
CA LEU AA 104 43.63 4.86 31.26
C LEU AA 104 42.98 3.52 31.60
N ALA AA 105 42.24 3.46 32.71
CA ALA AA 105 41.55 2.23 33.08
C ALA AA 105 40.54 1.80 32.02
N LYS AA 106 39.99 2.75 31.26
CA LYS AA 106 39.05 2.38 30.21
C LYS AA 106 39.78 1.83 28.99
N ALA AA 107 40.92 2.40 28.65
CA ALA AA 107 41.62 2.07 27.41
C ALA AA 107 42.64 0.95 27.56
N LEU AA 108 42.95 0.51 28.78
CA LEU AA 108 43.93 -0.56 28.94
C LEU AA 108 43.45 -1.84 28.27
N GLU AA 109 42.13 -2.10 28.31
CA GLU AA 109 41.59 -3.40 27.92
C GLU AA 109 41.55 -3.51 26.40
N THR AA 110 42.12 -2.53 25.71
CA THR AA 110 42.25 -2.55 24.26
C THR AA 110 43.67 -2.13 23.88
N THR AA 111 43.93 -2.12 22.58
CA THR AA 111 45.20 -1.68 22.03
C THR AA 111 45.16 -0.23 21.57
N VAL AA 112 43.99 0.43 21.63
CA VAL AA 112 43.88 1.85 21.29
C VAL AA 112 44.82 2.68 22.14
N LEU AA 113 45.18 2.16 23.33
CA LEU AA 113 46.16 2.78 24.21
C LEU AA 113 47.42 3.22 23.45
N SER AA 114 47.83 2.43 22.45
CA SER AA 114 49.04 2.72 21.69
C SER AA 114 49.01 4.12 21.08
N LYS AA 115 47.88 4.50 20.47
CA LYS AA 115 47.79 5.84 19.91
C LYS AA 115 48.09 6.91 20.95
N GLN AA 116 47.51 6.77 22.14
CA GLN AA 116 47.74 7.75 23.20
C GLN AA 116 49.22 7.82 23.58
N LEU AA 117 49.89 6.66 23.66
CA LEU AA 117 51.31 6.65 23.95
C LEU AA 117 52.11 7.40 22.88
N GLU AA 118 51.90 7.03 21.62
CA GLU AA 118 52.66 7.62 20.53
C GLU AA 118 52.29 9.09 20.31
N LEU AA 119 51.06 9.47 20.67
CA LEU AA 119 50.68 10.88 20.61
C LEU AA 119 51.46 11.70 21.64
N VAL AA 120 51.51 11.22 22.89
CA VAL AA 120 52.27 11.91 23.92
C VAL AA 120 53.75 11.98 23.54
N LYS AA 121 54.26 10.90 22.93
CA LYS AA 121 55.63 10.89 22.44
C LYS AA 121 55.91 12.07 21.52
N HIS AA 122 55.01 12.34 20.58
CA HIS AA 122 55.20 13.45 19.66
C HIS AA 122 55.26 14.78 20.41
N VAL AA 123 54.44 14.94 21.44
CA VAL AA 123 54.45 16.16 22.23
C VAL AA 123 55.81 16.37 22.89
N LEU AA 124 56.43 15.29 23.39
CA LEU AA 124 57.71 15.42 24.07
C LEU AA 124 58.86 15.66 23.10
N GLU AA 125 58.84 15.02 21.93
CA GLU AA 125 59.91 15.23 20.95
C GLU AA 125 59.80 16.59 20.29
N GLN AA 126 58.59 16.98 19.86
CA GLN AA 126 58.44 18.22 19.12
C GLN AA 126 58.66 19.44 20.02
N SER AA 127 58.58 19.26 21.33
CA SER AA 127 58.80 20.33 22.27
C SER AA 127 60.26 20.46 22.68
N THR AA 128 61.12 19.56 22.19
CA THR AA 128 62.55 19.64 22.49
C THR AA 128 63.14 20.89 21.84
N PRO AA 129 63.90 21.72 22.59
CA PRO AA 129 64.28 21.52 23.99
C PRO AA 129 63.11 21.75 24.94
N TRP AA 130 62.94 20.84 25.91
CA TRP AA 130 61.76 20.86 26.76
C TRP AA 130 61.65 22.13 27.58
N GLN AA 131 62.78 22.81 27.85
CA GLN AA 131 62.76 23.97 28.72
C GLN AA 131 62.23 25.24 28.04
N GLU AA 132 61.92 25.18 26.75
CA GLU AA 132 61.33 26.31 26.05
C GLU AA 132 59.90 25.99 25.65
N GLN AA 133 59.08 27.03 25.53
CA GLN AA 133 57.69 26.88 25.15
C GLN AA 133 57.55 26.52 23.67
N TRP AA 147 38.20 14.88 16.14
CA TRP AA 147 39.16 15.66 16.91
C TRP AA 147 38.55 16.89 17.56
N ASP AA 148 38.29 16.80 18.86
CA ASP AA 148 37.75 17.91 19.62
C ASP AA 148 38.07 17.70 21.09
N GLU AA 149 37.60 18.62 21.93
CA GLU AA 149 37.84 18.54 23.36
C GLU AA 149 37.07 17.41 24.04
N LYS AA 150 36.25 16.68 23.31
CA LYS AA 150 35.58 15.48 23.84
C LYS AA 150 36.45 14.24 23.70
N ASN AA 151 37.62 14.37 23.07
CA ASN AA 151 38.55 13.25 22.89
C ASN AA 151 39.30 12.99 24.19
N PRO AA 152 39.45 11.72 24.58
CA PRO AA 152 40.14 11.41 25.85
C PRO AA 152 41.58 11.90 25.89
N THR AA 153 42.29 11.89 24.76
CA THR AA 153 43.68 12.36 24.76
C THR AA 153 43.77 13.85 25.05
N TRP AA 154 42.79 14.63 24.59
CA TRP AA 154 42.76 16.06 24.92
C TRP AA 154 42.78 16.25 26.43
N VAL AA 155 41.92 15.52 27.14
CA VAL AA 155 41.87 15.63 28.59
C VAL AA 155 43.15 15.07 29.22
N LEU AA 156 43.68 13.98 28.66
CA LEU AA 156 44.91 13.39 29.18
C LEU AA 156 46.07 14.38 29.13
N LEU AA 157 46.26 15.05 28.00
CA LEU AA 157 47.36 16.00 27.88
C LEU AA 157 47.07 17.29 28.64
N GLU AA 158 45.83 17.74 28.65
CA GLU AA 158 45.49 18.99 29.32
C GLU AA 158 45.66 18.88 30.83
N GLU AA 159 45.33 17.72 31.40
CA GLU AA 159 45.49 17.52 32.84
C GLU AA 159 46.95 17.53 33.27
N CYS AA 160 47.88 17.40 32.32
CA CYS AA 160 49.30 17.59 32.60
C CYS AA 160 49.68 19.06 32.68
N GLY AA 161 48.75 19.97 32.39
CA GLY AA 161 49.04 21.39 32.34
C GLY AA 161 49.32 21.92 30.95
N LEU AA 162 49.10 21.12 29.92
CA LEU AA 162 49.36 21.56 28.55
C LEU AA 162 48.21 22.37 28.00
N ARG AA 163 48.55 23.47 27.32
CA ARG AA 163 47.54 24.26 26.61
C ARG AA 163 47.28 23.64 25.25
N LEU AA 164 46.03 23.27 25.00
CA LEU AA 164 45.63 22.65 23.75
C LEU AA 164 44.65 23.55 23.00
N GLN AA 165 44.51 23.27 21.70
CA GLN AA 165 43.53 23.94 20.87
C GLN AA 165 43.26 23.03 19.66
N VAL AA 166 42.18 23.35 18.95
CA VAL AA 166 41.76 22.51 17.83
C VAL AA 166 42.58 22.80 16.58
N GLU AA 167 42.76 24.07 16.27
CA GLU AA 167 43.43 24.46 15.03
C GLU AA 167 44.94 24.37 15.19
N SER AA 168 45.62 24.13 14.08
CA SER AA 168 47.08 24.08 14.10
C SER AA 168 47.66 25.47 14.36
N PRO AA 169 48.65 25.59 15.26
CA PRO AA 169 49.26 24.48 16.01
C PRO AA 169 48.39 23.99 17.16
N GLN AA 170 48.19 22.68 17.23
CA GLN AA 170 47.23 22.12 18.17
C GLN AA 170 47.76 22.04 19.60
N VAL AA 171 49.08 21.91 19.77
CA VAL AA 171 49.67 21.69 21.08
C VAL AA 171 50.61 22.85 21.39
N HIS AA 172 50.41 23.47 22.55
CA HIS AA 172 51.34 24.47 23.10
C HIS AA 172 52.01 23.86 24.32
N TRP AA 173 53.33 23.68 24.25
CA TRP AA 173 54.08 23.05 25.30
C TRP AA 173 54.56 24.06 26.33
N GLU AA 174 54.46 23.69 27.61
CA GLU AA 174 54.98 24.49 28.71
C GLU AA 174 55.88 23.57 29.53
N PRO AA 175 57.10 24.01 29.87
CA PRO AA 175 58.01 23.13 30.62
C PRO AA 175 57.48 22.69 31.98
N THR AA 176 56.55 23.44 32.57
CA THR AA 176 55.94 23.05 33.85
C THR AA 176 55.14 21.76 33.75
N SER AA 177 54.83 21.29 32.55
CA SER AA 177 54.06 20.07 32.32
C SER AA 177 54.92 18.83 32.23
N LEU AA 178 56.22 18.93 32.49
CA LEU AA 178 57.14 17.82 32.23
C LEU AA 178 56.84 16.61 33.10
N ILE AA 179 56.72 16.81 34.42
CA ILE AA 179 56.54 15.67 35.32
C ILE AA 179 55.27 14.88 35.03
N PRO AA 180 54.09 15.50 34.87
CA PRO AA 180 52.91 14.69 34.54
C PRO AA 180 52.95 14.09 33.15
N THR AA 181 53.39 14.85 32.14
CA THR AA 181 53.44 14.33 30.77
C THR AA 181 54.36 13.13 30.68
N SER AA 182 55.57 13.24 31.25
CA SER AA 182 56.50 12.11 31.28
C SER AA 182 55.87 10.91 31.98
N ALA AA 183 55.24 11.15 33.13
CA ALA AA 183 54.58 10.06 33.85
C ALA AA 183 53.48 9.41 33.00
N LEU AA 184 52.68 10.23 32.32
CA LEU AA 184 51.67 9.69 31.42
C LEU AA 184 52.33 8.88 30.30
N TYR AA 185 53.41 9.40 29.73
CA TYR AA 185 54.19 8.67 28.75
C TYR AA 185 54.68 7.34 29.30
N ALA AA 186 55.36 7.37 30.45
CA ALA AA 186 55.86 6.15 31.07
C ALA AA 186 54.73 5.17 31.34
N SER AA 187 53.59 5.67 31.84
CA SER AA 187 52.43 4.80 32.04
C SER AA 187 51.98 4.17 30.73
N LEU AA 188 51.73 5.01 29.72
CA LEU AA 188 51.25 4.51 28.43
C LEU AA 188 52.20 3.49 27.80
N PHE AA 189 53.52 3.69 27.97
CA PHE AA 189 54.48 2.76 27.40
C PHE AA 189 54.41 1.40 28.08
N LEU AA 190 54.55 1.38 29.41
CA LEU AA 190 54.60 0.11 30.14
C LEU AA 190 53.27 -0.61 30.08
N LEU AA 191 52.15 0.11 30.16
CA LEU AA 191 50.84 -0.51 30.05
C LEU AA 191 50.66 -1.14 28.67
N SER AA 192 51.12 -0.47 27.60
CA SER AA 192 51.03 -1.05 26.26
C SER AA 192 51.90 -2.29 26.14
N SER AA 193 53.08 -2.27 26.77
CA SER AA 193 53.99 -3.41 26.70
C SER AA 193 53.47 -4.63 27.45
N LEU AA 194 52.46 -4.45 28.31
CA LEU AA 194 51.88 -5.56 29.06
C LEU AA 194 50.81 -6.30 28.27
N GLY AA 195 50.18 -5.65 27.29
CA GLY AA 195 49.16 -6.27 26.47
C GLY AA 195 49.74 -6.90 25.22
N GLN AA 196 51.02 -7.25 25.30
CA GLN AA 196 51.77 -7.83 24.17
C GLN AA 196 51.90 -9.34 24.30
N ASP BA 1 71.47 -44.75 -27.76
CA ASP BA 1 71.50 -43.33 -27.41
C ASP BA 1 72.56 -43.04 -26.36
N PHE BA 2 72.76 -41.75 -26.08
CA PHE BA 2 73.81 -41.36 -25.14
C PHE BA 2 73.39 -41.60 -23.69
N GLN BA 3 72.10 -41.50 -23.39
CA GLN BA 3 71.64 -41.61 -22.01
C GLN BA 3 71.84 -43.02 -21.46
N GLY BA 4 71.78 -44.04 -22.32
CA GLY BA 4 71.96 -45.41 -21.85
C GLY BA 4 73.39 -45.69 -21.43
N LEU BA 5 74.36 -45.25 -22.25
CA LEU BA 5 75.76 -45.47 -21.91
C LEU BA 5 76.18 -44.64 -20.72
N TYR BA 6 75.71 -43.39 -20.64
CA TYR BA 6 76.05 -42.53 -19.51
C TYR BA 6 75.56 -43.11 -18.19
N ALA BA 7 74.29 -43.51 -18.15
CA ALA BA 7 73.72 -44.04 -16.92
C ALA BA 7 74.43 -45.32 -16.47
N GLU BA 8 74.78 -46.18 -17.43
CA GLU BA 8 75.46 -47.42 -17.09
C GLU BA 8 76.85 -47.14 -16.52
N VAL BA 9 77.59 -46.20 -17.13
CA VAL BA 9 78.91 -45.86 -16.61
C VAL BA 9 78.78 -45.05 -15.32
N LYS BA 10 77.77 -44.17 -15.24
CA LYS BA 10 77.55 -43.39 -14.03
C LYS BA 10 77.21 -44.30 -12.86
N ALA BA 11 76.41 -45.35 -13.11
CA ALA BA 11 76.11 -46.32 -12.06
C ALA BA 11 77.36 -47.05 -11.61
N CYS BA 12 78.26 -47.38 -12.55
CA CYS BA 12 79.52 -48.00 -12.18
C CYS BA 12 80.39 -47.03 -11.39
N SER BA 13 80.40 -45.75 -11.79
CA SER BA 13 81.19 -44.77 -11.06
C SER BA 13 80.56 -44.40 -9.73
N SER BA 14 79.26 -44.63 -9.56
CA SER BA 14 78.59 -44.26 -8.32
C SER BA 14 79.12 -45.09 -7.16
N GLU BA 15 79.25 -46.40 -7.35
CA GLU BA 15 79.80 -47.24 -6.29
C GLU BA 15 81.28 -46.95 -6.08
N LEU BA 16 81.96 -46.45 -7.10
CA LEU BA 16 83.35 -46.03 -6.93
C LEU BA 16 83.44 -44.73 -6.13
N GLU BA 17 82.38 -43.92 -6.15
CA GLU BA 17 82.37 -42.70 -5.34
C GLU BA 17 82.44 -43.01 -3.85
N SER BA 18 82.03 -44.22 -3.46
CA SER BA 18 82.07 -44.65 -2.06
C SER BA 18 83.42 -45.18 -1.62
N LEU BA 19 84.41 -45.23 -2.51
CA LEU BA 19 85.73 -45.69 -2.13
C LEU BA 19 86.54 -44.57 -1.50
N GLU BA 20 87.41 -44.94 -0.56
CA GLU BA 20 88.24 -43.97 0.16
C GLU BA 20 89.12 -43.21 -0.81
N MET BA 21 89.40 -41.94 -0.47
CA MET BA 21 90.20 -41.08 -1.33
C MET BA 21 91.61 -41.64 -1.52
N GLU BA 22 92.23 -42.11 -0.44
CA GLU BA 22 93.59 -42.64 -0.55
C GLU BA 22 93.64 -43.89 -1.42
N LEU BA 23 92.62 -44.74 -1.33
CA LEU BA 23 92.56 -45.93 -2.17
C LEU BA 23 92.25 -45.59 -3.61
N ARG BA 24 91.43 -44.56 -3.83
CA ARG BA 24 91.15 -44.11 -5.19
C ARG BA 24 92.38 -43.50 -5.85
N GLN BA 25 93.27 -42.89 -5.06
CA GLN BA 25 94.53 -42.41 -5.62
C GLN BA 25 95.50 -43.56 -5.87
N GLN BA 26 95.48 -44.58 -5.02
CA GLN BA 26 96.32 -45.74 -5.26
C GLN BA 26 95.92 -46.47 -6.54
N ILE BA 27 94.62 -46.64 -6.75
CA ILE BA 27 94.14 -47.24 -7.99
C ILE BA 27 94.52 -46.36 -9.18
N LEU BA 28 94.37 -45.04 -9.04
CA LEU BA 28 94.65 -44.13 -10.14
C LEU BA 28 96.12 -44.15 -10.52
N VAL BA 29 97.02 -44.10 -9.52
CA VAL BA 29 98.45 -44.10 -9.80
C VAL BA 29 98.88 -45.41 -10.45
N ASN BA 30 98.39 -46.53 -9.92
CA ASN BA 30 98.79 -47.83 -10.45
C ASN BA 30 98.13 -48.14 -11.80
N ILE BA 31 96.99 -47.54 -12.10
CA ILE BA 31 96.44 -47.66 -13.45
C ILE BA 31 97.33 -46.96 -14.46
N GLY BA 32 97.83 -45.77 -14.12
CA GLY BA 32 98.78 -45.09 -14.98
C GLY BA 32 100.08 -45.86 -15.18
N LYS BA 33 100.45 -46.68 -14.20
CA LYS BA 33 101.68 -47.47 -14.33
C LYS BA 33 101.47 -48.67 -15.24
N ILE BA 34 100.42 -49.46 -15.01
CA ILE BA 34 100.15 -50.62 -15.85
C ILE BA 34 99.61 -50.24 -17.22
N LEU BA 35 99.20 -48.99 -17.40
CA LEU BA 35 98.72 -48.55 -18.71
C LEU BA 35 99.80 -48.62 -19.78
N GLN BA 36 101.07 -48.70 -19.37
CA GLN BA 36 102.18 -48.94 -20.29
C GLN BA 36 102.59 -50.42 -20.28
N ASP BA 37 101.69 -51.31 -19.88
CA ASP BA 37 102.00 -52.74 -19.75
C ASP BA 37 100.68 -53.50 -19.94
N GLN BA 38 100.39 -53.85 -21.20
CA GLN BA 38 99.15 -54.56 -21.51
C GLN BA 38 99.00 -55.89 -20.79
N PRO BA 39 100.04 -56.73 -20.62
CA PRO BA 39 99.84 -57.97 -19.86
C PRO BA 39 99.28 -57.77 -18.45
N SER BA 40 99.69 -56.71 -17.75
CA SER BA 40 99.19 -56.48 -16.41
C SER BA 40 97.70 -56.15 -16.42
N MET BA 41 97.24 -55.43 -17.45
CA MET BA 41 95.81 -55.14 -17.57
C MET BA 41 95.04 -56.40 -17.94
N GLU BA 42 95.51 -57.13 -18.95
CA GLU BA 42 94.81 -58.34 -19.39
C GLU BA 42 94.75 -59.38 -18.29
N ALA BA 43 95.83 -59.52 -17.51
CA ALA BA 43 95.83 -60.46 -16.39
C ALA BA 43 94.82 -60.02 -15.33
N LEU BA 44 94.72 -58.71 -15.08
CA LEU BA 44 93.75 -58.21 -14.12
C LEU BA 44 92.33 -58.36 -14.66
N GLU BA 45 92.15 -58.22 -15.97
CA GLU BA 45 90.85 -58.49 -16.59
C GLU BA 45 90.39 -59.91 -16.28
N ALA BA 46 91.27 -60.90 -16.51
CA ALA BA 46 90.91 -62.29 -16.28
C ALA BA 46 90.61 -62.56 -14.81
N SER BA 47 91.40 -61.98 -13.90
CA SER BA 47 91.20 -62.20 -12.48
C SER BA 47 89.84 -61.67 -12.03
N LEU BA 48 89.48 -60.47 -12.46
CA LEU BA 48 88.20 -59.89 -12.05
C LEU BA 48 87.03 -60.65 -12.65
N GLY BA 49 87.13 -61.04 -13.92
CA GLY BA 49 86.05 -61.80 -14.54
C GLY BA 49 85.84 -63.16 -13.90
N GLN BA 50 86.95 -63.86 -13.60
CA GLN BA 50 86.86 -65.16 -12.94
C GLN BA 50 86.31 -65.02 -11.53
N GLY BA 51 86.68 -63.95 -10.83
CA GLY BA 51 86.25 -63.78 -9.45
C GLY BA 51 84.80 -63.31 -9.33
N LEU BA 52 84.33 -62.54 -10.31
CA LEU BA 52 82.94 -62.08 -10.27
C LEU BA 52 81.98 -63.20 -10.64
N CYS BA 53 82.39 -64.09 -11.55
CA CYS BA 53 81.51 -65.16 -11.99
C CYS BA 53 81.45 -66.31 -11.00
N SER BA 54 82.56 -66.58 -10.30
CA SER BA 54 82.61 -67.67 -9.34
C SER BA 54 82.30 -67.25 -7.91
N GLY BA 55 82.45 -65.97 -7.60
CA GLY BA 55 82.24 -65.50 -6.24
C GLY BA 55 83.28 -65.94 -5.25
N GLY BA 56 84.34 -66.62 -5.71
CA GLY BA 56 85.39 -67.09 -4.84
C GLY BA 56 86.51 -66.09 -4.71
N GLN BA 57 87.61 -66.56 -4.13
CA GLN BA 57 88.78 -65.73 -3.90
C GLN BA 57 89.61 -65.63 -5.17
N VAL BA 58 90.23 -64.45 -5.36
CA VAL BA 58 91.11 -64.19 -6.49
C VAL BA 58 92.55 -64.19 -5.98
N GLU BA 59 93.45 -64.75 -6.78
CA GLU BA 59 94.85 -64.78 -6.40
C GLU BA 59 95.43 -63.37 -6.45
N PRO BA 60 96.07 -62.91 -5.38
CA PRO BA 60 96.71 -61.59 -5.42
C PRO BA 60 97.77 -61.53 -6.52
N LEU BA 61 97.95 -60.34 -7.07
CA LEU BA 61 98.94 -60.10 -8.09
C LEU BA 61 100.06 -59.24 -7.53
N ASP BA 62 101.19 -59.24 -8.24
CA ASP BA 62 102.36 -58.49 -7.83
C ASP BA 62 102.49 -57.21 -8.64
N GLY BA 63 103.21 -56.25 -8.09
CA GLY BA 63 103.46 -55.00 -8.76
C GLY BA 63 102.25 -54.10 -8.76
N PRO BA 64 102.18 -53.17 -9.72
CA PRO BA 64 101.04 -52.24 -9.75
C PRO BA 64 99.70 -52.91 -9.99
N ALA BA 65 99.68 -54.02 -10.74
CA ALA BA 65 98.42 -54.74 -10.94
C ALA BA 65 97.87 -55.27 -9.63
N GLY BA 66 98.75 -55.71 -8.73
CA GLY BA 66 98.30 -56.17 -7.42
C GLY BA 66 97.83 -55.07 -6.51
N CYS BA 67 98.44 -53.89 -6.60
CA CYS BA 67 98.00 -52.75 -5.80
C CYS BA 67 96.58 -52.34 -6.16
N ILE BA 68 96.19 -52.47 -7.43
CA ILE BA 68 94.81 -52.19 -7.81
C ILE BA 68 93.87 -53.24 -7.24
N LEU BA 69 94.26 -54.52 -7.30
CA LEU BA 69 93.39 -55.58 -6.80
C LEU BA 69 93.22 -55.52 -5.29
N GLU BA 70 94.23 -55.02 -4.56
CA GLU BA 70 94.12 -54.87 -3.12
C GLU BA 70 92.93 -54.01 -2.72
N CYS BA 71 92.58 -53.03 -3.56
CA CYS BA 71 91.50 -52.10 -3.25
C CYS BA 71 90.11 -52.64 -3.60
N LEU BA 72 90.01 -53.90 -4.01
CA LEU BA 72 88.73 -54.46 -4.43
C LEU BA 72 88.40 -55.78 -3.72
N VAL BA 73 89.22 -56.23 -2.79
CA VAL BA 73 89.05 -57.52 -2.13
C VAL BA 73 89.06 -57.33 -0.62
N LEU BA 74 88.37 -58.22 0.07
CA LEU BA 74 88.37 -58.26 1.52
C LEU BA 74 89.62 -59.00 2.01
N ASP BA 75 89.75 -59.12 3.34
CA ASP BA 75 90.84 -59.92 3.90
C ASP BA 75 90.71 -61.38 3.51
N SER BA 76 89.49 -61.89 3.39
CA SER BA 76 89.29 -63.29 3.04
C SER BA 76 89.60 -63.58 1.57
N GLY BA 77 89.84 -62.55 0.76
CA GLY BA 77 90.26 -62.74 -0.61
C GLY BA 77 89.17 -62.56 -1.64
N GLU BA 78 87.90 -62.59 -1.22
CA GLU BA 78 86.79 -62.46 -2.15
C GLU BA 78 86.73 -61.05 -2.73
N LEU BA 79 86.21 -60.95 -3.95
CA LEU BA 79 85.99 -59.66 -4.56
C LEU BA 79 84.84 -58.92 -3.88
N VAL BA 80 84.95 -57.59 -3.86
CA VAL BA 80 83.83 -56.72 -3.51
C VAL BA 80 83.08 -56.41 -4.80
N PRO BA 81 81.90 -57.01 -5.02
CA PRO BA 81 81.23 -56.84 -6.32
C PRO BA 81 80.93 -55.38 -6.66
N GLU BA 82 80.55 -54.57 -5.68
CA GLU BA 82 80.26 -53.17 -5.94
C GLU BA 82 81.50 -52.40 -6.39
N LEU BA 83 82.69 -52.85 -5.99
CA LEU BA 83 83.94 -52.20 -6.36
C LEU BA 83 84.63 -52.87 -7.55
N ALA BA 84 84.61 -54.21 -7.61
CA ALA BA 84 85.34 -54.91 -8.67
C ALA BA 84 84.62 -54.81 -10.00
N ALA BA 85 83.29 -54.83 -10.01
CA ALA BA 85 82.54 -54.80 -11.25
C ALA BA 85 82.81 -53.55 -12.08
N PRO BA 86 82.79 -52.32 -11.53
CA PRO BA 86 83.13 -51.17 -12.37
C PRO BA 86 84.56 -51.20 -12.87
N ILE BA 87 85.50 -51.72 -12.08
CA ILE BA 87 86.88 -51.82 -12.54
C ILE BA 87 87.00 -52.83 -13.67
N PHE BA 88 86.28 -53.95 -13.57
CA PHE BA 88 86.25 -54.90 -14.69
C PHE BA 88 85.63 -54.27 -15.92
N TYR BA 89 84.56 -53.50 -15.74
CA TYR BA 89 83.98 -52.76 -16.86
C TYR BA 89 84.96 -51.76 -17.42
N LEU BA 90 85.82 -51.18 -16.57
CA LEU BA 90 86.84 -50.26 -17.03
C LEU BA 90 87.92 -50.98 -17.84
N LEU BA 91 88.43 -52.09 -17.31
CA LEU BA 91 89.50 -52.81 -17.99
C LEU BA 91 89.04 -53.42 -19.31
N GLY BA 92 87.80 -53.87 -19.38
CA GLY BA 92 87.28 -54.37 -20.64
C GLY BA 92 87.23 -53.29 -21.72
N ALA BA 93 86.97 -52.05 -21.33
CA ALA BA 93 87.00 -50.94 -22.27
C ALA BA 93 88.43 -50.54 -22.62
N LEU BA 94 89.33 -50.57 -21.63
CA LEU BA 94 90.72 -50.21 -21.88
C LEU BA 94 91.40 -51.22 -22.81
N ALA BA 95 90.96 -52.48 -22.80
CA ALA BA 95 91.55 -53.49 -23.68
C ALA BA 95 91.18 -53.25 -25.14
N VAL BA 96 90.03 -52.61 -25.38
CA VAL BA 96 89.61 -52.33 -26.76
C VAL BA 96 90.47 -51.22 -27.36
N LEU BA 97 90.94 -50.29 -26.53
CA LEU BA 97 91.74 -49.17 -27.02
C LEU BA 97 93.08 -49.67 -27.56
N SER BA 98 93.78 -48.77 -28.25
CA SER BA 98 95.09 -49.09 -28.80
C SER BA 98 96.18 -48.82 -27.76
N GLU BA 99 97.37 -49.38 -28.02
CA GLU BA 99 98.49 -49.20 -27.12
C GLU BA 99 98.93 -47.75 -27.04
N THR BA 100 98.88 -47.03 -28.16
CA THR BA 100 99.25 -45.62 -28.17
C THR BA 100 98.32 -44.80 -27.29
N GLN BA 101 97.02 -45.07 -27.35
CA GLN BA 101 96.07 -44.38 -26.48
C GLN BA 101 96.36 -44.67 -25.01
N GLN BA 102 96.76 -45.89 -24.70
CA GLN BA 102 97.09 -46.25 -23.33
C GLN BA 102 98.29 -45.47 -22.83
N GLN BA 103 99.31 -45.29 -23.67
CA GLN BA 103 100.50 -44.55 -23.26
C GLN BA 103 100.18 -43.10 -22.98
N LEU BA 104 99.36 -42.47 -23.82
CA LEU BA 104 98.98 -41.08 -23.59
C LEU BA 104 98.14 -40.92 -22.34
N LEU BA 105 97.20 -41.83 -22.12
CA LEU BA 105 96.37 -41.76 -20.91
C LEU BA 105 97.21 -41.93 -19.66
N ALA BA 106 98.25 -42.77 -19.73
CA ALA BA 106 99.15 -42.93 -18.60
C ALA BA 106 99.85 -41.62 -18.24
N LYS BA 107 100.19 -40.82 -19.25
CA LYS BA 107 100.85 -39.54 -18.99
C LYS BA 107 99.89 -38.52 -18.41
N ALA BA 108 98.62 -38.55 -18.82
CA ALA BA 108 97.67 -37.49 -18.52
C ALA BA 108 96.86 -37.73 -17.26
N LEU BA 109 97.05 -38.86 -16.56
CA LEU BA 109 96.23 -39.14 -15.39
C LEU BA 109 96.51 -38.19 -14.25
N GLU BA 110 97.71 -37.60 -14.20
CA GLU BA 110 98.12 -36.78 -13.07
C GLU BA 110 97.60 -35.36 -13.13
N THR BA 111 96.80 -35.00 -14.14
CA THR BA 111 96.36 -33.62 -14.34
C THR BA 111 94.84 -33.57 -14.42
N THR BA 112 94.33 -32.33 -14.42
CA THR BA 112 92.90 -32.09 -14.59
C THR BA 112 92.50 -31.96 -16.05
N VAL BA 113 93.47 -31.97 -16.97
CA VAL BA 113 93.16 -31.95 -18.40
C VAL BA 113 92.35 -33.19 -18.77
N LEU BA 114 92.51 -34.28 -18.02
CA LEU BA 114 91.70 -35.48 -18.21
C LEU BA 114 90.23 -35.15 -18.31
N SER BA 115 89.73 -34.24 -17.45
CA SER BA 115 88.34 -33.83 -17.50
C SER BA 115 88.01 -33.18 -18.84
N LYS BA 116 88.88 -32.27 -19.29
CA LYS BA 116 88.67 -31.62 -20.59
C LYS BA 116 88.55 -32.65 -21.71
N GLN BA 117 89.46 -33.62 -21.73
CA GLN BA 117 89.43 -34.64 -22.78
C GLN BA 117 88.14 -35.44 -22.75
N LEU BA 118 87.68 -35.81 -21.55
CA LEU BA 118 86.41 -36.53 -21.41
C LEU BA 118 85.25 -35.71 -21.96
N GLU BA 119 85.17 -34.43 -21.59
CA GLU BA 119 84.04 -33.60 -21.99
C GLU BA 119 84.03 -33.36 -23.49
N LEU BA 120 85.21 -33.43 -24.13
CA LEU BA 120 85.27 -33.35 -25.60
C LEU BA 120 84.65 -34.59 -26.23
N VAL BA 121 85.04 -35.77 -25.75
CA VAL BA 121 84.50 -37.01 -26.30
C VAL BA 121 82.99 -37.08 -26.10
N LYS BA 122 82.50 -36.61 -24.95
CA LYS BA 122 81.07 -36.53 -24.73
C LYS BA 122 80.39 -35.73 -25.83
N HIS BA 123 80.96 -34.57 -26.19
CA HIS BA 123 80.40 -33.77 -27.28
C HIS BA 123 80.43 -34.54 -28.59
N VAL BA 124 81.52 -35.29 -28.84
CA VAL BA 124 81.62 -36.07 -30.06
C VAL BA 124 80.51 -37.12 -30.10
N LEU BA 125 80.24 -37.76 -28.96
CA LEU BA 125 79.21 -38.81 -28.92
C LEU BA 125 77.79 -38.22 -28.96
N GLU BA 126 77.58 -37.07 -28.33
CA GLU BA 126 76.25 -36.46 -28.35
C GLU BA 126 75.95 -35.86 -29.72
N GLN BA 127 76.91 -35.14 -30.30
CA GLN BA 127 76.68 -34.41 -31.54
C GLN BA 127 76.53 -35.36 -32.73
N SER BA 128 76.96 -36.61 -32.60
CA SER BA 128 76.94 -37.56 -33.70
C SER BA 128 75.64 -38.34 -33.81
N THR BA 129 74.68 -38.16 -32.92
CA THR BA 129 73.40 -38.84 -33.04
C THR BA 129 72.65 -38.32 -34.26
N PRO BA 130 72.17 -39.20 -35.16
CA PRO BA 130 72.21 -40.67 -35.18
C PRO BA 130 73.60 -41.22 -35.53
N TRP BA 131 74.04 -42.22 -34.75
CA TRP BA 131 75.42 -42.69 -34.83
C TRP BA 131 75.77 -43.30 -36.19
N GLN BA 132 74.79 -43.87 -36.89
CA GLN BA 132 75.08 -44.54 -38.16
C GLN BA 132 75.26 -43.60 -39.33
N GLU BA 133 75.13 -42.29 -39.13
CA GLU BA 133 75.33 -41.33 -40.20
C GLU BA 133 76.60 -40.52 -40.00
N SER BA 138 82.22 -29.55 -34.41
CA SER BA 138 82.95 -28.39 -33.89
C SER BA 138 83.10 -28.47 -32.38
N LEU BA 139 84.23 -27.98 -31.87
CA LEU BA 139 84.56 -28.04 -30.47
C LEU BA 139 84.90 -26.65 -29.95
N PRO BA 140 84.64 -26.40 -28.65
CA PRO BA 140 85.03 -25.10 -28.09
C PRO BA 140 86.54 -24.97 -27.99
N THR BA 141 87.02 -23.73 -28.20
CA THR BA 141 88.46 -23.48 -28.16
C THR BA 141 89.02 -23.68 -26.76
N VAL BA 142 88.27 -23.28 -25.74
CA VAL BA 142 88.72 -23.40 -24.35
C VAL BA 142 88.94 -24.85 -23.97
N TRP BA 148 95.93 -26.27 -30.67
CA TRP BA 148 95.18 -27.39 -31.21
C TRP BA 148 95.74 -27.86 -32.55
N ASP BA 149 96.45 -28.99 -32.53
CA ASP BA 149 97.02 -29.56 -33.74
C ASP BA 149 97.26 -31.05 -33.48
N GLU BA 150 97.84 -31.72 -34.49
CA GLU BA 150 98.08 -33.15 -34.39
C GLU BA 150 99.18 -33.52 -33.41
N LYS BA 151 99.79 -32.56 -32.72
CA LYS BA 151 100.71 -32.86 -31.65
C LYS BA 151 100.04 -32.88 -30.29
N ASN BA 152 98.85 -32.29 -30.18
CA ASN BA 152 98.13 -32.28 -28.93
C ASN BA 152 97.70 -33.70 -28.56
N PRO BA 153 97.87 -34.09 -27.29
CA PRO BA 153 97.49 -35.46 -26.89
C PRO BA 153 96.03 -35.78 -27.13
N THR BA 154 95.14 -34.80 -27.01
CA THR BA 154 93.73 -35.06 -27.26
C THR BA 154 93.49 -35.38 -28.73
N TRP BA 155 94.22 -34.72 -29.64
CA TRP BA 155 94.13 -35.05 -31.05
C TRP BA 155 94.49 -36.51 -31.30
N VAL BA 156 95.60 -36.98 -30.72
CA VAL BA 156 96.05 -38.34 -30.95
C VAL BA 156 95.08 -39.34 -30.35
N LEU BA 157 94.52 -39.03 -29.18
CA LEU BA 157 93.50 -39.90 -28.61
C LEU BA 157 92.30 -40.03 -29.54
N LEU BA 158 91.86 -38.90 -30.11
CA LEU BA 158 90.76 -38.93 -31.07
C LEU BA 158 91.20 -39.51 -32.40
N GLU BA 159 92.45 -39.27 -32.78
CA GLU BA 159 92.97 -39.75 -34.07
C GLU BA 159 93.02 -41.27 -34.11
N GLU BA 160 93.41 -41.91 -33.01
CA GLU BA 160 93.50 -43.36 -32.95
C GLU BA 160 92.15 -44.04 -33.02
N CYS BA 161 91.05 -43.32 -32.83
CA CYS BA 161 89.72 -43.89 -33.04
C CYS BA 161 89.33 -43.98 -34.51
N GLY BA 162 90.15 -43.43 -35.41
CA GLY BA 162 89.79 -43.39 -36.82
C GLY BA 162 89.14 -42.09 -37.24
N GLN BA 166 91.18 -32.13 -38.50
CA GLN BA 166 91.77 -30.85 -38.90
C GLN BA 166 91.78 -29.86 -37.75
N VAL BA 167 92.51 -28.76 -37.92
CA VAL BA 167 92.66 -27.78 -36.85
C VAL BA 167 91.44 -26.87 -36.77
N GLU BA 168 91.01 -26.35 -37.92
CA GLU BA 168 89.93 -25.39 -37.96
C GLU BA 168 88.57 -26.07 -37.93
N SER BA 169 87.57 -25.36 -37.42
CA SER BA 169 86.22 -25.89 -37.39
C SER BA 169 85.66 -25.97 -38.82
N PRO BA 170 84.98 -27.07 -39.18
CA PRO BA 170 84.73 -28.23 -38.30
C PRO BA 170 85.95 -29.15 -38.14
N PRO BA 176 81.14 -43.94 -38.79
CA PRO BA 176 80.56 -44.98 -37.93
C PRO BA 176 81.57 -46.07 -37.55
N THR BA 177 82.62 -46.23 -38.37
CA THR BA 177 83.67 -47.19 -38.06
C THR BA 177 84.45 -46.84 -36.81
N SER BA 178 84.33 -45.60 -36.32
CA SER BA 178 85.03 -45.15 -35.12
C SER BA 178 84.22 -45.38 -33.84
N LEU BA 179 83.05 -46.00 -33.93
CA LEU BA 179 82.16 -46.11 -32.78
C LEU BA 179 82.75 -46.97 -31.67
N ILE BA 180 83.23 -48.17 -32.01
CA ILE BA 180 83.70 -49.11 -30.99
C ILE BA 180 84.85 -48.56 -30.16
N PRO BA 181 85.92 -48.01 -30.76
CA PRO BA 181 87.00 -47.48 -29.90
C PRO BA 181 86.61 -46.23 -29.11
N THR BA 182 85.86 -45.31 -29.73
CA THR BA 182 85.52 -44.06 -29.07
C THR BA 182 84.73 -44.28 -27.79
N SER BA 183 83.71 -45.15 -27.82
CA SER BA 183 82.93 -45.44 -26.63
C SER BA 183 83.81 -45.93 -25.48
N ALA BA 184 84.72 -46.85 -25.77
CA ALA BA 184 85.62 -47.37 -24.74
C ALA BA 184 86.49 -46.25 -24.15
N LEU BA 185 87.03 -45.37 -25.00
CA LEU BA 185 87.81 -44.24 -24.51
C LEU BA 185 86.97 -43.35 -23.59
N TYR BA 186 85.72 -43.09 -23.98
CA TYR BA 186 84.81 -42.32 -23.12
C TYR BA 186 84.66 -42.97 -21.75
N ALA BA 187 84.33 -44.26 -21.71
CA ALA BA 187 84.15 -44.96 -20.43
C ALA BA 187 85.41 -44.89 -19.59
N SER BA 188 86.59 -45.06 -20.22
CA SER BA 188 87.85 -44.94 -19.50
C SER BA 188 88.01 -43.57 -18.87
N LEU BA 189 87.85 -42.51 -19.68
CA LEU BA 189 88.04 -41.14 -19.20
C LEU BA 189 87.10 -40.80 -18.04
N PHE BA 190 85.87 -41.34 -18.06
CA PHE BA 190 84.93 -41.03 -16.99
C PHE BA 190 85.39 -41.59 -15.65
N LEU BA 191 85.69 -42.88 -15.59
CA LEU BA 191 86.07 -43.50 -14.33
C LEU BA 191 87.39 -42.95 -13.81
N LEU BA 192 88.34 -42.70 -14.71
CA LEU BA 192 89.60 -42.07 -14.31
C LEU BA 192 89.37 -40.68 -13.74
N SER BA 193 88.48 -39.90 -14.36
CA SER BA 193 88.17 -38.57 -13.84
C SER BA 193 87.46 -38.66 -12.50
N SER BA 194 86.59 -39.66 -12.33
CA SER BA 194 85.86 -39.82 -11.08
C SER BA 194 86.75 -40.29 -9.94
N LEU BA 195 87.95 -40.79 -10.24
CA LEU BA 195 88.83 -41.26 -9.17
C LEU BA 195 89.66 -40.12 -8.57
N GLY BA 196 89.98 -39.09 -9.35
CA GLY BA 196 90.76 -37.98 -8.85
C GLY BA 196 89.92 -36.82 -8.36
N GLN BA 197 88.66 -37.09 -8.01
CA GLN BA 197 87.74 -36.06 -7.57
C GLN BA 197 87.51 -36.11 -6.06
N THR CA 1 50.14 -0.27 -33.90
CA THR CA 1 49.20 -1.25 -33.35
C THR CA 1 49.95 -2.40 -32.70
N GLN CA 2 51.10 -2.74 -33.29
CA GLN CA 2 51.91 -3.85 -32.81
C GLN CA 2 52.83 -3.46 -31.66
N GLU CA 3 53.02 -2.17 -31.42
CA GLU CA 3 53.95 -1.69 -30.41
C GLU CA 3 53.29 -1.34 -29.08
N ILE CA 4 51.95 -1.35 -29.01
CA ILE CA 4 51.25 -1.00 -27.79
C ILE CA 4 50.33 -2.14 -27.38
N TYR CA 5 50.04 -2.19 -26.09
CA TYR CA 5 49.10 -3.17 -25.57
C TYR CA 5 47.67 -2.81 -25.99
N PRO CA 6 46.89 -3.76 -26.49
CA PRO CA 6 45.53 -3.44 -26.91
C PRO CA 6 44.64 -3.09 -25.72
N ILE CA 7 43.85 -2.04 -25.88
CA ILE CA 7 42.94 -1.56 -24.85
C ILE CA 7 41.52 -1.88 -25.27
N LYS CA 8 40.79 -2.58 -24.41
CA LYS CA 8 39.40 -2.91 -24.68
C LYS CA 8 38.51 -1.72 -24.41
N GLU CA 9 37.50 -1.54 -25.27
CA GLU CA 9 36.53 -0.46 -25.10
C GLU CA 9 35.69 -0.66 -23.84
N ALA CA 10 35.29 0.45 -23.24
CA ALA CA 10 34.54 0.53 -21.98
C ALA CA 10 33.14 -0.08 -22.06
N ASN CA 11 32.77 -0.70 -23.19
CA ASN CA 11 31.44 -1.27 -23.36
C ASN CA 11 31.28 -2.50 -22.47
N GLY CA 12 31.81 -3.63 -22.90
CA GLY CA 12 31.73 -4.84 -22.10
C GLY CA 12 32.95 -5.00 -21.21
N ARG CA 13 33.47 -3.89 -20.70
CA ARG CA 13 34.69 -3.89 -19.91
C ARG CA 13 34.37 -4.08 -18.43
N THR CA 14 35.11 -5.00 -17.78
CA THR CA 14 34.98 -5.26 -16.35
C THR CA 14 36.38 -5.21 -15.73
N ARG CA 15 36.99 -4.04 -15.73
CA ARG CA 15 38.31 -3.87 -15.13
C ARG CA 15 38.23 -4.05 -13.62
N LYS CA 16 39.13 -4.87 -13.08
CA LYS CA 16 39.22 -5.10 -11.65
C LYS CA 16 40.61 -4.73 -11.16
N ALA CA 17 40.67 -4.09 -10.00
CA ALA CA 17 41.93 -3.73 -9.35
C ALA CA 17 41.87 -4.15 -7.90
N LEU CA 18 43.05 -4.44 -7.34
CA LEU CA 18 43.16 -4.96 -5.99
C LEU CA 18 44.07 -4.07 -5.15
N ILE CA 19 43.59 -3.71 -3.97
CA ILE CA 19 44.37 -2.95 -3.00
C ILE CA 19 44.43 -3.77 -1.72
N ILE CA 20 45.64 -4.09 -1.27
CA ILE CA 20 45.86 -4.79 -0.01
C ILE CA 20 46.70 -3.87 0.87
N CYS CA 21 46.13 -3.48 2.00
CA CYS CA 21 46.80 -2.54 2.89
C CYS CA 21 46.60 -2.97 4.33
N ASN CA 22 47.70 -3.06 5.07
CA ASN CA 22 47.67 -3.39 6.49
C ASN CA 22 48.07 -2.15 7.27
N THR CA 23 47.21 -1.73 8.20
CA THR CA 23 47.45 -0.55 9.02
C THR CA 23 47.82 -0.90 10.45
N GLU CA 24 47.02 -1.74 11.11
CA GLU CA 24 47.28 -2.13 12.49
C GLU CA 24 48.04 -3.45 12.52
N PHE CA 25 49.11 -3.50 13.31
CA PHE CA 25 49.92 -4.69 13.46
C PHE CA 25 50.02 -5.08 14.92
N LYS CA 26 50.14 -6.39 15.17
CA LYS CA 26 50.26 -6.87 16.54
C LYS CA 26 51.60 -6.49 17.15
N HIS CA 27 52.69 -6.59 16.38
CA HIS CA 27 54.02 -6.29 16.89
C HIS CA 27 54.70 -5.10 16.22
N LEU CA 28 54.22 -4.64 15.08
CA LEU CA 28 54.86 -3.56 14.36
C LEU CA 28 54.11 -2.25 14.58
N SER CA 29 54.81 -1.14 14.30
CA SER CA 29 54.23 0.17 14.50
C SER CA 29 53.04 0.40 13.59
N LEU CA 30 52.09 1.19 14.07
CA LEU CA 30 50.92 1.52 13.27
C LEU CA 30 51.31 2.40 12.10
N ARG CA 31 50.79 2.08 10.91
CA ARG CA 31 51.08 2.83 9.70
C ARG CA 31 50.09 3.99 9.59
N TYR CA 32 50.41 5.07 10.29
CA TYR CA 32 49.57 6.26 10.29
C TYR CA 32 49.46 6.85 8.88
N GLY CA 33 48.24 7.24 8.51
CA GLY CA 33 48.01 7.82 7.21
C GLY CA 33 47.87 6.83 6.08
N ALA CA 34 47.87 5.53 6.38
CA ALA CA 34 47.71 4.53 5.33
C ALA CA 34 46.35 4.62 4.66
N ASN CA 35 45.36 5.21 5.32
CA ASN CA 35 44.05 5.37 4.70
C ASN CA 35 44.10 6.40 3.57
N PHE CA 36 44.95 7.42 3.69
CA PHE CA 36 45.11 8.39 2.61
C PHE CA 36 45.61 7.72 1.34
N ASP CA 37 46.51 6.75 1.47
CA ASP CA 37 47.00 6.04 0.29
C ASP CA 37 45.92 5.17 -0.33
N ILE CA 38 45.08 4.55 0.51
CA ILE CA 38 43.97 3.75 -0.01
C ILE CA 38 43.00 4.62 -0.78
N ILE CA 39 42.58 5.74 -0.18
CA ILE CA 39 41.63 6.63 -0.82
C ILE CA 39 42.21 7.19 -2.11
N GLY CA 40 43.48 7.58 -2.09
CA GLY CA 40 44.10 8.12 -3.29
C GLY CA 40 44.21 7.11 -4.41
N MET CA 41 44.73 5.92 -4.10
CA MET CA 41 44.90 4.90 -5.14
C MET CA 41 43.56 4.39 -5.64
N LYS CA 42 42.59 4.20 -4.75
CA LYS CA 42 41.28 3.72 -5.20
C LYS CA 42 40.61 4.74 -6.13
N GLY CA 43 40.70 6.02 -5.78
CA GLY CA 43 40.15 7.05 -6.65
C GLY CA 43 40.87 7.13 -7.98
N LEU CA 44 42.19 6.98 -7.96
CA LEU CA 44 42.98 7.01 -9.19
C LEU CA 44 42.63 5.83 -10.09
N LEU CA 45 42.55 4.63 -9.50
CA LEU CA 45 42.20 3.46 -10.28
C LEU CA 45 40.78 3.54 -10.82
N GLU CA 46 39.87 4.18 -10.07
CA GLU CA 46 38.53 4.41 -10.58
C GLU CA 46 38.54 5.38 -11.75
N ASP CA 47 39.34 6.45 -11.65
CA ASP CA 47 39.48 7.38 -12.76
C ASP CA 47 40.15 6.74 -13.96
N LEU CA 48 40.93 5.68 -13.76
CA LEU CA 48 41.53 4.93 -14.85
C LEU CA 48 40.63 3.81 -15.36
N GLY CA 49 39.43 3.66 -14.80
CA GLY CA 49 38.47 2.69 -15.27
C GLY CA 49 38.46 1.36 -14.54
N TYR CA 50 39.14 1.24 -13.40
CA TYR CA 50 39.23 -0.01 -12.66
C TYR CA 50 38.24 -0.02 -11.51
N ASP CA 51 37.49 -1.12 -11.39
CA ASP CA 51 36.68 -1.37 -10.21
C ASP CA 51 37.58 -1.90 -9.10
N VAL CA 52 37.65 -1.17 -7.99
CA VAL CA 52 38.66 -1.40 -6.97
C VAL CA 52 38.13 -2.35 -5.90
N VAL CA 53 38.90 -3.40 -5.61
CA VAL CA 53 38.65 -4.30 -4.50
C VAL CA 53 39.64 -3.94 -3.39
N VAL CA 54 39.12 -3.64 -2.20
CA VAL CA 54 39.93 -3.18 -1.08
C VAL CA 54 39.90 -4.25 0.01
N LYS CA 55 41.08 -4.70 0.44
CA LYS CA 55 41.22 -5.66 1.54
C LYS CA 55 42.21 -5.11 2.55
N GLU CA 56 41.84 -5.16 3.83
CA GLU CA 56 42.65 -4.58 4.90
C GLU CA 56 42.83 -5.59 6.03
N GLU CA 57 43.91 -5.42 6.78
CA GLU CA 57 44.23 -6.20 7.97
C GLU CA 57 44.23 -7.70 7.65
N LEU CA 58 45.25 -8.12 6.92
CA LEU CA 58 45.39 -9.49 6.47
C LEU CA 58 46.71 -10.08 6.92
N THR CA 59 46.69 -11.39 7.18
CA THR CA 59 47.91 -12.15 7.41
C THR CA 59 48.55 -12.50 6.06
N ALA CA 60 49.70 -13.19 6.12
CA ALA CA 60 50.32 -13.65 4.88
C ALA CA 60 49.43 -14.65 4.15
N GLU CA 61 48.80 -15.56 4.90
CA GLU CA 61 47.82 -16.46 4.28
C GLU CA 61 46.58 -15.71 3.84
N GLY CA 62 46.22 -14.63 4.53
CA GLY CA 62 45.11 -13.80 4.08
C GLY CA 62 45.39 -13.13 2.76
N MET CA 63 46.59 -12.56 2.60
CA MET CA 63 46.97 -11.97 1.32
C MET CA 63 47.00 -13.00 0.21
N GLU CA 64 47.55 -14.19 0.50
CA GLU CA 64 47.62 -15.24 -0.51
C GLU CA 64 46.24 -15.69 -0.96
N SER CA 65 45.32 -15.88 -0.01
CA SER CA 65 43.97 -16.33 -0.35
C SER CA 65 43.20 -15.26 -1.11
N GLU CA 66 43.32 -14.00 -0.68
CA GLU CA 66 42.61 -12.92 -1.36
C GLU CA 66 43.14 -12.68 -2.77
N MET CA 67 44.44 -12.87 -2.98
CA MET CA 67 44.99 -12.73 -4.33
C MET CA 67 44.50 -13.84 -5.25
N LYS CA 68 44.46 -15.08 -4.76
CA LYS CA 68 43.94 -16.18 -5.56
C LYS CA 68 42.47 -15.97 -5.88
N ASP CA 69 41.69 -15.44 -4.93
CA ASP CA 69 40.29 -15.11 -5.21
C ASP CA 69 40.20 -14.02 -6.26
N PHE CA 70 41.05 -12.98 -6.15
CA PHE CA 70 41.03 -11.90 -7.12
C PHE CA 70 41.50 -12.40 -8.49
N ALA CA 71 42.46 -13.31 -8.51
CA ALA CA 71 42.98 -13.82 -9.78
C ALA CA 71 42.00 -14.76 -10.47
N ALA CA 72 41.09 -15.37 -9.72
CA ALA CA 72 40.10 -16.29 -10.29
C ALA CA 72 38.83 -15.58 -10.74
N LEU CA 73 38.76 -14.25 -10.63
CA LEU CA 73 37.56 -13.52 -11.01
C LEU CA 73 37.30 -13.65 -12.50
N SER CA 74 36.06 -13.98 -12.85
CA SER CA 74 35.66 -14.10 -14.25
C SER CA 74 35.67 -12.77 -14.99
N GLU CA 75 35.71 -11.64 -14.26
CA GLU CA 75 35.74 -10.34 -14.91
C GLU CA 75 37.03 -10.08 -15.68
N HIS CA 76 38.10 -10.81 -15.38
CA HIS CA 76 39.38 -10.57 -16.05
C HIS CA 76 39.33 -10.95 -17.52
N GLN CA 77 38.43 -11.86 -17.92
CA GLN CA 77 38.31 -12.21 -19.33
C GLN CA 77 37.84 -11.03 -20.17
N THR CA 78 36.97 -10.19 -19.61
CA THR CA 78 36.48 -9.00 -20.29
C THR CA 78 37.21 -7.73 -19.84
N SER CA 79 38.45 -7.87 -19.37
CA SER CA 79 39.29 -6.76 -18.97
C SER CA 79 40.52 -6.72 -19.87
N ASP CA 80 41.27 -5.63 -19.77
CA ASP CA 80 42.49 -5.46 -20.54
C ASP CA 80 43.75 -5.34 -19.69
N SER CA 81 43.63 -5.22 -18.37
CA SER CA 81 44.77 -5.03 -17.49
C SER CA 81 44.28 -5.18 -16.05
N THR CA 82 45.22 -5.07 -15.11
CA THR CA 82 44.90 -5.11 -13.69
C THR CA 82 45.98 -4.36 -12.92
N PHE CA 83 45.62 -3.93 -11.71
CA PHE CA 83 46.55 -3.24 -10.82
C PHE CA 83 46.55 -3.94 -9.47
N LEU CA 84 47.75 -4.04 -8.87
CA LEU CA 84 47.95 -4.70 -7.58
C LEU CA 84 48.68 -3.74 -6.66
N VAL CA 85 47.96 -3.16 -5.70
CA VAL CA 85 48.53 -2.21 -4.76
C VAL CA 85 48.70 -2.90 -3.41
N LEU CA 86 49.95 -2.94 -2.93
CA LEU CA 86 50.30 -3.57 -1.67
C LEU CA 86 50.96 -2.53 -0.76
N MET CA 87 50.39 -2.36 0.43
CA MET CA 87 50.88 -1.33 1.36
C MET CA 87 50.92 -1.92 2.77
N SER CA 88 52.11 -1.99 3.34
CA SER CA 88 52.33 -2.57 4.66
C SER CA 88 53.80 -2.35 5.03
N HIS CA 89 54.19 -2.88 6.19
CA HIS CA 89 55.60 -3.02 6.48
C HIS CA 89 56.20 -4.11 5.61
N GLY CA 90 57.51 -4.05 5.40
CA GLY CA 90 58.17 -4.97 4.49
C GLY CA 90 59.54 -5.36 4.98
N THR CA 91 59.98 -6.52 4.53
CA THR CA 91 61.33 -7.03 4.72
C THR CA 91 62.06 -7.00 3.38
N LEU CA 92 63.24 -7.63 3.33
CA LEU CA 92 64.04 -7.60 2.12
C LEU CA 92 63.35 -8.33 0.97
N HIS CA 93 62.76 -9.50 1.24
CA HIS CA 93 62.16 -10.32 0.19
C HIS CA 93 60.67 -10.50 0.35
N GLY CA 94 60.01 -9.75 1.23
CA GLY CA 94 58.58 -9.94 1.40
C GLY CA 94 57.91 -8.75 2.05
N ILE CA 95 56.58 -8.84 2.10
CA ILE CA 95 55.74 -7.82 2.70
C ILE CA 95 55.13 -8.41 3.97
N CYS CA 96 55.00 -7.58 5.00
CA CYS CA 96 54.63 -8.08 6.33
C CYS CA 96 53.12 -8.20 6.46
N GLY CA 97 52.70 -9.27 7.14
CA GLY CA 97 51.32 -9.42 7.56
C GLY CA 97 51.07 -8.76 8.91
N THR CA 98 49.84 -8.91 9.39
CA THR CA 98 49.48 -8.28 10.65
C THR CA 98 50.22 -8.92 11.84
N MET CA 99 50.42 -10.23 11.80
CA MET CA 99 51.03 -10.96 12.90
C MET CA 99 52.54 -11.09 12.78
N HIS CA 100 53.18 -10.30 11.94
CA HIS CA 100 54.60 -10.49 11.68
C HIS CA 100 55.45 -10.07 12.87
N SER CA 101 56.50 -10.84 13.13
CA SER CA 101 57.51 -10.51 14.12
C SER CA 101 58.81 -11.19 13.71
N GLU CA 102 59.93 -10.69 14.25
CA GLU CA 102 61.22 -11.27 13.91
C GLU CA 102 61.31 -12.73 14.37
N LYS CA 103 60.68 -13.06 15.49
CA LYS CA 103 60.69 -14.44 15.99
C LYS CA 103 59.72 -15.31 15.21
N THR CA 104 58.52 -14.80 14.91
CA THR CA 104 57.46 -15.54 14.24
C THR CA 104 57.10 -14.80 12.95
N PRO CA 105 57.79 -15.09 11.84
CA PRO CA 105 57.54 -14.35 10.60
C PRO CA 105 56.15 -14.62 10.04
N ASP CA 106 55.53 -13.56 9.51
CA ASP CA 106 54.26 -13.63 8.81
C ASP CA 106 54.43 -12.79 7.54
N VAL CA 107 55.16 -13.35 6.58
CA VAL CA 107 55.66 -12.62 5.42
C VAL CA 107 55.16 -13.28 4.15
N LEU CA 108 54.71 -12.46 3.21
CA LEU CA 108 54.35 -12.91 1.87
C LEU CA 108 55.48 -12.56 0.91
N GLN CA 109 56.13 -13.58 0.36
CA GLN CA 109 57.18 -13.35 -0.61
C GLN CA 109 56.61 -12.74 -1.88
N TYR CA 110 57.33 -11.77 -2.45
CA TYR CA 110 56.88 -11.16 -3.70
C TYR CA 110 56.85 -12.18 -4.83
N ASP CA 111 57.72 -13.19 -4.77
CA ASP CA 111 57.69 -14.24 -5.79
C ASP CA 111 56.37 -15.00 -5.79
N THR CA 112 55.72 -15.11 -4.63
CA THR CA 112 54.42 -15.76 -4.57
C THR CA 112 53.38 -15.00 -5.37
N ILE CA 113 53.48 -13.67 -5.40
CA ILE CA 113 52.53 -12.86 -6.15
C ILE CA 113 52.64 -13.14 -7.63
N TYR CA 114 53.87 -13.19 -8.14
CA TYR CA 114 54.07 -13.52 -9.55
C TYR CA 114 53.59 -14.94 -9.85
N GLN CA 115 53.78 -15.86 -8.91
CA GLN CA 115 53.31 -17.23 -9.09
C GLN CA 115 51.78 -17.28 -9.15
N ILE CA 116 51.11 -16.44 -8.38
CA ILE CA 116 49.65 -16.48 -8.34
C ILE CA 116 49.05 -15.91 -9.62
N PHE CA 117 49.67 -14.88 -10.18
CA PHE CA 117 49.07 -14.12 -11.28
C PHE CA 117 49.72 -14.41 -12.64
N ASN CA 118 50.63 -15.36 -12.73
CA ASN CA 118 51.26 -15.64 -14.02
C ASN CA 118 50.27 -16.28 -14.98
N ASN CA 119 50.73 -16.55 -16.20
CA ASN CA 119 49.87 -17.14 -17.22
C ASN CA 119 49.46 -18.57 -16.90
N CYS CA 120 50.08 -19.21 -15.91
CA CYS CA 120 49.72 -20.58 -15.55
C CYS CA 120 48.51 -20.62 -14.62
N HIS CA 121 48.49 -19.75 -13.60
CA HIS CA 121 47.48 -19.80 -12.55
C HIS CA 121 46.39 -18.75 -12.70
N CYS CA 122 46.56 -17.78 -13.60
CA CYS CA 122 45.55 -16.74 -13.82
C CYS CA 122 45.26 -16.68 -15.32
N PRO CA 123 44.38 -17.57 -15.80
CA PRO CA 123 44.06 -17.57 -17.24
C PRO CA 123 43.33 -16.33 -17.70
N GLY CA 124 42.58 -15.68 -16.81
CA GLY CA 124 41.83 -14.50 -17.20
C GLY CA 124 42.67 -13.30 -17.55
N LEU CA 125 43.91 -13.25 -17.06
CA LEU CA 125 44.80 -12.11 -17.28
C LEU CA 125 45.99 -12.45 -18.16
N ARG CA 126 45.90 -13.52 -18.95
CA ARG CA 126 46.98 -13.86 -19.87
C ARG CA 126 47.12 -12.79 -20.95
N ASP CA 127 48.38 -12.47 -21.28
CA ASP CA 127 48.74 -11.48 -22.29
C ASP CA 127 48.23 -10.08 -21.96
N LYS CA 128 47.87 -9.84 -20.70
CA LYS CA 128 47.37 -8.54 -20.27
C LYS CA 128 48.31 -7.94 -19.23
N PRO CA 129 48.52 -6.62 -19.25
CA PRO CA 129 49.46 -6.01 -18.31
C PRO CA 129 49.03 -6.24 -16.86
N LYS CA 130 49.99 -6.62 -16.04
CA LYS CA 130 49.79 -6.83 -14.61
C LYS CA 130 50.76 -5.93 -13.85
N VAL CA 131 50.23 -4.86 -13.28
CA VAL CA 131 51.04 -3.83 -12.63
C VAL CA 131 50.99 -4.04 -11.12
N ILE CA 132 52.16 -4.08 -10.49
CA ILE CA 132 52.28 -4.29 -9.05
C ILE CA 132 52.88 -3.04 -8.44
N ILE CA 133 52.16 -2.45 -7.48
CA ILE CA 133 52.63 -1.27 -6.75
C ILE CA 133 52.84 -1.69 -5.31
N VAL CA 134 54.06 -1.48 -4.80
CA VAL CA 134 54.45 -1.93 -3.47
C VAL CA 134 54.92 -0.71 -2.68
N GLN CA 135 54.12 -0.28 -1.72
CA GLN CA 135 54.53 0.73 -0.74
C GLN CA 135 54.90 -0.02 0.54
N ALA CA 136 56.20 -0.23 0.73
CA ALA CA 136 56.73 -0.98 1.86
C ALA CA 136 58.24 -0.82 1.88
N ALA CA 137 58.82 -0.89 3.07
CA ALA CA 137 60.26 -0.91 3.20
C ALA CA 137 60.82 -2.22 2.67
N ARG CA 138 62.07 -2.17 2.20
CA ARG CA 138 62.78 -3.36 1.74
C ARG CA 138 64.03 -3.58 2.56
N GLY CA 139 64.01 -3.09 3.79
CA GLY CA 139 65.17 -3.11 4.66
C GLY CA 139 65.02 -2.07 5.75
N GLY CA 140 66.05 -2.00 6.58
CA GLY CA 140 66.02 -1.08 7.71
C GLY CA 140 67.06 0.02 7.63
N ASN CA 141 67.87 0.02 6.58
CA ASN CA 141 68.96 0.96 6.44
C ASN CA 141 68.50 2.24 5.76
N SER CA 142 69.21 3.33 6.06
CA SER CA 142 68.92 4.62 5.45
C SER CA 142 69.38 4.65 3.99
N GLY CA 143 68.69 5.44 3.18
CA GLY CA 143 68.94 5.47 1.76
C GLY CA 143 69.74 6.66 1.25
N GLU CA 144 70.42 7.37 2.15
CA GLU CA 144 71.16 8.55 1.76
C GLU CA 144 72.50 8.59 2.46
N MET CA 145 73.42 9.38 1.91
CA MET CA 145 74.74 9.57 2.49
C MET CA 145 75.30 10.89 1.97
N TRP CA 146 76.40 11.32 2.59
CA TRP CA 146 77.05 12.58 2.27
C TRP CA 146 78.31 12.28 1.47
N ILE CA 147 78.50 13.00 0.37
CA ILE CA 147 79.63 12.80 -0.53
C ILE CA 147 80.21 14.16 -0.90
N ARG CA 148 81.32 14.13 -1.64
CA ARG CA 148 81.97 15.35 -2.08
C ARG CA 148 81.15 16.04 -3.17
N GLU CA 149 81.64 17.21 -3.59
CA GLU CA 149 81.02 17.97 -4.66
C GLU CA 149 81.78 17.75 -5.97
N SER CA 150 81.91 18.81 -6.77
CA SER CA 150 82.61 18.71 -8.04
C SER CA 150 83.13 20.07 -8.48
N THR DA 1 76.42 -4.28 -39.42
CA THR DA 1 77.35 -3.48 -38.62
C THR DA 1 76.60 -2.45 -37.78
N LEU DA 2 77.31 -1.79 -36.87
CA LEU DA 2 76.69 -0.82 -35.98
C LEU DA 2 76.42 0.47 -36.72
N LYS DA 3 75.14 0.84 -36.83
CA LYS DA 3 74.77 2.10 -37.48
C LYS DA 3 75.06 3.26 -36.54
N LEU DA 4 75.70 4.29 -37.07
CA LEU DA 4 76.17 5.41 -36.25
C LEU DA 4 75.15 6.55 -36.23
N CYS DA 5 75.40 7.50 -35.35
CA CYS DA 5 74.59 8.69 -35.20
C CYS DA 5 75.31 9.89 -35.80
N SER DA 6 74.57 10.70 -36.55
CA SER DA 6 75.16 11.89 -37.15
C SER DA 6 75.57 12.88 -36.06
N PRO DA 7 76.73 13.52 -36.19
CA PRO DA 7 77.16 14.46 -35.14
C PRO DA 7 76.20 15.62 -34.93
N GLU DA 8 75.44 16.00 -35.96
CA GLU DA 8 74.44 17.05 -35.79
C GLU DA 8 73.34 16.60 -34.85
N GLU DA 9 72.81 15.40 -35.06
CA GLU DA 9 71.80 14.85 -34.15
C GLU DA 9 72.39 14.53 -32.78
N PHE DA 10 73.71 14.31 -32.70
CA PHE DA 10 74.35 14.13 -31.41
C PHE DA 10 74.28 15.40 -30.58
N THR DA 11 74.53 16.56 -31.21
CA THR DA 11 74.43 17.82 -30.50
C THR DA 11 72.99 18.28 -30.32
N ARG DA 12 72.10 17.89 -31.24
CA ARG DA 12 70.71 18.32 -31.14
C ARG DA 12 70.03 17.69 -29.94
N LEU DA 13 70.25 16.39 -29.70
CA LEU DA 13 69.65 15.74 -28.55
C LEU DA 13 70.30 16.16 -27.25
N CYS DA 14 71.61 16.42 -27.27
CA CYS DA 14 72.29 16.85 -26.05
C CYS DA 14 71.87 18.23 -25.59
N ARG DA 15 71.32 19.07 -26.49
CA ARG DA 15 70.92 20.42 -26.14
C ARG DA 15 69.44 20.50 -25.77
N GLU DA 16 68.57 20.12 -26.70
CA GLU DA 16 67.14 20.39 -26.54
C GLU DA 16 66.57 19.72 -25.30
N LYS DA 17 66.81 18.41 -25.14
CA LYS DA 17 66.34 17.66 -23.98
C LYS DA 17 67.54 17.21 -23.14
N THR DA 18 68.21 18.18 -22.53
CA THR DA 18 69.39 17.87 -21.71
C THR DA 18 68.99 17.27 -20.37
N GLN DA 19 67.83 17.66 -19.82
CA GLN DA 19 67.40 17.17 -18.52
C GLN DA 19 66.73 15.82 -18.59
N GLU DA 20 66.33 15.37 -19.78
CA GLU DA 20 65.61 14.11 -19.91
C GLU DA 20 66.50 12.95 -20.30
N ILE DA 21 67.77 13.20 -20.63
CA ILE DA 21 68.69 12.15 -21.04
C ILE DA 21 69.93 12.20 -20.16
N TYR DA 22 70.58 11.04 -20.04
CA TYR DA 22 71.85 10.96 -19.34
C TYR DA 22 72.93 11.67 -20.13
N PRO DA 23 73.75 12.52 -19.51
CA PRO DA 23 74.76 13.27 -20.26
C PRO DA 23 75.83 12.33 -20.81
N ILE DA 24 76.20 12.54 -22.08
CA ILE DA 24 77.17 11.72 -22.77
C ILE DA 24 78.45 12.53 -22.97
N LYS DA 25 79.57 11.96 -22.53
CA LYS DA 25 80.87 12.57 -22.73
C LYS DA 25 81.33 12.39 -24.18
N GLU DA 26 82.02 13.39 -24.70
CA GLU DA 26 82.57 13.26 -26.05
C GLU DA 26 83.64 12.18 -26.09
N ALA DA 27 83.68 11.45 -27.20
CA ALA DA 27 84.57 10.30 -27.34
C ALA DA 27 86.04 10.69 -27.43
N ASN DA 28 86.39 11.97 -27.34
CA ASN DA 28 87.78 12.37 -27.49
C ASN DA 28 88.61 11.97 -26.26
N GLY DA 29 88.50 12.75 -25.19
CA GLY DA 29 89.24 12.44 -23.98
C GLY DA 29 88.45 11.55 -23.05
N ARG DA 30 87.73 10.61 -23.63
CA ARG DA 30 86.85 9.70 -22.90
C ARG DA 30 87.55 8.36 -22.71
N THR DA 31 87.30 7.73 -21.56
CA THR DA 31 87.89 6.42 -21.22
C THR DA 31 86.78 5.51 -20.70
N ARG DA 32 85.85 5.15 -21.57
CA ARG DA 32 84.77 4.23 -21.21
C ARG DA 32 85.34 2.84 -20.94
N LYS DA 33 84.94 2.25 -19.82
CA LYS DA 33 85.39 0.92 -19.45
C LYS DA 33 84.18 0.00 -19.29
N ALA DA 34 84.31 -1.23 -19.79
CA ALA DA 34 83.27 -2.24 -19.66
C ALA DA 34 83.91 -3.55 -19.20
N LEU DA 35 83.11 -4.36 -18.51
CA LEU DA 35 83.58 -5.61 -17.92
C LEU DA 35 82.72 -6.77 -18.43
N ILE DA 36 83.38 -7.84 -18.87
CA ILE DA 36 82.72 -9.08 -19.28
C ILE DA 36 83.28 -10.20 -18.43
N ILE DA 37 82.39 -10.90 -17.71
CA ILE DA 37 82.75 -12.07 -16.90
C ILE DA 37 81.98 -13.26 -17.44
N CYS DA 38 82.70 -14.28 -17.90
CA CYS DA 38 82.09 -15.47 -18.47
C CYS DA 38 82.83 -16.72 -18.01
N ASN DA 39 82.10 -17.69 -17.50
CA ASN DA 39 82.65 -18.97 -17.06
C ASN DA 39 82.17 -20.07 -17.99
N THR DA 40 83.11 -20.83 -18.55
CA THR DA 40 82.82 -21.92 -19.47
C THR DA 40 83.02 -23.29 -18.84
N GLU DA 41 84.16 -23.53 -18.20
CA GLU DA 41 84.47 -24.81 -17.60
C GLU DA 41 84.02 -24.84 -16.15
N PHE DA 42 83.32 -25.90 -15.76
CA PHE DA 42 82.86 -26.10 -14.39
C PHE DA 42 83.34 -27.44 -13.88
N LYS DA 43 83.59 -27.51 -12.58
CA LYS DA 43 84.06 -28.75 -11.98
C LYS DA 43 82.94 -29.80 -11.95
N HIS DA 44 81.72 -29.38 -11.64
CA HIS DA 44 80.59 -30.29 -11.54
C HIS DA 44 79.47 -30.02 -12.55
N LEU DA 45 79.45 -28.85 -13.19
CA LEU DA 45 78.38 -28.48 -14.08
C LEU DA 45 78.75 -28.66 -15.55
N SER DA 46 77.72 -28.73 -16.39
CA SER DA 46 77.92 -28.96 -17.81
C SER DA 46 78.66 -27.79 -18.46
N LEU DA 47 79.42 -28.11 -19.51
CA LEU DA 47 80.13 -27.09 -20.27
C LEU DA 47 79.15 -26.22 -21.05
N ARG DA 48 79.40 -24.91 -21.03
CA ARG DA 48 78.57 -23.94 -21.77
C ARG DA 48 79.15 -23.81 -23.17
N TYR DA 49 78.75 -24.74 -24.04
CA TYR DA 49 79.20 -24.74 -25.42
C TYR DA 49 78.78 -23.45 -26.12
N GLY DA 50 79.70 -22.88 -26.90
CA GLY DA 50 79.41 -21.67 -27.63
C GLY DA 50 79.50 -20.39 -26.82
N ALA DA 51 79.94 -20.46 -25.56
CA ALA DA 51 80.09 -19.25 -24.76
C ALA DA 51 81.12 -18.30 -25.32
N ASN DA 52 82.09 -18.81 -26.09
CA ASN DA 52 83.07 -17.94 -26.72
C ASN DA 52 82.44 -17.04 -27.77
N PHE DA 53 81.39 -17.51 -28.44
CA PHE DA 53 80.70 -16.67 -29.42
C PHE DA 53 80.08 -15.45 -28.76
N ASP DA 54 79.54 -15.61 -27.56
CA ASP DA 54 78.97 -14.47 -26.83
C ASP DA 54 80.05 -13.51 -26.36
N ILE DA 55 81.20 -14.04 -25.94
CA ILE DA 55 82.31 -13.19 -25.50
C ILE DA 55 82.78 -12.30 -26.63
N ILE DA 56 83.09 -12.91 -27.79
CA ILE DA 56 83.54 -12.14 -28.94
C ILE DA 56 82.45 -11.17 -29.39
N GLY DA 57 81.19 -11.62 -29.39
CA GLY DA 57 80.10 -10.76 -29.82
C GLY DA 57 79.93 -9.55 -28.93
N MET DA 58 79.88 -9.76 -27.61
CA MET DA 58 79.72 -8.64 -26.69
C MET DA 58 80.94 -7.73 -26.69
N LYS DA 59 82.14 -8.32 -26.77
CA LYS DA 59 83.35 -7.52 -26.79
C LYS DA 59 83.40 -6.61 -28.01
N GLY DA 60 83.02 -7.14 -29.17
CA GLY DA 60 83.00 -6.32 -30.37
C GLY DA 60 81.97 -5.21 -30.32
N LEU DA 61 80.77 -5.53 -29.79
CA LEU DA 61 79.72 -4.52 -29.69
C LEU DA 61 80.10 -3.42 -28.72
N LEU DA 62 80.61 -3.78 -27.54
CA LEU DA 62 80.99 -2.77 -26.56
C LEU DA 62 82.15 -1.92 -27.05
N GLU DA 63 83.07 -2.50 -27.81
CA GLU DA 63 84.13 -1.69 -28.41
C GLU DA 63 83.57 -0.74 -29.46
N ASP DA 64 82.63 -1.21 -30.28
CA ASP DA 64 81.99 -0.33 -31.26
C ASP DA 64 81.17 0.76 -30.60
N LEU DA 65 80.72 0.55 -29.36
CA LEU DA 65 80.01 1.57 -28.60
C LEU DA 65 80.94 2.48 -27.81
N GLY DA 66 82.25 2.27 -27.91
CA GLY DA 66 83.22 3.14 -27.28
C GLY DA 66 83.75 2.70 -25.95
N TYR DA 67 83.50 1.46 -25.54
CA TYR DA 67 83.94 0.94 -24.25
C TYR DA 67 85.20 0.11 -24.43
N ASP DA 68 86.20 0.37 -23.59
CA ASP DA 68 87.35 -0.52 -23.48
C ASP DA 68 86.95 -1.71 -22.62
N VAL DA 69 86.99 -2.91 -23.19
CA VAL DA 69 86.38 -4.08 -22.58
C VAL DA 69 87.42 -4.84 -21.77
N VAL DA 70 87.07 -5.13 -20.52
CA VAL DA 70 87.86 -6.01 -19.66
C VAL DA 70 87.15 -7.36 -19.61
N VAL DA 71 87.87 -8.43 -19.97
CA VAL DA 71 87.32 -9.77 -20.05
C VAL DA 71 87.98 -10.63 -19.00
N LYS DA 72 87.17 -11.27 -18.15
CA LYS DA 72 87.66 -12.19 -17.14
C LYS DA 72 86.90 -13.51 -17.29
N GLU DA 73 87.63 -14.62 -17.29
CA GLU DA 73 87.06 -15.93 -17.54
C GLU DA 73 87.50 -16.91 -16.47
N GLU DA 74 86.68 -17.94 -16.26
CA GLU DA 74 86.98 -19.04 -15.34
C GLU DA 74 87.28 -18.51 -13.94
N LEU DA 75 86.24 -18.00 -13.29
CA LEU DA 75 86.35 -17.39 -11.98
C LEU DA 75 85.43 -18.07 -10.98
N THR DA 76 85.87 -18.10 -9.73
CA THR DA 76 85.02 -18.51 -8.62
C THR DA 76 84.13 -17.33 -8.19
N ALA DA 77 83.26 -17.57 -7.21
CA ALA DA 77 82.46 -16.48 -6.68
C ALA DA 77 83.33 -15.42 -6.02
N GLU DA 78 84.34 -15.83 -5.27
CA GLU DA 78 85.30 -14.88 -4.73
C GLU DA 78 86.12 -14.24 -5.85
N GLY DA 79 86.39 -14.98 -6.92
CA GLY DA 79 87.11 -14.40 -8.04
C GLY DA 79 86.30 -13.36 -8.78
N MET DA 80 85.03 -13.66 -9.05
CA MET DA 80 84.16 -12.67 -9.68
C MET DA 80 83.99 -11.45 -8.79
N GLU DA 81 83.82 -11.66 -7.49
CA GLU DA 81 83.68 -10.54 -6.57
C GLU DA 81 84.94 -9.68 -6.54
N SER DA 82 86.11 -10.32 -6.52
CA SER DA 82 87.36 -9.57 -6.48
C SER DA 82 87.60 -8.82 -7.80
N GLU DA 83 87.31 -9.46 -8.93
CA GLU DA 83 87.51 -8.80 -10.22
C GLU DA 83 86.57 -7.63 -10.41
N MET DA 84 85.34 -7.73 -9.87
CA MET DA 84 84.41 -6.62 -9.97
C MET DA 84 84.86 -5.43 -9.13
N LYS DA 85 85.37 -5.69 -7.93
CA LYS DA 85 85.86 -4.60 -7.09
C LYS DA 85 87.03 -3.88 -7.73
N ASP DA 86 87.92 -4.62 -8.40
CA ASP DA 86 89.01 -3.97 -9.13
C ASP DA 86 88.48 -3.12 -10.27
N PHE DA 87 87.47 -3.62 -10.98
CA PHE DA 87 86.91 -2.85 -12.09
C PHE DA 87 86.25 -1.58 -11.61
N ALA DA 88 85.59 -1.63 -10.45
CA ALA DA 88 84.88 -0.47 -9.92
C ALA DA 88 85.82 0.60 -9.37
N ALA DA 89 87.03 0.23 -8.97
CA ALA DA 89 87.98 1.18 -8.42
C ALA DA 89 88.86 1.83 -9.48
N LEU DA 90 88.66 1.50 -10.76
CA LEU DA 90 89.49 2.06 -11.82
C LEU DA 90 89.29 3.57 -11.93
N SER DA 91 90.40 4.30 -11.97
CA SER DA 91 90.35 5.75 -12.15
C SER DA 91 89.83 6.16 -13.51
N GLU DA 92 89.77 5.23 -14.47
CA GLU DA 92 89.26 5.56 -15.80
C GLU DA 92 87.77 5.88 -15.77
N HIS DA 93 87.05 5.45 -14.74
CA HIS DA 93 85.63 5.77 -14.65
C HIS DA 93 85.39 7.25 -14.41
N GLN DA 94 86.37 7.95 -13.83
CA GLN DA 94 86.22 9.38 -13.59
C GLN DA 94 86.04 10.15 -14.90
N THR DA 95 86.71 9.70 -15.95
CA THR DA 95 86.57 10.29 -17.28
C THR DA 95 85.65 9.46 -18.18
N SER DA 96 84.73 8.72 -17.58
CA SER DA 96 83.74 7.93 -18.31
C SER DA 96 82.35 8.47 -17.99
N ASP DA 97 81.36 8.01 -18.77
CA ASP DA 97 79.98 8.42 -18.58
C ASP DA 97 79.03 7.28 -18.26
N SER DA 98 79.48 6.02 -18.35
CA SER DA 98 78.64 4.86 -18.11
C SER DA 98 79.55 3.63 -18.07
N THR DA 99 78.94 2.48 -17.83
CA THR DA 99 79.67 1.21 -17.85
C THR DA 99 78.70 0.09 -18.15
N PHE DA 100 79.24 -1.03 -18.62
CA PHE DA 100 78.46 -2.22 -18.89
C PHE DA 100 79.05 -3.41 -18.14
N LEU DA 101 78.17 -4.25 -17.60
CA LEU DA 101 78.56 -5.43 -16.84
C LEU DA 101 77.86 -6.63 -17.44
N VAL DA 102 78.59 -7.45 -18.18
CA VAL DA 102 78.04 -8.62 -18.84
C VAL DA 102 78.46 -9.86 -18.06
N LEU DA 103 77.48 -10.64 -17.61
CA LEU DA 103 77.72 -11.83 -16.82
C LEU DA 103 77.10 -13.03 -17.55
N MET DA 104 77.93 -14.04 -17.81
CA MET DA 104 77.49 -15.21 -18.58
C MET DA 104 78.04 -16.46 -17.91
N SER DA 105 77.16 -17.31 -17.42
CA SER DA 105 77.53 -18.55 -16.73
C SER DA 105 76.26 -19.33 -16.44
N HIS DA 106 76.41 -20.45 -15.74
CA HIS DA 106 75.25 -21.07 -15.13
C HIS DA 106 74.77 -20.22 -13.98
N GLY DA 107 73.48 -20.35 -13.65
CA GLY DA 107 72.88 -19.49 -12.66
C GLY DA 107 71.86 -20.24 -11.80
N THR DA 108 71.65 -19.70 -10.62
CA THR DA 108 70.62 -20.14 -9.70
C THR DA 108 69.53 -19.07 -9.63
N LEU DA 109 68.62 -19.23 -8.68
CA LEU DA 109 67.49 -18.30 -8.59
C LEU DA 109 67.96 -16.90 -8.20
N HIS DA 110 68.88 -16.80 -7.24
CA HIS DA 110 69.30 -15.50 -6.71
C HIS DA 110 70.78 -15.21 -6.95
N GLY DA 111 71.47 -16.02 -7.75
CA GLY DA 111 72.89 -15.78 -7.95
C GLY DA 111 73.40 -16.42 -9.22
N ILE DA 112 74.67 -16.12 -9.50
CA ILE DA 112 75.37 -16.65 -10.67
C ILE DA 112 76.46 -17.60 -10.16
N CYS DA 113 76.66 -18.69 -10.89
CA CYS DA 113 77.51 -19.79 -10.44
C CYS DA 113 78.97 -19.54 -10.77
N GLY DA 114 79.85 -19.90 -9.82
CA GLY DA 114 81.27 -19.93 -10.06
C GLY DA 114 81.72 -21.25 -10.67
N THR DA 115 83.03 -21.37 -10.84
CA THR DA 115 83.58 -22.59 -11.46
C THR DA 115 83.40 -23.80 -10.56
N MET DA 116 83.54 -23.62 -9.24
CA MET DA 116 83.51 -24.72 -8.30
C MET DA 116 82.13 -25.00 -7.75
N HIS DA 117 81.08 -24.47 -8.37
CA HIS DA 117 79.74 -24.59 -7.80
C HIS DA 117 79.22 -26.01 -7.91
N SER DA 118 78.58 -26.48 -6.84
CA SER DA 118 77.87 -27.75 -6.82
C SER DA 118 76.82 -27.67 -5.72
N GLU DA 119 75.84 -28.57 -5.79
CA GLU DA 119 74.80 -28.58 -4.75
C GLU DA 119 75.39 -28.89 -3.39
N LYS DA 120 76.49 -29.65 -3.33
CA LYS DA 120 77.17 -29.87 -2.06
C LYS DA 120 78.07 -28.70 -1.69
N THR DA 121 78.82 -28.17 -2.67
CA THR DA 121 79.78 -27.09 -2.46
C THR DA 121 79.35 -25.88 -3.26
N PRO DA 122 78.47 -25.02 -2.73
CA PRO DA 122 78.01 -23.87 -3.50
C PRO DA 122 79.13 -22.86 -3.70
N ASP DA 123 79.20 -22.31 -4.92
CA ASP DA 123 80.14 -21.25 -5.27
C ASP DA 123 79.35 -20.22 -6.07
N VAL DA 124 78.54 -19.43 -5.37
CA VAL DA 124 77.54 -18.56 -5.98
C VAL DA 124 77.81 -17.13 -5.58
N LEU DA 125 77.76 -16.22 -6.55
CA LEU DA 125 77.83 -14.79 -6.29
C LEU DA 125 76.42 -14.22 -6.41
N GLN DA 126 75.91 -13.70 -5.29
CA GLN DA 126 74.58 -13.10 -5.29
C GLN DA 126 74.57 -11.84 -6.16
N TYR DA 127 73.49 -11.67 -6.93
CA TYR DA 127 73.36 -10.46 -7.74
C TYR DA 127 73.29 -9.22 -6.87
N ASP DA 128 72.77 -9.34 -5.66
CA ASP DA 128 72.74 -8.22 -4.74
C ASP DA 128 74.14 -7.72 -4.42
N THR DA 129 75.13 -8.62 -4.43
CA THR DA 129 76.51 -8.21 -4.18
C THR DA 129 77.02 -7.28 -5.28
N ILE DA 130 76.55 -7.48 -6.51
CA ILE DA 130 76.99 -6.63 -7.62
C ILE DA 130 76.52 -5.19 -7.40
N TYR DA 131 75.26 -5.02 -7.01
CA TYR DA 131 74.74 -3.69 -6.74
C TYR DA 131 75.49 -3.04 -5.58
N GLN DA 132 75.86 -3.83 -4.58
CA GLN DA 132 76.62 -3.30 -3.44
C GLN DA 132 77.98 -2.80 -3.88
N ILE DA 133 78.61 -3.48 -4.85
CA ILE DA 133 79.94 -3.11 -5.28
C ILE DA 133 79.91 -1.81 -6.08
N PHE DA 134 78.86 -1.60 -6.87
CA PHE DA 134 78.84 -0.51 -7.84
C PHE DA 134 77.92 0.65 -7.44
N ASN DA 135 77.31 0.62 -6.26
CA ASN DA 135 76.42 1.70 -5.88
C ASN DA 135 77.23 2.97 -5.60
N ASN DA 136 76.51 4.04 -5.24
CA ASN DA 136 77.15 5.33 -4.98
C ASN DA 136 78.02 5.30 -3.74
N CYS DA 137 77.92 4.28 -2.89
CA CYS DA 137 78.76 4.22 -1.70
C CYS DA 137 80.14 3.66 -2.00
N HIS DA 138 80.20 2.57 -2.77
CA HIS DA 138 81.45 1.85 -2.98
C HIS DA 138 82.09 2.11 -4.34
N CYS DA 139 81.37 2.76 -5.26
CA CYS DA 139 81.91 3.09 -6.58
C CYS DA 139 81.67 4.57 -6.83
N PRO DA 140 82.52 5.44 -6.29
CA PRO DA 140 82.32 6.89 -6.50
C PRO DA 140 82.53 7.32 -7.94
N GLY DA 141 83.32 6.58 -8.72
CA GLY DA 141 83.60 6.97 -10.08
C GLY DA 141 82.42 6.89 -11.02
N LEU DA 142 81.39 6.09 -10.67
CA LEU DA 142 80.24 5.89 -11.52
C LEU DA 142 78.97 6.50 -10.92
N ARG DA 143 79.12 7.46 -10.01
CA ARG DA 143 77.97 8.14 -9.44
C ARG DA 143 77.25 8.96 -10.52
N ASP DA 144 75.92 8.90 -10.49
CA ASP DA 144 75.05 9.60 -11.45
C ASP DA 144 75.26 9.12 -12.89
N LYS DA 145 75.93 7.98 -13.06
CA LYS DA 145 76.20 7.44 -14.38
C LYS DA 145 75.53 6.08 -14.56
N PRO DA 146 75.01 5.80 -15.75
CA PRO DA 146 74.30 4.53 -15.97
C PRO DA 146 75.21 3.33 -15.75
N LYS DA 147 74.69 2.34 -15.03
CA LYS DA 147 75.37 1.07 -14.80
C LYS DA 147 74.44 -0.03 -15.33
N VAL DA 148 74.78 -0.58 -16.49
CA VAL DA 148 73.93 -1.54 -17.18
C VAL DA 148 74.49 -2.94 -16.91
N ILE DA 149 73.62 -3.84 -16.46
CA ILE DA 149 74.00 -5.20 -16.13
C ILE DA 149 73.29 -6.14 -17.10
N ILE DA 150 74.06 -6.95 -17.81
CA ILE DA 150 73.53 -7.95 -18.73
C ILE DA 150 73.87 -9.32 -18.17
N VAL DA 151 72.84 -10.14 -17.96
CA VAL DA 151 73.00 -11.44 -17.31
C VAL DA 151 72.48 -12.51 -18.26
N GLN DA 152 73.38 -13.28 -18.85
CA GLN DA 152 73.04 -14.47 -19.61
C GLN DA 152 73.30 -15.66 -18.69
N ALA DA 153 72.24 -16.17 -18.06
CA ALA DA 153 72.33 -17.24 -17.10
C ALA DA 153 70.92 -17.72 -16.77
N ALA DA 154 70.80 -19.00 -16.43
CA ALA DA 154 69.54 -19.51 -15.94
C ALA DA 154 69.21 -18.91 -14.58
N ARG DA 155 67.92 -18.81 -14.30
CA ARG DA 155 67.44 -18.33 -13.01
C ARG DA 155 66.59 -19.40 -12.33
N GLY DA 156 66.85 -20.65 -12.67
CA GLY DA 156 66.06 -21.76 -12.22
C GLY DA 156 66.28 -22.94 -13.15
N GLY DA 157 65.56 -24.03 -12.86
CA GLY DA 157 65.72 -25.23 -13.65
C GLY DA 157 64.50 -25.64 -14.44
N ASN DA 158 63.42 -24.88 -14.32
CA ASN DA 158 62.16 -25.21 -14.96
C ASN DA 158 62.08 -24.63 -16.37
N SER DA 159 61.29 -25.29 -17.22
CA SER DA 159 61.05 -24.80 -18.56
C SER DA 159 60.07 -23.62 -18.51
N GLY DA 160 60.18 -22.74 -19.50
CA GLY DA 160 59.42 -21.51 -19.50
C GLY DA 160 58.19 -21.44 -20.37
N GLU DA 161 57.66 -22.60 -20.80
CA GLU DA 161 56.51 -22.61 -21.70
C GLU DA 161 55.52 -23.68 -21.28
N MET DA 162 54.28 -23.52 -21.76
CA MET DA 162 53.20 -24.47 -21.51
C MET DA 162 52.16 -24.32 -22.62
N TRP DA 163 51.23 -25.27 -22.65
CA TRP DA 163 50.23 -25.36 -23.70
C TRP DA 163 48.86 -24.90 -23.19
N ILE DA 164 48.16 -24.10 -24.00
CA ILE DA 164 46.86 -23.55 -23.65
C ILE DA 164 45.89 -23.71 -24.82
N ARG DA 165 44.60 -23.62 -24.50
CA ARG DA 165 43.56 -23.60 -25.51
C ARG DA 165 43.54 -22.28 -26.26
N GLU DA 166 43.27 -22.34 -27.56
CA GLU DA 166 43.04 -21.14 -28.35
C GLU DA 166 42.23 -21.47 -29.60
N LEU EA 1 87.75 31.60 26.61
CA LEU EA 1 86.50 30.88 26.39
C LEU EA 1 85.75 31.48 25.20
N SER EA 2 84.57 30.94 24.90
CA SER EA 2 83.79 31.35 23.75
C SER EA 2 82.35 31.63 24.15
N LEU EA 3 81.69 32.49 23.39
CA LEU EA 3 80.29 32.83 23.60
C LEU EA 3 79.45 32.15 22.53
N LEU EA 4 78.58 31.24 22.95
CA LEU EA 4 77.74 30.47 22.05
C LEU EA 4 76.30 30.53 22.53
N SER EA 5 75.40 29.92 21.76
CA SER EA 5 74.00 29.82 22.19
C SER EA 5 73.89 28.90 23.40
N ASP EA 6 72.69 28.87 23.98
CA ASP EA 6 72.49 28.11 25.21
C ASP EA 6 72.66 26.60 24.99
N GLY EA 7 72.16 26.10 23.86
CA GLY EA 7 72.20 24.66 23.61
C GLY EA 7 73.57 24.11 23.30
N ILE EA 8 74.50 24.97 22.89
CA ILE EA 8 75.82 24.52 22.43
C ILE EA 8 76.78 24.51 23.61
N ASP EA 9 77.49 23.41 23.77
CA ASP EA 9 78.48 23.26 24.84
C ASP EA 9 79.62 22.39 24.32
N GLU EA 10 80.85 22.76 24.68
CA GLU EA 10 82.01 22.09 24.11
C GLU EA 10 82.21 20.70 24.73
N GLU EA 11 81.98 20.58 26.04
CA GLU EA 11 82.13 19.29 26.70
C GLU EA 11 81.03 18.34 26.27
N GLU EA 12 79.79 18.61 26.71
CA GLU EA 12 78.61 17.81 26.38
C GLU EA 12 78.85 16.31 26.54
N LEU EA 13 79.49 15.68 25.56
CA LEU EA 13 79.75 14.24 25.68
C LEU EA 13 80.83 13.93 26.70
N ILE EA 14 81.35 14.94 27.40
CA ILE EA 14 82.21 14.73 28.55
C ILE EA 14 81.41 14.68 29.85
N GLU EA 15 80.57 15.69 30.08
CA GLU EA 15 79.73 15.74 31.28
C GLU EA 15 78.84 14.50 31.33
N ALA EA 16 79.17 13.56 32.20
CA ALA EA 16 78.50 12.28 32.25
C ALA EA 16 77.35 12.30 33.25
N ALA EA 17 76.61 11.19 33.28
CA ALA EA 17 75.64 10.91 34.33
C ALA EA 17 75.95 9.54 34.88
N ASP EA 18 76.08 8.57 33.98
CA ASP EA 18 76.68 7.27 34.27
C ASP EA 18 77.31 6.78 32.97
N PHE EA 19 77.82 5.55 32.99
CA PHE EA 19 78.46 5.03 31.78
C PHE EA 19 77.44 4.73 30.70
N GLN EA 20 76.20 4.39 31.08
CA GLN EA 20 75.16 4.18 30.09
C GLN EA 20 74.81 5.47 29.36
N GLY EA 21 74.72 6.58 30.09
CA GLY EA 21 74.47 7.86 29.45
C GLY EA 21 75.67 8.37 28.69
N LEU EA 22 76.87 8.09 29.18
CA LEU EA 22 78.08 8.47 28.46
C LEU EA 22 78.21 7.70 27.15
N TYR EA 23 77.91 6.40 27.18
CA TYR EA 23 78.02 5.58 25.97
C TYR EA 23 76.99 6.02 24.92
N ALA EA 24 75.73 6.16 25.33
CA ALA EA 24 74.66 6.42 24.36
C ALA EA 24 74.82 7.80 23.73
N GLU EA 25 75.22 8.80 24.52
CA GLU EA 25 75.39 10.15 23.97
C GLU EA 25 76.53 10.18 22.97
N VAL EA 26 77.63 9.49 23.25
CA VAL EA 26 78.75 9.43 22.31
C VAL EA 26 78.39 8.58 21.11
N LYS EA 27 77.66 7.49 21.34
CA LYS EA 27 77.21 6.63 20.24
C LYS EA 27 76.31 7.40 19.27
N ALA EA 28 75.43 8.26 19.81
CA ALA EA 28 74.57 9.06 18.95
C ALA EA 28 75.38 9.99 18.05
N CYS EA 29 76.47 10.55 18.58
CA CYS EA 29 77.33 11.41 17.77
C CYS EA 29 78.03 10.60 16.69
N SER EA 30 78.49 9.39 17.00
CA SER EA 30 79.16 8.57 16.02
C SER EA 30 78.19 7.99 14.99
N SER EA 31 76.91 7.93 15.32
CA SER EA 31 75.93 7.37 14.40
C SER EA 31 75.76 8.25 13.17
N GLU EA 32 75.64 9.57 13.37
CA GLU EA 32 75.44 10.47 12.24
C GLU EA 32 76.70 10.57 11.38
N LEU EA 33 77.87 10.32 11.94
CA LEU EA 33 79.09 10.27 11.15
C LEU EA 33 79.15 9.04 10.26
N GLU EA 34 78.42 7.98 10.60
CA GLU EA 34 78.37 6.78 9.77
C GLU EA 34 77.79 7.05 8.39
N SER EA 35 76.99 8.10 8.24
CA SER EA 35 76.42 8.46 6.95
C SER EA 35 77.36 9.26 6.07
N LEU EA 36 78.56 9.60 6.56
CA LEU EA 36 79.53 10.32 5.76
C LEU EA 36 80.32 9.34 4.89
N GLU EA 37 80.72 9.82 3.71
CA GLU EA 37 81.47 8.99 2.77
C GLU EA 37 82.77 8.51 3.40
N MET EA 38 83.20 7.31 2.97
CA MET EA 38 84.41 6.71 3.54
C MET EA 38 85.62 7.59 3.34
N GLU EA 39 85.77 8.16 2.14
CA GLU EA 39 86.93 9.01 1.86
C GLU EA 39 86.90 10.27 2.72
N LEU EA 40 85.71 10.82 2.96
CA LEU EA 40 85.63 12.04 3.77
C LEU EA 40 85.89 11.76 5.25
N ARG EA 41 85.48 10.59 5.74
CA ARG EA 41 85.79 10.24 7.12
C ARG EA 41 87.28 10.01 7.30
N GLN EA 42 87.94 9.44 6.28
CA GLN EA 42 89.40 9.31 6.32
C GLN EA 42 90.07 10.68 6.26
N GLN EA 43 89.56 11.57 5.42
CA GLN EA 43 90.12 12.93 5.34
C GLN EA 43 90.00 13.64 6.68
N ILE EA 44 88.84 13.53 7.33
CA ILE EA 44 88.67 14.14 8.65
C ILE EA 44 89.64 13.52 9.65
N LEU EA 45 89.79 12.20 9.61
CA LEU EA 45 90.64 11.51 10.58
C LEU EA 45 92.11 11.89 10.40
N VAL EA 46 92.59 11.94 9.16
CA VAL EA 46 94.00 12.25 8.91
C VAL EA 46 94.32 13.67 9.36
N ASN EA 47 93.45 14.63 9.03
CA ASN EA 47 93.72 16.01 9.39
C ASN EA 47 93.49 16.30 10.87
N ILE EA 48 92.66 15.50 11.55
CA ILE EA 48 92.56 15.62 13.00
C ILE EA 48 93.87 15.19 13.64
N GLY EA 49 94.48 14.11 13.14
CA GLY EA 49 95.78 13.70 13.64
C GLY EA 49 96.86 14.74 13.42
N LYS EA 50 96.70 15.59 12.40
CA LYS EA 50 97.66 16.67 12.17
C LYS EA 50 97.46 17.80 13.15
N ILE EA 51 96.22 18.26 13.33
CA ILE EA 51 95.94 19.36 14.26
C ILE EA 51 96.09 18.95 15.71
N LEU EA 52 96.18 17.65 16.00
CA LEU EA 52 96.44 17.21 17.36
C LEU EA 52 97.81 17.66 17.84
N GLN EA 53 98.73 17.93 16.91
CA GLN EA 53 100.06 18.44 17.21
C GLN EA 53 100.12 19.96 17.19
N ASP EA 54 98.96 20.63 17.24
CA ASP EA 54 98.88 22.08 17.16
C ASP EA 54 97.62 22.52 17.91
N GLN EA 55 97.78 22.80 19.20
CA GLN EA 55 96.63 23.20 20.01
C GLN EA 55 95.93 24.45 19.49
N PRO EA 56 96.62 25.50 19.03
CA PRO EA 56 95.90 26.61 18.40
C PRO EA 56 95.03 26.21 17.22
N SER EA 57 95.41 25.16 16.49
CA SER EA 57 94.58 24.72 15.36
C SER EA 57 93.26 24.13 15.84
N MET EA 58 93.30 23.31 16.88
CA MET EA 58 92.06 22.78 17.44
C MET EA 58 91.18 23.90 17.98
N GLU EA 59 91.78 24.86 18.68
CA GLU EA 59 91.01 25.98 19.23
C GLU EA 59 90.34 26.78 18.12
N ALA EA 60 91.05 27.00 17.01
CA ALA EA 60 90.46 27.74 15.89
C ALA EA 60 89.31 26.95 15.25
N LEU EA 61 89.48 25.64 15.09
CA LEU EA 61 88.43 24.84 14.47
C LEU EA 61 87.21 24.71 15.38
N GLU EA 62 87.43 24.59 16.69
CA GLU EA 62 86.31 24.60 17.63
C GLU EA 62 85.50 25.88 17.50
N ALA EA 63 86.17 27.03 17.46
CA ALA EA 63 85.45 28.30 17.35
C ALA EA 63 84.69 28.38 16.04
N SER EA 64 85.31 27.95 14.93
CA SER EA 64 84.64 27.99 13.64
C SER EA 64 83.39 27.11 13.64
N LEU EA 65 83.51 25.88 14.15
CA LEU EA 65 82.36 24.99 14.20
C LEU EA 65 81.30 25.49 15.15
N GLY EA 66 81.71 26.04 16.30
CA GLY EA 66 80.75 26.58 17.25
C GLY EA 66 80.00 27.77 16.69
N GLN EA 67 80.72 28.68 16.00
CA GLN EA 67 80.08 29.85 15.43
C GLN EA 67 79.08 29.46 14.35
N GLY EA 68 79.40 28.45 13.54
CA GLY EA 68 78.50 28.01 12.50
C GLY EA 68 77.25 27.33 13.05
N LEU EA 69 77.37 26.67 14.19
CA LEU EA 69 76.22 25.98 14.78
C LEU EA 69 75.25 26.94 15.45
N CYS EA 70 75.74 28.01 16.07
CA CYS EA 70 74.87 28.92 16.81
C CYS EA 70 74.13 29.89 15.90
N SER EA 71 72.80 29.83 15.97
CA SER EA 71 71.87 30.87 15.52
C SER EA 71 72.26 31.56 14.22
N GLY EA 72 72.11 30.89 13.08
CA GLY EA 72 72.26 31.54 11.81
C GLY EA 72 73.65 32.03 11.48
N GLY EA 73 74.65 31.70 12.28
CA GLY EA 73 76.00 32.15 12.01
C GLY EA 73 76.76 31.22 11.09
N GLN EA 74 77.81 31.76 10.49
CA GLN EA 74 78.58 31.06 9.48
C GLN EA 74 79.99 30.79 9.99
N VAL EA 75 80.65 29.81 9.37
CA VAL EA 75 82.00 29.45 9.74
C VAL EA 75 82.97 30.42 9.09
N GLU EA 76 83.94 30.89 9.85
CA GLU EA 76 85.07 31.60 9.26
C GLU EA 76 86.03 30.57 8.68
N PRO EA 77 86.35 30.62 7.39
CA PRO EA 77 87.17 29.55 6.81
C PRO EA 77 88.56 29.55 7.41
N LEU EA 78 89.12 28.36 7.57
CA LEU EA 78 90.47 28.19 8.08
C LEU EA 78 91.38 27.59 7.01
N ASP EA 79 92.68 27.75 7.22
CA ASP EA 79 93.69 27.24 6.31
C ASP EA 79 94.31 25.98 6.89
N GLY EA 80 94.92 25.19 6.01
CA GLY EA 80 95.60 23.99 6.44
C GLY EA 80 94.64 22.86 6.78
N PRO EA 81 95.06 21.97 7.67
CA PRO EA 81 94.23 20.80 8.00
C PRO EA 81 92.89 21.16 8.61
N ALA EA 82 92.81 22.28 9.35
CA ALA EA 82 91.51 22.70 9.88
C ALA EA 82 90.53 22.98 8.76
N GLY EA 83 91.00 23.54 7.64
CA GLY EA 83 90.14 23.75 6.50
C GLY EA 83 89.81 22.47 5.76
N CYS EA 84 90.75 21.51 5.74
CA CYS EA 84 90.48 20.22 5.12
C CYS EA 84 89.39 19.47 5.89
N ILE EA 85 89.36 19.61 7.21
CA ILE EA 85 88.27 19.03 7.99
C ILE EA 85 86.97 19.79 7.72
N LEU EA 86 87.06 21.12 7.64
CA LEU EA 86 85.86 21.94 7.45
C LEU EA 86 85.24 21.71 6.07
N GLU EA 87 86.06 21.40 5.07
CA GLU EA 87 85.54 21.08 3.74
C GLU EA 87 84.56 19.90 3.77
N CYS EA 88 84.77 18.96 4.68
CA CYS EA 88 83.94 17.77 4.78
C CYS EA 88 82.66 17.99 5.59
N LEU EA 89 82.37 19.22 6.01
CA LEU EA 89 81.23 19.48 6.88
C LEU EA 89 80.33 20.61 6.36
N VAL EA 90 80.56 21.15 5.18
CA VAL EA 90 79.82 22.30 4.69
C VAL EA 90 79.18 22.00 3.34
N LEU EA 91 78.05 22.66 3.08
CA LEU EA 91 77.39 22.61 1.79
C LEU EA 91 78.03 23.59 0.82
N ASP EA 92 77.51 23.62 -0.42
CA ASP EA 92 77.95 24.62 -1.39
C ASP EA 92 77.58 26.03 -0.94
N SER EA 93 76.43 26.17 -0.29
CA SER EA 93 76.01 27.49 0.18
C SER EA 93 76.79 27.95 1.40
N GLY EA 94 77.63 27.09 1.97
CA GLY EA 94 78.52 27.46 3.04
C GLY EA 94 78.05 27.03 4.42
N GLU EA 95 76.77 26.68 4.57
CA GLU EA 95 76.24 26.31 5.86
C GLU EA 95 76.81 24.97 6.33
N LEU EA 96 76.93 24.83 7.65
CA LEU EA 96 77.33 23.57 8.24
C LEU EA 96 76.21 22.54 8.12
N VAL EA 97 76.61 21.28 8.00
CA VAL EA 97 75.68 20.17 8.16
C VAL EA 97 75.64 19.84 9.65
N PRO EA 98 74.58 20.21 10.37
CA PRO EA 98 74.59 20.04 11.84
C PRO EA 98 74.81 18.60 12.27
N GLU EA 99 74.25 17.63 11.54
CA GLU EA 99 74.40 16.24 11.92
C GLU EA 99 75.86 15.78 11.84
N LEU EA 100 76.66 16.42 10.99
CA LEU EA 100 78.07 16.08 10.85
C LEU EA 100 79.00 17.02 11.61
N ALA EA 101 78.69 18.32 11.64
CA ALA EA 101 79.58 19.27 12.28
C ALA EA 101 79.53 19.16 13.80
N ALA EA 102 78.35 18.89 14.35
CA ALA EA 102 78.21 18.81 15.81
C ALA EA 102 79.07 17.71 16.42
N PRO EA 103 79.09 16.46 15.91
CA PRO EA 103 79.98 15.45 16.53
C PRO EA 103 81.45 15.81 16.41
N ILE EA 104 81.86 16.46 15.31
CA ILE EA 104 83.25 16.90 15.22
C ILE EA 104 83.51 18.01 16.23
N PHE EA 105 82.53 18.89 16.43
CA PHE EA 105 82.62 19.90 17.48
C PHE EA 105 82.73 19.25 18.85
N TYR EA 106 81.90 18.23 19.10
CA TYR EA 106 81.97 17.53 20.38
C TYR EA 106 83.29 16.81 20.56
N LEU EA 107 83.79 16.18 19.49
CA LEU EA 107 85.07 15.48 19.57
C LEU EA 107 86.22 16.45 19.90
N LEU EA 108 86.24 17.59 19.22
CA LEU EA 108 87.32 18.55 19.45
C LEU EA 108 87.30 19.08 20.87
N GLY EA 109 86.10 19.30 21.43
CA GLY EA 109 86.00 19.71 22.82
C GLY EA 109 86.49 18.64 23.78
N ALA EA 110 86.30 17.36 23.43
CA ALA EA 110 86.81 16.29 24.28
C ALA EA 110 88.33 16.23 24.24
N LEU EA 111 88.91 16.36 23.05
CA LEU EA 111 90.37 16.35 22.92
C LEU EA 111 90.99 17.56 23.60
N ALA EA 112 90.28 18.68 23.65
CA ALA EA 112 90.83 19.88 24.27
C ALA EA 112 91.02 19.70 25.77
N VAL EA 113 90.22 18.84 26.40
CA VAL EA 113 90.38 18.58 27.83
C VAL EA 113 91.63 17.75 28.09
N LEU EA 114 91.99 16.87 27.16
CA LEU EA 114 93.17 16.03 27.33
C LEU EA 114 94.44 16.89 27.38
N SER EA 115 95.53 16.24 27.79
CA SER EA 115 96.82 16.90 27.92
C SER EA 115 97.55 16.90 26.58
N GLU EA 116 98.60 17.74 26.50
CA GLU EA 116 99.38 17.84 25.26
C GLU EA 116 100.07 16.52 24.94
N THR EA 117 100.56 15.82 25.95
CA THR EA 117 101.17 14.51 25.73
C THR EA 117 100.17 13.51 25.18
N GLN EA 118 98.95 13.51 25.75
CA GLN EA 118 97.90 12.61 25.27
C GLN EA 118 97.53 12.92 23.82
N GLN EA 119 97.50 14.20 23.46
CA GLN EA 119 97.14 14.58 22.09
C GLN EA 119 98.16 14.07 21.08
N GLN EA 120 99.46 14.19 21.40
CA GLN EA 120 100.49 13.69 20.50
C GLN EA 120 100.46 12.17 20.39
N LEU EA 121 100.22 11.48 21.52
CA LEU EA 121 100.15 10.02 21.48
C LEU EA 121 98.99 9.54 20.62
N LEU EA 122 97.83 10.18 20.75
CA LEU EA 122 96.69 9.82 19.91
C LEU EA 122 96.97 10.12 18.44
N ALA EA 123 97.68 11.22 18.16
CA ALA EA 123 98.05 11.52 16.79
C ALA EA 123 98.94 10.43 16.19
N LYS EA 124 99.74 9.77 17.03
CA LYS EA 124 100.51 8.62 16.58
C LYS EA 124 99.65 7.36 16.51
N ALA EA 125 98.65 7.25 17.40
CA ALA EA 125 97.86 6.03 17.51
C ALA EA 125 96.72 5.97 16.50
N LEU EA 126 96.35 7.08 15.88
CA LEU EA 126 95.29 7.06 14.87
C LEU EA 126 95.67 6.21 13.67
N GLU EA 127 96.96 6.14 13.36
CA GLU EA 127 97.44 5.48 12.15
C GLU EA 127 97.36 3.97 12.22
N THR EA 128 97.01 3.39 13.37
CA THR EA 128 97.03 1.95 13.55
C THR EA 128 95.68 1.47 14.09
N THR EA 129 95.56 0.16 14.22
CA THR EA 129 94.40 -0.46 14.87
C THR EA 129 94.58 -0.60 16.37
N VAL EA 130 95.75 -0.21 16.90
CA VAL EA 130 95.97 -0.21 18.35
C VAL EA 130 94.96 0.68 19.05
N LEU EA 131 94.48 1.71 18.34
CA LEU EA 131 93.43 2.58 18.85
C LEU EA 131 92.25 1.78 19.40
N SER EA 132 91.86 0.70 18.69
CA SER EA 132 90.74 -0.12 19.13
C SER EA 132 91.00 -0.73 20.51
N LYS EA 133 92.16 -1.34 20.70
CA LYS EA 133 92.50 -1.92 22.00
C LYS EA 133 92.43 -0.88 23.10
N GLN EA 134 93.03 0.29 22.86
CA GLN EA 134 93.06 1.34 23.88
C GLN EA 134 91.65 1.79 24.27
N LEU EA 135 90.75 1.89 23.30
CA LEU EA 135 89.37 2.29 23.59
C LEU EA 135 88.72 1.34 24.59
N GLU EA 136 88.82 0.03 24.34
CA GLU EA 136 88.17 -0.93 25.23
C GLU EA 136 88.80 -0.97 26.62
N LEU EA 137 90.08 -0.60 26.72
CA LEU EA 137 90.71 -0.51 28.04
C LEU EA 137 90.11 0.64 28.84
N VAL EA 138 90.02 1.83 28.24
CA VAL EA 138 89.44 2.97 28.93
C VAL EA 138 87.97 2.70 29.25
N LYS EA 139 87.26 2.06 28.30
CA LYS EA 139 85.88 1.65 28.55
C LYS EA 139 85.79 0.76 29.79
N HIS EA 140 86.67 -0.24 29.89
CA HIS EA 140 86.65 -1.14 31.03
C HIS EA 140 86.96 -0.40 32.33
N VAL EA 141 87.88 0.57 32.28
CA VAL EA 141 88.21 1.34 33.48
C VAL EA 141 86.99 2.10 33.98
N LEU EA 142 86.21 2.67 33.06
CA LEU EA 142 85.01 3.42 33.48
C LEU EA 142 83.90 2.50 33.94
N GLU EA 143 83.77 1.32 33.34
CA GLU EA 143 82.73 0.38 33.76
C GLU EA 143 83.06 -0.23 35.11
N GLN EA 144 84.31 -0.69 35.28
CA GLN EA 144 84.70 -1.43 36.47
C GLN EA 144 84.84 -0.54 37.70
N SER EA 145 84.97 0.77 37.52
CA SER EA 145 85.19 1.71 38.62
C SER EA 145 83.91 2.23 39.24
N THR EA 146 82.75 1.84 38.75
CA THR EA 146 81.49 2.26 39.36
C THR EA 146 81.38 1.68 40.77
N PRO EA 147 81.06 2.50 41.79
CA PRO EA 147 80.74 3.93 41.72
C PRO EA 147 81.97 4.82 41.46
N TRP EA 148 81.83 5.76 40.52
CA TRP EA 148 82.97 6.57 40.11
C TRP EA 148 83.48 7.44 41.25
N GLN EA 149 82.61 7.79 42.19
CA GLN EA 149 82.99 8.74 43.23
C GLN EA 149 83.82 8.12 44.34
N GLU EA 150 84.04 6.81 44.29
CA GLU EA 150 84.88 6.10 45.26
C GLU EA 150 86.13 5.57 44.58
N GLN EA 151 87.21 5.45 45.35
CA GLN EA 151 88.41 4.82 44.85
C GLN EA 151 88.18 3.32 44.66
N SER EA 152 88.96 2.73 43.75
CA SER EA 152 88.82 1.31 43.47
C SER EA 152 90.04 0.82 42.72
N SER EA 153 90.12 -0.50 42.56
CA SER EA 153 91.16 -1.15 41.78
C SER EA 153 90.51 -1.87 40.59
N VAL EA 154 91.28 -1.99 39.50
CA VAL EA 154 90.79 -2.62 38.28
C VAL EA 154 91.86 -3.55 37.74
N SER EA 155 91.49 -4.79 37.46
CA SER EA 155 92.37 -5.77 36.84
C SER EA 155 92.13 -5.77 35.32
N LEU EA 156 93.22 -5.88 34.56
CA LEU EA 156 93.14 -5.79 33.11
C LEU EA 156 93.61 -7.08 32.46
N PRO EA 157 92.97 -7.52 31.39
CA PRO EA 157 93.46 -8.69 30.66
C PRO EA 157 94.77 -8.40 29.95
N THR EA 158 95.62 -9.44 29.89
CA THR EA 158 96.93 -9.29 29.26
C THR EA 158 96.80 -9.04 27.76
N VAL EA 159 95.73 -9.55 27.14
CA VAL EA 159 95.52 -9.36 25.71
C VAL EA 159 95.46 -7.89 25.30
N LEU EA 160 95.08 -6.99 26.22
CA LEU EA 160 95.00 -5.58 25.91
C LEU EA 160 96.23 -4.79 26.34
N LEU EA 161 97.09 -5.37 27.17
CA LEU EA 161 98.26 -4.68 27.69
C LEU EA 161 99.47 -4.75 26.77
N GLY EA 162 99.33 -5.40 25.62
CA GLY EA 162 100.42 -5.46 24.66
C GLY EA 162 101.54 -6.40 25.08
N ASP EA 163 102.61 -6.38 24.27
CA ASP EA 163 103.77 -7.24 24.55
C ASP EA 163 104.57 -6.72 25.72
N CYS EA 164 104.81 -5.41 25.77
CA CYS EA 164 105.59 -4.78 26.84
C CYS EA 164 104.70 -3.80 27.57
N TRP EA 165 104.38 -4.11 28.83
CA TRP EA 165 103.51 -3.28 29.66
C TRP EA 165 104.39 -2.56 30.68
N ASP EA 166 104.64 -1.29 30.44
CA ASP EA 166 105.47 -0.48 31.34
C ASP EA 166 105.13 0.99 31.12
N GLU EA 167 105.84 1.87 31.83
CA GLU EA 167 105.58 3.30 31.73
C GLU EA 167 105.97 3.88 30.37
N LYS EA 168 106.66 3.12 29.53
CA LYS EA 168 107.03 3.57 28.19
C LYS EA 168 106.01 3.14 27.14
N ASN EA 169 104.98 2.38 27.51
CA ASN EA 169 103.92 2.01 26.60
C ASN EA 169 102.96 3.18 26.39
N PRO EA 170 102.56 3.46 25.15
CA PRO EA 170 101.65 4.60 24.93
C PRO EA 170 100.33 4.49 25.67
N THR EA 171 99.80 3.27 25.83
CA THR EA 171 98.55 3.11 26.56
C THR EA 171 98.74 3.43 28.05
N TRP EA 172 99.89 3.05 28.61
CA TRP EA 172 100.20 3.42 29.98
C TRP EA 172 100.21 4.93 30.15
N VAL EA 173 100.87 5.65 29.24
CA VAL EA 173 100.99 7.09 29.37
C VAL EA 173 99.63 7.75 29.18
N LEU EA 174 98.79 7.23 28.28
CA LEU EA 174 97.45 7.77 28.10
C LEU EA 174 96.65 7.67 29.39
N LEU EA 175 96.68 6.52 30.05
CA LEU EA 175 95.94 6.35 31.30
C LEU EA 175 96.62 7.08 32.45
N GLU EA 176 97.95 7.08 32.48
CA GLU EA 176 98.68 7.70 33.58
C GLU EA 176 98.51 9.22 33.58
N GLU EA 177 98.53 9.84 32.39
CA GLU EA 177 98.37 11.27 32.29
C GLU EA 177 96.99 11.76 32.68
N CYS EA 178 96.00 10.86 32.77
CA CYS EA 178 94.69 11.23 33.29
C CYS EA 178 94.67 11.32 34.82
N GLY EA 179 95.76 10.97 35.49
CA GLY EA 179 95.81 10.95 36.94
C GLY EA 179 95.56 9.59 37.57
N LEU EA 180 95.51 8.52 36.79
CA LEU EA 180 95.26 7.19 37.32
C LEU EA 180 96.56 6.58 37.84
N ARG EA 181 96.53 6.12 39.09
CA ARG EA 181 97.69 5.43 39.66
C ARG EA 181 97.81 4.05 39.05
N LEU EA 182 98.97 3.75 38.46
CA LEU EA 182 99.16 2.52 37.71
C LEU EA 182 100.25 1.66 38.33
N GLN EA 183 100.29 0.40 37.88
CA GLN EA 183 101.32 -0.55 38.26
C GLN EA 183 101.35 -1.65 37.20
N VAL EA 184 102.40 -2.46 37.23
CA VAL EA 184 102.56 -3.51 36.23
C VAL EA 184 101.71 -4.72 36.56
N GLU EA 185 101.72 -5.16 37.82
CA GLU EA 185 101.03 -6.38 38.21
C GLU EA 185 99.54 -6.10 38.45
N SER EA 186 98.73 -7.13 38.24
CA SER EA 186 97.30 -7.02 38.49
C SER EA 186 97.02 -6.92 39.98
N PRO EA 187 96.13 -6.01 40.41
CA PRO EA 187 95.37 -5.07 39.56
C PRO EA 187 96.21 -3.89 39.11
N GLN EA 188 96.08 -3.51 37.83
CA GLN EA 188 96.96 -2.52 37.23
C GLN EA 188 96.54 -1.07 37.48
N VAL EA 189 95.25 -0.80 37.61
CA VAL EA 189 94.73 0.56 37.64
C VAL EA 189 94.13 0.85 39.01
N HIS EA 190 94.56 1.96 39.62
CA HIS EA 190 93.95 2.48 40.84
C HIS EA 190 93.15 3.73 40.46
N TRP EA 191 91.83 3.62 40.56
CA TRP EA 191 90.93 4.68 40.12
C TRP EA 191 90.78 5.73 41.21
N GLU EA 192 91.15 6.97 40.91
CA GLU EA 192 90.92 8.11 41.77
C GLU EA 192 89.85 8.99 41.18
N PRO EA 193 88.82 9.38 41.96
CA PRO EA 193 87.68 10.11 41.37
C PRO EA 193 88.05 11.43 40.72
N THR EA 194 89.17 12.05 41.11
CA THR EA 194 89.61 13.29 40.44
C THR EA 194 89.98 13.06 38.99
N SER EA 195 90.17 11.81 38.57
CA SER EA 195 90.53 11.47 37.20
C SER EA 195 89.32 11.21 36.32
N LEU EA 196 88.10 11.43 36.83
CA LEU EA 196 86.91 11.05 36.09
C LEU EA 196 86.73 11.89 34.83
N ILE EA 197 86.81 13.22 34.96
CA ILE EA 197 86.56 14.10 33.82
C ILE EA 197 87.53 13.85 32.66
N PRO EA 198 88.85 13.77 32.87
CA PRO EA 198 89.73 13.49 31.72
C PRO EA 198 89.54 12.10 31.14
N THR EA 199 89.37 11.08 31.99
CA THR EA 199 89.19 9.72 31.48
C THR EA 199 87.94 9.63 30.61
N SER EA 200 86.84 10.22 31.05
CA SER EA 200 85.62 10.25 30.24
C SER EA 200 85.88 10.88 28.89
N ALA EA 201 86.60 12.01 28.89
CA ALA EA 201 86.95 12.67 27.63
C ALA EA 201 87.80 11.75 26.75
N LEU EA 202 88.77 11.07 27.34
CA LEU EA 202 89.59 10.12 26.59
C LEU EA 202 88.73 9.02 25.98
N TYR EA 203 87.78 8.48 26.74
CA TYR EA 203 86.85 7.49 26.22
C TYR EA 203 86.09 8.04 25.02
N ALA EA 204 85.45 9.20 25.18
CA ALA EA 204 84.71 9.81 24.08
C ALA EA 204 85.60 10.09 22.89
N SER EA 205 86.83 10.58 23.14
CA SER EA 205 87.78 10.81 22.06
C SER EA 205 88.08 9.51 21.32
N LEU EA 206 88.52 8.49 22.05
CA LEU EA 206 88.86 7.21 21.44
C LEU EA 206 87.67 6.61 20.71
N PHE EA 207 86.46 6.83 21.22
CA PHE EA 207 85.26 6.27 20.59
C PHE EA 207 85.04 6.87 19.20
N LEU EA 208 84.98 8.21 19.11
CA LEU EA 208 84.69 8.85 17.84
C LEU EA 208 85.83 8.65 16.84
N LEU EA 209 87.08 8.70 17.31
CA LEU EA 209 88.21 8.44 16.42
C LEU EA 209 88.16 7.03 15.85
N SER EA 210 87.80 6.04 16.68
CA SER EA 210 87.70 4.66 16.20
C SER EA 210 86.57 4.51 15.18
N SER EA 211 85.45 5.21 15.40
CA SER EA 211 84.32 5.09 14.48
C SER EA 211 84.59 5.72 13.13
N LEU EA 212 85.62 6.57 13.02
CA LEU EA 212 85.95 7.19 11.75
C LEU EA 212 86.85 6.31 10.88
N GLY EA 213 87.65 5.45 11.50
CA GLY EA 213 88.53 4.58 10.74
C GLY EA 213 87.95 3.21 10.46
N GLN EA 214 86.62 3.12 10.47
CA GLN EA 214 85.92 1.86 10.24
C GLN EA 214 85.34 1.78 8.83
N ASP FA 1 64.00 -55.67 -17.13
CA ASP FA 1 63.64 -55.38 -15.74
C ASP FA 1 62.60 -54.27 -15.65
N PHE FA 2 62.26 -53.89 -14.42
CA PHE FA 2 61.21 -52.89 -14.20
C PHE FA 2 61.74 -51.46 -14.30
N GLN FA 3 63.02 -51.25 -13.99
CA GLN FA 3 63.56 -49.90 -13.97
C GLN FA 3 63.47 -49.23 -15.33
N GLY FA 4 63.61 -50.00 -16.41
CA GLY FA 4 63.49 -49.42 -17.73
C GLY FA 4 62.07 -48.99 -18.04
N LEU FA 5 61.09 -49.73 -17.53
CA LEU FA 5 59.69 -49.36 -17.74
C LEU FA 5 59.32 -48.11 -16.95
N TYR FA 6 59.86 -47.99 -15.72
CA TYR FA 6 59.55 -46.83 -14.90
C TYR FA 6 60.03 -45.54 -15.55
N ALA FA 7 61.28 -45.52 -15.99
CA ALA FA 7 61.82 -44.34 -16.67
C ALA FA 7 61.05 -44.07 -17.97
N GLU FA 8 60.65 -45.14 -18.67
CA GLU FA 8 59.93 -44.97 -19.92
C GLU FA 8 58.56 -44.33 -19.70
N VAL FA 9 57.83 -44.78 -18.67
CA VAL FA 9 56.52 -44.21 -18.38
C VAL FA 9 56.64 -42.83 -17.78
N LYS FA 10 57.64 -42.63 -16.90
CA LYS FA 10 57.83 -41.32 -16.28
C LYS FA 10 58.15 -40.24 -17.31
N ALA FA 11 58.95 -40.59 -18.33
CA ALA FA 11 59.25 -39.63 -19.39
C ALA FA 11 58.00 -39.22 -20.14
N CYS FA 12 57.08 -40.16 -20.38
CA CYS FA 12 55.84 -39.82 -21.07
C CYS FA 12 54.95 -38.92 -20.22
N SER FA 13 54.89 -39.18 -18.91
CA SER FA 13 54.05 -38.34 -18.04
C SER FA 13 54.66 -36.97 -17.79
N SER FA 14 55.97 -36.82 -17.98
CA SER FA 14 56.62 -35.54 -17.72
C SER FA 14 56.15 -34.47 -18.70
N GLU FA 15 56.09 -34.81 -19.99
CA GLU FA 15 55.67 -33.84 -20.99
C GLU FA 15 54.19 -33.50 -20.89
N LEU FA 16 53.37 -34.39 -20.33
CA LEU FA 16 51.98 -34.05 -20.08
C LEU FA 16 51.83 -33.05 -18.94
N GLU FA 17 52.79 -33.02 -18.01
CA GLU FA 17 52.71 -32.06 -16.91
C GLU FA 17 52.82 -30.62 -17.40
N SER FA 18 53.36 -30.40 -18.59
CA SER FA 18 53.44 -29.06 -19.15
C SER FA 18 52.14 -28.61 -19.81
N LEU FA 19 51.13 -29.47 -19.81
CA LEU FA 19 49.83 -29.13 -20.36
C LEU FA 19 48.99 -28.39 -19.31
N GLU FA 20 48.12 -27.51 -19.78
CA GLU FA 20 47.27 -26.75 -18.89
C GLU FA 20 46.42 -27.68 -18.04
N MET FA 21 46.13 -27.24 -16.81
CA MET FA 21 45.40 -28.09 -15.87
C MET FA 21 44.03 -28.46 -16.41
N GLU FA 22 43.32 -27.49 -17.01
CA GLU FA 22 41.99 -27.77 -17.53
C GLU FA 22 42.05 -28.78 -18.68
N LEU FA 23 43.11 -28.71 -19.49
CA LEU FA 23 43.23 -29.65 -20.61
C LEU FA 23 43.55 -31.06 -20.12
N ARG FA 24 44.34 -31.19 -19.05
CA ARG FA 24 44.59 -32.51 -18.50
C ARG FA 24 43.33 -33.08 -17.85
N GLN FA 25 42.44 -32.22 -17.36
CA GLN FA 25 41.15 -32.69 -16.87
C GLN FA 25 40.23 -33.06 -18.02
N GLN FA 26 40.27 -32.29 -19.11
CA GLN FA 26 39.46 -32.63 -20.29
C GLN FA 26 39.89 -33.97 -20.86
N ILE FA 27 41.20 -34.21 -20.97
CA ILE FA 27 41.69 -35.49 -21.45
C ILE FA 27 41.26 -36.62 -20.52
N LEU FA 28 41.37 -36.39 -19.21
CA LEU FA 28 41.06 -37.45 -18.24
C LEU FA 28 39.57 -37.81 -18.27
N VAL FA 29 38.69 -36.81 -18.28
CA VAL FA 29 37.26 -37.07 -18.24
C VAL FA 29 36.82 -37.82 -19.50
N ASN FA 30 37.28 -37.37 -20.66
CA ASN FA 30 36.87 -38.00 -21.91
C ASN FA 30 37.55 -39.34 -22.14
N ILE FA 31 38.72 -39.58 -21.52
CA ILE FA 31 39.30 -40.93 -21.52
C ILE FA 31 38.40 -41.88 -20.74
N GLY FA 32 37.92 -41.43 -19.58
CA GLY FA 32 36.98 -42.24 -18.81
C GLY FA 32 35.68 -42.51 -19.56
N LYS FA 33 35.30 -41.60 -20.47
CA LYS FA 33 34.09 -41.81 -21.26
C LYS FA 33 34.33 -42.81 -22.39
N ILE FA 34 35.39 -42.62 -23.17
CA ILE FA 34 35.67 -43.54 -24.27
C ILE FA 34 36.22 -44.88 -23.79
N LEU FA 35 36.63 -44.97 -22.52
CA LEU FA 35 37.09 -46.24 -21.98
C LEU FA 35 35.96 -47.27 -21.96
N GLN FA 36 34.71 -46.82 -22.00
CA GLN FA 36 33.55 -47.67 -22.18
C GLN FA 36 33.06 -47.67 -23.63
N ASP FA 37 33.97 -47.42 -24.58
CA ASP FA 37 33.64 -47.43 -26.00
C ASP FA 37 34.92 -47.79 -26.77
N GLN FA 38 35.17 -49.10 -26.95
CA GLN FA 38 36.44 -49.51 -27.55
C GLN FA 38 36.61 -49.07 -29.00
N PRO FA 39 35.57 -49.03 -29.86
CA PRO FA 39 35.80 -48.51 -31.22
C PRO FA 39 36.33 -47.09 -31.26
N SER FA 40 35.94 -46.24 -30.31
CA SER FA 40 36.46 -44.88 -30.26
C SER FA 40 37.95 -44.86 -29.94
N MET FA 41 38.40 -45.77 -29.05
CA MET FA 41 39.82 -45.86 -28.75
C MET FA 41 40.61 -46.33 -29.96
N GLU FA 42 40.06 -47.29 -30.71
CA GLU FA 42 40.78 -47.81 -31.89
C GLU FA 42 40.98 -46.72 -32.94
N ALA FA 43 39.97 -45.88 -33.15
CA ALA FA 43 40.10 -44.78 -34.11
C ALA FA 43 41.11 -43.74 -33.65
N LEU FA 44 41.11 -43.41 -32.36
CA LEU FA 44 42.04 -42.40 -31.87
C LEU FA 44 43.47 -42.91 -31.87
N GLU FA 45 43.67 -44.20 -31.55
CA GLU FA 45 45.00 -44.80 -31.66
C GLU FA 45 45.51 -44.71 -33.10
N ALA FA 46 44.68 -45.12 -34.06
CA ALA FA 46 45.09 -45.09 -35.46
C ALA FA 46 45.35 -43.66 -35.93
N SER FA 47 44.49 -42.72 -35.53
CA SER FA 47 44.67 -41.33 -35.94
C SER FA 47 45.97 -40.75 -35.40
N LEU FA 48 46.26 -40.98 -34.12
CA LEU FA 48 47.48 -40.46 -33.53
C LEU FA 48 48.70 -41.14 -34.12
N GLY FA 49 48.64 -42.46 -34.32
CA GLY FA 49 49.77 -43.15 -34.92
C GLY FA 49 50.02 -42.72 -36.35
N GLN FA 50 48.95 -42.50 -37.11
CA GLN FA 50 49.09 -41.99 -38.48
C GLN FA 50 49.74 -40.62 -38.50
N GLY FA 51 49.39 -39.76 -37.54
CA GLY FA 51 49.98 -38.43 -37.49
C GLY FA 51 51.39 -38.38 -36.95
N LEU FA 52 51.72 -39.30 -36.03
CA LEU FA 52 53.08 -39.30 -35.48
C LEU FA 52 54.08 -39.88 -36.47
N CYS FA 53 53.68 -40.87 -37.27
CA CYS FA 53 54.61 -41.48 -38.21
C CYS FA 53 54.78 -40.64 -39.46
N SER FA 54 53.72 -39.98 -39.92
CA SER FA 54 53.79 -39.16 -41.12
C SER FA 54 54.13 -37.71 -40.80
N GLY FA 55 53.80 -37.23 -39.61
CA GLY FA 55 53.99 -35.84 -39.27
C GLY FA 55 52.98 -34.89 -39.88
N GLY FA 56 51.95 -35.42 -40.54
CA GLY FA 56 50.95 -34.61 -41.19
C GLY FA 56 49.77 -34.29 -40.28
N GLN FA 57 48.74 -33.71 -40.91
CA GLN FA 57 47.54 -33.32 -40.17
C GLN FA 57 46.73 -34.54 -39.77
N VAL FA 58 45.95 -34.38 -38.71
CA VAL FA 58 45.03 -35.41 -38.23
C VAL FA 58 43.62 -34.90 -38.41
N GLU FA 59 42.79 -35.67 -39.12
CA GLU FA 59 41.40 -35.28 -39.33
C GLU FA 59 40.66 -35.27 -37.99
N PRO FA 60 39.81 -34.27 -37.76
CA PRO FA 60 39.10 -34.20 -36.47
C PRO FA 60 38.18 -35.39 -36.28
N LEU FA 61 38.02 -35.79 -35.01
CA LEU FA 61 37.13 -36.88 -34.63
C LEU FA 61 35.95 -36.31 -33.85
N ASP FA 62 34.90 -37.13 -33.74
CA ASP FA 62 33.68 -36.72 -33.07
C ASP FA 62 33.59 -37.33 -31.67
N GLY FA 63 32.78 -36.69 -30.83
CA GLY FA 63 32.51 -37.16 -29.49
C GLY FA 63 33.66 -36.96 -28.53
N PRO FA 64 33.68 -37.77 -27.47
CA PRO FA 64 34.75 -37.61 -26.46
C PRO FA 64 36.14 -37.91 -27.00
N ALA FA 65 36.25 -38.82 -27.97
CA ALA FA 65 37.55 -39.07 -28.59
C ALA FA 65 38.06 -37.82 -29.29
N GLY FA 66 37.16 -37.04 -29.88
CA GLY FA 66 37.55 -35.78 -30.49
C GLY FA 66 37.90 -34.72 -29.47
N CYS FA 67 37.22 -34.74 -28.31
CA CYS FA 67 37.56 -33.80 -27.25
C CYS FA 67 38.98 -34.04 -26.73
N ILE FA 68 39.42 -35.30 -26.71
CA ILE FA 68 40.81 -35.60 -26.37
C ILE FA 68 41.74 -35.09 -27.45
N LEU FA 69 41.36 -35.28 -28.73
CA LEU FA 69 42.21 -34.86 -29.83
C LEU FA 69 42.37 -33.35 -29.89
N GLU FA 70 41.35 -32.61 -29.44
CA GLU FA 70 41.46 -31.14 -29.38
C GLU FA 70 42.64 -30.70 -28.52
N CYS FA 71 42.99 -31.48 -27.50
CA CYS FA 71 44.05 -31.13 -26.57
C CYS FA 71 45.44 -31.53 -27.08
N LEU FA 72 45.55 -32.03 -28.31
CA LEU FA 72 46.83 -32.50 -28.83
C LEU FA 72 47.21 -31.92 -30.18
N VAL FA 73 46.43 -30.99 -30.74
CA VAL FA 73 46.68 -30.48 -32.08
C VAL FA 73 46.75 -28.95 -32.06
N LEU FA 74 47.51 -28.41 -33.00
CA LEU FA 74 47.57 -26.97 -33.22
C LEU FA 74 46.39 -26.53 -34.08
N ASP FA 75 46.32 -25.23 -34.36
CA ASP FA 75 45.31 -24.72 -35.28
C ASP FA 75 45.54 -25.25 -36.68
N SER FA 76 46.80 -25.41 -37.08
CA SER FA 76 47.11 -25.92 -38.42
C SER FA 76 46.88 -27.41 -38.57
N GLY FA 77 46.58 -28.13 -37.48
CA GLY FA 77 46.19 -29.52 -37.52
C GLY FA 77 47.25 -30.53 -37.14
N GLU FA 78 48.53 -30.16 -37.13
CA GLU FA 78 49.56 -31.12 -36.79
C GLU FA 78 49.51 -31.48 -35.31
N LEU FA 79 49.94 -32.70 -35.00
CA LEU FA 79 50.06 -33.14 -33.62
C LEU FA 79 51.20 -32.43 -32.90
N VAL FA 80 51.04 -32.23 -31.60
CA VAL FA 80 52.11 -31.82 -30.72
C VAL FA 80 52.82 -33.08 -30.24
N PRO FA 81 54.03 -33.38 -30.73
CA PRO FA 81 54.67 -34.67 -30.37
C PRO FA 81 54.84 -34.86 -28.88
N GLU FA 82 55.15 -33.79 -28.14
CA GLU FA 82 55.33 -33.90 -26.70
C GLU FA 82 54.04 -34.31 -26.01
N LEU FA 83 52.89 -33.99 -26.61
CA LEU FA 83 51.59 -34.33 -26.05
C LEU FA 83 50.99 -35.59 -26.65
N ALA FA 84 51.14 -35.80 -27.96
CA ALA FA 84 50.50 -36.94 -28.61
C ALA FA 84 51.21 -38.25 -28.27
N ALA FA 85 52.54 -38.23 -28.15
CA ALA FA 85 53.28 -39.46 -27.88
C ALA FA 85 52.86 -40.11 -26.56
N PRO FA 86 52.75 -39.40 -25.43
CA PRO FA 86 52.27 -40.08 -24.22
C PRO FA 86 50.84 -40.58 -24.35
N ILE FA 87 49.99 -39.86 -25.07
CA ILE FA 87 48.63 -40.34 -25.29
C ILE FA 87 48.63 -41.59 -26.15
N PHE FA 88 49.51 -41.62 -27.16
CA PHE FA 88 49.69 -42.83 -27.96
C PHE FA 88 50.18 -43.99 -27.09
N TYR FA 89 51.07 -43.68 -26.13
CA TYR FA 89 51.56 -44.72 -25.22
C TYR FA 89 50.45 -45.22 -24.30
N LEU FA 90 49.65 -44.29 -23.75
CA LEU FA 90 48.58 -44.68 -22.83
C LEU FA 90 47.51 -45.49 -23.54
N LEU FA 91 47.08 -45.04 -24.72
CA LEU FA 91 46.03 -45.75 -25.45
C LEU FA 91 46.48 -47.13 -25.90
N GLY FA 92 47.78 -47.28 -26.19
CA GLY FA 92 48.29 -48.59 -26.55
C GLY FA 92 48.32 -49.55 -25.36
N ALA FA 93 48.62 -49.03 -24.17
CA ALA FA 93 48.58 -49.86 -22.98
C ALA FA 93 47.14 -50.21 -22.60
N LEU FA 94 46.20 -49.32 -22.85
CA LEU FA 94 44.80 -49.62 -22.54
C LEU FA 94 44.21 -50.60 -23.54
N ALA FA 95 44.79 -50.66 -24.75
CA ALA FA 95 44.36 -51.66 -25.72
C ALA FA 95 44.76 -53.06 -25.30
N VAL FA 96 45.80 -53.19 -24.47
CA VAL FA 96 46.17 -54.49 -23.95
C VAL FA 96 45.17 -54.99 -22.92
N LEU FA 97 44.56 -54.06 -22.17
CA LEU FA 97 43.69 -54.44 -21.07
C LEU FA 97 42.37 -55.00 -21.59
N SER FA 98 41.70 -55.76 -20.72
CA SER FA 98 40.42 -56.37 -21.04
C SER FA 98 39.29 -55.38 -20.85
N GLU FA 99 38.11 -55.74 -21.39
CA GLU FA 99 36.94 -54.87 -21.26
C GLU FA 99 36.55 -54.68 -19.80
N THR FA 100 36.68 -55.74 -18.99
CA THR FA 100 36.39 -55.62 -17.57
C THR FA 100 37.36 -54.67 -16.89
N GLN FA 101 38.66 -54.77 -17.24
CA GLN FA 101 39.64 -53.84 -16.69
C GLN FA 101 39.37 -52.41 -17.13
N GLN FA 102 38.91 -52.22 -18.37
CA GLN FA 102 38.59 -50.88 -18.84
C GLN FA 102 37.43 -50.28 -18.06
N GLN FA 103 36.40 -51.09 -17.78
CA GLN FA 103 35.27 -50.60 -17.00
C GLN FA 103 35.68 -50.30 -15.57
N LEU FA 104 36.55 -51.13 -14.99
CA LEU FA 104 37.02 -50.87 -13.63
C LEU FA 104 37.81 -49.58 -13.55
N LEU FA 105 38.66 -49.33 -14.54
CA LEU FA 105 39.42 -48.08 -14.57
C LEU FA 105 38.49 -46.89 -14.73
N ALA FA 106 37.43 -47.04 -15.52
CA ALA FA 106 36.45 -45.97 -15.66
C ALA FA 106 35.78 -45.65 -14.33
N LYS FA 107 35.61 -46.65 -13.47
CA LYS FA 107 35.06 -46.39 -12.14
C LYS FA 107 36.10 -45.75 -11.23
N ALA FA 108 37.36 -46.18 -11.33
CA ALA FA 108 38.39 -45.75 -10.41
C ALA FA 108 38.96 -44.37 -10.74
N LEU FA 109 38.82 -43.91 -11.98
CA LEU FA 109 39.32 -42.58 -12.33
C LEU FA 109 38.61 -41.50 -11.52
N GLU FA 110 37.35 -41.70 -11.19
CA GLU FA 110 36.58 -40.75 -10.39
C GLU FA 110 36.92 -40.83 -8.91
N THR FA 111 37.87 -41.67 -8.51
CA THR FA 111 38.21 -41.87 -7.12
C THR FA 111 39.70 -41.68 -6.91
N THR FA 112 40.11 -41.66 -5.63
CA THR FA 112 41.51 -41.53 -5.26
C THR FA 112 42.20 -42.88 -5.08
N VAL FA 113 41.44 -43.98 -5.08
CA VAL FA 113 42.00 -45.32 -4.95
C VAL FA 113 43.00 -45.60 -6.06
N LEU FA 114 42.84 -44.90 -7.20
CA LEU FA 114 43.77 -45.02 -8.33
C LEU FA 114 45.23 -44.95 -7.89
N SER FA 115 45.55 -44.05 -6.96
CA SER FA 115 46.92 -43.93 -6.46
C SER FA 115 47.39 -45.23 -5.81
N LYS FA 116 46.56 -45.79 -4.92
CA LYS FA 116 46.93 -47.04 -4.26
C LYS FA 116 47.20 -48.17 -5.27
N GLN FA 117 46.32 -48.30 -6.27
CA GLN FA 117 46.49 -49.37 -7.25
C GLN FA 117 47.83 -49.28 -7.97
N LEU FA 118 48.25 -48.06 -8.32
CA LEU FA 118 49.55 -47.88 -8.94
C LEU FA 118 50.66 -48.40 -8.04
N GLU FA 119 50.63 -48.01 -6.76
CA GLU FA 119 51.68 -48.41 -5.83
C GLU FA 119 51.65 -49.91 -5.56
N LEU FA 120 50.47 -50.55 -5.69
CA LEU FA 120 50.40 -51.99 -5.56
C LEU FA 120 51.07 -52.69 -6.74
N VAL FA 121 50.71 -52.30 -7.96
CA VAL FA 121 51.28 -52.94 -9.15
C VAL FA 121 52.78 -52.71 -9.21
N LYS FA 122 53.23 -51.48 -8.89
CA LYS FA 122 54.66 -51.21 -8.83
C LYS FA 122 55.36 -52.16 -7.84
N HIS FA 123 54.78 -52.30 -6.64
CA HIS FA 123 55.38 -53.19 -5.65
C HIS FA 123 55.38 -54.64 -6.13
N VAL FA 124 54.31 -55.07 -6.80
CA VAL FA 124 54.26 -56.42 -7.33
C VAL FA 124 55.37 -56.62 -8.36
N LEU FA 125 55.60 -55.62 -9.21
CA LEU FA 125 56.65 -55.71 -10.22
C LEU FA 125 58.04 -55.53 -9.63
N GLU FA 126 58.18 -54.67 -8.61
CA GLU FA 126 59.48 -54.45 -7.99
C GLU FA 126 59.92 -55.66 -7.17
N GLN FA 127 59.03 -56.17 -6.32
CA GLN FA 127 59.39 -57.25 -5.41
C GLN FA 127 59.56 -58.59 -6.13
N SER FA 128 59.01 -58.73 -7.33
CA SER FA 128 59.07 -59.99 -8.07
C SER FA 128 60.31 -60.09 -8.95
N THR FA 129 61.14 -59.06 -9.01
CA THR FA 129 62.37 -59.14 -9.79
C THR FA 129 63.30 -60.19 -9.18
N PRO FA 130 63.83 -61.13 -9.98
CA PRO FA 130 63.69 -61.31 -11.44
C PRO FA 130 62.32 -61.84 -11.88
N TRP FA 131 61.75 -61.23 -12.92
CA TRP FA 131 60.40 -61.56 -13.34
C TRP FA 131 60.25 -63.00 -13.81
N GLN FA 132 61.32 -63.61 -14.29
CA GLN FA 132 61.23 -64.96 -14.84
C GLN FA 132 61.16 -66.05 -13.79
N GLU FA 133 61.17 -65.70 -12.50
CA GLU FA 133 61.03 -66.67 -11.42
C GLU FA 133 59.64 -66.53 -10.80
N GLN FA 134 58.85 -67.60 -10.85
CA GLN FA 134 57.55 -67.60 -10.20
C GLN FA 134 57.73 -67.35 -8.70
N SER FA 135 56.93 -66.43 -8.16
CA SER FA 135 57.10 -66.03 -6.78
C SER FA 135 55.74 -65.67 -6.18
N SER FA 136 55.74 -65.47 -4.87
CA SER FA 136 54.59 -65.00 -4.13
C SER FA 136 54.94 -63.67 -3.48
N VAL FA 137 53.97 -62.76 -3.43
CA VAL FA 137 54.20 -61.40 -2.94
C VAL FA 137 53.25 -61.14 -1.78
N SER FA 138 53.81 -60.79 -0.63
CA SER FA 138 53.01 -60.36 0.51
C SER FA 138 52.71 -58.88 0.40
N LEU FA 139 51.46 -58.51 0.67
CA LEU FA 139 51.03 -57.14 0.52
C LEU FA 139 50.52 -56.57 1.84
N PRO FA 140 50.89 -55.35 2.18
CA PRO FA 140 50.28 -54.71 3.36
C PRO FA 140 48.80 -54.47 3.15
N THR FA 141 48.02 -54.76 4.19
CA THR FA 141 46.57 -54.57 4.11
C THR FA 141 46.20 -53.11 3.89
N VAL FA 142 47.09 -52.18 4.22
CA VAL FA 142 46.84 -50.75 4.02
C VAL FA 142 46.57 -50.43 2.56
N LEU FA 143 47.05 -51.27 1.63
CA LEU FA 143 46.82 -51.07 0.21
C LEU FA 143 45.71 -51.95 -0.35
N LEU FA 144 45.27 -52.96 0.39
CA LEU FA 144 44.29 -53.92 -0.09
C LEU FA 144 42.85 -53.45 0.10
N GLY FA 145 42.64 -52.30 0.73
CA GLY FA 145 41.29 -51.80 0.94
C GLY FA 145 40.63 -52.46 2.14
N ASP FA 146 39.30 -52.31 2.18
CA ASP FA 146 38.54 -52.85 3.32
C ASP FA 146 38.46 -54.36 3.25
N CYS FA 147 38.17 -54.91 2.07
CA CYS FA 147 37.94 -56.34 1.90
C CYS FA 147 38.72 -56.84 0.70
N TRP FA 148 39.73 -57.67 0.94
CA TRP FA 148 40.56 -58.23 -0.12
C TRP FA 148 39.93 -59.56 -0.54
N ASP FA 149 39.19 -59.52 -1.65
CA ASP FA 149 38.53 -60.69 -2.21
C ASP FA 149 38.21 -60.38 -3.67
N GLU FA 150 37.50 -61.29 -4.34
CA GLU FA 150 37.16 -61.09 -5.74
C GLU FA 150 36.17 -59.96 -5.96
N LYS FA 151 35.69 -59.31 -4.90
CA LYS FA 151 34.88 -58.10 -5.04
C LYS FA 151 35.73 -56.83 -5.11
N ASN FA 152 36.96 -56.87 -4.61
CA ASN FA 152 37.82 -55.69 -4.65
C ASN FA 152 38.21 -55.39 -6.10
N PRO FA 153 38.15 -54.13 -6.53
CA PRO FA 153 38.50 -53.82 -7.92
C PRO FA 153 39.93 -54.18 -8.29
N THR FA 154 40.88 -54.03 -7.35
CA THR FA 154 42.26 -54.37 -7.63
C THR FA 154 42.44 -55.87 -7.84
N TRP FA 155 41.70 -56.69 -7.09
CA TRP FA 155 41.74 -58.13 -7.30
C TRP FA 155 41.37 -58.50 -8.72
N VAL FA 156 40.26 -57.95 -9.22
CA VAL FA 156 39.83 -58.25 -10.59
C VAL FA 156 40.80 -57.69 -11.60
N LEU FA 157 41.33 -56.48 -11.34
CA LEU FA 157 42.31 -55.88 -12.24
C LEU FA 157 43.56 -56.76 -12.37
N LEU FA 158 44.06 -57.26 -11.24
CA LEU FA 158 45.25 -58.10 -11.28
C LEU FA 158 44.94 -59.49 -11.83
N GLU FA 159 43.78 -60.05 -11.48
CA GLU FA 159 43.44 -61.40 -11.91
C GLU FA 159 43.22 -61.47 -13.41
N GLU FA 160 42.62 -60.43 -14.00
CA GLU FA 160 42.39 -60.44 -15.44
C GLU FA 160 43.69 -60.41 -16.24
N CYS FA 161 44.80 -60.06 -15.59
CA CYS FA 161 46.12 -60.22 -16.19
C CYS FA 161 46.63 -61.64 -16.11
N GLY FA 162 45.89 -62.53 -15.45
CA GLY FA 162 46.32 -63.89 -15.23
C GLY FA 162 46.99 -64.17 -13.90
N LEU FA 163 46.88 -63.26 -12.94
CA LEU FA 163 47.52 -63.42 -11.64
C LEU FA 163 46.61 -64.20 -10.70
N ARG FA 164 47.17 -65.24 -10.09
CA ARG FA 164 46.44 -65.98 -9.06
C ARG FA 164 46.51 -65.22 -7.75
N LEU FA 165 45.36 -65.05 -7.10
CA LEU FA 165 45.28 -64.24 -5.88
C LEU FA 165 44.61 -65.05 -4.77
N GLN FA 166 44.90 -64.63 -3.54
CA GLN FA 166 44.31 -65.24 -2.36
C GLN FA 166 44.17 -64.17 -1.28
N VAL FA 167 43.42 -64.52 -0.23
CA VAL FA 167 43.17 -63.55 0.84
C VAL FA 167 44.35 -63.46 1.79
N GLU FA 168 44.91 -64.60 2.19
CA GLU FA 168 45.97 -64.63 3.17
C GLU FA 168 47.32 -64.28 2.56
N SER FA 169 48.20 -63.72 3.38
CA SER FA 169 49.55 -63.40 2.93
C SER FA 169 50.34 -64.68 2.71
N PRO FA 170 51.09 -64.81 1.60
CA PRO FA 170 51.21 -63.81 0.54
C PRO FA 170 50.00 -63.79 -0.40
N GLN FA 171 49.50 -62.59 -0.70
CA GLN FA 171 48.23 -62.46 -1.42
C GLN FA 171 48.40 -62.68 -2.92
N VAL FA 172 49.56 -62.35 -3.48
CA VAL FA 172 49.78 -62.39 -4.92
C VAL FA 172 50.62 -63.61 -5.28
N HIS FA 173 50.15 -64.38 -6.27
CA HIS FA 173 50.91 -65.48 -6.86
C HIS FA 173 51.37 -65.02 -8.24
N TRP FA 174 52.62 -64.58 -8.33
CA TRP FA 174 53.15 -63.98 -9.55
C TRP FA 174 53.63 -65.06 -10.51
N GLU FA 175 53.13 -65.02 -11.74
CA GLU FA 175 53.57 -65.93 -12.79
C GLU FA 175 54.11 -65.11 -13.95
N PRO FA 176 55.26 -65.46 -14.54
CA PRO FA 176 55.84 -64.61 -15.59
C PRO FA 176 54.96 -64.44 -16.82
N THR FA 177 54.03 -65.36 -17.08
CA THR FA 177 53.13 -65.20 -18.24
C THR FA 177 52.20 -64.00 -18.08
N SER FA 178 52.07 -63.45 -16.89
CA SER FA 178 51.22 -62.30 -16.64
C SER FA 178 51.96 -60.98 -16.79
N LEU FA 179 53.23 -61.03 -17.22
CA LEU FA 179 54.06 -59.83 -17.24
C LEU FA 179 53.56 -58.81 -18.25
N ILE FA 180 53.32 -59.23 -19.49
CA ILE FA 180 52.94 -58.28 -20.54
C ILE FA 180 51.66 -57.53 -20.22
N PRO FA 181 50.57 -58.18 -19.80
CA PRO FA 181 49.37 -57.40 -19.44
C PRO FA 181 49.56 -56.55 -18.19
N THR FA 182 50.21 -57.10 -17.15
CA THR FA 182 50.40 -56.36 -15.91
C THR FA 182 51.21 -55.08 -16.14
N SER FA 183 52.31 -55.19 -16.91
CA SER FA 183 53.11 -54.02 -17.23
C SER FA 183 52.27 -52.95 -17.92
N ALA FA 184 51.43 -53.36 -18.88
CA ALA FA 184 50.54 -52.42 -19.54
C ALA FA 184 49.57 -51.77 -18.55
N LEU FA 185 49.03 -52.56 -17.62
CA LEU FA 185 48.16 -52.02 -16.59
C LEU FA 185 48.89 -50.99 -15.74
N TYR FA 186 50.16 -51.28 -15.39
CA TYR FA 186 50.98 -50.32 -14.65
C TYR FA 186 51.07 -48.99 -15.39
N ALA FA 187 51.46 -49.03 -16.67
CA ALA FA 187 51.58 -47.80 -17.45
C ALA FA 187 50.27 -47.04 -17.51
N SER FA 188 49.15 -47.75 -17.67
CA SER FA 188 47.84 -47.10 -17.69
C SER FA 188 47.58 -46.35 -16.38
N LEU FA 189 47.70 -47.06 -15.25
CA LEU FA 189 47.45 -46.44 -13.96
C LEU FA 189 48.37 -45.25 -13.70
N PHE FA 190 49.61 -45.34 -14.18
CA PHE FA 190 50.56 -44.25 -13.96
C PHE FA 190 50.16 -42.98 -14.72
N LEU FA 191 49.93 -43.10 -16.03
CA LEU FA 191 49.64 -41.92 -16.84
C LEU FA 191 48.30 -41.31 -16.47
N LEU FA 192 47.30 -42.15 -16.16
CA LEU FA 192 46.02 -41.62 -15.70
C LEU FA 192 46.18 -40.85 -14.38
N SER FA 193 47.02 -41.36 -13.48
CA SER FA 193 47.25 -40.66 -12.22
C SER FA 193 47.98 -39.34 -12.45
N SER FA 194 48.92 -39.32 -13.40
CA SER FA 194 49.65 -38.08 -13.67
C SER FA 194 48.79 -37.02 -14.35
N LEU FA 195 47.66 -37.42 -14.95
CA LEU FA 195 46.76 -36.46 -15.57
C LEU FA 195 45.75 -35.87 -14.60
N GLY FA 196 45.40 -36.62 -13.55
CA GLY FA 196 44.44 -36.15 -12.56
C GLY FA 196 45.11 -35.51 -11.37
N GLN FA 197 46.34 -35.03 -11.59
CA GLN FA 197 47.15 -34.42 -10.53
C GLN FA 197 47.15 -32.89 -10.62
N ALA GA 1 8.97 47.82 35.66
CA ALA GA 1 10.26 47.72 34.99
C ALA GA 1 10.09 47.79 33.48
N VAL GA 2 11.01 48.47 32.80
CA VAL GA 2 10.94 48.65 31.35
C VAL GA 2 12.32 48.38 30.75
N LYS GA 3 12.33 47.60 29.68
CA LYS GA 3 13.56 47.22 28.99
C LYS GA 3 13.39 47.42 27.50
N LEU GA 4 14.50 47.69 26.81
CA LEU GA 4 14.50 47.88 25.37
C LEU GA 4 14.78 46.56 24.67
N SER GA 5 14.10 46.32 23.55
CA SER GA 5 14.29 45.09 22.80
C SER GA 5 14.07 45.34 21.31
N HIS GA 6 14.64 44.46 20.50
CA HIS GA 6 14.38 44.49 19.07
C HIS GA 6 12.93 44.09 18.78
N VAL GA 7 12.46 44.52 17.61
CA VAL GA 7 11.13 44.11 17.15
C VAL GA 7 11.17 42.71 16.57
N GLU GA 8 12.11 42.46 15.67
CA GLU GA 8 12.25 41.16 15.01
C GLU GA 8 13.64 40.62 15.29
N LYS GA 9 13.71 39.43 15.86
CA LYS GA 9 14.97 38.78 16.21
C LYS GA 9 14.68 37.31 16.49
N ASP GA 10 15.71 36.47 16.32
CA ASP GA 10 15.66 35.04 16.63
C ASP GA 10 14.77 34.28 15.66
N PHE GA 11 14.74 34.71 14.40
CA PHE GA 11 14.01 34.02 13.35
C PHE GA 11 14.96 33.26 12.44
N ILE GA 12 14.44 32.18 11.84
CA ILE GA 12 15.14 31.48 10.78
C ILE GA 12 14.11 30.75 9.94
N ALA GA 13 14.26 30.84 8.63
CA ALA GA 13 13.35 30.20 7.69
C ALA GA 13 14.15 29.25 6.79
N PHE GA 14 13.56 28.09 6.52
CA PHE GA 14 14.15 27.10 5.63
C PHE GA 14 13.14 26.80 4.53
N TYR GA 15 13.34 27.40 3.37
CA TYR GA 15 12.47 27.16 2.22
C TYR GA 15 12.97 25.94 1.45
N SER GA 16 12.02 25.25 0.81
CA SER GA 16 12.37 24.02 0.10
C SER GA 16 13.15 24.26 -1.18
N THR GA 17 13.12 25.48 -1.72
CA THR GA 17 13.83 25.79 -2.95
C THR GA 17 14.06 27.29 -3.03
N THR GA 18 14.67 27.72 -4.13
CA THR GA 18 14.95 29.12 -4.38
C THR GA 18 13.71 29.84 -4.91
N PRO GA 19 13.66 31.17 -4.79
CA PRO GA 19 12.54 31.92 -5.37
C PRO GA 19 12.43 31.71 -6.87
N HIS GA 20 11.20 31.86 -7.39
CA HIS GA 20 10.81 31.72 -8.79
C HIS GA 20 10.83 30.28 -9.28
N HIS GA 21 11.22 29.32 -8.44
CA HIS GA 21 11.44 27.95 -8.88
C HIS GA 21 10.49 26.99 -8.18
N LEU GA 22 10.38 25.79 -8.75
CA LEU GA 22 9.44 24.81 -8.26
C LEU GA 22 10.03 24.01 -7.10
N SER GA 23 9.14 23.44 -6.29
CA SER GA 23 9.49 22.49 -5.25
C SER GA 23 8.75 21.20 -5.54
N TYR GA 24 9.47 20.08 -5.51
CA TYR GA 24 8.93 18.81 -5.94
C TYR GA 24 8.55 17.94 -4.74
N ARG GA 25 7.64 17.01 -5.00
CA ARG GA 25 7.03 16.17 -3.98
C ARG GA 25 6.65 14.85 -4.61
N ASP GA 26 7.02 13.75 -3.94
CA ASP GA 26 6.78 12.41 -4.47
C ASP GA 26 5.42 11.91 -4.01
N LYS GA 27 4.66 11.33 -4.95
CA LYS GA 27 3.32 10.86 -4.65
C LYS GA 27 3.33 9.67 -3.69
N THR GA 28 4.45 8.95 -3.60
CA THR GA 28 4.53 7.73 -2.80
C THR GA 28 5.25 7.92 -1.47
N GLY GA 29 5.96 9.02 -1.28
CA GLY GA 29 6.73 9.20 -0.07
C GLY GA 29 6.72 10.60 0.50
N GLY GA 30 6.05 11.53 -0.17
CA GLY GA 30 6.01 12.91 0.29
C GLY GA 30 7.04 13.78 -0.40
N SER GA 31 7.24 14.96 0.19
CA SER GA 31 8.14 15.94 -0.39
C SER GA 31 9.60 15.56 -0.15
N TYR GA 32 10.42 15.76 -1.18
CA TYR GA 32 11.85 15.44 -1.06
C TYR GA 32 12.52 16.30 0.00
N PHE GA 33 12.16 17.58 0.07
CA PHE GA 33 12.77 18.48 1.04
C PHE GA 33 12.45 18.04 2.47
N ILE GA 34 11.18 17.70 2.73
CA ILE GA 34 10.77 17.30 4.07
C ILE GA 34 11.44 16.00 4.48
N THR GA 35 11.58 15.05 3.55
CA THR GA 35 12.14 13.74 3.89
C THR GA 35 13.60 13.86 4.33
N ARG GA 36 14.44 14.47 3.49
CA ARG GA 36 15.85 14.60 3.86
C ARG GA 36 16.05 15.54 5.05
N LEU GA 37 15.15 16.50 5.24
CA LEU GA 37 15.25 17.33 6.45
C LEU GA 37 15.10 16.48 7.70
N ILE GA 38 14.14 15.56 7.69
CA ILE GA 38 13.95 14.68 8.83
C ILE GA 38 15.15 13.75 8.99
N SER GA 39 15.65 13.21 7.88
CA SER GA 39 16.78 12.29 7.94
C SER GA 39 18.02 12.97 8.48
N CYS GA 40 18.32 14.17 7.99
CA CYS GA 40 19.47 14.92 8.48
C CYS GA 40 19.29 15.32 9.95
N PHE GA 41 18.05 15.57 10.37
CA PHE GA 41 17.82 15.89 11.77
C PHE GA 41 18.09 14.70 12.68
N ARG GA 42 17.46 13.55 12.40
CA ARG GA 42 17.68 12.37 13.22
C ARG GA 42 19.13 11.93 13.21
N LYS GA 43 19.87 12.22 12.15
CA LYS GA 43 21.26 11.77 12.07
C LYS GA 43 22.20 12.72 12.80
N HIS GA 44 21.91 14.02 12.83
CA HIS GA 44 22.86 15.01 13.30
C HIS GA 44 22.35 15.91 14.43
N ALA GA 45 21.09 15.76 14.87
CA ALA GA 45 20.60 16.62 15.95
C ALA GA 45 21.34 16.40 17.26
N CYS GA 46 21.94 15.23 17.45
CA CYS GA 46 22.63 14.95 18.70
C CYS GA 46 23.96 15.69 18.83
N SER GA 47 24.57 16.08 17.70
CA SER GA 47 25.90 16.68 17.74
C SER GA 47 26.03 18.00 17.00
N CYS GA 48 25.08 18.37 16.12
CA CYS GA 48 25.18 19.59 15.35
C CYS GA 48 24.04 20.54 15.72
N HIS GA 49 24.32 21.83 15.62
CA HIS GA 49 23.31 22.85 15.88
C HIS GA 49 22.43 23.04 14.65
N LEU GA 50 21.42 23.92 14.79
CA LEU GA 50 20.37 24.02 13.78
C LEU GA 50 20.91 24.46 12.43
N PHE GA 51 21.81 25.44 12.41
CA PHE GA 51 22.34 25.91 11.12
C PHE GA 51 23.08 24.80 10.39
N ASP GA 52 23.92 24.05 11.12
CA ASP GA 52 24.69 22.99 10.50
C ASP GA 52 23.78 21.93 9.89
N ILE GA 53 22.67 21.62 10.57
CA ILE GA 53 21.69 20.69 10.02
C ILE GA 53 21.13 21.23 8.71
N PHE GA 54 20.73 22.51 8.71
CA PHE GA 54 20.21 23.12 7.49
C PHE GA 54 21.26 23.12 6.39
N LEU GA 55 22.51 23.43 6.74
CA LEU GA 55 23.57 23.46 5.74
C LEU GA 55 23.85 22.08 5.17
N LYS GA 56 23.72 21.03 5.99
CA LYS GA 56 23.91 19.67 5.48
C LYS GA 56 22.76 19.25 4.58
N VAL GA 57 21.53 19.72 4.86
CA VAL GA 57 20.42 19.47 3.96
C VAL GA 57 20.66 20.14 2.61
N GLN GA 58 21.15 21.38 2.62
CA GLN GA 58 21.45 22.08 1.37
C GLN GA 58 22.55 21.36 0.59
N GLN GA 59 23.54 20.82 1.29
CA GLN GA 59 24.60 20.07 0.61
C GLN GA 59 24.05 18.81 -0.05
N SER GA 60 23.07 18.17 0.59
CA SER GA 60 22.47 16.97 0.01
C SER GA 60 21.77 17.25 -1.32
N PHE GA 61 21.44 18.51 -1.59
CA PHE GA 61 20.83 18.91 -2.86
C PHE GA 61 21.83 19.54 -3.81
N GLU GA 62 23.12 19.48 -3.51
CA GLU GA 62 24.13 20.18 -4.31
C GLU GA 62 24.19 19.61 -5.73
N LYS GA 63 24.30 18.29 -5.85
CA LYS GA 63 24.38 17.68 -7.17
C LYS GA 63 23.06 17.85 -7.91
N ALA GA 64 23.12 18.42 -9.10
CA ALA GA 64 21.92 18.72 -9.85
C ALA GA 64 21.29 17.45 -10.42
N SER GA 65 19.96 17.40 -10.37
CA SER GA 65 19.17 16.34 -10.96
C SER GA 65 18.22 16.93 -11.99
N ILE GA 66 17.48 16.06 -12.68
CA ILE GA 66 16.58 16.53 -13.74
C ILE GA 66 15.47 17.39 -13.16
N HIS GA 67 15.12 17.18 -11.89
CA HIS GA 67 14.16 17.99 -11.16
C HIS GA 67 14.83 18.50 -9.90
N SER GA 68 15.74 19.45 -10.07
CA SER GA 68 16.60 19.92 -9.01
C SER GA 68 15.91 20.93 -8.11
N GLN GA 69 16.27 20.90 -6.83
CA GLN GA 69 15.87 21.90 -5.86
C GLN GA 69 17.09 22.30 -5.05
N MET GA 70 17.10 23.55 -4.58
CA MET GA 70 18.15 24.03 -3.68
C MET GA 70 17.45 24.74 -2.52
N PRO GA 71 17.29 24.07 -1.39
CA PRO GA 71 16.66 24.72 -0.23
C PRO GA 71 17.44 25.95 0.19
N THR GA 72 16.72 26.97 0.64
CA THR GA 72 17.29 28.27 0.94
C THR GA 72 17.01 28.65 2.39
N ILE GA 73 18.02 29.22 3.05
CA ILE GA 73 17.86 29.80 4.37
C ILE GA 73 17.58 31.29 4.20
N ASP GA 74 16.53 31.78 4.85
CA ASP GA 74 16.04 33.12 4.58
C ASP GA 74 15.65 33.82 5.88
N ARG GA 75 15.85 35.14 5.89
CA ARG GA 75 15.43 36.01 7.00
C ARG GA 75 15.92 35.47 8.34
N ALA GA 76 17.20 35.15 8.40
CA ALA GA 76 17.80 34.57 9.60
C ALA GA 76 18.22 35.70 10.53
N THR GA 77 17.56 35.80 11.68
CA THR GA 77 17.93 36.76 12.72
C THR GA 77 18.37 36.06 14.00
N LEU GA 78 18.85 34.82 13.88
CA LEU GA 78 19.40 34.13 15.03
C LEU GA 78 20.69 34.81 15.48
N THR GA 79 20.84 34.98 16.79
CA THR GA 79 22.04 35.59 17.34
C THR GA 79 23.00 34.59 17.96
N ARG GA 80 22.58 33.34 18.15
CA ARG GA 80 23.44 32.33 18.77
C ARG GA 80 23.22 30.99 18.07
N TYR GA 81 24.06 30.02 18.41
CA TYR GA 81 23.87 28.67 17.92
C TYR GA 81 22.67 28.04 18.59
N PHE GA 82 21.88 27.29 17.82
CA PHE GA 82 20.68 26.63 18.32
C PHE GA 82 20.97 25.13 18.41
N TYR GA 83 21.42 24.70 19.59
CA TYR GA 83 21.52 23.29 19.91
C TYR GA 83 20.24 22.83 20.58
N LEU GA 84 19.71 21.70 20.14
CA LEU GA 84 18.45 21.19 20.67
C LEU GA 84 18.64 20.27 21.87
N PHE GA 85 19.81 19.61 21.97
CA PHE GA 85 20.10 18.63 23.00
C PHE GA 85 18.97 17.59 23.06
N PRO GA 86 18.86 16.73 22.04
CA PRO GA 86 17.77 15.74 22.03
C PRO GA 86 17.96 14.71 23.13
N GLY GA 87 16.85 14.37 23.79
CA GLY GA 87 16.87 13.40 24.87
C GLY GA 87 17.15 13.97 26.25
N ASN GA 88 17.34 15.28 26.36
CA ASN GA 88 17.61 15.90 27.65
C ASN GA 88 16.54 16.92 28.01
N ALA HA 1 30.59 17.51 -24.11
CA ALA HA 1 29.88 16.99 -22.96
C ALA HA 1 28.98 18.05 -22.33
N VAL HA 2 27.90 17.60 -21.70
CA VAL HA 2 26.90 18.49 -21.11
C VAL HA 2 26.47 17.91 -19.76
N LYS HA 3 26.39 18.77 -18.75
CA LYS HA 3 26.03 18.36 -17.40
C LYS HA 3 24.95 19.29 -16.85
N LEU HA 4 24.23 18.79 -15.85
CA LEU HA 4 23.15 19.52 -15.22
C LEU HA 4 23.67 20.41 -14.09
N SER HA 5 23.05 21.58 -13.95
CA SER HA 5 23.44 22.55 -12.93
C SER HA 5 22.21 23.26 -12.41
N HIS HA 6 22.31 23.76 -11.17
CA HIS HA 6 21.27 24.58 -10.60
C HIS HA 6 21.23 25.95 -11.30
N VAL HA 7 20.07 26.60 -11.21
CA VAL HA 7 19.95 27.96 -11.72
C VAL HA 7 20.52 28.95 -10.73
N GLU HA 8 20.10 28.86 -9.46
CA GLU HA 8 20.55 29.75 -8.41
C GLU HA 8 21.14 28.92 -7.27
N LYS HA 9 22.40 29.19 -6.93
CA LYS HA 9 23.10 28.47 -5.88
C LYS HA 9 24.34 29.25 -5.53
N ASP HA 10 24.83 29.05 -4.30
CA ASP HA 10 26.07 29.64 -3.80
C ASP HA 10 25.92 31.14 -3.56
N PHE HA 11 24.73 31.57 -3.17
CA PHE HA 11 24.45 32.95 -2.80
C PHE HA 11 24.35 33.08 -1.29
N ILE HA 12 24.68 34.27 -0.80
CA ILE HA 12 24.41 34.62 0.60
C ILE HA 12 24.34 36.14 0.68
N ALA HA 13 23.34 36.63 1.40
CA ALA HA 13 23.14 38.07 1.56
C ALA HA 13 23.19 38.43 3.04
N PHE HA 14 23.82 39.56 3.33
CA PHE HA 14 23.92 40.08 4.69
C PHE HA 14 23.35 41.50 4.65
N TYR HA 15 22.10 41.64 5.09
CA TYR HA 15 21.44 42.94 5.13
C TYR HA 15 21.78 43.65 6.44
N SER HA 16 21.77 44.98 6.39
CA SER HA 16 22.18 45.77 7.54
C SER HA 16 21.15 45.74 8.67
N THR HA 17 19.90 45.38 8.38
CA THR HA 17 18.86 45.39 9.40
C THR HA 17 17.73 44.47 8.95
N THR HA 18 16.68 44.41 9.76
CA THR HA 18 15.51 43.60 9.47
C THR HA 18 14.58 44.31 8.49
N PRO HA 19 13.73 43.56 7.78
CA PRO HA 19 12.76 44.20 6.89
C PRO HA 19 11.83 45.15 7.63
N HIS HA 20 11.35 46.16 6.91
CA HIS HA 20 10.42 47.21 7.36
C HIS HA 20 11.08 48.20 8.31
N HIS HA 21 12.35 48.01 8.67
CA HIS HA 21 12.98 48.82 9.71
C HIS HA 21 14.15 49.60 9.12
N LEU HA 22 14.58 50.61 9.89
CA LEU HA 22 15.65 51.49 9.44
C LEU HA 22 17.02 50.89 9.74
N SER HA 23 18.02 51.36 9.01
CA SER HA 23 19.41 51.06 9.26
C SER HA 23 20.12 52.39 9.53
N TYR HA 24 20.89 52.43 10.60
CA TYR HA 24 21.47 53.68 11.08
C TYR HA 24 22.93 53.81 10.66
N ARG HA 25 23.39 55.06 10.65
CA ARG HA 25 24.67 55.43 10.09
C ARG HA 25 25.19 56.63 10.86
N ASP HA 26 26.45 56.57 11.29
CA ASP HA 26 27.04 57.66 12.06
C ASP HA 26 27.69 58.65 11.11
N LYS HA 27 27.40 59.93 11.32
CA LYS HA 27 27.95 60.97 10.46
C LYS HA 27 29.45 61.15 10.65
N THR HA 28 29.99 60.69 11.77
CA THR HA 28 31.40 60.89 12.09
C THR HA 28 32.26 59.66 11.83
N GLY HA 29 31.67 58.49 11.64
CA GLY HA 29 32.45 57.27 11.46
C GLY HA 29 31.89 56.32 10.44
N GLY HA 30 30.75 56.67 9.84
CA GLY HA 30 30.11 55.83 8.85
C GLY HA 30 29.01 54.97 9.45
N SER HA 31 28.57 54.00 8.65
CA SER HA 31 27.47 53.14 9.06
C SER HA 31 27.94 52.11 10.08
N TYR HA 32 27.08 51.86 11.08
CA TYR HA 32 27.42 50.91 12.14
C TYR HA 32 27.61 49.50 11.58
N PHE HA 33 26.74 49.09 10.66
CA PHE HA 33 26.82 47.73 10.14
C PHE HA 33 28.11 47.49 9.39
N ILE HA 34 28.50 48.42 8.51
CA ILE HA 34 29.74 48.24 7.74
C ILE HA 34 30.95 48.24 8.66
N THR HA 35 30.96 49.12 9.67
CA THR HA 35 32.10 49.20 10.58
C THR HA 35 32.28 47.92 11.37
N ARG HA 36 31.20 47.46 12.02
CA ARG HA 36 31.28 46.24 12.83
C ARG HA 36 31.54 45.01 11.96
N LEU HA 37 31.08 45.02 10.71
CA LEU HA 37 31.38 43.92 9.80
C LEU HA 37 32.87 43.81 9.53
N ILE HA 38 33.53 44.96 9.31
CA ILE HA 38 34.97 44.95 9.02
C ILE HA 38 35.75 44.45 10.22
N SER HA 39 35.39 44.90 11.42
CA SER HA 39 36.12 44.50 12.63
C SER HA 39 36.00 43.00 12.86
N CYS HA 40 34.80 42.44 12.71
CA CYS HA 40 34.63 41.00 12.88
C CYS HA 40 35.40 40.22 11.82
N PHE HA 41 35.51 40.77 10.61
CA PHE HA 41 36.32 40.13 9.59
C PHE HA 41 37.80 40.16 9.96
N ARG HA 42 38.32 41.33 10.30
CA ARG HA 42 39.74 41.46 10.63
C ARG HA 42 40.13 40.58 11.82
N LYS HA 43 39.21 40.36 12.75
CA LYS HA 43 39.50 39.62 13.97
C LYS HA 43 39.32 38.11 13.81
N HIS HA 44 38.37 37.67 12.97
CA HIS HA 44 37.95 36.27 12.97
C HIS HA 44 38.07 35.57 11.63
N ALA HA 45 38.49 36.27 10.57
CA ALA HA 45 38.62 35.61 9.26
C ALA HA 45 39.69 34.54 9.25
N CYS HA 46 40.66 34.60 10.17
CA CYS HA 46 41.75 33.63 10.18
C CYS HA 46 41.31 32.24 10.63
N SER HA 47 40.24 32.14 11.41
CA SER HA 47 39.82 30.87 11.98
C SER HA 47 38.36 30.51 11.75
N CYS HA 48 37.51 31.47 11.37
CA CYS HA 48 36.09 31.22 11.20
C CYS HA 48 35.67 31.39 9.75
N HIS HA 49 34.66 30.62 9.35
CA HIS HA 49 34.11 30.72 8.00
C HIS HA 49 33.12 31.89 7.93
N LEU HA 50 32.57 32.11 6.74
CA LEU HA 50 31.79 33.31 6.48
C LEU HA 50 30.56 33.40 7.37
N PHE HA 51 29.85 32.29 7.56
CA PHE HA 51 28.65 32.33 8.40
C PHE HA 51 28.98 32.73 9.83
N ASP HA 52 30.03 32.14 10.41
CA ASP HA 52 30.40 32.44 11.78
C ASP HA 52 30.73 33.92 11.95
N ILE HA 53 31.39 34.51 10.94
CA ILE HA 53 31.67 35.95 10.98
C ILE HA 53 30.36 36.73 11.02
N PHE HA 54 29.41 36.37 10.16
CA PHE HA 54 28.12 37.06 10.14
C PHE HA 54 27.39 36.90 11.47
N LEU HA 55 27.43 35.70 12.05
CA LEU HA 55 26.75 35.46 13.32
C LEU HA 55 27.38 36.26 14.46
N LYS HA 56 28.71 36.45 14.41
CA LYS HA 56 29.36 37.27 15.44
C LYS HA 56 29.01 38.74 15.25
N VAL HA 57 28.81 39.19 14.02
CA VAL HA 57 28.29 40.54 13.79
C VAL HA 57 26.91 40.69 14.42
N GLN HA 58 26.06 39.67 14.23
CA GLN HA 58 24.72 39.70 14.83
C GLN HA 58 24.80 39.70 16.35
N GLN HA 59 25.79 38.98 16.92
CA GLN HA 59 25.95 39.00 18.36
C GLN HA 59 26.31 40.40 18.86
N SER HA 60 27.12 41.13 18.10
CA SER HA 60 27.45 42.50 18.48
C SER HA 60 26.23 43.40 18.46
N PHE HA 61 25.20 43.04 17.70
CA PHE HA 61 23.94 43.78 17.68
C PHE HA 61 22.85 43.10 18.48
N GLU HA 62 23.18 42.05 19.25
CA GLU HA 62 22.14 41.28 19.92
C GLU HA 62 21.40 42.12 20.96
N LYS HA 63 22.14 42.87 21.76
CA LYS HA 63 21.51 43.73 22.76
C LYS HA 63 20.98 44.99 22.08
N ALA HA 64 19.73 45.32 22.38
CA ALA HA 64 19.07 46.46 21.74
C ALA HA 64 19.59 47.78 22.31
N SER HA 65 19.75 48.75 21.43
CA SER HA 65 20.12 50.11 21.79
C SER HA 65 19.03 51.06 21.31
N ILE HA 66 19.18 52.34 21.67
CA ILE HA 66 18.13 53.31 21.38
C ILE HA 66 17.88 53.43 19.89
N HIS HA 67 18.91 53.24 19.07
CA HIS HA 67 18.76 53.14 17.62
C HIS HA 67 19.29 51.78 17.18
N SER HA 68 18.57 50.73 17.56
CA SER HA 68 19.02 49.37 17.34
C SER HA 68 18.65 48.87 15.95
N GLN HA 69 19.53 48.04 15.40
CA GLN HA 69 19.27 47.30 14.17
C GLN HA 69 19.77 45.87 14.35
N MET HA 70 19.16 44.95 13.62
CA MET HA 70 19.55 43.54 13.66
C MET HA 70 19.81 43.06 12.24
N PRO HA 71 21.08 42.99 11.82
CA PRO HA 71 21.39 42.49 10.48
C PRO HA 71 20.89 41.06 10.29
N THR HA 72 20.44 40.77 9.07
CA THR HA 72 19.81 39.50 8.74
C THR HA 72 20.54 38.83 7.59
N ILE HA 73 20.68 37.51 7.68
CA ILE HA 73 21.17 36.71 6.57
C ILE HA 73 19.98 36.24 5.76
N ASP HA 74 20.04 36.42 4.45
CA ASP HA 74 18.88 36.23 3.59
C ASP HA 74 19.30 35.53 2.31
N ARG HA 75 18.38 34.71 1.79
CA ARG HA 75 18.54 34.03 0.50
C ARG HA 75 19.89 33.31 0.42
N ALA HA 76 20.20 32.54 1.47
CA ALA HA 76 21.48 31.84 1.57
C ALA HA 76 21.36 30.49 0.87
N THR HA 77 22.10 30.32 -0.22
CA THR HA 77 22.15 29.05 -0.94
C THR HA 77 23.54 28.45 -0.91
N LEU HA 78 24.36 28.79 0.09
CA LEU HA 78 25.65 28.15 0.26
C LEU HA 78 25.45 26.70 0.66
N THR HA 79 26.22 25.81 0.05
CA THR HA 79 26.17 24.39 0.37
C THR HA 79 27.34 23.93 1.23
N ARG HA 80 28.37 24.76 1.39
CA ARG HA 80 29.55 24.40 2.16
C ARG HA 80 30.00 25.61 2.96
N TYR HA 81 30.97 25.38 3.85
CA TYR HA 81 31.56 26.47 4.60
C TYR HA 81 32.45 27.32 3.70
N PHE HA 82 32.41 28.63 3.88
CA PHE HA 82 33.21 29.57 3.10
C PHE HA 82 34.32 30.11 4.01
N TYR HA 83 35.48 29.45 3.97
CA TYR HA 83 36.68 29.98 4.60
C TYR HA 83 37.43 30.83 3.59
N LEU HA 84 37.85 32.03 4.01
CA LEU HA 84 38.55 32.94 3.11
C LEU HA 84 40.06 32.73 3.14
N PHE HA 85 40.58 32.21 4.25
CA PHE HA 85 42.02 32.00 4.46
C PHE HA 85 42.77 33.30 4.16
N PRO HA 86 42.66 34.30 5.03
CA PRO HA 86 43.32 35.59 4.75
C PRO HA 86 44.83 35.46 4.76
N GLY HA 87 45.46 36.11 3.79
CA GLY HA 87 46.90 36.09 3.63
C GLY HA 87 47.45 34.97 2.79
N ASN HA 88 46.59 34.07 2.29
CA ASN HA 88 47.04 32.96 1.46
C ASN HA 88 46.38 33.00 0.08
N ALA IA 1 1.07 88.42 -15.41
CA ALA IA 1 -0.20 87.73 -15.60
C ALA IA 1 -0.13 86.30 -15.08
N VAL IA 2 -1.12 85.90 -14.28
CA VAL IA 2 -1.18 84.57 -13.69
C VAL IA 2 -2.63 84.12 -13.65
N LYS IA 3 -2.87 82.88 -14.07
CA LYS IA 3 -4.21 82.30 -14.11
C LYS IA 3 -4.18 80.92 -13.48
N LEU IA 4 -5.31 80.54 -12.88
CA LEU IA 4 -5.47 79.24 -12.25
C LEU IA 4 -6.12 78.27 -13.23
N SER IA 5 -5.68 77.01 -13.19
CA SER IA 5 -6.22 76.01 -14.11
C SER IA 5 -6.27 74.65 -13.44
N HIS IA 6 -7.15 73.80 -13.95
CA HIS IA 6 -7.19 72.41 -13.52
C HIS IA 6 -5.93 71.68 -13.97
N VAL IA 7 -5.64 70.57 -13.29
CA VAL IA 7 -4.52 69.72 -13.72
C VAL IA 7 -4.94 68.85 -14.90
N GLU IA 8 -6.08 68.15 -14.77
CA GLU IA 8 -6.59 67.28 -15.81
C GLU IA 8 -7.99 67.73 -16.20
N LYS IA 9 -8.19 68.01 -17.48
CA LYS IA 9 -9.48 68.47 -17.99
C LYS IA 9 -9.46 68.34 -19.50
N ASP IA 10 -10.66 68.21 -20.08
CA ASP IA 10 -10.86 68.15 -21.53
C ASP IA 10 -10.34 66.83 -22.13
N PHE IA 11 -10.41 65.75 -21.37
CA PHE IA 11 -10.06 64.42 -21.84
C PHE IA 11 -11.31 63.61 -22.12
N ILE IA 12 -11.20 62.67 -23.05
CA ILE IA 12 -12.21 61.65 -23.26
C ILE IA 12 -11.56 60.46 -23.93
N ALA IA 13 -11.87 59.26 -23.45
CA ALA IA 13 -11.31 58.03 -23.97
C ALA IA 13 -12.43 57.13 -24.45
N PHE IA 14 -12.20 56.46 -25.58
CA PHE IA 14 -13.14 55.51 -26.16
C PHE IA 14 -12.41 54.19 -26.34
N TYR IA 15 -12.64 53.26 -25.42
CA TYR IA 15 -12.03 51.94 -25.48
C TYR IA 15 -12.84 51.02 -26.37
N SER IA 16 -12.15 50.05 -26.98
CA SER IA 16 -12.80 49.15 -27.91
C SER IA 16 -13.74 48.16 -27.22
N THR IA 17 -13.59 47.95 -25.92
CA THR IA 17 -14.42 47.01 -25.18
C THR IA 17 -14.39 47.38 -23.70
N THR IA 18 -15.09 46.58 -22.90
CA THR IA 18 -15.15 46.78 -21.47
C THR IA 18 -13.89 46.20 -20.80
N PRO IA 19 -13.58 46.64 -19.58
CA PRO IA 19 -12.44 46.04 -18.87
C PRO IA 19 -12.60 44.54 -18.68
N HIS IA 20 -11.46 43.86 -18.60
CA HIS IA 20 -11.32 42.41 -18.41
C HIS IA 20 -11.69 41.61 -19.65
N HIS IA 21 -12.12 42.26 -20.74
CA HIS IA 21 -12.68 41.56 -21.88
C HIS IA 21 -11.83 41.76 -23.12
N LEU IA 22 -12.05 40.89 -24.11
CA LEU IA 22 -11.26 40.88 -25.33
C LEU IA 22 -11.79 41.89 -26.35
N SER IA 23 -10.89 42.29 -27.25
CA SER IA 23 -11.25 43.09 -28.42
C SER IA 23 -10.84 42.33 -29.67
N TYR IA 24 -11.74 42.24 -30.64
CA TYR IA 24 -11.54 41.41 -31.81
C TYR IA 24 -11.14 42.24 -33.03
N ARG IA 25 -10.49 41.58 -33.98
CA ARG IA 25 -9.92 42.25 -35.14
C ARG IA 25 -9.92 41.28 -36.32
N ASP IA 26 -10.39 41.77 -37.47
CA ASP IA 26 -10.48 40.95 -38.68
C ASP IA 26 -9.19 41.04 -39.47
N LYS IA 27 -8.70 39.88 -39.93
CA LYS IA 27 -7.46 39.84 -40.68
C LYS IA 27 -7.59 40.49 -42.04
N THR IA 28 -8.82 40.60 -42.58
CA THR IA 28 -9.04 41.10 -43.92
C THR IA 28 -9.60 42.52 -43.95
N GLY IA 29 -10.07 43.05 -42.84
CA GLY IA 29 -10.70 44.36 -42.84
C GLY IA 29 -10.34 45.24 -41.67
N GLY IA 30 -9.55 44.74 -40.75
CA GLY IA 30 -9.15 45.50 -39.59
C GLY IA 30 -10.02 45.27 -38.38
N SER IA 31 -9.87 46.16 -37.40
CA SER IA 31 -10.59 46.05 -36.14
C SER IA 31 -12.04 46.46 -36.32
N TYR IA 32 -12.95 45.69 -35.71
CA TYR IA 32 -14.37 45.99 -35.78
C TYR IA 32 -14.68 47.34 -35.13
N PHE IA 33 -14.06 47.62 -33.98
CA PHE IA 33 -14.31 48.88 -33.30
C PHE IA 33 -13.85 50.06 -34.14
N ILE IA 34 -12.64 49.96 -34.73
CA ILE IA 34 -12.12 51.04 -35.54
C ILE IA 34 -13.00 51.27 -36.76
N THR IA 35 -13.48 50.19 -37.37
CA THR IA 35 -14.32 50.31 -38.57
C THR IA 35 -15.62 51.02 -38.26
N ARG IA 36 -16.35 50.56 -37.23
CA ARG IA 36 -17.63 51.16 -36.89
C ARG IA 36 -17.49 52.60 -36.45
N LEU IA 37 -16.36 52.95 -35.83
CA LEU IA 37 -16.12 54.35 -35.46
C LEU IA 37 -16.00 55.23 -36.69
N ILE IA 38 -15.27 54.77 -37.70
CA ILE IA 38 -15.09 55.55 -38.92
C ILE IA 38 -16.41 55.70 -39.66
N SER IA 39 -17.19 54.61 -39.76
CA SER IA 39 -18.46 54.67 -40.48
C SER IA 39 -19.43 55.62 -39.80
N CYS IA 40 -19.54 55.53 -38.47
CA CYS IA 40 -20.42 56.42 -37.73
C CYS IA 40 -19.93 57.87 -37.80
N PHE IA 41 -18.62 58.09 -37.91
CA PHE IA 41 -18.11 59.44 -38.04
C PHE IA 41 -18.53 60.07 -39.36
N ARG IA 42 -18.28 59.38 -40.48
CA ARG IA 42 -18.64 59.94 -41.78
C ARG IA 42 -20.13 60.21 -41.90
N LYS IA 43 -20.96 59.45 -41.18
CA LYS IA 43 -22.40 59.67 -41.28
C LYS IA 43 -22.88 60.77 -40.35
N HIS IA 44 -22.23 60.96 -39.20
CA HIS IA 44 -22.78 61.79 -38.14
C HIS IA 44 -21.87 62.94 -37.70
N ALA IA 45 -20.65 63.06 -38.23
CA ALA IA 45 -19.77 64.15 -37.83
C ALA IA 45 -20.30 65.51 -38.23
N CYS IA 46 -21.14 65.58 -39.26
CA CYS IA 46 -21.65 66.87 -39.75
C CYS IA 46 -22.69 67.49 -38.83
N SER IA 47 -23.39 66.69 -38.03
CA SER IA 47 -24.51 67.19 -37.24
C SER IA 47 -24.48 66.82 -35.76
N CYS IA 48 -23.67 65.85 -35.35
CA CYS IA 48 -23.64 65.41 -33.96
C CYS IA 48 -22.29 65.72 -33.33
N HIS IA 49 -22.30 65.96 -32.02
CA HIS IA 49 -21.08 66.21 -31.28
C HIS IA 49 -20.40 64.88 -30.96
N LEU IA 50 -19.22 64.97 -30.35
CA LEU IA 50 -18.35 63.80 -30.20
C LEU IA 50 -19.02 62.69 -29.38
N PHE IA 51 -19.64 63.06 -28.26
CA PHE IA 51 -20.26 62.04 -27.40
C PHE IA 51 -21.37 61.30 -28.14
N ASP IA 52 -22.22 62.04 -28.87
CA ASP IA 52 -23.31 61.39 -29.60
C ASP IA 52 -22.77 60.41 -30.62
N ILE IA 53 -21.66 60.75 -31.28
CA ILE IA 53 -21.02 59.81 -32.21
C ILE IA 53 -20.59 58.56 -31.46
N PHE IA 54 -19.92 58.74 -30.31
CA PHE IA 54 -19.50 57.59 -29.51
C PHE IA 54 -20.69 56.76 -29.06
N LEU IA 55 -21.77 57.44 -28.64
CA LEU IA 55 -22.96 56.72 -28.18
C LEU IA 55 -23.61 55.93 -29.31
N LYS IA 56 -23.57 56.44 -30.54
CA LYS IA 56 -24.11 55.69 -31.66
C LYS IA 56 -23.22 54.52 -32.02
N VAL IA 57 -21.90 54.65 -31.86
CA VAL IA 57 -21.00 53.51 -32.00
C VAL IA 57 -21.32 52.46 -30.95
N GLN IA 58 -21.51 52.89 -29.70
CA GLN IA 58 -21.85 51.96 -28.63
C GLN IA 58 -23.18 51.27 -28.89
N GLN IA 59 -24.16 52.00 -29.42
CA GLN IA 59 -25.45 51.41 -29.74
C GLN IA 59 -25.33 50.35 -30.84
N SER IA 60 -24.42 50.55 -31.79
CA SER IA 60 -24.23 49.56 -32.86
C SER IA 60 -23.75 48.23 -32.31
N PHE IA 61 -23.20 48.21 -31.09
CA PHE IA 61 -22.77 47.00 -30.43
C PHE IA 61 -23.77 46.50 -29.39
N GLU IA 62 -24.98 47.08 -29.36
CA GLU IA 62 -25.94 46.75 -28.31
C GLU IA 62 -26.35 45.29 -28.37
N LYS IA 63 -26.66 44.78 -29.55
CA LYS IA 63 -27.02 43.38 -29.69
C LYS IA 63 -25.78 42.50 -29.45
N ALA IA 64 -25.94 41.52 -28.57
CA ALA IA 64 -24.85 40.62 -28.24
C ALA IA 64 -24.63 39.59 -29.34
N SER IA 65 -23.37 39.32 -29.63
CA SER IA 65 -22.96 38.30 -30.58
C SER IA 65 -22.08 37.28 -29.88
N ILE IA 66 -21.63 36.27 -30.64
CA ILE IA 66 -20.74 35.28 -30.06
C ILE IA 66 -19.37 35.88 -29.76
N HIS IA 67 -18.96 36.88 -30.52
CA HIS IA 67 -17.74 37.64 -30.26
C HIS IA 67 -18.15 39.08 -29.94
N SER IA 68 -18.75 39.27 -28.77
CA SER IA 68 -19.33 40.55 -28.41
C SER IA 68 -18.28 41.52 -27.86
N GLN IA 69 -18.46 42.79 -28.17
CA GLN IA 69 -17.70 43.86 -27.58
C GLN IA 69 -18.64 45.00 -27.21
N MET IA 70 -18.29 45.74 -26.16
CA MET IA 70 -19.03 46.92 -25.76
C MET IA 70 -18.02 48.05 -25.56
N PRO IA 71 -17.86 48.93 -26.54
CA PRO IA 71 -16.93 50.04 -26.37
C PRO IA 71 -17.35 50.90 -25.19
N THR IA 72 -16.35 51.42 -24.48
CA THR IA 72 -16.57 52.13 -23.23
C THR IA 72 -15.98 53.53 -23.31
N ILE IA 73 -16.73 54.50 -22.80
CA ILE IA 73 -16.24 55.86 -22.63
C ILE IA 73 -15.68 55.98 -21.22
N ASP IA 74 -14.46 56.50 -21.10
CA ASP IA 74 -13.73 56.44 -19.84
C ASP IA 74 -12.99 57.75 -19.61
N ARG IA 75 -12.91 58.13 -18.32
CA ARG IA 75 -12.16 59.30 -17.87
C ARG IA 75 -12.49 60.53 -18.68
N ALA IA 76 -13.80 60.79 -18.83
CA ALA IA 76 -14.29 61.91 -19.63
C ALA IA 76 -14.32 63.16 -18.76
N THR IA 77 -13.47 64.13 -19.09
CA THR IA 77 -13.44 65.42 -18.41
C THR IA 77 -13.82 66.54 -19.37
N LEU IA 78 -14.56 66.23 -20.42
CA LEU IA 78 -15.07 67.26 -21.31
C LEU IA 78 -16.08 68.12 -20.59
N THR IA 79 -15.96 69.44 -20.77
CA THR IA 79 -16.89 70.37 -20.15
C THR IA 79 -17.93 70.91 -21.12
N ARG IA 80 -17.75 70.69 -22.43
CA ARG IA 80 -18.69 71.20 -23.43
C ARG IA 80 -18.88 70.16 -24.52
N TYR IA 81 -19.85 70.42 -25.39
CA TYR IA 81 -20.04 69.58 -26.56
C TYR IA 81 -18.90 69.81 -27.54
N PHE IA 82 -18.42 68.74 -28.16
CA PHE IA 82 -17.33 68.82 -29.12
C PHE IA 82 -17.91 68.61 -30.52
N TYR IA 83 -18.25 69.71 -31.19
CA TYR IA 83 -18.60 69.67 -32.59
C TYR IA 83 -17.34 69.87 -33.42
N LEU IA 84 -17.15 69.00 -34.42
CA LEU IA 84 -15.94 69.05 -35.25
C LEU IA 84 -16.08 69.95 -36.46
N PHE IA 85 -17.32 70.13 -36.96
CA PHE IA 85 -17.60 70.91 -38.16
C PHE IA 85 -16.68 70.48 -39.29
N PRO IA 86 -16.89 69.30 -39.88
CA PRO IA 86 -15.98 68.83 -40.93
C PRO IA 86 -16.10 69.69 -42.19
N GLY IA 87 -14.95 70.02 -42.77
CA GLY IA 87 -14.92 70.84 -43.96
C GLY IA 87 -14.90 72.33 -43.71
N ASN IA 88 -14.91 72.76 -42.44
CA ASN IA 88 -14.94 74.18 -42.12
C ASN IA 88 -13.72 74.59 -41.31
N ALA JA 1 -36.32 30.76 -23.27
CA ALA JA 1 -35.24 29.88 -23.69
C ALA JA 1 -33.88 30.43 -23.27
N VAL JA 2 -32.97 30.57 -24.22
CA VAL JA 2 -31.62 31.04 -23.97
C VAL JA 2 -31.25 32.10 -25.00
N LYS JA 3 -30.72 33.23 -24.55
CA LYS JA 3 -30.37 34.35 -25.41
C LYS JA 3 -28.99 34.87 -25.01
N LEU JA 4 -28.32 35.54 -25.95
CA LEU JA 4 -26.99 36.08 -25.72
C LEU JA 4 -27.07 37.48 -25.13
N SER JA 5 -26.14 37.78 -24.22
CA SER JA 5 -26.07 39.09 -23.57
C SER JA 5 -24.63 39.44 -23.26
N HIS JA 6 -24.38 40.74 -23.15
CA HIS JA 6 -23.08 41.23 -22.72
C HIS JA 6 -22.83 40.92 -21.26
N VAL JA 7 -21.55 40.91 -20.89
CA VAL JA 7 -21.20 40.74 -19.48
C VAL JA 7 -21.36 42.06 -18.73
N GLU JA 8 -20.79 43.15 -19.28
CA GLU JA 8 -20.88 44.47 -18.67
C GLU JA 8 -21.48 45.43 -19.69
N LYS JA 9 -22.58 46.07 -19.32
CA LYS JA 9 -23.27 47.03 -20.18
C LYS JA 9 -24.24 47.81 -19.31
N ASP JA 10 -24.58 49.01 -19.78
CA ASP JA 10 -25.57 49.89 -19.14
C ASP JA 10 -25.08 50.45 -17.81
N PHE JA 11 -23.77 50.68 -17.70
CA PHE JA 11 -23.17 51.31 -16.54
C PHE JA 11 -22.79 52.74 -16.87
N ILE JA 12 -22.79 53.59 -15.84
CA ILE JA 12 -22.23 54.93 -15.96
C ILE JA 12 -21.84 55.39 -14.55
N ALA JA 13 -20.65 55.97 -14.46
CA ALA JA 13 -20.12 56.45 -13.18
C ALA JA 13 -19.85 57.95 -13.28
N PHE JA 14 -20.17 58.66 -12.20
CA PHE JA 14 -19.90 60.08 -12.08
C PHE JA 14 -19.06 60.28 -10.82
N TYR JA 15 -17.75 60.44 -11.01
CA TYR JA 15 -16.83 60.66 -9.90
C TYR JA 15 -16.76 62.14 -9.58
N SER JA 16 -16.49 62.45 -8.31
CA SER JA 16 -16.48 63.83 -7.86
C SER JA 16 -15.27 64.61 -8.36
N THR JA 17 -14.21 63.92 -8.79
CA THR JA 17 -13.00 64.61 -9.24
C THR JA 17 -12.20 63.66 -10.14
N THR JA 18 -11.05 64.14 -10.59
CA THR JA 18 -10.15 63.37 -11.44
C THR JA 18 -9.30 62.42 -10.60
N PRO JA 19 -8.76 61.37 -11.22
CA PRO JA 19 -7.86 60.47 -10.49
C PRO JA 19 -6.63 61.20 -9.96
N HIS JA 20 -6.10 60.67 -8.86
CA HIS JA 20 -4.93 61.18 -8.13
C HIS JA 20 -5.21 62.45 -7.36
N HIS JA 21 -6.42 63.01 -7.44
CA HIS JA 21 -6.70 64.33 -6.88
C HIS JA 21 -7.73 64.25 -5.78
N LEU JA 22 -7.79 65.32 -4.99
CA LEU JA 22 -8.68 65.40 -3.84
C LEU JA 22 -10.07 65.85 -4.25
N SER JA 23 -11.04 65.49 -3.41
CA SER JA 23 -12.42 65.98 -3.52
C SER JA 23 -12.77 66.70 -2.23
N TYR JA 24 -13.34 67.89 -2.37
CA TYR JA 24 -13.57 68.78 -1.23
C TYR JA 24 -15.03 68.75 -0.81
N ARG JA 25 -15.25 69.14 0.45
CA ARG JA 25 -16.56 69.02 1.09
C ARG JA 25 -16.72 70.13 2.10
N ASP JA 26 -17.88 70.78 2.09
CA ASP JA 26 -18.14 71.91 2.98
C ASP JA 26 -18.68 71.41 4.31
N LYS JA 27 -18.12 71.92 5.40
CA LYS JA 27 -18.52 71.49 6.73
C LYS JA 27 -19.93 71.92 7.10
N THR JA 28 -20.47 72.93 6.43
CA THR JA 28 -21.79 73.47 6.76
C THR JA 28 -22.89 73.05 5.81
N GLY JA 29 -22.56 72.51 4.64
CA GLY JA 29 -23.58 72.16 3.67
C GLY JA 29 -23.34 70.87 2.91
N GLY JA 30 -22.23 70.21 3.18
CA GLY JA 30 -21.89 68.97 2.50
C GLY JA 30 -20.95 69.17 1.33
N SER JA 31 -20.85 68.12 0.53
CA SER JA 31 -19.92 68.10 -0.60
C SER JA 31 -20.42 68.95 -1.76
N TYR JA 32 -19.48 69.67 -2.39
CA TYR JA 32 -19.81 70.53 -3.52
C TYR JA 32 -20.37 69.72 -4.68
N PHE JA 33 -19.78 68.55 -4.97
CA PHE JA 33 -20.20 67.76 -6.11
C PHE JA 33 -21.64 67.28 -5.96
N ILE JA 34 -21.99 66.77 -4.77
CA ILE JA 34 -23.35 66.29 -4.55
C ILE JA 34 -24.34 67.44 -4.62
N THR JA 35 -23.99 68.60 -4.05
CA THR JA 35 -24.90 69.73 -4.04
C THR JA 35 -25.19 70.22 -5.46
N ARG JA 36 -24.15 70.46 -6.25
CA ARG JA 36 -24.35 70.92 -7.62
C ARG JA 36 -25.02 69.85 -8.47
N LEU JA 37 -24.81 68.57 -8.15
CA LEU JA 37 -25.50 67.50 -8.85
C LEU JA 37 -27.01 67.57 -8.62
N ILE JA 38 -27.42 67.82 -7.38
CA ILE JA 38 -28.85 67.89 -7.07
C ILE JA 38 -29.49 69.08 -7.76
N SER JA 39 -28.83 70.24 -7.74
CA SER JA 39 -29.41 71.44 -8.36
C SER JA 39 -29.56 71.26 -9.86
N CYS JA 40 -28.53 70.72 -10.53
CA CYS JA 40 -28.62 70.49 -11.96
C CYS JA 40 -29.68 69.43 -12.29
N PHE JA 41 -29.88 68.46 -11.39
CA PHE JA 41 -30.94 67.48 -11.58
C PHE JA 41 -32.31 68.14 -11.47
N ARG JA 42 -32.53 68.89 -10.39
CA ARG JA 42 -33.83 69.52 -10.18
C ARG JA 42 -34.18 70.48 -11.32
N LYS JA 43 -33.18 71.12 -11.92
CA LYS JA 43 -33.41 72.10 -12.96
C LYS JA 43 -33.54 71.50 -14.36
N HIS JA 44 -32.85 70.39 -14.63
CA HIS JA 44 -32.73 69.89 -15.99
C HIS JA 44 -33.21 68.46 -16.20
N ALA JA 45 -33.63 67.75 -15.15
CA ALA JA 45 -34.11 66.39 -15.34
C ALA JA 45 -35.39 66.34 -16.16
N CYS JA 46 -36.16 67.44 -16.20
CA CYS JA 46 -37.41 67.47 -16.94
C CYS JA 46 -37.18 67.55 -18.45
N SER JA 47 -36.03 68.07 -18.89
CA SER JA 47 -35.80 68.31 -20.31
C SER JA 47 -34.48 67.73 -20.84
N CYS JA 48 -33.53 67.37 -19.98
CA CYS JA 48 -32.25 66.85 -20.42
C CYS JA 48 -32.07 65.41 -19.94
N HIS JA 49 -31.34 64.64 -20.73
CA HIS JA 49 -31.04 63.25 -20.37
C HIS JA 49 -29.86 63.22 -19.39
N LEU JA 50 -29.52 62.00 -18.95
CA LEU JA 50 -28.57 61.84 -17.84
C LEU JA 50 -27.21 62.42 -18.20
N PHE JA 51 -26.72 62.16 -19.41
CA PHE JA 51 -25.40 62.67 -19.80
C PHE JA 51 -25.39 64.19 -19.78
N ASP JA 52 -26.43 64.82 -20.32
CA ASP JA 52 -26.48 66.27 -20.38
C ASP JA 52 -26.45 66.87 -18.98
N ILE JA 53 -27.15 66.24 -18.03
CA ILE JA 53 -27.10 66.70 -16.65
C ILE JA 53 -25.67 66.62 -16.10
N PHE JA 54 -25.00 65.48 -16.33
CA PHE JA 54 -23.63 65.33 -15.88
C PHE JA 54 -22.71 66.35 -16.54
N LEU JA 55 -22.91 66.59 -17.84
CA LEU JA 55 -22.08 67.55 -18.56
C LEU JA 55 -22.31 68.97 -18.07
N LYS JA 56 -23.55 69.29 -17.67
CA LYS JA 56 -23.82 70.61 -17.12
C LYS JA 56 -23.22 70.77 -15.72
N VAL JA 57 -23.16 69.68 -14.95
CA VAL JA 57 -22.45 69.72 -13.68
C VAL JA 57 -20.97 70.01 -13.92
N GLN JA 58 -20.38 69.36 -14.93
CA GLN JA 58 -18.99 69.61 -15.28
C GLN JA 58 -18.79 71.07 -15.72
N GLN JA 59 -19.78 71.66 -16.38
CA GLN JA 59 -19.66 73.07 -16.76
C GLN JA 59 -19.56 73.96 -15.53
N SER JA 60 -20.29 73.61 -14.46
CA SER JA 60 -20.23 74.39 -13.22
C SER JA 60 -18.85 74.33 -12.58
N PHE JA 61 -18.06 73.30 -12.88
CA PHE JA 61 -16.71 73.17 -12.37
C PHE JA 61 -15.65 73.54 -13.40
N GLU JA 62 -16.05 74.12 -14.53
CA GLU JA 62 -15.10 74.40 -15.60
C GLU JA 62 -14.05 75.41 -15.15
N LYS JA 63 -14.50 76.54 -14.59
CA LYS JA 63 -13.57 77.54 -14.10
C LYS JA 63 -12.83 77.02 -12.89
N ALA JA 64 -11.52 77.21 -12.86
CA ALA JA 64 -10.71 76.74 -11.75
C ALA JA 64 -10.86 77.66 -10.55
N SER JA 65 -10.94 77.06 -9.37
CA SER JA 65 -10.99 77.80 -8.11
C SER JA 65 -9.81 77.37 -7.24
N ILE JA 66 -9.61 78.10 -6.14
CA ILE JA 66 -8.47 77.84 -5.26
C ILE JA 66 -8.50 76.41 -4.75
N HIS JA 67 -9.68 75.83 -4.61
CA HIS JA 67 -9.85 74.42 -4.29
C HIS JA 67 -10.71 73.78 -5.37
N SER JA 68 -10.15 73.66 -6.57
CA SER JA 68 -10.89 73.21 -7.74
C SER JA 68 -10.91 71.68 -7.82
N GLN JA 69 -12.03 71.16 -8.31
CA GLN JA 69 -12.18 69.76 -8.65
C GLN JA 69 -12.92 69.66 -9.97
N MET JA 70 -12.69 68.57 -10.70
CA MET JA 70 -13.34 68.34 -11.99
C MET JA 70 -14.00 66.97 -11.99
N PRO JA 71 -15.32 66.91 -11.79
CA PRO JA 71 -16.01 65.62 -11.83
C PRO JA 71 -15.85 64.94 -13.18
N THR JA 72 -15.75 63.62 -13.16
CA THR JA 72 -15.45 62.83 -14.35
C THR JA 72 -16.53 61.78 -14.58
N ILE JA 73 -16.90 61.60 -15.84
CA ILE JA 73 -17.76 60.49 -16.25
C ILE JA 73 -16.86 59.33 -16.65
N ASP JA 74 -17.13 58.15 -16.10
CA ASP JA 74 -16.19 57.04 -16.22
C ASP JA 74 -16.92 55.73 -16.46
N ARG JA 75 -16.28 54.85 -17.23
CA ARG JA 75 -16.75 53.50 -17.49
C ARG JA 75 -18.20 53.48 -17.97
N ALA JA 76 -18.49 54.33 -18.95
CA ALA JA 76 -19.84 54.49 -19.47
C ALA JA 76 -20.09 53.44 -20.54
N THR JA 77 -21.01 52.52 -20.26
CA THR JA 77 -21.44 51.52 -21.24
C THR JA 77 -22.91 51.69 -21.58
N LEU JA 78 -23.45 52.89 -21.40
CA LEU JA 78 -24.82 53.17 -21.81
C LEU JA 78 -24.89 53.17 -23.34
N THR JA 79 -25.94 52.53 -23.87
CA THR JA 79 -26.15 52.47 -25.31
C THR JA 79 -27.22 53.43 -25.80
N ARG JA 80 -28.00 54.04 -24.90
CA ARG JA 80 -29.09 54.93 -25.28
C ARG JA 80 -29.12 56.12 -24.34
N TYR JA 81 -29.96 57.10 -24.68
CA TYR JA 81 -30.18 58.23 -23.79
C TYR JA 81 -31.00 57.80 -22.59
N PHE JA 82 -30.65 58.31 -21.42
CA PHE JA 82 -31.31 57.98 -20.16
C PHE JA 82 -32.14 59.19 -19.73
N TYR JA 83 -33.41 59.21 -20.14
CA TYR JA 83 -34.37 60.17 -19.62
C TYR JA 83 -35.08 59.59 -18.41
N LEU JA 84 -35.16 60.37 -17.34
CA LEU JA 84 -35.78 59.90 -16.10
C LEU JA 84 -37.27 60.19 -16.03
N PHE JA 85 -37.72 61.23 -16.73
CA PHE JA 85 -39.13 61.66 -16.73
C PHE JA 85 -39.67 61.80 -15.31
N PRO JA 86 -39.28 62.85 -14.58
CA PRO JA 86 -39.74 62.99 -13.19
C PRO JA 86 -41.24 63.20 -13.13
N GLY JA 87 -41.86 62.52 -12.17
CA GLY JA 87 -43.31 62.58 -12.01
C GLY JA 87 -44.07 61.55 -12.81
N ASN JA 88 -43.39 60.70 -13.56
CA ASN JA 88 -44.05 59.70 -14.39
C ASN JA 88 -43.63 58.28 -13.98
N ALA KA 1 11.05 -5.09 -2.91
CA ALA KA 1 9.60 -5.25 -2.87
C ALA KA 1 9.22 -6.61 -2.31
N VAL KA 2 8.29 -6.62 -1.37
CA VAL KA 2 7.87 -7.83 -0.66
C VAL KA 2 6.35 -7.81 -0.53
N LYS KA 3 5.72 -8.95 -0.80
CA LYS KA 3 4.27 -9.06 -0.76
C LYS KA 3 3.88 -10.30 0.03
N LEU KA 4 2.70 -10.26 0.63
CA LEU KA 4 2.16 -11.36 1.40
C LEU KA 4 1.32 -12.26 0.49
N SER KA 5 1.41 -13.57 0.70
CA SER KA 5 0.67 -14.49 -0.14
C SER KA 5 0.26 -15.74 0.65
N HIS KA 6 -0.78 -16.39 0.16
CA HIS KA 6 -1.19 -17.68 0.72
C HIS KA 6 -0.15 -18.75 0.39
N VAL KA 7 -0.17 -19.81 1.19
CA VAL KA 7 0.70 -20.96 0.90
C VAL KA 7 0.09 -21.84 -0.18
N GLU KA 8 -1.19 -22.20 -0.03
CA GLU KA 8 -1.89 -23.06 -0.97
C GLU KA 8 -3.14 -22.35 -1.45
N LYS KA 9 -3.26 -22.20 -2.77
CA LYS KA 9 -4.40 -21.52 -3.38
C LYS KA 9 -4.39 -21.84 -4.87
N ASP KA 10 -5.58 -21.76 -5.48
CA ASP KA 10 -5.77 -21.94 -6.92
C ASP KA 10 -5.55 -23.38 -7.36
N PHE KA 11 -5.90 -24.33 -6.51
CA PHE KA 11 -5.84 -25.75 -6.85
C PHE KA 11 -7.24 -26.30 -7.11
N ILE KA 12 -7.29 -27.36 -7.92
CA ILE KA 12 -8.51 -28.15 -8.08
C ILE KA 12 -8.10 -29.53 -8.55
N ALA KA 13 -8.69 -30.55 -7.93
CA ALA KA 13 -8.42 -31.94 -8.27
C ALA KA 13 -9.70 -32.62 -8.70
N PHE KA 14 -9.60 -33.46 -9.73
CA PHE KA 14 -10.73 -34.24 -10.24
C PHE KA 14 -10.30 -35.70 -10.22
N TYR KA 15 -10.76 -36.44 -9.21
CA TYR KA 15 -10.45 -37.85 -9.10
C TYR KA 15 -11.47 -38.66 -9.89
N SER KA 16 -11.04 -39.83 -10.37
CA SER KA 16 -11.89 -40.65 -11.23
C SER KA 16 -13.03 -41.30 -10.45
N THR KA 17 -12.92 -41.38 -9.13
CA THR KA 17 -13.96 -42.01 -8.32
C THR KA 17 -13.85 -41.50 -6.89
N THR KA 18 -14.73 -42.00 -6.03
CA THR KA 18 -14.75 -41.63 -4.63
C THR KA 18 -13.69 -42.41 -3.85
N PRO KA 19 -13.30 -41.93 -2.67
CA PRO KA 19 -12.34 -42.69 -1.86
C PRO KA 19 -12.88 -44.07 -1.51
N HIS KA 20 -11.96 -45.01 -1.31
CA HIS KA 20 -12.18 -46.40 -0.97
C HIS KA 20 -12.73 -47.23 -2.13
N HIS KA 21 -12.96 -46.63 -3.29
CA HIS KA 21 -13.63 -47.30 -4.39
C HIS KA 21 -12.71 -47.42 -5.61
N LEU KA 22 -13.09 -48.33 -6.50
CA LEU KA 22 -12.30 -48.65 -7.69
C LEU KA 22 -12.58 -47.68 -8.82
N SER KA 23 -11.63 -47.59 -9.74
CA SER KA 23 -11.79 -46.90 -11.01
C SER KA 23 -11.56 -47.90 -12.13
N TYR KA 24 -12.46 -47.93 -13.09
CA TYR KA 24 -12.47 -48.97 -14.12
C TYR KA 24 -11.92 -48.43 -15.43
N ARG KA 25 -11.42 -49.35 -16.26
CA ARG KA 25 -10.73 -48.97 -17.49
C ARG KA 25 -10.90 -50.08 -18.52
N ASP KA 26 -11.28 -49.69 -19.73
CA ASP KA 26 -11.52 -50.63 -20.82
C ASP KA 26 -10.25 -50.85 -21.63
N LYS KA 27 -9.96 -52.12 -21.94
CA LYS KA 27 -8.75 -52.44 -22.68
C LYS KA 27 -8.80 -51.96 -24.13
N THR KA 28 -9.98 -51.68 -24.67
CA THR KA 28 -10.12 -51.32 -26.08
C THR KA 28 -10.32 -49.83 -26.30
N GLY KA 29 -10.63 -49.06 -25.26
CA GLY KA 29 -10.91 -47.65 -25.46
C GLY KA 29 -10.34 -46.74 -24.39
N GLY KA 30 -9.69 -47.32 -23.38
CA GLY KA 30 -9.10 -46.54 -22.31
C GLY KA 30 -10.01 -46.40 -21.11
N SER KA 31 -9.64 -45.47 -20.24
CA SER KA 31 -10.37 -45.24 -19.00
C SER KA 31 -11.67 -44.50 -19.27
N TYR KA 32 -12.74 -44.94 -18.59
CA TYR KA 32 -14.05 -44.32 -18.76
C TYR KA 32 -14.01 -42.86 -18.31
N PHE KA 33 -13.35 -42.59 -17.18
CA PHE KA 33 -13.28 -41.23 -16.66
C PHE KA 33 -12.54 -40.30 -17.62
N ILE KA 34 -11.41 -40.76 -18.16
CA ILE KA 34 -10.62 -39.92 -19.05
C ILE KA 34 -11.40 -39.62 -20.33
N THR KA 35 -12.12 -40.60 -20.86
CA THR KA 35 -12.86 -40.40 -22.10
C THR KA 35 -13.98 -39.38 -21.92
N ARG KA 36 -14.80 -39.55 -20.88
CA ARG KA 36 -15.91 -38.64 -20.65
C ARG KA 36 -15.42 -37.22 -20.34
N LEU KA 37 -14.25 -37.10 -19.72
CA LEU KA 37 -13.68 -35.78 -19.49
C LEU KA 37 -13.34 -35.10 -20.82
N ILE KA 38 -12.73 -35.85 -21.73
CA ILE KA 38 -12.37 -35.29 -23.04
C ILE KA 38 -13.61 -34.94 -23.84
N SER KA 39 -14.62 -35.81 -23.82
CA SER KA 39 -15.85 -35.57 -24.58
C SER KA 39 -16.57 -34.34 -24.08
N CYS KA 40 -16.71 -34.21 -22.75
CA CYS KA 40 -17.37 -33.03 -22.19
C CYS KA 40 -16.56 -31.76 -22.44
N PHE KA 41 -15.23 -31.88 -22.51
CA PHE KA 41 -14.40 -30.71 -22.80
C PHE KA 41 -14.65 -30.21 -24.22
N ARG KA 42 -14.55 -31.09 -25.22
CA ARG KA 42 -14.74 -30.66 -26.60
C ARG KA 42 -16.12 -30.07 -26.84
N LYS KA 43 -17.12 -30.51 -26.07
CA LYS KA 43 -18.47 -29.98 -26.28
C LYS KA 43 -18.69 -28.66 -25.54
N HIS KA 44 -18.05 -28.48 -24.38
CA HIS KA 44 -18.40 -27.38 -23.49
C HIS KA 44 -17.25 -26.45 -23.12
N ALA KA 45 -16.02 -26.73 -23.55
CA ALA KA 45 -14.92 -25.83 -23.21
C ALA KA 45 -15.09 -24.45 -23.85
N CYS KA 46 -15.85 -24.36 -24.95
CA CYS KA 46 -16.03 -23.09 -25.62
C CYS KA 46 -16.98 -22.17 -24.86
N SER KA 47 -17.87 -22.71 -24.03
CA SER KA 47 -18.91 -21.92 -23.38
C SER KA 47 -19.00 -22.09 -21.87
N CYS KA 48 -18.44 -23.13 -21.30
CA CYS KA 48 -18.52 -23.37 -19.86
C CYS KA 48 -17.15 -23.29 -19.22
N HIS KA 49 -17.12 -22.85 -17.97
CA HIS KA 49 -15.86 -22.78 -17.23
C HIS KA 49 -15.52 -24.16 -16.68
N LEU KA 50 -14.35 -24.25 -16.03
CA LEU KA 50 -13.80 -25.56 -15.67
C LEU KA 50 -14.71 -26.32 -14.72
N PHE KA 51 -15.27 -25.64 -13.71
CA PHE KA 51 -16.13 -26.32 -12.76
C PHE KA 51 -17.36 -26.91 -13.45
N ASP KA 52 -17.99 -26.12 -14.33
CA ASP KA 52 -19.20 -26.59 -15.01
C ASP KA 52 -18.91 -27.83 -15.84
N ILE KA 53 -17.73 -27.89 -16.47
CA ILE KA 53 -17.33 -29.08 -17.20
C ILE KA 53 -17.25 -30.28 -16.27
N PHE KA 54 -16.60 -30.10 -15.12
CA PHE KA 54 -16.48 -31.19 -14.15
C PHE KA 54 -17.85 -31.64 -13.67
N LEU KA 55 -18.75 -30.69 -13.40
CA LEU KA 55 -20.09 -31.06 -12.93
C LEU KA 55 -20.88 -31.81 -13.98
N LYS KA 56 -20.68 -31.46 -15.26
CA LYS KA 56 -21.36 -32.20 -16.32
C LYS KA 56 -20.78 -33.60 -16.49
N VAL KA 57 -19.48 -33.76 -16.24
CA VAL KA 57 -18.88 -35.09 -16.22
C VAL KA 57 -19.48 -35.92 -15.08
N GLN KA 58 -19.64 -35.32 -13.90
CA GLN KA 58 -20.22 -36.03 -12.77
C GLN KA 58 -21.66 -36.44 -13.04
N GLN KA 59 -22.43 -35.59 -13.70
CA GLN KA 59 -23.82 -35.94 -14.02
C GLN KA 59 -23.89 -37.13 -14.97
N SER KA 60 -22.91 -37.24 -15.88
CA SER KA 60 -22.89 -38.38 -16.79
C SER KA 60 -22.72 -39.69 -16.04
N PHE KA 61 -22.23 -39.65 -14.80
CA PHE KA 61 -22.11 -40.81 -13.94
C PHE KA 61 -23.20 -40.89 -12.88
N GLU KA 62 -24.25 -40.06 -13.00
CA GLU KA 62 -25.25 -39.98 -11.95
C GLU KA 62 -25.99 -41.31 -11.78
N LYS KA 63 -26.58 -41.82 -12.85
CA LYS KA 63 -27.27 -43.11 -12.76
C LYS KA 63 -26.26 -44.23 -12.55
N ALA KA 64 -26.62 -45.17 -11.68
CA ALA KA 64 -25.71 -46.21 -11.24
C ALA KA 64 -25.71 -47.40 -12.19
N SER KA 65 -24.51 -47.95 -12.42
CA SER KA 65 -24.31 -49.17 -13.19
C SER KA 65 -23.65 -50.21 -12.31
N ILE KA 66 -23.56 -51.44 -12.82
CA ILE KA 66 -22.98 -52.52 -12.04
C ILE KA 66 -21.50 -52.30 -11.78
N HIS KA 67 -20.85 -51.39 -12.53
CA HIS KA 67 -19.47 -50.98 -12.29
C HIS KA 67 -19.48 -49.46 -12.18
N SER KA 68 -20.03 -48.95 -11.08
CA SER KA 68 -20.26 -47.53 -10.93
C SER KA 68 -19.01 -46.79 -10.48
N GLN KA 69 -18.87 -45.57 -10.97
CA GLN KA 69 -17.85 -44.64 -10.49
C GLN KA 69 -18.50 -43.28 -10.33
N MET KA 70 -17.99 -42.51 -9.37
CA MET KA 70 -18.44 -41.15 -9.16
C MET KA 70 -17.21 -40.26 -9.06
N PRO KA 71 -16.83 -39.58 -10.14
CA PRO KA 71 -15.68 -38.68 -10.06
C PRO KA 71 -15.92 -37.59 -9.02
N THR KA 72 -14.85 -37.23 -8.31
CA THR KA 72 -14.95 -36.33 -7.18
C THR KA 72 -14.05 -35.12 -7.37
N ILE KA 73 -14.56 -33.95 -7.03
CA ILE KA 73 -13.77 -32.73 -6.99
C ILE KA 73 -13.24 -32.56 -5.57
N ASP KA 74 -11.94 -32.33 -5.44
CA ASP KA 74 -11.29 -32.39 -4.15
C ASP KA 74 -10.26 -31.26 -4.02
N ARG KA 75 -10.12 -30.77 -2.79
CA ARG KA 75 -9.10 -29.77 -2.43
C ARG KA 75 -9.13 -28.58 -3.40
N ALA KA 76 -10.32 -28.05 -3.62
CA ALA KA 76 -10.53 -26.96 -4.56
C ALA KA 76 -10.27 -25.63 -3.85
N THR KA 77 -9.22 -24.93 -4.29
CA THR KA 77 -8.90 -23.61 -3.78
C THR KA 77 -8.99 -22.55 -4.87
N LEU KA 78 -9.80 -22.81 -5.90
CA LEU KA 78 -10.06 -21.81 -6.92
C LEU KA 78 -10.87 -20.66 -6.32
N THR KA 79 -10.46 -19.44 -6.63
CA THR KA 79 -11.18 -18.25 -6.16
C THR KA 79 -12.04 -17.61 -7.24
N ARG KA 80 -11.89 -18.02 -8.50
CA ARG KA 80 -12.63 -17.45 -9.61
C ARG KA 80 -13.03 -18.56 -10.57
N TYR KA 81 -13.89 -18.22 -11.53
CA TYR KA 81 -14.24 -19.16 -12.58
C TYR KA 81 -13.07 -19.33 -13.53
N PHE KA 82 -12.86 -20.56 -13.99
CA PHE KA 82 -11.76 -20.86 -14.90
C PHE KA 82 -12.37 -21.12 -16.29
N TYR KA 83 -12.46 -20.05 -17.08
CA TYR KA 83 -12.80 -20.17 -18.48
C TYR KA 83 -11.52 -20.32 -19.28
N LEU KA 84 -11.49 -21.29 -20.19
CA LEU KA 84 -10.30 -21.55 -20.97
C LEU KA 84 -10.23 -20.74 -22.25
N PHE KA 85 -11.38 -20.36 -22.81
CA PHE KA 85 -11.46 -19.61 -24.07
C PHE KA 85 -10.60 -20.27 -25.14
N PRO KA 86 -11.02 -21.41 -25.68
CA PRO KA 86 -10.20 -22.09 -26.68
C PRO KA 86 -10.08 -21.29 -27.96
N GLY KA 87 -8.86 -21.27 -28.52
CA GLY KA 87 -8.58 -20.53 -29.72
C GLY KA 87 -8.13 -19.09 -29.52
N ASN KA 88 -8.01 -18.63 -28.29
CA ASN KA 88 -7.58 -17.26 -28.01
C ASN KA 88 -6.30 -17.25 -27.18
N ALA LA 1 -39.08 -54.32 -5.36
CA ALA LA 1 -38.24 -53.71 -6.38
C ALA LA 1 -36.82 -53.54 -5.88
N VAL LA 2 -35.85 -53.66 -6.79
CA VAL LA 2 -34.43 -53.50 -6.46
C VAL LA 2 -33.77 -52.69 -7.57
N LYS LA 3 -32.99 -51.68 -7.18
CA LYS LA 3 -32.31 -50.79 -8.11
C LYS LA 3 -30.86 -50.58 -7.68
N LEU LA 4 -30.03 -50.16 -8.63
CA LEU LA 4 -28.62 -49.90 -8.38
C LEU LA 4 -28.41 -48.47 -7.91
N SER LA 5 -27.47 -48.30 -6.98
CA SER LA 5 -27.17 -46.98 -6.45
C SER LA 5 -25.68 -46.90 -6.11
N HIS LA 6 -25.17 -45.67 -6.12
CA HIS LA 6 -23.80 -45.43 -5.69
C HIS LA 6 -23.68 -45.62 -4.18
N VAL LA 7 -22.45 -45.87 -3.72
CA VAL LA 7 -22.20 -45.94 -2.29
C VAL LA 7 -22.07 -44.53 -1.72
N GLU LA 8 -21.23 -43.69 -2.33
CA GLU LA 8 -21.02 -42.32 -1.91
C GLU LA 8 -21.33 -41.39 -3.08
N LYS LA 9 -22.24 -40.45 -2.86
CA LYS LA 9 -22.66 -39.50 -3.89
C LYS LA 9 -23.42 -38.38 -3.22
N ASP LA 10 -23.42 -37.21 -3.87
CA ASP LA 10 -24.18 -36.04 -3.44
C ASP LA 10 -23.62 -35.42 -2.16
N PHE LA 11 -22.31 -35.49 -1.99
CA PHE LA 11 -21.62 -34.88 -0.86
C PHE LA 11 -20.89 -33.61 -1.31
N ILE LA 12 -20.72 -32.68 -0.38
CA ILE LA 12 -19.85 -31.54 -0.59
C ILE LA 12 -19.39 -31.02 0.77
N ALA LA 13 -18.09 -30.74 0.91
CA ALA LA 13 -17.52 -30.25 2.15
C ALA LA 13 -16.84 -28.92 1.91
N PHE LA 14 -17.00 -28.01 2.87
CA PHE LA 14 -16.37 -26.70 2.84
C PHE LA 14 -15.56 -26.52 4.12
N TYR LA 15 -14.24 -26.68 4.03
CA TYR LA 15 -13.36 -26.50 5.17
C TYR LA 15 -12.97 -25.04 5.32
N SER LA 16 -12.68 -24.64 6.55
CA SER LA 16 -12.39 -23.23 6.85
C SER LA 16 -11.04 -22.79 6.31
N THR LA 17 -10.13 -23.71 6.01
CA THR LA 17 -8.80 -23.36 5.52
C THR LA 17 -8.21 -24.55 4.78
N THR LA 18 -6.98 -24.39 4.32
CA THR LA 18 -6.28 -25.44 3.60
C THR LA 18 -5.67 -26.44 4.57
N PRO LA 19 -5.38 -27.66 4.12
CA PRO LA 19 -4.73 -28.64 5.00
C PRO LA 19 -3.39 -28.15 5.50
N HIS LA 20 -3.00 -28.64 6.68
CA HIS LA 20 -1.77 -28.35 7.39
C HIS LA 20 -1.73 -26.93 7.97
N HIS LA 21 -2.76 -26.12 7.77
CA HIS LA 21 -2.73 -24.72 8.13
C HIS LA 21 -3.78 -24.40 9.19
N LEU LA 22 -3.62 -23.24 9.82
CA LEU LA 22 -4.47 -22.82 10.92
C LEU LA 22 -5.75 -22.19 10.40
N SER LA 23 -6.76 -22.18 11.27
CA SER LA 23 -8.00 -21.44 11.05
C SER LA 23 -8.17 -20.46 12.19
N TYR LA 24 -8.46 -19.21 11.86
CA TYR LA 24 -8.46 -18.14 12.86
C TYR LA 24 -9.88 -17.79 13.28
N ARG LA 25 -9.99 -17.23 14.48
CA ARG LA 25 -11.28 -16.94 15.10
C ARG LA 25 -11.13 -15.74 16.01
N ASP LA 26 -12.03 -14.76 15.87
CA ASP LA 26 -11.98 -13.56 16.67
C ASP LA 26 -12.82 -13.74 17.93
N LYS LA 27 -12.25 -13.35 19.08
CA LYS LA 27 -12.96 -13.50 20.35
C LYS LA 27 -14.16 -12.58 20.47
N THR LA 28 -14.22 -11.51 19.67
CA THR LA 28 -15.27 -10.51 19.79
C THR LA 28 -16.39 -10.67 18.77
N GLY LA 29 -16.19 -11.45 17.71
CA GLY LA 29 -17.20 -11.57 16.69
C GLY LA 29 -17.36 -12.97 16.14
N GLY LA 30 -16.56 -13.90 16.64
CA GLY LA 30 -16.60 -15.29 16.19
C GLY LA 30 -15.57 -15.56 15.11
N SER LA 31 -15.73 -16.72 14.50
CA SER LA 31 -14.79 -17.17 13.47
C SER LA 31 -15.02 -16.42 12.16
N TYR LA 32 -13.93 -16.03 11.49
CA TYR LA 32 -14.05 -15.31 10.22
C TYR LA 32 -14.74 -16.15 9.15
N PHE LA 33 -14.43 -17.45 9.09
CA PHE LA 33 -15.02 -18.29 8.06
C PHE LA 33 -16.54 -18.37 8.18
N ILE LA 34 -17.03 -18.60 9.40
CA ILE LA 34 -18.48 -18.69 9.60
C ILE LA 34 -19.15 -17.35 9.30
N THR LA 35 -18.51 -16.24 9.70
CA THR LA 35 -19.10 -14.93 9.47
C THR LA 35 -19.25 -14.64 7.99
N ARG LA 36 -18.17 -14.81 7.22
CA ARG LA 36 -18.22 -14.54 5.79
C ARG LA 36 -19.12 -15.55 5.07
N LEU LA 37 -19.21 -16.78 5.59
CA LEU LA 37 -20.12 -17.76 5.00
C LEU LA 37 -21.57 -17.33 5.15
N ILE LA 38 -21.95 -16.84 6.33
CA ILE LA 38 -23.32 -16.42 6.57
C ILE LA 38 -23.66 -15.20 5.72
N SER LA 39 -22.74 -14.24 5.63
CA SER LA 39 -23.01 -13.02 4.86
C SER LA 39 -23.20 -13.34 3.38
N CYS LA 40 -22.33 -14.18 2.83
CA CYS LA 40 -22.49 -14.57 1.42
C CYS LA 40 -23.75 -15.39 1.20
N PHE LA 41 -24.16 -16.18 2.20
CA PHE LA 41 -25.42 -16.91 2.09
C PHE LA 41 -26.61 -15.97 2.08
N ARG LA 42 -26.68 -15.07 3.07
CA ARG LA 42 -27.81 -14.15 3.16
C ARG LA 42 -27.91 -13.26 1.92
N LYS LA 43 -26.78 -12.96 1.29
CA LYS LA 43 -26.74 -12.07 0.14
C LYS LA 43 -27.02 -12.78 -1.18
N HIS LA 44 -26.65 -14.05 -1.32
CA HIS LA 44 -26.67 -14.73 -2.61
C HIS LA 44 -27.49 -16.00 -2.66
N ALA LA 45 -28.07 -16.45 -1.54
CA ALA LA 45 -28.84 -17.70 -1.58
C ALA LA 45 -30.08 -17.59 -2.46
N CYS LA 46 -30.59 -16.37 -2.68
CA CYS LA 46 -31.79 -16.20 -3.49
C CYS LA 46 -31.53 -16.39 -4.98
N SER LA 47 -30.30 -16.20 -5.43
CA SER LA 47 -30.01 -16.21 -6.87
C SER LA 47 -28.88 -17.13 -7.29
N CYS LA 48 -28.02 -17.58 -6.39
CA CYS LA 48 -26.87 -18.43 -6.74
C CYS LA 48 -27.02 -19.79 -6.08
N HIS LA 49 -26.46 -20.80 -6.75
CA HIS LA 49 -26.47 -22.15 -6.20
C HIS LA 49 -25.35 -22.30 -5.17
N LEU LA 50 -25.27 -23.48 -4.56
CA LEU LA 50 -24.40 -23.67 -3.40
C LEU LA 50 -22.93 -23.44 -3.76
N PHE LA 51 -22.49 -23.95 -4.91
CA PHE LA 51 -21.09 -23.77 -5.29
C PHE LA 51 -20.76 -22.29 -5.46
N ASP LA 52 -21.64 -21.54 -6.12
CA ASP LA 52 -21.38 -20.12 -6.35
C ASP LA 52 -21.24 -19.38 -5.02
N ILE LA 53 -22.04 -19.74 -4.03
CA ILE LA 53 -21.90 -19.15 -2.70
C ILE LA 53 -20.53 -19.49 -2.12
N PHE LA 54 -20.15 -20.76 -2.20
CA PHE LA 54 -18.85 -21.18 -1.70
C PHE LA 54 -17.71 -20.48 -2.44
N LEU LA 55 -17.83 -20.35 -3.76
CA LEU LA 55 -16.78 -19.70 -4.54
C LEU LA 55 -16.67 -18.22 -4.19
N LYS LA 56 -17.78 -17.57 -3.88
CA LYS LA 56 -17.72 -16.17 -3.47
C LYS LA 56 -17.11 -16.03 -2.07
N VAL LA 57 -17.35 -17.01 -1.19
CA VAL LA 57 -16.67 -17.03 0.10
C VAL LA 57 -15.18 -17.16 -0.09
N GLN LA 58 -14.75 -18.06 -0.98
CA GLN LA 58 -13.32 -18.23 -1.25
C GLN LA 58 -12.72 -16.96 -1.83
N GLN LA 59 -13.48 -16.26 -2.70
CA GLN LA 59 -12.97 -15.01 -3.26
C GLN LA 59 -12.80 -13.94 -2.17
N SER LA 60 -13.68 -13.94 -1.18
CA SER LA 60 -13.55 -12.97 -0.07
C SER LA 60 -12.28 -13.19 0.73
N PHE LA 61 -11.70 -14.40 0.67
CA PHE LA 61 -10.44 -14.72 1.32
C PHE LA 61 -9.27 -14.73 0.34
N GLU LA 62 -9.47 -14.23 -0.88
CA GLU LA 62 -8.45 -14.35 -1.92
C GLU LA 62 -7.17 -13.61 -1.54
N LYS LA 63 -7.29 -12.35 -1.14
CA LYS LA 63 -6.11 -11.58 -0.77
C LYS LA 63 -5.60 -12.01 0.60
N ALA LA 64 -4.28 -12.16 0.71
CA ALA LA 64 -3.66 -12.63 1.94
C ALA LA 64 -3.59 -11.53 2.98
N SER LA 65 -3.86 -11.89 4.22
CA SER LA 65 -3.74 -11.00 5.37
C SER LA 65 -2.74 -11.57 6.35
N ILE LA 66 -2.50 -10.84 7.44
CA ILE LA 66 -1.52 -11.26 8.44
C ILE LA 66 -1.91 -12.61 9.04
N HIS LA 67 -3.20 -12.89 9.14
CA HIS LA 67 -3.70 -14.19 9.54
C HIS LA 67 -4.65 -14.70 8.47
N SER LA 68 -4.08 -15.04 7.30
CA SER LA 68 -4.88 -15.43 6.15
C SER LA 68 -5.21 -16.91 6.19
N GLN LA 69 -6.40 -17.25 5.71
CA GLN LA 69 -6.81 -18.63 5.50
C GLN LA 69 -7.54 -18.71 4.17
N MET LA 70 -7.52 -19.89 3.56
CA MET LA 70 -8.20 -20.13 2.28
C MET LA 70 -9.11 -21.34 2.41
N PRO LA 71 -10.42 -21.12 2.58
CA PRO LA 71 -11.36 -22.24 2.64
C PRO LA 71 -11.33 -23.07 1.36
N THR LA 72 -11.50 -24.39 1.52
CA THR LA 72 -11.38 -25.34 0.42
C THR LA 72 -12.65 -26.16 0.30
N ILE LA 73 -13.07 -26.42 -0.92
CA ILE LA 73 -14.15 -27.35 -1.21
C ILE LA 73 -13.53 -28.73 -1.43
N ASP LA 74 -14.06 -29.75 -0.76
CA ASP LA 74 -13.42 -31.04 -0.70
C ASP LA 74 -14.45 -32.16 -0.82
N ARG LA 75 -14.03 -33.25 -1.45
CA ARG LA 75 -14.84 -34.47 -1.59
C ARG LA 75 -16.24 -34.15 -2.11
N ALA LA 76 -16.29 -33.37 -3.19
CA ALA LA 76 -17.55 -32.92 -3.77
C ALA LA 76 -18.05 -33.98 -4.74
N THR LA 77 -19.18 -34.62 -4.41
CA THR LA 77 -19.82 -35.58 -5.30
C THR LA 77 -21.21 -35.11 -5.73
N LEU LA 78 -21.46 -33.81 -5.71
CA LEU LA 78 -22.71 -33.28 -6.24
C LEU LA 78 -22.75 -33.47 -7.75
N THR LA 79 -23.89 -33.94 -8.25
CA THR LA 79 -24.09 -34.14 -9.68
C THR LA 79 -24.93 -33.05 -10.34
N ARG LA 80 -25.57 -32.18 -9.57
CA ARG LA 80 -26.43 -31.14 -10.11
C ARG LA 80 -26.21 -29.86 -9.31
N TYR LA 81 -26.79 -28.77 -9.82
CA TYR LA 81 -26.76 -27.51 -9.09
C TYR LA 81 -27.69 -27.59 -7.88
N PHE LA 82 -27.25 -27.04 -6.77
CA PHE LA 82 -28.01 -27.04 -5.52
C PHE LA 82 -28.51 -25.62 -5.27
N TYR LA 83 -29.73 -25.34 -5.75
CA TYR LA 83 -30.42 -24.11 -5.40
C TYR LA 83 -31.28 -24.37 -4.17
N LEU LA 84 -31.20 -23.49 -3.18
CA LEU LA 84 -31.96 -23.68 -1.95
C LEU LA 84 -33.34 -23.05 -1.99
N PHE LA 85 -33.52 -21.99 -2.79
CA PHE LA 85 -34.77 -21.25 -2.88
C PHE LA 85 -35.25 -20.90 -1.48
N PRO LA 86 -34.62 -19.93 -0.81
CA PRO LA 86 -35.00 -19.63 0.58
C PRO LA 86 -36.42 -19.09 0.69
N GLY LA 87 -37.14 -19.59 1.69
CA GLY LA 87 -38.51 -19.21 1.92
C GLY LA 87 -39.55 -20.02 1.18
N ASN LA 88 -39.12 -20.98 0.35
CA ASN LA 88 -40.05 -21.81 -0.41
C ASN LA 88 -39.90 -23.28 -0.07
N ALA MA 1 8.09 -39.87 53.64
CA ALA MA 1 7.51 -41.15 53.28
C ALA MA 1 7.33 -41.26 51.76
N VAL MA 2 8.41 -40.99 51.03
CA VAL MA 2 8.39 -40.97 49.58
C VAL MA 2 9.67 -41.60 49.06
N LYS MA 3 9.54 -42.50 48.06
CA LYS MA 3 10.66 -43.22 47.49
C LYS MA 3 10.58 -43.14 45.96
N LEU MA 4 11.74 -43.20 45.33
CA LEU MA 4 11.86 -43.15 43.87
C LEU MA 4 11.87 -44.55 43.27
N SER MA 5 11.22 -44.70 42.12
CA SER MA 5 11.15 -46.00 41.45
C SER MA 5 11.11 -45.78 39.95
N HIS MA 6 11.50 -46.82 39.21
CA HIS MA 6 11.36 -46.82 37.77
C HIS MA 6 9.88 -46.90 37.38
N VAL MA 7 9.59 -46.48 36.15
CA VAL MA 7 8.24 -46.61 35.61
C VAL MA 7 7.99 -48.04 35.15
N GLU MA 8 8.92 -48.59 34.36
CA GLU MA 8 8.81 -49.95 33.82
C GLU MA 8 10.03 -50.75 34.25
N LYS MA 9 9.80 -51.87 34.92
CA LYS MA 9 10.87 -52.72 35.40
C LYS MA 9 10.26 -54.07 35.79
N ASP MA 10 11.10 -55.11 35.76
CA ASP MA 10 10.74 -56.46 36.18
C ASP MA 10 9.76 -57.13 35.21
N PHE MA 11 9.87 -56.82 33.92
CA PHE MA 11 9.05 -57.44 32.89
C PHE MA 11 9.88 -58.45 32.10
N ILE MA 12 9.19 -59.46 31.57
CA ILE MA 12 9.81 -60.38 30.61
C ILE MA 12 8.70 -60.99 29.76
N ALA MA 13 8.92 -61.04 28.44
CA ALA MA 13 7.95 -61.58 27.50
C ALA MA 13 8.57 -62.74 26.74
N PHE MA 14 7.78 -63.79 26.52
CA PHE MA 14 8.20 -64.94 25.74
C PHE MA 14 7.18 -65.14 24.62
N TYR MA 15 7.52 -64.70 23.42
CA TYR MA 15 6.66 -64.85 22.27
C TYR MA 15 6.87 -66.22 21.63
N SER MA 16 5.81 -66.74 21.00
CA SER MA 16 5.87 -68.07 20.42
C SER MA 16 6.74 -68.12 19.16
N THR MA 17 7.01 -66.98 18.54
CA THR MA 17 7.80 -66.96 17.32
C THR MA 17 8.40 -65.55 17.15
N THR MA 18 9.14 -65.38 16.07
CA THR MA 18 9.75 -64.11 15.74
C THR MA 18 8.75 -63.18 15.05
N PRO MA 19 9.00 -61.87 15.06
CA PRO MA 19 8.10 -60.96 14.34
C PRO MA 19 8.03 -61.29 12.85
N HIS MA 20 6.88 -60.94 12.26
CA HIS MA 20 6.54 -61.16 10.84
C HIS MA 20 6.28 -62.61 10.51
N HIS MA 21 6.42 -63.54 11.46
CA HIS MA 21 6.37 -64.96 11.16
C HIS MA 21 5.19 -65.62 11.89
N LEU MA 22 4.86 -66.82 11.43
CA LEU MA 22 3.70 -67.55 11.94
C LEU MA 22 4.05 -68.34 13.20
N SER MA 23 3.00 -68.65 13.96
CA SER MA 23 3.09 -69.57 15.09
C SER MA 23 2.13 -70.72 14.83
N TYR MA 24 2.61 -71.94 14.99
CA TYR MA 24 1.85 -73.12 14.60
C TYR MA 24 1.28 -73.81 15.84
N ARG MA 25 0.20 -74.56 15.61
CA ARG MA 25 -0.55 -75.18 16.69
C ARG MA 25 -1.20 -76.45 16.17
N ASP MA 26 -1.06 -77.54 16.91
CA ASP MA 26 -1.62 -78.82 16.51
C ASP MA 26 -3.04 -78.95 17.06
N LYS MA 27 -3.96 -79.36 16.20
CA LYS MA 27 -5.36 -79.49 16.61
C LYS MA 27 -5.57 -80.64 17.58
N THR MA 28 -4.63 -81.59 17.62
CA THR MA 28 -4.78 -82.80 18.44
C THR MA 28 -3.98 -82.75 19.74
N GLY MA 29 -3.05 -81.80 19.87
CA GLY MA 29 -2.21 -81.75 21.05
C GLY MA 29 -1.95 -80.36 21.58
N GLY MA 30 -2.49 -79.35 20.91
CA GLY MA 30 -2.32 -77.97 21.34
C GLY MA 30 -1.18 -77.28 20.62
N SER MA 31 -0.81 -76.13 21.17
CA SER MA 31 0.24 -75.31 20.58
C SER MA 31 1.61 -75.92 20.85
N TYR MA 32 2.46 -75.91 19.82
CA TYR MA 32 3.81 -76.43 19.97
C TYR MA 32 4.61 -75.64 21.00
N PHE MA 33 4.49 -74.31 20.96
CA PHE MA 33 5.24 -73.48 21.91
C PHE MA 33 4.78 -73.73 23.34
N ILE MA 34 3.46 -73.78 23.56
CA ILE MA 34 2.94 -73.99 24.89
C ILE MA 34 3.32 -75.36 25.42
N THR MA 35 3.27 -76.38 24.57
CA THR MA 35 3.60 -77.74 25.00
C THR MA 35 5.07 -77.85 25.42
N ARG MA 36 5.98 -77.40 24.56
CA ARG MA 36 7.40 -77.47 24.87
C ARG MA 36 7.77 -76.59 26.06
N LEU MA 37 7.06 -75.48 26.25
CA LEU MA 37 7.31 -74.62 27.41
C LEU MA 37 6.94 -75.34 28.70
N ILE MA 38 5.78 -76.01 28.74
CA ILE MA 38 5.34 -76.71 29.93
C ILE MA 38 6.27 -77.89 30.25
N SER MA 39 6.67 -78.63 29.22
CA SER MA 39 7.54 -79.80 29.44
C SER MA 39 8.89 -79.37 30.00
N CYS MA 40 9.48 -78.32 29.44
CA CYS MA 40 10.75 -77.82 29.95
C CYS MA 40 10.60 -77.23 31.35
N PHE MA 41 9.43 -76.67 31.67
CA PHE MA 41 9.21 -76.14 33.01
C PHE MA 41 9.19 -77.23 34.07
N ARG MA 42 8.37 -78.28 33.86
CA ARG MA 42 8.29 -79.34 34.86
C ARG MA 42 9.63 -80.02 35.09
N LYS MA 43 10.49 -80.06 34.07
CA LYS MA 43 11.78 -80.74 34.23
C LYS MA 43 12.84 -79.84 34.86
N HIS MA 44 12.77 -78.52 34.63
CA HIS MA 44 13.87 -77.64 34.99
C HIS MA 44 13.49 -76.54 35.97
N ALA MA 45 12.22 -76.39 36.34
CA ALA MA 45 11.86 -75.35 37.31
C ALA MA 45 12.45 -75.62 38.69
N CYS MA 46 12.74 -76.88 39.00
CA CYS MA 46 13.28 -77.23 40.31
C CYS MA 46 14.74 -76.82 40.47
N SER MA 47 15.48 -76.70 39.36
CA SER MA 47 16.92 -76.45 39.43
C SER MA 47 17.39 -75.26 38.59
N CYS MA 48 16.59 -74.78 37.63
CA CYS MA 48 16.98 -73.67 36.77
C CYS MA 48 16.06 -72.48 37.02
N HIS MA 49 16.61 -71.27 36.84
CA HIS MA 49 15.82 -70.06 36.98
C HIS MA 49 15.01 -69.81 35.71
N LEU MA 50 14.18 -68.75 35.75
CA LEU MA 50 13.20 -68.55 34.70
C LEU MA 50 13.85 -68.34 33.33
N PHE MA 51 14.91 -67.53 33.27
CA PHE MA 51 15.55 -67.27 31.99
C PHE MA 51 16.12 -68.56 31.40
N ASP MA 52 16.80 -69.36 32.23
CA ASP MA 52 17.39 -70.60 31.74
C ASP MA 52 16.34 -71.54 31.16
N ILE MA 53 15.16 -71.57 31.78
CA ILE MA 53 14.06 -72.36 31.23
C ILE MA 53 13.70 -71.84 29.84
N PHE MA 54 13.57 -70.53 29.69
CA PHE MA 54 13.24 -69.94 28.40
C PHE MA 54 14.32 -70.24 27.36
N LEU MA 55 15.59 -70.15 27.75
CA LEU MA 55 16.67 -70.41 26.81
C LEU MA 55 16.70 -71.86 26.37
N LYS MA 56 16.34 -72.80 27.25
CA LYS MA 56 16.26 -74.20 26.86
C LYS MA 56 15.06 -74.47 25.98
N VAL MA 57 13.96 -73.74 26.19
CA VAL MA 57 12.82 -73.83 25.27
C VAL MA 57 13.22 -73.37 23.87
N GLN MA 58 13.98 -72.28 23.78
CA GLN MA 58 14.44 -71.80 22.48
C GLN MA 58 15.34 -72.83 21.80
N GLN MA 59 16.18 -73.50 22.57
CA GLN MA 59 17.06 -74.53 22.01
C GLN MA 59 16.27 -75.71 21.45
N SER MA 60 15.14 -76.06 22.09
CA SER MA 60 14.33 -77.16 21.59
C SER MA 60 13.76 -76.88 20.20
N PHE MA 61 13.70 -75.60 19.80
CA PHE MA 61 13.26 -75.20 18.47
C PHE MA 61 14.43 -74.80 17.57
N GLU MA 62 15.67 -75.10 17.99
CA GLU MA 62 16.84 -74.62 17.25
C GLU MA 62 16.90 -75.21 15.84
N LYS MA 63 16.82 -76.54 15.73
CA LYS MA 63 16.90 -77.17 14.42
C LYS MA 63 15.61 -76.93 13.64
N ALA MA 64 15.75 -76.50 12.40
CA ALA MA 64 14.61 -76.09 11.59
C ALA MA 64 13.86 -77.29 11.04
N SER MA 65 12.53 -77.18 11.02
CA SER MA 65 11.64 -78.18 10.44
C SER MA 65 10.83 -77.51 9.33
N ILE MA 66 9.81 -78.22 8.84
CA ILE MA 66 9.01 -77.68 7.74
C ILE MA 66 8.07 -76.59 8.24
N HIS MA 67 7.68 -76.64 9.51
CA HIS MA 67 6.91 -75.59 10.16
C HIS MA 67 7.72 -75.08 11.35
N SER MA 68 8.77 -74.33 11.05
CA SER MA 68 9.72 -73.91 12.08
C SER MA 68 9.22 -72.70 12.83
N GLN MA 69 9.53 -72.65 14.11
CA GLN MA 69 9.28 -71.49 14.95
C GLN MA 69 10.52 -71.22 15.80
N MET MA 70 10.72 -69.95 16.14
CA MET MA 70 11.79 -69.56 17.04
C MET MA 70 11.20 -68.65 18.11
N PRO MA 71 10.90 -69.18 19.30
CA PRO MA 71 10.38 -68.33 20.37
C PRO MA 71 11.38 -67.24 20.72
N THR MA 72 10.86 -66.07 21.06
CA THR MA 72 11.68 -64.89 21.29
C THR MA 72 11.46 -64.34 22.69
N ILE MA 73 12.54 -63.97 23.35
CA ILE MA 73 12.49 -63.25 24.61
C ILE MA 73 12.58 -61.75 24.30
N ASP MA 74 11.65 -60.98 24.85
CA ASP MA 74 11.50 -59.59 24.43
C ASP MA 74 11.22 -58.70 25.63
N ARG MA 75 11.72 -57.46 25.55
CA ARG MA 75 11.46 -56.42 26.53
C ARG MA 75 11.75 -56.90 27.95
N ALA MA 76 12.94 -57.47 28.13
CA ALA MA 76 13.34 -58.05 29.41
C ALA MA 76 13.89 -56.95 30.30
N THR MA 77 13.18 -56.66 31.39
CA THR MA 77 13.64 -55.70 32.39
C THR MA 77 13.91 -56.38 33.73
N LEU MA 78 14.19 -57.67 33.70
CA LEU MA 78 14.57 -58.39 34.92
C LEU MA 78 15.93 -57.89 35.41
N THR MA 79 16.02 -57.68 36.72
CA THR MA 79 17.29 -57.27 37.33
C THR MA 79 17.96 -58.41 38.08
N ARG MA 80 17.25 -59.52 38.33
CA ARG MA 80 17.80 -60.63 39.09
C ARG MA 80 17.29 -61.94 38.48
N TYR MA 81 17.86 -63.05 38.95
CA TYR MA 81 17.39 -64.37 38.54
C TYR MA 81 16.05 -64.67 39.20
N PHE MA 82 15.15 -65.28 38.45
CA PHE MA 82 13.81 -65.63 38.94
C PHE MA 82 13.75 -67.15 39.13
N TYR MA 83 14.03 -67.60 40.35
CA TYR MA 83 13.79 -68.99 40.73
C TYR MA 83 12.40 -69.12 41.31
N LEU MA 84 11.65 -70.12 40.85
CA LEU MA 84 10.28 -70.30 41.31
C LEU MA 84 10.17 -71.19 42.54
N PHE MA 85 11.11 -72.13 42.71
CA PHE MA 85 11.12 -73.08 43.82
C PHE MA 85 9.75 -73.75 43.94
N PRO MA 86 9.40 -74.66 43.02
CA PRO MA 86 8.07 -75.28 43.07
C PRO MA 86 7.90 -76.14 44.30
N GLY MA 87 6.73 -76.01 44.93
CA GLY MA 87 6.41 -76.75 46.13
C GLY MA 87 6.86 -76.12 47.44
N ASN MA 88 7.53 -74.97 47.38
CA ASN MA 88 8.02 -74.31 48.59
C ASN MA 88 7.43 -72.91 48.72
N ALA NA 1 24.50 -79.31 -1.21
CA ALA NA 1 23.15 -79.81 -1.03
C ALA NA 1 22.21 -78.70 -0.59
N VAL NA 2 21.18 -79.06 0.19
CA VAL NA 2 20.15 -78.14 0.63
C VAL NA 2 19.78 -78.46 2.07
N LYS NA 3 19.69 -77.43 2.90
CA LYS NA 3 19.40 -77.56 4.32
C LYS NA 3 18.32 -76.58 4.73
N LEU NA 4 17.58 -76.92 5.80
CA LEU NA 4 16.56 -76.04 6.36
C LEU NA 4 17.19 -75.16 7.42
N SER NA 5 16.75 -73.89 7.46
CA SER NA 5 17.26 -72.95 8.45
C SER NA 5 16.16 -71.97 8.81
N HIS NA 6 16.28 -71.40 10.01
CA HIS NA 6 15.38 -70.32 10.40
C HIS NA 6 15.67 -69.06 9.59
N VAL NA 7 14.67 -68.19 9.52
CA VAL NA 7 14.88 -66.89 8.88
C VAL NA 7 15.59 -65.94 9.82
N GLU NA 8 15.10 -65.82 11.05
CA GLU NA 8 15.69 -64.94 12.06
C GLU NA 8 16.03 -65.77 13.28
N LYS NA 9 17.30 -65.71 13.69
CA LYS NA 9 17.79 -66.48 14.83
C LYS NA 9 19.15 -65.90 15.23
N ASP NA 10 19.49 -66.10 16.51
CA ASP NA 10 20.79 -65.72 17.07
C ASP NA 10 20.94 -64.19 17.18
N PHE NA 11 19.84 -63.50 17.44
CA PHE NA 11 19.86 -62.06 17.66
C PHE NA 11 19.70 -61.75 19.14
N ILE NA 12 20.28 -60.62 19.55
CA ILE NA 12 20.04 -60.06 20.87
C ILE NA 12 20.31 -58.56 20.80
N ALA NA 13 19.42 -57.78 21.38
CA ALA NA 13 19.54 -56.33 21.41
C ALA NA 13 19.57 -55.85 22.85
N PHE NA 14 20.42 -54.86 23.12
CA PHE NA 14 20.52 -54.26 24.44
C PHE NA 14 20.27 -52.77 24.27
N TYR NA 15 19.05 -52.33 24.58
CA TYR NA 15 18.71 -50.93 24.51
C TYR NA 15 19.10 -50.24 25.81
N SER NA 16 19.40 -48.95 25.71
CA SER NA 16 19.90 -48.21 26.87
C SER NA 16 18.82 -47.94 27.91
N THR NA 17 17.54 -48.04 27.53
CA THR NA 17 16.45 -47.76 28.46
C THR NA 17 15.20 -48.46 27.98
N THR NA 18 14.10 -48.25 28.71
CA THR NA 18 12.81 -48.82 28.37
C THR NA 18 12.14 -48.01 27.27
N PRO NA 19 11.19 -48.61 26.55
CA PRO NA 19 10.46 -47.85 25.54
C PRO NA 19 9.72 -46.66 26.14
N HIS NA 20 9.53 -45.63 25.33
CA HIS NA 20 8.88 -44.36 25.66
C HIS NA 20 9.72 -43.48 26.57
N HIS NA 21 10.90 -43.93 26.99
CA HIS NA 21 11.68 -43.21 28.00
C HIS NA 21 13.01 -42.74 27.41
N LEU NA 22 13.62 -41.79 28.11
CA LEU NA 22 14.85 -41.15 27.68
C LEU NA 22 16.07 -41.98 28.08
N SER NA 23 17.18 -41.73 27.38
CA SER NA 23 18.48 -42.27 27.72
C SER NA 23 19.41 -41.09 27.98
N TYR NA 24 20.13 -41.14 29.11
CA TYR NA 24 20.92 -39.99 29.56
C TYR NA 24 22.40 -40.22 29.27
N ARG NA 25 23.12 -39.10 29.15
CA ARG NA 25 24.52 -39.13 28.75
C ARG NA 25 25.22 -37.92 29.35
N ASP NA 26 26.37 -38.17 29.99
CA ASP NA 26 27.13 -37.12 30.66
C ASP NA 26 28.14 -36.51 29.70
N LYS NA 27 28.23 -35.18 29.69
CA LYS NA 27 29.16 -34.50 28.79
C LYS NA 27 30.62 -34.75 29.15
N THR NA 28 30.90 -35.15 30.39
CA THR NA 28 32.28 -35.29 30.85
C THR NA 28 32.78 -36.73 30.85
N GLY NA 29 31.89 -37.72 30.74
CA GLY NA 29 32.31 -39.10 30.79
C GLY NA 29 31.58 -40.00 29.82
N GLY NA 30 30.61 -39.43 29.11
CA GLY NA 30 29.82 -40.18 28.15
C GLY NA 30 28.52 -40.67 28.75
N SER NA 31 27.89 -41.58 28.00
CA SER NA 31 26.61 -42.12 28.42
C SER NA 31 26.78 -43.14 29.54
N TYR NA 32 25.86 -43.09 30.51
CA TYR NA 32 25.92 -44.01 31.64
C TYR NA 32 25.78 -45.46 31.18
N PHE NA 33 24.92 -45.72 30.20
CA PHE NA 33 24.69 -47.09 29.74
C PHE NA 33 25.96 -47.69 29.16
N ILE NA 34 26.66 -46.94 28.31
CA ILE NA 34 27.88 -47.45 27.70
C ILE NA 34 28.96 -47.66 28.75
N THR NA 35 29.07 -46.75 29.71
CA THR NA 35 30.11 -46.85 30.73
C THR NA 35 29.93 -48.10 31.58
N ARG NA 36 28.72 -48.29 32.13
CA ARG NA 36 28.47 -49.45 32.97
C ARG NA 36 28.54 -50.75 32.17
N LEU NA 37 28.20 -50.71 30.87
CA LEU NA 37 28.34 -51.90 30.04
C LEU NA 37 29.79 -52.30 29.88
N ILE NA 38 30.68 -51.33 29.63
CA ILE NA 38 32.09 -51.64 29.45
C ILE NA 38 32.70 -52.18 30.73
N SER NA 39 32.38 -51.56 31.87
CA SER NA 39 32.95 -52.01 33.14
C SER NA 39 32.50 -53.43 33.47
N CYS NA 40 31.22 -53.73 33.29
CA CYS NA 40 30.74 -55.08 33.54
C CYS NA 40 31.33 -56.06 32.54
N PHE NA 41 31.61 -55.61 31.31
CA PHE NA 41 32.29 -56.47 30.34
C PHE NA 41 33.72 -56.77 30.78
N ARG NA 42 34.48 -55.73 31.13
CA ARG NA 42 35.87 -55.92 31.53
C ARG NA 42 36.00 -56.81 32.76
N LYS NA 43 35.03 -56.76 33.67
CA LYS NA 43 35.11 -57.52 34.92
C LYS NA 43 34.60 -58.95 34.80
N HIS NA 44 33.62 -59.20 33.93
CA HIS NA 44 32.89 -60.47 33.96
C HIS NA 44 32.97 -61.27 32.67
N ALA NA 45 33.64 -60.76 31.64
CA ALA NA 45 33.76 -61.52 30.40
C ALA NA 45 34.58 -62.79 30.58
N CYS NA 46 35.44 -62.84 31.60
CA CYS NA 46 36.27 -64.01 31.82
C CYS NA 46 35.49 -65.19 32.39
N SER NA 47 34.36 -64.94 33.06
CA SER NA 47 33.62 -66.00 33.73
C SER NA 47 32.14 -66.05 33.40
N CYS NA 48 31.56 -64.99 32.82
CA CYS NA 48 30.14 -64.94 32.52
C CYS NA 48 29.93 -64.84 31.01
N HIS NA 49 28.81 -65.42 30.55
CA HIS NA 49 28.42 -65.34 29.16
C HIS NA 49 27.71 -64.01 28.89
N LEU NA 50 27.31 -63.82 27.63
CA LEU NA 50 26.80 -62.51 27.20
C LEU NA 50 25.58 -62.09 28.00
N PHE NA 51 24.65 -63.02 28.23
CA PHE NA 51 23.43 -62.68 28.98
C PHE NA 51 23.77 -62.22 30.39
N ASP NA 52 24.65 -62.95 31.07
CA ASP NA 52 24.99 -62.61 32.45
C ASP NA 52 25.59 -61.21 32.53
N ILE NA 53 26.39 -60.83 31.54
CA ILE NA 53 26.93 -59.48 31.49
C ILE NA 53 25.79 -58.47 31.39
N PHE NA 54 24.83 -58.72 30.48
CA PHE NA 54 23.70 -57.81 30.33
C PHE NA 54 22.87 -57.73 31.61
N LEU NA 55 22.61 -58.88 32.24
CA LEU NA 55 21.80 -58.88 33.46
C LEU NA 55 22.50 -58.16 34.61
N LYS NA 56 23.82 -58.25 34.69
CA LYS NA 56 24.53 -57.52 35.73
C LYS NA 56 24.56 -56.03 35.45
N VAL NA 57 24.58 -55.63 34.16
CA VAL NA 57 24.41 -54.23 33.82
C VAL NA 57 23.03 -53.74 34.25
N GLN NA 58 22.01 -54.55 34.01
CA GLN NA 58 20.65 -54.18 34.42
C GLN NA 58 20.55 -54.06 35.94
N GLN NA 59 21.27 -54.92 36.67
CA GLN NA 59 21.28 -54.82 38.12
C GLN NA 59 21.92 -53.52 38.59
N SER NA 60 22.95 -53.05 37.86
CA SER NA 60 23.60 -51.81 38.22
C SER NA 60 22.68 -50.61 38.08
N PHE NA 61 21.61 -50.73 37.30
CA PHE NA 61 20.63 -49.66 37.15
C PHE NA 61 19.37 -49.91 37.98
N GLU NA 62 19.38 -50.92 38.86
CA GLU NA 62 18.18 -51.26 39.61
C GLU NA 62 17.77 -50.12 40.53
N LYS NA 63 18.75 -49.47 41.15
CA LYS NA 63 18.45 -48.35 42.04
C LYS NA 63 18.03 -47.14 41.22
N ALA NA 64 16.90 -46.55 41.60
CA ALA NA 64 16.40 -45.38 40.87
C ALA NA 64 17.22 -44.14 41.22
N SER NA 65 17.50 -43.34 40.21
CA SER NA 65 18.18 -42.06 40.37
C SER NA 65 17.29 -40.94 39.83
N ILE NA 66 17.73 -39.70 40.06
CA ILE NA 66 16.96 -38.54 39.61
C ILE NA 66 16.74 -38.59 38.11
N HIS NA 67 17.70 -39.14 37.37
CA HIS NA 67 17.55 -39.38 35.93
C HIS NA 67 17.81 -40.86 35.67
N SER NA 68 16.89 -41.71 36.13
CA SER NA 68 17.08 -43.15 36.07
C SER NA 68 16.66 -43.70 34.71
N GLN NA 69 17.37 -44.73 34.27
CA GLN NA 69 17.01 -45.50 33.09
C GLN NA 69 17.20 -46.98 33.38
N MET NA 70 16.45 -47.81 32.67
CA MET NA 70 16.54 -49.27 32.83
C MET NA 70 16.77 -49.91 31.47
N PRO NA 71 18.01 -50.29 31.15
CA PRO NA 71 18.28 -50.96 29.87
C PRO NA 71 17.50 -52.26 29.75
N THR NA 72 17.08 -52.57 28.53
CA THR NA 72 16.21 -53.70 28.25
C THR NA 72 16.84 -54.63 27.23
N ILE NA 73 16.67 -55.93 27.44
CA ILE NA 73 17.05 -56.94 26.46
C ILE NA 73 15.82 -57.20 25.59
N ASP NA 74 16.00 -57.15 24.27
CA ASP NA 74 14.88 -57.15 23.35
C ASP NA 74 15.17 -58.04 22.15
N ARG NA 75 14.12 -58.68 21.65
CA ARG NA 75 14.16 -59.50 20.44
C ARG NA 75 15.31 -60.51 20.52
N ALA NA 76 15.36 -61.24 21.64
CA ALA NA 76 16.42 -62.20 21.91
C ALA NA 76 16.05 -63.54 21.28
N THR NA 77 16.83 -63.95 20.28
CA THR NA 77 16.66 -65.24 19.63
C THR NA 77 17.88 -66.14 19.84
N LEU NA 78 18.60 -65.92 20.93
CA LEU NA 78 19.74 -66.78 21.28
C LEU NA 78 19.25 -68.18 21.62
N THR NA 79 19.93 -69.19 21.08
CA THR NA 79 19.63 -70.57 21.39
C THR NA 79 20.63 -71.22 22.34
N ARG NA 80 21.78 -70.57 22.56
CA ARG NA 80 22.84 -71.11 23.41
C ARG NA 80 23.47 -69.97 24.19
N TYR NA 81 24.33 -70.34 25.14
CA TYR NA 81 25.09 -69.35 25.88
C TYR NA 81 26.19 -68.77 25.00
N PHE NA 82 26.43 -67.47 25.12
CA PHE NA 82 27.45 -66.77 24.34
C PHE NA 82 28.60 -66.41 25.27
N TYR NA 83 29.59 -67.31 25.34
CA TYR NA 83 30.86 -67.00 25.98
C TYR NA 83 31.82 -66.46 24.94
N LEU NA 84 32.49 -65.36 25.27
CA LEU NA 84 33.38 -64.72 24.29
C LEU NA 84 34.80 -65.26 24.35
N PHE NA 85 35.23 -65.76 25.51
CA PHE NA 85 36.58 -66.27 25.73
C PHE NA 85 37.62 -65.26 25.24
N PRO NA 86 37.80 -64.14 25.95
CA PRO NA 86 38.75 -63.13 25.49
C PRO NA 86 40.18 -63.63 25.57
N GLY NA 87 40.97 -63.30 24.55
CA GLY NA 87 42.35 -63.73 24.49
C GLY NA 87 42.58 -65.06 23.79
N ASN NA 88 41.54 -65.68 23.24
CA ASN NA 88 41.69 -66.98 22.58
C ASN NA 88 41.34 -66.91 21.11
N ALA OA 1 -37.64 -7.99 -16.80
CA ALA OA 1 -38.39 -8.60 -15.71
C ALA OA 1 -39.59 -7.73 -15.35
N VAL OA 2 -40.78 -8.35 -15.30
CA VAL OA 2 -42.03 -7.62 -15.13
C VAL OA 2 -42.87 -8.34 -14.07
N LYS OA 3 -43.44 -7.57 -13.15
CA LYS OA 3 -44.27 -8.09 -12.09
C LYS OA 3 -45.55 -7.26 -12.00
N LEU OA 4 -46.62 -7.88 -11.52
CA LEU OA 4 -47.91 -7.22 -11.39
C LEU OA 4 -48.02 -6.58 -10.02
N SER OA 5 -48.65 -5.40 -9.96
CA SER OA 5 -48.79 -4.68 -8.70
C SER OA 5 -50.11 -3.92 -8.65
N HIS OA 6 -50.56 -3.67 -7.42
CA HIS OA 6 -51.72 -2.83 -7.19
C HIS OA 6 -51.43 -1.37 -7.55
N VAL OA 7 -52.51 -0.62 -7.80
CA VAL OA 7 -52.37 0.81 -8.02
C VAL OA 7 -52.26 1.54 -6.69
N GLU OA 8 -53.18 1.27 -5.76
CA GLU OA 8 -53.22 1.91 -4.44
C GLU OA 8 -53.21 0.84 -3.37
N LYS OA 9 -52.24 0.92 -2.47
CA LYS OA 9 -52.10 -0.04 -1.38
C LYS OA 9 -51.13 0.54 -0.36
N ASP OA 10 -51.24 0.07 0.89
CA ASP OA 10 -50.34 0.42 1.99
C ASP OA 10 -50.53 1.86 2.44
N PHE OA 11 -51.75 2.36 2.37
CA PHE OA 11 -52.09 3.68 2.87
C PHE OA 11 -52.84 3.57 4.19
N ILE OA 12 -52.70 4.61 5.02
CA ILE OA 12 -53.54 4.77 6.20
C ILE OA 12 -53.59 6.25 6.54
N ALA OA 13 -54.78 6.75 6.83
CA ALA OA 13 -54.97 8.16 7.17
C ALA OA 13 -55.58 8.26 8.56
N PHE OA 14 -55.11 9.25 9.32
CA PHE OA 14 -55.64 9.52 10.66
C PHE OA 14 -56.09 10.98 10.67
N TYR OA 15 -57.40 11.18 10.52
CA TYR OA 15 -57.97 12.52 10.55
C TYR OA 15 -58.28 12.91 12.00
N SER OA 16 -58.22 14.22 12.26
CA SER OA 16 -58.40 14.70 13.62
C SER OA 16 -59.83 14.59 14.12
N THR OA 17 -60.80 14.46 13.22
CA THR OA 17 -62.20 14.39 13.62
C THR OA 17 -63.00 13.71 12.50
N THR OA 18 -64.31 13.62 12.73
CA THR OA 18 -65.23 13.02 11.77
C THR OA 18 -65.57 14.00 10.65
N PRO OA 19 -66.04 13.50 9.51
CA PRO OA 19 -66.48 14.41 8.44
C PRO OA 19 -67.61 15.31 8.90
N HIS OA 20 -67.70 16.48 8.27
CA HIS OA 20 -68.68 17.54 8.51
C HIS OA 20 -68.47 18.29 9.82
N HIS OA 21 -67.47 17.90 10.63
CA HIS OA 21 -67.31 18.44 11.97
C HIS OA 21 -65.98 19.18 12.09
N LEU OA 22 -65.90 20.00 13.14
CA LEU OA 22 -64.75 20.85 13.40
C LEU OA 22 -63.67 20.10 14.15
N SER OA 23 -62.44 20.59 14.01
CA SER OA 23 -61.30 20.15 14.81
C SER OA 23 -60.74 21.36 15.55
N TYR OA 24 -60.51 21.22 16.84
CA TYR OA 24 -60.15 22.34 17.70
C TYR OA 24 -58.66 22.34 18.01
N ARG OA 25 -58.15 23.52 18.35
CA ARG OA 25 -56.73 23.73 18.55
C ARG OA 25 -56.51 24.82 19.59
N ASP OA 26 -55.65 24.53 20.57
CA ASP OA 26 -55.38 25.46 21.65
C ASP OA 26 -54.20 26.37 21.31
N LYS OA 27 -54.35 27.66 21.61
CA LYS OA 27 -53.31 28.64 21.30
C LYS OA 27 -52.05 28.46 22.15
N THR OA 28 -52.13 27.77 23.28
CA THR OA 28 -51.00 27.67 24.19
C THR OA 28 -50.26 26.34 24.11
N GLY OA 29 -50.84 25.32 23.48
CA GLY OA 29 -50.21 24.01 23.46
C GLY OA 29 -50.31 23.29 22.14
N GLY OA 30 -50.98 23.90 21.16
CA GLY OA 30 -51.14 23.29 19.86
C GLY OA 30 -52.45 22.56 19.71
N SER OA 31 -52.51 21.75 18.65
CA SER OA 31 -53.73 21.02 18.34
C SER OA 31 -53.92 19.84 19.30
N TYR OA 32 -55.16 19.65 19.73
CA TYR OA 32 -55.47 18.55 20.64
C TYR OA 32 -55.17 17.20 20.01
N PHE OA 33 -55.53 17.03 18.73
CA PHE OA 33 -55.28 15.77 18.05
C PHE OA 33 -53.78 15.51 17.91
N ILE OA 34 -53.01 16.54 17.54
CA ILE OA 34 -51.57 16.38 17.37
C ILE OA 34 -50.92 16.03 18.70
N THR OA 35 -51.39 16.66 19.79
CA THR OA 35 -50.81 16.40 21.10
C THR OA 35 -51.02 14.96 21.54
N ARG OA 36 -52.27 14.48 21.45
CA ARG OA 36 -52.57 13.11 21.89
C ARG OA 36 -51.87 12.08 21.02
N LEU OA 37 -51.66 12.40 19.74
CA LEU OA 37 -50.93 11.48 18.87
C LEU OA 37 -49.49 11.33 19.32
N ILE OA 38 -48.83 12.43 19.65
CA ILE OA 38 -47.44 12.38 20.08
C ILE OA 38 -47.31 11.66 21.41
N SER OA 39 -48.21 11.96 22.36
CA SER OA 39 -48.12 11.34 23.68
C SER OA 39 -48.31 9.82 23.60
N CYS OA 40 -49.32 9.37 22.85
CA CYS OA 40 -49.54 7.94 22.68
C CYS OA 40 -48.39 7.30 21.90
N PHE OA 41 -47.76 8.04 21.00
CA PHE OA 41 -46.61 7.50 20.27
C PHE OA 41 -45.44 7.27 21.20
N ARG OA 42 -45.04 8.29 21.96
CA ARG OA 42 -43.89 8.15 22.85
C ARG OA 42 -44.11 7.08 23.91
N LYS OA 43 -45.34 6.86 24.34
CA LYS OA 43 -45.59 5.90 25.41
C LYS OA 43 -45.76 4.47 24.92
N HIS OA 44 -46.29 4.26 23.72
CA HIS OA 44 -46.68 2.92 23.28
C HIS OA 44 -46.05 2.46 21.97
N ALA OA 45 -45.24 3.30 21.30
CA ALA OA 45 -44.62 2.86 20.05
C ALA OA 45 -43.63 1.72 20.27
N CYS OA 46 -43.11 1.56 21.49
CA CYS OA 46 -42.13 0.52 21.75
C CYS OA 46 -42.74 -0.88 21.78
N SER OA 47 -44.04 -0.99 22.06
CA SER OA 47 -44.68 -2.29 22.22
C SER OA 47 -45.93 -2.50 21.38
N CYS OA 48 -46.55 -1.45 20.86
CA CYS OA 48 -47.77 -1.57 20.08
C CYS OA 48 -47.54 -1.11 18.65
N HIS OA 49 -48.27 -1.71 17.72
CA HIS OA 49 -48.17 -1.34 16.31
C HIS OA 49 -49.01 -0.09 16.04
N LEU OA 50 -48.97 0.37 14.79
CA LEU OA 50 -49.54 1.67 14.45
C LEU OA 50 -51.03 1.75 14.73
N PHE OA 51 -51.78 0.69 14.39
CA PHE OA 51 -53.22 0.71 14.64
C PHE OA 51 -53.54 0.84 16.12
N ASP OA 52 -52.83 0.09 16.96
CA ASP OA 52 -53.08 0.14 18.39
C ASP OA 52 -52.85 1.55 18.93
N ILE OA 53 -51.81 2.23 18.43
CA ILE OA 53 -51.57 3.62 18.80
C ILE OA 53 -52.75 4.49 18.39
N PHE OA 54 -53.21 4.34 17.15
CA PHE OA 54 -54.35 5.12 16.66
C PHE OA 54 -55.60 4.84 17.48
N LEU OA 55 -55.85 3.58 17.80
CA LEU OA 55 -57.04 3.23 18.57
C LEU OA 55 -56.98 3.78 20.00
N LYS OA 56 -55.78 3.84 20.59
CA LYS OA 56 -55.66 4.41 21.91
C LYS OA 56 -55.87 5.92 21.91
N VAL OA 57 -55.46 6.59 20.83
CA VAL OA 57 -55.78 8.01 20.68
C VAL OA 57 -57.28 8.21 20.60
N GLN OA 58 -57.97 7.36 19.83
CA GLN OA 58 -59.42 7.47 19.70
C GLN OA 58 -60.14 7.26 21.02
N GLN OA 59 -59.65 6.32 21.84
CA GLN OA 59 -60.29 6.08 23.13
C GLN OA 59 -60.16 7.28 24.06
N SER OA 60 -59.06 8.02 23.98
CA SER OA 60 -58.91 9.21 24.80
C SER OA 60 -59.96 10.26 24.47
N PHE OA 61 -60.57 10.16 23.28
CA PHE OA 61 -61.65 11.03 22.86
C PHE OA 61 -63.03 10.39 23.01
N GLU OA 62 -63.10 9.23 23.68
CA GLU OA 62 -64.35 8.48 23.73
C GLU OA 62 -65.44 9.26 24.48
N LYS OA 63 -65.13 9.71 25.70
CA LYS OA 63 -66.10 10.49 26.45
C LYS OA 63 -66.29 11.85 25.79
N ALA OA 64 -67.53 12.16 25.44
CA ALA OA 64 -67.83 13.41 24.74
C ALA OA 64 -67.60 14.61 25.65
N SER OA 65 -67.04 15.67 25.08
CA SER OA 65 -66.84 16.94 25.76
C SER OA 65 -67.59 18.04 25.03
N ILE OA 66 -67.51 19.26 25.56
CA ILE OA 66 -68.23 20.38 24.96
C ILE OA 66 -67.62 20.75 23.61
N HIS OA 67 -66.34 20.46 23.40
CA HIS OA 67 -65.67 20.65 22.12
C HIS OA 67 -65.16 19.29 21.68
N SER OA 68 -66.09 18.42 21.28
CA SER OA 68 -65.75 17.03 21.03
C SER OA 68 -65.15 16.82 19.65
N GLN OA 69 -64.21 15.88 19.58
CA GLN OA 69 -63.66 15.40 18.32
C GLN OA 69 -63.55 13.89 18.41
N MET OA 70 -63.67 13.24 17.26
CA MET OA 70 -63.49 11.78 17.17
C MET OA 70 -62.55 11.53 16.01
N PRO OA 71 -61.26 11.30 16.27
CA PRO OA 71 -60.33 11.00 15.17
C PRO OA 71 -60.76 9.76 14.40
N THR OA 72 -60.55 9.80 13.09
CA THR OA 72 -61.05 8.76 12.20
C THR OA 72 -59.90 8.16 11.40
N ILE OA 73 -59.95 6.84 11.23
CA ILE OA 73 -59.06 6.13 10.33
C ILE OA 73 -59.76 6.01 8.98
N ASP OA 74 -59.05 6.39 7.91
CA ASP OA 74 -59.68 6.54 6.61
C ASP OA 74 -58.79 5.97 5.51
N ARG OA 75 -59.43 5.37 4.51
CA ARG OA 75 -58.76 4.85 3.31
C ARG OA 75 -57.56 3.99 3.69
N ALA OA 76 -57.78 3.07 4.62
CA ALA OA 76 -56.71 2.23 5.16
C ALA OA 76 -56.54 1.02 4.25
N THR OA 77 -55.38 0.95 3.58
CA THR OA 77 -55.03 -0.20 2.74
C THR OA 77 -53.80 -0.93 3.26
N LEU OA 78 -53.51 -0.80 4.56
CA LEU OA 78 -52.43 -1.57 5.15
C LEU OA 78 -52.79 -3.05 5.14
N THR OA 79 -51.83 -3.88 4.75
CA THR OA 79 -52.04 -5.32 4.73
C THR OA 79 -51.37 -6.03 5.90
N ARG OA 80 -50.49 -5.36 6.65
CA ARG OA 80 -49.80 -5.98 7.76
C ARG OA 80 -49.71 -4.98 8.91
N TYR OA 81 -49.24 -5.47 10.06
CA TYR OA 81 -48.99 -4.60 11.20
C TYR OA 81 -47.78 -3.73 10.94
N PHE OA 82 -47.86 -2.47 11.35
CA PHE OA 82 -46.78 -1.51 11.19
C PHE OA 82 -46.15 -1.26 12.55
N TYR OA 83 -45.10 -2.01 12.85
CA TYR OA 83 -44.26 -1.74 14.01
C TYR OA 83 -43.14 -0.78 13.61
N LEU OA 84 -42.94 0.25 14.42
CA LEU OA 84 -41.93 1.25 14.11
C LEU OA 84 -40.55 0.92 14.67
N PHE OA 85 -40.50 0.18 15.78
CA PHE OA 85 -39.26 -0.20 16.45
C PHE OA 85 -38.36 1.02 16.69
N PRO OA 86 -38.71 1.90 17.62
CA PRO OA 86 -37.88 3.10 17.85
C PRO OA 86 -36.53 2.71 18.44
N GLY OA 87 -35.48 3.36 17.95
CA GLY OA 87 -34.13 3.09 18.39
C GLY OA 87 -33.40 1.99 17.63
N ASN OA 88 -34.04 1.38 16.64
CA ASN OA 88 -33.40 0.32 15.88
C ASN OA 88 -33.31 0.69 14.40
N ALA PA 1 -82.29 13.31 33.26
CA ALA PA 1 -80.88 13.64 33.15
C ALA PA 1 -80.46 13.81 31.70
N VAL PA 2 -79.42 14.59 31.46
CA VAL PA 2 -78.94 14.90 30.12
C VAL PA 2 -77.42 14.81 30.11
N LYS PA 3 -76.86 14.12 29.10
CA LYS PA 3 -75.43 13.92 28.98
C LYS PA 3 -74.98 14.21 27.55
N LEU PA 4 -73.69 14.48 27.40
CA LEU PA 4 -73.09 14.80 26.11
C LEU PA 4 -72.69 13.54 25.36
N SER PA 5 -72.84 13.58 24.04
CA SER PA 5 -72.49 12.46 23.19
C SER PA 5 -71.93 12.98 21.87
N HIS PA 6 -71.09 12.16 21.24
CA HIS PA 6 -70.59 12.48 19.92
C HIS PA 6 -71.70 12.36 18.87
N VAL PA 7 -71.49 13.04 17.74
CA VAL PA 7 -72.42 12.91 16.63
C VAL PA 7 -72.15 11.61 15.86
N GLU PA 8 -70.90 11.37 15.50
CA GLU PA 8 -70.51 10.17 14.76
C GLU PA 8 -69.45 9.42 15.57
N LYS PA 9 -69.72 8.16 15.87
CA LYS PA 9 -68.81 7.33 16.64
C LYS PA 9 -69.25 5.88 16.49
N ASP PA 10 -68.29 4.97 16.67
CA ASP PA 10 -68.54 3.52 16.67
C ASP PA 10 -68.90 3.00 15.28
N PHE PA 11 -68.37 3.62 14.24
CA PHE PA 11 -68.57 3.17 12.87
C PHE PA 11 -67.32 2.47 12.35
N ILE PA 12 -67.53 1.56 11.41
CA ILE PA 12 -66.43 0.98 10.64
C ILE PA 12 -66.98 0.50 9.32
N ALA PA 13 -66.28 0.81 8.23
CA ALA PA 13 -66.68 0.42 6.89
C ALA PA 13 -65.59 -0.43 6.26
N PHE PA 14 -66.01 -1.46 5.54
CA PHE PA 14 -65.09 -2.34 4.81
C PHE PA 14 -65.54 -2.34 3.36
N TYR PA 15 -64.84 -1.56 2.53
CA TYR PA 15 -65.15 -1.51 1.10
C TYR PA 15 -64.42 -2.62 0.37
N SER PA 16 -65.03 -3.08 -0.73
CA SER PA 16 -64.49 -4.21 -1.47
C SER PA 16 -63.22 -3.89 -2.24
N THR PA 17 -62.94 -2.61 -2.50
CA THR PA 17 -61.76 -2.23 -3.27
C THR PA 17 -61.41 -0.78 -2.96
N THR PA 18 -60.37 -0.29 -3.62
CA THR PA 18 -59.93 1.09 -3.47
C THR PA 18 -60.79 2.03 -4.29
N PRO PA 19 -60.81 3.32 -3.96
CA PRO PA 19 -61.56 4.28 -4.77
C PRO PA 19 -61.06 4.31 -6.21
N HIS PA 20 -61.97 4.64 -7.12
CA HIS PA 20 -61.77 4.75 -8.57
C HIS PA 20 -61.58 3.40 -9.25
N HIS PA 21 -61.58 2.29 -8.51
CA HIS PA 21 -61.21 1.00 -9.08
C HIS PA 21 -62.38 0.02 -9.00
N LEU PA 22 -62.26 -1.05 -9.77
CA LEU PA 22 -63.32 -2.04 -9.90
C LEU PA 22 -63.27 -3.05 -8.76
N SER PA 23 -64.42 -3.67 -8.51
CA SER PA 23 -64.54 -4.81 -7.61
C SER PA 23 -65.11 -5.98 -8.41
N TYR PA 24 -64.48 -7.14 -8.28
CA TYR PA 24 -64.81 -8.27 -9.14
C TYR PA 24 -65.67 -9.29 -8.41
N ARG PA 25 -66.41 -10.06 -9.20
CA ARG PA 25 -67.41 -11.00 -8.70
C ARG PA 25 -67.53 -12.16 -9.68
N ASP PA 26 -67.52 -13.39 -9.15
CA ASP PA 26 -67.58 -14.59 -9.97
C ASP PA 26 -69.03 -14.98 -10.21
N LYS PA 27 -69.36 -15.29 -11.47
CA LYS PA 27 -70.73 -15.64 -11.82
C LYS PA 27 -71.17 -16.98 -11.22
N THR PA 28 -70.23 -17.83 -10.85
CA THR PA 28 -70.55 -19.17 -10.35
C THR PA 28 -70.46 -19.30 -8.85
N GLY PA 29 -69.84 -18.34 -8.15
CA GLY PA 29 -69.64 -18.46 -6.72
C GLY PA 29 -69.85 -17.18 -5.96
N GLY PA 30 -70.13 -16.09 -6.66
CA GLY PA 30 -70.35 -14.81 -6.03
C GLY PA 30 -69.10 -13.94 -6.04
N SER PA 31 -69.17 -12.86 -5.26
CA SER PA 31 -68.09 -11.88 -5.20
C SER PA 31 -66.92 -12.41 -4.39
N TYR PA 32 -65.71 -12.13 -4.88
CA TYR PA 32 -64.50 -12.60 -4.20
C TYR PA 32 -64.36 -11.98 -2.81
N PHE PA 33 -64.66 -10.70 -2.67
CA PHE PA 33 -64.49 -10.03 -1.38
C PHE PA 33 -65.42 -10.62 -0.31
N ILE PA 34 -66.70 -10.83 -0.66
CA ILE PA 34 -67.64 -11.38 0.30
C ILE PA 34 -67.25 -12.80 0.70
N THR PA 35 -66.78 -13.60 -0.27
CA THR PA 35 -66.40 -14.97 0.04
C THR PA 35 -65.24 -15.02 1.02
N ARG PA 36 -64.17 -14.29 0.73
CA ARG PA 36 -63.02 -14.27 1.63
C ARG PA 36 -63.35 -13.64 2.97
N LEU PA 37 -64.30 -12.70 3.01
CA LEU PA 37 -64.73 -12.12 4.28
C LEU PA 37 -65.36 -13.18 5.18
N ILE PA 38 -66.21 -14.03 4.61
CA ILE PA 38 -66.87 -15.07 5.40
C ILE PA 38 -65.85 -16.07 5.92
N SER PA 39 -64.90 -16.47 5.08
CA SER PA 39 -63.90 -17.45 5.50
C SER PA 39 -63.05 -16.92 6.64
N CYS PA 40 -62.59 -15.67 6.53
CA CYS PA 40 -61.82 -15.08 7.62
C CYS PA 40 -62.66 -14.93 8.87
N PHE PA 41 -63.96 -14.66 8.72
CA PHE PA 41 -64.84 -14.61 9.89
C PHE PA 41 -65.01 -15.99 10.51
N ARG PA 42 -65.35 -16.99 9.70
CA ARG PA 42 -65.56 -18.34 10.22
C ARG PA 42 -64.31 -18.87 10.90
N LYS PA 43 -63.13 -18.48 10.42
CA LYS PA 43 -61.87 -19.00 10.92
C LYS PA 43 -61.32 -18.22 12.10
N HIS PA 44 -61.59 -16.91 12.18
CA HIS PA 44 -60.89 -16.05 13.13
C HIS PA 44 -61.80 -15.26 14.08
N ALA PA 45 -63.13 -15.35 13.94
CA ALA PA 45 -64.01 -14.58 14.81
C ALA PA 45 -63.95 -15.02 16.26
N CYS PA 46 -63.57 -16.28 16.53
CA CYS PA 46 -63.54 -16.78 17.90
C CYS PA 46 -62.38 -16.22 18.72
N SER PA 47 -61.30 -15.77 18.06
CA SER PA 47 -60.10 -15.35 18.78
C SER PA 47 -59.58 -13.97 18.41
N CYS PA 48 -60.01 -13.39 17.29
CA CYS PA 48 -59.53 -12.09 16.85
C CYS PA 48 -60.68 -11.09 16.86
N HIS PA 49 -60.36 -9.82 17.10
CA HIS PA 49 -61.37 -8.78 17.09
C HIS PA 49 -61.66 -8.37 15.64
N LEU PA 50 -62.62 -7.45 15.49
CA LEU PA 50 -63.15 -7.15 14.15
C LEU PA 50 -62.08 -6.59 13.23
N PHE PA 51 -61.25 -5.66 13.73
CA PHE PA 51 -60.21 -5.09 12.89
C PHE PA 51 -59.22 -6.15 12.43
N ASP PA 52 -58.82 -7.05 13.34
CA ASP PA 52 -57.87 -8.09 12.99
C ASP PA 52 -58.41 -8.97 11.87
N ILE PA 53 -59.72 -9.27 11.91
CA ILE PA 53 -60.33 -10.04 10.83
C ILE PA 53 -60.23 -9.27 9.51
N PHE PA 54 -60.55 -7.98 9.54
CA PHE PA 54 -60.46 -7.17 8.33
C PHE PA 54 -59.03 -7.12 7.80
N LEU PA 55 -58.05 -7.00 8.70
CA LEU PA 55 -56.66 -6.96 8.28
C LEU PA 55 -56.23 -8.29 7.66
N LYS PA 56 -56.77 -9.40 8.17
CA LYS PA 56 -56.47 -10.70 7.57
C LYS PA 56 -57.14 -10.87 6.22
N VAL PA 57 -58.33 -10.26 6.03
CA VAL PA 57 -58.92 -10.22 4.70
C VAL PA 57 -58.02 -9.44 3.75
N GLN PA 58 -57.49 -8.30 4.22
CA GLN PA 58 -56.57 -7.52 3.43
C GLN PA 58 -55.29 -8.30 3.12
N GLN PA 59 -54.86 -9.15 4.05
CA GLN PA 59 -53.68 -9.98 3.80
C GLN PA 59 -53.90 -10.94 2.63
N SER PA 60 -55.11 -11.51 2.53
CA SER PA 60 -55.41 -12.42 1.44
C SER PA 60 -55.42 -11.75 0.07
N PHE PA 61 -55.58 -10.43 0.02
CA PHE PA 61 -55.57 -9.70 -1.24
C PHE PA 61 -54.25 -8.99 -1.50
N GLU PA 62 -53.22 -9.25 -0.69
CA GLU PA 62 -51.97 -8.50 -0.81
C GLU PA 62 -51.30 -8.77 -2.16
N LYS PA 63 -51.23 -10.03 -2.57
CA LYS PA 63 -50.59 -10.35 -3.84
C LYS PA 63 -51.51 -9.98 -4.99
N ALA PA 64 -50.95 -9.30 -6.00
CA ALA PA 64 -51.74 -8.81 -7.12
C ALA PA 64 -52.01 -9.92 -8.13
N SER PA 65 -53.23 -9.94 -8.65
CA SER PA 65 -53.65 -10.85 -9.71
C SER PA 65 -54.12 -10.04 -10.92
N ILE PA 66 -54.44 -10.76 -12.01
CA ILE PA 66 -54.82 -10.08 -13.24
C ILE PA 66 -56.02 -9.19 -13.03
N HIS PA 67 -56.94 -9.60 -12.16
CA HIS PA 67 -58.07 -8.76 -11.75
C HIS PA 67 -57.99 -8.58 -10.24
N SER PA 68 -56.98 -7.84 -9.79
CA SER PA 68 -56.71 -7.67 -8.38
C SER PA 68 -57.53 -6.53 -7.81
N GLN PA 69 -57.94 -6.69 -6.55
CA GLN PA 69 -58.60 -5.63 -5.78
C GLN PA 69 -58.00 -5.61 -4.39
N MET PA 70 -58.05 -4.44 -3.75
CA MET PA 70 -57.55 -4.27 -2.40
C MET PA 70 -58.64 -3.65 -1.52
N PRO PA 71 -59.32 -4.47 -0.72
CA PRO PA 71 -60.34 -3.92 0.18
C PRO PA 71 -59.74 -2.94 1.17
N THR PA 72 -60.51 -1.89 1.49
CA THR PA 72 -60.05 -0.80 2.32
C THR PA 72 -60.95 -0.63 3.53
N ILE PA 73 -60.36 -0.32 4.68
CA ILE PA 73 -61.10 0.06 5.87
C ILE PA 73 -61.23 1.57 5.87
N ASP PA 74 -62.44 2.07 6.07
CA ASP PA 74 -62.73 3.48 5.86
C ASP PA 74 -63.65 4.02 6.95
N ARG PA 75 -63.44 5.28 7.28
CA ARG PA 75 -64.29 6.03 8.21
C ARG PA 75 -64.51 5.27 9.51
N ALA PA 76 -63.41 4.81 10.10
CA ALA PA 76 -63.45 4.01 11.32
C ALA PA 76 -63.49 4.93 12.53
N THR PA 77 -64.60 4.89 13.27
CA THR PA 77 -64.73 5.66 14.51
C THR PA 77 -64.88 4.74 15.72
N LEU PA 78 -64.39 3.51 15.62
CA LEU PA 78 -64.39 2.61 16.77
C LEU PA 78 -63.41 3.12 17.82
N THR PA 79 -63.85 3.08 19.08
CA THR PA 79 -63.01 3.50 20.19
C THR PA 79 -62.42 2.33 20.98
N ARG PA 80 -62.90 1.12 20.73
CA ARG PA 80 -62.42 -0.06 21.44
C ARG PA 80 -62.30 -1.22 20.47
N TYR PA 81 -61.71 -2.31 20.95
CA TYR PA 81 -61.67 -3.53 20.16
C TYR PA 81 -63.05 -4.16 20.14
N PHE PA 82 -63.45 -4.68 18.99
CA PHE PA 82 -64.77 -5.30 18.84
C PHE PA 82 -64.56 -6.81 18.76
N TYR PA 83 -64.62 -7.47 19.91
CA TYR PA 83 -64.68 -8.92 19.98
C TYR PA 83 -66.14 -9.34 20.01
N LEU PA 84 -66.50 -10.30 19.18
CA LEU PA 84 -67.89 -10.73 19.10
C LEU PA 84 -68.23 -11.84 20.08
N PHE PA 85 -67.24 -12.64 20.47
CA PHE PA 85 -67.44 -13.80 21.34
C PHE PA 85 -68.56 -14.66 20.80
N PRO PA 86 -68.36 -15.39 19.70
CA PRO PA 86 -69.44 -16.20 19.14
C PRO PA 86 -69.81 -17.33 20.08
N GLY PA 87 -71.12 -17.53 20.26
CA GLY PA 87 -71.62 -18.54 21.16
C GLY PA 87 -71.80 -18.06 22.58
N ASN PA 88 -71.47 -16.81 22.87
CA ASN PA 88 -71.61 -16.25 24.21
C ASN PA 88 -72.54 -15.05 24.21
N ALA QA 1 -94.15 9.29 -43.80
CA ALA QA 1 -94.89 10.11 -42.85
C ALA QA 1 -93.99 10.54 -41.69
N VAL QA 2 -92.70 10.67 -41.96
CA VAL QA 2 -91.69 11.00 -40.96
C VAL QA 2 -90.83 12.13 -41.49
N LYS QA 3 -90.59 13.13 -40.64
CA LYS QA 3 -89.81 14.31 -41.01
C LYS QA 3 -88.76 14.57 -39.93
N LEU QA 4 -87.67 15.22 -40.32
CA LEU QA 4 -86.57 15.52 -39.41
C LEU QA 4 -86.78 16.89 -38.77
N SER QA 5 -86.42 17.00 -37.49
CA SER QA 5 -86.61 18.23 -36.74
C SER QA 5 -85.48 18.43 -35.74
N HIS QA 6 -85.30 19.67 -35.31
CA HIS QA 6 -84.36 19.97 -34.24
C HIS QA 6 -84.87 19.41 -32.92
N VAL QA 7 -83.93 19.18 -32.00
CA VAL QA 7 -84.29 18.75 -30.65
C VAL QA 7 -84.72 19.94 -29.80
N GLU QA 8 -83.91 20.99 -29.77
CA GLU QA 8 -84.18 22.18 -28.98
C GLU QA 8 -84.22 23.38 -29.92
N LYS QA 9 -85.33 24.10 -29.92
CA LYS QA 9 -85.53 25.23 -30.81
C LYS QA 9 -86.72 26.03 -30.31
N ASP QA 10 -86.74 27.32 -30.67
CA ASP QA 10 -87.84 28.23 -30.37
C ASP QA 10 -87.92 28.57 -28.88
N PHE QA 11 -86.77 28.62 -28.21
CA PHE QA 11 -86.69 29.00 -26.81
C PHE QA 11 -86.14 30.42 -26.68
N ILE QA 12 -86.53 31.08 -25.59
CA ILE QA 12 -85.93 32.36 -25.21
C ILE QA 12 -86.14 32.53 -23.72
N ALA QA 13 -85.09 32.97 -23.03
CA ALA QA 13 -85.14 33.20 -21.60
C ALA QA 13 -84.81 34.66 -21.30
N PHE QA 14 -85.54 35.25 -20.35
CA PHE QA 14 -85.30 36.61 -19.90
C PHE QA 14 -85.13 36.56 -18.39
N TYR QA 15 -83.88 36.62 -17.94
CA TYR QA 15 -83.59 36.63 -16.51
C TYR QA 15 -83.65 38.05 -15.97
N SER QA 16 -84.01 38.16 -14.69
CA SER QA 16 -84.16 39.47 -14.07
C SER QA 16 -82.83 40.16 -13.83
N THR QA 17 -81.73 39.42 -13.86
CA THR QA 17 -80.41 40.00 -13.60
C THR QA 17 -79.36 39.10 -14.23
N THR QA 18 -78.09 39.49 -14.06
CA THR QA 18 -76.96 38.74 -14.56
C THR QA 18 -76.60 37.61 -13.61
N PRO QA 19 -75.85 36.61 -14.10
CA PRO QA 19 -75.40 35.54 -13.20
C PRO QA 19 -74.54 36.10 -12.06
N HIS QA 20 -74.57 35.39 -10.94
CA HIS QA 20 -73.86 35.71 -9.70
C HIS QA 20 -74.46 36.89 -8.94
N HIS QA 21 -75.51 37.54 -9.47
CA HIS QA 21 -76.00 38.79 -8.90
C HIS QA 21 -77.43 38.64 -8.41
N LEU QA 22 -77.83 39.58 -7.56
CA LEU QA 22 -79.13 39.59 -6.90
C LEU QA 22 -80.21 40.22 -7.78
N SER QA 23 -81.45 39.86 -7.50
CA SER QA 23 -82.63 40.49 -8.07
C SER QA 23 -83.50 41.04 -6.94
N TYR QA 24 -83.92 42.29 -7.07
CA TYR QA 24 -84.59 43.00 -5.99
C TYR QA 24 -86.09 43.08 -6.23
N ARG QA 25 -86.84 43.25 -5.14
CA ARG QA 25 -88.29 43.21 -5.14
C ARG QA 25 -88.82 44.10 -4.03
N ASP QA 26 -89.85 44.89 -4.35
CA ASP QA 26 -90.43 45.81 -3.38
C ASP QA 26 -91.49 45.07 -2.56
N LYS QA 27 -91.45 45.28 -1.24
CA LYS QA 27 -92.35 44.57 -0.34
C LYS QA 27 -93.82 44.95 -0.52
N THR QA 28 -94.09 46.13 -1.11
CA THR QA 28 -95.45 46.63 -1.21
C THR QA 28 -96.05 46.49 -2.60
N GLY QA 29 -95.25 46.22 -3.63
CA GLY QA 29 -95.79 46.21 -4.97
C GLY QA 29 -95.27 45.11 -5.89
N GLY QA 30 -94.39 44.27 -5.39
CA GLY QA 30 -93.83 43.19 -6.19
C GLY QA 30 -92.47 43.53 -6.78
N SER QA 31 -92.08 42.69 -7.74
CA SER QA 31 -90.76 42.78 -8.34
C SER QA 31 -90.64 43.94 -9.33
N TYR QA 32 -89.50 44.63 -9.26
CA TYR QA 32 -89.24 45.74 -10.17
C TYR QA 32 -89.16 45.26 -11.62
N PHE QA 33 -88.47 44.13 -11.84
CA PHE QA 33 -88.30 43.61 -13.20
C PHE QA 33 -89.64 43.23 -13.81
N ILE QA 34 -90.49 42.55 -13.05
CA ILE QA 34 -91.80 42.14 -13.56
C ILE QA 34 -92.67 43.36 -13.87
N THR QA 35 -92.60 44.39 -13.01
CA THR QA 35 -93.45 45.56 -13.19
C THR QA 35 -93.10 46.30 -14.48
N ARG QA 36 -91.82 46.64 -14.68
CA ARG QA 36 -91.44 47.35 -15.90
C ARG QA 36 -91.65 46.48 -17.13
N LEU QA 37 -91.55 45.16 -16.99
CA LEU QA 37 -91.82 44.29 -18.14
C LEU QA 37 -93.25 44.45 -18.61
N ILE QA 38 -94.21 44.52 -17.68
CA ILE QA 38 -95.60 44.71 -18.05
C ILE QA 38 -95.79 46.08 -18.71
N SER QA 39 -95.15 47.11 -18.15
CA SER QA 39 -95.29 48.45 -18.71
C SER QA 39 -94.75 48.53 -20.12
N CYS QA 40 -93.56 47.96 -20.36
CA CYS QA 40 -93.01 47.95 -21.71
C CYS QA 40 -93.85 47.10 -22.65
N PHE QA 41 -94.47 46.04 -22.13
CA PHE QA 41 -95.35 45.21 -22.95
C PHE QA 41 -96.60 45.98 -23.36
N ARG QA 42 -97.29 46.57 -22.38
CA ARG QA 42 -98.53 47.28 -22.67
C ARG QA 42 -98.32 48.44 -23.65
N LYS QA 43 -97.12 49.01 -23.67
CA LYS QA 43 -96.85 50.14 -24.56
C LYS QA 43 -96.46 49.68 -25.97
N HIS QA 44 -95.81 48.54 -26.11
CA HIS QA 44 -95.19 48.16 -27.37
C HIS QA 44 -95.67 46.84 -27.95
N ALA QA 45 -96.56 46.11 -27.28
CA ALA QA 45 -97.05 44.86 -27.84
C ALA QA 45 -97.82 45.10 -29.13
N CYS QA 46 -98.40 46.29 -29.30
CA CYS QA 46 -99.16 46.59 -30.49
C CYS QA 46 -98.28 46.86 -31.71
N SER QA 47 -97.03 47.29 -31.50
CA SER QA 47 -96.18 47.70 -32.62
C SER QA 47 -94.80 47.07 -32.65
N CYS QA 48 -94.30 46.51 -31.55
CA CYS QA 48 -92.97 45.94 -31.51
C CYS QA 48 -93.03 44.44 -31.26
N HIS QA 49 -92.05 43.72 -31.80
CA HIS QA 49 -91.97 42.29 -31.58
C HIS QA 49 -91.31 42.00 -30.22
N LEU QA 50 -91.23 40.72 -29.88
CA LEU QA 50 -90.86 40.32 -28.52
C LEU QA 50 -89.45 40.78 -28.15
N PHE QA 51 -88.48 40.62 -29.06
CA PHE QA 51 -87.10 41.00 -28.74
C PHE QA 51 -87.00 42.49 -28.46
N ASP QA 52 -87.66 43.32 -29.27
CA ASP QA 52 -87.60 44.76 -29.07
C ASP QA 52 -88.13 45.15 -27.70
N ILE QA 53 -89.18 44.46 -27.24
CA ILE QA 53 -89.71 44.71 -25.90
C ILE QA 53 -88.66 44.43 -24.85
N PHE QA 54 -87.98 43.27 -24.96
CA PHE QA 54 -86.94 42.92 -24.00
C PHE QA 54 -85.79 43.92 -24.03
N LEU QA 55 -85.39 44.36 -25.22
CA LEU QA 55 -84.29 45.32 -25.32
C LEU QA 55 -84.66 46.66 -24.70
N LYS QA 56 -85.92 47.06 -24.81
CA LYS QA 56 -86.36 48.29 -24.16
C LYS QA 56 -86.45 48.14 -22.65
N VAL QA 57 -86.77 46.94 -22.17
CA VAL QA 57 -86.68 46.66 -20.74
C VAL QA 57 -85.23 46.81 -20.27
N GLN QA 58 -84.29 46.29 -21.06
CA GLN QA 58 -82.87 46.45 -20.75
C GLN QA 58 -82.47 47.93 -20.77
N GLN QA 59 -83.09 48.72 -21.64
CA GLN QA 59 -82.80 50.15 -21.71
C GLN QA 59 -83.18 50.86 -20.41
N SER QA 60 -84.29 50.42 -19.78
CA SER QA 60 -84.72 51.03 -18.52
C SER QA 60 -83.72 50.79 -17.40
N PHE QA 61 -82.85 49.78 -17.51
CA PHE QA 61 -81.83 49.49 -16.52
C PHE QA 61 -80.45 49.98 -16.92
N GLU QA 62 -80.36 50.77 -18.00
CA GLU QA 62 -79.04 51.15 -18.51
C GLU QA 62 -78.26 52.00 -17.52
N LYS QA 63 -78.92 52.96 -16.87
CA LYS QA 63 -78.26 53.81 -15.90
C LYS QA 63 -78.11 53.06 -14.57
N ALA QA 64 -76.89 52.99 -14.06
CA ALA QA 64 -76.62 52.23 -12.85
C ALA QA 64 -77.13 52.98 -11.62
N SER QA 65 -77.71 52.22 -10.69
CA SER QA 65 -78.17 52.74 -9.41
C SER QA 65 -77.46 51.99 -8.27
N ILE QA 66 -77.79 52.38 -7.03
CA ILE QA 66 -77.20 51.71 -5.88
C ILE QA 66 -77.69 50.28 -5.78
N HIS QA 67 -78.90 50.00 -6.26
CA HIS QA 67 -79.45 48.65 -6.31
C HIS QA 67 -79.62 48.26 -7.78
N SER QA 68 -78.48 48.02 -8.43
CA SER QA 68 -78.47 47.83 -9.87
C SER QA 68 -78.84 46.40 -10.26
N GLN QA 69 -79.55 46.28 -11.36
CA GLN QA 69 -79.84 45.01 -12.00
C GLN QA 69 -79.65 45.16 -13.50
N MET QA 70 -79.26 44.09 -14.15
CA MET QA 70 -79.12 44.06 -15.61
C MET QA 70 -79.84 42.82 -16.12
N PRO QA 71 -81.08 42.96 -16.60
CA PRO QA 71 -81.77 41.79 -17.16
C PRO QA 71 -80.99 41.23 -18.34
N THR QA 72 -80.96 39.91 -18.44
CA THR QA 72 -80.15 39.23 -19.43
C THR QA 72 -81.01 38.34 -20.29
N ILE QA 73 -80.76 38.34 -21.59
CA ILE QA 73 -81.36 37.41 -22.52
C ILE QA 73 -80.40 36.23 -22.70
N ASP QA 74 -80.92 35.02 -22.51
CA ASP QA 74 -80.08 33.84 -22.44
C ASP QA 74 -80.73 32.68 -23.18
N ARG QA 75 -79.89 31.84 -23.78
CA ARG QA 75 -80.32 30.62 -24.46
C ARG QA 75 -81.45 30.89 -25.45
N ALA QA 76 -81.23 31.90 -26.30
CA ALA QA 76 -82.22 32.32 -27.29
C ALA QA 76 -82.06 31.49 -28.55
N THR QA 77 -83.05 30.66 -28.86
CA THR QA 77 -83.06 29.87 -30.08
C THR QA 77 -84.21 30.26 -31.01
N LEU QA 78 -84.71 31.47 -30.89
CA LEU QA 78 -85.72 31.96 -31.82
C LEU QA 78 -85.12 32.12 -33.21
N THR QA 79 -85.86 31.65 -34.22
CA THR QA 79 -85.42 31.78 -35.60
C THR QA 79 -86.14 32.88 -36.36
N ARG QA 80 -87.21 33.43 -35.80
CA ARG QA 80 -88.01 34.46 -36.47
C ARG QA 80 -88.43 35.50 -35.43
N TYR QA 81 -88.99 36.61 -35.92
CA TYR QA 81 -89.54 37.61 -35.02
C TYR QA 81 -90.83 37.10 -34.40
N PHE QA 82 -91.02 37.40 -33.12
CA PHE QA 82 -92.21 36.97 -32.38
C PHE QA 82 -93.08 38.21 -32.13
N TYR QA 83 -94.02 38.44 -33.02
CA TYR QA 83 -95.07 39.43 -32.81
C TYR QA 83 -96.26 38.76 -32.13
N LEU QA 84 -96.78 39.38 -31.08
CA LEU QA 84 -97.88 38.81 -30.33
C LEU QA 84 -99.24 39.21 -30.88
N PHE QA 85 -99.34 40.38 -31.51
CA PHE QA 85 -100.57 40.92 -32.06
C PHE QA 85 -101.72 40.87 -31.04
N PRO QA 86 -101.70 41.73 -30.03
CA PRO QA 86 -102.75 41.68 -29.01
C PRO QA 86 -104.09 42.06 -29.59
N GLY QA 87 -105.13 41.34 -29.17
CA GLY QA 87 -106.47 41.57 -29.69
C GLY QA 87 -106.83 40.77 -30.92
N ASN QA 88 -105.93 39.92 -31.41
CA ASN QA 88 -106.20 39.13 -32.61
C ASN QA 88 -106.16 37.64 -32.30
N ALA RA 1 -63.89 62.41 -11.47
CA ALA RA 1 -64.92 62.22 -10.45
C ALA RA 1 -65.19 60.74 -10.23
N VAL RA 2 -66.41 60.42 -9.81
CA VAL RA 2 -66.80 59.05 -9.51
C VAL RA 2 -68.20 58.80 -10.08
N LYS RA 3 -68.37 57.68 -10.77
CA LYS RA 3 -69.63 57.33 -11.41
C LYS RA 3 -69.97 55.87 -11.10
N LEU RA 4 -71.27 55.55 -11.18
CA LEU RA 4 -71.76 54.21 -10.93
C LEU RA 4 -71.75 53.38 -12.21
N SER RA 5 -71.44 52.09 -12.06
CA SER RA 5 -71.40 51.19 -13.21
C SER RA 5 -71.89 49.81 -12.81
N HIS RA 6 -72.40 49.09 -13.80
CA HIS RA 6 -72.78 47.69 -13.65
C HIS RA 6 -71.53 46.81 -13.52
N VAL RA 7 -71.72 45.62 -12.96
CA VAL RA 7 -70.64 44.64 -12.94
C VAL RA 7 -70.51 43.97 -14.30
N GLU RA 8 -71.63 43.47 -14.84
CA GLU RA 8 -71.66 42.81 -16.13
C GLU RA 8 -72.66 43.53 -17.03
N LYS RA 9 -72.21 43.98 -18.19
CA LYS RA 9 -73.07 44.69 -19.14
C LYS RA 9 -72.37 44.74 -20.48
N ASP RA 10 -73.17 44.85 -21.55
CA ASP RA 10 -72.69 45.01 -22.92
C ASP RA 10 -72.01 43.75 -23.45
N PHE RA 11 -72.47 42.58 -23.02
CA PHE RA 11 -71.98 41.31 -23.52
C PHE RA 11 -73.00 40.69 -24.46
N ILE RA 12 -72.50 39.90 -25.41
CA ILE RA 12 -73.35 39.05 -26.23
C ILE RA 12 -72.50 37.90 -26.76
N ALA RA 13 -73.06 36.70 -26.69
CA ALA RA 13 -72.39 35.49 -27.15
C ALA RA 13 -73.23 34.82 -28.22
N PHE RA 14 -72.57 34.27 -29.23
CA PHE RA 14 -73.23 33.53 -30.29
C PHE RA 14 -72.57 32.15 -30.33
N TYR RA 15 -73.23 31.16 -29.75
CA TYR RA 15 -72.72 29.81 -29.71
C TYR RA 15 -73.09 29.06 -30.98
N SER RA 16 -72.25 28.10 -31.36
CA SER RA 16 -72.42 27.40 -32.62
C SER RA 16 -73.60 26.42 -32.61
N THR RA 17 -74.08 26.01 -31.43
CA THR RA 17 -75.17 25.06 -31.35
C THR RA 17 -75.83 25.18 -29.99
N THR RA 18 -76.82 24.34 -29.75
CA THR RA 18 -77.53 24.31 -28.48
C THR RA 18 -76.74 23.54 -27.43
N PRO RA 19 -77.01 23.78 -26.15
CA PRO RA 19 -76.32 22.99 -25.11
C PRO RA 19 -76.63 21.51 -25.25
N HIS RA 20 -75.67 20.69 -24.79
CA HIS RA 20 -75.70 19.23 -24.79
C HIS RA 20 -75.53 18.63 -26.18
N HIS RA 21 -75.43 19.45 -27.23
CA HIS RA 21 -75.46 18.95 -28.59
C HIS RA 21 -74.15 19.27 -29.31
N LEU RA 22 -73.93 18.58 -30.42
CA LEU RA 22 -72.72 18.69 -31.21
C LEU RA 22 -72.80 19.86 -32.19
N SER RA 23 -71.62 20.33 -32.60
CA SER RA 23 -71.49 21.30 -33.68
C SER RA 23 -70.63 20.68 -34.77
N TYR RA 24 -71.10 20.77 -36.00
CA TYR RA 24 -70.47 20.07 -37.12
C TYR RA 24 -69.64 21.02 -37.97
N ARG RA 25 -68.68 20.43 -38.70
CA ARG RA 25 -67.69 21.20 -39.44
C ARG RA 25 -67.28 20.43 -40.68
N ASP RA 26 -67.25 21.11 -41.82
CA ASP RA 26 -66.96 20.50 -43.10
C ASP RA 26 -65.47 20.51 -43.40
N LYS RA 27 -64.96 19.38 -43.89
CA LYS RA 27 -63.54 19.24 -44.20
C LYS RA 27 -63.10 20.13 -45.37
N THR RA 28 -64.03 20.56 -46.21
CA THR RA 28 -63.68 21.30 -47.41
C THR RA 28 -63.89 22.81 -47.28
N GLY RA 29 -64.62 23.27 -46.28
CA GLY RA 29 -64.91 24.69 -46.16
C GLY RA 29 -64.86 25.22 -44.75
N GLY RA 30 -64.61 24.36 -43.77
CA GLY RA 30 -64.57 24.77 -42.38
C GLY RA 30 -65.89 24.52 -41.67
N SER RA 31 -66.03 25.15 -40.52
CA SER RA 31 -67.22 24.97 -39.70
C SER RA 31 -68.40 25.70 -40.32
N TYR RA 32 -69.57 25.04 -40.26
CA TYR RA 32 -70.78 25.61 -40.85
C TYR RA 32 -71.16 26.92 -40.21
N PHE RA 33 -71.04 27.02 -38.88
CA PHE RA 33 -71.45 28.24 -38.18
C PHE RA 33 -70.60 29.43 -38.60
N ILE RA 34 -69.28 29.24 -38.69
CA ILE RA 34 -68.40 30.35 -39.09
C ILE RA 34 -68.67 30.76 -40.53
N THR RA 35 -68.93 29.80 -41.42
CA THR RA 35 -69.15 30.12 -42.83
C THR RA 35 -70.38 31.00 -43.02
N ARG RA 36 -71.52 30.56 -42.48
CA ARG RA 36 -72.74 31.36 -42.61
C ARG RA 36 -72.63 32.66 -41.82
N LEU RA 37 -71.85 32.68 -40.74
CA LEU RA 37 -71.62 33.91 -39.99
C LEU RA 37 -70.92 34.95 -40.85
N ILE RA 38 -69.88 34.54 -41.57
CA ILE RA 38 -69.15 35.48 -42.42
C ILE RA 38 -70.02 35.97 -43.56
N SER RA 39 -70.76 35.06 -44.21
CA SER RA 39 -71.60 35.46 -45.33
C SER RA 39 -72.71 36.43 -44.89
N CYS RA 40 -73.36 36.12 -43.76
CA CYS RA 40 -74.39 37.02 -43.24
C CYS RA 40 -73.79 38.35 -42.81
N PHE RA 41 -72.54 38.34 -42.33
CA PHE RA 41 -71.87 39.58 -41.98
C PHE RA 41 -71.62 40.43 -43.22
N ARG RA 42 -71.00 39.85 -44.25
CA ARG RA 42 -70.67 40.61 -45.44
C ARG RA 42 -71.92 41.15 -46.14
N LYS RA 43 -73.04 40.45 -46.03
CA LYS RA 43 -74.27 40.84 -46.72
C LYS RA 43 -75.10 41.85 -45.93
N HIS RA 44 -75.09 41.80 -44.61
CA HIS RA 44 -76.03 42.59 -43.81
C HIS RA 44 -75.39 43.51 -42.79
N ALA RA 45 -74.07 43.48 -42.61
CA ALA RA 45 -73.47 44.40 -41.64
C ALA RA 45 -73.62 45.85 -42.09
N CYS RA 46 -73.76 46.08 -43.39
CA CYS RA 46 -73.90 47.43 -43.91
C CYS RA 46 -75.29 48.00 -43.67
N SER RA 47 -76.30 47.14 -43.52
CA SER RA 47 -77.68 47.60 -43.41
C SER RA 47 -78.42 47.03 -42.21
N CYS RA 48 -77.95 45.96 -41.59
CA CYS RA 48 -78.60 45.35 -40.44
C CYS RA 48 -77.68 45.44 -39.23
N HIS RA 49 -78.28 45.54 -38.05
CA HIS RA 49 -77.51 45.57 -36.81
C HIS RA 49 -77.13 44.15 -36.40
N LEU RA 50 -76.37 44.05 -35.30
CA LEU RA 50 -75.77 42.77 -34.92
C LEU RA 50 -76.84 41.72 -34.65
N PHE RA 51 -77.92 42.10 -33.96
CA PHE RA 51 -78.98 41.14 -33.68
C PHE RA 51 -79.61 40.59 -34.95
N ASP RA 52 -79.90 41.47 -35.91
CA ASP RA 52 -80.55 41.03 -37.14
C ASP RA 52 -79.67 40.04 -37.89
N ILE RA 53 -78.36 40.24 -37.87
CA ILE RA 53 -77.45 39.27 -38.47
C ILE RA 53 -77.56 37.93 -37.76
N PHE RA 54 -77.54 37.95 -36.42
CA PHE RA 54 -77.65 36.72 -35.65
C PHE RA 54 -78.98 36.02 -35.89
N LEU RA 55 -80.07 36.77 -35.94
CA LEU RA 55 -81.39 36.15 -36.13
C LEU RA 55 -81.53 35.54 -37.51
N LYS RA 56 -80.93 36.15 -38.54
CA LYS RA 56 -80.98 35.56 -39.86
C LYS RA 56 -80.07 34.34 -39.97
N VAL RA 57 -78.96 34.31 -39.23
CA VAL RA 57 -78.16 33.09 -39.15
C VAL RA 57 -78.98 31.97 -38.53
N GLN RA 58 -79.71 32.27 -37.46
CA GLN RA 58 -80.58 31.27 -36.84
C GLN RA 58 -81.67 30.81 -37.80
N GLN RA 59 -82.21 31.73 -38.60
CA GLN RA 59 -83.21 31.36 -39.60
C GLN RA 59 -82.60 30.45 -40.66
N SER RA 60 -81.35 30.71 -41.03
CA SER RA 60 -80.67 29.87 -42.03
C SER RA 60 -80.48 28.44 -41.54
N PHE RA 61 -80.52 28.21 -40.22
CA PHE RA 61 -80.42 26.87 -39.66
C PHE RA 61 -81.78 26.32 -39.22
N GLU RA 62 -82.87 27.00 -39.56
CA GLU RA 62 -84.19 26.57 -39.10
C GLU RA 62 -84.55 25.21 -39.67
N LYS RA 63 -84.21 24.96 -40.93
CA LYS RA 63 -84.49 23.67 -41.55
C LYS RA 63 -83.56 22.61 -40.97
N ALA RA 64 -84.13 21.44 -40.66
CA ALA RA 64 -83.33 20.36 -40.12
C ALA RA 64 -82.58 19.64 -41.23
N SER RA 65 -81.32 19.31 -40.97
CA SER RA 65 -80.50 18.54 -41.89
C SER RA 65 -80.00 17.28 -41.20
N ILE RA 66 -79.36 16.41 -41.99
CA ILE RA 66 -78.85 15.15 -41.47
C ILE RA 66 -77.87 15.38 -40.33
N HIS RA 67 -77.14 16.50 -40.36
CA HIS RA 67 -76.28 16.94 -39.26
C HIS RA 67 -76.67 18.37 -38.88
N SER RA 68 -77.86 18.51 -38.30
CA SER RA 68 -78.41 19.82 -38.01
C SER RA 68 -77.88 20.35 -36.68
N GLN RA 69 -77.66 21.67 -36.63
CA GLN RA 69 -77.32 22.37 -35.41
C GLN RA 69 -78.11 23.68 -35.36
N MET RA 70 -78.32 24.19 -34.16
CA MET RA 70 -79.04 25.44 -33.96
C MET RA 70 -78.22 26.41 -33.10
N PRO RA 71 -77.56 27.38 -33.73
CA PRO RA 71 -76.80 28.39 -32.97
C PRO RA 71 -77.70 29.16 -32.02
N THR RA 72 -77.14 29.52 -30.87
CA THR RA 72 -77.89 30.12 -29.77
C THR RA 72 -77.29 31.47 -29.39
N ILE RA 73 -78.17 32.43 -29.10
CA ILE RA 73 -77.76 33.70 -28.51
C ILE RA 73 -77.85 33.56 -26.99
N ASP RA 74 -76.78 33.91 -26.30
CA ASP RA 74 -76.66 33.59 -24.88
C ASP RA 74 -76.03 34.75 -24.12
N ARG RA 75 -76.47 34.94 -22.88
CA ARG RA 75 -75.91 35.92 -21.95
C ARG RA 75 -75.82 37.30 -22.60
N ALA RA 76 -76.94 37.74 -23.17
CA ALA RA 76 -77.01 39.00 -23.89
C ALA RA 76 -77.30 40.12 -22.91
N THR RA 77 -76.34 41.03 -22.74
CA THR RA 77 -76.50 42.20 -21.90
C THR RA 77 -76.43 43.49 -22.71
N LEU RA 78 -76.73 43.40 -24.01
CA LEU RA 78 -76.79 44.59 -24.86
C LEU RA 78 -77.94 45.49 -24.43
N THR RA 79 -77.68 46.78 -24.33
CA THR RA 79 -78.71 47.76 -24.00
C THR RA 79 -79.17 48.56 -25.21
N ARG RA 80 -78.45 48.48 -26.33
CA ARG RA 80 -78.77 49.24 -27.53
C ARG RA 80 -78.53 48.38 -28.76
N TYR RA 81 -78.97 48.87 -29.91
CA TYR RA 81 -78.67 48.21 -31.17
C TYR RA 81 -77.21 48.46 -31.53
N PHE RA 82 -76.55 47.43 -32.07
CA PHE RA 82 -75.15 47.51 -32.45
C PHE RA 82 -75.05 47.51 -33.97
N TYR RA 83 -74.99 48.72 -34.54
CA TYR RA 83 -74.69 48.89 -35.96
C TYR RA 83 -73.17 49.03 -36.11
N LEU RA 84 -72.59 48.27 -37.04
CA LEU RA 84 -71.15 48.28 -37.22
C LEU RA 84 -70.66 49.32 -38.23
N PHE RA 85 -71.48 49.67 -39.21
CA PHE RA 85 -71.14 50.60 -40.29
C PHE RA 85 -69.80 50.20 -40.92
N PRO RA 86 -69.75 49.09 -41.66
CA PRO RA 86 -68.48 48.64 -42.24
C PRO RA 86 -67.97 49.56 -43.34
N GLY RA 87 -66.67 49.81 -43.33
CA GLY RA 87 -66.06 50.65 -44.32
C GLY RA 87 -66.02 52.13 -43.99
N ASN RA 88 -66.50 52.54 -42.82
CA ASN RA 88 -66.54 53.95 -42.47
C ASN RA 88 -65.69 54.25 -41.24
N VAL SA 1 90.79 -54.15 2.15
CA VAL SA 1 89.67 -53.20 2.21
C VAL SA 1 88.65 -53.64 3.24
N LYS SA 2 88.21 -52.70 4.09
CA LYS SA 2 87.26 -52.96 5.14
C LYS SA 2 86.16 -51.90 5.11
N LEU SA 3 84.97 -52.29 5.58
CA LEU SA 3 83.83 -51.39 5.63
C LEU SA 3 83.75 -50.68 6.98
N SER SA 4 83.38 -49.41 6.95
CA SER SA 4 83.28 -48.61 8.17
C SER SA 4 82.18 -47.57 8.01
N HIS SA 5 81.68 -47.10 9.14
CA HIS SA 5 80.74 -45.99 9.14
C HIS SA 5 81.44 -44.71 8.72
N VAL SA 6 80.65 -43.75 8.24
CA VAL SA 6 81.18 -42.44 7.91
C VAL SA 6 81.39 -41.59 9.15
N GLU SA 7 80.36 -41.53 10.01
CA GLU SA 7 80.41 -40.75 11.24
C GLU SA 7 80.12 -41.67 12.42
N LYS SA 8 81.05 -41.71 13.37
CA LYS SA 8 80.91 -42.56 14.55
C LYS SA 8 81.92 -42.09 15.59
N ASP SA 9 81.61 -42.37 16.86
CA ASP SA 9 82.49 -42.10 17.99
C ASP SA 9 82.63 -40.60 18.26
N PHE SA 10 81.58 -39.84 18.00
CA PHE SA 10 81.54 -38.42 18.29
C PHE SA 10 80.71 -38.15 19.54
N ILE SA 11 81.04 -37.06 20.22
CA ILE SA 11 80.19 -36.54 21.30
C ILE SA 11 80.47 -35.05 21.44
N ALA SA 12 79.42 -34.26 21.57
CA ALA SA 12 79.52 -32.81 21.73
C ALA SA 12 78.86 -32.40 23.02
N PHE SA 13 79.48 -31.46 23.72
CA PHE SA 13 78.95 -30.91 24.96
C PHE SA 13 78.84 -29.40 24.80
N TYR SA 14 77.63 -28.93 24.52
CA TYR SA 14 77.39 -27.50 24.36
C TYR SA 14 77.11 -26.88 25.72
N SER SA 15 77.48 -25.60 25.85
CA SER SA 15 77.37 -24.94 27.15
C SER SA 15 75.92 -24.64 27.54
N THR SA 16 75.00 -24.65 26.60
CA THR SA 16 73.60 -24.33 26.90
C THR SA 16 72.72 -24.93 25.82
N THR SA 17 71.42 -24.68 25.94
CA THR SA 17 70.43 -25.17 25.00
C THR SA 17 70.37 -24.29 23.76
N PRO SA 18 69.85 -24.82 22.65
CA PRO SA 18 69.70 -23.99 21.44
C PRO SA 18 68.79 -22.79 21.69
N HIS SA 19 69.03 -21.73 20.92
CA HIS SA 19 68.32 -20.44 20.95
C HIS SA 19 68.64 -19.62 22.19
N HIS SA 20 69.44 -20.12 23.12
CA HIS SA 20 69.63 -19.47 24.41
C HIS SA 20 71.08 -19.05 24.61
N LEU SA 21 71.29 -18.17 25.58
CA LEU SA 21 72.58 -17.57 25.86
C LEU SA 21 73.42 -18.47 26.76
N SER SA 22 74.74 -18.27 26.68
CA SER SA 22 75.69 -18.89 27.60
C SER SA 22 76.45 -17.78 28.30
N TYR SA 23 76.57 -17.88 29.62
CA TYR SA 23 77.13 -16.81 30.42
C TYR SA 23 78.56 -17.13 30.85
N ARG SA 24 79.32 -16.08 31.12
CA ARG SA 24 80.74 -16.18 31.40
C ARG SA 24 81.13 -15.03 32.32
N ASP SA 25 81.87 -15.34 33.39
CA ASP SA 25 82.26 -14.35 34.38
C ASP SA 25 83.59 -13.71 33.98
N LYS SA 26 83.65 -12.39 34.04
CA LYS SA 26 84.87 -11.67 33.66
C LYS SA 26 86.01 -11.88 34.66
N THR SA 27 85.69 -12.31 35.88
CA THR SA 27 86.71 -12.46 36.93
C THR SA 27 87.13 -13.90 37.16
N GLY SA 28 86.40 -14.88 36.63
CA GLY SA 28 86.73 -16.27 36.88
C GLY SA 28 86.58 -17.18 35.69
N GLY SA 29 86.16 -16.65 34.55
CA GLY SA 29 85.99 -17.44 33.35
C GLY SA 29 84.56 -17.92 33.16
N SER SA 30 84.41 -18.87 32.24
CA SER SA 30 83.10 -19.39 31.89
C SER SA 30 82.56 -20.31 32.98
N TYR SA 31 81.27 -20.17 33.28
CA TYR SA 31 80.64 -21.02 34.30
C TYR SA 31 80.62 -22.47 33.85
N PHE SA 32 80.29 -22.73 32.59
CA PHE SA 32 80.21 -24.10 32.09
C PHE SA 32 81.59 -24.77 32.12
N ILE SA 33 82.62 -24.07 31.66
CA ILE SA 33 83.96 -24.65 31.63
C ILE SA 33 84.45 -24.94 33.05
N THR SA 34 84.14 -24.05 33.99
CA THR SA 34 84.58 -24.23 35.37
C THR SA 34 83.96 -25.48 35.98
N ARG SA 35 82.63 -25.61 35.88
CA ARG SA 35 81.96 -26.78 36.45
C ARG SA 35 82.37 -28.06 35.72
N LEU SA 36 82.67 -27.96 34.42
CA LEU SA 36 83.13 -29.12 33.68
C LEU SA 36 84.48 -29.62 34.19
N ILE SA 37 85.40 -28.69 34.44
CA ILE SA 37 86.72 -29.07 34.96
C ILE SA 37 86.59 -29.63 36.36
N SER SA 38 85.76 -29.00 37.20
CA SER SA 38 85.61 -29.46 38.58
C SER SA 38 85.04 -30.87 38.63
N CYS SA 39 84.00 -31.15 37.84
CA CYS SA 39 83.46 -32.49 37.79
C CYS SA 39 84.45 -33.47 37.19
N PHE SA 40 85.30 -32.99 36.26
CA PHE SA 40 86.33 -33.86 35.69
C PHE SA 40 87.36 -34.26 36.74
N ARG SA 41 87.93 -33.28 37.45
CA ARG SA 41 88.94 -33.59 38.45
C ARG SA 41 88.37 -34.48 39.57
N LYS SA 42 87.08 -34.35 39.86
CA LYS SA 42 86.48 -35.12 40.95
C LYS SA 42 86.05 -36.52 40.50
N HIS SA 43 85.65 -36.69 39.25
CA HIS SA 43 85.00 -37.92 38.82
C HIS SA 43 85.70 -38.64 37.68
N ALA SA 44 86.77 -38.09 37.11
CA ALA SA 44 87.46 -38.79 36.03
C ALA SA 44 88.09 -40.10 36.50
N CYS SA 45 88.40 -40.22 37.80
CA CYS SA 45 89.03 -41.42 38.30
C CYS SA 45 88.08 -42.61 38.40
N SER SA 46 86.77 -42.35 38.49
CA SER SA 46 85.80 -43.42 38.72
C SER SA 46 84.64 -43.43 37.74
N CYS SA 47 84.38 -42.35 37.01
CA CYS SA 47 83.25 -42.28 36.10
C CYS SA 47 83.74 -42.11 34.67
N HIS SA 48 82.95 -42.65 33.73
CA HIS SA 48 83.25 -42.49 32.32
C HIS SA 48 82.75 -41.12 31.83
N LEU SA 49 83.00 -40.84 30.55
CA LEU SA 49 82.79 -39.49 30.05
C LEU SA 49 81.32 -39.08 30.17
N PHE SA 50 80.40 -39.98 29.84
CA PHE SA 50 78.98 -39.65 29.97
C PHE SA 50 78.58 -39.34 31.40
N ASP SA 51 79.05 -40.16 32.35
CA ASP SA 51 78.69 -39.94 33.74
C ASP SA 51 79.15 -38.57 34.23
N ILE SA 52 80.34 -38.15 33.81
CA ILE SA 52 80.82 -36.81 34.14
C ILE SA 52 79.91 -35.76 33.54
N PHE SA 53 79.57 -35.91 32.25
CA PHE SA 53 78.70 -34.95 31.59
C PHE SA 53 77.32 -34.87 32.25
N LEU SA 54 76.76 -36.02 32.62
CA LEU SA 54 75.45 -36.00 33.27
C LEU SA 54 75.52 -35.34 34.64
N LYS SA 55 76.64 -35.50 35.35
CA LYS SA 55 76.79 -34.83 36.64
C LYS SA 55 77.00 -33.33 36.47
N VAL SA 56 77.64 -32.91 35.38
CA VAL SA 56 77.72 -31.48 35.05
C VAL SA 56 76.32 -30.93 34.81
N GLN SA 57 75.50 -31.66 34.07
CA GLN SA 57 74.13 -31.23 33.82
C GLN SA 57 73.33 -31.14 35.11
N GLN SA 58 73.59 -32.06 36.04
CA GLN SA 58 72.90 -32.01 37.33
C GLN SA 58 73.25 -30.75 38.12
N SER SA 59 74.51 -30.30 38.01
CA SER SA 59 74.92 -29.08 38.70
C SER SA 59 74.18 -27.85 38.20
N PHE SA 60 73.61 -27.92 37.00
CA PHE SA 60 72.81 -26.83 36.44
C PHE SA 60 71.31 -27.09 36.54
N GLU SA 61 70.90 -28.12 37.29
CA GLU SA 61 69.50 -28.51 37.31
C GLU SA 61 68.64 -27.41 37.92
N LYS SA 62 68.99 -26.93 39.11
CA LYS SA 62 68.24 -25.87 39.75
C LYS SA 62 68.39 -24.58 38.95
N ALA SA 63 67.26 -24.00 38.55
CA ALA SA 63 67.29 -22.80 37.71
C ALA SA 63 67.74 -21.59 38.52
N SER SA 64 68.54 -20.74 37.90
CA SER SA 64 68.97 -19.47 38.46
C SER SA 64 68.50 -18.33 37.57
N ILE SA 65 68.75 -17.10 38.03
CA ILE SA 65 68.31 -15.93 37.28
C ILE SA 65 69.02 -15.86 35.92
N HIS SA 66 70.22 -16.41 35.84
CA HIS SA 66 70.98 -16.51 34.60
C HIS SA 66 71.25 -18.00 34.34
N SER SA 67 70.19 -18.70 33.96
CA SER SA 67 70.24 -20.16 33.87
C SER SA 67 70.86 -20.64 32.57
N GLN SA 68 71.58 -21.75 32.67
CA GLN SA 68 72.09 -22.48 31.52
C GLN SA 68 71.85 -23.96 31.75
N MET SA 69 71.65 -24.71 30.66
CA MET SA 69 71.52 -26.16 30.72
C MET SA 69 72.42 -26.75 29.65
N PRO SA 70 73.61 -27.23 30.02
CA PRO SA 70 74.49 -27.85 29.02
C PRO SA 70 73.82 -29.04 28.36
N THR SA 71 74.09 -29.21 27.07
CA THR SA 71 73.43 -30.21 26.25
C THR SA 71 74.44 -31.15 25.63
N ILE SA 72 74.10 -32.44 25.61
CA ILE SA 72 74.85 -33.44 24.87
C ILE SA 72 74.21 -33.58 23.49
N ASP SA 73 75.03 -33.50 22.44
CA ASP SA 73 74.50 -33.41 21.08
C ASP SA 73 75.33 -34.27 20.14
N ARG SA 74 74.63 -34.85 19.16
CA ARG SA 74 75.25 -35.62 18.07
C ARG SA 74 76.22 -36.65 18.62
N ALA SA 75 75.76 -37.42 19.61
CA ALA SA 75 76.58 -38.42 20.29
C ALA SA 75 76.52 -39.72 19.51
N THR SA 76 77.66 -40.13 18.95
CA THR SA 76 77.76 -41.41 18.26
C THR SA 76 78.73 -42.36 18.95
N LEU SA 77 78.93 -42.17 20.26
CA LEU SA 77 79.74 -43.10 21.03
C LEU SA 77 79.05 -44.45 21.10
N THR SA 78 79.82 -45.51 20.90
CA THR SA 78 79.29 -46.87 20.97
C THR SA 78 79.65 -47.59 22.27
N ARG SA 79 80.57 -47.04 23.06
CA ARG SA 79 81.02 -47.67 24.29
C ARG SA 79 81.22 -46.60 25.35
N TYR SA 80 81.45 -47.06 26.58
CA TYR SA 80 81.80 -46.13 27.66
C TYR SA 80 83.21 -45.61 27.45
N PHE SA 81 83.40 -44.33 27.70
CA PHE SA 81 84.70 -43.68 27.52
C PHE SA 81 85.29 -43.39 28.90
N TYR SA 82 86.10 -44.32 29.39
CA TYR SA 82 86.89 -44.11 30.60
C TYR SA 82 88.24 -43.52 30.21
N LEU SA 83 88.66 -42.48 30.94
CA LEU SA 83 89.90 -41.80 30.61
C LEU SA 83 91.12 -42.40 31.28
N PHE SA 84 90.93 -43.03 32.45
CA PHE SA 84 92.02 -43.62 33.23
C PHE SA 84 93.15 -42.61 33.41
N PRO SA 85 92.95 -41.58 34.24
CA PRO SA 85 94.01 -40.57 34.39
C PRO SA 85 95.23 -41.12 35.10
N GLY SA 86 96.40 -40.77 34.57
CA GLY SA 86 97.66 -41.21 35.15
C GLY SA 86 98.17 -42.54 34.64
N ASN SA 87 97.46 -43.21 33.73
CA ASN SA 87 97.88 -44.51 33.23
C ASN SA 87 98.11 -44.48 31.73
N ALA TA 1 52.40 -17.36 44.33
CA ALA TA 1 53.75 -17.93 44.29
C ALA TA 1 54.27 -18.00 42.86
N VAL TA 2 55.57 -17.72 42.70
CA VAL TA 2 56.21 -17.68 41.39
C VAL TA 2 57.58 -18.32 41.52
N LYS TA 3 57.93 -19.19 40.57
CA LYS TA 3 59.19 -19.92 40.60
C LYS TA 3 59.88 -19.83 39.24
N LEU TA 4 61.20 -20.01 39.27
CA LEU TA 4 62.02 -19.99 38.07
C LEU TA 4 62.15 -21.39 37.48
N SER TA 5 62.16 -21.46 36.16
CA SER TA 5 62.30 -22.73 35.46
C SER TA 5 63.09 -22.51 34.18
N HIS TA 6 63.73 -23.58 33.70
CA HIS TA 6 64.39 -23.54 32.42
C HIS TA 6 63.36 -23.44 31.29
N VAL TA 7 63.81 -22.94 30.14
CA VAL TA 7 62.94 -22.92 28.98
C VAL TA 7 62.90 -24.31 28.34
N GLU TA 8 64.08 -24.89 28.10
CA GLU TA 8 64.19 -26.23 27.52
C GLU TA 8 65.02 -27.10 28.47
N LYS TA 9 64.44 -28.21 28.90
CA LYS TA 9 65.09 -29.12 29.81
C LYS TA 9 64.32 -30.43 29.82
N ASP TA 10 65.02 -31.52 30.17
CA ASP TA 10 64.44 -32.85 30.31
C ASP TA 10 64.07 -33.46 28.96
N PHE TA 11 64.83 -33.11 27.93
CA PHE TA 11 64.65 -33.68 26.60
C PHE TA 11 65.74 -34.69 26.29
N ILE TA 12 65.40 -35.66 25.43
CA ILE TA 12 66.38 -36.55 24.84
C ILE TA 12 65.81 -37.07 23.53
N ALA TA 13 66.64 -37.08 22.49
CA ALA TA 13 66.24 -37.53 21.17
C ALA TA 13 67.14 -38.69 20.73
N PHE TA 14 66.52 -39.67 20.09
CA PHE TA 14 67.24 -40.81 19.53
C PHE TA 14 66.91 -40.89 18.05
N TYR TA 15 67.82 -40.41 17.21
CA TYR TA 15 67.65 -40.46 15.77
C TYR TA 15 68.13 -41.80 15.24
N SER TA 16 67.52 -42.24 14.14
CA SER TA 16 67.83 -43.55 13.59
C SER TA 16 69.20 -43.62 12.93
N THR TA 17 69.79 -42.48 12.57
CA THR TA 17 71.08 -42.49 11.88
C THR TA 17 71.74 -41.12 12.08
N THR TA 18 72.91 -40.97 11.46
CA THR TA 18 73.67 -39.74 11.52
C THR TA 18 73.12 -38.71 10.52
N PRO TA 19 73.40 -37.43 10.74
CA PRO TA 19 72.97 -36.42 9.76
C PRO TA 19 73.60 -36.68 8.39
N HIS TA 20 72.89 -36.25 7.34
CA HIS TA 20 73.26 -36.37 5.94
C HIS TA 20 73.17 -37.81 5.42
N HIS TA 21 72.83 -38.78 6.26
CA HIS TA 21 72.90 -40.18 5.89
C HIS TA 21 71.52 -40.81 5.91
N LEU TA 22 71.41 -41.97 5.26
CA LEU TA 22 70.15 -42.66 5.11
C LEU TA 22 69.85 -43.52 6.34
N SER TA 23 68.56 -43.82 6.52
CA SER TA 23 68.09 -44.79 7.50
C SER TA 23 67.38 -45.90 6.75
N TYR TA 24 67.73 -47.14 7.06
CA TYR TA 24 67.27 -48.28 6.28
C TYR TA 24 66.15 -49.02 7.00
N ARG TA 25 65.35 -49.72 6.21
CA ARG TA 25 64.13 -50.36 6.70
C ARG TA 25 63.83 -51.57 5.84
N ASP TA 26 63.53 -52.70 6.48
CA ASP TA 26 63.28 -53.95 5.77
C ASP TA 26 61.82 -54.05 5.38
N LYS TA 27 61.57 -54.42 4.12
CA LYS TA 27 60.22 -54.53 3.60
C LYS TA 27 59.45 -55.70 4.21
N THR TA 28 60.15 -56.68 4.81
CA THR TA 28 59.50 -57.87 5.34
C THR TA 28 59.32 -57.83 6.85
N GLY TA 29 60.00 -56.93 7.56
CA GLY TA 29 59.92 -56.89 9.01
C GLY TA 29 59.89 -55.51 9.61
N GLY TA 30 59.97 -54.49 8.78
CA GLY TA 30 60.00 -53.12 9.24
C GLY TA 30 61.40 -52.56 9.33
N SER TA 31 61.51 -51.43 10.02
CA SER TA 31 62.79 -50.73 10.13
C SER TA 31 63.72 -51.44 11.11
N TYR TA 32 65.00 -51.52 10.73
CA TYR TA 32 66.00 -52.18 11.58
C TYR TA 32 66.17 -51.45 12.91
N PHE TA 33 66.18 -50.11 12.88
CA PHE TA 33 66.40 -49.35 14.10
C PHE TA 33 65.28 -49.59 15.12
N ILE TA 34 64.03 -49.52 14.68
CA ILE TA 34 62.90 -49.71 15.59
C ILE TA 34 62.90 -51.14 16.14
N THR TA 35 63.22 -52.12 15.28
CA THR TA 35 63.22 -53.51 15.72
C THR TA 35 64.25 -53.75 16.82
N ARG TA 36 65.50 -53.35 16.57
CA ARG TA 36 66.54 -53.53 17.58
C ARG TA 36 66.28 -52.69 18.82
N LEU TA 37 65.62 -51.54 18.67
CA LEU TA 37 65.26 -50.73 19.83
C LEU TA 37 64.30 -51.47 20.75
N ILE TA 38 63.29 -52.13 20.18
CA ILE TA 38 62.32 -52.86 20.99
C ILE TA 38 62.98 -54.03 21.69
N SER TA 39 63.85 -54.77 20.97
CA SER TA 39 64.50 -55.93 21.57
C SER TA 39 65.40 -55.54 22.73
N CYS TA 40 66.20 -54.48 22.55
CA CYS TA 40 67.07 -54.02 23.63
C CYS TA 40 66.28 -53.47 24.82
N PHE TA 41 65.11 -52.87 24.56
CA PHE TA 41 64.27 -52.40 25.65
C PHE TA 41 63.72 -53.57 26.46
N ARG TA 42 63.13 -54.57 25.77
CA ARG TA 42 62.58 -55.73 26.47
C ARG TA 42 63.65 -56.45 27.27
N LYS TA 43 64.90 -56.38 26.83
CA LYS TA 43 65.99 -57.09 27.50
C LYS TA 43 66.57 -56.31 28.68
N HIS TA 44 66.61 -54.98 28.61
CA HIS TA 44 67.35 -54.19 29.58
C HIS TA 44 66.55 -53.13 30.33
N ALA TA 45 65.26 -52.96 30.03
CA ALA TA 45 64.48 -51.96 30.74
C ALA TA 45 64.35 -52.27 32.23
N CYS TA 46 64.48 -53.54 32.62
CA CYS TA 46 64.32 -53.92 34.02
C CYS TA 46 65.51 -53.49 34.87
N SER TA 47 66.69 -53.35 34.28
CA SER TA 47 67.90 -53.11 35.07
C SER TA 47 68.74 -51.92 34.61
N CYS TA 48 68.55 -51.40 33.39
CA CYS TA 48 69.36 -50.30 32.89
C CYS TA 48 68.49 -49.08 32.65
N HIS TA 49 69.10 -47.91 32.80
CA HIS TA 49 68.41 -46.66 32.55
C HIS TA 49 68.36 -46.36 31.06
N LEU TA 50 67.68 -45.26 30.70
CA LEU TA 50 67.36 -44.99 29.30
C LEU TA 50 68.61 -44.83 28.44
N PHE TA 51 69.59 -44.06 28.93
CA PHE TA 51 70.80 -43.83 28.14
C PHE TA 51 71.55 -45.14 27.91
N ASP TA 52 71.67 -45.97 28.94
CA ASP TA 52 72.37 -47.24 28.81
C ASP TA 52 71.72 -48.11 27.74
N ILE TA 53 70.39 -48.09 27.67
CA ILE TA 53 69.68 -48.82 26.62
C ILE TA 53 70.09 -48.28 25.26
N PHE TA 54 70.11 -46.95 25.11
CA PHE TA 54 70.49 -46.34 23.84
C PHE TA 54 71.92 -46.70 23.46
N LEU TA 55 72.83 -46.68 24.44
CA LEU TA 55 74.22 -47.01 24.16
C LEU TA 55 74.39 -48.46 23.74
N LYS TA 56 73.60 -49.37 24.30
CA LYS TA 56 73.66 -50.77 23.88
C LYS TA 56 73.09 -50.96 22.48
N VAL TA 57 72.06 -50.18 22.12
CA VAL TA 57 71.56 -50.19 20.75
C VAL TA 57 72.63 -49.71 19.78
N GLN TA 58 73.34 -48.64 20.15
CA GLN TA 58 74.39 -48.11 19.27
C GLN TA 58 75.50 -49.13 19.05
N GLN TA 59 75.86 -49.90 20.09
CA GLN TA 59 76.86 -50.95 19.90
C GLN TA 59 76.35 -52.03 18.96
N SER TA 60 75.06 -52.32 18.99
CA SER TA 60 74.49 -53.30 18.07
C SER TA 60 74.61 -52.84 16.62
N PHE TA 61 74.76 -51.54 16.39
CA PHE TA 61 74.99 -51.00 15.05
C PHE TA 61 76.45 -50.65 14.82
N GLU TA 62 77.34 -51.03 15.74
CA GLU TA 62 78.75 -50.66 15.63
C GLU TA 62 79.40 -51.30 14.41
N LYS TA 63 79.13 -52.57 14.18
CA LYS TA 63 79.68 -53.26 13.02
C LYS TA 63 79.11 -52.68 11.74
N ALA TA 64 79.98 -52.36 10.79
CA ALA TA 64 79.51 -51.83 9.52
C ALA TA 64 78.89 -52.94 8.68
N SER TA 65 77.76 -52.64 8.06
CA SER TA 65 77.08 -53.54 7.14
C SER TA 65 76.92 -52.85 5.79
N ILE TA 66 76.40 -53.60 4.81
CA ILE TA 66 76.22 -53.07 3.47
C ILE TA 66 75.18 -51.95 3.47
N HIS TA 67 74.15 -52.05 4.30
CA HIS TA 67 73.22 -50.95 4.56
C HIS TA 67 73.35 -50.57 6.03
N SER TA 68 74.49 -49.99 6.39
CA SER TA 68 74.78 -49.68 7.79
C SER TA 68 74.21 -48.31 8.16
N GLN TA 69 73.73 -48.21 9.39
CA GLN TA 69 73.30 -46.94 9.96
C GLN TA 69 73.79 -46.88 11.41
N MET TA 70 73.99 -45.65 11.90
CA MET TA 70 74.42 -45.43 13.28
C MET TA 70 73.47 -44.45 13.96
N PRO TA 71 72.54 -44.94 14.78
CA PRO TA 71 71.65 -44.03 15.51
C PRO TA 71 72.43 -43.09 16.43
N THR TA 72 71.91 -41.87 16.55
CA THR TA 72 72.58 -40.80 17.26
C THR TA 72 71.70 -40.26 18.38
N ILE TA 73 72.32 -39.97 19.52
CA ILE TA 73 71.66 -39.27 20.62
C ILE TA 73 71.89 -37.78 20.44
N ASP TA 74 70.81 -37.01 20.51
CA ASP TA 74 70.86 -35.60 20.14
C ASP TA 74 70.05 -34.76 21.11
N ARG TA 75 70.54 -33.54 21.35
CA ARG TA 75 69.84 -32.53 22.16
C ARG TA 75 69.40 -33.10 23.50
N ALA TA 76 70.34 -33.74 24.19
CA ALA TA 76 70.05 -34.40 25.46
C ALA TA 76 70.17 -33.38 26.59
N THR TA 77 69.04 -33.09 27.23
CA THR TA 77 69.00 -32.19 28.39
C THR TA 77 68.57 -32.93 29.64
N LEU TA 78 68.76 -34.24 29.69
CA LEU TA 78 68.47 -34.99 30.91
C LEU TA 78 69.44 -34.60 32.01
N THR TA 79 68.90 -34.39 33.21
CA THR TA 79 69.72 -34.07 34.37
C THR TA 79 69.90 -35.24 35.32
N ARG TA 80 69.12 -36.32 35.14
CA ARG TA 80 69.17 -37.47 36.02
C ARG TA 80 69.03 -38.73 35.17
N TYR TA 81 69.27 -39.88 35.81
CA TYR TA 81 69.04 -41.16 35.15
C TYR TA 81 67.55 -41.43 35.02
N PHE TA 82 67.15 -41.98 33.87
CA PHE TA 82 65.76 -42.30 33.60
C PHE TA 82 65.60 -43.82 33.62
N TYR TA 83 65.23 -44.35 34.78
CA TYR TA 83 64.83 -45.74 34.90
C TYR TA 83 63.34 -45.88 34.66
N LEU TA 84 62.96 -46.87 33.87
CA LEU TA 84 61.56 -47.05 33.51
C LEU TA 84 60.80 -47.91 34.51
N PHE TA 85 61.49 -48.81 35.21
CA PHE TA 85 60.88 -49.71 36.18
C PHE TA 85 59.68 -50.41 35.57
N PRO TA 86 59.88 -51.39 34.68
CA PRO TA 86 58.74 -52.02 34.00
C PRO TA 86 57.86 -52.78 34.99
N GLY TA 87 56.55 -52.59 34.84
CA GLY TA 87 55.56 -53.17 35.70
C GLY TA 87 55.24 -52.36 36.94
N ASN TA 88 55.91 -51.24 37.15
CA ASN TA 88 55.67 -50.38 38.31
C ASN TA 88 55.28 -48.97 37.88
N ALA UA 1 41.76 -25.44 -29.76
CA ALA UA 1 42.89 -26.34 -29.99
C ALA UA 1 43.94 -26.20 -28.90
N VAL UA 2 45.20 -26.05 -29.29
CA VAL UA 2 46.32 -25.98 -28.36
C VAL UA 2 47.31 -24.93 -28.84
N LYS UA 3 47.75 -24.06 -27.94
CA LYS UA 3 48.68 -22.99 -28.25
C LYS UA 3 49.79 -22.97 -27.19
N LEU UA 4 50.98 -22.55 -27.61
CA LEU UA 4 52.12 -22.45 -26.71
C LEU UA 4 52.23 -21.03 -26.16
N SER UA 5 52.59 -20.92 -24.88
CA SER UA 5 52.71 -19.62 -24.24
C SER UA 5 53.81 -19.66 -23.19
N HIS UA 6 54.33 -18.47 -22.87
CA HIS UA 6 55.27 -18.33 -21.76
C HIS UA 6 54.57 -18.56 -20.43
N VAL UA 7 55.37 -18.90 -19.42
CA VAL UA 7 54.84 -19.07 -18.07
C VAL UA 7 54.63 -17.71 -17.39
N GLU UA 8 55.65 -16.86 -17.42
CA GLU UA 8 55.59 -15.54 -16.80
C GLU UA 8 55.87 -14.47 -17.85
N LYS UA 9 54.94 -13.53 -17.99
CA LYS UA 9 55.06 -12.45 -18.98
C LYS UA 9 54.04 -11.39 -18.62
N ASP UA 10 54.32 -10.16 -19.06
CA ASP UA 10 53.42 -9.01 -18.93
C ASP UA 10 53.30 -8.52 -17.49
N PHE UA 11 54.38 -8.63 -16.72
CA PHE UA 11 54.44 -8.09 -15.37
C PHE UA 11 55.29 -6.83 -15.33
N ILE UA 12 54.99 -5.97 -14.37
CA ILE UA 12 55.83 -4.81 -14.04
C ILE UA 12 55.56 -4.43 -12.59
N ALA UA 13 56.62 -4.20 -11.83
CA ALA UA 13 56.52 -3.85 -10.42
C ALA UA 13 57.17 -2.49 -10.19
N PHE UA 14 56.54 -1.68 -9.34
CA PHE UA 14 57.07 -0.38 -8.95
C PHE UA 14 57.18 -0.37 -7.43
N TYR UA 15 58.38 -0.57 -6.92
CA TYR UA 15 58.62 -0.56 -5.49
C TYR UA 15 58.87 0.87 -5.01
N SER UA 16 58.52 1.12 -3.75
CA SER UA 16 58.62 2.47 -3.20
C SER UA 16 60.08 2.89 -2.98
N THR UA 17 61.00 1.95 -2.91
CA THR UA 17 62.41 2.26 -2.67
C THR UA 17 63.26 1.10 -3.17
N THR UA 18 64.57 1.25 -3.01
CA THR UA 18 65.54 0.24 -3.40
C THR UA 18 65.66 -0.83 -2.30
N PRO UA 19 66.16 -2.02 -2.65
CA PRO UA 19 66.38 -3.05 -1.61
C PRO UA 19 67.34 -2.57 -0.54
N HIS UA 20 67.17 -3.13 0.66
CA HIS UA 20 67.92 -2.85 1.89
C HIS UA 20 67.62 -1.48 2.49
N HIS UA 21 66.74 -0.69 1.88
CA HIS UA 21 66.53 0.69 2.29
C HIS UA 21 65.11 0.90 2.79
N LEU UA 22 64.91 2.00 3.52
CA LEU UA 22 63.64 2.31 4.13
C LEU UA 22 62.71 3.00 3.14
N SER UA 23 61.41 2.90 3.42
CA SER UA 23 60.39 3.65 2.72
C SER UA 23 59.65 4.52 3.72
N TYR UA 24 59.51 5.80 3.41
CA TYR UA 24 58.98 6.77 4.33
C TYR UA 24 57.53 7.12 4.00
N ARG UA 25 56.82 7.62 5.01
CA ARG UA 25 55.40 7.87 4.93
C ARG UA 25 55.06 9.04 5.83
N ASP UA 26 54.32 10.01 5.29
CA ASP UA 26 53.99 11.23 6.00
C ASP UA 26 52.70 11.07 6.78
N LYS UA 27 52.72 11.51 8.04
CA LYS UA 27 51.55 11.39 8.91
C LYS UA 27 50.41 12.30 8.48
N THR UA 28 50.68 13.34 7.68
CA THR UA 28 49.66 14.31 7.30
C THR UA 28 49.12 14.13 5.90
N GLY UA 29 49.81 13.35 5.05
CA GLY UA 29 49.38 13.22 3.68
C GLY UA 29 49.50 11.84 3.07
N GLY UA 30 50.00 10.88 3.84
CA GLY UA 30 50.17 9.54 3.33
C GLY UA 30 51.59 9.28 2.86
N SER UA 31 51.74 8.20 2.10
CA SER UA 31 53.05 7.77 1.64
C SER UA 31 53.58 8.69 0.55
N TYR UA 32 54.87 9.01 0.62
CA TYR UA 32 55.50 9.86 -0.39
C TYR UA 32 55.43 9.21 -1.77
N PHE UA 33 55.71 7.91 -1.84
CA PHE UA 33 55.71 7.21 -3.12
C PHE UA 33 54.32 7.20 -3.75
N ILE UA 34 53.29 6.89 -2.94
CA ILE UA 34 51.93 6.83 -3.45
C ILE UA 34 51.47 8.20 -3.92
N THR UA 35 51.81 9.26 -3.19
CA THR UA 35 51.38 10.60 -3.57
C THR UA 35 51.97 11.01 -4.92
N ARG UA 36 53.28 10.87 -5.08
CA ARG UA 36 53.92 11.23 -6.33
C ARG UA 36 53.46 10.35 -7.47
N LEU UA 37 53.12 9.09 -7.17
CA LEU UA 37 52.58 8.20 -8.20
C LEU UA 37 51.24 8.70 -8.70
N ILE UA 38 50.37 9.13 -7.79
CA ILE UA 38 49.06 9.65 -8.18
C ILE UA 38 49.21 10.95 -8.95
N SER UA 39 50.09 11.83 -8.48
CA SER UA 39 50.27 13.13 -9.13
C SER UA 39 50.81 12.97 -10.54
N CYS UA 40 51.84 12.12 -10.70
CA CYS UA 40 52.39 11.89 -12.03
C CYS UA 40 51.41 11.16 -12.95
N PHE UA 41 50.55 10.30 -12.38
CA PHE UA 41 49.56 9.64 -13.21
C PHE UA 41 48.54 10.63 -13.75
N ARG UA 42 47.93 11.42 -12.86
CA ARG UA 42 46.94 12.40 -13.31
C ARG UA 42 47.56 13.42 -14.26
N LYS UA 43 48.86 13.69 -14.12
CA LYS UA 43 49.51 14.68 -14.96
C LYS UA 43 49.96 14.10 -16.30
N HIS UA 44 50.34 12.83 -16.36
CA HIS UA 44 50.99 12.27 -17.53
C HIS UA 44 50.32 11.03 -18.13
N ALA UA 45 49.25 10.51 -17.52
CA ALA UA 45 48.60 9.33 -18.09
C ALA UA 45 47.95 9.60 -19.43
N CYS UA 46 47.60 10.86 -19.72
CA CYS UA 46 46.93 11.17 -20.98
C CYS UA 46 47.86 11.12 -22.17
N SER UA 47 49.16 11.27 -21.97
CA SER UA 47 50.10 11.37 -23.09
C SER UA 47 51.29 10.42 -23.01
N CYS UA 48 51.60 9.85 -21.85
CA CYS UA 48 52.74 8.97 -21.69
C CYS UA 48 52.26 7.57 -21.32
N HIS UA 49 53.03 6.56 -21.71
CA HIS UA 49 52.71 5.19 -21.36
C HIS UA 49 53.20 4.91 -19.94
N LEU UA 50 52.92 3.69 -19.47
CA LEU UA 50 53.12 3.36 -18.06
C LEU UA 50 54.58 3.50 -17.64
N PHE UA 51 55.51 3.04 -18.47
CA PHE UA 51 56.92 3.10 -18.09
C PHE UA 51 57.37 4.54 -17.89
N ASP UA 52 56.99 5.43 -18.82
CA ASP UA 52 57.37 6.84 -18.71
C ASP UA 52 56.82 7.46 -17.44
N ILE UA 53 55.59 7.09 -17.07
CA ILE UA 53 55.01 7.58 -15.81
C ILE UA 53 55.89 7.16 -14.64
N PHE UA 54 56.29 5.88 -14.62
CA PHE UA 54 57.18 5.40 -13.56
C PHE UA 54 58.52 6.14 -13.61
N LEU UA 55 59.04 6.37 -14.81
CA LEU UA 55 60.31 7.06 -14.95
C LEU UA 55 60.23 8.50 -14.47
N LYS UA 56 59.08 9.16 -14.67
CA LYS UA 56 58.92 10.51 -14.16
C LYS UA 56 58.76 10.52 -12.64
N VAL UA 57 58.14 9.50 -12.07
CA VAL UA 57 58.09 9.36 -10.62
C VAL UA 57 59.49 9.18 -10.06
N GLN UA 58 60.29 8.31 -10.69
CA GLN UA 58 61.66 8.10 -10.24
C GLN UA 58 62.48 9.38 -10.38
N GLN UA 59 62.25 10.14 -11.45
CA GLN UA 59 62.97 11.39 -11.63
C GLN UA 59 62.58 12.40 -10.56
N SER UA 60 61.32 12.40 -10.12
CA SER UA 60 60.90 13.31 -9.05
C SER UA 60 61.61 13.02 -7.74
N PHE UA 61 62.16 11.81 -7.57
CA PHE UA 61 62.91 11.45 -6.38
C PHE UA 61 64.42 11.50 -6.63
N GLU UA 62 64.84 12.02 -7.77
CA GLU UA 62 66.26 12.01 -8.12
C GLU UA 62 67.08 12.85 -7.15
N LYS UA 63 66.56 14.01 -6.77
CA LYS UA 63 67.27 14.87 -5.83
C LYS UA 63 67.24 14.26 -4.43
N ALA UA 64 68.40 14.15 -3.81
CA ALA UA 64 68.49 13.54 -2.49
C ALA UA 64 68.00 14.50 -1.42
N SER UA 65 67.25 13.95 -0.45
CA SER UA 65 66.79 14.68 0.72
C SER UA 65 67.29 13.97 1.97
N ILE UA 66 66.94 14.52 3.13
CA ILE UA 66 67.35 13.89 4.38
C ILE UA 66 66.60 12.58 4.61
N HIS UA 67 65.50 12.35 3.89
CA HIS UA 67 64.73 11.12 3.97
C HIS UA 67 64.51 10.63 2.52
N SER UA 68 65.60 10.15 1.91
CA SER UA 68 65.60 9.84 0.49
C SER UA 68 64.99 8.48 0.18
N GLN UA 69 64.29 8.40 -0.96
CA GLN UA 69 63.83 7.15 -1.52
C GLN UA 69 64.08 7.19 -3.02
N MET UA 70 64.30 6.01 -3.60
CA MET UA 70 64.42 5.85 -5.05
C MET UA 70 63.53 4.70 -5.48
N PRO UA 71 62.33 4.99 -6.00
CA PRO UA 71 61.45 3.91 -6.46
C PRO UA 71 62.13 3.09 -7.55
N THR UA 72 61.85 1.79 -7.53
CA THR UA 72 62.53 0.85 -8.42
C THR UA 72 61.52 0.10 -9.26
N ILE UA 73 61.85 -0.04 -10.55
CA ILE UA 73 61.09 -0.89 -11.46
C ILE UA 73 61.74 -2.26 -11.50
N ASP UA 74 60.96 -3.31 -11.30
CA ASP UA 74 61.52 -4.64 -11.07
C ASP UA 74 60.70 -5.70 -11.79
N ARG UA 75 61.39 -6.75 -12.24
CA ARG UA 75 60.76 -7.92 -12.86
C ARG UA 75 59.82 -7.52 -13.99
N ALA UA 76 60.34 -6.69 -14.90
CA ALA UA 76 59.53 -6.14 -16.00
C ALA UA 76 59.56 -7.13 -17.16
N THR UA 77 58.39 -7.71 -17.45
CA THR UA 77 58.23 -8.59 -18.61
C THR UA 77 57.24 -8.02 -19.62
N LEU UA 78 57.03 -6.71 -19.60
CA LEU UA 78 56.19 -6.06 -20.60
C LEU UA 78 56.86 -6.16 -21.97
N THR UA 79 56.08 -6.51 -22.98
CA THR UA 79 56.60 -6.60 -24.34
C THR UA 79 56.19 -5.41 -25.22
N ARG UA 80 55.24 -4.58 -24.77
CA ARG UA 80 54.79 -3.45 -25.55
C ARG UA 80 54.57 -2.27 -24.63
N TYR UA 81 54.33 -1.10 -25.23
CA TYR UA 81 54.00 0.08 -24.46
C TYR UA 81 52.59 -0.03 -23.89
N PHE UA 82 52.43 0.40 -22.66
CA PHE UA 82 51.14 0.35 -21.96
C PHE UA 82 50.60 1.78 -21.86
N TYR UA 83 49.81 2.18 -22.85
CA TYR UA 83 49.03 3.41 -22.78
C TYR UA 83 47.68 3.07 -22.18
N LEU UA 84 47.23 3.89 -21.23
CA LEU UA 84 45.97 3.59 -20.55
C LEU UA 84 44.75 4.14 -21.26
N PHE UA 85 44.92 5.23 -22.02
CA PHE UA 85 43.82 5.91 -22.70
C PHE UA 85 42.68 6.15 -21.72
N PRO UA 86 42.84 7.08 -20.77
CA PRO UA 86 41.78 7.30 -19.78
C PRO UA 86 40.53 7.87 -20.45
N GLY UA 87 39.37 7.39 -20.00
CA GLY UA 87 38.12 7.85 -20.53
C GLY UA 87 37.62 7.11 -21.75
N ASN UA 88 38.35 6.09 -22.21
CA ASN UA 88 37.95 5.35 -23.40
C ASN UA 88 37.71 3.88 -23.06
N ALA VA 1 82.92 20.71 -1.39
CA ALA VA 1 82.03 20.74 -0.24
C ALA VA 1 81.42 19.37 0.01
N VAL VA 2 80.15 19.35 0.44
CA VAL VA 2 79.47 18.12 0.82
C VAL VA 2 78.09 18.10 0.18
N LYS VA 3 77.72 16.95 -0.39
CA LYS VA 3 76.48 16.77 -1.11
C LYS VA 3 75.76 15.52 -0.62
N LEU VA 4 74.44 15.53 -0.74
CA LEU VA 4 73.62 14.37 -0.40
C LEU VA 4 73.44 13.52 -1.64
N SER VA 5 73.46 12.21 -1.46
CA SER VA 5 73.31 11.30 -2.58
C SER VA 5 72.55 10.06 -2.14
N HIS VA 6 71.88 9.43 -3.12
CA HIS VA 6 71.26 8.14 -2.88
C HIS VA 6 72.33 7.07 -2.70
N VAL VA 7 71.94 5.97 -2.06
CA VAL VA 7 72.85 4.84 -1.94
C VAL VA 7 72.89 4.05 -3.24
N GLU VA 8 71.71 3.70 -3.78
CA GLU VA 8 71.60 2.96 -5.01
C GLU VA 8 70.74 3.75 -6.00
N LYS VA 9 71.31 4.02 -7.17
CA LYS VA 9 70.61 4.78 -8.21
C LYS VA 9 71.37 4.59 -9.51
N ASP VA 10 70.65 4.77 -10.62
CA ASP VA 10 71.22 4.70 -11.97
C ASP VA 10 71.63 3.28 -12.36
N PHE VA 11 70.89 2.29 -11.86
CA PHE VA 11 71.11 0.90 -12.22
C PHE VA 11 70.01 0.42 -13.18
N ILE VA 12 70.37 -0.57 -14.00
CA ILE VA 12 69.39 -1.30 -14.78
C ILE VA 12 69.99 -2.66 -15.11
N ALA VA 13 69.18 -3.71 -14.94
CA ALA VA 13 69.61 -5.08 -15.19
C ALA VA 13 68.74 -5.70 -16.26
N PHE VA 14 69.37 -6.48 -17.14
CA PHE VA 14 68.68 -7.19 -18.21
C PHE VA 14 69.03 -8.67 -18.06
N TYR VA 15 68.11 -9.44 -17.48
CA TYR VA 15 68.32 -10.86 -17.31
C TYR VA 15 67.84 -11.60 -18.56
N SER VA 16 68.47 -12.75 -18.84
CA SER VA 16 68.17 -13.49 -20.05
C SER VA 16 66.80 -14.15 -20.03
N THR VA 17 66.22 -14.34 -18.85
CA THR VA 17 64.92 -15.01 -18.74
C THR VA 17 64.27 -14.62 -17.42
N THR VA 18 63.11 -15.21 -17.16
CA THR VA 18 62.36 -14.97 -15.94
C THR VA 18 62.93 -15.82 -14.80
N PRO VA 19 62.64 -15.44 -13.55
CA PRO VA 19 63.07 -16.28 -12.42
C PRO VA 19 62.45 -17.67 -12.49
N HIS VA 20 63.16 -18.63 -11.91
CA HIS VA 20 62.80 -20.05 -11.83
C HIS VA 20 62.91 -20.77 -13.17
N HIS VA 21 63.26 -20.08 -14.25
CA HIS VA 21 63.23 -20.65 -15.58
C HIS VA 21 64.62 -20.69 -16.19
N LEU VA 22 64.76 -21.52 -17.23
CA LEU VA 22 66.03 -21.75 -17.89
C LEU VA 22 66.29 -20.69 -18.96
N SER VA 23 67.57 -20.55 -19.31
CA SER VA 23 68.00 -19.74 -20.44
C SER VA 23 68.70 -20.65 -21.43
N TYR VA 24 68.32 -20.54 -22.70
CA TYR VA 24 68.74 -21.48 -23.72
C TYR VA 24 69.85 -20.88 -24.57
N ARG VA 25 70.65 -21.76 -25.16
CA ARG VA 25 71.84 -21.34 -25.90
C ARG VA 25 72.11 -22.35 -27.00
N ASP VA 26 72.34 -21.85 -28.22
CA ASP VA 26 72.58 -22.70 -29.37
C ASP VA 26 74.08 -22.95 -29.51
N LYS VA 27 74.45 -24.23 -29.74
CA LYS VA 27 75.85 -24.59 -29.85
C LYS VA 27 76.50 -24.05 -31.11
N THR VA 28 75.71 -23.65 -32.12
CA THR VA 28 76.25 -23.22 -33.40
C THR VA 28 76.30 -21.70 -33.57
N GLY VA 29 75.60 -20.95 -32.72
CA GLY VA 29 75.55 -19.51 -32.88
C GLY VA 29 75.60 -18.73 -31.58
N GLY VA 30 75.65 -19.45 -30.46
CA GLY VA 30 75.69 -18.82 -29.15
C GLY VA 30 74.32 -18.70 -28.53
N SER VA 31 74.26 -17.89 -27.47
CA SER VA 31 73.03 -17.72 -26.71
C SER VA 31 72.05 -16.83 -27.46
N TYR VA 32 70.77 -17.21 -27.40
CA TYR VA 32 69.72 -16.46 -28.08
C TYR VA 32 69.62 -15.04 -27.54
N PHE VA 33 69.71 -14.89 -26.21
CA PHE VA 33 69.54 -13.57 -25.60
C PHE VA 33 70.63 -12.60 -26.04
N ILE VA 34 71.89 -13.05 -26.02
CA ILE VA 34 72.99 -12.15 -26.40
C ILE VA 34 72.90 -11.79 -27.88
N THR VA 35 72.56 -12.76 -28.73
CA THR VA 35 72.51 -12.50 -30.17
C THR VA 35 71.44 -11.47 -30.51
N ARG VA 36 70.21 -11.69 -30.06
CA ARG VA 36 69.13 -10.75 -30.34
C ARG VA 36 69.38 -9.40 -29.68
N LEU VA 37 70.07 -9.39 -28.54
CA LEU VA 37 70.44 -8.12 -27.91
C LEU VA 37 71.39 -7.32 -28.79
N ILE VA 38 72.40 -7.99 -29.36
CA ILE VA 38 73.36 -7.31 -30.22
C ILE VA 38 72.68 -6.79 -31.48
N SER VA 39 71.82 -7.61 -32.10
CA SER VA 39 71.16 -7.19 -33.33
C SER VA 39 70.28 -5.97 -33.10
N CYS VA 40 69.51 -5.95 -32.02
CA CYS VA 40 68.69 -4.79 -31.71
C CYS VA 40 69.55 -3.58 -31.39
N PHE VA 41 70.73 -3.80 -30.79
CA PHE VA 41 71.65 -2.70 -30.54
C PHE VA 41 72.19 -2.13 -31.84
N ARG VA 42 72.72 -3.00 -32.71
CA ARG VA 42 73.31 -2.54 -33.96
C ARG VA 42 72.30 -1.79 -34.83
N LYS VA 43 71.03 -2.18 -34.75
CA LYS VA 43 69.99 -1.59 -35.58
C LYS VA 43 69.37 -0.33 -34.98
N HIS VA 44 69.29 -0.23 -33.66
CA HIS VA 44 68.49 0.81 -33.02
C HIS VA 44 69.26 1.72 -32.07
N ALA VA 45 70.56 1.48 -31.84
CA ALA VA 45 71.30 2.36 -30.96
C ALA VA 45 71.42 3.77 -31.52
N CYS VA 46 71.31 3.92 -32.84
CA CYS VA 46 71.44 5.24 -33.46
C CYS VA 46 70.21 6.11 -33.22
N SER VA 47 69.05 5.50 -32.95
CA SER VA 47 67.80 6.25 -32.83
C SER VA 47 67.01 5.96 -31.57
N CYS VA 48 67.28 4.87 -30.86
CA CYS VA 48 66.53 4.51 -29.66
C CYS VA 48 67.44 4.53 -28.45
N HIS VA 49 66.86 4.88 -27.30
CA HIS VA 49 67.59 4.87 -26.05
C HIS VA 49 67.64 3.46 -25.47
N LEU VA 50 68.32 3.30 -24.33
CA LEU VA 50 68.61 1.97 -23.82
C LEU VA 50 67.34 1.18 -23.51
N PHE VA 51 66.34 1.81 -22.89
CA PHE VA 51 65.11 1.09 -22.57
C PHE VA 51 64.41 0.59 -23.83
N ASP VA 52 64.32 1.45 -24.85
CA ASP VA 52 63.62 1.06 -26.08
C ASP VA 52 64.31 -0.14 -26.73
N ILE VA 53 65.64 -0.18 -26.69
CA ILE VA 53 66.36 -1.33 -27.21
C ILE VA 53 65.99 -2.59 -26.43
N PHE VA 54 65.99 -2.50 -25.10
CA PHE VA 54 65.63 -3.66 -24.28
C PHE VA 54 64.19 -4.10 -24.54
N LEU VA 55 63.27 -3.14 -24.69
CA LEU VA 55 61.88 -3.49 -24.94
C LEU VA 55 61.72 -4.18 -26.30
N LYS VA 56 62.52 -3.79 -27.29
CA LYS VA 56 62.47 -4.45 -28.59
C LYS VA 56 63.07 -5.85 -28.53
N VAL VA 57 64.07 -6.07 -27.69
CA VAL VA 57 64.57 -7.43 -27.46
C VAL VA 57 63.47 -8.31 -26.89
N GLN VA 58 62.72 -7.77 -25.91
CA GLN VA 58 61.60 -8.51 -25.35
C GLN VA 58 60.53 -8.77 -26.40
N GLN VA 59 60.34 -7.84 -27.34
CA GLN VA 59 59.38 -8.07 -28.41
C GLN VA 59 59.76 -9.26 -29.26
N SER VA 60 61.07 -9.45 -29.51
CA SER VA 60 61.54 -10.59 -30.28
C SER VA 60 61.28 -11.92 -29.58
N PHE VA 61 61.11 -11.90 -28.26
CA PHE VA 61 60.83 -13.11 -27.49
C PHE VA 61 59.35 -13.22 -27.10
N GLU VA 62 58.49 -12.34 -27.62
CA GLU VA 62 57.11 -12.31 -27.15
C GLU VA 62 56.38 -13.59 -27.50
N LYS VA 63 56.47 -14.03 -28.76
CA LYS VA 63 55.83 -15.27 -29.16
C LYS VA 63 56.60 -16.46 -28.62
N ALA VA 64 55.87 -17.49 -28.22
CA ALA VA 64 56.47 -18.62 -27.52
C ALA VA 64 56.97 -19.67 -28.51
N SER VA 65 58.14 -20.23 -28.21
CA SER VA 65 58.73 -21.32 -28.97
C SER VA 65 58.92 -22.51 -28.03
N ILE VA 66 59.36 -23.63 -28.61
CA ILE VA 66 59.52 -24.86 -27.82
C ILE VA 66 60.56 -24.68 -26.72
N HIS VA 67 61.56 -23.84 -26.96
CA HIS VA 67 62.50 -23.41 -25.92
C HIS VA 67 62.40 -21.90 -25.77
N SER VA 68 61.26 -21.43 -25.26
CA SER VA 68 60.99 -20.01 -25.15
C SER VA 68 61.56 -19.46 -23.84
N GLN VA 69 62.05 -18.23 -23.90
CA GLN VA 69 62.46 -17.49 -22.72
C GLN VA 69 62.00 -16.05 -22.86
N MET VA 70 61.80 -15.38 -21.72
CA MET VA 70 61.38 -13.98 -21.71
C MET VA 70 62.35 -13.15 -20.86
N PRO VA 71 63.28 -12.44 -21.50
CA PRO VA 71 64.21 -11.59 -20.74
C PRO VA 71 63.47 -10.54 -19.92
N THR VA 72 64.02 -10.24 -18.75
CA THR VA 72 63.39 -9.37 -17.78
C THR VA 72 64.28 -8.18 -17.45
N ILE VA 73 63.65 -7.01 -17.31
CA ILE VA 73 64.33 -5.83 -16.79
C ILE VA 73 64.10 -5.79 -15.28
N ASP VA 74 65.18 -5.60 -14.53
CA ASP VA 74 65.15 -5.79 -13.09
C ASP VA 74 65.94 -4.70 -12.38
N ARG VA 75 65.45 -4.31 -11.20
CA ARG VA 75 66.13 -3.36 -10.31
C ARG VA 75 66.54 -2.09 -11.06
N ALA VA 76 65.58 -1.52 -11.79
CA ALA VA 76 65.82 -0.36 -12.63
C ALA VA 76 65.68 0.91 -11.80
N THR VA 77 66.80 1.62 -11.61
CA THR VA 77 66.80 2.91 -10.92
C THR VA 77 67.29 4.03 -11.85
N LEU VA 78 67.12 3.85 -13.15
CA LEU VA 78 67.45 4.92 -14.09
C LEU VA 78 66.47 6.08 -13.91
N THR VA 79 67.01 7.30 -13.88
CA THR VA 79 66.20 8.50 -13.76
C THR VA 79 66.04 9.25 -15.08
N ARG VA 80 66.82 8.89 -16.10
CA ARG VA 80 66.78 9.58 -17.38
C ARG VA 80 66.93 8.55 -18.49
N TYR VA 81 66.69 8.99 -19.73
CA TYR VA 81 66.90 8.13 -20.88
C TYR VA 81 68.40 7.97 -21.16
N PHE VA 82 68.80 6.76 -21.52
CA PHE VA 82 70.20 6.45 -21.81
C PHE VA 82 70.35 6.28 -23.32
N TYR VA 83 70.69 7.38 -23.98
CA TYR VA 83 71.09 7.33 -25.39
C TYR VA 83 72.60 7.15 -25.47
N LEU VA 84 73.04 6.22 -26.31
CA LEU VA 84 74.47 5.95 -26.43
C LEU VA 84 75.14 6.80 -27.49
N PHE VA 85 74.39 7.26 -28.48
CA PHE VA 85 74.91 8.04 -29.60
C PHE VA 85 76.10 7.33 -30.22
N PRO VA 86 75.89 6.23 -30.94
CA PRO VA 86 77.03 5.48 -31.49
C PRO VA 86 77.76 6.28 -32.55
N GLY VA 87 79.08 6.21 -32.50
CA GLY VA 87 79.93 6.93 -33.44
C GLY VA 87 80.31 8.34 -33.01
N ASN VA 88 79.87 8.78 -31.84
CA ASN VA 88 80.21 10.13 -31.37
C ASN VA 88 80.95 10.05 -30.04
#